data_3N2C
#
_entry.id   3N2C
#
_cell.length_a   113.186
_cell.length_b   108.035
_cell.length_c   170.772
_cell.angle_alpha   81.32
_cell.angle_beta   80.47
_cell.angle_gamma   73.76
#
_symmetry.space_group_name_H-M   'P 1'
#
loop_
_entity.id
_entity.type
_entity.pdbx_description
1 polymer PROLIDASE
2 non-polymer 'ZINC ION'
3 non-polymer 1-[(R)-hydroxy(methyl)phosphoryl]-L-proline
#
_entity_poly.entity_id   1
_entity_poly.type   'polypeptide(L)'
_entity_poly.pdbx_seq_one_letter_code
;MSLTITVLQGGNVLDLERGVLLEHHHVVIDGERIVEVTDRPVDLPNAQAIDVRGKTVMPGFIDCHVHVLASNANLGVNAT
QPNILAAIRSLPILDAMLSRGFTSVRDAGGADWSLMQAVETGLVSGPRIFPSGKALSQTGGHGDFRPRGDLLEPCSCCFR
TGAIARVVDGVEGVRLAVREEIQKGATQI(KCX)IMASGGVASPTDPIANTQYSEDEIRAIVDEAEAANTYVMAHAYTGR
AIARAVRCGVRTIEHGNLVDEAAAKLMHEHGAFVVPTLVTYDALAKHGAEFGMPPESVAKVASVQQKGRESLEIYANAGV
KMGFGSDLLGEMHAFQSGEFRIRAEVLGNLEALRSATTVAAEIVNMQGQLGVIAVGAIADLVVLDGNPLEDIGVVADEGA
RVEYVLQRGTLVKRQAAGREGHHHHHH
;
_entity_poly.pdbx_strand_id   A,B,C,D,E,F,G,H,I,J,K,L,M,N,O,P
#
# COMPACT_ATOMS: atom_id res chain seq x y z
N THR A 4 -53.16 59.54 -32.69
CA THR A 4 -52.35 60.40 -33.60
C THR A 4 -52.28 61.86 -33.12
N ILE A 5 -53.38 62.36 -32.56
CA ILE A 5 -53.49 63.77 -32.18
C ILE A 5 -53.93 63.97 -30.72
N THR A 6 -53.18 64.79 -29.98
CA THR A 6 -53.47 65.06 -28.57
C THR A 6 -53.60 66.56 -28.31
N VAL A 7 -54.59 66.96 -27.52
CA VAL A 7 -54.83 68.38 -27.19
C VAL A 7 -54.69 68.64 -25.68
N LEU A 8 -53.78 69.55 -25.33
CA LEU A 8 -53.77 70.12 -23.99
C LEU A 8 -54.69 71.33 -24.03
N GLN A 9 -55.63 71.41 -23.08
CA GLN A 9 -56.64 72.48 -23.13
C GLN A 9 -56.65 73.45 -21.94
N GLY A 10 -56.72 74.73 -22.27
CA GLY A 10 -56.77 75.81 -21.28
C GLY A 10 -55.46 76.04 -20.54
N GLY A 11 -54.35 75.70 -21.18
CA GLY A 11 -53.03 75.77 -20.55
C GLY A 11 -52.47 77.18 -20.43
N ASN A 12 -51.56 77.35 -19.48
CA ASN A 12 -50.83 78.61 -19.35
C ASN A 12 -49.46 78.45 -19.98
N VAL A 13 -49.39 78.73 -21.28
CA VAL A 13 -48.20 78.49 -22.10
C VAL A 13 -47.08 79.48 -21.81
N LEU A 14 -45.91 78.96 -21.41
CA LEU A 14 -44.77 79.81 -21.16
C LEU A 14 -44.07 80.19 -22.45
N ASP A 15 -44.15 81.49 -22.78
CA ASP A 15 -43.34 82.06 -23.83
C ASP A 15 -42.10 82.68 -23.19
N LEU A 16 -40.94 82.10 -23.49
CA LEU A 16 -39.71 82.38 -22.75
C LEU A 16 -38.99 83.64 -23.22
N GLU A 17 -39.02 83.89 -24.53
CA GLU A 17 -38.42 85.08 -25.13
C GLU A 17 -39.24 86.35 -24.83
N ARG A 18 -40.55 86.19 -24.73
CA ARG A 18 -41.44 87.28 -24.34
C ARG A 18 -41.59 87.38 -22.82
N GLY A 19 -41.18 86.33 -22.12
CA GLY A 19 -41.11 86.30 -20.65
C GLY A 19 -42.45 86.30 -19.92
N VAL A 20 -43.47 85.70 -20.54
CA VAL A 20 -44.85 85.77 -20.04
C VAL A 20 -45.58 84.42 -20.01
N LEU A 21 -46.65 84.36 -19.23
CA LEU A 21 -47.55 83.21 -19.21
C LEU A 21 -48.80 83.46 -20.02
N LEU A 22 -48.86 82.84 -21.19
CA LEU A 22 -50.03 82.92 -22.07
C LEU A 22 -51.14 81.98 -21.59
N GLU A 23 -51.97 82.47 -20.67
CA GLU A 23 -53.06 81.67 -20.09
C GLU A 23 -54.17 81.37 -21.09
N HIS A 24 -54.88 80.28 -20.85
CA HIS A 24 -55.98 79.79 -21.69
C HIS A 24 -55.58 79.62 -23.16
N HIS A 25 -54.36 79.12 -23.36
CA HIS A 25 -53.86 78.74 -24.67
C HIS A 25 -53.85 77.22 -24.78
N HIS A 26 -54.32 76.70 -25.90
CA HIS A 26 -54.31 75.27 -26.15
C HIS A 26 -53.04 74.89 -26.90
N VAL A 27 -52.44 73.76 -26.52
CA VAL A 27 -51.35 73.19 -27.31
C VAL A 27 -51.85 71.92 -27.99
N VAL A 28 -51.81 71.93 -29.32
CA VAL A 28 -52.24 70.80 -30.14
C VAL A 28 -51.02 70.03 -30.64
N ILE A 29 -51.03 68.72 -30.44
CA ILE A 29 -49.91 67.83 -30.78
C ILE A 29 -50.37 66.85 -31.84
N ASP A 30 -49.58 66.70 -32.90
CA ASP A 30 -49.81 65.61 -33.86
C ASP A 30 -48.55 64.74 -33.93
N GLY A 31 -48.67 63.52 -33.42
CA GLY A 31 -47.55 62.58 -33.39
C GLY A 31 -46.50 62.94 -32.36
N GLU A 32 -45.45 63.60 -32.82
CA GLU A 32 -44.32 63.98 -31.97
C GLU A 32 -44.12 65.49 -31.95
N ARG A 33 -44.89 66.20 -32.77
CA ARG A 33 -44.68 67.64 -32.96
C ARG A 33 -45.88 68.52 -32.64
N ILE A 34 -45.58 69.73 -32.18
CA ILE A 34 -46.59 70.74 -31.87
C ILE A 34 -47.11 71.33 -33.17
N VAL A 35 -48.41 71.17 -33.40
CA VAL A 35 -49.03 71.65 -34.63
C VAL A 35 -49.73 73.02 -34.47
N GLU A 36 -50.19 73.34 -33.26
CA GLU A 36 -50.85 74.63 -33.01
C GLU A 36 -50.77 75.12 -31.56
N VAL A 37 -50.51 76.42 -31.40
CA VAL A 37 -50.70 77.11 -30.12
C VAL A 37 -51.71 78.24 -30.32
N THR A 38 -52.85 78.16 -29.62
CA THR A 38 -53.98 79.08 -29.83
C THR A 38 -54.87 79.27 -28.59
N ASP A 39 -55.47 80.45 -28.46
CA ASP A 39 -56.43 80.74 -27.40
C ASP A 39 -57.89 80.58 -27.85
N ARG A 40 -58.07 80.38 -29.16
CA ARG A 40 -59.37 80.07 -29.77
C ARG A 40 -59.85 78.69 -29.37
N PRO A 41 -61.19 78.50 -29.23
CA PRO A 41 -61.74 77.17 -28.98
C PRO A 41 -61.40 76.19 -30.11
N VAL A 42 -60.52 75.24 -29.79
CA VAL A 42 -60.02 74.26 -30.76
C VAL A 42 -61.11 73.24 -31.09
N ASP A 43 -61.28 72.95 -32.37
CA ASP A 43 -62.19 71.90 -32.79
C ASP A 43 -61.55 70.54 -32.50
N LEU A 44 -61.78 70.03 -31.29
CA LEU A 44 -61.32 68.71 -30.91
C LEU A 44 -62.37 67.67 -31.29
N PRO A 45 -62.04 66.82 -32.28
CA PRO A 45 -62.99 65.83 -32.75
C PRO A 45 -62.62 64.42 -32.26
N ASN A 46 -61.75 63.74 -33.01
CA ASN A 46 -61.18 62.46 -32.66
C ASN A 46 -60.12 62.58 -31.57
N ALA A 47 -59.52 63.77 -31.47
CA ALA A 47 -58.38 64.05 -30.61
C ALA A 47 -58.60 63.77 -29.13
N GLN A 48 -57.62 63.12 -28.51
CA GLN A 48 -57.62 62.86 -27.07
C GLN A 48 -57.20 64.14 -26.34
N ALA A 49 -57.87 64.42 -25.23
CA ALA A 49 -57.67 65.68 -24.52
C ALA A 49 -57.19 65.50 -23.10
N ILE A 50 -56.26 66.37 -22.70
CA ILE A 50 -55.85 66.49 -21.30
C ILE A 50 -56.23 67.89 -20.84
N ASP A 51 -57.00 67.96 -19.76
CA ASP A 51 -57.43 69.25 -19.22
C ASP A 51 -56.33 69.88 -18.38
N VAL A 52 -55.76 70.96 -18.89
CA VAL A 52 -54.69 71.68 -18.22
C VAL A 52 -55.13 73.12 -17.90
N ARG A 53 -56.31 73.26 -17.33
CA ARG A 53 -56.83 74.57 -16.96
C ARG A 53 -56.15 75.06 -15.67
N GLY A 54 -55.66 76.30 -15.72
CA GLY A 54 -55.02 76.93 -14.56
C GLY A 54 -53.73 76.27 -14.12
N LYS A 55 -52.98 75.74 -15.09
CA LYS A 55 -51.70 75.08 -14.85
C LYS A 55 -50.68 75.48 -15.91
N THR A 56 -49.41 75.56 -15.51
CA THR A 56 -48.33 76.03 -16.39
C THR A 56 -47.85 74.97 -17.38
N VAL A 57 -47.92 75.32 -18.67
CA VAL A 57 -47.41 74.48 -19.74
C VAL A 57 -46.10 75.08 -20.20
N MET A 58 -45.00 74.35 -20.00
CA MET A 58 -43.69 74.81 -20.42
C MET A 58 -42.90 73.69 -21.06
N PRO A 59 -41.87 74.02 -21.88
CA PRO A 59 -41.04 72.99 -22.53
C PRO A 59 -40.29 72.09 -21.54
N GLY A 60 -39.99 70.87 -21.98
CA GLY A 60 -39.28 69.90 -21.17
C GLY A 60 -37.84 70.30 -20.94
N PHE A 61 -37.39 70.15 -19.69
CA PHE A 61 -36.09 70.66 -19.25
C PHE A 61 -34.94 69.92 -19.91
N ILE A 62 -33.83 70.62 -20.09
CA ILE A 62 -32.63 70.02 -20.69
C ILE A 62 -31.42 70.24 -19.76
N ASP A 63 -31.06 69.19 -19.02
CA ASP A 63 -29.88 69.21 -18.16
C ASP A 63 -28.67 68.98 -19.06
N CYS A 64 -27.86 70.02 -19.21
CA CYS A 64 -26.74 69.98 -20.13
C CYS A 64 -25.48 69.28 -19.59
N HIS A 65 -25.54 68.82 -18.34
CA HIS A 65 -24.41 68.13 -17.74
C HIS A 65 -24.85 67.07 -16.73
N VAL A 66 -24.93 65.83 -17.18
CA VAL A 66 -25.23 64.71 -16.29
C VAL A 66 -24.18 63.59 -16.38
N HIS A 67 -24.20 62.71 -15.38
CA HIS A 67 -23.46 61.47 -15.42
C HIS A 67 -24.40 60.35 -15.03
N VAL A 68 -25.16 59.89 -16.02
CA VAL A 68 -26.19 58.87 -15.86
C VAL A 68 -25.61 57.57 -15.34
N LEU A 69 -24.36 57.29 -15.71
CA LEU A 69 -23.71 56.06 -15.30
C LEU A 69 -22.93 56.19 -13.99
N ALA A 70 -23.00 57.36 -13.36
CA ALA A 70 -22.39 57.55 -12.04
C ALA A 70 -23.36 57.11 -10.94
N SER A 71 -23.38 55.80 -10.70
CA SER A 71 -24.29 55.16 -9.75
C SER A 71 -23.87 55.38 -8.30
N ASN A 72 -22.59 55.68 -8.09
CA ASN A 72 -22.11 56.10 -6.78
C ASN A 72 -21.08 57.23 -6.86
N ALA A 73 -20.88 57.90 -5.73
CA ALA A 73 -20.11 59.15 -5.66
C ALA A 73 -18.61 59.03 -5.87
N ASN A 74 -18.09 57.81 -5.72
CA ASN A 74 -16.69 57.54 -6.01
C ASN A 74 -16.56 57.08 -7.46
N LEU A 75 -16.01 57.94 -8.30
CA LEU A 75 -15.86 57.67 -9.73
C LEU A 75 -14.74 56.68 -10.04
N GLY A 76 -13.80 56.56 -9.10
CA GLY A 76 -12.77 55.54 -9.18
C GLY A 76 -13.39 54.16 -9.05
N VAL A 77 -14.24 54.01 -8.05
CA VAL A 77 -14.89 52.72 -7.78
C VAL A 77 -16.08 52.46 -8.72
N ASN A 78 -16.62 53.54 -9.31
CA ASN A 78 -17.73 53.45 -10.24
C ASN A 78 -17.32 52.78 -11.54
N ALA A 79 -16.09 53.06 -11.96
CA ALA A 79 -15.54 52.51 -13.19
C ALA A 79 -15.24 51.02 -13.09
N THR A 80 -14.95 50.57 -11.87
CA THR A 80 -14.49 49.19 -11.62
C THR A 80 -15.64 48.21 -11.35
N GLN A 81 -16.87 48.71 -11.28
CA GLN A 81 -18.05 47.85 -11.10
C GLN A 81 -18.32 47.05 -12.38
N PRO A 82 -18.92 45.84 -12.25
CA PRO A 82 -19.22 45.03 -13.44
C PRO A 82 -20.10 45.73 -14.46
N ASN A 83 -19.84 45.46 -15.73
CA ASN A 83 -20.52 46.10 -16.86
C ASN A 83 -22.04 46.03 -16.82
N ILE A 84 -22.56 44.85 -16.50
CA ILE A 84 -24.00 44.63 -16.34
C ILE A 84 -24.54 45.49 -15.20
N LEU A 85 -23.95 45.37 -14.01
CA LEU A 85 -24.38 46.12 -12.84
C LEU A 85 -24.34 47.63 -13.03
N ALA A 86 -23.33 48.10 -13.76
CA ALA A 86 -23.19 49.50 -14.13
C ALA A 86 -24.40 49.98 -14.91
N ALA A 87 -24.76 49.21 -15.95
CA ALA A 87 -25.93 49.48 -16.79
C ALA A 87 -27.25 49.46 -16.01
N ILE A 88 -27.45 48.42 -15.20
CA ILE A 88 -28.64 48.28 -14.38
C ILE A 88 -28.87 49.52 -13.51
N ARG A 89 -27.86 49.90 -12.74
CA ARG A 89 -27.94 50.97 -11.74
C ARG A 89 -28.28 52.36 -12.31
N SER A 90 -28.07 52.54 -13.61
CA SER A 90 -28.35 53.80 -14.28
C SER A 90 -29.83 53.96 -14.65
N LEU A 91 -30.57 52.86 -14.65
CA LEU A 91 -32.01 52.88 -14.98
C LEU A 91 -32.91 53.65 -13.99
N PRO A 92 -32.73 53.45 -12.66
CA PRO A 92 -33.49 54.29 -11.73
C PRO A 92 -33.12 55.79 -11.78
N ILE A 93 -31.87 56.09 -12.14
CA ILE A 93 -31.36 57.45 -12.26
C ILE A 93 -32.06 58.18 -13.42
N LEU A 94 -32.10 57.50 -14.57
CA LEU A 94 -32.75 58.00 -15.78
C LEU A 94 -34.26 58.20 -15.58
N ASP A 95 -34.88 57.27 -14.87
CA ASP A 95 -36.30 57.32 -14.60
C ASP A 95 -36.66 58.49 -13.70
N ALA A 96 -35.81 58.74 -12.70
CA ALA A 96 -36.00 59.85 -11.76
C ALA A 96 -35.82 61.21 -12.42
N MET A 97 -34.90 61.28 -13.40
CA MET A 97 -34.61 62.50 -14.13
C MET A 97 -35.80 62.95 -14.98
N LEU A 98 -36.48 62.00 -15.60
CA LEU A 98 -37.61 62.27 -16.46
C LEU A 98 -38.79 62.78 -15.65
N SER A 99 -39.03 62.15 -14.51
CA SER A 99 -40.15 62.51 -13.63
C SER A 99 -39.93 63.82 -12.84
N ARG A 100 -38.71 64.35 -12.89
CA ARG A 100 -38.44 65.69 -12.38
C ARG A 100 -38.69 66.74 -13.46
N GLY A 101 -38.86 66.28 -14.71
CA GLY A 101 -39.22 67.15 -15.82
C GLY A 101 -38.22 67.18 -16.97
N PHE A 102 -37.04 66.62 -16.73
CA PHE A 102 -35.96 66.62 -17.72
C PHE A 102 -36.24 65.62 -18.83
N THR A 103 -36.71 66.12 -19.96
CA THR A 103 -37.07 65.28 -21.09
C THR A 103 -35.86 64.99 -21.98
N SER A 104 -34.81 65.81 -21.81
CA SER A 104 -33.57 65.64 -22.55
C SER A 104 -32.37 65.89 -21.65
N VAL A 105 -31.35 65.05 -21.76
CA VAL A 105 -30.10 65.28 -21.04
C VAL A 105 -28.88 65.19 -21.95
N ARG A 106 -27.81 65.90 -21.59
CA ARG A 106 -26.54 65.79 -22.26
C ARG A 106 -25.60 65.08 -21.30
N ASP A 107 -25.22 63.85 -21.63
CA ASP A 107 -24.36 63.07 -20.75
C ASP A 107 -22.92 63.43 -20.99
N ALA A 108 -22.21 63.74 -19.90
CA ALA A 108 -20.88 64.32 -19.97
C ALA A 108 -19.76 63.29 -19.86
N GLY A 109 -20.11 62.02 -20.00
CA GLY A 109 -19.13 60.94 -19.93
C GLY A 109 -19.67 59.68 -19.29
N GLY A 110 -19.63 58.59 -20.03
CA GLY A 110 -20.15 57.33 -19.55
C GLY A 110 -21.12 56.72 -20.54
N ALA A 111 -22.25 57.40 -20.74
CA ALA A 111 -23.32 56.92 -21.61
C ALA A 111 -22.89 56.90 -23.06
N ASP A 112 -23.28 55.83 -23.74
CA ASP A 112 -22.95 55.60 -25.12
C ASP A 112 -24.23 55.66 -25.95
N TRP A 113 -24.14 55.21 -27.19
CA TRP A 113 -25.25 55.20 -28.14
C TRP A 113 -26.30 54.12 -27.80
N SER A 114 -25.89 53.10 -27.05
CA SER A 114 -26.78 52.01 -26.62
C SER A 114 -27.88 52.54 -25.72
N LEU A 115 -27.50 53.40 -24.77
CA LEU A 115 -28.45 54.04 -23.86
C LEU A 115 -29.33 55.06 -24.57
N MET A 116 -28.80 55.65 -25.63
CA MET A 116 -29.55 56.57 -26.46
C MET A 116 -30.66 55.83 -27.21
N GLN A 117 -30.34 54.64 -27.70
CA GLN A 117 -31.31 53.81 -28.40
C GLN A 117 -32.33 53.23 -27.45
N ALA A 118 -31.85 52.74 -26.31
CA ALA A 118 -32.70 52.18 -25.26
C ALA A 118 -33.89 53.10 -24.93
N VAL A 119 -33.62 54.40 -24.80
CA VAL A 119 -34.68 55.38 -24.53
C VAL A 119 -35.52 55.70 -25.77
N GLU A 120 -34.89 55.77 -26.94
CA GLU A 120 -35.62 56.11 -28.17
C GLU A 120 -36.50 54.99 -28.69
N THR A 121 -36.05 53.74 -28.50
CA THR A 121 -36.85 52.56 -28.85
C THR A 121 -37.99 52.34 -27.86
N GLY A 122 -37.81 52.87 -26.66
CA GLY A 122 -38.82 52.72 -25.61
C GLY A 122 -38.60 51.44 -24.84
N LEU A 123 -37.38 50.92 -24.91
CA LEU A 123 -36.98 49.74 -24.16
C LEU A 123 -36.70 50.18 -22.73
N VAL A 124 -36.26 51.43 -22.57
CA VAL A 124 -35.95 52.05 -21.28
C VAL A 124 -36.65 53.40 -21.16
N SER A 125 -37.25 53.65 -20.00
CA SER A 125 -37.88 54.93 -19.72
C SER A 125 -36.85 55.95 -19.23
N GLY A 126 -36.92 57.16 -19.75
CA GLY A 126 -36.01 58.22 -19.33
C GLY A 126 -35.87 59.30 -20.38
N PRO A 127 -35.03 60.33 -20.12
CA PRO A 127 -34.84 61.44 -21.05
C PRO A 127 -34.05 61.05 -22.29
N ARG A 128 -34.20 61.83 -23.35
CA ARG A 128 -33.38 61.69 -24.56
C ARG A 128 -31.93 62.04 -24.22
N ILE A 129 -31.01 61.15 -24.55
CA ILE A 129 -29.62 61.34 -24.16
C ILE A 129 -28.78 61.81 -25.34
N PHE A 130 -28.01 62.86 -25.11
CA PHE A 130 -26.97 63.28 -26.05
C PHE A 130 -25.62 62.82 -25.50
N PRO A 131 -25.17 61.61 -25.88
CA PRO A 131 -24.03 60.98 -25.23
C PRO A 131 -22.68 61.53 -25.68
N SER A 132 -21.78 61.73 -24.73
CA SER A 132 -20.43 62.16 -25.06
C SER A 132 -19.51 60.98 -25.27
N GLY A 133 -20.04 59.78 -25.07
CA GLY A 133 -19.25 58.56 -25.07
C GLY A 133 -18.44 58.56 -23.79
N LYS A 134 -17.15 58.33 -23.93
CA LYS A 134 -16.23 58.49 -22.82
C LYS A 134 -15.67 59.89 -22.89
N ALA A 135 -15.30 60.45 -21.74
CA ALA A 135 -14.56 61.71 -21.72
C ALA A 135 -13.11 61.45 -22.11
N LEU A 136 -12.46 62.42 -22.75
CA LEU A 136 -11.05 62.28 -23.07
C LEU A 136 -10.19 62.98 -22.03
N SER A 137 -9.26 62.24 -21.46
CA SER A 137 -8.40 62.78 -20.42
C SER A 137 -6.95 62.40 -20.66
N GLN A 138 -6.04 63.29 -20.29
CA GLN A 138 -4.60 62.99 -20.38
C GLN A 138 -4.15 62.08 -19.23
N THR A 139 -2.90 61.60 -19.30
CA THR A 139 -2.32 60.76 -18.24
C THR A 139 -2.08 61.60 -16.99
N GLY A 140 -2.63 61.14 -15.87
CA GLY A 140 -2.61 61.88 -14.62
C GLY A 140 -3.71 62.94 -14.58
N GLY A 141 -4.54 62.96 -15.62
CA GLY A 141 -5.60 63.95 -15.76
C GLY A 141 -6.81 63.71 -14.87
N HIS A 142 -7.90 64.40 -15.21
CA HIS A 142 -9.13 64.35 -14.42
C HIS A 142 -9.90 63.04 -14.60
N GLY A 143 -9.68 62.37 -15.72
CA GLY A 143 -10.26 61.06 -15.95
C GLY A 143 -9.29 59.92 -15.74
N ASP A 144 -8.12 60.25 -15.22
CA ASP A 144 -7.16 59.23 -14.79
C ASP A 144 -7.44 58.97 -13.33
N PHE A 145 -7.99 57.79 -13.04
CA PHE A 145 -8.38 57.45 -11.68
C PHE A 145 -7.39 56.48 -11.02
N ARG A 146 -6.25 56.29 -11.68
CA ARG A 146 -5.19 55.42 -11.16
C ARG A 146 -4.52 56.04 -9.93
N PRO A 147 -4.21 55.22 -8.91
CA PRO A 147 -3.50 55.70 -7.72
C PRO A 147 -2.07 56.16 -8.00
N ARG A 148 -1.52 56.95 -7.08
CA ARG A 148 -0.14 57.46 -7.15
C ARG A 148 0.93 56.36 -7.05
N GLY A 149 0.49 55.14 -6.70
CA GLY A 149 1.35 53.94 -6.61
C GLY A 149 2.28 53.71 -7.78
N ASP A 150 1.76 53.14 -8.86
CA ASP A 150 2.46 53.04 -10.17
C ASP A 150 1.51 52.82 -11.35
N LEU A 151 2.04 52.98 -12.57
CA LEU A 151 1.22 53.03 -13.79
C LEU A 151 1.22 51.74 -14.62
N LEU A 152 0.09 51.04 -14.65
CA LEU A 152 -0.14 49.94 -15.59
C LEU A 152 -1.19 50.33 -16.62
N GLU A 153 -1.01 49.82 -17.85
CA GLU A 153 -1.86 50.20 -18.99
C GLU A 153 -3.28 49.65 -18.90
N PRO A 154 -4.28 50.53 -19.07
CA PRO A 154 -5.68 50.13 -19.09
C PRO A 154 -6.30 50.13 -20.50
N CYS A 155 -6.35 48.96 -21.13
CA CYS A 155 -7.12 48.78 -22.37
C CYS A 155 -8.60 48.66 -22.01
N SER A 156 -8.85 48.45 -20.72
CA SER A 156 -10.17 48.45 -20.12
C SER A 156 -10.87 49.82 -20.10
N CYS A 157 -10.10 50.91 -20.30
CA CYS A 157 -10.64 52.29 -20.34
C CYS A 157 -11.85 52.46 -21.26
N CYS A 158 -11.83 51.77 -22.40
CA CYS A 158 -12.97 51.71 -23.32
C CYS A 158 -13.94 50.59 -22.96
N PHE A 159 -13.43 49.54 -22.34
CA PHE A 159 -14.20 48.33 -22.05
C PHE A 159 -15.19 48.47 -20.89
N ARG A 160 -14.79 49.15 -19.82
CA ARG A 160 -15.65 49.33 -18.65
C ARG A 160 -16.80 50.27 -19.01
N THR A 161 -18.03 49.77 -18.89
CA THR A 161 -19.21 50.61 -19.16
C THR A 161 -19.51 51.56 -18.01
N GLY A 162 -18.92 51.27 -16.83
CA GLY A 162 -19.02 52.15 -15.67
C GLY A 162 -18.04 53.32 -15.67
N ALA A 163 -17.14 53.35 -16.65
CA ALA A 163 -16.10 54.38 -16.73
C ALA A 163 -16.61 55.66 -17.39
N ILE A 164 -16.45 56.78 -16.67
CA ILE A 164 -16.78 58.12 -17.16
C ILE A 164 -15.88 58.54 -18.32
N ALA A 165 -14.58 58.28 -18.17
CA ALA A 165 -13.57 58.74 -19.13
C ALA A 165 -12.69 57.63 -19.65
N ARG A 166 -11.75 58.01 -20.52
CA ARG A 166 -10.67 57.15 -20.95
C ARG A 166 -9.39 57.98 -20.96
N VAL A 167 -8.25 57.30 -20.91
CA VAL A 167 -6.98 58.01 -20.91
C VAL A 167 -6.30 57.89 -22.27
N VAL A 168 -6.20 59.01 -22.96
CA VAL A 168 -5.51 59.09 -24.25
C VAL A 168 -4.64 60.32 -24.34
N ASP A 169 -3.43 60.13 -24.84
CA ASP A 169 -2.44 61.19 -24.95
C ASP A 169 -1.83 61.22 -26.34
N GLY A 170 -1.41 62.40 -26.77
CA GLY A 170 -0.72 62.55 -28.05
C GLY A 170 -1.66 63.03 -29.13
N VAL A 171 -1.14 63.87 -30.03
CA VAL A 171 -1.93 64.47 -31.10
C VAL A 171 -2.68 63.43 -31.93
N GLU A 172 -1.96 62.42 -32.42
CA GLU A 172 -2.59 61.36 -33.19
C GLU A 172 -3.43 60.43 -32.32
N GLY A 173 -3.00 60.25 -31.08
CA GLY A 173 -3.71 59.44 -30.10
C GLY A 173 -5.09 59.98 -29.78
N VAL A 174 -5.17 61.31 -29.61
CA VAL A 174 -6.45 61.94 -29.33
C VAL A 174 -7.28 62.08 -30.61
N ARG A 175 -6.60 62.15 -31.75
CA ARG A 175 -7.28 62.27 -33.04
C ARG A 175 -8.02 60.97 -33.33
N LEU A 176 -7.32 59.86 -33.16
CA LEU A 176 -7.90 58.53 -33.29
C LEU A 176 -9.01 58.33 -32.27
N ALA A 177 -8.79 58.78 -31.03
CA ALA A 177 -9.77 58.71 -29.95
C ALA A 177 -11.11 59.34 -30.33
N VAL A 178 -11.06 60.53 -30.91
CA VAL A 178 -12.27 61.28 -31.34
C VAL A 178 -13.04 60.56 -32.46
N ARG A 179 -12.31 60.08 -33.46
CA ARG A 179 -12.90 59.32 -34.55
C ARG A 179 -13.54 58.03 -34.07
N GLU A 180 -12.94 57.44 -33.04
CA GLU A 180 -13.48 56.23 -32.41
C GLU A 180 -14.78 56.53 -31.69
N GLU A 181 -14.78 57.59 -30.88
CA GLU A 181 -15.94 57.97 -30.08
C GLU A 181 -17.13 58.40 -30.94
N ILE A 182 -16.84 59.07 -32.05
CA ILE A 182 -17.88 59.50 -32.98
C ILE A 182 -18.56 58.32 -33.68
N GLN A 183 -17.78 57.33 -34.14
CA GLN A 183 -18.35 56.16 -34.81
C GLN A 183 -19.02 55.20 -33.82
N LYS A 184 -18.65 55.30 -32.54
CA LYS A 184 -19.34 54.59 -31.47
C LYS A 184 -20.73 55.18 -31.24
N GLY A 185 -20.94 56.41 -31.73
CA GLY A 185 -22.27 57.01 -31.76
C GLY A 185 -22.47 58.31 -31.00
N ALA A 186 -21.39 58.89 -30.46
CA ALA A 186 -21.48 60.11 -29.65
C ALA A 186 -21.99 61.30 -30.45
N THR A 187 -22.81 62.13 -29.79
CA THR A 187 -23.33 63.35 -30.42
C THR A 187 -22.38 64.54 -30.29
N GLN A 188 -21.60 64.57 -29.21
CA GLN A 188 -20.53 65.56 -29.02
C GLN A 188 -19.36 64.96 -28.21
N ILE A 189 -18.27 65.71 -28.12
CA ILE A 189 -17.02 65.20 -27.54
C ILE A 189 -16.69 65.90 -26.22
N ILE A 191 -13.88 66.66 -23.23
CA ILE A 191 -12.47 66.62 -22.80
C ILE A 191 -12.24 67.25 -21.42
N MET A 192 -11.17 66.81 -20.76
CA MET A 192 -10.74 67.40 -19.49
C MET A 192 -9.62 68.40 -19.78
N ALA A 193 -9.96 69.69 -19.75
CA ALA A 193 -9.03 70.75 -20.11
C ALA A 193 -8.25 71.31 -18.91
N SER A 194 -8.69 70.93 -17.71
CA SER A 194 -8.02 71.34 -16.48
C SER A 194 -8.16 70.30 -15.38
N GLY A 195 -7.54 70.56 -14.24
CA GLY A 195 -7.68 69.75 -13.05
C GLY A 195 -9.10 69.77 -12.53
N GLY A 196 -9.49 68.73 -11.81
CA GLY A 196 -10.82 68.64 -11.25
C GLY A 196 -10.81 68.26 -9.78
N VAL A 197 -12.02 68.04 -9.26
CA VAL A 197 -12.23 67.80 -7.82
C VAL A 197 -12.24 66.30 -7.48
N ALA A 198 -12.81 65.50 -8.37
CA ALA A 198 -13.02 64.06 -8.16
C ALA A 198 -11.73 63.22 -8.23
N SER A 199 -10.90 63.48 -9.22
CA SER A 199 -9.63 62.77 -9.41
C SER A 199 -8.61 63.13 -8.33
N PRO A 200 -7.90 62.12 -7.79
CA PRO A 200 -7.04 62.34 -6.62
C PRO A 200 -5.71 63.04 -6.88
N THR A 201 -5.22 62.96 -8.12
CA THR A 201 -3.85 63.37 -8.45
C THR A 201 -3.65 64.85 -8.81
N ASP A 202 -4.66 65.44 -9.47
CA ASP A 202 -4.52 66.78 -10.04
C ASP A 202 -5.25 67.88 -9.27
N PRO A 203 -4.53 68.97 -8.93
CA PRO A 203 -5.15 70.20 -8.43
C PRO A 203 -5.97 70.92 -9.50
N ILE A 204 -6.99 71.63 -9.07
CA ILE A 204 -7.92 72.34 -9.98
C ILE A 204 -7.30 73.56 -10.68
N ALA A 205 -6.17 74.03 -10.16
CA ALA A 205 -5.50 75.23 -10.64
C ALA A 205 -4.77 75.01 -11.96
N ASN A 206 -4.28 73.79 -12.17
CA ASN A 206 -3.44 73.50 -13.33
C ASN A 206 -4.16 72.92 -14.54
N THR A 207 -3.57 73.13 -15.72
CA THR A 207 -4.20 72.82 -17.00
C THR A 207 -3.86 71.44 -17.54
N GLN A 208 -4.79 70.85 -18.29
CA GLN A 208 -4.58 69.55 -18.92
C GLN A 208 -4.69 69.63 -20.44
N TYR A 209 -3.99 68.72 -21.13
CA TYR A 209 -3.81 68.70 -22.60
C TYR A 209 -3.06 69.90 -23.18
N SER A 210 -2.08 69.62 -24.04
CA SER A 210 -1.41 70.67 -24.78
C SER A 210 -2.37 71.26 -25.81
N GLU A 211 -2.09 72.49 -26.24
CA GLU A 211 -2.94 73.21 -27.19
C GLU A 211 -3.02 72.50 -28.54
N ASP A 212 -1.98 71.73 -28.86
CA ASP A 212 -1.95 70.91 -30.07
C ASP A 212 -2.96 69.78 -29.99
N GLU A 213 -3.11 69.21 -28.80
CA GLU A 213 -4.09 68.15 -28.58
C GLU A 213 -5.51 68.70 -28.67
N ILE A 214 -5.78 69.80 -27.96
CA ILE A 214 -7.11 70.41 -27.90
C ILE A 214 -7.61 70.83 -29.28
N ARG A 215 -6.74 71.49 -30.05
CA ARG A 215 -7.04 71.87 -31.43
C ARG A 215 -7.39 70.69 -32.31
N ALA A 216 -6.66 69.59 -32.16
CA ALA A 216 -6.89 68.37 -32.94
C ALA A 216 -8.26 67.81 -32.65
N ILE A 217 -8.63 67.80 -31.36
CA ILE A 217 -9.90 67.26 -30.90
C ILE A 217 -11.07 68.12 -31.41
N VAL A 218 -10.88 69.44 -31.37
CA VAL A 218 -11.86 70.39 -31.89
C VAL A 218 -12.07 70.18 -33.40
N ASP A 219 -10.97 70.10 -34.14
CA ASP A 219 -11.01 69.96 -35.60
C ASP A 219 -11.68 68.67 -36.05
N GLU A 220 -11.49 67.61 -35.27
CA GLU A 220 -12.06 66.31 -35.60
C GLU A 220 -13.50 66.17 -35.13
N ALA A 221 -13.91 67.04 -34.22
CA ALA A 221 -15.32 67.13 -33.86
C ALA A 221 -16.05 67.96 -34.90
N GLU A 222 -15.48 69.10 -35.27
CA GLU A 222 -16.06 70.01 -36.27
C GLU A 222 -16.24 69.34 -37.63
N ALA A 223 -15.29 68.48 -38.00
CA ALA A 223 -15.35 67.71 -39.24
C ALA A 223 -16.47 66.67 -39.22
N ALA A 224 -16.99 66.39 -38.04
CA ALA A 224 -18.09 65.43 -37.88
C ALA A 224 -19.39 66.15 -37.49
N ASN A 225 -19.48 67.42 -37.89
CA ASN A 225 -20.64 68.30 -37.65
C ASN A 225 -21.07 68.41 -36.19
N THR A 226 -20.08 68.46 -35.31
CA THR A 226 -20.34 68.60 -33.88
C THR A 226 -19.28 69.49 -33.19
N TYR A 227 -19.26 69.46 -31.86
CA TYR A 227 -18.49 70.39 -31.07
C TYR A 227 -17.79 69.69 -29.90
N VAL A 228 -17.01 70.46 -29.14
CA VAL A 228 -16.31 69.94 -27.97
C VAL A 228 -16.80 70.64 -26.71
N MET A 229 -17.26 69.84 -25.75
CA MET A 229 -17.53 70.35 -24.41
C MET A 229 -16.31 70.10 -23.53
N ALA A 230 -15.94 71.09 -22.72
CA ALA A 230 -14.67 71.05 -22.00
C ALA A 230 -14.81 71.39 -20.53
N HIS A 231 -14.25 70.53 -19.68
CA HIS A 231 -14.18 70.74 -18.24
C HIS A 231 -12.98 71.64 -17.90
N ALA A 232 -13.27 72.83 -17.35
CA ALA A 232 -12.25 73.78 -16.94
C ALA A 232 -12.72 74.66 -15.79
N TYR A 233 -11.82 74.97 -14.86
CA TYR A 233 -12.17 75.77 -13.68
C TYR A 233 -11.63 77.20 -13.74
N THR A 234 -10.31 77.32 -13.81
CA THR A 234 -9.64 78.62 -13.78
C THR A 234 -9.79 79.35 -15.11
N GLY A 235 -9.77 80.68 -15.06
CA GLY A 235 -9.90 81.52 -16.25
C GLY A 235 -8.76 81.31 -17.22
N ARG A 236 -7.59 80.99 -16.68
CA ARG A 236 -6.40 80.61 -17.43
C ARG A 236 -6.70 79.41 -18.34
N ALA A 237 -7.23 78.35 -17.73
CA ALA A 237 -7.60 77.11 -18.43
C ALA A 237 -8.77 77.30 -19.40
N ILE A 238 -9.70 78.18 -19.04
CA ILE A 238 -10.86 78.48 -19.87
C ILE A 238 -10.45 79.26 -21.12
N ALA A 239 -9.56 80.24 -20.95
CA ALA A 239 -9.04 81.02 -22.07
C ALA A 239 -8.45 80.15 -23.16
N ARG A 240 -7.56 79.23 -22.77
CA ARG A 240 -6.86 78.37 -23.73
C ARG A 240 -7.76 77.34 -24.37
N ALA A 241 -8.82 76.94 -23.67
CA ALA A 241 -9.80 76.03 -24.25
C ALA A 241 -10.59 76.74 -25.35
N VAL A 242 -11.07 77.95 -25.04
CA VAL A 242 -11.92 78.71 -25.95
C VAL A 242 -11.14 79.30 -27.13
N ARG A 243 -9.89 79.69 -26.90
CA ARG A 243 -8.99 80.13 -27.98
C ARG A 243 -8.58 78.97 -28.89
N CYS A 244 -8.60 77.75 -28.36
CA CYS A 244 -8.40 76.56 -29.19
C CYS A 244 -9.69 76.09 -29.85
N GLY A 245 -10.82 76.68 -29.46
CA GLY A 245 -12.06 76.57 -30.22
C GLY A 245 -13.12 75.63 -29.69
N VAL A 246 -13.14 75.39 -28.38
CA VAL A 246 -14.22 74.60 -27.77
C VAL A 246 -15.51 75.43 -27.77
N ARG A 247 -16.66 74.74 -27.75
CA ARG A 247 -17.94 75.44 -27.84
C ARG A 247 -18.57 75.68 -26.48
N THR A 248 -18.42 74.74 -25.56
CA THR A 248 -18.94 74.93 -24.21
C THR A 248 -17.91 74.66 -23.13
N ILE A 249 -18.03 75.38 -22.02
CA ILE A 249 -17.18 75.20 -20.85
C ILE A 249 -18.03 74.71 -19.69
N GLU A 250 -17.63 73.58 -19.12
CA GLU A 250 -18.33 73.04 -17.95
C GLU A 250 -17.80 73.70 -16.69
N HIS A 251 -18.66 73.76 -15.67
CA HIS A 251 -18.35 74.34 -14.34
C HIS A 251 -17.96 75.82 -14.39
N GLY A 252 -16.71 76.08 -14.77
CA GLY A 252 -16.18 77.43 -14.97
C GLY A 252 -16.14 78.29 -13.72
N ASN A 253 -16.00 77.64 -12.57
CA ASN A 253 -16.16 78.28 -11.27
C ASN A 253 -15.26 79.47 -10.96
N LEU A 254 -14.03 79.44 -11.46
CA LEU A 254 -13.05 80.44 -11.07
C LEU A 254 -12.61 81.35 -12.23
N VAL A 255 -13.58 81.77 -13.05
CA VAL A 255 -13.32 82.72 -14.14
C VAL A 255 -12.92 84.11 -13.68
N ASP A 256 -12.20 84.80 -14.56
CA ASP A 256 -12.04 86.24 -14.47
C ASP A 256 -12.89 86.87 -15.57
N GLU A 257 -13.11 88.19 -15.48
CA GLU A 257 -13.97 88.88 -16.44
C GLU A 257 -13.34 89.06 -17.81
N ALA A 258 -12.01 88.94 -17.89
CA ALA A 258 -11.29 88.97 -19.15
C ALA A 258 -11.46 87.64 -19.90
N ALA A 259 -11.55 86.54 -19.14
CA ALA A 259 -11.80 85.21 -19.70
C ALA A 259 -13.24 85.09 -20.20
N ALA A 260 -14.17 85.67 -19.46
CA ALA A 260 -15.57 85.68 -19.81
C ALA A 260 -15.85 86.61 -21.01
N LYS A 261 -15.02 87.64 -21.16
CA LYS A 261 -15.13 88.57 -22.28
C LYS A 261 -14.74 87.89 -23.59
N LEU A 262 -13.74 87.01 -23.50
CA LEU A 262 -13.27 86.24 -24.66
C LEU A 262 -14.31 85.21 -25.09
N MET A 263 -15.01 84.65 -24.10
CA MET A 263 -16.06 83.67 -24.35
C MET A 263 -17.23 84.24 -25.14
N HIS A 264 -17.62 85.47 -24.80
CA HIS A 264 -18.60 86.21 -25.58
C HIS A 264 -18.07 86.40 -27.01
N GLU A 265 -16.79 86.72 -27.11
CA GLU A 265 -16.14 87.05 -28.38
C GLU A 265 -15.84 85.86 -29.28
N HIS A 266 -15.98 84.65 -28.75
CA HIS A 266 -15.88 83.44 -29.57
C HIS A 266 -17.25 82.78 -29.78
N GLY A 267 -18.24 83.21 -28.99
CA GLY A 267 -19.58 82.62 -29.05
C GLY A 267 -19.68 81.33 -28.26
N ALA A 268 -18.84 81.21 -27.22
CA ALA A 268 -18.76 80.02 -26.39
C ALA A 268 -19.79 80.02 -25.26
N PHE A 269 -20.41 78.88 -24.99
CA PHE A 269 -21.40 78.74 -23.92
C PHE A 269 -20.72 78.30 -22.62
N VAL A 270 -21.43 78.41 -21.51
CA VAL A 270 -20.97 77.89 -20.21
C VAL A 270 -22.10 77.13 -19.54
N VAL A 271 -21.82 75.93 -19.06
CA VAL A 271 -22.78 75.22 -18.22
C VAL A 271 -22.21 75.06 -16.81
N PRO A 272 -22.53 76.00 -15.91
CA PRO A 272 -22.13 75.86 -14.51
C PRO A 272 -22.96 74.75 -13.86
N THR A 273 -22.40 74.09 -12.84
CA THR A 273 -23.11 73.02 -12.15
C THR A 273 -22.95 73.22 -10.66
N LEU A 274 -23.70 74.17 -10.11
CA LEU A 274 -23.48 74.61 -8.73
C LEU A 274 -24.10 73.73 -7.66
N VAL A 275 -25.07 72.90 -8.03
CA VAL A 275 -25.81 72.07 -7.08
C VAL A 275 -24.97 70.88 -6.56
N THR A 276 -23.92 70.53 -7.29
CA THR A 276 -23.09 69.38 -6.91
C THR A 276 -22.13 69.68 -5.75
N TYR A 277 -21.63 70.92 -5.70
CA TYR A 277 -20.68 71.32 -4.67
C TYR A 277 -21.38 71.53 -3.33
N ASP A 278 -22.62 72.01 -3.38
CA ASP A 278 -23.45 72.22 -2.19
C ASP A 278 -23.95 70.89 -1.64
N ALA A 279 -24.04 69.89 -2.52
CA ALA A 279 -24.35 68.52 -2.12
C ALA A 279 -23.11 67.89 -1.47
N LEU A 280 -21.96 68.05 -2.11
CA LEU A 280 -20.68 67.51 -1.60
C LEU A 280 -20.14 68.29 -0.40
N ALA A 281 -20.79 69.40 -0.08
CA ALA A 281 -20.53 70.12 1.16
C ALA A 281 -21.14 69.34 2.32
N LYS A 282 -22.45 69.10 2.28
CA LYS A 282 -23.16 68.37 3.34
C LYS A 282 -22.84 66.88 3.33
N HIS A 283 -22.81 66.30 2.14
CA HIS A 283 -22.54 64.87 1.99
C HIS A 283 -21.36 64.64 1.03
N GLY A 284 -20.15 64.86 1.53
CA GLY A 284 -18.94 64.65 0.74
C GLY A 284 -18.39 63.25 0.92
N ALA A 285 -17.59 63.07 1.97
CA ALA A 285 -17.03 61.77 2.32
C ALA A 285 -18.11 60.92 2.99
N GLU A 286 -19.20 61.58 3.36
CA GLU A 286 -20.42 60.97 3.89
C GLU A 286 -21.03 60.00 2.88
N PHE A 287 -20.95 60.33 1.59
CA PHE A 287 -21.40 59.41 0.54
C PHE A 287 -20.25 58.64 -0.14
N GLY A 288 -19.14 58.50 0.57
CA GLY A 288 -18.07 57.58 0.19
C GLY A 288 -16.99 58.12 -0.75
N MET A 289 -16.91 59.44 -0.87
CA MET A 289 -15.87 60.08 -1.65
C MET A 289 -14.58 60.18 -0.82
N PRO A 290 -13.40 60.02 -1.47
CA PRO A 290 -12.09 60.29 -0.88
C PRO A 290 -11.99 61.67 -0.21
N PRO A 291 -11.34 61.76 0.97
CA PRO A 291 -11.25 62.98 1.79
C PRO A 291 -10.59 64.18 1.10
N GLU A 292 -9.60 63.91 0.25
CA GLU A 292 -8.85 64.95 -0.46
C GLU A 292 -9.65 65.57 -1.61
N SER A 293 -10.69 64.86 -2.04
CA SER A 293 -11.66 65.37 -3.00
C SER A 293 -12.64 66.30 -2.29
N VAL A 294 -13.05 65.91 -1.07
CA VAL A 294 -13.94 66.73 -0.22
C VAL A 294 -13.21 67.98 0.31
N ALA A 295 -11.89 67.87 0.47
CA ALA A 295 -11.04 69.00 0.81
C ALA A 295 -10.92 69.98 -0.37
N LYS A 296 -11.02 69.44 -1.59
CA LYS A 296 -10.97 70.25 -2.83
C LYS A 296 -12.32 70.86 -3.22
N VAL A 297 -13.42 70.32 -2.66
CA VAL A 297 -14.77 70.78 -3.01
C VAL A 297 -15.19 72.04 -2.24
N ALA A 298 -14.45 72.33 -1.17
CA ALA A 298 -14.73 73.47 -0.29
C ALA A 298 -14.39 74.81 -0.95
N SER A 299 -13.50 74.79 -1.93
CA SER A 299 -12.97 76.01 -2.54
C SER A 299 -13.65 76.48 -3.82
N VAL A 300 -14.18 75.54 -4.61
CA VAL A 300 -14.81 75.89 -5.89
C VAL A 300 -16.21 76.49 -5.75
N GLN A 301 -16.91 76.15 -4.67
CA GLN A 301 -18.29 76.62 -4.43
C GLN A 301 -18.34 78.12 -4.10
N GLN A 302 -17.31 78.61 -3.42
CA GLN A 302 -17.19 79.99 -2.94
C GLN A 302 -17.43 81.02 -4.05
N LYS A 303 -16.72 80.84 -5.17
CA LYS A 303 -16.84 81.72 -6.32
C LYS A 303 -17.86 81.21 -7.34
N GLY A 304 -18.75 80.31 -6.90
CA GLY A 304 -19.74 79.70 -7.77
C GLY A 304 -20.86 80.63 -8.19
N ARG A 305 -21.56 81.19 -7.20
CA ARG A 305 -22.63 82.15 -7.42
C ARG A 305 -22.07 83.47 -7.95
N GLU A 306 -20.81 83.72 -7.61
CA GLU A 306 -20.05 84.90 -8.04
C GLU A 306 -19.86 84.89 -9.55
N SER A 307 -19.51 83.73 -10.10
CA SER A 307 -19.22 83.57 -11.51
C SER A 307 -20.44 83.80 -12.39
N LEU A 308 -21.61 83.44 -11.86
CA LEU A 308 -22.89 83.62 -12.56
C LEU A 308 -23.11 85.06 -12.98
N GLU A 309 -22.76 85.99 -12.08
CA GLU A 309 -22.78 87.42 -12.35
C GLU A 309 -21.75 87.79 -13.41
N ILE A 310 -20.54 87.24 -13.30
CA ILE A 310 -19.42 87.50 -14.23
C ILE A 310 -19.77 87.16 -15.68
N TYR A 311 -20.41 86.00 -15.88
CA TYR A 311 -20.89 85.60 -17.21
C TYR A 311 -22.01 86.52 -17.70
N ALA A 312 -22.91 86.89 -16.79
CA ALA A 312 -24.06 87.75 -17.09
C ALA A 312 -23.66 89.17 -17.48
N ASN A 313 -22.59 89.67 -16.86
CA ASN A 313 -22.00 90.97 -17.20
C ASN A 313 -21.39 90.94 -18.60
N ALA A 314 -20.72 89.83 -18.90
CA ALA A 314 -20.00 89.67 -20.16
C ALA A 314 -20.90 89.23 -21.31
N GLY A 315 -22.10 88.75 -20.98
CA GLY A 315 -23.05 88.29 -21.99
C GLY A 315 -22.67 86.93 -22.56
N VAL A 316 -22.49 85.96 -21.67
CA VAL A 316 -22.18 84.59 -22.04
C VAL A 316 -23.37 83.70 -21.71
N LYS A 317 -23.95 83.07 -22.73
CA LYS A 317 -25.13 82.24 -22.56
C LYS A 317 -24.87 81.06 -21.62
N MET A 318 -25.71 80.92 -20.60
CA MET A 318 -25.53 79.90 -19.56
C MET A 318 -26.57 78.78 -19.64
N GLY A 319 -26.09 77.55 -19.60
CA GLY A 319 -26.97 76.37 -19.63
C GLY A 319 -27.21 75.78 -18.25
N PHE A 320 -28.13 74.82 -18.18
CA PHE A 320 -28.49 74.17 -16.92
C PHE A 320 -27.72 72.86 -16.74
N GLY A 321 -27.04 72.70 -15.62
CA GLY A 321 -26.30 71.47 -15.33
C GLY A 321 -26.36 71.08 -13.87
N SER A 322 -26.39 69.78 -13.60
CA SER A 322 -26.44 69.26 -12.23
C SER A 322 -25.13 68.61 -11.78
N ASP A 323 -24.59 67.74 -12.64
CA ASP A 323 -23.32 67.00 -12.38
C ASP A 323 -23.33 66.22 -11.05
N LEU A 324 -24.48 65.68 -10.69
CA LEU A 324 -24.62 64.96 -9.42
C LEU A 324 -24.24 63.49 -9.58
N LEU A 325 -23.67 62.93 -8.51
CA LEU A 325 -23.20 61.54 -8.54
C LEU A 325 -23.92 60.70 -7.49
N GLY A 326 -24.29 59.48 -7.87
CA GLY A 326 -24.86 58.53 -6.93
C GLY A 326 -26.21 58.87 -6.35
N GLU A 327 -26.33 58.76 -5.03
CA GLU A 327 -27.60 59.04 -4.35
C GLU A 327 -27.87 60.55 -4.22
N MET A 328 -26.90 61.37 -4.63
CA MET A 328 -27.08 62.81 -4.69
C MET A 328 -27.85 63.28 -5.93
N HIS A 329 -28.20 62.33 -6.80
CA HIS A 329 -28.94 62.61 -8.04
C HIS A 329 -30.32 63.20 -7.83
N ALA A 330 -30.90 62.97 -6.65
CA ALA A 330 -32.24 63.48 -6.31
C ALA A 330 -32.27 65.01 -6.15
N PHE A 331 -31.10 65.62 -5.96
CA PHE A 331 -30.99 67.07 -5.77
C PHE A 331 -30.99 67.87 -7.08
N GLN A 332 -31.24 67.19 -8.19
CA GLN A 332 -31.10 67.74 -9.55
C GLN A 332 -31.88 69.03 -9.81
N SER A 333 -33.11 69.09 -9.33
CA SER A 333 -33.95 70.28 -9.51
C SER A 333 -33.50 71.47 -8.66
N GLY A 334 -32.72 71.19 -7.62
CA GLY A 334 -32.20 72.20 -6.69
C GLY A 334 -31.32 73.27 -7.31
N GLU A 335 -30.83 73.01 -8.52
CA GLU A 335 -30.04 73.96 -9.30
C GLU A 335 -30.91 75.11 -9.85
N PHE A 336 -32.19 74.82 -10.12
CA PHE A 336 -33.16 75.86 -10.52
C PHE A 336 -33.27 76.98 -9.49
N ARG A 337 -33.33 76.59 -8.22
CA ARG A 337 -33.40 77.53 -7.10
C ARG A 337 -32.11 78.34 -7.03
N ILE A 338 -30.98 77.63 -6.88
CA ILE A 338 -29.64 78.21 -6.79
C ILE A 338 -29.33 79.25 -7.87
N ARG A 339 -29.76 78.97 -9.09
CA ARG A 339 -29.62 79.90 -10.21
C ARG A 339 -30.56 81.10 -10.11
N ALA A 340 -31.83 80.85 -9.77
CA ALA A 340 -32.86 81.91 -9.69
C ALA A 340 -32.57 82.97 -8.64
N GLU A 341 -31.89 82.58 -7.57
CA GLU A 341 -31.44 83.50 -6.54
C GLU A 341 -30.59 84.61 -7.14
N VAL A 342 -29.58 84.23 -7.90
CA VAL A 342 -28.62 85.17 -8.44
C VAL A 342 -29.13 85.89 -9.69
N LEU A 343 -29.73 85.14 -10.61
CA LEU A 343 -30.18 85.71 -11.86
C LEU A 343 -31.66 85.94 -12.11
N GLY A 344 -32.51 85.43 -11.24
CA GLY A 344 -33.94 85.58 -11.41
C GLY A 344 -34.50 84.42 -12.17
N ASN A 345 -35.75 84.09 -11.90
CA ASN A 345 -36.38 82.92 -12.44
C ASN A 345 -36.47 82.82 -13.95
N LEU A 346 -36.69 83.91 -14.64
CA LEU A 346 -36.85 83.81 -16.06
C LEU A 346 -35.57 83.27 -16.65
N GLU A 347 -34.44 83.74 -16.17
CA GLU A 347 -33.12 83.32 -16.65
C GLU A 347 -32.76 81.91 -16.18
N ALA A 348 -33.26 81.54 -14.99
CA ALA A 348 -33.11 80.19 -14.47
C ALA A 348 -33.89 79.16 -15.28
N LEU A 349 -35.01 79.58 -15.84
CA LEU A 349 -35.81 78.72 -16.71
C LEU A 349 -35.27 78.70 -18.14
N ARG A 350 -34.59 79.78 -18.53
CA ARG A 350 -33.95 79.84 -19.84
C ARG A 350 -32.75 78.89 -19.95
N SER A 351 -32.09 78.65 -18.82
CA SER A 351 -30.96 77.70 -18.74
C SER A 351 -31.38 76.30 -19.13
N ALA A 352 -32.59 75.91 -18.71
CA ALA A 352 -33.12 74.59 -18.95
C ALA A 352 -33.76 74.44 -20.32
N THR A 353 -34.21 75.54 -20.90
CA THR A 353 -35.01 75.46 -22.12
C THR A 353 -34.36 76.02 -23.38
N THR A 354 -34.44 77.33 -23.58
CA THR A 354 -34.03 77.95 -24.86
C THR A 354 -32.53 78.00 -25.07
N VAL A 355 -31.79 78.28 -24.00
CA VAL A 355 -30.33 78.31 -24.07
C VAL A 355 -29.81 76.88 -24.22
N ALA A 356 -30.33 75.98 -23.38
CA ALA A 356 -29.98 74.57 -23.37
C ALA A 356 -30.14 73.89 -24.73
N ALA A 357 -31.25 74.18 -25.42
CA ALA A 357 -31.55 73.60 -26.72
C ALA A 357 -30.61 74.10 -27.83
N GLU A 358 -30.10 75.32 -27.67
CA GLU A 358 -29.11 75.86 -28.60
C GLU A 358 -27.77 75.16 -28.39
N ILE A 359 -27.42 74.91 -27.12
CA ILE A 359 -26.21 74.17 -26.73
C ILE A 359 -26.19 72.77 -27.34
N VAL A 360 -27.33 72.08 -27.33
CA VAL A 360 -27.40 70.73 -27.92
C VAL A 360 -27.66 70.75 -29.43
N ASN A 361 -27.69 71.95 -30.03
CA ASN A 361 -27.96 72.17 -31.47
C ASN A 361 -29.32 71.70 -31.95
N MET A 362 -30.36 72.05 -31.19
CA MET A 362 -31.74 71.67 -31.47
C MET A 362 -32.65 72.88 -31.33
N GLN A 363 -32.13 74.05 -31.73
CA GLN A 363 -32.74 75.36 -31.42
C GLN A 363 -34.21 75.52 -31.78
N GLY A 364 -34.55 75.20 -33.03
CA GLY A 364 -35.94 75.24 -33.48
C GLY A 364 -36.76 74.06 -32.99
N GLN A 365 -36.08 72.95 -32.69
CA GLN A 365 -36.72 71.67 -32.40
C GLN A 365 -37.12 71.44 -30.93
N LEU A 366 -36.29 71.91 -30.01
CA LEU A 366 -36.49 71.69 -28.58
C LEU A 366 -36.48 72.98 -27.76
N GLY A 367 -36.86 72.88 -26.48
CA GLY A 367 -36.78 73.99 -25.54
C GLY A 367 -37.71 75.18 -25.73
N VAL A 368 -38.68 75.03 -26.63
CA VAL A 368 -39.65 76.09 -26.91
C VAL A 368 -40.99 75.51 -27.41
N ILE A 369 -42.09 76.11 -26.96
CA ILE A 369 -43.42 75.77 -27.47
C ILE A 369 -43.74 76.64 -28.68
N ALA A 370 -43.44 76.10 -29.86
CA ALA A 370 -43.66 76.78 -31.13
C ALA A 370 -44.25 75.78 -32.11
N VAL A 371 -44.89 76.29 -33.16
CA VAL A 371 -45.48 75.46 -34.20
C VAL A 371 -44.36 74.79 -35.03
N GLY A 372 -44.20 73.48 -34.84
CA GLY A 372 -43.19 72.72 -35.56
C GLY A 372 -42.17 72.02 -34.66
N ALA A 373 -42.06 72.47 -33.41
CA ALA A 373 -41.12 71.91 -32.45
C ALA A 373 -41.58 70.56 -31.91
N ILE A 374 -40.63 69.77 -31.41
CA ILE A 374 -40.91 68.47 -30.80
C ILE A 374 -41.72 68.64 -29.52
N ALA A 375 -42.69 67.76 -29.31
CA ALA A 375 -43.59 67.83 -28.16
C ALA A 375 -42.97 67.28 -26.86
N ASP A 376 -41.90 67.93 -26.40
CA ASP A 376 -41.32 67.62 -25.10
C ASP A 376 -41.81 68.65 -24.08
N LEU A 377 -42.87 68.28 -23.35
CA LEU A 377 -43.66 69.23 -22.56
C LEU A 377 -43.83 68.89 -21.08
N VAL A 378 -43.83 69.93 -20.26
CA VAL A 378 -44.04 69.82 -18.83
C VAL A 378 -45.32 70.56 -18.42
N VAL A 379 -46.23 69.83 -17.76
CA VAL A 379 -47.41 70.45 -17.16
C VAL A 379 -47.13 70.65 -15.67
N LEU A 380 -47.20 71.91 -15.26
CA LEU A 380 -46.73 72.34 -13.96
C LEU A 380 -47.86 72.99 -13.17
N ASP A 381 -47.94 72.69 -11.87
CA ASP A 381 -48.95 73.28 -10.99
C ASP A 381 -48.41 74.51 -10.27
N GLY A 382 -48.86 75.68 -10.70
CA GLY A 382 -48.40 76.94 -10.12
C GLY A 382 -47.36 77.59 -11.01
N ASN A 383 -47.17 78.90 -10.81
CA ASN A 383 -46.31 79.74 -11.64
C ASN A 383 -44.83 79.65 -11.25
N PRO A 384 -43.97 79.23 -12.20
CA PRO A 384 -42.53 79.20 -12.00
C PRO A 384 -41.87 80.58 -12.04
N LEU A 385 -42.42 81.49 -12.85
CA LEU A 385 -41.98 82.87 -12.92
C LEU A 385 -42.26 83.62 -11.62
N GLU A 386 -43.33 83.22 -10.94
CA GLU A 386 -43.69 83.84 -9.66
C GLU A 386 -43.19 83.03 -8.46
N ASP A 387 -42.77 81.79 -8.72
CA ASP A 387 -42.26 80.89 -7.68
C ASP A 387 -41.44 79.76 -8.30
N ILE A 388 -40.11 79.87 -8.17
CA ILE A 388 -39.18 78.82 -8.65
C ILE A 388 -39.26 77.52 -7.83
N GLY A 389 -40.01 77.56 -6.73
CA GLY A 389 -40.27 76.40 -5.88
C GLY A 389 -41.20 75.37 -6.50
N VAL A 390 -41.99 75.77 -7.49
CA VAL A 390 -42.86 74.84 -8.23
C VAL A 390 -42.07 73.96 -9.19
N VAL A 391 -40.77 74.27 -9.35
CA VAL A 391 -39.86 73.52 -10.19
C VAL A 391 -38.79 72.84 -9.33
N ALA A 392 -38.27 73.59 -8.36
CA ALA A 392 -37.08 73.17 -7.58
C ALA A 392 -37.37 72.53 -6.22
N ASP A 393 -38.45 71.77 -6.11
CA ASP A 393 -38.74 71.01 -4.89
C ASP A 393 -38.76 69.52 -5.21
N GLU A 394 -37.65 69.05 -5.81
CA GLU A 394 -37.49 67.68 -6.32
C GLU A 394 -38.57 67.30 -7.36
N GLY A 395 -39.07 68.32 -8.07
CA GLY A 395 -40.18 68.17 -9.01
C GLY A 395 -41.48 67.82 -8.32
N ALA A 396 -41.83 68.61 -7.31
CA ALA A 396 -43.04 68.35 -6.51
C ALA A 396 -44.32 68.66 -7.28
N ARG A 397 -44.28 69.72 -8.08
CA ARG A 397 -45.49 70.24 -8.72
C ARG A 397 -45.53 70.01 -10.23
N VAL A 398 -44.94 68.90 -10.69
CA VAL A 398 -45.06 68.48 -12.08
C VAL A 398 -45.95 67.23 -12.15
N GLU A 399 -47.13 67.39 -12.75
CA GLU A 399 -48.09 66.29 -12.84
C GLU A 399 -48.03 65.53 -14.16
N TYR A 400 -47.72 66.23 -15.26
CA TYR A 400 -47.59 65.55 -16.55
C TYR A 400 -46.26 65.82 -17.24
N VAL A 401 -45.66 64.76 -17.80
CA VAL A 401 -44.48 64.89 -18.65
C VAL A 401 -44.78 64.22 -19.99
N LEU A 402 -44.77 65.00 -21.05
CA LEU A 402 -44.96 64.46 -22.40
C LEU A 402 -43.67 64.53 -23.20
N GLN A 403 -43.32 63.42 -23.84
CA GLN A 403 -42.05 63.28 -24.56
C GLN A 403 -42.33 62.70 -25.94
N ARG A 404 -42.04 63.47 -26.97
CA ARG A 404 -42.37 63.16 -28.38
C ARG A 404 -43.83 62.79 -28.57
N GLY A 405 -44.71 63.62 -28.00
CA GLY A 405 -46.15 63.42 -28.11
C GLY A 405 -46.77 62.57 -27.02
N THR A 406 -46.21 61.37 -26.81
CA THR A 406 -46.71 60.44 -25.81
C THR A 406 -46.47 60.90 -24.37
N LEU A 407 -47.50 60.75 -23.53
CA LEU A 407 -47.42 61.06 -22.11
C LEU A 407 -46.68 59.96 -21.37
N VAL A 408 -45.66 60.34 -20.60
CA VAL A 408 -44.77 59.37 -19.96
C VAL A 408 -44.86 59.36 -18.44
N LYS A 409 -45.24 60.50 -17.84
CA LYS A 409 -45.36 60.57 -16.38
C LYS A 409 -46.67 61.18 -15.88
N ARG A 410 -47.28 60.55 -14.88
CA ARG A 410 -48.50 61.05 -14.25
C ARG A 410 -48.36 61.07 -12.73
N GLN A 411 -48.57 62.24 -12.13
CA GLN A 411 -48.34 62.45 -10.70
C GLN A 411 -49.42 63.29 -10.05
N THR B 4 -42.11 39.89 9.53
CA THR B 4 -41.14 38.83 9.10
C THR B 4 -41.78 37.44 9.01
N ILE B 5 -43.01 37.30 9.52
CA ILE B 5 -43.68 36.00 9.51
C ILE B 5 -44.95 35.96 8.64
N THR B 6 -44.97 35.02 7.69
CA THR B 6 -46.04 34.91 6.71
C THR B 6 -46.65 33.51 6.74
N VAL B 7 -47.97 33.45 6.71
CA VAL B 7 -48.70 32.19 6.69
C VAL B 7 -49.52 32.04 5.41
N LEU B 8 -49.18 31.04 4.60
CA LEU B 8 -50.07 30.58 3.54
C LEU B 8 -51.02 29.63 4.23
N GLN B 9 -52.33 29.87 4.09
CA GLN B 9 -53.31 29.09 4.84
C GLN B 9 -54.35 28.37 3.98
N GLY B 10 -54.51 27.08 4.25
CA GLY B 10 -55.57 26.27 3.67
C GLY B 10 -55.30 25.64 2.32
N GLY B 11 -54.11 25.90 1.76
CA GLY B 11 -53.74 25.40 0.45
C GLY B 11 -53.49 23.90 0.40
N ASN B 12 -53.39 23.35 -0.80
CA ASN B 12 -53.10 21.94 -0.98
C ASN B 12 -51.64 21.74 -1.39
N VAL B 13 -50.81 21.42 -0.41
CA VAL B 13 -49.36 21.26 -0.59
C VAL B 13 -49.02 20.05 -1.45
N LEU B 14 -48.17 20.25 -2.44
CA LEU B 14 -47.75 19.17 -3.31
C LEU B 14 -46.58 18.43 -2.69
N ASP B 15 -46.77 17.12 -2.48
CA ASP B 15 -45.67 16.25 -2.04
C ASP B 15 -45.22 15.40 -3.22
N LEU B 16 -44.03 15.72 -3.72
CA LEU B 16 -43.50 15.12 -4.95
C LEU B 16 -42.81 13.79 -4.70
N GLU B 17 -42.48 13.54 -3.43
CA GLU B 17 -41.90 12.27 -3.01
C GLU B 17 -42.99 11.21 -2.98
N ARG B 18 -44.15 11.57 -2.45
CA ARG B 18 -45.27 10.65 -2.30
C ARG B 18 -46.13 10.59 -3.57
N GLY B 19 -46.29 11.75 -4.22
CA GLY B 19 -47.02 11.84 -5.48
C GLY B 19 -48.46 12.30 -5.34
N VAL B 20 -48.77 13.00 -4.25
CA VAL B 20 -50.13 13.47 -3.97
C VAL B 20 -50.17 14.84 -3.32
N LEU B 21 -51.33 15.48 -3.44
CA LEU B 21 -51.62 16.70 -2.72
C LEU B 21 -51.86 16.42 -1.25
N LEU B 22 -51.33 17.29 -0.40
CA LEU B 22 -51.62 17.25 1.01
C LEU B 22 -52.52 18.44 1.30
N GLU B 23 -53.83 18.21 1.17
CA GLU B 23 -54.87 19.27 1.21
C GLU B 23 -55.05 19.93 2.57
N HIS B 24 -55.54 21.18 2.52
CA HIS B 24 -55.79 22.03 3.70
C HIS B 24 -54.60 22.20 4.64
N HIS B 25 -53.39 22.09 4.08
CA HIS B 25 -52.17 22.28 4.84
C HIS B 25 -51.64 23.70 4.72
N HIS B 26 -51.21 24.25 5.85
CA HIS B 26 -50.69 25.60 5.91
C HIS B 26 -49.17 25.59 5.80
N VAL B 27 -48.63 26.57 5.08
CA VAL B 27 -47.19 26.78 5.03
C VAL B 27 -46.86 28.03 5.84
N VAL B 28 -45.96 27.87 6.80
CA VAL B 28 -45.55 28.98 7.65
C VAL B 28 -44.15 29.43 7.25
N ILE B 29 -44.05 30.69 6.83
CA ILE B 29 -42.78 31.29 6.43
C ILE B 29 -42.29 32.22 7.53
N ASP B 30 -41.01 32.14 7.87
CA ASP B 30 -40.38 33.18 8.67
C ASP B 30 -39.12 33.65 7.95
N GLY B 31 -39.11 34.92 7.56
CA GLY B 31 -38.02 35.49 6.78
C GLY B 31 -38.02 34.91 5.39
N GLU B 32 -37.00 34.09 5.12
CA GLU B 32 -36.83 33.47 3.82
C GLU B 32 -37.01 31.95 3.85
N ARG B 33 -37.39 31.41 5.01
CA ARG B 33 -37.49 29.95 5.16
C ARG B 33 -38.84 29.41 5.67
N ILE B 34 -39.12 28.16 5.29
CA ILE B 34 -40.32 27.46 5.71
C ILE B 34 -40.07 26.79 7.07
N VAL B 35 -40.89 27.15 8.06
CA VAL B 35 -40.74 26.67 9.44
C VAL B 35 -41.77 25.62 9.83
N GLU B 36 -42.99 25.73 9.30
CA GLU B 36 -44.04 24.78 9.65
C GLU B 36 -44.95 24.40 8.48
N VAL B 37 -45.02 23.10 8.22
CA VAL B 37 -45.97 22.54 7.27
C VAL B 37 -46.97 21.68 8.05
N THR B 38 -48.19 22.19 8.24
CA THR B 38 -49.17 21.54 9.12
C THR B 38 -50.62 21.66 8.62
N ASP B 39 -51.46 20.69 8.99
CA ASP B 39 -52.90 20.75 8.73
C ASP B 39 -53.71 21.27 9.94
N ARG B 40 -53.03 21.40 11.07
CA ARG B 40 -53.66 21.81 12.33
C ARG B 40 -54.03 23.29 12.34
N PRO B 41 -55.14 23.65 13.04
CA PRO B 41 -55.50 25.04 13.35
C PRO B 41 -54.30 25.84 13.87
N VAL B 42 -53.66 26.55 12.95
CA VAL B 42 -52.42 27.28 13.23
C VAL B 42 -52.69 28.61 13.94
N ASP B 43 -51.86 28.91 14.94
CA ASP B 43 -51.96 30.17 15.67
C ASP B 43 -51.22 31.28 14.94
N LEU B 44 -51.95 32.30 14.49
CA LEU B 44 -51.36 33.46 13.81
C LEU B 44 -51.47 34.75 14.65
N PRO B 45 -50.44 35.02 15.48
CA PRO B 45 -50.48 36.23 16.30
C PRO B 45 -50.13 37.47 15.47
N ASN B 46 -48.84 37.63 15.16
CA ASN B 46 -48.35 38.78 14.42
C ASN B 46 -48.12 38.46 12.94
N ALA B 47 -48.79 37.41 12.46
CA ALA B 47 -48.53 36.85 11.12
C ALA B 47 -49.41 37.44 10.02
N GLN B 48 -48.82 37.61 8.84
CA GLN B 48 -49.54 38.10 7.67
C GLN B 48 -49.97 36.93 6.78
N ALA B 49 -51.26 36.88 6.46
CA ALA B 49 -51.84 35.71 5.79
C ALA B 49 -52.30 35.96 4.35
N ILE B 50 -52.30 34.89 3.57
CA ILE B 50 -52.90 34.87 2.23
C ILE B 50 -53.79 33.63 2.15
N ASP B 51 -55.03 33.80 1.70
CA ASP B 51 -55.98 32.69 1.59
C ASP B 51 -55.66 31.86 0.35
N VAL B 52 -55.34 30.58 0.57
CA VAL B 52 -54.94 29.69 -0.51
C VAL B 52 -55.88 28.51 -0.67
N ARG B 53 -56.96 28.48 0.12
CA ARG B 53 -57.91 27.35 0.15
C ARG B 53 -58.40 26.93 -1.23
N GLY B 54 -58.20 25.66 -1.56
CA GLY B 54 -58.61 25.11 -2.86
C GLY B 54 -57.63 25.37 -3.99
N LYS B 55 -56.41 25.80 -3.65
CA LYS B 55 -55.38 26.02 -4.65
C LYS B 55 -54.11 25.28 -4.26
N THR B 56 -53.42 24.76 -5.26
CA THR B 56 -52.20 23.97 -5.05
C THR B 56 -51.02 24.86 -4.63
N VAL B 57 -50.38 24.49 -3.53
CA VAL B 57 -49.11 25.10 -3.14
C VAL B 57 -47.98 24.14 -3.51
N MET B 58 -47.03 24.64 -4.30
CA MET B 58 -45.93 23.82 -4.74
C MET B 58 -44.62 24.62 -4.74
N PRO B 59 -43.45 23.94 -4.79
CA PRO B 59 -42.21 24.73 -4.85
C PRO B 59 -42.06 25.37 -6.23
N GLY B 60 -41.41 26.54 -6.26
CA GLY B 60 -41.17 27.26 -7.51
C GLY B 60 -40.23 26.47 -8.40
N PHE B 61 -40.56 26.39 -9.69
CA PHE B 61 -39.80 25.55 -10.63
C PHE B 61 -38.39 26.06 -10.83
N ILE B 62 -37.50 25.13 -11.17
CA ILE B 62 -36.12 25.42 -11.49
C ILE B 62 -35.84 24.99 -12.92
N ASP B 63 -35.41 25.93 -13.76
CA ASP B 63 -34.99 25.60 -15.13
C ASP B 63 -33.48 25.35 -15.17
N CYS B 64 -33.08 24.20 -15.69
CA CYS B 64 -31.68 23.78 -15.65
C CYS B 64 -30.93 24.11 -16.92
N HIS B 65 -31.56 24.86 -17.82
CA HIS B 65 -30.92 25.27 -19.07
C HIS B 65 -31.62 26.46 -19.69
N VAL B 66 -31.12 27.66 -19.40
CA VAL B 66 -31.60 28.88 -20.06
C VAL B 66 -30.45 29.73 -20.58
N HIS B 67 -30.78 30.62 -21.50
CA HIS B 67 -29.86 31.68 -21.87
C HIS B 67 -30.60 32.99 -21.70
N VAL B 68 -30.53 33.50 -20.48
CA VAL B 68 -31.14 34.75 -20.09
C VAL B 68 -30.73 35.91 -21.00
N LEU B 69 -29.48 35.91 -21.43
CA LEU B 69 -28.94 36.96 -22.28
C LEU B 69 -29.17 36.75 -23.77
N ALA B 70 -29.75 35.63 -24.15
CA ALA B 70 -30.07 35.39 -25.56
C ALA B 70 -31.36 36.11 -25.93
N SER B 71 -31.21 37.32 -26.44
CA SER B 71 -32.33 38.20 -26.74
C SER B 71 -32.84 38.04 -28.17
N ASN B 72 -32.02 37.44 -29.04
CA ASN B 72 -32.48 37.01 -30.36
C ASN B 72 -31.82 35.72 -30.85
N ALA B 73 -32.50 35.02 -31.75
CA ALA B 73 -32.16 33.63 -32.13
C ALA B 73 -30.86 33.44 -32.91
N ASN B 74 -30.30 34.52 -33.42
CA ASN B 74 -28.98 34.46 -34.05
C ASN B 74 -27.94 34.76 -32.99
N LEU B 75 -27.32 33.70 -32.48
CA LEU B 75 -26.37 33.80 -31.37
C LEU B 75 -25.04 34.45 -31.77
N GLY B 76 -24.73 34.38 -33.06
CA GLY B 76 -23.59 35.09 -33.63
C GLY B 76 -23.80 36.59 -33.71
N VAL B 77 -25.06 37.01 -33.84
CA VAL B 77 -25.39 38.43 -33.87
C VAL B 77 -25.79 38.94 -32.48
N ASN B 78 -26.19 38.01 -31.61
CA ASN B 78 -26.46 38.31 -30.21
C ASN B 78 -25.17 38.62 -29.47
N ALA B 79 -24.07 38.04 -29.96
CA ALA B 79 -22.74 38.27 -29.42
C ALA B 79 -22.21 39.65 -29.81
N THR B 80 -22.55 40.10 -31.00
CA THR B 80 -21.98 41.33 -31.56
C THR B 80 -22.68 42.61 -31.11
N GLN B 81 -23.85 42.47 -30.48
CA GLN B 81 -24.61 43.61 -30.01
C GLN B 81 -23.89 44.32 -28.84
N PRO B 82 -24.06 45.66 -28.73
CA PRO B 82 -23.49 46.46 -27.64
C PRO B 82 -23.85 45.95 -26.24
N ASN B 83 -22.96 46.17 -25.28
CA ASN B 83 -23.06 45.58 -23.94
C ASN B 83 -24.27 46.01 -23.12
N ILE B 84 -24.50 47.33 -23.04
CA ILE B 84 -25.64 47.89 -22.32
C ILE B 84 -26.93 47.31 -22.87
N LEU B 85 -27.11 47.39 -24.19
CA LEU B 85 -28.30 46.89 -24.87
C LEU B 85 -28.51 45.40 -24.68
N ALA B 86 -27.43 44.65 -24.57
CA ALA B 86 -27.50 43.21 -24.30
C ALA B 86 -28.07 42.95 -22.91
N ALA B 87 -27.63 43.74 -21.94
CA ALA B 87 -28.12 43.64 -20.57
C ALA B 87 -29.59 44.05 -20.43
N ILE B 88 -29.93 45.22 -20.99
CA ILE B 88 -31.30 45.79 -20.97
C ILE B 88 -32.35 44.79 -21.44
N ARG B 89 -32.04 44.09 -22.53
CA ARG B 89 -32.95 43.15 -23.19
C ARG B 89 -33.25 41.88 -22.38
N SER B 90 -32.38 41.54 -21.44
CA SER B 90 -32.57 40.34 -20.61
C SER B 90 -33.56 40.58 -19.46
N LEU B 91 -33.78 41.84 -19.12
CA LEU B 91 -34.68 42.21 -18.02
C LEU B 91 -36.14 41.79 -18.22
N PRO B 92 -36.70 41.96 -19.46
CA PRO B 92 -38.01 41.36 -19.71
C PRO B 92 -38.01 39.82 -19.68
N ILE B 93 -36.97 39.21 -20.23
CA ILE B 93 -36.86 37.74 -20.28
C ILE B 93 -36.89 37.15 -18.87
N LEU B 94 -36.09 37.74 -17.97
CA LEU B 94 -36.05 37.34 -16.56
C LEU B 94 -37.43 37.46 -15.91
N ASP B 95 -38.05 38.62 -16.10
CA ASP B 95 -39.36 38.91 -15.54
C ASP B 95 -40.46 37.96 -16.02
N ALA B 96 -40.41 37.58 -17.30
CA ALA B 96 -41.35 36.63 -17.89
C ALA B 96 -41.23 35.24 -17.29
N MET B 97 -39.98 34.81 -17.08
CA MET B 97 -39.67 33.52 -16.46
C MET B 97 -40.22 33.43 -15.04
N LEU B 98 -40.08 34.52 -14.29
CA LEU B 98 -40.51 34.57 -12.91
C LEU B 98 -42.03 34.48 -12.83
N SER B 99 -42.70 35.14 -13.77
CA SER B 99 -44.15 35.15 -13.85
C SER B 99 -44.69 33.81 -14.33
N ARG B 100 -43.93 33.12 -15.18
CA ARG B 100 -44.30 31.78 -15.63
C ARG B 100 -44.16 30.74 -14.51
N GLY B 101 -43.44 31.11 -13.46
CA GLY B 101 -43.36 30.29 -12.24
C GLY B 101 -41.96 29.85 -11.88
N PHE B 102 -40.98 30.28 -12.66
CA PHE B 102 -39.59 29.88 -12.45
C PHE B 102 -38.88 30.82 -11.47
N THR B 103 -38.64 30.31 -10.27
CA THR B 103 -37.99 31.06 -9.21
C THR B 103 -36.48 30.93 -9.28
N SER B 104 -36.01 29.86 -9.94
CA SER B 104 -34.58 29.63 -10.10
C SER B 104 -34.26 29.09 -11.48
N VAL B 105 -33.36 29.76 -12.18
CA VAL B 105 -32.87 29.27 -13.46
C VAL B 105 -31.37 29.04 -13.40
N ARG B 106 -30.91 28.05 -14.17
CA ARG B 106 -29.48 27.81 -14.35
C ARG B 106 -29.09 28.27 -15.75
N ASP B 107 -28.27 29.31 -15.81
CA ASP B 107 -27.86 29.88 -17.09
C ASP B 107 -26.74 29.06 -17.70
N ALA B 108 -26.92 28.68 -18.96
CA ALA B 108 -26.03 27.73 -19.61
C ALA B 108 -24.96 28.40 -20.46
N GLY B 109 -24.74 29.69 -20.22
CA GLY B 109 -23.77 30.46 -21.00
C GLY B 109 -24.36 31.79 -21.39
N GLY B 110 -23.73 32.86 -20.93
CA GLY B 110 -24.24 34.20 -21.17
C GLY B 110 -24.17 35.00 -19.90
N ALA B 111 -25.09 34.73 -18.97
CA ALA B 111 -25.18 35.46 -17.71
C ALA B 111 -24.02 35.17 -16.77
N ASP B 112 -23.82 36.07 -15.82
CA ASP B 112 -22.68 36.03 -14.94
C ASP B 112 -23.06 36.42 -13.51
N TRP B 113 -22.03 36.77 -12.73
CA TRP B 113 -22.16 37.12 -11.33
C TRP B 113 -22.93 38.42 -11.13
N SER B 114 -22.79 39.35 -12.06
CA SER B 114 -23.47 40.65 -12.01
C SER B 114 -24.99 40.50 -12.01
N LEU B 115 -25.49 39.63 -12.88
CA LEU B 115 -26.93 39.37 -12.98
C LEU B 115 -27.47 38.57 -11.81
N MET B 116 -26.61 37.74 -11.23
CA MET B 116 -26.93 37.00 -10.01
C MET B 116 -27.07 37.99 -8.86
N GLN B 117 -26.21 39.00 -8.85
CA GLN B 117 -26.24 40.07 -7.84
C GLN B 117 -27.45 40.96 -8.00
N ALA B 118 -27.80 41.26 -9.25
CA ALA B 118 -28.91 42.15 -9.55
C ALA B 118 -30.25 41.59 -9.05
N VAL B 119 -30.45 40.28 -9.19
CA VAL B 119 -31.68 39.67 -8.71
C VAL B 119 -31.68 39.39 -7.21
N GLU B 120 -30.50 39.16 -6.63
CA GLU B 120 -30.41 38.80 -5.22
C GLU B 120 -30.45 39.98 -4.27
N THR B 121 -29.96 41.14 -4.70
CA THR B 121 -30.09 42.36 -3.91
C THR B 121 -31.47 42.95 -4.09
N GLY B 122 -32.11 42.64 -5.22
CA GLY B 122 -33.46 43.10 -5.51
C GLY B 122 -33.45 44.31 -6.42
N LEU B 123 -32.40 44.43 -7.21
CA LEU B 123 -32.23 45.53 -8.13
C LEU B 123 -32.92 45.23 -9.45
N VAL B 124 -33.12 43.94 -9.72
CA VAL B 124 -33.77 43.45 -10.93
C VAL B 124 -34.76 42.35 -10.56
N SER B 125 -35.99 42.46 -11.09
CA SER B 125 -36.96 41.39 -10.93
C SER B 125 -36.60 40.22 -11.85
N GLY B 126 -36.44 39.04 -11.25
CA GLY B 126 -36.11 37.83 -12.00
C GLY B 126 -35.95 36.63 -11.09
N PRO B 127 -35.69 35.44 -11.68
CA PRO B 127 -35.36 34.25 -10.91
C PRO B 127 -33.92 34.27 -10.37
N ARG B 128 -33.64 33.43 -9.39
CA ARG B 128 -32.28 33.27 -8.86
C ARG B 128 -31.44 32.59 -9.92
N ILE B 129 -30.30 33.18 -10.25
CA ILE B 129 -29.46 32.68 -11.33
C ILE B 129 -28.31 31.81 -10.79
N PHE B 130 -28.12 30.65 -11.41
CA PHE B 130 -26.92 29.85 -11.23
C PHE B 130 -26.09 29.98 -12.51
N PRO B 131 -25.23 31.01 -12.60
CA PRO B 131 -24.54 31.31 -13.84
C PRO B 131 -23.38 30.35 -14.16
N SER B 132 -23.06 30.25 -15.44
CA SER B 132 -21.90 29.49 -15.91
C SER B 132 -20.84 30.42 -16.46
N GLY B 133 -21.18 31.71 -16.52
CA GLY B 133 -20.34 32.70 -17.17
C GLY B 133 -20.41 32.52 -18.67
N LYS B 134 -19.24 32.45 -19.31
CA LYS B 134 -19.16 32.08 -20.70
C LYS B 134 -18.97 30.59 -20.78
N ALA B 135 -19.61 29.95 -21.76
CA ALA B 135 -19.41 28.54 -22.02
C ALA B 135 -18.05 28.32 -22.67
N LEU B 136 -17.51 27.11 -22.56
CA LEU B 136 -16.20 26.83 -23.13
C LEU B 136 -16.35 26.02 -24.40
N SER B 137 -15.76 26.54 -25.46
CA SER B 137 -15.82 25.91 -26.77
C SER B 137 -14.42 25.84 -27.34
N GLN B 138 -14.17 24.80 -28.13
CA GLN B 138 -12.92 24.69 -28.84
C GLN B 138 -12.95 25.53 -30.13
N THR B 139 -11.84 25.57 -30.86
CA THR B 139 -11.77 26.35 -32.09
C THR B 139 -12.57 25.66 -33.19
N GLY B 140 -13.48 26.42 -33.79
CA GLY B 140 -14.39 25.89 -34.80
C GLY B 140 -15.48 25.03 -34.19
N GLY B 141 -15.58 25.08 -32.86
CA GLY B 141 -16.57 24.32 -32.12
C GLY B 141 -17.90 25.05 -32.05
N HIS B 142 -18.82 24.48 -31.26
CA HIS B 142 -20.21 24.93 -31.20
C HIS B 142 -20.39 26.36 -30.67
N GLY B 143 -19.40 26.86 -29.93
CA GLY B 143 -19.43 28.23 -29.45
C GLY B 143 -18.75 29.21 -30.38
N ASP B 144 -17.91 28.69 -31.28
CA ASP B 144 -17.20 29.52 -32.25
C ASP B 144 -18.15 29.94 -33.37
N PHE B 145 -18.60 31.19 -33.31
CA PHE B 145 -19.58 31.68 -34.27
C PHE B 145 -18.97 32.36 -35.49
N ARG B 146 -17.66 32.22 -35.64
CA ARG B 146 -16.94 32.69 -36.82
C ARG B 146 -17.39 31.92 -38.07
N PRO B 147 -17.65 32.64 -39.18
CA PRO B 147 -18.04 31.98 -40.42
C PRO B 147 -16.86 31.26 -41.06
N ARG B 148 -17.12 30.43 -42.07
CA ARG B 148 -16.09 29.62 -42.74
C ARG B 148 -14.98 30.43 -43.47
N GLY B 149 -15.11 31.76 -43.45
CA GLY B 149 -14.12 32.67 -44.01
C GLY B 149 -12.73 32.59 -43.39
N ASP B 150 -12.46 33.42 -42.38
CA ASP B 150 -11.11 33.51 -41.81
C ASP B 150 -11.05 33.63 -40.28
N LEU B 151 -9.88 33.30 -39.72
CA LEU B 151 -9.69 33.14 -38.28
C LEU B 151 -8.78 34.19 -37.63
N LEU B 152 -9.37 35.29 -37.19
CA LEU B 152 -8.65 36.25 -36.36
C LEU B 152 -9.13 36.20 -34.93
N GLU B 153 -8.22 36.42 -33.98
CA GLU B 153 -8.47 36.24 -32.55
C GLU B 153 -9.55 37.16 -31.97
N PRO B 154 -10.67 36.56 -31.49
CA PRO B 154 -11.66 37.34 -30.79
C PRO B 154 -11.32 37.40 -29.30
N CYS B 155 -10.45 38.35 -28.95
CA CYS B 155 -10.11 38.65 -27.56
C CYS B 155 -11.35 39.22 -26.85
N SER B 156 -12.30 39.68 -27.67
CA SER B 156 -13.59 40.20 -27.23
C SER B 156 -14.57 39.15 -26.70
N CYS B 157 -14.23 37.86 -26.81
CA CYS B 157 -15.09 36.76 -26.32
C CYS B 157 -15.50 36.89 -24.83
N CYS B 158 -14.58 37.39 -24.02
CA CYS B 158 -14.87 37.72 -22.62
C CYS B 158 -15.52 39.09 -22.47
N PHE B 159 -15.16 40.02 -23.37
CA PHE B 159 -15.63 41.40 -23.31
C PHE B 159 -17.09 41.59 -23.77
N ARG B 160 -17.53 40.79 -24.75
CA ARG B 160 -18.91 40.84 -25.22
C ARG B 160 -19.81 40.20 -24.15
N THR B 161 -20.73 40.99 -23.61
CA THR B 161 -21.67 40.49 -22.62
C THR B 161 -22.71 39.58 -23.26
N GLY B 162 -23.08 39.90 -24.50
CA GLY B 162 -24.06 39.11 -25.26
C GLY B 162 -23.57 37.77 -25.77
N ALA B 163 -22.26 37.53 -25.70
CA ALA B 163 -21.70 36.26 -26.15
C ALA B 163 -21.95 35.15 -25.13
N ILE B 164 -22.38 33.98 -25.60
CA ILE B 164 -22.68 32.87 -24.70
C ILE B 164 -21.45 32.02 -24.37
N ALA B 165 -20.43 32.11 -25.21
CA ALA B 165 -19.28 31.21 -25.11
C ALA B 165 -17.97 31.87 -25.48
N ARG B 166 -16.89 31.35 -24.91
CA ARG B 166 -15.54 31.78 -25.25
C ARG B 166 -14.79 30.62 -25.86
N VAL B 167 -13.86 30.93 -26.76
CA VAL B 167 -13.14 29.90 -27.49
C VAL B 167 -11.80 29.64 -26.82
N VAL B 168 -11.65 28.45 -26.25
CA VAL B 168 -10.39 28.04 -25.62
C VAL B 168 -9.94 26.65 -26.05
N ASP B 169 -8.66 26.52 -26.35
CA ASP B 169 -8.07 25.24 -26.75
C ASP B 169 -6.85 24.94 -25.89
N GLY B 170 -6.62 23.67 -25.61
CA GLY B 170 -5.44 23.25 -24.87
C GLY B 170 -5.70 22.90 -23.43
N VAL B 171 -5.06 21.82 -22.98
CA VAL B 171 -5.14 21.36 -21.59
C VAL B 171 -4.87 22.48 -20.59
N GLU B 172 -3.76 23.19 -20.76
CA GLU B 172 -3.46 24.32 -19.87
C GLU B 172 -4.35 25.51 -20.18
N GLY B 173 -4.73 25.65 -21.45
CA GLY B 173 -5.55 26.77 -21.90
C GLY B 173 -6.94 26.78 -21.30
N VAL B 174 -7.55 25.60 -21.25
CA VAL B 174 -8.90 25.47 -20.68
C VAL B 174 -8.86 25.51 -19.16
N ARG B 175 -7.70 25.19 -18.58
CA ARG B 175 -7.51 25.19 -17.14
C ARG B 175 -7.53 26.62 -16.65
N LEU B 176 -6.85 27.48 -17.40
CA LEU B 176 -6.82 28.91 -17.12
C LEU B 176 -8.22 29.50 -17.25
N ALA B 177 -8.95 29.12 -18.30
CA ALA B 177 -10.33 29.58 -18.53
C ALA B 177 -11.31 29.22 -17.42
N VAL B 178 -11.26 27.97 -16.94
CA VAL B 178 -12.07 27.55 -15.79
C VAL B 178 -11.75 28.41 -14.55
N ARG B 179 -10.46 28.54 -14.22
CA ARG B 179 -10.01 29.35 -13.09
C ARG B 179 -10.46 30.80 -13.20
N GLU B 180 -10.43 31.33 -14.42
CA GLU B 180 -10.96 32.66 -14.71
C GLU B 180 -12.47 32.72 -14.46
N GLU B 181 -13.21 31.74 -14.96
CA GLU B 181 -14.67 31.72 -14.82
C GLU B 181 -15.15 31.53 -13.37
N ILE B 182 -14.37 30.79 -12.57
CA ILE B 182 -14.74 30.53 -11.17
C ILE B 182 -14.50 31.76 -10.28
N GLN B 183 -13.41 32.48 -10.54
CA GLN B 183 -13.13 33.72 -9.80
C GLN B 183 -14.05 34.85 -10.26
N LYS B 184 -14.50 34.80 -11.51
CA LYS B 184 -15.51 35.73 -12.04
C LYS B 184 -16.83 35.51 -11.34
N GLY B 185 -17.06 34.28 -10.86
CA GLY B 185 -18.18 33.99 -9.99
C GLY B 185 -19.19 32.98 -10.50
N ALA B 186 -18.83 32.22 -11.54
CA ALA B 186 -19.71 31.16 -12.06
C ALA B 186 -19.95 30.09 -11.01
N THR B 187 -21.17 29.56 -10.97
CA THR B 187 -21.51 28.49 -10.02
C THR B 187 -21.14 27.10 -10.55
N GLN B 188 -21.14 26.94 -11.87
CA GLN B 188 -20.69 25.69 -12.53
C GLN B 188 -20.07 25.99 -13.89
N ILE B 189 -19.48 24.99 -14.52
CA ILE B 189 -18.73 25.19 -15.75
C ILE B 189 -19.44 24.52 -16.92
N ILE B 191 -19.27 23.37 -20.91
CA ILE B 191 -18.46 23.07 -22.10
C ILE B 191 -19.30 22.52 -23.26
N MET B 192 -18.71 22.52 -24.46
CA MET B 192 -19.35 22.00 -25.67
C MET B 192 -18.63 20.72 -26.14
N ALA B 193 -19.25 19.57 -25.88
CA ALA B 193 -18.59 18.28 -26.12
C ALA B 193 -18.96 17.65 -27.46
N SER B 194 -19.75 18.35 -28.27
CA SER B 194 -20.10 17.93 -29.62
C SER B 194 -20.52 19.10 -30.50
N GLY B 195 -20.72 18.84 -31.79
CA GLY B 195 -21.31 19.83 -32.71
C GLY B 195 -22.79 19.99 -32.45
N GLY B 196 -23.35 21.13 -32.85
CA GLY B 196 -24.76 21.39 -32.60
C GLY B 196 -25.50 22.08 -33.72
N VAL B 197 -26.66 22.65 -33.36
CA VAL B 197 -27.57 23.28 -34.33
C VAL B 197 -27.18 24.74 -34.63
N ALA B 198 -27.06 25.56 -33.58
CA ALA B 198 -26.92 27.01 -33.74
C ALA B 198 -25.50 27.54 -34.00
N SER B 199 -24.67 26.74 -34.67
CA SER B 199 -23.30 27.15 -34.99
C SER B 199 -22.98 26.89 -36.46
N PRO B 200 -22.21 27.79 -37.11
CA PRO B 200 -21.99 27.73 -38.56
C PRO B 200 -21.17 26.54 -39.09
N THR B 201 -20.03 26.26 -38.46
CA THR B 201 -18.97 25.47 -39.10
C THR B 201 -18.86 23.99 -38.67
N ASP B 202 -19.89 23.46 -37.99
CA ASP B 202 -19.77 22.13 -37.39
C ASP B 202 -21.01 21.24 -37.44
N PRO B 203 -20.87 20.02 -37.99
CA PRO B 203 -21.89 18.98 -38.00
C PRO B 203 -22.20 18.46 -36.60
N ILE B 204 -23.37 17.85 -36.44
CA ILE B 204 -23.84 17.33 -35.14
C ILE B 204 -23.08 16.06 -34.67
N ALA B 205 -22.82 15.14 -35.58
CA ALA B 205 -22.27 13.81 -35.26
C ALA B 205 -20.87 13.79 -34.65
N ASN B 206 -20.02 14.76 -35.03
CA ASN B 206 -18.65 14.77 -34.52
C ASN B 206 -18.50 15.32 -33.10
N THR B 207 -17.38 14.96 -32.46
CA THR B 207 -17.15 15.25 -31.05
C THR B 207 -16.22 16.45 -30.87
N GLN B 208 -16.35 17.14 -29.75
CA GLN B 208 -15.49 18.28 -29.47
C GLN B 208 -14.67 18.15 -28.19
N TYR B 209 -13.47 18.75 -28.21
CA TYR B 209 -12.43 18.63 -27.18
C TYR B 209 -11.82 17.24 -27.09
N SER B 210 -10.58 17.17 -26.61
CA SER B 210 -9.95 15.90 -26.33
C SER B 210 -10.36 15.49 -24.93
N GLU B 211 -10.23 14.19 -24.63
CA GLU B 211 -10.48 13.67 -23.28
C GLU B 211 -9.58 14.32 -22.23
N ASP B 212 -8.33 14.61 -22.61
CA ASP B 212 -7.37 15.32 -21.75
C ASP B 212 -7.83 16.74 -21.46
N GLU B 213 -8.49 17.38 -22.43
CA GLU B 213 -9.05 18.70 -22.22
C GLU B 213 -10.28 18.67 -21.34
N ILE B 214 -11.11 17.65 -21.47
CA ILE B 214 -12.30 17.52 -20.62
C ILE B 214 -11.93 17.15 -19.19
N ARG B 215 -11.02 16.18 -19.02
CA ARG B 215 -10.50 15.79 -17.69
C ARG B 215 -9.86 16.95 -16.95
N ALA B 216 -9.15 17.82 -17.67
CA ALA B 216 -8.58 19.04 -17.11
C ALA B 216 -9.70 19.93 -16.54
N ILE B 217 -10.74 20.14 -17.34
CA ILE B 217 -11.88 21.00 -16.97
C ILE B 217 -12.62 20.43 -15.77
N VAL B 218 -12.94 19.14 -15.82
CA VAL B 218 -13.63 18.42 -14.73
C VAL B 218 -12.87 18.52 -13.41
N ASP B 219 -11.55 18.33 -13.46
CA ASP B 219 -10.68 18.41 -12.28
C ASP B 219 -10.68 19.80 -11.62
N GLU B 220 -10.63 20.85 -12.43
CA GLU B 220 -10.60 22.21 -11.90
C GLU B 220 -11.95 22.70 -11.38
N ALA B 221 -13.03 22.12 -11.88
CA ALA B 221 -14.35 22.43 -11.38
C ALA B 221 -14.57 21.75 -10.04
N GLU B 222 -14.18 20.48 -9.94
CA GLU B 222 -14.21 19.73 -8.69
C GLU B 222 -13.37 20.39 -7.62
N ALA B 223 -12.21 20.93 -8.02
CA ALA B 223 -11.33 21.67 -7.12
C ALA B 223 -11.89 23.03 -6.70
N ALA B 224 -13.11 23.34 -7.13
CA ALA B 224 -13.83 24.51 -6.66
C ALA B 224 -15.19 24.09 -6.10
N ASN B 225 -15.28 22.80 -5.77
CA ASN B 225 -16.48 22.16 -5.21
C ASN B 225 -17.74 22.37 -6.05
N THR B 226 -17.57 22.30 -7.36
CA THR B 226 -18.67 22.30 -8.30
C THR B 226 -18.50 21.23 -9.41
N TYR B 227 -19.28 21.37 -10.48
CA TYR B 227 -19.39 20.34 -11.52
C TYR B 227 -19.35 20.94 -12.92
N VAL B 228 -19.33 20.07 -13.93
CA VAL B 228 -19.32 20.51 -15.32
C VAL B 228 -20.58 20.05 -16.05
N MET B 229 -21.23 20.98 -16.73
CA MET B 229 -22.29 20.63 -17.68
C MET B 229 -21.74 20.63 -19.11
N ALA B 230 -22.08 19.58 -19.87
CA ALA B 230 -21.58 19.41 -21.23
C ALA B 230 -22.69 19.25 -22.26
N HIS B 231 -22.57 20.01 -23.34
CA HIS B 231 -23.46 19.94 -24.49
C HIS B 231 -23.04 18.74 -25.34
N ALA B 232 -23.92 17.74 -25.45
CA ALA B 232 -23.64 16.55 -26.26
C ALA B 232 -24.91 15.94 -26.83
N TYR B 233 -24.84 15.42 -28.06
CA TYR B 233 -26.00 14.85 -28.75
C TYR B 233 -25.92 13.33 -28.93
N THR B 234 -24.88 12.88 -29.64
CA THR B 234 -24.70 11.49 -29.98
C THR B 234 -24.24 10.66 -28.78
N GLY B 235 -24.58 9.37 -28.78
CA GLY B 235 -24.17 8.44 -27.72
C GLY B 235 -22.66 8.29 -27.63
N ARG B 236 -21.99 8.40 -28.78
CA ARG B 236 -20.54 8.41 -28.85
C ARG B 236 -19.96 9.61 -28.10
N ALA B 237 -20.52 10.79 -28.34
CA ALA B 237 -20.05 12.02 -27.70
C ALA B 237 -20.41 12.13 -26.22
N ILE B 238 -21.53 11.51 -25.84
CA ILE B 238 -22.00 11.53 -24.45
C ILE B 238 -21.15 10.64 -23.55
N ALA B 239 -20.90 9.41 -24.02
CA ALA B 239 -20.15 8.40 -23.26
C ALA B 239 -18.72 8.82 -22.94
N ARG B 240 -18.05 9.48 -23.88
CA ARG B 240 -16.69 9.96 -23.64
C ARG B 240 -16.68 11.10 -22.62
N ALA B 241 -17.68 11.97 -22.67
CA ALA B 241 -17.82 13.06 -21.72
C ALA B 241 -18.09 12.56 -20.31
N VAL B 242 -18.99 11.58 -20.21
CA VAL B 242 -19.41 10.98 -18.94
C VAL B 242 -18.29 10.16 -18.30
N ARG B 243 -17.49 9.49 -19.15
CA ARG B 243 -16.30 8.78 -18.68
C ARG B 243 -15.21 9.72 -18.17
N CYS B 244 -15.22 10.97 -18.64
CA CYS B 244 -14.28 12.00 -18.17
C CYS B 244 -14.82 12.74 -16.95
N GLY B 245 -16.05 12.42 -16.55
CA GLY B 245 -16.58 12.88 -15.27
C GLY B 245 -17.42 14.15 -15.31
N VAL B 246 -18.16 14.34 -16.39
CA VAL B 246 -19.13 15.45 -16.43
C VAL B 246 -20.41 15.03 -15.71
N ARG B 247 -20.96 15.95 -14.92
CA ARG B 247 -22.06 15.59 -14.05
C ARG B 247 -23.42 15.59 -14.76
N THR B 248 -23.68 16.64 -15.52
CA THR B 248 -24.92 16.73 -16.28
C THR B 248 -24.63 16.83 -17.77
N ILE B 249 -25.45 16.14 -18.57
CA ILE B 249 -25.38 16.19 -20.03
C ILE B 249 -26.56 16.99 -20.55
N GLU B 250 -26.27 18.04 -21.30
CA GLU B 250 -27.31 18.89 -21.88
C GLU B 250 -27.74 18.31 -23.21
N HIS B 251 -29.04 18.45 -23.51
CA HIS B 251 -29.71 17.89 -24.70
C HIS B 251 -29.72 16.36 -24.71
N GLY B 252 -28.73 15.74 -25.35
CA GLY B 252 -28.61 14.29 -25.37
C GLY B 252 -29.67 13.58 -26.20
N ASN B 253 -30.13 14.24 -27.25
CA ASN B 253 -31.24 13.75 -28.08
C ASN B 253 -31.01 12.42 -28.79
N LEU B 254 -29.76 12.13 -29.13
CA LEU B 254 -29.42 10.97 -29.97
C LEU B 254 -28.65 9.85 -29.24
N VAL B 255 -29.06 9.56 -28.01
CA VAL B 255 -28.48 8.47 -27.21
C VAL B 255 -28.84 7.06 -27.67
N ASP B 256 -27.95 6.13 -27.40
CA ASP B 256 -28.24 4.70 -27.42
C ASP B 256 -28.31 4.26 -25.95
N GLU B 257 -28.82 3.05 -25.71
CA GLU B 257 -29.01 2.59 -24.32
C GLU B 257 -27.71 2.18 -23.63
N ALA B 258 -26.65 1.97 -24.41
CA ALA B 258 -25.31 1.72 -23.87
C ALA B 258 -24.77 2.98 -23.19
N ALA B 259 -24.90 4.11 -23.89
CA ALA B 259 -24.54 5.43 -23.36
C ALA B 259 -25.45 5.82 -22.19
N ALA B 260 -26.71 5.37 -22.24
CA ALA B 260 -27.64 5.60 -21.14
C ALA B 260 -27.33 4.72 -19.93
N LYS B 261 -26.78 3.53 -20.19
CA LYS B 261 -26.39 2.60 -19.12
C LYS B 261 -25.19 3.17 -18.37
N LEU B 262 -24.21 3.68 -19.14
CA LEU B 262 -23.01 4.31 -18.58
C LEU B 262 -23.34 5.54 -17.74
N MET B 263 -24.33 6.30 -18.20
CA MET B 263 -24.80 7.47 -17.47
C MET B 263 -25.40 7.13 -16.11
N HIS B 264 -26.19 6.05 -16.09
CA HIS B 264 -26.78 5.54 -14.86
C HIS B 264 -25.71 5.07 -13.88
N GLU B 265 -24.68 4.43 -14.41
CA GLU B 265 -23.60 3.87 -13.59
C GLU B 265 -22.66 4.93 -13.06
N HIS B 266 -22.44 5.99 -13.84
CA HIS B 266 -21.58 7.08 -13.41
C HIS B 266 -22.32 8.12 -12.56
N GLY B 267 -23.63 7.91 -12.37
CA GLY B 267 -24.46 8.81 -11.58
C GLY B 267 -24.62 10.18 -12.21
N ALA B 268 -24.68 10.19 -13.55
CA ALA B 268 -24.79 11.43 -14.31
C ALA B 268 -26.24 11.82 -14.57
N PHE B 269 -26.47 13.12 -14.76
CA PHE B 269 -27.79 13.67 -15.01
C PHE B 269 -27.96 14.00 -16.50
N VAL B 270 -29.22 14.17 -16.93
CA VAL B 270 -29.53 14.67 -18.28
C VAL B 270 -30.49 15.84 -18.19
N VAL B 271 -30.19 16.90 -18.93
CA VAL B 271 -31.15 17.97 -19.12
C VAL B 271 -31.56 17.98 -20.60
N PRO B 272 -32.65 17.26 -20.95
CA PRO B 272 -33.16 17.36 -22.31
C PRO B 272 -33.81 18.71 -22.49
N THR B 273 -33.81 19.23 -23.72
CA THR B 273 -34.36 20.56 -23.96
C THR B 273 -35.28 20.56 -25.16
N LEU B 274 -36.36 19.77 -25.06
CA LEU B 274 -37.17 19.41 -26.23
C LEU B 274 -38.00 20.51 -26.86
N VAL B 275 -38.42 21.49 -26.05
CA VAL B 275 -39.24 22.61 -26.52
C VAL B 275 -38.50 23.53 -27.50
N THR B 276 -37.18 23.60 -27.38
CA THR B 276 -36.40 24.49 -28.22
C THR B 276 -36.32 24.03 -29.66
N TYR B 277 -36.44 22.73 -29.89
CA TYR B 277 -36.37 22.20 -31.24
C TYR B 277 -37.72 22.31 -31.91
N ASP B 278 -38.78 22.24 -31.10
CA ASP B 278 -40.15 22.43 -31.58
C ASP B 278 -40.38 23.86 -32.03
N ALA B 279 -39.84 24.82 -31.28
CA ALA B 279 -39.94 26.23 -31.62
C ALA B 279 -39.09 26.59 -32.84
N LEU B 280 -37.92 25.98 -32.96
CA LEU B 280 -37.06 26.19 -34.12
C LEU B 280 -37.54 25.44 -35.36
N ALA B 281 -38.51 24.55 -35.17
CA ALA B 281 -39.18 23.88 -36.29
C ALA B 281 -40.18 24.80 -36.98
N LYS B 282 -41.01 25.51 -36.20
CA LYS B 282 -41.96 26.47 -36.76
C LYS B 282 -41.27 27.77 -37.13
N HIS B 283 -40.70 28.43 -36.13
CA HIS B 283 -40.25 29.81 -36.27
C HIS B 283 -38.73 29.96 -36.30
N GLY B 284 -38.04 28.97 -36.85
CA GLY B 284 -36.57 28.98 -36.93
C GLY B 284 -36.03 30.08 -37.84
N ALA B 285 -36.28 29.92 -39.14
CA ALA B 285 -35.82 30.88 -40.16
C ALA B 285 -36.57 32.20 -40.10
N GLU B 286 -37.80 32.15 -39.56
CA GLU B 286 -38.65 33.32 -39.36
C GLU B 286 -38.00 34.35 -38.44
N PHE B 287 -37.46 33.88 -37.31
CA PHE B 287 -36.91 34.75 -36.28
C PHE B 287 -35.40 35.04 -36.40
N GLY B 288 -34.88 34.96 -37.63
CA GLY B 288 -33.53 35.43 -37.94
C GLY B 288 -32.39 34.43 -37.93
N MET B 289 -32.71 33.16 -37.68
CA MET B 289 -31.67 32.12 -37.65
C MET B 289 -31.30 31.69 -39.08
N PRO B 290 -29.98 31.64 -39.38
CA PRO B 290 -29.37 31.19 -40.65
C PRO B 290 -29.88 29.82 -41.11
N PRO B 291 -30.02 29.62 -42.44
CA PRO B 291 -30.68 28.44 -43.01
C PRO B 291 -29.99 27.09 -42.76
N GLU B 292 -28.66 27.08 -42.69
CA GLU B 292 -27.92 25.83 -42.47
C GLU B 292 -27.92 25.37 -41.01
N SER B 293 -28.41 26.23 -40.13
CA SER B 293 -28.71 25.85 -38.74
C SER B 293 -30.10 25.20 -38.65
N VAL B 294 -31.08 25.80 -39.33
CA VAL B 294 -32.44 25.28 -39.40
C VAL B 294 -32.48 23.98 -40.24
N ALA B 295 -31.45 23.77 -41.05
CA ALA B 295 -31.25 22.48 -41.71
C ALA B 295 -30.95 21.43 -40.64
N LYS B 296 -30.03 21.76 -39.74
CA LYS B 296 -29.55 20.85 -38.68
C LYS B 296 -30.55 20.55 -37.56
N VAL B 297 -31.54 21.43 -37.39
CA VAL B 297 -32.55 21.28 -36.32
C VAL B 297 -33.53 20.13 -36.59
N ALA B 298 -33.65 19.77 -37.87
CA ALA B 298 -34.59 18.75 -38.30
C ALA B 298 -34.19 17.36 -37.80
N SER B 299 -32.89 17.10 -37.77
CA SER B 299 -32.35 15.76 -37.52
C SER B 299 -32.23 15.34 -36.05
N VAL B 300 -32.42 16.28 -35.12
CA VAL B 300 -32.34 15.95 -33.70
C VAL B 300 -33.70 15.91 -33.02
N GLN B 301 -34.67 16.66 -33.56
CA GLN B 301 -36.00 16.73 -32.96
C GLN B 301 -36.82 15.46 -33.17
N GLN B 302 -36.38 14.64 -34.12
CA GLN B 302 -36.97 13.33 -34.41
C GLN B 302 -36.86 12.41 -33.20
N LYS B 303 -35.62 12.19 -32.77
CA LYS B 303 -35.29 11.25 -31.70
C LYS B 303 -35.53 11.78 -30.28
N GLY B 304 -35.93 13.05 -30.18
CA GLY B 304 -36.12 13.75 -28.90
C GLY B 304 -36.98 13.07 -27.86
N ARG B 305 -38.18 12.68 -28.24
CA ARG B 305 -39.11 12.02 -27.33
C ARG B 305 -38.74 10.57 -27.10
N GLU B 306 -38.07 9.98 -28.10
CA GLU B 306 -37.59 8.61 -28.02
C GLU B 306 -36.45 8.48 -27.01
N SER B 307 -35.62 9.52 -26.92
CA SER B 307 -34.50 9.57 -25.98
C SER B 307 -34.99 9.57 -24.55
N LEU B 308 -36.08 10.30 -24.30
CA LEU B 308 -36.71 10.42 -22.98
C LEU B 308 -37.12 9.09 -22.39
N GLU B 309 -37.53 8.19 -23.28
CA GLU B 309 -37.89 6.84 -22.88
C GLU B 309 -36.67 6.04 -22.45
N ILE B 310 -35.58 6.16 -23.22
CA ILE B 310 -34.33 5.49 -22.90
C ILE B 310 -33.77 5.97 -21.55
N TYR B 311 -33.86 7.28 -21.31
CA TYR B 311 -33.44 7.87 -20.04
C TYR B 311 -34.24 7.35 -18.86
N ALA B 312 -35.54 7.20 -19.06
CA ALA B 312 -36.40 6.61 -18.04
C ALA B 312 -36.08 5.13 -17.84
N ASN B 313 -35.84 4.42 -18.95
CA ASN B 313 -35.53 2.98 -18.93
C ASN B 313 -34.25 2.62 -18.19
N ALA B 314 -33.17 3.34 -18.48
CA ALA B 314 -31.91 3.13 -17.80
C ALA B 314 -31.89 3.81 -16.43
N GLY B 315 -32.87 4.68 -16.19
CA GLY B 315 -33.01 5.36 -14.90
C GLY B 315 -32.03 6.49 -14.72
N VAL B 316 -31.75 7.19 -15.81
CA VAL B 316 -30.93 8.40 -15.75
C VAL B 316 -31.80 9.57 -15.35
N LYS B 317 -31.45 10.22 -14.24
CA LYS B 317 -32.24 11.35 -13.71
C LYS B 317 -32.32 12.51 -14.70
N MET B 318 -33.53 13.04 -14.90
CA MET B 318 -33.81 14.05 -15.91
C MET B 318 -34.22 15.38 -15.31
N GLY B 319 -33.59 16.46 -15.76
CA GLY B 319 -33.89 17.82 -15.27
C GLY B 319 -34.59 18.68 -16.30
N PHE B 320 -35.31 19.69 -15.83
CA PHE B 320 -36.10 20.56 -16.70
C PHE B 320 -35.23 21.58 -17.44
N GLY B 321 -35.25 21.54 -18.77
CA GLY B 321 -34.54 22.52 -19.57
C GLY B 321 -35.35 23.04 -20.74
N SER B 322 -35.36 24.36 -20.92
CA SER B 322 -36.09 24.98 -22.03
C SER B 322 -35.20 25.33 -23.22
N ASP B 323 -34.16 26.13 -22.97
CA ASP B 323 -33.14 26.50 -23.98
C ASP B 323 -33.64 27.36 -25.15
N LEU B 324 -34.68 28.15 -24.90
CA LEU B 324 -35.28 28.96 -25.95
C LEU B 324 -34.53 30.26 -26.17
N LEU B 325 -34.39 30.65 -27.43
CA LEU B 325 -33.68 31.88 -27.78
C LEU B 325 -34.63 32.96 -28.31
N GLY B 326 -34.41 34.20 -27.87
CA GLY B 326 -35.11 35.34 -28.43
C GLY B 326 -36.55 35.46 -28.06
N GLU B 327 -37.39 35.75 -29.04
CA GLU B 327 -38.83 35.91 -28.83
C GLU B 327 -39.53 34.57 -28.54
N MET B 328 -38.86 33.47 -28.90
CA MET B 328 -39.32 32.11 -28.58
C MET B 328 -39.25 31.75 -27.10
N HIS B 329 -38.71 32.66 -26.28
CA HIS B 329 -38.65 32.50 -24.82
C HIS B 329 -40.03 32.37 -24.20
N ALA B 330 -41.05 32.78 -24.95
CA ALA B 330 -42.45 32.71 -24.53
C ALA B 330 -42.94 31.29 -24.33
N PHE B 331 -42.39 30.37 -25.12
CA PHE B 331 -42.81 28.96 -25.15
C PHE B 331 -42.29 28.14 -23.96
N GLN B 332 -41.63 28.82 -23.02
CA GLN B 332 -40.84 28.21 -21.94
C GLN B 332 -41.54 27.17 -21.09
N SER B 333 -42.80 27.41 -20.76
CA SER B 333 -43.56 26.53 -19.88
C SER B 333 -43.99 25.24 -20.58
N GLY B 334 -43.97 25.25 -21.91
CA GLY B 334 -44.47 24.15 -22.73
C GLY B 334 -43.68 22.86 -22.69
N GLU B 335 -42.47 22.91 -22.13
CA GLU B 335 -41.62 21.73 -21.95
C GLU B 335 -42.24 20.74 -20.95
N PHE B 336 -43.01 21.28 -19.99
CA PHE B 336 -43.80 20.48 -19.03
C PHE B 336 -44.77 19.54 -19.74
N ARG B 337 -45.56 20.09 -20.65
CA ARG B 337 -46.53 19.33 -21.44
C ARG B 337 -45.86 18.20 -22.23
N ILE B 338 -44.72 18.50 -22.86
CA ILE B 338 -43.98 17.54 -23.70
C ILE B 338 -43.46 16.36 -22.89
N ARG B 339 -42.88 16.67 -21.73
CA ARG B 339 -42.33 15.64 -20.85
C ARG B 339 -43.43 14.78 -20.23
N ALA B 340 -44.55 15.41 -19.87
CA ALA B 340 -45.72 14.69 -19.36
C ALA B 340 -46.32 13.75 -20.40
N GLU B 341 -46.27 14.15 -21.66
CA GLU B 341 -46.80 13.33 -22.77
C GLU B 341 -46.02 12.03 -23.01
N VAL B 342 -44.82 11.94 -22.43
CA VAL B 342 -44.00 10.74 -22.57
C VAL B 342 -43.81 10.05 -21.23
N LEU B 343 -43.83 10.82 -20.14
CA LEU B 343 -43.45 10.31 -18.81
C LEU B 343 -44.50 10.46 -17.69
N GLY B 344 -45.63 11.10 -17.99
CA GLY B 344 -46.64 11.36 -16.96
C GLY B 344 -46.27 12.60 -16.17
N ASN B 345 -47.26 13.40 -15.80
CA ASN B 345 -46.96 14.71 -15.19
C ASN B 345 -46.40 14.71 -13.76
N LEU B 346 -46.42 13.56 -13.09
CA LEU B 346 -45.70 13.38 -11.83
C LEU B 346 -44.20 13.49 -12.10
N GLU B 347 -43.75 12.81 -13.15
CA GLU B 347 -42.37 12.86 -13.59
C GLU B 347 -42.01 14.24 -14.15
N ALA B 348 -42.94 14.84 -14.89
CA ALA B 348 -42.72 16.15 -15.51
C ALA B 348 -42.63 17.28 -14.49
N LEU B 349 -43.33 17.14 -13.37
CA LEU B 349 -43.18 18.09 -12.28
C LEU B 349 -41.90 17.82 -11.50
N ARG B 350 -41.47 16.56 -11.49
CA ARG B 350 -40.22 16.18 -10.84
C ARG B 350 -38.98 16.72 -11.55
N SER B 351 -39.13 16.99 -12.85
CA SER B 351 -38.07 17.57 -13.69
C SER B 351 -37.63 18.94 -13.18
N ALA B 352 -38.60 19.72 -12.71
CA ALA B 352 -38.38 21.13 -12.37
C ALA B 352 -38.35 21.42 -10.88
N THR B 353 -38.59 20.41 -10.05
CA THR B 353 -38.60 20.63 -8.61
C THR B 353 -37.54 19.82 -7.86
N THR B 354 -37.77 18.51 -7.71
CA THR B 354 -36.91 17.68 -6.83
C THR B 354 -35.57 17.33 -7.48
N VAL B 355 -35.61 16.83 -8.71
CA VAL B 355 -34.42 16.43 -9.47
C VAL B 355 -33.60 17.65 -9.89
N ALA B 356 -34.28 18.75 -10.18
CA ALA B 356 -33.64 20.01 -10.56
C ALA B 356 -32.80 20.60 -9.43
N ALA B 357 -33.33 20.56 -8.21
CA ALA B 357 -32.63 21.08 -7.03
C ALA B 357 -31.47 20.20 -6.60
N GLU B 358 -31.48 18.95 -7.05
CA GLU B 358 -30.38 18.03 -6.82
C GLU B 358 -29.24 18.40 -7.74
N ILE B 359 -29.58 18.71 -8.99
CA ILE B 359 -28.62 19.16 -10.02
C ILE B 359 -27.84 20.41 -9.59
N VAL B 360 -28.54 21.42 -9.10
CA VAL B 360 -27.90 22.67 -8.68
C VAL B 360 -27.34 22.59 -7.24
N ASN B 361 -27.27 21.36 -6.72
CA ASN B 361 -26.77 21.05 -5.37
C ASN B 361 -27.46 21.81 -4.24
N MET B 362 -28.79 21.77 -4.27
CA MET B 362 -29.62 22.39 -3.26
C MET B 362 -30.61 21.36 -2.76
N GLN B 363 -30.20 20.09 -2.81
CA GLN B 363 -31.04 18.98 -2.37
C GLN B 363 -31.52 19.20 -0.92
N GLY B 364 -32.81 19.44 -0.78
CA GLY B 364 -33.40 19.75 0.53
C GLY B 364 -33.61 21.24 0.77
N GLN B 365 -32.82 22.07 0.10
CA GLN B 365 -32.86 23.52 0.29
C GLN B 365 -33.86 24.20 -0.65
N LEU B 366 -33.87 23.75 -1.90
CA LEU B 366 -34.83 24.20 -2.91
C LEU B 366 -35.68 23.03 -3.39
N GLY B 367 -36.75 23.34 -4.12
CA GLY B 367 -37.55 22.34 -4.81
C GLY B 367 -38.39 21.40 -3.96
N VAL B 368 -38.61 21.77 -2.70
CA VAL B 368 -39.38 20.96 -1.76
C VAL B 368 -40.11 21.84 -0.74
N ILE B 369 -41.31 21.41 -0.33
CA ILE B 369 -42.02 22.12 0.73
C ILE B 369 -41.82 21.38 2.04
N ALA B 370 -40.74 21.72 2.71
CA ALA B 370 -40.36 21.07 3.96
C ALA B 370 -39.84 22.10 4.94
N VAL B 371 -39.77 21.71 6.21
CA VAL B 371 -39.19 22.56 7.23
C VAL B 371 -37.70 22.70 6.96
N GLY B 372 -37.25 23.95 6.87
CA GLY B 372 -35.84 24.26 6.67
C GLY B 372 -35.52 24.86 5.32
N ALA B 373 -36.33 24.49 4.32
CA ALA B 373 -36.12 24.91 2.93
C ALA B 373 -36.35 26.40 2.73
N ILE B 374 -35.78 26.95 1.68
CA ILE B 374 -36.03 28.33 1.30
C ILE B 374 -37.48 28.42 0.80
N ALA B 375 -38.12 29.57 1.01
CA ALA B 375 -39.51 29.77 0.60
C ALA B 375 -39.61 30.27 -0.84
N ASP B 376 -39.32 29.38 -1.77
CA ASP B 376 -39.52 29.61 -3.19
C ASP B 376 -40.76 28.85 -3.60
N LEU B 377 -41.92 29.49 -3.47
CA LEU B 377 -43.20 28.80 -3.64
C LEU B 377 -44.09 29.35 -4.76
N VAL B 378 -44.94 28.47 -5.28
CA VAL B 378 -45.87 28.81 -6.34
C VAL B 378 -47.29 28.39 -5.92
N VAL B 379 -48.25 29.30 -6.12
CA VAL B 379 -49.66 29.02 -5.85
C VAL B 379 -50.40 28.82 -7.16
N LEU B 380 -51.08 27.67 -7.27
CA LEU B 380 -51.56 27.18 -8.55
C LEU B 380 -53.08 26.96 -8.57
N ASP B 381 -53.72 27.45 -9.63
CA ASP B 381 -55.18 27.37 -9.77
C ASP B 381 -55.62 26.09 -10.47
N GLY B 382 -55.53 24.98 -9.73
CA GLY B 382 -55.85 23.65 -10.28
C GLY B 382 -54.83 22.64 -9.80
N ASN B 383 -55.07 21.37 -10.14
CA ASN B 383 -54.16 20.29 -9.76
C ASN B 383 -53.32 19.86 -10.95
N PRO B 384 -51.98 20.11 -10.89
CA PRO B 384 -51.05 19.78 -11.96
C PRO B 384 -50.87 18.28 -12.18
N LEU B 385 -51.11 17.50 -11.12
CA LEU B 385 -51.16 16.05 -11.21
C LEU B 385 -52.27 15.57 -12.15
N GLU B 386 -53.42 16.24 -12.12
CA GLU B 386 -54.55 15.92 -13.00
C GLU B 386 -54.32 16.45 -14.41
N ASP B 387 -54.06 17.75 -14.50
CA ASP B 387 -53.88 18.43 -15.78
C ASP B 387 -52.56 19.20 -15.77
N ILE B 388 -51.64 18.79 -16.64
CA ILE B 388 -50.35 19.46 -16.78
C ILE B 388 -50.50 20.87 -17.39
N GLY B 389 -51.60 21.07 -18.11
CA GLY B 389 -51.92 22.35 -18.73
C GLY B 389 -52.13 23.51 -17.76
N VAL B 390 -52.30 23.21 -16.47
CA VAL B 390 -52.45 24.26 -15.45
C VAL B 390 -51.09 24.91 -15.12
N VAL B 391 -50.02 24.26 -15.53
CA VAL B 391 -48.67 24.79 -15.41
C VAL B 391 -48.19 25.28 -16.78
N ALA B 392 -48.40 24.45 -17.81
CA ALA B 392 -47.90 24.69 -19.15
C ALA B 392 -48.84 25.51 -20.05
N ASP B 393 -49.30 26.66 -19.54
CA ASP B 393 -50.16 27.55 -20.33
C ASP B 393 -49.64 28.99 -20.25
N GLU B 394 -48.31 29.10 -20.29
CA GLU B 394 -47.55 30.35 -20.09
C GLU B 394 -47.91 31.04 -18.77
N GLY B 395 -48.22 30.23 -17.75
CA GLY B 395 -48.59 30.72 -16.42
C GLY B 395 -49.97 31.33 -16.34
N ALA B 396 -50.94 30.74 -17.05
CA ALA B 396 -52.32 31.22 -17.03
C ALA B 396 -52.98 31.00 -15.66
N ARG B 397 -52.63 29.89 -15.01
CA ARG B 397 -53.25 29.52 -13.74
C ARG B 397 -52.32 29.63 -12.53
N VAL B 398 -51.33 30.52 -12.60
CA VAL B 398 -50.49 30.85 -11.44
C VAL B 398 -50.75 32.28 -10.95
N GLU B 399 -51.18 32.41 -9.70
CA GLU B 399 -51.54 33.72 -9.15
C GLU B 399 -50.51 34.29 -8.21
N TYR B 400 -49.94 33.44 -7.35
CA TYR B 400 -48.92 33.90 -6.41
C TYR B 400 -47.58 33.21 -6.66
N VAL B 401 -46.52 34.02 -6.73
CA VAL B 401 -45.14 33.52 -6.80
C VAL B 401 -44.33 34.14 -5.68
N LEU B 402 -43.90 33.30 -4.74
CA LEU B 402 -43.11 33.74 -3.60
C LEU B 402 -41.65 33.32 -3.80
N GLN B 403 -40.75 34.26 -3.50
CA GLN B 403 -39.33 34.07 -3.73
C GLN B 403 -38.59 34.55 -2.50
N ARG B 404 -37.88 33.62 -1.86
CA ARG B 404 -37.19 33.85 -0.57
C ARG B 404 -38.11 34.46 0.49
N GLY B 405 -39.35 33.96 0.56
CA GLY B 405 -40.31 34.46 1.55
C GLY B 405 -41.21 35.59 1.08
N THR B 406 -40.66 36.52 0.31
CA THR B 406 -41.42 37.66 -0.17
C THR B 406 -42.20 37.39 -1.47
N LEU B 407 -43.42 37.88 -1.52
CA LEU B 407 -44.33 37.68 -2.65
C LEU B 407 -44.02 38.63 -3.80
N VAL B 408 -43.69 38.08 -4.95
CA VAL B 408 -43.18 38.86 -6.08
C VAL B 408 -44.23 39.07 -7.16
N LYS B 409 -45.01 38.03 -7.45
CA LYS B 409 -46.00 38.12 -8.52
C LYS B 409 -47.42 37.90 -8.01
N ARG B 410 -48.27 38.92 -8.22
CA ARG B 410 -49.69 38.82 -7.91
C ARG B 410 -50.46 39.06 -9.22
N GLN B 411 -51.15 38.03 -9.69
CA GLN B 411 -51.81 38.06 -11.00
C GLN B 411 -53.25 37.59 -10.93
N THR C 4 4.64 40.32 -87.00
CA THR C 4 4.74 41.47 -86.04
C THR C 4 3.98 42.72 -86.51
N ILE C 5 3.24 42.60 -87.61
CA ILE C 5 2.56 43.75 -88.21
C ILE C 5 1.06 43.50 -88.52
N THR C 6 0.21 44.37 -87.98
CA THR C 6 -1.23 44.32 -88.22
C THR C 6 -1.68 45.61 -88.92
N VAL C 7 -2.60 45.49 -89.88
CA VAL C 7 -3.14 46.66 -90.56
C VAL C 7 -4.67 46.64 -90.52
N LEU C 8 -5.24 47.63 -89.84
CA LEU C 8 -6.68 47.83 -89.88
C LEU C 8 -6.98 48.65 -91.11
N GLN C 9 -7.73 48.09 -92.05
CA GLN C 9 -7.88 48.71 -93.38
C GLN C 9 -9.23 49.32 -93.73
N GLY C 10 -9.19 50.51 -94.31
CA GLY C 10 -10.37 51.20 -94.84
C GLY C 10 -11.37 51.68 -93.80
N GLY C 11 -10.87 51.92 -92.60
CA GLY C 11 -11.71 52.35 -91.48
C GLY C 11 -11.99 53.84 -91.43
N ASN C 12 -12.93 54.23 -90.57
CA ASN C 12 -13.24 55.63 -90.34
C ASN C 12 -12.63 56.04 -89.01
N VAL C 13 -11.34 56.37 -89.08
CA VAL C 13 -10.54 56.73 -87.91
C VAL C 13 -11.12 57.97 -87.23
N LEU C 14 -11.35 57.85 -85.92
CA LEU C 14 -11.90 58.96 -85.16
C LEU C 14 -10.77 59.86 -84.65
N ASP C 15 -10.77 61.09 -85.12
CA ASP C 15 -9.91 62.13 -84.58
C ASP C 15 -10.73 62.85 -83.52
N LEU C 16 -10.21 62.94 -82.31
CA LEU C 16 -11.00 63.43 -81.18
C LEU C 16 -10.81 64.90 -80.83
N GLU C 17 -9.60 65.42 -81.07
CA GLU C 17 -9.31 66.84 -80.83
C GLU C 17 -9.95 67.72 -81.91
N ARG C 18 -10.08 67.16 -83.11
CA ARG C 18 -10.76 67.84 -84.21
C ARG C 18 -12.24 67.49 -84.24
N GLY C 19 -12.58 66.32 -83.68
CA GLY C 19 -13.98 65.90 -83.52
C GLY C 19 -14.63 65.40 -84.79
N VAL C 20 -13.83 64.80 -85.66
CA VAL C 20 -14.30 64.33 -86.98
C VAL C 20 -13.78 62.94 -87.35
N LEU C 21 -14.53 62.24 -88.19
CA LEU C 21 -14.08 60.97 -88.77
C LEU C 21 -13.18 61.21 -89.98
N LEU C 22 -12.15 60.39 -90.11
CA LEU C 22 -11.25 60.44 -91.26
C LEU C 22 -11.41 59.18 -92.09
N GLU C 23 -12.46 59.14 -92.92
CA GLU C 23 -12.86 57.92 -93.64
C GLU C 23 -11.79 57.32 -94.55
N HIS C 24 -11.87 55.99 -94.70
CA HIS C 24 -11.00 55.18 -95.56
C HIS C 24 -9.50 55.26 -95.21
N HIS C 25 -9.21 55.64 -93.98
CA HIS C 25 -7.84 55.62 -93.47
C HIS C 25 -7.46 54.25 -92.93
N HIS C 26 -6.16 54.00 -92.92
CA HIS C 26 -5.60 52.72 -92.49
C HIS C 26 -4.78 52.93 -91.22
N VAL C 27 -4.81 51.95 -90.32
CA VAL C 27 -4.00 52.01 -89.10
C VAL C 27 -2.96 50.90 -89.13
N VAL C 28 -1.69 51.29 -89.23
CA VAL C 28 -0.59 50.34 -89.34
C VAL C 28 0.09 50.15 -88.00
N ILE C 29 0.00 48.93 -87.47
CA ILE C 29 0.55 48.57 -86.18
C ILE C 29 1.86 47.79 -86.35
N ASP C 30 2.85 48.14 -85.55
CA ASP C 30 4.13 47.43 -85.52
C ASP C 30 4.43 46.99 -84.10
N GLY C 31 4.22 45.70 -83.84
CA GLY C 31 4.35 45.15 -82.50
C GLY C 31 3.16 45.57 -81.67
N GLU C 32 3.36 46.57 -80.83
CA GLU C 32 2.32 47.05 -79.93
C GLU C 32 1.88 48.47 -80.25
N ARG C 33 2.63 49.13 -81.13
CA ARG C 33 2.42 50.56 -81.37
C ARG C 33 1.94 50.91 -82.78
N ILE C 34 1.19 52.00 -82.87
CA ILE C 34 0.78 52.58 -84.15
C ILE C 34 1.97 53.29 -84.77
N VAL C 35 2.36 52.88 -85.97
CA VAL C 35 3.44 53.53 -86.71
C VAL C 35 2.98 54.43 -87.85
N GLU C 36 1.76 54.19 -88.36
CA GLU C 36 1.18 55.06 -89.36
C GLU C 36 -0.35 55.04 -89.40
N VAL C 37 -0.92 56.25 -89.32
CA VAL C 37 -2.31 56.47 -89.70
C VAL C 37 -2.27 57.24 -91.01
N THR C 38 -2.82 56.64 -92.06
CA THR C 38 -2.71 57.17 -93.42
C THR C 38 -3.82 56.63 -94.31
N ASP C 39 -4.02 57.25 -95.47
CA ASP C 39 -5.07 56.84 -96.42
C ASP C 39 -4.55 56.40 -97.79
N ARG C 40 -3.22 56.35 -97.94
CA ARG C 40 -2.57 55.85 -99.15
C ARG C 40 -2.80 54.35 -99.33
N PRO C 41 -2.82 53.86 -100.58
CA PRO C 41 -2.86 52.41 -100.83
C PRO C 41 -1.66 51.74 -100.16
N VAL C 42 -1.92 51.17 -98.98
CA VAL C 42 -0.87 50.75 -98.06
C VAL C 42 -0.12 49.50 -98.56
N ASP C 43 1.19 49.50 -98.33
CA ASP C 43 2.02 48.34 -98.61
C ASP C 43 1.74 47.26 -97.56
N LEU C 44 0.97 46.24 -97.94
CA LEU C 44 0.69 45.14 -97.02
C LEU C 44 1.17 43.77 -97.53
N PRO C 45 2.51 43.55 -97.56
CA PRO C 45 2.95 42.25 -98.08
C PRO C 45 2.85 41.16 -97.01
N ASN C 46 3.83 41.14 -96.11
CA ASN C 46 3.92 40.22 -94.99
C ASN C 46 2.89 40.47 -93.87
N ALA C 47 2.13 41.55 -94.00
CA ALA C 47 1.24 42.04 -92.95
C ALA C 47 0.03 41.13 -92.65
N GLN C 48 -0.69 41.45 -91.58
CA GLN C 48 -1.93 40.76 -91.23
C GLN C 48 -3.10 41.74 -91.18
N ALA C 49 -3.98 41.64 -92.18
CA ALA C 49 -5.04 42.62 -92.36
C ALA C 49 -6.30 42.27 -91.60
N ILE C 50 -7.01 43.32 -91.18
CA ILE C 50 -8.35 43.18 -90.62
C ILE C 50 -9.24 44.17 -91.38
N ASP C 51 -10.36 43.68 -91.92
CA ASP C 51 -11.21 44.47 -92.81
C ASP C 51 -12.21 45.36 -92.05
N VAL C 52 -12.08 46.68 -92.21
CA VAL C 52 -12.86 47.64 -91.44
C VAL C 52 -13.68 48.62 -92.30
N ARG C 53 -14.27 48.12 -93.39
CA ARG C 53 -15.02 48.97 -94.31
C ARG C 53 -16.38 49.36 -93.75
N GLY C 54 -16.63 50.67 -93.67
CA GLY C 54 -17.90 51.20 -93.16
C GLY C 54 -18.02 51.07 -91.66
N LYS C 55 -16.89 51.20 -90.98
CA LYS C 55 -16.80 51.05 -89.53
C LYS C 55 -15.90 52.11 -88.90
N THR C 56 -16.26 52.55 -87.70
CA THR C 56 -15.48 53.53 -86.95
C THR C 56 -14.32 52.86 -86.23
N VAL C 57 -13.11 53.39 -86.39
CA VAL C 57 -11.97 52.97 -85.58
C VAL C 57 -11.61 54.09 -84.62
N MET C 58 -11.70 53.81 -83.33
CA MET C 58 -11.38 54.79 -82.30
C MET C 58 -10.45 54.16 -81.24
N PRO C 59 -9.86 54.99 -80.33
CA PRO C 59 -9.07 54.38 -79.28
C PRO C 59 -9.96 53.61 -78.31
N GLY C 60 -9.38 52.62 -77.63
CA GLY C 60 -10.09 51.84 -76.62
C GLY C 60 -10.47 52.72 -75.45
N PHE C 61 -11.65 52.49 -74.87
CA PHE C 61 -12.13 53.38 -73.83
C PHE C 61 -11.39 53.13 -72.53
N ILE C 62 -11.18 54.21 -71.77
CA ILE C 62 -10.58 54.11 -70.47
C ILE C 62 -11.60 54.54 -69.43
N ASP C 63 -11.96 53.61 -68.53
CA ASP C 63 -12.83 53.93 -67.40
C ASP C 63 -11.95 54.37 -66.24
N CYS C 64 -12.26 55.54 -65.68
CA CYS C 64 -11.39 56.14 -64.68
C CYS C 64 -11.77 55.81 -63.26
N HIS C 65 -12.85 55.05 -63.08
CA HIS C 65 -13.31 54.70 -61.75
C HIS C 65 -14.05 53.37 -61.72
N VAL C 66 -13.31 52.29 -61.50
CA VAL C 66 -13.92 50.95 -61.40
C VAL C 66 -13.59 50.23 -60.11
N HIS C 67 -14.48 49.32 -59.72
CA HIS C 67 -14.19 48.38 -58.65
C HIS C 67 -14.26 46.95 -59.18
N VAL C 68 -13.13 46.52 -59.73
CA VAL C 68 -12.99 45.20 -60.34
C VAL C 68 -13.37 44.08 -59.37
N LEU C 69 -12.89 44.19 -58.13
CA LEU C 69 -13.12 43.19 -57.11
C LEU C 69 -14.46 43.29 -56.35
N ALA C 70 -15.27 44.30 -56.67
CA ALA C 70 -16.61 44.41 -56.08
C ALA C 70 -17.58 43.49 -56.82
N SER C 71 -17.59 42.23 -56.41
CA SER C 71 -18.39 41.20 -57.07
C SER C 71 -19.82 41.14 -56.56
N ASN C 72 -20.07 41.74 -55.40
CA ASN C 72 -21.45 41.94 -54.91
C ASN C 72 -21.69 43.29 -54.23
N ALA C 73 -22.94 43.75 -54.27
CA ALA C 73 -23.32 45.13 -53.94
C ALA C 73 -23.08 45.57 -52.49
N ASN C 74 -22.99 44.61 -51.59
CA ASN C 74 -22.64 44.87 -50.20
C ASN C 74 -21.12 44.84 -50.08
N LEU C 75 -20.50 46.01 -49.94
CA LEU C 75 -19.05 46.13 -49.83
C LEU C 75 -18.52 45.64 -48.49
N GLY C 76 -19.37 45.70 -47.47
CA GLY C 76 -19.09 45.12 -46.17
C GLY C 76 -18.90 43.62 -46.29
N VAL C 77 -19.84 42.95 -46.96
CA VAL C 77 -19.79 41.50 -47.13
C VAL C 77 -18.89 41.06 -48.30
N ASN C 78 -18.58 42.01 -49.19
CA ASN C 78 -17.61 41.79 -50.27
C ASN C 78 -16.20 41.63 -49.70
N ALA C 79 -15.90 42.36 -48.63
CA ALA C 79 -14.61 42.32 -47.96
C ALA C 79 -14.38 41.03 -47.16
N THR C 80 -15.47 40.35 -46.82
CA THR C 80 -15.44 39.18 -45.94
C THR C 80 -15.38 37.83 -46.67
N GLN C 81 -15.43 37.85 -48.00
CA GLN C 81 -15.35 36.62 -48.79
C GLN C 81 -13.90 36.09 -48.82
N PRO C 82 -13.74 34.74 -48.87
CA PRO C 82 -12.42 34.11 -48.95
C PRO C 82 -11.56 34.65 -50.09
N ASN C 83 -10.26 34.74 -49.85
CA ASN C 83 -9.31 35.40 -50.77
C ASN C 83 -9.32 34.88 -52.19
N ILE C 84 -9.33 33.55 -52.32
CA ILE C 84 -9.30 32.88 -53.62
C ILE C 84 -10.61 33.10 -54.39
N LEU C 85 -11.75 32.89 -53.73
CA LEU C 85 -13.07 33.15 -54.32
C LEU C 85 -13.31 34.61 -54.73
N ALA C 86 -12.67 35.53 -54.01
CA ALA C 86 -12.74 36.96 -54.31
C ALA C 86 -12.15 37.21 -55.68
N ALA C 87 -10.97 36.66 -55.90
CA ALA C 87 -10.25 36.76 -57.16
C ALA C 87 -11.05 36.20 -58.33
N ILE C 88 -11.56 34.98 -58.16
CA ILE C 88 -12.31 34.25 -59.21
C ILE C 88 -13.43 35.09 -59.79
N ARG C 89 -14.25 35.67 -58.90
CA ARG C 89 -15.44 36.40 -59.30
C ARG C 89 -15.16 37.71 -60.07
N SER C 90 -13.93 38.21 -59.97
CA SER C 90 -13.50 39.40 -60.72
C SER C 90 -13.21 39.07 -62.19
N LEU C 91 -12.91 37.81 -62.48
CA LEU C 91 -12.61 37.38 -63.84
C LEU C 91 -13.75 37.54 -64.84
N PRO C 92 -15.01 37.16 -64.47
CA PRO C 92 -16.13 37.50 -65.37
C PRO C 92 -16.32 39.01 -65.56
N ILE C 93 -16.01 39.79 -64.52
CA ILE C 93 -16.17 41.25 -64.55
C ILE C 93 -15.19 41.88 -65.53
N LEU C 94 -13.92 41.48 -65.42
CA LEU C 94 -12.85 41.96 -66.31
C LEU C 94 -13.10 41.56 -67.76
N ASP C 95 -13.59 40.34 -67.95
CA ASP C 95 -13.93 39.83 -69.27
C ASP C 95 -15.05 40.65 -69.88
N ALA C 96 -16.08 40.95 -69.10
CA ALA C 96 -17.23 41.75 -69.53
C ALA C 96 -16.83 43.18 -69.93
N MET C 97 -15.96 43.79 -69.13
CA MET C 97 -15.50 45.16 -69.37
C MET C 97 -14.72 45.30 -70.67
N LEU C 98 -13.94 44.28 -71.00
CA LEU C 98 -13.09 44.27 -72.19
C LEU C 98 -13.92 44.12 -73.45
N SER C 99 -15.01 43.36 -73.36
CA SER C 99 -15.88 43.14 -74.50
C SER C 99 -16.75 44.37 -74.82
N ARG C 100 -16.94 45.24 -73.83
CA ARG C 100 -17.70 46.48 -74.02
C ARG C 100 -16.85 47.61 -74.61
N GLY C 101 -15.56 47.36 -74.75
CA GLY C 101 -14.67 48.31 -75.41
C GLY C 101 -13.63 48.91 -74.48
N PHE C 102 -13.72 48.59 -73.20
CA PHE C 102 -12.81 49.15 -72.23
C PHE C 102 -11.48 48.38 -72.24
N THR C 103 -10.45 49.04 -72.69
CA THR C 103 -9.14 48.42 -72.86
C THR C 103 -8.23 48.77 -71.70
N SER C 104 -8.61 49.80 -70.96
CA SER C 104 -7.90 50.19 -69.75
C SER C 104 -8.90 50.68 -68.71
N VAL C 105 -8.67 50.31 -67.46
CA VAL C 105 -9.49 50.77 -66.34
C VAL C 105 -8.62 51.30 -65.20
N ARG C 106 -9.14 52.29 -64.48
CA ARG C 106 -8.45 52.80 -63.30
C ARG C 106 -9.18 52.32 -62.06
N ASP C 107 -8.54 51.41 -61.32
CA ASP C 107 -9.16 50.83 -60.13
C ASP C 107 -9.14 51.80 -58.95
N ALA C 108 -10.23 51.80 -58.19
CA ALA C 108 -10.43 52.75 -57.11
C ALA C 108 -10.34 52.09 -55.74
N GLY C 109 -9.85 50.86 -55.69
CA GLY C 109 -9.71 50.15 -54.42
C GLY C 109 -10.05 48.68 -54.52
N GLY C 110 -9.08 47.84 -54.17
CA GLY C 110 -9.24 46.40 -54.22
C GLY C 110 -8.20 45.76 -55.10
N ALA C 111 -8.30 46.01 -56.41
CA ALA C 111 -7.42 45.37 -57.40
C ALA C 111 -5.99 45.84 -57.25
N ASP C 112 -5.08 44.87 -57.23
CA ASP C 112 -3.68 45.15 -56.97
C ASP C 112 -2.76 44.80 -58.15
N TRP C 113 -1.47 44.75 -57.86
CA TRP C 113 -0.42 44.50 -58.84
C TRP C 113 -0.50 43.12 -59.47
N SER C 114 -1.02 42.14 -58.72
CA SER C 114 -1.18 40.76 -59.22
C SER C 114 -2.18 40.68 -60.37
N LEU C 115 -3.32 41.34 -60.20
CA LEU C 115 -4.36 41.42 -61.25
C LEU C 115 -3.88 42.20 -62.45
N MET C 116 -3.04 43.20 -62.21
CA MET C 116 -2.45 43.99 -63.26
C MET C 116 -1.50 43.11 -64.06
N GLN C 117 -0.72 42.29 -63.36
CA GLN C 117 0.24 41.38 -63.98
C GLN C 117 -0.41 40.21 -64.70
N ALA C 118 -1.56 39.77 -64.19
CA ALA C 118 -2.34 38.70 -64.80
C ALA C 118 -2.84 39.11 -66.18
N VAL C 119 -3.34 40.34 -66.31
CA VAL C 119 -3.78 40.82 -67.62
C VAL C 119 -2.61 41.18 -68.53
N GLU C 120 -1.51 41.67 -67.93
CA GLU C 120 -0.31 42.06 -68.69
C GLU C 120 0.44 40.88 -69.28
N THR C 121 0.49 39.77 -68.55
CA THR C 121 1.16 38.58 -69.03
C THR C 121 0.17 37.62 -69.69
N GLY C 122 -1.05 38.10 -69.86
CA GLY C 122 -2.08 37.41 -70.64
C GLY C 122 -2.69 36.19 -69.98
N LEU C 123 -2.57 36.10 -68.65
CA LEU C 123 -3.18 35.01 -67.90
C LEU C 123 -4.68 35.19 -67.81
N VAL C 124 -5.12 36.45 -67.81
CA VAL C 124 -6.53 36.80 -67.68
C VAL C 124 -6.95 37.77 -68.78
N SER C 125 -8.07 37.46 -69.44
CA SER C 125 -8.67 38.38 -70.39
C SER C 125 -9.41 39.48 -69.64
N GLY C 126 -8.87 40.69 -69.76
CA GLY C 126 -9.47 41.88 -69.16
C GLY C 126 -8.73 43.11 -69.62
N PRO C 127 -9.23 44.31 -69.26
CA PRO C 127 -8.54 45.55 -69.58
C PRO C 127 -7.30 45.74 -68.72
N ARG C 128 -6.38 46.59 -69.18
CA ARG C 128 -5.22 46.99 -68.40
C ARG C 128 -5.70 47.71 -67.14
N ILE C 129 -5.12 47.34 -66.01
CA ILE C 129 -5.56 47.88 -64.74
C ILE C 129 -4.53 48.89 -64.25
N PHE C 130 -5.03 50.02 -63.74
CA PHE C 130 -4.20 50.99 -63.04
C PHE C 130 -4.59 50.95 -61.56
N PRO C 131 -3.89 50.11 -60.76
CA PRO C 131 -4.32 49.80 -59.41
C PRO C 131 -4.13 50.94 -58.41
N SER C 132 -5.04 51.01 -57.43
CA SER C 132 -4.89 51.92 -56.30
C SER C 132 -4.40 51.16 -55.07
N GLY C 133 -4.43 49.83 -55.14
CA GLY C 133 -4.25 49.00 -53.97
C GLY C 133 -5.53 49.09 -53.17
N LYS C 134 -5.40 49.38 -51.88
CA LYS C 134 -6.57 49.64 -51.06
C LYS C 134 -6.77 51.14 -50.95
N ALA C 135 -8.03 51.55 -50.86
CA ALA C 135 -8.35 52.94 -50.56
C ALA C 135 -7.94 53.26 -49.13
N LEU C 136 -7.56 54.51 -48.87
CA LEU C 136 -7.22 54.90 -47.52
C LEU C 136 -8.39 55.62 -46.86
N SER C 137 -8.73 55.20 -45.65
CA SER C 137 -9.83 55.80 -44.90
C SER C 137 -9.49 55.88 -43.42
N GLN C 138 -10.00 56.91 -42.75
CA GLN C 138 -9.84 57.04 -41.31
C GLN C 138 -10.80 56.10 -40.57
N THR C 139 -10.73 56.10 -39.24
CA THR C 139 -11.59 55.26 -38.41
C THR C 139 -13.01 55.77 -38.47
N GLY C 140 -13.95 54.85 -38.68
CA GLY C 140 -15.37 55.20 -38.84
C GLY C 140 -15.67 55.87 -40.17
N GLY C 141 -14.66 55.94 -41.03
CA GLY C 141 -14.76 56.63 -42.31
C GLY C 141 -15.54 55.85 -43.34
N HIS C 142 -15.42 56.28 -44.59
CA HIS C 142 -16.18 55.71 -45.69
C HIS C 142 -15.67 54.32 -46.09
N GLY C 143 -14.39 54.08 -45.83
CA GLY C 143 -13.82 52.75 -46.03
C GLY C 143 -13.95 51.83 -44.84
N ASP C 144 -14.41 52.37 -43.71
CA ASP C 144 -14.60 51.59 -42.48
C ASP C 144 -16.02 51.00 -42.40
N PHE C 145 -16.12 49.71 -42.75
CA PHE C 145 -17.41 49.02 -42.86
C PHE C 145 -17.90 48.42 -41.55
N ARG C 146 -17.10 48.58 -40.49
CA ARG C 146 -17.44 48.07 -39.16
C ARG C 146 -18.66 48.80 -38.57
N PRO C 147 -19.61 48.04 -38.01
CA PRO C 147 -20.86 48.61 -37.49
C PRO C 147 -20.68 49.38 -36.18
N ARG C 148 -21.78 49.98 -35.69
CA ARG C 148 -21.79 50.79 -34.47
C ARG C 148 -21.63 49.98 -33.17
N GLY C 149 -21.60 48.65 -33.30
CA GLY C 149 -21.36 47.73 -32.18
C GLY C 149 -20.05 47.98 -31.45
N ASP C 150 -18.93 47.57 -32.07
CA ASP C 150 -17.61 47.73 -31.46
C ASP C 150 -16.45 47.95 -32.43
N LEU C 151 -15.27 48.23 -31.86
CA LEU C 151 -14.07 48.56 -32.63
C LEU C 151 -12.86 47.72 -32.23
N LEU C 152 -12.71 46.55 -32.85
CA LEU C 152 -11.51 45.73 -32.70
C LEU C 152 -10.52 46.05 -33.80
N GLU C 153 -9.23 45.82 -33.52
CA GLU C 153 -8.14 46.13 -34.45
C GLU C 153 -8.15 45.24 -35.69
N PRO C 154 -8.44 45.83 -36.88
CA PRO C 154 -8.59 45.02 -38.08
C PRO C 154 -7.29 44.93 -38.88
N CYS C 155 -6.43 43.99 -38.50
CA CYS C 155 -5.22 43.67 -39.26
C CYS C 155 -5.56 42.93 -40.56
N SER C 156 -6.83 42.51 -40.66
CA SER C 156 -7.38 41.84 -41.83
C SER C 156 -7.46 42.72 -43.08
N CYS C 157 -7.66 44.02 -42.89
CA CYS C 157 -7.83 44.99 -43.98
C CYS C 157 -6.83 44.83 -45.13
N CYS C 158 -5.55 44.68 -44.79
CA CYS C 158 -4.47 44.48 -45.78
C CYS C 158 -4.27 43.03 -46.22
N PHE C 159 -5.04 42.10 -45.66
CA PHE C 159 -4.91 40.69 -46.03
C PHE C 159 -6.05 40.20 -46.93
N ARG C 160 -7.28 40.69 -46.69
CA ARG C 160 -8.45 40.30 -47.50
C ARG C 160 -8.36 40.92 -48.89
N THR C 161 -8.27 40.08 -49.91
CA THR C 161 -8.13 40.54 -51.30
C THR C 161 -9.37 41.27 -51.80
N GLY C 162 -10.54 40.85 -51.30
CA GLY C 162 -11.81 41.46 -51.66
C GLY C 162 -12.19 42.71 -50.89
N ALA C 163 -11.25 43.22 -50.08
CA ALA C 163 -11.47 44.46 -49.32
C ALA C 163 -11.21 45.68 -50.19
N ILE C 164 -12.10 46.66 -50.09
CA ILE C 164 -12.01 47.89 -50.90
C ILE C 164 -10.99 48.86 -50.31
N ALA C 165 -11.04 49.05 -49.00
CA ALA C 165 -10.22 50.03 -48.33
C ALA C 165 -9.40 49.45 -47.19
N ARG C 166 -8.54 50.28 -46.61
CA ARG C 166 -7.90 49.99 -45.33
C ARG C 166 -8.06 51.19 -44.40
N VAL C 167 -8.09 50.92 -43.10
CA VAL C 167 -8.22 51.99 -42.11
C VAL C 167 -6.83 52.44 -41.61
N VAL C 168 -6.51 53.71 -41.88
CA VAL C 168 -5.28 54.33 -41.36
C VAL C 168 -5.54 55.74 -40.88
N ASP C 169 -4.99 56.05 -39.71
CA ASP C 169 -5.18 57.37 -39.10
C ASP C 169 -3.84 57.96 -38.71
N GLY C 170 -3.73 59.28 -38.84
CA GLY C 170 -2.54 59.98 -38.40
C GLY C 170 -1.54 60.26 -39.50
N VAL C 171 -0.82 61.37 -39.37
CA VAL C 171 0.10 61.84 -40.39
C VAL C 171 1.21 60.83 -40.67
N GLU C 172 1.83 60.33 -39.62
CA GLU C 172 2.86 59.29 -39.77
C GLU C 172 2.24 57.97 -40.24
N GLY C 173 0.98 57.74 -39.89
CA GLY C 173 0.27 56.53 -40.27
C GLY C 173 -0.12 56.48 -41.74
N VAL C 174 -0.63 57.60 -42.25
CA VAL C 174 -1.01 57.70 -43.65
C VAL C 174 0.20 57.77 -44.57
N ARG C 175 1.29 58.37 -44.07
CA ARG C 175 2.58 58.42 -44.76
C ARG C 175 3.10 57.02 -45.04
N LEU C 176 3.10 56.18 -44.00
CA LEU C 176 3.56 54.79 -44.10
C LEU C 176 2.62 53.94 -44.94
N ALA C 177 1.32 54.24 -44.88
CA ALA C 177 0.33 53.52 -45.68
C ALA C 177 0.51 53.75 -47.19
N VAL C 178 0.82 55.00 -47.58
CA VAL C 178 1.11 55.36 -48.98
C VAL C 178 2.37 54.66 -49.52
N ARG C 179 3.43 54.66 -48.73
CA ARG C 179 4.70 54.01 -49.10
C ARG C 179 4.55 52.51 -49.26
N GLU C 180 3.73 51.91 -48.40
CA GLU C 180 3.35 50.50 -48.47
C GLU C 180 2.65 50.18 -49.77
N GLU C 181 1.63 50.97 -50.12
CA GLU C 181 0.84 50.74 -51.35
C GLU C 181 1.61 50.97 -52.65
N ILE C 182 2.66 51.81 -52.59
CA ILE C 182 3.51 52.05 -53.75
C ILE C 182 4.45 50.88 -54.04
N GLN C 183 5.05 50.31 -52.98
CA GLN C 183 5.89 49.13 -53.14
C GLN C 183 5.04 47.90 -53.49
N LYS C 184 3.78 47.90 -53.04
CA LYS C 184 2.81 46.90 -53.45
C LYS C 184 2.45 47.02 -54.94
N GLY C 185 2.82 48.14 -55.55
CA GLY C 185 2.71 48.31 -56.99
C GLY C 185 1.50 49.09 -57.50
N ALA C 186 0.95 49.98 -56.67
CA ALA C 186 -0.14 50.85 -57.12
C ALA C 186 0.41 51.98 -58.00
N THR C 187 -0.32 52.29 -59.07
CA THR C 187 0.06 53.35 -60.01
C THR C 187 -0.39 54.73 -59.54
N GLN C 188 -1.38 54.78 -58.64
CA GLN C 188 -1.87 56.02 -58.04
C GLN C 188 -2.52 55.75 -56.67
N ILE C 189 -2.73 56.82 -55.89
CA ILE C 189 -3.22 56.69 -54.52
C ILE C 189 -4.67 57.15 -54.36
N ILE C 191 -7.91 57.92 -51.80
CA ILE C 191 -8.35 58.25 -50.44
C ILE C 191 -9.84 58.59 -50.35
N MET C 192 -10.36 58.56 -49.12
CA MET C 192 -11.73 58.99 -48.84
C MET C 192 -11.68 60.34 -48.13
N ALA C 193 -12.15 61.38 -48.81
CA ALA C 193 -12.08 62.76 -48.30
C ALA C 193 -13.41 63.28 -47.77
N SER C 194 -14.46 62.48 -47.92
CA SER C 194 -15.78 62.80 -47.36
C SER C 194 -16.54 61.51 -47.03
N GLY C 195 -17.74 61.66 -46.49
CA GLY C 195 -18.63 60.54 -46.27
C GLY C 195 -19.40 60.19 -47.53
N GLY C 196 -19.67 58.90 -47.73
CA GLY C 196 -20.34 58.45 -48.94
C GLY C 196 -21.63 57.68 -48.73
N VAL C 197 -21.92 56.75 -49.65
CA VAL C 197 -23.18 56.02 -49.67
C VAL C 197 -23.09 54.62 -49.05
N ALA C 198 -22.04 53.88 -49.40
CA ALA C 198 -21.94 52.44 -49.09
C ALA C 198 -21.29 52.08 -47.74
N SER C 199 -21.22 53.02 -46.81
CA SER C 199 -20.63 52.76 -45.47
C SER C 199 -21.61 53.03 -44.33
N PRO C 200 -21.51 52.25 -43.22
CA PRO C 200 -22.49 52.35 -42.13
C PRO C 200 -22.43 53.61 -41.25
N THR C 201 -21.22 54.03 -40.86
CA THR C 201 -21.04 54.97 -39.74
C THR C 201 -20.98 56.46 -40.09
N ASP C 202 -20.87 56.79 -41.39
CA ASP C 202 -20.73 58.18 -41.82
C ASP C 202 -21.87 58.70 -42.70
N PRO C 203 -22.39 59.90 -42.36
CA PRO C 203 -23.29 60.63 -43.24
C PRO C 203 -22.52 61.18 -44.43
N ILE C 204 -23.25 61.48 -45.50
CA ILE C 204 -22.67 62.05 -46.72
C ILE C 204 -22.12 63.48 -46.50
N ALA C 205 -22.82 64.25 -45.67
CA ALA C 205 -22.56 65.69 -45.49
C ALA C 205 -21.20 66.09 -44.91
N ASN C 206 -20.57 65.21 -44.14
CA ASN C 206 -19.33 65.57 -43.42
C ASN C 206 -18.01 65.15 -44.06
N THR C 207 -16.92 65.81 -43.65
CA THR C 207 -15.59 65.64 -44.24
C THR C 207 -14.78 64.57 -43.50
N GLN C 208 -13.85 63.95 -44.21
CA GLN C 208 -12.96 62.95 -43.64
C GLN C 208 -11.50 63.30 -43.88
N TYR C 209 -10.66 62.93 -42.92
CA TYR C 209 -9.21 63.21 -42.90
C TYR C 209 -8.87 64.68 -42.64
N SER C 210 -7.90 64.88 -41.74
CA SER C 210 -7.37 66.21 -41.46
C SER C 210 -6.53 66.71 -42.62
N GLU C 211 -6.35 68.03 -42.70
CA GLU C 211 -5.54 68.66 -43.73
C GLU C 211 -4.08 68.25 -43.66
N ASP C 212 -3.59 68.00 -42.44
CA ASP C 212 -2.24 67.51 -42.22
C ASP C 212 -2.04 66.09 -42.78
N GLU C 213 -3.07 65.26 -42.66
CA GLU C 213 -3.04 63.91 -43.20
C GLU C 213 -3.05 63.91 -44.73
N ILE C 214 -4.02 64.63 -45.32
CA ILE C 214 -4.20 64.66 -46.78
C ILE C 214 -2.97 65.19 -47.51
N ARG C 215 -2.41 66.29 -47.03
CA ARG C 215 -1.21 66.87 -47.61
C ARG C 215 -0.04 65.90 -47.59
N ALA C 216 0.10 65.17 -46.48
CA ALA C 216 1.15 64.17 -46.33
C ALA C 216 1.02 63.02 -47.33
N ILE C 217 -0.23 62.58 -47.55
CA ILE C 217 -0.56 61.58 -48.56
C ILE C 217 -0.17 62.07 -49.96
N VAL C 218 -0.60 63.29 -50.28
CA VAL C 218 -0.31 63.95 -51.56
C VAL C 218 1.18 64.09 -51.79
N ASP C 219 1.91 64.51 -50.76
CA ASP C 219 3.36 64.70 -50.83
C ASP C 219 4.10 63.41 -51.12
N GLU C 220 3.60 62.30 -50.57
CA GLU C 220 4.22 60.99 -50.72
C GLU C 220 3.94 60.35 -52.08
N ALA C 221 2.73 60.56 -52.58
CA ALA C 221 2.36 60.08 -53.91
C ALA C 221 3.17 60.82 -54.97
N GLU C 222 3.27 62.14 -54.84
CA GLU C 222 4.08 62.97 -55.73
C GLU C 222 5.55 62.66 -55.63
N ALA C 223 5.99 62.28 -54.43
CA ALA C 223 7.36 61.82 -54.22
C ALA C 223 7.67 60.53 -54.98
N ALA C 224 6.64 59.73 -55.25
CA ALA C 224 6.76 58.52 -56.07
C ALA C 224 6.31 58.78 -57.51
N ASN C 225 6.25 60.07 -57.86
CA ASN C 225 5.88 60.57 -59.19
C ASN C 225 4.50 60.17 -59.69
N THR C 226 3.56 60.04 -58.76
CA THR C 226 2.16 59.87 -59.11
C THR C 226 1.28 60.94 -58.44
N TYR C 227 0.01 60.64 -58.20
CA TYR C 227 -0.95 61.62 -57.71
C TYR C 227 -1.95 60.99 -56.72
N VAL C 228 -2.90 61.79 -56.24
CA VAL C 228 -3.97 61.31 -55.38
C VAL C 228 -5.35 61.52 -56.00
N MET C 229 -6.13 60.44 -56.08
CA MET C 229 -7.57 60.52 -56.37
C MET C 229 -8.35 60.51 -55.06
N ALA C 230 -9.39 61.33 -54.97
CA ALA C 230 -10.09 61.54 -53.70
C ALA C 230 -11.61 61.48 -53.82
N HIS C 231 -12.24 60.71 -52.93
CA HIS C 231 -13.70 60.58 -52.87
C HIS C 231 -14.27 61.80 -52.13
N ALA C 232 -15.07 62.60 -52.83
CA ALA C 232 -15.66 63.82 -52.24
C ALA C 232 -16.96 64.24 -52.92
N TYR C 233 -17.97 64.57 -52.10
CA TYR C 233 -19.29 64.92 -52.62
C TYR C 233 -19.60 66.42 -52.58
N THR C 234 -19.55 66.99 -51.38
CA THR C 234 -19.93 68.38 -51.14
C THR C 234 -18.79 69.33 -51.49
N GLY C 235 -19.14 70.51 -52.00
CA GLY C 235 -18.18 71.54 -52.39
C GLY C 235 -17.27 71.98 -51.25
N ARG C 236 -17.80 71.92 -50.03
CA ARG C 236 -17.00 72.09 -48.82
C ARG C 236 -15.85 71.08 -48.78
N ALA C 237 -16.19 69.79 -48.87
CA ALA C 237 -15.22 68.69 -48.79
C ALA C 237 -14.26 68.65 -49.96
N ILE C 238 -14.73 69.10 -51.13
CA ILE C 238 -13.90 69.15 -52.33
C ILE C 238 -12.83 70.22 -52.21
N ALA C 239 -13.26 71.45 -51.91
CA ALA C 239 -12.37 72.62 -51.85
C ALA C 239 -11.09 72.40 -51.05
N ARG C 240 -11.24 71.86 -49.84
CA ARG C 240 -10.10 71.55 -48.97
C ARG C 240 -9.15 70.54 -49.58
N ALA C 241 -9.71 69.47 -50.16
CA ALA C 241 -8.94 68.42 -50.80
C ALA C 241 -8.10 68.96 -51.96
N VAL C 242 -8.71 69.85 -52.74
CA VAL C 242 -8.07 70.49 -53.88
C VAL C 242 -6.91 71.38 -53.42
N ARG C 243 -7.14 72.15 -52.35
CA ARG C 243 -6.11 73.02 -51.77
C ARG C 243 -5.03 72.27 -51.01
N CYS C 244 -5.33 71.04 -50.61
CA CYS C 244 -4.33 70.15 -50.01
C CYS C 244 -3.49 69.46 -51.08
N GLY C 245 -4.05 69.38 -52.29
CA GLY C 245 -3.27 69.00 -53.46
C GLY C 245 -3.65 67.74 -54.21
N VAL C 246 -4.92 67.32 -54.12
CA VAL C 246 -5.34 66.17 -54.92
C VAL C 246 -5.45 66.56 -56.39
N ARG C 247 -5.22 65.60 -57.28
CA ARG C 247 -5.24 65.86 -58.71
C ARG C 247 -6.62 65.59 -59.31
N THR C 248 -7.23 64.48 -58.90
CA THR C 248 -8.55 64.13 -59.42
C THR C 248 -9.54 63.98 -58.28
N ILE C 249 -10.80 64.27 -58.56
CA ILE C 249 -11.87 64.18 -57.58
C ILE C 249 -12.91 63.17 -58.05
N GLU C 250 -13.26 62.23 -57.17
CA GLU C 250 -14.24 61.21 -57.49
C GLU C 250 -15.66 61.68 -57.17
N HIS C 251 -16.60 61.33 -58.05
CA HIS C 251 -18.03 61.68 -57.96
C HIS C 251 -18.27 63.18 -58.08
N GLY C 252 -18.15 63.91 -56.96
CA GLY C 252 -18.34 65.36 -56.92
C GLY C 252 -19.74 65.80 -57.26
N ASN C 253 -20.73 65.07 -56.76
CA ASN C 253 -22.14 65.27 -57.11
C ASN C 253 -22.78 66.54 -56.57
N LEU C 254 -22.21 67.12 -55.51
CA LEU C 254 -22.79 68.30 -54.90
C LEU C 254 -21.81 69.47 -54.86
N VAL C 255 -21.62 70.12 -56.01
CA VAL C 255 -20.67 71.23 -56.13
C VAL C 255 -21.33 72.61 -56.15
N ASP C 256 -20.61 73.58 -55.60
CA ASP C 256 -20.92 74.99 -55.80
C ASP C 256 -19.92 75.53 -56.82
N GLU C 257 -20.34 76.53 -57.61
CA GLU C 257 -19.49 77.06 -58.69
C GLU C 257 -18.24 77.79 -58.19
N ALA C 258 -18.13 77.94 -56.87
CA ALA C 258 -16.91 78.43 -56.24
C ALA C 258 -15.85 77.33 -56.15
N ALA C 259 -16.27 76.14 -55.69
CA ALA C 259 -15.38 74.98 -55.56
C ALA C 259 -14.95 74.43 -56.93
N ALA C 260 -15.87 74.49 -57.89
CA ALA C 260 -15.60 74.09 -59.27
C ALA C 260 -14.57 75.00 -59.93
N LYS C 261 -14.60 76.29 -59.55
CA LYS C 261 -13.65 77.27 -60.03
C LYS C 261 -12.26 77.03 -59.46
N LEU C 262 -12.19 76.65 -58.18
CA LEU C 262 -10.91 76.36 -57.51
C LEU C 262 -10.23 75.13 -58.13
N MET C 263 -11.05 74.16 -58.50
CA MET C 263 -10.60 72.97 -59.22
C MET C 263 -9.93 73.29 -60.54
N HIS C 264 -10.50 74.24 -61.29
CA HIS C 264 -9.95 74.69 -62.56
C HIS C 264 -8.53 75.26 -62.42
N GLU C 265 -8.33 76.06 -61.37
CA GLU C 265 -7.06 76.79 -61.16
C GLU C 265 -5.92 75.91 -60.66
N HIS C 266 -6.26 74.86 -59.92
CA HIS C 266 -5.28 73.89 -59.48
C HIS C 266 -5.03 72.81 -60.55
N GLY C 267 -5.84 72.84 -61.60
CA GLY C 267 -5.75 71.86 -62.69
C GLY C 267 -6.28 70.51 -62.28
N ALA C 268 -7.30 70.52 -61.42
CA ALA C 268 -7.87 69.30 -60.87
C ALA C 268 -8.93 68.69 -61.78
N PHE C 269 -8.93 67.36 -61.87
CA PHE C 269 -9.87 66.61 -62.71
C PHE C 269 -11.08 66.17 -61.88
N VAL C 270 -12.19 65.91 -62.56
CA VAL C 270 -13.36 65.33 -61.91
C VAL C 270 -13.76 64.06 -62.63
N VAL C 271 -14.03 63.00 -61.88
CA VAL C 271 -14.57 61.80 -62.46
C VAL C 271 -15.98 61.60 -61.88
N PRO C 272 -17.01 62.15 -62.56
CA PRO C 272 -18.39 61.86 -62.17
C PRO C 272 -18.68 60.39 -62.41
N THR C 273 -19.61 59.82 -61.65
CA THR C 273 -19.91 58.39 -61.77
C THR C 273 -21.42 58.16 -61.76
N LEU C 274 -22.12 58.95 -62.58
CA LEU C 274 -23.59 59.08 -62.50
C LEU C 274 -24.41 57.82 -62.69
N VAL C 275 -23.92 56.88 -63.51
CA VAL C 275 -24.63 55.64 -63.81
C VAL C 275 -24.91 54.76 -62.57
N THR C 276 -24.01 54.80 -61.59
CA THR C 276 -24.14 53.96 -60.41
C THR C 276 -25.34 54.35 -59.55
N TYR C 277 -25.66 55.64 -59.50
CA TYR C 277 -26.76 56.16 -58.69
C TYR C 277 -28.13 55.89 -59.30
N ASP C 278 -28.19 55.80 -60.62
CA ASP C 278 -29.42 55.39 -61.31
C ASP C 278 -29.67 53.90 -61.09
N ALA C 279 -28.60 53.12 -61.12
CA ALA C 279 -28.64 51.67 -60.91
C ALA C 279 -29.05 51.35 -59.48
N LEU C 280 -28.49 52.10 -58.53
CA LEU C 280 -28.79 51.89 -57.11
C LEU C 280 -30.17 52.42 -56.72
N ALA C 281 -30.73 53.31 -57.53
CA ALA C 281 -32.08 53.85 -57.31
C ALA C 281 -33.14 52.77 -57.52
N LYS C 282 -32.93 51.91 -58.51
CA LYS C 282 -33.89 50.87 -58.86
C LYS C 282 -33.51 49.47 -58.37
N HIS C 283 -32.21 49.19 -58.33
CA HIS C 283 -31.73 47.84 -58.03
C HIS C 283 -30.80 47.74 -56.82
N GLY C 284 -30.65 48.84 -56.08
CA GLY C 284 -29.73 48.90 -54.93
C GLY C 284 -30.15 48.08 -53.73
N ALA C 285 -31.41 48.26 -53.29
CA ALA C 285 -32.00 47.48 -52.21
C ALA C 285 -32.30 46.05 -52.67
N GLU C 286 -32.30 45.86 -53.99
CA GLU C 286 -32.62 44.61 -54.63
C GLU C 286 -31.46 43.64 -54.67
N PHE C 287 -30.22 44.17 -54.73
CA PHE C 287 -29.03 43.34 -54.94
C PHE C 287 -28.13 43.11 -53.72
N GLY C 288 -28.66 43.34 -52.52
CA GLY C 288 -27.99 42.94 -51.28
C GLY C 288 -27.25 44.00 -50.48
N MET C 289 -27.31 45.25 -50.94
CA MET C 289 -26.69 46.38 -50.24
C MET C 289 -27.66 46.93 -49.17
N PRO C 290 -27.16 47.14 -47.92
CA PRO C 290 -27.88 47.63 -46.72
C PRO C 290 -28.97 48.69 -46.98
N PRO C 291 -30.12 48.59 -46.29
CA PRO C 291 -31.28 49.49 -46.49
C PRO C 291 -31.04 50.95 -46.09
N GLU C 292 -30.01 51.18 -45.26
CA GLU C 292 -29.63 52.54 -44.84
C GLU C 292 -28.65 53.21 -45.82
N SER C 293 -28.03 52.41 -46.68
CA SER C 293 -27.20 52.92 -47.78
C SER C 293 -28.08 53.45 -48.91
N VAL C 294 -29.15 52.71 -49.22
CA VAL C 294 -30.13 53.08 -50.26
C VAL C 294 -30.94 54.32 -49.84
N ALA C 295 -30.95 54.60 -48.54
CA ALA C 295 -31.48 55.87 -48.03
C ALA C 295 -30.64 57.06 -48.52
N LYS C 296 -29.31 56.89 -48.50
CA LYS C 296 -28.37 57.94 -48.88
C LYS C 296 -28.22 58.16 -50.38
N VAL C 297 -28.64 57.19 -51.19
CA VAL C 297 -28.42 57.24 -52.64
C VAL C 297 -29.37 58.19 -53.38
N ALA C 298 -30.51 58.51 -52.75
CA ALA C 298 -31.53 59.35 -53.37
C ALA C 298 -31.15 60.83 -53.44
N SER C 299 -30.22 61.26 -52.60
CA SER C 299 -29.86 62.67 -52.47
C SER C 299 -28.83 63.18 -53.48
N VAL C 300 -27.79 62.38 -53.73
CA VAL C 300 -26.68 62.79 -54.59
C VAL C 300 -26.94 62.61 -56.10
N GLN C 301 -27.91 61.77 -56.45
CA GLN C 301 -28.32 61.57 -57.84
C GLN C 301 -29.05 62.78 -58.42
N GLN C 302 -29.70 63.55 -57.54
CA GLN C 302 -30.49 64.73 -57.89
C GLN C 302 -29.65 65.76 -58.60
N LYS C 303 -28.56 66.16 -57.93
CA LYS C 303 -27.66 67.20 -58.40
C LYS C 303 -26.51 66.67 -59.25
N GLY C 304 -26.60 65.40 -59.64
CA GLY C 304 -25.58 64.75 -60.44
C GLY C 304 -25.56 65.23 -61.89
N ARG C 305 -26.74 65.31 -62.50
CA ARG C 305 -26.88 65.84 -63.85
C ARG C 305 -26.60 67.33 -63.83
N GLU C 306 -27.08 67.98 -62.78
CA GLU C 306 -26.88 69.40 -62.54
C GLU C 306 -25.40 69.78 -62.41
N SER C 307 -24.60 68.86 -61.89
CA SER C 307 -23.17 69.11 -61.63
C SER C 307 -22.31 69.15 -62.88
N LEU C 308 -22.71 68.38 -63.89
CA LEU C 308 -21.95 68.28 -65.14
C LEU C 308 -21.79 69.63 -65.83
N GLU C 309 -22.85 70.41 -65.83
CA GLU C 309 -22.86 71.76 -66.41
C GLU C 309 -22.05 72.73 -65.57
N ILE C 310 -22.05 72.52 -64.25
CA ILE C 310 -21.24 73.32 -63.32
C ILE C 310 -19.76 73.11 -63.65
N TYR C 311 -19.38 71.86 -63.89
CA TYR C 311 -18.01 71.53 -64.29
C TYR C 311 -17.68 72.02 -65.70
N ALA C 312 -18.69 72.03 -66.57
CA ALA C 312 -18.55 72.50 -67.94
C ALA C 312 -18.25 74.00 -67.97
N ASN C 313 -19.10 74.77 -67.31
CA ASN C 313 -18.98 76.23 -67.25
C ASN C 313 -17.69 76.69 -66.59
N ALA C 314 -17.28 75.99 -65.53
CA ALA C 314 -16.08 76.35 -64.79
C ALA C 314 -14.79 75.81 -65.45
N GLY C 315 -14.96 75.08 -66.55
CA GLY C 315 -13.83 74.57 -67.34
C GLY C 315 -13.01 73.52 -66.61
N VAL C 316 -13.70 72.65 -65.89
CA VAL C 316 -13.06 71.56 -65.18
C VAL C 316 -13.17 70.29 -66.02
N LYS C 317 -12.04 69.66 -66.27
CA LYS C 317 -11.98 68.43 -67.08
C LYS C 317 -12.73 67.26 -66.45
N MET C 318 -13.61 66.64 -67.23
CA MET C 318 -14.40 65.50 -66.77
C MET C 318 -13.98 64.19 -67.45
N GLY C 319 -13.76 63.17 -66.63
CA GLY C 319 -13.41 61.84 -67.12
C GLY C 319 -14.53 60.84 -66.86
N PHE C 320 -14.53 59.76 -67.63
CA PHE C 320 -15.56 58.72 -67.56
C PHE C 320 -15.40 57.89 -66.29
N GLY C 321 -16.52 57.61 -65.63
CA GLY C 321 -16.52 56.76 -64.44
C GLY C 321 -17.81 55.99 -64.33
N SER C 322 -17.71 54.69 -64.06
CA SER C 322 -18.89 53.86 -63.90
C SER C 322 -19.27 53.65 -62.43
N ASP C 323 -18.34 53.05 -61.68
CA ASP C 323 -18.46 52.76 -60.23
C ASP C 323 -19.60 51.80 -59.86
N LEU C 324 -19.86 50.83 -60.72
CA LEU C 324 -20.93 49.89 -60.48
C LEU C 324 -20.44 48.73 -59.61
N LEU C 325 -21.23 48.40 -58.59
CA LEU C 325 -20.89 47.29 -57.70
C LEU C 325 -21.67 46.06 -58.14
N GLY C 326 -21.05 44.89 -57.97
CA GLY C 326 -21.74 43.62 -58.19
C GLY C 326 -22.20 43.37 -59.60
N GLU C 327 -23.36 42.70 -59.72
CA GLU C 327 -23.95 42.35 -61.02
C GLU C 327 -24.47 43.57 -61.82
N MET C 328 -24.50 44.73 -61.17
CA MET C 328 -24.82 46.00 -61.84
C MET C 328 -23.73 46.47 -62.80
N HIS C 329 -22.58 45.79 -62.79
CA HIS C 329 -21.46 46.06 -63.71
C HIS C 329 -21.87 46.03 -65.17
N ALA C 330 -22.99 45.35 -65.45
CA ALA C 330 -23.60 45.29 -66.77
C ALA C 330 -23.93 46.67 -67.35
N PHE C 331 -24.37 47.60 -66.51
CA PHE C 331 -24.80 48.92 -66.96
C PHE C 331 -23.68 49.91 -67.29
N GLN C 332 -22.45 49.41 -67.47
CA GLN C 332 -21.25 50.24 -67.59
C GLN C 332 -21.26 51.24 -68.74
N SER C 333 -21.69 50.78 -69.91
CA SER C 333 -21.65 51.57 -71.13
C SER C 333 -22.68 52.70 -71.17
N GLY C 334 -23.73 52.58 -70.37
CA GLY C 334 -24.81 53.57 -70.30
C GLY C 334 -24.43 54.94 -69.75
N GLU C 335 -23.26 55.03 -69.12
CA GLU C 335 -22.73 56.30 -68.62
C GLU C 335 -22.41 57.26 -69.78
N PHE C 336 -22.11 56.69 -70.95
CA PHE C 336 -22.00 57.45 -72.20
C PHE C 336 -23.25 58.25 -72.55
N ARG C 337 -24.42 57.61 -72.44
CA ARG C 337 -25.68 58.24 -72.81
C ARG C 337 -26.06 59.37 -71.85
N ILE C 338 -25.94 59.11 -70.54
CA ILE C 338 -26.21 60.10 -69.49
C ILE C 338 -25.36 61.37 -69.69
N ARG C 339 -24.11 61.18 -70.06
CA ARG C 339 -23.20 62.29 -70.32
C ARG C 339 -23.39 62.99 -71.67
N ALA C 340 -23.83 62.23 -72.68
CA ALA C 340 -24.15 62.81 -73.99
C ALA C 340 -25.47 63.57 -73.96
N GLU C 341 -26.38 63.14 -73.09
CA GLU C 341 -27.67 63.82 -72.90
C GLU C 341 -27.54 65.21 -72.28
N VAL C 342 -26.41 65.46 -71.61
CA VAL C 342 -26.15 66.74 -71.01
C VAL C 342 -25.12 67.54 -71.82
N LEU C 343 -24.05 66.87 -72.25
CA LEU C 343 -22.90 67.56 -72.84
C LEU C 343 -22.62 67.27 -74.31
N GLY C 344 -23.50 66.49 -74.95
CA GLY C 344 -23.29 66.09 -76.34
C GLY C 344 -22.37 64.89 -76.45
N ASN C 345 -22.49 64.15 -77.55
CA ASN C 345 -21.68 62.93 -77.69
C ASN C 345 -20.21 63.11 -78.05
N LEU C 346 -19.78 64.34 -78.35
CA LEU C 346 -18.37 64.62 -78.62
C LEU C 346 -17.60 64.68 -77.30
N GLU C 347 -18.15 65.43 -76.35
CA GLU C 347 -17.54 65.59 -75.04
C GLU C 347 -17.64 64.30 -74.22
N ALA C 348 -18.71 63.53 -74.45
CA ALA C 348 -18.95 62.27 -73.76
C ALA C 348 -17.97 61.19 -74.19
N LEU C 349 -17.51 61.26 -75.43
CA LEU C 349 -16.47 60.37 -75.92
C LEU C 349 -15.08 60.84 -75.49
N ARG C 350 -14.95 62.14 -75.23
CA ARG C 350 -13.69 62.69 -74.72
C ARG C 350 -13.44 62.28 -73.26
N SER C 351 -14.53 62.01 -72.55
CA SER C 351 -14.49 61.47 -71.19
C SER C 351 -13.68 60.18 -71.10
N ALA C 352 -13.96 59.26 -72.02
CA ALA C 352 -13.35 57.93 -72.00
C ALA C 352 -12.13 57.81 -72.89
N THR C 353 -11.64 58.92 -73.42
CA THR C 353 -10.49 58.88 -74.33
C THR C 353 -9.39 59.89 -73.98
N THR C 354 -9.48 61.09 -74.54
CA THR C 354 -8.41 62.09 -74.40
C THR C 354 -8.21 62.56 -72.95
N VAL C 355 -9.31 62.92 -72.29
CA VAL C 355 -9.27 63.38 -70.89
C VAL C 355 -8.85 62.22 -69.97
N ALA C 356 -9.43 61.05 -70.21
CA ALA C 356 -9.10 59.81 -69.49
C ALA C 356 -7.61 59.49 -69.53
N ALA C 357 -7.02 59.59 -70.71
CA ALA C 357 -5.59 59.34 -70.89
C ALA C 357 -4.73 60.40 -70.23
N GLU C 358 -5.26 61.61 -70.11
CA GLU C 358 -4.58 62.68 -69.38
C GLU C 358 -4.65 62.42 -67.86
N ILE C 359 -5.75 61.82 -67.41
CA ILE C 359 -5.91 61.46 -66.00
C ILE C 359 -4.87 60.42 -65.63
N VAL C 360 -4.83 59.32 -66.38
CA VAL C 360 -3.93 58.21 -66.07
C VAL C 360 -2.45 58.48 -66.45
N ASN C 361 -2.13 59.74 -66.74
CA ASN C 361 -0.79 60.19 -67.18
C ASN C 361 -0.24 59.46 -68.42
N MET C 362 -1.14 59.17 -69.35
CA MET C 362 -0.78 58.47 -70.57
C MET C 362 -1.19 59.32 -71.77
N GLN C 363 -0.91 60.62 -71.68
CA GLN C 363 -1.21 61.56 -72.74
C GLN C 363 -0.34 61.26 -73.95
N GLY C 364 -0.99 60.98 -75.08
CA GLY C 364 -0.28 60.59 -76.30
C GLY C 364 0.04 59.12 -76.39
N GLN C 365 0.07 58.43 -75.24
CA GLN C 365 0.39 57.01 -75.16
C GLN C 365 -0.86 56.14 -75.28
N LEU C 366 -1.95 56.60 -74.67
CA LEU C 366 -3.25 55.97 -74.84
C LEU C 366 -4.27 57.05 -75.21
N GLY C 367 -5.48 56.63 -75.57
CA GLY C 367 -6.60 57.53 -75.80
C GLY C 367 -6.59 58.35 -77.07
N VAL C 368 -5.61 58.11 -77.94
CA VAL C 368 -5.49 58.82 -79.23
C VAL C 368 -4.87 57.93 -80.32
N ILE C 369 -5.48 57.92 -81.51
CA ILE C 369 -4.90 57.24 -82.65
C ILE C 369 -3.90 58.15 -83.36
N ALA C 370 -2.64 58.02 -82.98
CA ALA C 370 -1.57 58.80 -83.56
C ALA C 370 -0.33 57.93 -83.66
N VAL C 371 0.58 58.35 -84.53
CA VAL C 371 1.86 57.67 -84.70
C VAL C 371 2.63 57.67 -83.38
N GLY C 372 2.93 56.47 -82.88
CA GLY C 372 3.72 56.30 -81.68
C GLY C 372 2.92 55.85 -80.46
N ALA C 373 1.60 55.88 -80.55
CA ALA C 373 0.72 55.50 -79.45
C ALA C 373 0.62 53.98 -79.29
N ILE C 374 0.18 53.55 -78.12
CA ILE C 374 -0.12 52.13 -77.87
C ILE C 374 -1.39 51.78 -78.66
N ALA C 375 -1.37 50.63 -79.33
CA ALA C 375 -2.50 50.17 -80.13
C ALA C 375 -3.63 49.54 -79.31
N ASP C 376 -4.32 50.37 -78.53
CA ASP C 376 -5.55 49.96 -77.86
C ASP C 376 -6.71 50.53 -78.66
N LEU C 377 -7.36 49.66 -79.44
CA LEU C 377 -8.35 50.12 -80.43
C LEU C 377 -9.68 49.38 -80.39
N VAL C 378 -10.74 50.12 -80.69
CA VAL C 378 -12.09 49.58 -80.75
C VAL C 378 -12.64 49.82 -82.14
N VAL C 379 -13.22 48.77 -82.73
CA VAL C 379 -13.90 48.87 -84.01
C VAL C 379 -15.41 48.86 -83.81
N LEU C 380 -16.05 49.94 -84.24
CA LEU C 380 -17.48 50.15 -84.00
C LEU C 380 -18.28 50.04 -85.29
N ASP C 381 -19.48 49.51 -85.18
CA ASP C 381 -20.42 49.40 -86.30
C ASP C 381 -21.40 50.57 -86.27
N GLY C 382 -21.01 51.68 -86.90
CA GLY C 382 -21.81 52.89 -86.88
C GLY C 382 -20.98 54.05 -86.37
N ASN C 383 -21.56 55.25 -86.40
CA ASN C 383 -20.87 56.46 -85.99
C ASN C 383 -21.36 56.94 -84.63
N PRO C 384 -20.45 56.94 -83.63
CA PRO C 384 -20.77 57.43 -82.28
C PRO C 384 -21.08 58.92 -82.22
N LEU C 385 -20.48 59.69 -83.14
CA LEU C 385 -20.71 61.13 -83.23
C LEU C 385 -22.16 61.47 -83.55
N GLU C 386 -22.80 60.66 -84.40
CA GLU C 386 -24.22 60.80 -84.70
C GLU C 386 -25.05 60.18 -83.58
N ASP C 387 -24.83 58.89 -83.36
CA ASP C 387 -25.59 58.12 -82.38
C ASP C 387 -24.68 57.57 -81.29
N ILE C 388 -24.86 58.08 -80.07
CA ILE C 388 -24.11 57.62 -78.89
C ILE C 388 -24.48 56.18 -78.48
N GLY C 389 -25.62 55.71 -79.01
CA GLY C 389 -26.10 54.35 -78.75
C GLY C 389 -25.29 53.20 -79.33
N VAL C 390 -24.40 53.50 -80.27
CA VAL C 390 -23.50 52.47 -80.82
C VAL C 390 -22.39 52.13 -79.81
N VAL C 391 -22.28 52.97 -78.79
CA VAL C 391 -21.36 52.76 -77.67
C VAL C 391 -22.16 52.52 -76.38
N ALA C 392 -23.33 53.15 -76.25
CA ALA C 392 -24.17 53.02 -75.05
C ALA C 392 -25.30 52.00 -75.22
N ASP C 393 -24.92 50.74 -75.45
CA ASP C 393 -25.87 49.63 -75.54
C ASP C 393 -25.22 48.33 -75.06
N GLU C 394 -24.35 48.49 -74.05
CA GLU C 394 -23.53 47.42 -73.47
C GLU C 394 -22.70 46.65 -74.52
N GLY C 395 -22.04 47.42 -75.39
CA GLY C 395 -21.17 46.87 -76.42
C GLY C 395 -21.86 45.98 -77.44
N ALA C 396 -23.03 46.40 -77.90
CA ALA C 396 -23.82 45.66 -78.88
C ALA C 396 -23.21 45.77 -80.29
N ARG C 397 -22.72 46.96 -80.62
CA ARG C 397 -22.18 47.24 -81.96
C ARG C 397 -20.65 47.33 -82.01
N VAL C 398 -19.96 46.62 -81.13
CA VAL C 398 -18.50 46.51 -81.22
C VAL C 398 -18.11 45.08 -81.60
N GLU C 399 -17.41 44.94 -82.72
CA GLU C 399 -16.98 43.64 -83.22
C GLU C 399 -15.53 43.34 -82.88
N TYR C 400 -14.62 44.25 -83.24
CA TYR C 400 -13.20 44.04 -82.96
C TYR C 400 -12.73 44.92 -81.81
N VAL C 401 -11.94 44.32 -80.91
CA VAL C 401 -11.22 45.06 -79.87
C VAL C 401 -9.75 44.64 -79.94
N LEU C 402 -8.86 45.62 -79.99
CA LEU C 402 -7.44 45.36 -79.98
C LEU C 402 -6.75 46.00 -78.78
N GLN C 403 -5.70 45.33 -78.32
CA GLN C 403 -4.97 45.75 -77.14
C GLN C 403 -3.51 45.47 -77.45
N ARG C 404 -2.65 46.46 -77.22
CA ARG C 404 -1.20 46.38 -77.48
C ARG C 404 -0.83 45.67 -78.79
N GLY C 405 -1.54 46.00 -79.87
CA GLY C 405 -1.24 45.44 -81.18
C GLY C 405 -1.86 44.08 -81.51
N THR C 406 -2.50 43.45 -80.53
CA THR C 406 -3.11 42.13 -80.73
C THR C 406 -4.63 42.15 -80.56
N LEU C 407 -5.33 41.36 -81.39
CA LEU C 407 -6.79 41.25 -81.36
C LEU C 407 -7.24 40.41 -80.18
N VAL C 408 -8.19 40.93 -79.41
CA VAL C 408 -8.61 40.29 -78.16
C VAL C 408 -10.07 39.87 -78.17
N LYS C 409 -10.88 40.54 -78.97
CA LYS C 409 -12.32 40.25 -79.03
C LYS C 409 -12.84 40.27 -80.46
N ARG C 410 -13.67 39.28 -80.79
CA ARG C 410 -14.32 39.18 -82.09
C ARG C 410 -15.82 38.92 -81.87
N GLN C 411 -16.66 39.80 -82.43
CA GLN C 411 -18.11 39.76 -82.14
C GLN C 411 -18.97 40.06 -83.36
N THR D 4 37.71 38.33 19.32
CA THR D 4 37.60 37.12 18.46
C THR D 4 36.94 35.95 19.19
N ILE D 5 36.76 36.08 20.51
CA ILE D 5 36.22 35.02 21.37
C ILE D 5 35.38 35.55 22.53
N THR D 6 34.18 35.01 22.71
CA THR D 6 33.24 35.45 23.75
C THR D 6 32.91 34.29 24.69
N VAL D 7 32.75 34.59 25.98
CA VAL D 7 32.32 33.59 26.97
C VAL D 7 31.13 34.09 27.79
N LEU D 8 30.02 33.37 27.73
CA LEU D 8 28.91 33.58 28.66
C LEU D 8 29.20 32.72 29.88
N GLN D 9 29.31 33.35 31.05
CA GLN D 9 29.71 32.62 32.25
C GLN D 9 28.59 32.32 33.26
N GLY D 10 28.52 31.04 33.64
CA GLY D 10 27.65 30.56 34.72
C GLY D 10 26.17 30.54 34.42
N GLY D 11 25.83 30.38 33.15
CA GLY D 11 24.44 30.36 32.73
C GLY D 11 23.74 29.05 33.03
N ASN D 12 22.41 29.07 32.98
CA ASN D 12 21.63 27.86 33.06
C ASN D 12 21.23 27.43 31.64
N VAL D 13 22.11 26.65 31.02
CA VAL D 13 21.99 26.20 29.63
C VAL D 13 20.82 25.24 29.43
N LEU D 14 19.97 25.52 28.45
CA LEU D 14 18.81 24.69 28.16
C LEU D 14 19.15 23.55 27.22
N ASP D 15 18.82 22.32 27.66
CA ASP D 15 18.94 21.13 26.84
C ASP D 15 17.54 20.71 26.40
N LEU D 16 17.27 20.85 25.11
CA LEU D 16 15.92 20.68 24.58
C LEU D 16 15.53 19.22 24.34
N GLU D 17 16.46 18.44 23.78
CA GLU D 17 16.21 17.02 23.50
C GLU D 17 16.24 16.17 24.78
N ARG D 18 16.72 16.77 25.86
CA ARG D 18 16.74 16.13 27.18
C ARG D 18 15.64 16.71 28.07
N GLY D 19 15.28 17.97 27.82
CA GLY D 19 14.15 18.62 28.49
C GLY D 19 14.45 19.20 29.85
N VAL D 20 15.69 19.61 30.08
CA VAL D 20 16.12 20.16 31.39
C VAL D 20 17.12 21.30 31.29
N LEU D 21 17.20 22.10 32.35
CA LEU D 21 18.25 23.10 32.50
C LEU D 21 19.55 22.49 33.02
N LEU D 22 20.63 22.76 32.31
CA LEU D 22 21.97 22.47 32.81
C LEU D 22 22.48 23.72 33.50
N GLU D 23 22.18 23.83 34.79
CA GLU D 23 22.52 25.00 35.60
C GLU D 23 24.02 25.20 35.80
N HIS D 24 24.43 26.47 35.91
CA HIS D 24 25.83 26.89 36.07
C HIS D 24 26.79 26.32 35.02
N HIS D 25 26.37 26.38 33.76
CA HIS D 25 27.22 26.00 32.63
C HIS D 25 27.66 27.22 31.83
N HIS D 26 28.87 27.16 31.29
CA HIS D 26 29.43 28.23 30.48
C HIS D 26 29.26 27.87 29.01
N VAL D 27 29.13 28.87 28.16
CA VAL D 27 29.17 28.66 26.71
C VAL D 27 30.34 29.46 26.14
N VAL D 28 31.15 28.80 25.32
CA VAL D 28 32.31 29.46 24.72
C VAL D 28 32.11 29.62 23.21
N ILE D 29 32.18 30.87 22.76
CA ILE D 29 31.97 31.21 21.35
C ILE D 29 33.31 31.52 20.71
N ASP D 30 33.63 30.80 19.63
CA ASP D 30 34.80 31.12 18.82
C ASP D 30 34.34 31.56 17.43
N GLY D 31 34.49 32.86 17.17
CA GLY D 31 34.07 33.44 15.90
C GLY D 31 32.56 33.51 15.80
N GLU D 32 31.98 32.62 15.00
CA GLU D 32 30.53 32.54 14.81
C GLU D 32 29.95 31.25 15.35
N ARG D 33 30.81 30.39 15.90
CA ARG D 33 30.38 29.07 16.36
C ARG D 33 30.68 28.78 17.83
N ILE D 34 29.94 27.83 18.38
CA ILE D 34 30.11 27.38 19.76
C ILE D 34 31.19 26.31 19.77
N VAL D 35 32.18 26.47 20.64
CA VAL D 35 33.28 25.51 20.76
C VAL D 35 33.28 24.71 22.06
N GLU D 36 32.65 25.23 23.11
CA GLU D 36 32.61 24.55 24.41
C GLU D 36 31.37 24.88 25.24
N VAL D 37 30.75 23.85 25.81
CA VAL D 37 29.65 23.98 26.76
C VAL D 37 29.97 23.17 28.01
N THR D 38 30.46 23.83 29.05
CA THR D 38 30.91 23.13 30.25
C THR D 38 30.62 23.87 31.56
N ASP D 39 30.52 23.11 32.65
CA ASP D 39 30.42 23.70 34.00
C ASP D 39 31.79 23.82 34.68
N ARG D 40 32.82 23.26 34.03
CA ARG D 40 34.21 23.43 34.42
C ARG D 40 34.61 24.90 34.28
N PRO D 41 35.39 25.42 35.26
CA PRO D 41 35.89 26.79 35.20
C PRO D 41 36.74 27.00 33.94
N VAL D 42 36.23 27.84 33.05
CA VAL D 42 36.82 28.02 31.73
C VAL D 42 38.09 28.86 31.80
N ASP D 43 39.08 28.48 31.01
CA ASP D 43 40.33 29.20 30.93
C ASP D 43 40.11 30.41 30.01
N LEU D 44 39.61 31.50 30.58
CA LEU D 44 39.33 32.72 29.81
C LEU D 44 40.56 33.62 29.70
N PRO D 45 41.20 33.65 28.53
CA PRO D 45 42.41 34.45 28.38
C PRO D 45 42.11 35.79 27.71
N ASN D 46 42.27 35.84 26.39
CA ASN D 46 41.90 36.99 25.58
C ASN D 46 40.41 36.92 25.14
N ALA D 47 39.61 36.24 25.95
CA ALA D 47 38.17 36.16 25.71
C ALA D 47 37.46 37.37 26.32
N GLN D 48 36.20 37.57 25.92
CA GLN D 48 35.39 38.66 26.42
C GLN D 48 34.15 38.07 27.13
N ALA D 49 33.90 38.51 28.35
CA ALA D 49 32.93 37.85 29.22
C ALA D 49 31.62 38.60 29.39
N ILE D 50 30.55 37.84 29.64
CA ILE D 50 29.24 38.39 30.00
C ILE D 50 28.69 37.62 31.22
N ASP D 51 28.35 38.35 32.28
CA ASP D 51 27.79 37.74 33.49
C ASP D 51 26.35 37.35 33.24
N VAL D 52 26.16 36.09 32.87
CA VAL D 52 24.84 35.52 32.63
C VAL D 52 24.53 34.56 33.79
N ARG D 53 24.83 35.02 35.00
CA ARG D 53 24.64 34.22 36.19
C ARG D 53 23.15 34.21 36.54
N GLY D 54 22.62 33.03 36.83
CA GLY D 54 21.21 32.88 37.21
C GLY D 54 20.21 33.25 36.12
N LYS D 55 20.65 33.15 34.87
CA LYS D 55 19.81 33.40 33.71
C LYS D 55 19.86 32.20 32.77
N THR D 56 18.84 32.08 31.92
CA THR D 56 18.72 30.95 31.00
C THR D 56 19.34 31.28 29.65
N VAL D 57 20.30 30.46 29.25
CA VAL D 57 20.88 30.56 27.92
C VAL D 57 20.22 29.48 27.09
N MET D 58 19.64 29.90 25.96
CA MET D 58 18.95 28.98 25.06
C MET D 58 19.14 29.41 23.61
N PRO D 59 18.90 28.52 22.64
CA PRO D 59 19.11 28.91 21.24
C PRO D 59 18.13 30.00 20.81
N GLY D 60 18.61 30.92 19.99
CA GLY D 60 17.78 31.97 19.41
C GLY D 60 16.64 31.38 18.60
N PHE D 61 15.43 31.91 18.80
CA PHE D 61 14.22 31.34 18.25
C PHE D 61 14.17 31.43 16.72
N ILE D 62 13.51 30.45 16.11
CA ILE D 62 13.30 30.42 14.67
C ILE D 62 11.80 30.42 14.37
N ASP D 63 11.34 31.46 13.69
CA ASP D 63 9.96 31.51 13.20
C ASP D 63 9.97 30.96 11.79
N CYS D 64 9.01 30.10 11.48
CA CYS D 64 9.02 29.40 10.20
C CYS D 64 8.08 30.00 9.17
N HIS D 65 7.24 30.93 9.60
CA HIS D 65 6.26 31.50 8.72
C HIS D 65 5.97 32.94 9.04
N VAL D 66 6.74 33.85 8.45
CA VAL D 66 6.47 35.29 8.58
C VAL D 66 6.29 35.94 7.22
N HIS D 67 5.78 37.16 7.20
CA HIS D 67 5.85 38.00 6.00
C HIS D 67 6.45 39.33 6.37
N VAL D 68 7.76 39.42 6.17
CA VAL D 68 8.57 40.56 6.58
C VAL D 68 8.09 41.86 5.92
N LEU D 69 7.67 41.74 4.66
CA LEU D 69 7.25 42.90 3.88
C LEU D 69 5.77 43.30 4.03
N ALA D 70 4.99 42.51 4.77
CA ALA D 70 3.58 42.83 4.99
C ALA D 70 3.43 43.89 6.07
N SER D 71 3.48 45.16 5.65
CA SER D 71 3.42 46.28 6.58
C SER D 71 2.01 46.77 6.89
N ASN D 72 1.02 46.33 6.11
CA ASN D 72 -0.38 46.48 6.50
C ASN D 72 -1.26 45.29 6.13
N ALA D 73 -2.37 45.13 6.85
CA ALA D 73 -3.20 43.91 6.86
C ALA D 73 -3.88 43.57 5.55
N ASN D 74 -4.20 44.59 4.76
CA ASN D 74 -4.75 44.38 3.43
C ASN D 74 -3.61 44.06 2.46
N LEU D 75 -3.44 42.78 2.17
CA LEU D 75 -2.32 42.29 1.35
C LEU D 75 -2.39 42.71 -0.12
N GLY D 76 -3.61 43.01 -0.58
CA GLY D 76 -3.84 43.55 -1.91
C GLY D 76 -3.29 44.96 -2.04
N VAL D 77 -3.56 45.80 -1.06
CA VAL D 77 -3.07 47.18 -1.08
C VAL D 77 -1.58 47.22 -0.68
N ASN D 78 -1.14 46.21 0.07
CA ASN D 78 0.25 46.06 0.45
C ASN D 78 1.12 45.83 -0.78
N ALA D 79 0.54 45.19 -1.79
CA ALA D 79 1.21 44.98 -3.06
C ALA D 79 1.29 46.27 -3.87
N THR D 80 0.31 47.14 -3.71
CA THR D 80 0.20 48.33 -4.55
C THR D 80 1.03 49.51 -4.05
N GLN D 81 1.53 49.40 -2.81
CA GLN D 81 2.36 50.45 -2.22
C GLN D 81 3.68 50.58 -2.99
N PRO D 82 4.25 51.79 -3.06
CA PRO D 82 5.45 51.96 -3.89
C PRO D 82 6.65 51.17 -3.38
N ASN D 83 7.50 50.75 -4.31
CA ASN D 83 8.64 49.89 -4.05
C ASN D 83 9.57 50.32 -2.92
N ILE D 84 9.94 51.60 -2.91
CA ILE D 84 10.80 52.16 -1.88
C ILE D 84 10.15 52.07 -0.49
N LEU D 85 8.90 52.53 -0.39
CA LEU D 85 8.15 52.52 0.87
C LEU D 85 7.91 51.14 1.44
N ALA D 86 7.69 50.16 0.56
CA ALA D 86 7.54 48.75 0.96
C ALA D 86 8.79 48.24 1.67
N ALA D 87 9.96 48.69 1.23
CA ALA D 87 11.22 48.30 1.85
C ALA D 87 11.45 49.02 3.17
N ILE D 88 11.26 50.35 3.19
CA ILE D 88 11.40 51.19 4.39
C ILE D 88 10.62 50.60 5.57
N ARG D 89 9.38 50.21 5.30
CA ARG D 89 8.46 49.72 6.31
C ARG D 89 8.80 48.33 6.88
N SER D 90 9.63 47.57 6.18
CA SER D 90 9.97 46.21 6.62
C SER D 90 11.12 46.19 7.63
N LEU D 91 11.84 47.30 7.72
CA LEU D 91 12.99 47.43 8.62
C LEU D 91 12.63 47.41 10.12
N PRO D 92 11.63 48.24 10.56
CA PRO D 92 11.17 48.10 11.94
C PRO D 92 10.65 46.71 12.27
N ILE D 93 9.99 46.08 11.32
CA ILE D 93 9.46 44.72 11.48
C ILE D 93 10.56 43.73 11.82
N LEU D 94 11.66 43.77 11.06
CA LEU D 94 12.82 42.90 11.27
C LEU D 94 13.52 43.23 12.57
N ASP D 95 13.74 44.52 12.80
CA ASP D 95 14.33 45.02 14.03
C ASP D 95 13.60 44.51 15.27
N ALA D 96 12.26 44.56 15.23
CA ALA D 96 11.42 44.11 16.34
C ALA D 96 11.45 42.59 16.55
N MET D 97 11.60 41.83 15.46
CA MET D 97 11.62 40.37 15.52
C MET D 97 12.88 39.84 16.18
N LEU D 98 14.00 40.52 15.94
CA LEU D 98 15.28 40.13 16.52
C LEU D 98 15.29 40.41 18.02
N SER D 99 14.68 41.53 18.41
CA SER D 99 14.62 41.92 19.81
C SER D 99 13.56 41.14 20.60
N ARG D 100 12.80 40.30 19.89
CA ARG D 100 11.90 39.35 20.55
C ARG D 100 12.62 38.00 20.69
N GLY D 101 13.88 37.97 20.27
CA GLY D 101 14.72 36.79 20.39
C GLY D 101 14.84 35.93 19.14
N PHE D 102 14.17 36.33 18.07
CA PHE D 102 14.17 35.56 16.84
C PHE D 102 15.40 35.85 16.03
N THR D 103 16.29 34.87 15.95
CA THR D 103 17.56 35.05 15.23
C THR D 103 17.45 34.59 13.78
N SER D 104 16.42 33.81 13.47
CA SER D 104 16.17 33.35 12.12
C SER D 104 14.68 33.32 11.81
N VAL D 105 14.30 33.91 10.69
CA VAL D 105 12.93 33.75 10.19
C VAL D 105 12.91 33.10 8.82
N ARG D 106 11.88 32.30 8.56
CA ARG D 106 11.62 31.77 7.24
C ARG D 106 10.47 32.56 6.64
N ASP D 107 10.73 33.22 5.51
CA ASP D 107 9.72 34.08 4.91
C ASP D 107 8.88 33.35 3.87
N ALA D 108 7.56 33.47 4.03
CA ALA D 108 6.59 32.71 3.27
C ALA D 108 6.05 33.48 2.06
N GLY D 109 6.79 34.48 1.59
CA GLY D 109 6.39 35.20 0.40
C GLY D 109 6.52 36.71 0.53
N GLY D 110 7.28 37.30 -0.39
CA GLY D 110 7.59 38.72 -0.33
C GLY D 110 9.09 38.93 -0.30
N ALA D 111 9.72 38.58 0.83
CA ALA D 111 11.15 38.82 1.06
C ALA D 111 12.04 38.07 0.09
N ASP D 112 13.01 38.79 -0.45
CA ASP D 112 13.89 38.28 -1.49
C ASP D 112 15.30 38.03 -0.96
N TRP D 113 16.23 37.85 -1.90
CA TRP D 113 17.63 37.58 -1.59
C TRP D 113 18.36 38.84 -1.15
N SER D 114 17.87 40.00 -1.59
CA SER D 114 18.45 41.28 -1.22
C SER D 114 18.23 41.58 0.26
N LEU D 115 17.03 41.24 0.75
CA LEU D 115 16.73 41.36 2.17
C LEU D 115 17.53 40.38 3.02
N MET D 116 17.84 39.23 2.44
CA MET D 116 18.71 38.25 3.07
C MET D 116 20.15 38.78 3.17
N GLN D 117 20.64 39.42 2.10
CA GLN D 117 21.97 40.02 2.10
C GLN D 117 22.08 41.20 3.06
N ALA D 118 21.02 41.99 3.15
CA ALA D 118 20.97 43.17 4.00
C ALA D 118 21.23 42.83 5.47
N VAL D 119 20.64 41.73 5.95
CA VAL D 119 20.90 41.30 7.33
C VAL D 119 22.25 40.59 7.47
N GLU D 120 22.73 39.94 6.42
CA GLU D 120 23.92 39.11 6.53
C GLU D 120 25.22 39.89 6.40
N THR D 121 25.16 40.99 5.65
CA THR D 121 26.29 41.91 5.60
C THR D 121 26.22 42.87 6.78
N GLY D 122 25.04 42.96 7.39
CA GLY D 122 24.83 43.82 8.55
C GLY D 122 24.49 45.26 8.16
N LEU D 123 23.98 45.42 6.95
CA LEU D 123 23.50 46.72 6.46
C LEU D 123 22.14 47.09 7.06
N VAL D 124 21.41 46.06 7.53
CA VAL D 124 20.13 46.21 8.23
C VAL D 124 20.08 45.23 9.40
N SER D 125 19.61 45.69 10.55
CA SER D 125 19.47 44.80 11.71
C SER D 125 18.19 43.98 11.58
N GLY D 126 18.31 42.68 11.83
CA GLY D 126 17.18 41.76 11.73
C GLY D 126 17.62 40.31 11.82
N PRO D 127 16.65 39.37 11.86
CA PRO D 127 16.98 37.94 11.87
C PRO D 127 17.53 37.44 10.54
N ARG D 128 18.02 36.20 10.52
CA ARG D 128 18.50 35.56 9.29
C ARG D 128 17.29 35.13 8.48
N ILE D 129 17.15 35.71 7.29
CA ILE D 129 16.01 35.43 6.43
C ILE D 129 16.24 34.20 5.58
N PHE D 130 15.28 33.28 5.60
CA PHE D 130 15.20 32.21 4.61
C PHE D 130 14.09 32.59 3.63
N PRO D 131 14.45 33.16 2.48
CA PRO D 131 13.46 33.74 1.57
C PRO D 131 12.81 32.73 0.64
N SER D 132 11.50 32.88 0.43
CA SER D 132 10.80 32.06 -0.57
C SER D 132 10.68 32.81 -1.89
N GLY D 133 11.06 34.09 -1.89
CA GLY D 133 10.84 34.96 -3.02
C GLY D 133 9.38 35.36 -3.02
N LYS D 134 8.69 35.02 -4.10
CA LYS D 134 7.24 35.19 -4.19
C LYS D 134 6.55 33.85 -3.97
N ALA D 135 5.37 33.89 -3.37
CA ALA D 135 4.53 32.69 -3.26
C ALA D 135 3.85 32.44 -4.60
N LEU D 136 3.70 31.18 -4.97
CA LEU D 136 3.09 30.81 -6.24
C LEU D 136 1.61 30.53 -6.05
N SER D 137 0.80 31.08 -6.95
CA SER D 137 -0.65 30.87 -6.88
C SER D 137 -1.27 30.71 -8.26
N GLN D 138 -2.32 29.91 -8.34
CA GLN D 138 -3.12 29.80 -9.55
C GLN D 138 -4.02 31.03 -9.68
N THR D 139 -4.57 31.24 -10.88
CA THR D 139 -5.51 32.33 -11.16
C THR D 139 -6.76 32.18 -10.31
N GLY D 140 -7.14 33.27 -9.65
CA GLY D 140 -8.28 33.28 -8.75
C GLY D 140 -7.96 32.60 -7.44
N GLY D 141 -6.68 32.42 -7.18
CA GLY D 141 -6.20 31.70 -6.02
C GLY D 141 -5.99 32.56 -4.81
N HIS D 142 -5.19 32.04 -3.88
CA HIS D 142 -4.93 32.71 -2.61
C HIS D 142 -3.90 33.84 -2.74
N GLY D 143 -3.12 33.81 -3.81
CA GLY D 143 -2.17 34.88 -4.09
C GLY D 143 -2.71 35.91 -5.06
N ASP D 144 -3.89 35.64 -5.62
CA ASP D 144 -4.57 36.56 -6.50
C ASP D 144 -5.43 37.48 -5.65
N PHE D 145 -5.17 38.78 -5.74
CA PHE D 145 -5.88 39.76 -4.91
C PHE D 145 -6.76 40.69 -5.73
N ARG D 146 -6.89 40.39 -7.02
CA ARG D 146 -7.80 41.12 -7.90
C ARG D 146 -9.24 40.82 -7.51
N PRO D 147 -10.10 41.86 -7.47
CA PRO D 147 -11.50 41.68 -7.06
C PRO D 147 -12.31 40.85 -8.07
N ARG D 148 -13.59 40.65 -7.79
CA ARG D 148 -14.47 39.87 -8.66
C ARG D 148 -14.92 40.65 -9.92
N GLY D 149 -14.40 41.87 -10.09
CA GLY D 149 -14.68 42.74 -11.25
C GLY D 149 -14.22 42.16 -12.58
N ASP D 150 -12.96 42.43 -12.95
CA ASP D 150 -12.38 41.90 -14.20
C ASP D 150 -10.87 41.63 -14.20
N LEU D 151 -10.43 40.87 -15.19
CA LEU D 151 -9.07 40.29 -15.19
C LEU D 151 -8.20 40.74 -16.36
N LEU D 152 -7.34 41.72 -16.12
CA LEU D 152 -6.24 42.03 -17.01
C LEU D 152 -4.94 41.53 -16.38
N GLU D 153 -3.92 41.33 -17.21
CA GLU D 153 -2.70 40.65 -16.80
C GLU D 153 -1.89 41.41 -15.74
N PRO D 154 -1.44 40.69 -14.69
CA PRO D 154 -0.61 41.29 -13.65
C PRO D 154 0.88 40.99 -13.88
N CYS D 155 1.49 41.68 -14.83
CA CYS D 155 2.92 41.55 -15.12
C CYS D 155 3.75 42.17 -13.99
N SER D 156 3.09 43.03 -13.21
CA SER D 156 3.67 43.69 -12.05
C SER D 156 3.96 42.77 -10.85
N CYS D 157 3.37 41.57 -10.86
CA CYS D 157 3.47 40.62 -9.73
C CYS D 157 4.88 40.31 -9.20
N CYS D 158 5.87 40.30 -10.10
CA CYS D 158 7.28 40.18 -9.70
C CYS D 158 7.88 41.54 -9.35
N PHE D 159 7.47 42.58 -10.08
CA PHE D 159 8.06 43.91 -9.96
C PHE D 159 7.72 44.60 -8.64
N ARG D 160 6.49 44.43 -8.16
CA ARG D 160 6.05 45.08 -6.92
C ARG D 160 6.66 44.37 -5.72
N THR D 161 7.48 45.09 -4.96
CA THR D 161 8.21 44.51 -3.84
C THR D 161 7.34 44.29 -2.61
N GLY D 162 6.13 44.85 -2.62
CA GLY D 162 5.18 44.66 -1.53
C GLY D 162 4.25 43.47 -1.71
N ALA D 163 4.36 42.79 -2.86
CA ALA D 163 3.52 41.62 -3.14
C ALA D 163 4.10 40.36 -2.53
N ILE D 164 3.30 39.67 -1.72
CA ILE D 164 3.70 38.40 -1.13
C ILE D 164 3.68 37.26 -2.16
N ALA D 165 2.98 37.46 -3.27
CA ALA D 165 2.74 36.38 -4.22
C ALA D 165 2.72 36.82 -5.69
N ARG D 166 2.75 35.82 -6.57
CA ARG D 166 2.63 36.01 -8.01
C ARG D 166 1.67 34.95 -8.59
N VAL D 167 1.00 35.28 -9.69
CA VAL D 167 0.09 34.34 -10.34
C VAL D 167 0.78 33.62 -11.50
N VAL D 168 0.73 32.30 -11.47
CA VAL D 168 1.27 31.47 -12.55
C VAL D 168 0.42 30.22 -12.68
N ASP D 169 0.10 29.85 -13.91
CA ASP D 169 -0.65 28.63 -14.19
C ASP D 169 0.08 27.74 -15.18
N GLY D 170 -0.21 26.45 -15.13
CA GLY D 170 0.33 25.51 -16.10
C GLY D 170 1.58 24.81 -15.61
N VAL D 171 1.73 23.56 -16.03
CA VAL D 171 2.88 22.73 -15.67
C VAL D 171 4.19 23.39 -16.10
N GLU D 172 4.25 23.86 -17.35
CA GLU D 172 5.46 24.53 -17.84
C GLU D 172 5.55 25.97 -17.36
N GLY D 173 4.42 26.50 -16.90
CA GLY D 173 4.38 27.86 -16.36
C GLY D 173 4.92 27.90 -14.96
N VAL D 174 4.64 26.85 -14.19
CA VAL D 174 5.14 26.75 -12.82
C VAL D 174 6.59 26.30 -12.77
N ARG D 175 7.01 25.46 -13.72
CA ARG D 175 8.41 25.07 -13.84
C ARG D 175 9.28 26.29 -14.07
N LEU D 176 8.86 27.15 -14.99
CA LEU D 176 9.56 28.40 -15.27
C LEU D 176 9.57 29.32 -14.06
N ALA D 177 8.44 29.39 -13.36
CA ALA D 177 8.29 30.19 -12.15
C ALA D 177 9.24 29.77 -11.04
N VAL D 178 9.35 28.45 -10.80
CA VAL D 178 10.27 27.91 -9.79
C VAL D 178 11.72 28.17 -10.16
N ARG D 179 12.06 27.96 -11.43
CA ARG D 179 13.38 28.31 -11.94
C ARG D 179 13.70 29.81 -11.77
N GLU D 180 12.71 30.67 -12.00
CA GLU D 180 12.88 32.10 -11.81
C GLU D 180 13.17 32.47 -10.36
N GLU D 181 12.37 31.92 -9.44
CA GLU D 181 12.49 32.23 -8.02
C GLU D 181 13.80 31.74 -7.40
N ILE D 182 14.29 30.60 -7.88
CA ILE D 182 15.54 30.03 -7.41
C ILE D 182 16.75 30.84 -7.85
N GLN D 183 16.75 31.31 -9.09
CA GLN D 183 17.86 32.11 -9.60
C GLN D 183 17.83 33.51 -9.01
N LYS D 184 16.65 33.96 -8.57
CA LYS D 184 16.54 35.21 -7.83
C LYS D 184 17.15 35.09 -6.44
N GLY D 185 17.22 33.86 -5.93
CA GLY D 185 17.93 33.59 -4.69
C GLY D 185 17.20 32.83 -3.59
N ALA D 186 15.95 32.45 -3.84
CA ALA D 186 15.11 31.76 -2.85
C ALA D 186 15.74 30.48 -2.30
N THR D 187 15.47 30.20 -1.02
CA THR D 187 16.03 29.04 -0.34
C THR D 187 15.03 27.89 -0.21
N GLN D 188 13.75 28.22 -0.29
CA GLN D 188 12.69 27.23 -0.42
C GLN D 188 11.56 27.82 -1.26
N ILE D 189 10.65 26.97 -1.74
CA ILE D 189 9.58 27.42 -2.62
C ILE D 189 8.24 27.36 -1.91
N ILE D 191 4.10 27.56 -2.22
CA ILE D 191 2.89 27.50 -3.04
C ILE D 191 1.62 27.67 -2.21
N MET D 192 0.55 28.13 -2.86
CA MET D 192 -0.78 28.15 -2.29
C MET D 192 -1.53 26.95 -2.86
N ALA D 193 -1.93 26.03 -1.99
CA ALA D 193 -2.48 24.75 -2.41
C ALA D 193 -3.92 24.53 -1.92
N SER D 194 -4.51 25.61 -1.40
CA SER D 194 -5.94 25.64 -1.03
C SER D 194 -6.36 27.10 -0.83
N GLY D 195 -7.66 27.30 -0.66
CA GLY D 195 -8.21 28.64 -0.43
C GLY D 195 -7.84 29.16 0.94
N GLY D 196 -8.08 30.44 1.18
CA GLY D 196 -7.73 31.03 2.46
C GLY D 196 -8.53 32.23 2.90
N VAL D 197 -7.90 33.06 3.73
CA VAL D 197 -8.60 34.13 4.43
C VAL D 197 -8.42 35.49 3.74
N ALA D 198 -7.17 35.95 3.64
CA ALA D 198 -6.86 37.32 3.19
C ALA D 198 -6.95 37.55 1.67
N SER D 199 -7.50 36.58 0.96
CA SER D 199 -7.79 36.72 -0.47
C SER D 199 -9.31 36.70 -0.68
N PRO D 200 -9.83 37.51 -1.62
CA PRO D 200 -11.29 37.71 -1.68
C PRO D 200 -12.13 36.61 -2.35
N THR D 201 -11.67 36.07 -3.48
CA THR D 201 -12.51 35.21 -4.31
C THR D 201 -12.25 33.70 -4.19
N ASP D 202 -11.80 33.24 -3.02
CA ASP D 202 -11.53 31.80 -2.80
C ASP D 202 -11.85 31.26 -1.39
N PRO D 203 -12.91 30.43 -1.29
CA PRO D 203 -13.30 29.73 -0.05
C PRO D 203 -12.21 28.79 0.45
N ILE D 204 -12.07 28.69 1.77
CA ILE D 204 -10.97 27.93 2.39
C ILE D 204 -11.09 26.43 2.16
N ALA D 205 -12.27 26.00 1.70
CA ALA D 205 -12.59 24.57 1.58
C ALA D 205 -12.04 23.92 0.31
N ASN D 206 -11.90 24.70 -0.76
CA ASN D 206 -11.48 24.17 -2.04
C ASN D 206 -10.00 24.29 -2.39
N THR D 207 -9.50 23.28 -3.08
CA THR D 207 -8.08 23.10 -3.35
C THR D 207 -7.60 23.90 -4.55
N GLN D 208 -6.36 24.38 -4.47
CA GLN D 208 -5.70 25.11 -5.55
C GLN D 208 -4.55 24.31 -6.13
N TYR D 209 -4.30 24.53 -7.43
CA TYR D 209 -3.31 23.79 -8.24
C TYR D 209 -3.67 22.33 -8.53
N SER D 210 -3.44 21.92 -9.78
CA SER D 210 -3.57 20.52 -10.17
C SER D 210 -2.37 19.70 -9.69
N GLU D 211 -2.57 18.39 -9.57
CA GLU D 211 -1.52 17.49 -9.07
C GLU D 211 -0.32 17.37 -10.00
N ASP D 212 -0.52 17.72 -11.27
CA ASP D 212 0.58 17.80 -12.24
C ASP D 212 1.36 19.08 -12.07
N GLU D 213 0.69 20.14 -11.62
CA GLU D 213 1.34 21.40 -11.35
C GLU D 213 2.17 21.35 -10.07
N ILE D 214 1.61 20.73 -9.03
CA ILE D 214 2.30 20.59 -7.73
C ILE D 214 3.53 19.67 -7.86
N ARG D 215 3.40 18.59 -8.61
CA ARG D 215 4.54 17.69 -8.85
C ARG D 215 5.66 18.36 -9.64
N ALA D 216 5.30 19.25 -10.55
CA ALA D 216 6.26 19.99 -11.36
C ALA D 216 7.10 20.90 -10.47
N ILE D 217 6.43 21.56 -9.52
CA ILE D 217 7.06 22.47 -8.56
C ILE D 217 7.96 21.70 -7.59
N VAL D 218 7.41 20.66 -6.99
CA VAL D 218 8.14 19.77 -6.08
C VAL D 218 9.43 19.26 -6.72
N ASP D 219 9.34 18.82 -7.96
CA ASP D 219 10.47 18.24 -8.65
C ASP D 219 11.49 19.30 -9.05
N GLU D 220 11.04 20.52 -9.29
CA GLU D 220 11.95 21.60 -9.64
C GLU D 220 12.59 22.20 -8.40
N ALA D 221 11.89 22.08 -7.28
CA ALA D 221 12.46 22.46 -5.99
C ALA D 221 13.52 21.45 -5.60
N GLU D 222 13.16 20.16 -5.63
CA GLU D 222 14.07 19.07 -5.28
C GLU D 222 15.32 19.06 -6.17
N ALA D 223 15.18 19.46 -7.42
CA ALA D 223 16.31 19.50 -8.34
C ALA D 223 17.31 20.59 -7.97
N ALA D 224 16.87 21.61 -7.24
CA ALA D 224 17.77 22.65 -6.73
C ALA D 224 18.10 22.45 -5.26
N ASN D 225 18.11 21.17 -4.85
CA ASN D 225 18.38 20.73 -3.48
C ASN D 225 17.65 21.49 -2.36
N THR D 226 16.35 21.68 -2.56
CA THR D 226 15.49 22.33 -1.58
C THR D 226 14.12 21.61 -1.53
N TYR D 227 13.10 22.27 -1.00
CA TYR D 227 11.79 21.67 -0.75
C TYR D 227 10.64 22.63 -1.00
N VAL D 228 9.41 22.14 -0.88
CA VAL D 228 8.22 22.96 -1.06
C VAL D 228 7.45 23.15 0.25
N MET D 229 7.18 24.40 0.60
CA MET D 229 6.18 24.72 1.63
C MET D 229 4.85 25.06 0.96
N ALA D 230 3.75 24.66 1.59
CA ALA D 230 2.42 24.74 0.96
C ALA D 230 1.29 25.14 1.90
N HIS D 231 0.66 26.28 1.62
CA HIS D 231 -0.54 26.74 2.31
C HIS D 231 -1.72 25.77 2.09
N ALA D 232 -2.27 25.24 3.17
CA ALA D 232 -3.31 24.20 3.10
C ALA D 232 -4.09 24.09 4.40
N TYR D 233 -5.42 24.16 4.31
CA TYR D 233 -6.28 24.18 5.50
C TYR D 233 -6.93 22.84 5.77
N THR D 234 -7.82 22.42 4.87
CA THR D 234 -8.61 21.21 5.02
C THR D 234 -7.76 19.97 4.83
N GLY D 235 -8.20 18.84 5.39
CA GLY D 235 -7.48 17.57 5.28
C GLY D 235 -7.36 17.10 3.85
N ARG D 236 -8.43 17.30 3.08
CA ARG D 236 -8.45 17.00 1.64
C ARG D 236 -7.29 17.67 0.90
N ALA D 237 -7.14 18.98 1.09
CA ALA D 237 -6.09 19.78 0.43
C ALA D 237 -4.68 19.46 0.90
N ILE D 238 -4.57 19.06 2.17
CA ILE D 238 -3.29 18.65 2.75
C ILE D 238 -2.83 17.34 2.12
N ALA D 239 -3.72 16.35 2.13
CA ALA D 239 -3.43 14.99 1.67
C ALA D 239 -2.82 14.95 0.28
N ARG D 240 -3.43 15.67 -0.66
CA ARG D 240 -2.95 15.74 -2.05
C ARG D 240 -1.59 16.40 -2.17
N ALA D 241 -1.40 17.52 -1.46
CA ALA D 241 -0.13 18.25 -1.47
C ALA D 241 1.02 17.38 -0.95
N VAL D 242 0.75 16.68 0.15
CA VAL D 242 1.70 15.76 0.78
C VAL D 242 2.00 14.58 -0.13
N ARG D 243 0.95 14.10 -0.82
CA ARG D 243 1.08 12.99 -1.77
C ARG D 243 1.81 13.37 -3.04
N CYS D 244 1.88 14.67 -3.32
CA CYS D 244 2.65 15.19 -4.44
C CYS D 244 4.08 15.54 -4.04
N GLY D 245 4.35 15.43 -2.73
CA GLY D 245 5.70 15.52 -2.22
C GLY D 245 6.10 16.86 -1.64
N VAL D 246 5.14 17.59 -1.06
CA VAL D 246 5.52 18.81 -0.33
C VAL D 246 6.04 18.41 1.04
N ARG D 247 6.98 19.19 1.55
CA ARG D 247 7.62 18.88 2.81
C ARG D 247 6.90 19.56 3.98
N THR D 248 6.65 20.87 3.90
CA THR D 248 5.96 21.52 5.01
C THR D 248 4.55 22.03 4.65
N ILE D 249 3.62 21.81 5.57
CA ILE D 249 2.25 22.29 5.43
C ILE D 249 2.07 23.47 6.36
N GLU D 250 1.75 24.61 5.78
CA GLU D 250 1.49 25.82 6.55
C GLU D 250 0.05 25.79 7.02
N HIS D 251 -0.17 26.40 8.19
CA HIS D 251 -1.49 26.47 8.85
C HIS D 251 -2.08 25.11 9.23
N GLY D 252 -2.67 24.43 8.25
CA GLY D 252 -3.20 23.10 8.45
C GLY D 252 -4.32 22.99 9.46
N ASN D 253 -5.02 24.11 9.71
CA ASN D 253 -6.06 24.23 10.75
C ASN D 253 -7.16 23.15 10.75
N LEU D 254 -7.57 22.71 9.57
CA LEU D 254 -8.75 21.84 9.48
C LEU D 254 -8.44 20.38 9.15
N VAL D 255 -7.37 19.85 9.75
CA VAL D 255 -7.00 18.44 9.55
C VAL D 255 -7.97 17.45 10.17
N ASP D 256 -8.01 16.26 9.59
CA ASP D 256 -8.53 15.08 10.27
C ASP D 256 -7.33 14.24 10.69
N GLU D 257 -7.57 13.14 11.40
CA GLU D 257 -6.48 12.24 11.82
C GLU D 257 -5.94 11.43 10.65
N ALA D 258 -6.74 11.31 9.59
CA ALA D 258 -6.37 10.58 8.37
C ALA D 258 -5.25 11.27 7.61
N ALA D 259 -5.39 12.58 7.37
CA ALA D 259 -4.38 13.39 6.69
C ALA D 259 -3.16 13.61 7.59
N ALA D 260 -3.40 13.65 8.90
CA ALA D 260 -2.34 13.71 9.90
C ALA D 260 -1.50 12.44 9.93
N LYS D 261 -2.16 11.28 9.77
CA LYS D 261 -1.48 9.98 9.71
C LYS D 261 -0.58 9.90 8.47
N LEU D 262 -1.03 10.56 7.40
CA LEU D 262 -0.32 10.57 6.12
C LEU D 262 0.96 11.39 6.19
N MET D 263 0.91 12.52 6.89
CA MET D 263 2.08 13.36 7.09
C MET D 263 3.17 12.70 7.93
N HIS D 264 2.75 11.89 8.89
CA HIS D 264 3.66 11.09 9.69
C HIS D 264 4.44 10.13 8.81
N GLU D 265 3.72 9.46 7.92
CA GLU D 265 4.31 8.45 7.04
C GLU D 265 5.17 9.04 5.92
N HIS D 266 4.78 10.21 5.43
CA HIS D 266 5.51 10.83 4.33
C HIS D 266 6.66 11.72 4.77
N GLY D 267 6.79 11.92 6.08
CA GLY D 267 7.87 12.73 6.62
C GLY D 267 7.66 14.21 6.37
N ALA D 268 6.44 14.66 6.62
CA ALA D 268 6.06 16.03 6.34
C ALA D 268 5.86 16.82 7.64
N PHE D 269 6.27 18.08 7.61
CA PHE D 269 6.17 18.97 8.77
C PHE D 269 4.91 19.82 8.70
N VAL D 270 4.51 20.37 9.84
CA VAL D 270 3.42 21.34 9.90
C VAL D 270 3.89 22.61 10.58
N VAL D 271 3.52 23.76 10.02
CA VAL D 271 3.71 25.03 10.68
C VAL D 271 2.34 25.66 10.96
N PRO D 272 1.75 25.39 12.14
CA PRO D 272 0.54 26.08 12.55
C PRO D 272 0.84 27.55 12.86
N THR D 273 -0.09 28.45 12.58
CA THR D 273 0.10 29.87 12.88
C THR D 273 -1.14 30.43 13.57
N LEU D 274 -1.41 29.93 14.77
CA LEU D 274 -2.68 30.19 15.45
C LEU D 274 -2.85 31.63 15.93
N VAL D 275 -1.74 32.26 16.31
CA VAL D 275 -1.75 33.62 16.86
C VAL D 275 -2.30 34.68 15.89
N THR D 276 -2.20 34.43 14.59
CA THR D 276 -2.75 35.37 13.60
C THR D 276 -4.25 35.27 13.43
N TYR D 277 -4.84 34.18 13.92
CA TYR D 277 -6.27 34.00 13.79
C TYR D 277 -6.99 34.69 14.94
N ASP D 278 -6.31 34.80 16.07
CA ASP D 278 -6.85 35.54 17.21
C ASP D 278 -6.71 37.03 16.95
N ALA D 279 -5.66 37.40 16.22
CA ALA D 279 -5.35 38.79 15.94
C ALA D 279 -6.35 39.37 14.95
N LEU D 280 -6.72 38.56 13.97
CA LEU D 280 -7.63 39.00 12.92
C LEU D 280 -9.07 38.97 13.36
N ALA D 281 -9.37 38.16 14.37
CA ALA D 281 -10.70 38.16 14.96
C ALA D 281 -10.87 39.43 15.80
N LYS D 282 -9.81 39.83 16.50
CA LYS D 282 -9.80 41.03 17.34
C LYS D 282 -9.70 42.33 16.53
N HIS D 283 -8.58 42.52 15.86
CA HIS D 283 -8.28 43.79 15.18
C HIS D 283 -8.23 43.59 13.65
N GLY D 284 -9.16 42.81 13.12
CA GLY D 284 -9.14 42.45 11.71
C GLY D 284 -9.52 43.58 10.78
N ALA D 285 -10.79 43.99 10.85
CA ALA D 285 -11.29 45.09 10.03
C ALA D 285 -10.76 46.44 10.52
N GLU D 286 -10.33 46.47 11.78
CA GLU D 286 -9.75 47.66 12.42
C GLU D 286 -8.50 48.18 11.70
N PHE D 287 -7.63 47.27 11.30
CA PHE D 287 -6.38 47.64 10.64
C PHE D 287 -6.42 47.53 9.11
N GLY D 288 -7.63 47.38 8.58
CA GLY D 288 -7.87 47.56 7.15
C GLY D 288 -8.13 46.34 6.29
N MET D 289 -8.36 45.19 6.92
CA MET D 289 -8.67 43.97 6.16
C MET D 289 -10.13 43.92 5.70
N PRO D 290 -10.36 43.64 4.39
CA PRO D 290 -11.65 43.40 3.74
C PRO D 290 -12.66 42.59 4.58
N PRO D 291 -13.94 43.00 4.57
CA PRO D 291 -14.99 42.43 5.42
C PRO D 291 -15.26 40.95 5.19
N GLU D 292 -15.15 40.50 3.94
CA GLU D 292 -15.39 39.09 3.60
C GLU D 292 -14.16 38.21 3.84
N SER D 293 -13.03 38.85 4.14
CA SER D 293 -11.84 38.15 4.61
C SER D 293 -11.98 37.85 6.10
N VAL D 294 -12.33 38.86 6.89
CA VAL D 294 -12.60 38.70 8.33
C VAL D 294 -13.82 37.80 8.60
N ALA D 295 -14.73 37.73 7.64
CA ALA D 295 -15.83 36.77 7.67
C ALA D 295 -15.29 35.33 7.64
N LYS D 296 -14.27 35.11 6.80
CA LYS D 296 -13.66 33.80 6.64
C LYS D 296 -12.74 33.40 7.80
N VAL D 297 -12.27 34.38 8.57
CA VAL D 297 -11.29 34.12 9.65
C VAL D 297 -11.90 33.36 10.83
N ALA D 298 -13.22 33.45 10.96
CA ALA D 298 -13.95 32.83 12.05
C ALA D 298 -13.83 31.31 12.02
N SER D 299 -13.92 30.72 10.82
CA SER D 299 -14.04 29.27 10.67
C SER D 299 -12.78 28.45 10.94
N VAL D 300 -11.62 29.09 10.83
CA VAL D 300 -10.33 28.38 10.97
C VAL D 300 -9.71 28.42 12.36
N GLN D 301 -10.14 29.36 13.19
CA GLN D 301 -9.60 29.48 14.55
C GLN D 301 -10.27 28.52 15.53
N GLN D 302 -11.47 28.07 15.19
CA GLN D 302 -12.24 27.13 16.01
C GLN D 302 -11.48 25.83 16.18
N LYS D 303 -11.25 25.16 15.06
CA LYS D 303 -10.54 23.89 15.03
C LYS D 303 -9.03 24.07 15.15
N GLY D 304 -8.60 25.32 15.27
CA GLY D 304 -7.19 25.70 15.33
C GLY D 304 -6.38 25.06 16.45
N ARG D 305 -6.80 25.31 17.69
CA ARG D 305 -6.19 24.68 18.86
C ARG D 305 -6.36 23.17 18.82
N GLU D 306 -7.55 22.72 18.39
CA GLU D 306 -7.90 21.30 18.30
C GLU D 306 -7.01 20.52 17.30
N SER D 307 -6.46 21.23 16.32
CA SER D 307 -5.62 20.62 15.30
C SER D 307 -4.26 20.20 15.87
N LEU D 308 -3.79 20.95 16.87
CA LEU D 308 -2.50 20.69 17.52
C LEU D 308 -2.43 19.34 18.21
N GLU D 309 -3.53 18.91 18.82
CA GLU D 309 -3.64 17.58 19.41
C GLU D 309 -3.61 16.49 18.36
N ILE D 310 -4.33 16.72 17.26
CA ILE D 310 -4.42 15.77 16.14
C ILE D 310 -3.03 15.53 15.55
N TYR D 311 -2.29 16.61 15.37
CA TYR D 311 -0.89 16.56 14.93
C TYR D 311 0.02 15.85 15.93
N ALA D 312 -0.18 16.14 17.22
CA ALA D 312 0.61 15.54 18.28
C ALA D 312 0.34 14.04 18.42
N ASN D 313 -0.92 13.65 18.25
CA ASN D 313 -1.32 12.24 18.35
C ASN D 313 -0.81 11.41 17.19
N ALA D 314 -0.71 12.04 16.01
CA ALA D 314 -0.21 11.36 14.81
C ALA D 314 1.31 11.39 14.74
N GLY D 315 1.92 12.17 15.64
CA GLY D 315 3.36 12.34 15.66
C GLY D 315 3.88 13.12 14.46
N VAL D 316 3.16 14.20 14.11
CA VAL D 316 3.60 15.09 13.06
C VAL D 316 4.42 16.18 13.72
N LYS D 317 5.65 16.38 13.25
CA LYS D 317 6.52 17.44 13.77
C LYS D 317 5.93 18.81 13.50
N MET D 318 5.93 19.66 14.54
CA MET D 318 5.32 20.98 14.44
C MET D 318 6.33 22.08 14.57
N GLY D 319 6.34 22.99 13.61
CA GLY D 319 7.21 24.16 13.64
C GLY D 319 6.50 25.37 14.20
N PHE D 320 7.27 26.39 14.55
CA PHE D 320 6.75 27.64 15.09
C PHE D 320 6.39 28.60 13.96
N GLY D 321 5.15 29.10 13.97
CA GLY D 321 4.72 30.07 12.97
C GLY D 321 3.83 31.16 13.52
N SER D 322 4.06 32.40 13.11
CA SER D 322 3.24 33.53 13.55
C SER D 322 2.27 34.03 12.48
N ASP D 323 2.79 34.31 11.28
CA ASP D 323 2.01 34.75 10.10
C ASP D 323 1.21 36.03 10.32
N LEU D 324 1.80 36.96 11.06
CA LEU D 324 1.10 38.20 11.38
C LEU D 324 1.33 39.24 10.31
N LEU D 325 0.31 40.07 10.08
CA LEU D 325 0.39 41.12 9.07
C LEU D 325 0.33 42.51 9.71
N GLY D 326 1.13 43.43 9.16
CA GLY D 326 1.07 44.83 9.57
C GLY D 326 1.44 45.08 11.01
N GLU D 327 0.62 45.88 11.69
CA GLU D 327 0.90 46.26 13.08
C GLU D 327 0.60 45.14 14.07
N MET D 328 -0.04 44.08 13.59
CA MET D 328 -0.28 42.88 14.38
C MET D 328 0.99 42.03 14.55
N HIS D 329 2.11 42.47 13.96
CA HIS D 329 3.43 41.86 14.17
C HIS D 329 3.89 41.97 15.63
N ALA D 330 3.36 42.97 16.33
CA ALA D 330 3.60 43.19 17.76
C ALA D 330 3.18 42.03 18.68
N PHE D 331 2.48 41.04 18.13
CA PHE D 331 1.98 39.90 18.91
C PHE D 331 2.74 38.60 18.64
N GLN D 332 3.88 38.70 17.98
CA GLN D 332 4.65 37.53 17.51
C GLN D 332 4.96 36.46 18.56
N SER D 333 5.27 36.91 19.78
CA SER D 333 5.62 36.05 20.91
C SER D 333 4.45 35.22 21.39
N GLY D 334 3.24 35.75 21.19
CA GLY D 334 2.00 35.16 21.70
C GLY D 334 1.72 33.73 21.30
N GLU D 335 2.32 33.29 20.19
CA GLU D 335 2.18 31.92 19.70
C GLU D 335 2.77 30.88 20.67
N PHE D 336 3.81 31.26 21.40
CA PHE D 336 4.44 30.38 22.39
C PHE D 336 3.47 30.00 23.49
N ARG D 337 2.79 31.02 24.01
CA ARG D 337 1.84 30.89 25.10
C ARG D 337 0.73 29.94 24.70
N ILE D 338 0.17 30.19 23.51
CA ILE D 338 -0.86 29.36 22.88
C ILE D 338 -0.47 27.87 22.78
N ARG D 339 0.74 27.62 22.28
CA ARG D 339 1.20 26.25 22.08
C ARG D 339 1.53 25.52 23.36
N ALA D 340 2.08 26.24 24.34
CA ALA D 340 2.41 25.66 25.63
C ALA D 340 1.13 25.37 26.42
N GLU D 341 0.12 26.21 26.21
CA GLU D 341 -1.22 25.97 26.76
C GLU D 341 -1.76 24.60 26.35
N VAL D 342 -1.52 24.23 25.09
CA VAL D 342 -2.07 22.98 24.55
C VAL D 342 -1.09 21.81 24.64
N LEU D 343 0.20 22.07 24.37
CA LEU D 343 1.18 21.00 24.26
C LEU D 343 2.20 20.91 25.40
N GLY D 344 2.38 22.00 26.14
CA GLY D 344 3.35 22.02 27.23
C GLY D 344 4.61 22.76 26.85
N ASN D 345 5.21 23.46 27.82
CA ASN D 345 6.30 24.41 27.58
C ASN D 345 7.51 23.87 26.80
N LEU D 346 7.90 22.63 27.09
CA LEU D 346 9.03 21.98 26.42
C LEU D 346 8.77 21.84 24.92
N GLU D 347 7.56 21.39 24.58
CA GLU D 347 7.17 21.17 23.20
C GLU D 347 7.03 22.48 22.45
N ALA D 348 6.59 23.52 23.16
CA ALA D 348 6.43 24.84 22.58
C ALA D 348 7.76 25.53 22.36
N LEU D 349 8.78 25.11 23.11
CA LEU D 349 10.15 25.60 22.89
C LEU D 349 10.80 24.90 21.71
N ARG D 350 10.50 23.60 21.57
CA ARG D 350 10.99 22.79 20.44
C ARG D 350 10.47 23.30 19.10
N SER D 351 9.29 23.91 19.12
CA SER D 351 8.69 24.61 17.97
C SER D 351 9.66 25.57 17.33
N ALA D 352 10.26 26.44 18.15
CA ALA D 352 11.10 27.50 17.64
C ALA D 352 12.57 27.12 17.59
N THR D 353 12.91 25.91 18.04
CA THR D 353 14.31 25.54 18.11
C THR D 353 14.65 24.27 17.33
N THR D 354 14.49 23.10 17.97
CA THR D 354 14.99 21.85 17.43
C THR D 354 14.24 21.38 16.18
N VAL D 355 12.91 21.49 16.20
CA VAL D 355 12.09 21.09 15.05
C VAL D 355 12.24 22.07 13.89
N ALA D 356 12.17 23.37 14.19
CA ALA D 356 12.32 24.45 13.21
C ALA D 356 13.64 24.40 12.42
N ALA D 357 14.73 24.11 13.12
CA ALA D 357 16.04 24.00 12.50
C ALA D 357 16.09 22.86 11.49
N GLU D 358 15.37 21.77 11.79
CA GLU D 358 15.24 20.65 10.87
C GLU D 358 14.43 21.01 9.63
N ILE D 359 13.43 21.89 9.80
CA ILE D 359 12.60 22.41 8.69
C ILE D 359 13.44 23.21 7.68
N VAL D 360 14.29 24.10 8.19
CA VAL D 360 15.17 24.91 7.32
C VAL D 360 16.46 24.16 6.88
N ASN D 361 16.52 22.85 7.16
CA ASN D 361 17.66 21.97 6.86
C ASN D 361 18.98 22.32 7.56
N MET D 362 18.85 22.82 8.79
CA MET D 362 20.00 23.26 9.60
C MET D 362 20.07 22.45 10.89
N GLN D 363 19.79 21.16 10.80
CA GLN D 363 19.87 20.25 11.94
C GLN D 363 21.28 20.17 12.51
N GLY D 364 21.42 20.52 13.79
CA GLY D 364 22.72 20.59 14.44
C GLY D 364 23.59 21.74 13.96
N GLN D 365 22.94 22.78 13.45
CA GLN D 365 23.63 23.98 12.99
C GLN D 365 22.94 25.18 13.62
N LEU D 366 21.63 25.11 13.68
CA LEU D 366 20.83 26.07 14.39
C LEU D 366 19.93 25.31 15.37
N GLY D 367 19.28 26.04 16.28
CA GLY D 367 18.35 25.46 17.26
C GLY D 367 18.93 24.50 18.28
N VAL D 368 20.23 24.62 18.55
CA VAL D 368 20.91 23.78 19.55
C VAL D 368 22.12 24.51 20.13
N ILE D 369 22.32 24.38 21.46
CA ILE D 369 23.55 24.81 22.10
C ILE D 369 24.47 23.59 22.21
N ALA D 370 25.30 23.39 21.20
CA ALA D 370 26.19 22.26 21.15
C ALA D 370 27.49 22.69 20.48
N VAL D 371 28.53 21.90 20.71
CA VAL D 371 29.85 22.16 20.14
C VAL D 371 29.76 21.96 18.64
N GLY D 372 29.98 23.05 17.90
CA GLY D 372 29.90 23.03 16.45
C GLY D 372 28.84 23.95 15.88
N ALA D 373 27.75 24.14 16.62
CA ALA D 373 26.60 24.91 16.16
C ALA D 373 26.90 26.41 15.98
N ILE D 374 26.05 27.09 15.22
CA ILE D 374 26.17 28.55 15.05
C ILE D 374 25.75 29.21 16.36
N ALA D 375 26.39 30.32 16.69
CA ALA D 375 26.17 31.03 17.94
C ALA D 375 24.96 31.99 17.92
N ASP D 376 23.81 31.46 17.53
CA ASP D 376 22.56 32.20 17.63
C ASP D 376 21.93 31.87 18.97
N LEU D 377 22.23 32.71 19.96
CA LEU D 377 21.83 32.47 21.33
C LEU D 377 20.99 33.59 21.93
N VAL D 378 20.15 33.20 22.89
CA VAL D 378 19.27 34.13 23.57
C VAL D 378 19.42 33.93 25.08
N VAL D 379 19.57 35.04 25.80
CA VAL D 379 19.70 35.05 27.25
C VAL D 379 18.41 35.55 27.92
N LEU D 380 17.83 34.69 28.73
CA LEU D 380 16.49 34.88 29.29
C LEU D 380 16.49 35.06 30.81
N ASP D 381 15.72 36.02 31.29
CA ASP D 381 15.49 36.23 32.73
C ASP D 381 14.31 35.40 33.23
N GLY D 382 14.58 34.17 33.63
CA GLY D 382 13.53 33.26 34.06
C GLY D 382 13.68 31.92 33.37
N ASN D 383 12.88 30.95 33.78
CA ASN D 383 12.91 29.62 33.21
C ASN D 383 11.65 29.37 32.40
N PRO D 384 11.80 29.30 31.06
CA PRO D 384 10.68 29.05 30.13
C PRO D 384 10.00 27.71 30.33
N LEU D 385 10.72 26.75 30.90
CA LEU D 385 10.14 25.44 31.24
C LEU D 385 9.13 25.56 32.38
N GLU D 386 9.37 26.51 33.28
CA GLU D 386 8.46 26.78 34.38
C GLU D 386 7.37 27.74 33.92
N ASP D 387 7.79 28.92 33.49
CA ASP D 387 6.87 29.97 33.05
C ASP D 387 7.13 30.36 31.59
N ILE D 388 6.17 30.02 30.72
CA ILE D 388 6.26 30.32 29.29
C ILE D 388 6.22 31.82 28.97
N GLY D 389 5.85 32.63 29.97
CA GLY D 389 5.80 34.07 29.84
C GLY D 389 7.15 34.74 29.62
N VAL D 390 8.23 34.09 30.04
CA VAL D 390 9.57 34.69 29.92
C VAL D 390 10.01 34.77 28.46
N VAL D 391 9.25 34.07 27.61
CA VAL D 391 9.50 33.94 26.18
C VAL D 391 8.30 34.54 25.40
N ALA D 392 7.11 34.49 25.99
CA ALA D 392 5.89 34.94 25.32
C ALA D 392 5.38 36.32 25.78
N ASP D 393 6.28 37.19 26.23
CA ASP D 393 5.86 38.53 26.69
C ASP D 393 6.52 39.66 25.90
N GLU D 394 6.52 39.49 24.57
CA GLU D 394 7.01 40.50 23.63
C GLU D 394 8.44 40.95 23.95
N GLY D 395 9.27 39.99 24.32
CA GLY D 395 10.67 40.24 24.62
C GLY D 395 10.97 41.04 25.87
N ALA D 396 10.12 40.90 26.89
CA ALA D 396 10.29 41.63 28.15
C ALA D 396 11.47 41.10 28.93
N ARG D 397 11.60 39.77 28.99
CA ARG D 397 12.63 39.14 29.79
C ARG D 397 13.77 38.57 28.96
N VAL D 398 14.14 39.27 27.88
CA VAL D 398 15.33 38.89 27.11
C VAL D 398 16.35 40.03 27.12
N GLU D 399 17.49 39.79 27.76
CA GLU D 399 18.52 40.83 27.87
C GLU D 399 19.58 40.77 26.78
N TYR D 400 20.03 39.58 26.43
CA TYR D 400 21.03 39.47 25.39
C TYR D 400 20.57 38.62 24.23
N VAL D 401 20.75 39.14 23.01
CA VAL D 401 20.56 38.36 21.79
C VAL D 401 21.89 38.30 21.05
N LEU D 402 22.36 37.09 20.76
CA LEU D 402 23.58 36.89 20.00
C LEU D 402 23.27 36.23 18.69
N GLN D 403 23.90 36.71 17.63
CA GLN D 403 23.63 36.25 16.28
C GLN D 403 24.97 36.08 15.59
N ARG D 404 25.32 34.82 15.28
CA ARG D 404 26.59 34.41 14.68
C ARG D 404 27.81 34.93 15.45
N GLY D 405 27.74 34.87 16.78
CA GLY D 405 28.85 35.31 17.61
C GLY D 405 28.71 36.73 18.11
N THR D 406 28.35 37.67 17.24
CA THR D 406 28.22 39.06 17.64
C THR D 406 26.93 39.34 18.43
N LEU D 407 27.05 40.23 19.41
CA LEU D 407 25.94 40.61 20.29
C LEU D 407 25.17 41.77 19.64
N VAL D 408 23.87 41.55 19.43
CA VAL D 408 23.04 42.50 18.66
C VAL D 408 22.06 43.29 19.52
N LYS D 409 21.55 42.66 20.58
CA LYS D 409 20.64 43.36 21.49
C LYS D 409 21.10 43.26 22.95
N ARG D 410 21.11 44.40 23.62
CA ARG D 410 21.34 44.48 25.06
C ARG D 410 20.22 45.31 25.64
N GLN D 411 19.40 44.69 26.49
CA GLN D 411 18.13 45.29 26.93
C GLN D 411 17.91 45.18 28.43
N THR E 4 47.60 15.65 -57.70
CA THR E 4 46.45 15.04 -56.94
C THR E 4 46.86 13.88 -56.04
N ILE E 5 48.02 13.27 -56.34
CA ILE E 5 48.52 12.12 -55.57
C ILE E 5 49.80 12.39 -54.74
N THR E 6 49.70 12.19 -53.44
CA THR E 6 50.79 12.40 -52.49
C THR E 6 51.20 11.06 -51.88
N VAL E 7 52.49 10.87 -51.65
CA VAL E 7 52.97 9.69 -50.91
C VAL E 7 53.83 10.14 -49.73
N LEU E 8 53.44 9.72 -48.53
CA LEU E 8 54.28 9.91 -47.35
C LEU E 8 55.19 8.71 -47.19
N GLN E 9 56.49 8.93 -47.38
CA GLN E 9 57.44 7.82 -47.52
C GLN E 9 58.38 7.63 -46.34
N GLY E 10 58.64 6.36 -46.03
CA GLY E 10 59.58 5.96 -44.97
C GLY E 10 59.12 6.24 -43.56
N GLY E 11 57.81 6.41 -43.38
CA GLY E 11 57.25 6.80 -42.08
C GLY E 11 57.12 5.68 -41.07
N ASN E 12 56.98 6.07 -39.81
CA ASN E 12 56.65 5.13 -38.75
C ASN E 12 55.16 5.27 -38.41
N VAL E 13 54.33 4.50 -39.10
CA VAL E 13 52.87 4.60 -39.00
C VAL E 13 52.36 4.04 -37.68
N LEU E 14 51.66 4.89 -36.91
CA LEU E 14 51.07 4.49 -35.63
C LEU E 14 49.81 3.66 -35.85
N ASP E 15 49.87 2.41 -35.41
CA ASP E 15 48.73 1.52 -35.42
C ASP E 15 48.13 1.52 -34.01
N LEU E 16 46.91 2.06 -33.88
CA LEU E 16 46.29 2.30 -32.58
C LEU E 16 45.61 1.09 -31.96
N GLU E 17 44.94 0.30 -32.79
CA GLU E 17 44.27 -0.93 -32.35
C GLU E 17 45.27 -2.07 -32.09
N ARG E 18 46.45 -1.96 -32.69
CA ARG E 18 47.54 -2.91 -32.48
C ARG E 18 48.54 -2.38 -31.44
N GLY E 19 48.56 -1.07 -31.26
CA GLY E 19 49.34 -0.43 -30.21
C GLY E 19 50.83 -0.39 -30.47
N VAL E 20 51.21 -0.30 -31.74
CA VAL E 20 52.62 -0.33 -32.14
C VAL E 20 52.90 0.62 -33.30
N LEU E 21 54.18 0.87 -33.55
CA LEU E 21 54.61 1.60 -34.74
C LEU E 21 54.87 0.63 -35.88
N LEU E 22 54.53 1.05 -37.09
CA LEU E 22 54.83 0.28 -38.29
C LEU E 22 55.87 1.04 -39.12
N GLU E 23 57.13 0.80 -38.79
CA GLU E 23 58.27 1.51 -39.37
C GLU E 23 58.49 1.23 -40.86
N HIS E 24 59.01 2.26 -41.55
CA HIS E 24 59.29 2.24 -43.00
C HIS E 24 58.07 1.90 -43.87
N HIS E 25 56.88 2.21 -43.37
CA HIS E 25 55.64 2.02 -44.11
C HIS E 25 55.26 3.30 -44.86
N HIS E 26 54.75 3.12 -46.08
CA HIS E 26 54.38 4.22 -46.94
C HIS E 26 52.87 4.40 -46.97
N VAL E 27 52.42 5.66 -46.97
CA VAL E 27 51.00 5.97 -47.05
C VAL E 27 50.70 6.66 -48.39
N VAL E 28 49.76 6.09 -49.14
CA VAL E 28 49.42 6.62 -50.45
C VAL E 28 48.11 7.41 -50.40
N ILE E 29 48.21 8.68 -50.77
CA ILE E 29 47.07 9.60 -50.76
C ILE E 29 46.73 10.01 -52.18
N ASP E 30 45.50 9.72 -52.60
CA ASP E 30 45.00 10.25 -53.87
C ASP E 30 43.74 11.05 -53.63
N GLY E 31 43.81 12.35 -53.89
CA GLY E 31 42.70 13.26 -53.66
C GLY E 31 42.56 13.51 -52.18
N GLU E 32 41.44 13.08 -51.60
CA GLU E 32 41.13 13.33 -50.20
C GLU E 32 41.27 12.10 -49.29
N ARG E 33 41.49 10.94 -49.88
CA ARG E 33 41.43 9.67 -49.13
C ARG E 33 42.78 8.98 -48.90
N ILE E 34 42.72 7.76 -48.37
CA ILE E 34 43.89 6.90 -48.16
C ILE E 34 43.74 5.66 -49.04
N VAL E 35 44.69 5.47 -49.95
CA VAL E 35 44.58 4.44 -50.99
C VAL E 35 45.44 3.19 -50.72
N GLU E 36 46.65 3.39 -50.19
CA GLU E 36 47.50 2.25 -49.82
C GLU E 36 48.40 2.53 -48.64
N VAL E 37 48.37 1.61 -47.67
CA VAL E 37 49.37 1.55 -46.61
C VAL E 37 50.19 0.26 -46.80
N THR E 38 51.47 0.43 -47.13
CA THR E 38 52.36 -0.70 -47.39
C THR E 38 53.82 -0.35 -47.08
N ASP E 39 54.63 -1.39 -46.86
CA ASP E 39 56.08 -1.22 -46.68
C ASP E 39 56.85 -1.51 -47.97
N ARG E 40 56.14 -2.06 -48.96
CA ARG E 40 56.68 -2.40 -50.28
C ARG E 40 57.29 -1.18 -51.00
N PRO E 41 58.30 -1.42 -51.88
CA PRO E 41 58.92 -0.38 -52.70
C PRO E 41 57.90 0.52 -53.39
N VAL E 42 57.99 1.81 -53.13
CA VAL E 42 57.01 2.78 -53.61
C VAL E 42 57.22 3.14 -55.10
N ASP E 43 56.22 2.80 -55.92
CA ASP E 43 56.19 3.21 -57.32
C ASP E 43 55.64 4.63 -57.39
N LEU E 44 56.46 5.57 -57.86
CA LEU E 44 56.07 6.98 -57.94
C LEU E 44 56.02 7.51 -59.38
N PRO E 45 54.85 7.38 -60.06
CA PRO E 45 54.73 8.00 -61.37
C PRO E 45 54.49 9.51 -61.27
N ASN E 46 53.24 9.93 -61.11
CA ASN E 46 52.88 11.34 -60.97
C ASN E 46 52.70 11.75 -59.50
N ALA E 47 53.45 11.09 -58.61
CA ALA E 47 53.30 11.28 -57.18
C ALA E 47 54.21 12.39 -56.66
N GLN E 48 53.59 13.39 -56.02
CA GLN E 48 54.36 14.42 -55.32
C GLN E 48 54.60 13.94 -53.88
N ALA E 49 55.74 13.28 -53.68
CA ALA E 49 56.06 12.67 -52.40
C ALA E 49 56.54 13.67 -51.35
N ILE E 50 56.48 13.27 -50.08
CA ILE E 50 57.10 14.00 -48.97
C ILE E 50 57.95 13.00 -48.16
N ASP E 51 59.23 13.33 -47.99
CA ASP E 51 60.18 12.45 -47.31
C ASP E 51 60.07 12.49 -45.79
N VAL E 52 59.39 11.50 -45.23
CA VAL E 52 59.17 11.42 -43.78
C VAL E 52 59.88 10.20 -43.17
N ARG E 53 61.19 10.10 -43.37
CA ARG E 53 61.94 9.00 -42.79
C ARG E 53 62.23 9.29 -41.31
N GLY E 54 62.13 8.25 -40.49
CA GLY E 54 62.43 8.33 -39.05
C GLY E 54 61.53 9.22 -38.22
N LYS E 55 60.28 9.41 -38.67
CA LYS E 55 59.31 10.24 -37.96
C LYS E 55 57.95 9.55 -37.89
N THR E 56 57.24 9.75 -36.77
CA THR E 56 55.96 9.08 -36.53
C THR E 56 54.82 9.70 -37.34
N VAL E 57 54.15 8.86 -38.11
CA VAL E 57 52.95 9.26 -38.85
C VAL E 57 51.73 8.69 -38.12
N MET E 58 50.75 9.54 -37.86
CA MET E 58 49.56 9.14 -37.11
C MET E 58 48.34 9.94 -37.60
N PRO E 59 47.10 9.49 -37.26
CA PRO E 59 45.93 10.27 -37.66
C PRO E 59 45.85 11.60 -36.91
N GLY E 60 45.15 12.57 -37.50
CA GLY E 60 44.95 13.88 -36.88
C GLY E 60 44.06 13.80 -35.66
N PHE E 61 44.31 14.67 -34.69
CA PHE E 61 43.63 14.59 -33.40
C PHE E 61 42.23 15.19 -33.48
N ILE E 62 41.29 14.55 -32.80
CA ILE E 62 39.92 15.04 -32.71
C ILE E 62 39.61 15.43 -31.26
N ASP E 63 39.33 16.72 -31.05
CA ASP E 63 38.91 17.21 -29.75
C ASP E 63 37.39 17.23 -29.70
N CYS E 64 36.83 16.48 -28.75
CA CYS E 64 35.38 16.30 -28.64
C CYS E 64 34.66 17.35 -27.80
N HIS E 65 35.40 18.31 -27.25
CA HIS E 65 34.80 19.38 -26.48
C HIS E 65 35.60 20.68 -26.56
N VAL E 66 35.30 21.49 -27.56
CA VAL E 66 35.89 22.83 -27.67
C VAL E 66 34.83 23.92 -27.57
N HIS E 67 35.29 25.14 -27.38
CA HIS E 67 34.47 26.32 -27.57
C HIS E 67 35.25 27.29 -28.43
N VAL E 68 35.29 26.98 -29.72
CA VAL E 68 35.97 27.78 -30.74
C VAL E 68 35.69 29.29 -30.65
N LEU E 69 34.50 29.65 -30.17
CA LEU E 69 34.09 31.05 -30.05
C LEU E 69 34.25 31.68 -28.66
N ALA E 70 34.82 30.93 -27.71
CA ALA E 70 35.12 31.48 -26.40
C ALA E 70 36.38 32.35 -26.48
N SER E 71 36.17 33.64 -26.75
CA SER E 71 37.27 34.56 -26.96
C SER E 71 37.83 35.11 -25.66
N ASN E 72 37.01 35.12 -24.61
CA ASN E 72 37.48 35.46 -23.26
C ASN E 72 36.77 34.72 -22.12
N ALA E 73 37.50 34.50 -21.03
CA ALA E 73 37.12 33.60 -19.92
C ALA E 73 35.82 33.94 -19.16
N ASN E 74 35.38 35.19 -19.26
CA ASN E 74 34.08 35.56 -18.72
C ASN E 74 33.03 35.35 -19.79
N LEU E 75 32.37 34.20 -19.72
CA LEU E 75 31.37 33.78 -20.72
C LEU E 75 30.17 34.71 -20.79
N GLY E 76 29.83 35.32 -19.64
CA GLY E 76 28.81 36.35 -19.57
C GLY E 76 29.19 37.58 -20.38
N VAL E 77 30.46 37.98 -20.31
CA VAL E 77 30.93 39.13 -21.08
C VAL E 77 31.31 38.75 -22.51
N ASN E 78 31.55 37.46 -22.74
CA ASN E 78 31.83 36.92 -24.06
C ASN E 78 30.57 36.93 -24.93
N ALA E 79 29.43 36.71 -24.28
CA ALA E 79 28.14 36.72 -24.96
C ALA E 79 27.68 38.13 -25.31
N THR E 80 28.23 39.13 -24.63
CA THR E 80 27.82 40.53 -24.83
C THR E 80 28.71 41.31 -25.81
N GLN E 81 29.78 40.66 -26.28
CA GLN E 81 30.67 41.29 -27.26
C GLN E 81 29.98 41.35 -28.63
N PRO E 82 30.20 42.44 -29.38
CA PRO E 82 29.63 42.63 -30.73
C PRO E 82 29.77 41.41 -31.65
N ASN E 83 28.77 41.21 -32.51
CA ASN E 83 28.68 40.03 -33.36
C ASN E 83 29.86 39.80 -34.28
N ILE E 84 30.25 40.85 -35.01
CA ILE E 84 31.41 40.83 -35.90
C ILE E 84 32.69 40.56 -35.10
N LEU E 85 32.93 41.36 -34.06
CA LEU E 85 34.09 41.18 -33.18
C LEU E 85 34.23 39.79 -32.56
N ALA E 86 33.10 39.16 -32.28
CA ALA E 86 33.07 37.79 -31.75
C ALA E 86 33.57 36.80 -32.79
N ALA E 87 33.13 36.99 -34.02
CA ALA E 87 33.48 36.09 -35.12
C ALA E 87 34.97 36.17 -35.45
N ILE E 88 35.49 37.38 -35.47
CA ILE E 88 36.88 37.65 -35.83
C ILE E 88 37.82 36.99 -34.82
N ARG E 89 37.51 37.16 -33.54
CA ARG E 89 38.35 36.65 -32.44
C ARG E 89 38.46 35.12 -32.39
N SER E 90 37.54 34.43 -33.07
CA SER E 90 37.53 32.96 -33.08
C SER E 90 38.44 32.38 -34.16
N LEU E 91 39.00 33.25 -35.00
CA LEU E 91 39.85 32.84 -36.12
C LEU E 91 41.30 32.47 -35.76
N PRO E 92 41.97 33.23 -34.86
CA PRO E 92 43.24 32.72 -34.37
C PRO E 92 43.10 31.45 -33.53
N ILE E 93 41.99 31.33 -32.80
CA ILE E 93 41.66 30.15 -32.00
C ILE E 93 41.66 28.88 -32.86
N LEU E 94 41.00 28.96 -34.02
CA LEU E 94 40.92 27.84 -34.95
C LEU E 94 42.29 27.49 -35.50
N ASP E 95 43.05 28.52 -35.87
CA ASP E 95 44.36 28.36 -36.50
C ASP E 95 45.38 27.72 -35.55
N ALA E 96 45.29 28.09 -34.28
CA ALA E 96 46.16 27.55 -33.23
C ALA E 96 45.89 26.07 -32.96
N MET E 97 44.62 25.69 -33.03
CA MET E 97 44.20 24.29 -32.82
C MET E 97 44.71 23.39 -33.93
N LEU E 98 44.65 23.90 -35.16
CA LEU E 98 45.04 23.16 -36.35
C LEU E 98 46.55 22.92 -36.38
N SER E 99 47.31 23.92 -35.94
CA SER E 99 48.75 23.82 -35.85
C SER E 99 49.20 22.93 -34.69
N ARG E 100 48.32 22.72 -33.72
CA ARG E 100 48.56 21.79 -32.61
C ARG E 100 48.28 20.36 -33.03
N GLY E 101 47.83 20.18 -34.26
CA GLY E 101 47.58 18.88 -34.84
C GLY E 101 46.12 18.46 -34.83
N PHE E 102 45.26 19.32 -34.31
CA PHE E 102 43.83 19.03 -34.26
C PHE E 102 43.20 19.30 -35.61
N THR E 103 42.88 18.21 -36.31
CA THR E 103 42.32 18.28 -37.67
C THR E 103 40.81 18.33 -37.65
N SER E 104 40.22 17.90 -36.53
CA SER E 104 38.77 17.90 -36.36
C SER E 104 38.44 18.30 -34.93
N VAL E 105 37.45 19.18 -34.77
CA VAL E 105 36.95 19.50 -33.44
C VAL E 105 35.44 19.35 -33.36
N ARG E 106 34.94 19.08 -32.15
CA ARG E 106 33.51 19.07 -31.90
C ARG E 106 33.21 20.25 -30.98
N ASP E 107 32.42 21.19 -31.48
CA ASP E 107 32.09 22.38 -30.71
C ASP E 107 30.89 22.11 -29.83
N ALA E 108 30.92 22.67 -28.63
CA ALA E 108 29.90 22.41 -27.61
C ALA E 108 29.04 23.64 -27.34
N GLY E 109 28.68 24.36 -28.40
CA GLY E 109 27.88 25.56 -28.27
C GLY E 109 28.69 26.81 -28.56
N GLY E 110 28.11 27.69 -29.37
CA GLY E 110 28.83 28.86 -29.84
C GLY E 110 28.99 28.83 -31.35
N ALA E 111 29.62 27.78 -31.87
CA ALA E 111 29.87 27.68 -33.30
C ALA E 111 28.69 27.08 -34.04
N ASP E 112 28.48 27.56 -35.26
CA ASP E 112 27.35 27.15 -36.08
C ASP E 112 27.76 26.52 -37.40
N TRP E 113 26.80 26.40 -38.30
CA TRP E 113 26.99 25.86 -39.63
C TRP E 113 27.82 26.79 -40.53
N SER E 114 27.73 28.10 -40.29
CA SER E 114 28.50 29.11 -41.04
C SER E 114 30.01 28.91 -40.89
N LEU E 115 30.46 28.78 -39.65
CA LEU E 115 31.88 28.52 -39.34
C LEU E 115 32.37 27.19 -39.87
N MET E 116 31.49 26.18 -39.79
CA MET E 116 31.76 24.86 -40.31
C MET E 116 31.97 24.91 -41.82
N GLN E 117 31.17 25.71 -42.51
CA GLN E 117 31.29 25.90 -43.96
C GLN E 117 32.54 26.70 -44.33
N ALA E 118 32.89 27.66 -43.47
CA ALA E 118 34.06 28.51 -43.66
C ALA E 118 35.38 27.73 -43.64
N VAL E 119 35.45 26.69 -42.82
CA VAL E 119 36.62 25.81 -42.82
C VAL E 119 36.54 24.73 -43.90
N GLU E 120 35.33 24.39 -44.32
CA GLU E 120 35.14 23.34 -45.34
C GLU E 120 35.39 23.85 -46.75
N THR E 121 34.86 25.03 -47.05
CA THR E 121 35.14 25.69 -48.34
C THR E 121 36.56 26.23 -48.37
N GLY E 122 37.21 26.27 -47.21
CA GLY E 122 38.63 26.64 -47.12
C GLY E 122 38.85 28.12 -47.12
N LEU E 123 37.77 28.87 -46.86
CA LEU E 123 37.82 30.32 -46.71
C LEU E 123 38.52 30.71 -45.40
N VAL E 124 38.54 29.78 -44.46
CA VAL E 124 39.10 30.00 -43.12
C VAL E 124 40.03 28.85 -42.75
N SER E 125 41.18 29.17 -42.14
CA SER E 125 42.08 28.14 -41.66
C SER E 125 41.63 27.57 -40.31
N GLY E 126 41.49 26.25 -40.25
CA GLY E 126 41.12 25.58 -39.01
C GLY E 126 40.83 24.10 -39.18
N PRO E 127 40.46 23.41 -38.08
CA PRO E 127 39.98 22.03 -38.12
C PRO E 127 38.54 21.92 -38.62
N ARG E 128 38.13 20.71 -38.99
CA ARG E 128 36.75 20.43 -39.40
C ARG E 128 35.84 20.49 -38.18
N ILE E 129 34.82 21.34 -38.26
CA ILE E 129 33.93 21.57 -37.12
C ILE E 129 32.70 20.65 -37.14
N PHE E 130 32.32 20.15 -35.98
CA PHE E 130 31.04 19.49 -35.79
C PHE E 130 30.23 20.33 -34.80
N PRO E 131 29.45 21.30 -35.32
CA PRO E 131 28.83 22.32 -34.48
C PRO E 131 27.60 21.84 -33.71
N SER E 132 27.35 22.49 -32.57
CA SER E 132 26.19 22.22 -31.75
C SER E 132 25.22 23.39 -31.80
N GLY E 133 25.66 24.49 -32.40
CA GLY E 133 24.87 25.70 -32.45
C GLY E 133 24.86 26.39 -31.11
N LYS E 134 23.74 26.29 -30.40
CA LYS E 134 23.65 26.83 -29.06
C LYS E 134 23.33 25.71 -28.09
N ALA E 135 24.05 25.69 -26.97
CA ALA E 135 23.80 24.74 -25.91
C ALA E 135 22.44 25.05 -25.31
N LEU E 136 21.66 24.01 -25.06
CA LEU E 136 20.33 24.22 -24.50
C LEU E 136 20.39 24.23 -22.98
N SER E 137 20.03 25.38 -22.40
CA SER E 137 20.05 25.56 -20.97
C SER E 137 18.67 25.95 -20.46
N GLN E 138 18.41 25.64 -19.20
CA GLN E 138 17.17 26.07 -18.56
C GLN E 138 17.37 27.44 -17.93
N THR E 139 16.30 28.00 -17.35
CA THR E 139 16.38 29.29 -16.66
C THR E 139 17.10 29.11 -15.33
N GLY E 140 18.06 30.01 -15.07
CA GLY E 140 18.94 29.91 -13.92
C GLY E 140 19.90 28.75 -14.10
N GLY E 141 20.02 28.30 -15.34
CA GLY E 141 20.86 27.17 -15.67
C GLY E 141 22.30 27.53 -15.91
N HIS E 142 23.07 26.55 -16.37
CA HIS E 142 24.49 26.72 -16.61
C HIS E 142 24.79 27.61 -17.83
N GLY E 143 23.76 27.88 -18.63
CA GLY E 143 23.88 28.81 -19.74
C GLY E 143 23.25 30.17 -19.46
N ASP E 144 22.43 30.24 -18.42
CA ASP E 144 21.80 31.50 -18.03
C ASP E 144 22.82 32.35 -17.28
N PHE E 145 23.46 33.26 -18.01
CA PHE E 145 24.52 34.10 -17.46
C PHE E 145 24.04 35.40 -16.84
N ARG E 146 22.73 35.53 -16.66
CA ARG E 146 22.16 36.68 -15.98
C ARG E 146 22.55 36.65 -14.51
N PRO E 147 22.78 37.83 -13.90
CA PRO E 147 23.15 37.88 -12.48
C PRO E 147 21.96 37.57 -11.56
N ARG E 148 22.15 37.73 -10.25
CA ARG E 148 21.09 37.42 -9.29
C ARG E 148 19.94 38.46 -9.27
N GLY E 149 20.22 39.67 -9.80
CA GLY E 149 19.29 40.80 -9.79
C GLY E 149 17.89 40.59 -10.35
N ASP E 150 17.76 40.60 -11.67
CA ASP E 150 16.45 40.46 -12.34
C ASP E 150 16.50 39.72 -13.68
N LEU E 151 15.31 39.36 -14.18
CA LEU E 151 15.17 38.52 -15.37
C LEU E 151 14.35 39.18 -16.47
N LEU E 152 15.03 39.90 -17.36
CA LEU E 152 14.42 40.47 -18.57
C LEU E 152 14.61 39.53 -19.74
N GLU E 153 13.65 39.52 -20.66
CA GLU E 153 13.61 38.57 -21.79
C GLU E 153 14.83 38.64 -22.72
N PRO E 154 15.53 37.49 -22.89
CA PRO E 154 16.66 37.40 -23.79
C PRO E 154 16.30 36.80 -25.16
N CYS E 155 15.68 37.61 -26.02
CA CYS E 155 15.42 37.22 -27.41
C CYS E 155 16.73 37.25 -28.21
N SER E 156 17.75 37.88 -27.64
CA SER E 156 19.10 37.91 -28.18
C SER E 156 19.97 36.72 -27.73
N CYS E 157 19.32 35.65 -27.27
CA CYS E 157 19.99 34.36 -27.03
C CYS E 157 20.52 33.82 -28.37
N CYS E 158 19.69 33.95 -29.41
CA CYS E 158 20.06 33.53 -30.76
C CYS E 158 20.80 34.61 -31.56
N PHE E 159 20.42 35.87 -31.34
CA PHE E 159 21.01 37.01 -32.09
C PHE E 159 22.51 37.20 -31.86
N ARG E 160 22.93 37.13 -30.59
CA ARG E 160 24.34 37.31 -30.24
C ARG E 160 25.15 36.07 -30.61
N THR E 161 26.15 36.26 -31.47
CA THR E 161 26.95 35.16 -31.99
C THR E 161 28.03 34.71 -31.01
N GLY E 162 28.31 35.53 -30.01
CA GLY E 162 29.25 35.20 -28.94
C GLY E 162 28.64 34.45 -27.78
N ALA E 163 27.35 34.16 -27.88
CA ALA E 163 26.63 33.38 -26.89
C ALA E 163 26.91 31.89 -27.07
N ILE E 164 27.32 31.25 -25.98
CA ILE E 164 27.65 29.84 -25.96
C ILE E 164 26.38 29.00 -25.92
N ALA E 165 25.38 29.51 -25.21
CA ALA E 165 24.15 28.78 -24.93
C ALA E 165 22.88 29.62 -25.17
N ARG E 166 21.75 28.95 -25.31
CA ARG E 166 20.46 29.63 -25.31
C ARG E 166 19.57 29.08 -24.19
N VAL E 167 18.67 29.91 -23.71
CA VAL E 167 17.80 29.56 -22.58
C VAL E 167 16.39 29.18 -23.05
N VAL E 168 16.04 27.91 -22.92
CA VAL E 168 14.70 27.43 -23.25
C VAL E 168 14.20 26.45 -22.20
N ASP E 169 12.95 26.62 -21.78
CA ASP E 169 12.34 25.78 -20.77
C ASP E 169 11.11 25.10 -21.32
N GLY E 170 10.83 23.90 -20.83
CA GLY E 170 9.59 23.22 -21.13
C GLY E 170 9.68 22.26 -22.30
N VAL E 171 8.88 21.21 -22.26
CA VAL E 171 8.92 20.13 -23.25
C VAL E 171 8.66 20.61 -24.68
N GLU E 172 7.58 21.37 -24.88
CA GLU E 172 7.32 21.90 -26.22
C GLU E 172 8.27 23.04 -26.59
N GLY E 173 8.79 23.73 -25.58
CA GLY E 173 9.79 24.76 -25.80
C GLY E 173 11.11 24.20 -26.30
N VAL E 174 11.61 23.16 -25.64
CA VAL E 174 12.90 22.56 -26.01
C VAL E 174 12.80 21.71 -27.27
N ARG E 175 11.59 21.21 -27.56
CA ARG E 175 11.36 20.42 -28.75
C ARG E 175 11.54 21.32 -29.95
N LEU E 176 10.91 22.49 -29.89
CA LEU E 176 11.05 23.51 -30.90
C LEU E 176 12.49 24.00 -31.04
N ALA E 177 13.18 24.15 -29.91
CA ALA E 177 14.58 24.60 -29.91
C ALA E 177 15.56 23.62 -30.56
N VAL E 178 15.31 22.31 -30.41
CA VAL E 178 16.13 21.29 -31.09
C VAL E 178 15.87 21.34 -32.59
N ARG E 179 14.59 21.40 -32.97
CA ARG E 179 14.20 21.52 -34.38
C ARG E 179 14.77 22.78 -35.05
N GLU E 180 14.81 23.88 -34.31
CA GLU E 180 15.47 25.12 -34.75
C GLU E 180 16.99 24.95 -34.91
N GLU E 181 17.65 24.43 -33.88
CA GLU E 181 19.12 24.27 -33.90
C GLU E 181 19.60 23.30 -34.98
N ILE E 182 18.81 22.27 -35.24
CA ILE E 182 19.12 21.31 -36.30
C ILE E 182 18.95 21.93 -37.69
N GLN E 183 17.89 22.73 -37.87
CA GLN E 183 17.67 23.37 -39.17
C GLN E 183 18.69 24.48 -39.44
N LYS E 184 19.20 25.10 -38.37
CA LYS E 184 20.33 26.02 -38.47
C LYS E 184 21.61 25.30 -38.86
N GLY E 185 21.59 23.97 -38.86
CA GLY E 185 22.69 23.16 -39.40
C GLY E 185 23.66 22.54 -38.41
N ALA E 186 23.18 22.22 -37.21
CA ALA E 186 24.01 21.56 -36.20
C ALA E 186 24.18 20.09 -36.56
N THR E 187 25.26 19.48 -36.08
CA THR E 187 25.51 18.05 -36.32
C THR E 187 25.20 17.20 -35.08
N GLN E 188 25.18 17.83 -33.92
CA GLN E 188 24.73 17.18 -32.67
C GLN E 188 24.16 18.21 -31.71
N ILE E 189 23.46 17.76 -30.68
CA ILE E 189 22.74 18.65 -29.79
C ILE E 189 23.40 18.70 -28.42
N ILE E 191 23.24 19.98 -24.42
CA ILE E 191 22.44 20.46 -23.28
C ILE E 191 23.26 20.56 -21.98
N MET E 192 22.72 21.28 -21.00
CA MET E 192 23.30 21.38 -19.67
C MET E 192 22.42 20.64 -18.69
N ALA E 193 22.83 19.42 -18.34
CA ALA E 193 22.04 18.56 -17.46
C ALA E 193 22.33 18.76 -15.96
N SER E 194 23.27 19.64 -15.65
CA SER E 194 23.61 19.95 -14.25
C SER E 194 24.12 21.39 -14.08
N GLY E 195 24.58 21.70 -12.87
CA GLY E 195 25.21 22.96 -12.57
C GLY E 195 26.66 22.96 -13.01
N GLY E 196 27.30 24.13 -12.93
CA GLY E 196 28.68 24.27 -13.40
C GLY E 196 29.50 25.37 -12.75
N VAL E 197 30.68 25.61 -13.32
CA VAL E 197 31.65 26.56 -12.76
C VAL E 197 31.43 27.99 -13.27
N ALA E 198 31.29 28.15 -14.58
CA ALA E 198 31.32 29.49 -15.23
C ALA E 198 30.02 30.31 -15.16
N SER E 199 28.96 29.76 -14.56
CA SER E 199 27.67 30.45 -14.49
C SER E 199 27.38 31.00 -13.09
N PRO E 200 26.91 32.28 -13.01
CA PRO E 200 26.80 33.04 -11.77
C PRO E 200 25.83 32.54 -10.68
N THR E 201 24.80 31.77 -11.06
CA THR E 201 23.73 31.44 -10.11
C THR E 201 23.71 30.00 -9.56
N ASP E 202 24.14 29.03 -10.35
CA ASP E 202 23.92 27.60 -10.03
C ASP E 202 25.09 26.85 -9.38
N PRO E 203 24.81 26.12 -8.29
CA PRO E 203 25.74 25.19 -7.65
C PRO E 203 26.02 23.96 -8.50
N ILE E 204 27.17 23.32 -8.28
CA ILE E 204 27.58 22.12 -9.01
C ILE E 204 26.69 20.91 -8.67
N ALA E 205 26.28 20.82 -7.41
CA ALA E 205 25.59 19.62 -6.87
C ALA E 205 24.19 19.39 -7.45
N ASN E 206 23.49 20.47 -7.78
CA ASN E 206 22.14 20.32 -8.30
C ASN E 206 22.05 20.04 -9.80
N THR E 207 21.00 19.31 -10.18
CA THR E 207 20.71 18.91 -11.56
C THR E 207 19.91 19.98 -12.31
N GLN E 208 19.94 19.91 -13.64
CA GLN E 208 19.18 20.83 -14.48
C GLN E 208 18.39 20.11 -15.56
N TYR E 209 17.28 20.72 -15.98
CA TYR E 209 16.23 20.11 -16.84
C TYR E 209 15.51 18.91 -16.20
N SER E 210 14.22 18.81 -16.47
CA SER E 210 13.44 17.68 -15.99
C SER E 210 13.71 16.49 -16.88
N GLU E 211 13.30 15.30 -16.44
CA GLU E 211 13.46 14.09 -17.25
C GLU E 211 12.60 14.17 -18.50
N ASP E 212 11.42 14.78 -18.38
CA ASP E 212 10.51 15.08 -19.50
C ASP E 212 11.19 15.90 -20.60
N GLU E 213 11.99 16.88 -20.20
CA GLU E 213 12.69 17.75 -21.13
C GLU E 213 13.85 17.07 -21.83
N ILE E 214 14.65 16.31 -21.08
CA ILE E 214 15.80 15.61 -21.64
C ILE E 214 15.35 14.55 -22.63
N ARG E 215 14.31 13.80 -22.26
CA ARG E 215 13.71 12.79 -23.14
C ARG E 215 13.24 13.38 -24.48
N ALA E 216 12.61 14.56 -24.44
CA ALA E 216 12.16 15.26 -25.64
C ALA E 216 13.31 15.69 -26.51
N ILE E 217 14.37 16.21 -25.88
CA ILE E 217 15.59 16.64 -26.58
C ILE E 217 16.25 15.44 -27.27
N VAL E 218 16.37 14.34 -26.53
CA VAL E 218 16.90 13.08 -27.08
C VAL E 218 16.06 12.58 -28.26
N ASP E 219 14.74 12.53 -28.09
CA ASP E 219 13.81 12.09 -29.13
C ASP E 219 13.93 12.87 -30.44
N GLU E 220 14.10 14.18 -30.34
CA GLU E 220 14.22 15.03 -31.53
C GLU E 220 15.56 14.90 -32.24
N ALA E 221 16.61 14.71 -31.45
CA ALA E 221 17.95 14.49 -31.99
C ALA E 221 18.06 13.12 -32.65
N GLU E 222 17.48 12.11 -32.01
CA GLU E 222 17.50 10.74 -32.55
C GLU E 222 16.72 10.63 -33.84
N ALA E 223 15.70 11.48 -33.99
CA ALA E 223 14.87 11.54 -35.18
C ALA E 223 15.46 12.46 -36.25
N ALA E 224 16.72 12.86 -36.06
CA ALA E 224 17.47 13.62 -37.04
C ALA E 224 18.80 12.94 -37.23
N ASN E 225 18.80 11.64 -36.90
CA ASN E 225 19.96 10.75 -37.03
C ASN E 225 21.24 11.29 -36.38
N THR E 226 21.07 11.81 -35.15
CA THR E 226 22.18 12.27 -34.32
C THR E 226 21.88 12.01 -32.83
N TYR E 227 22.57 12.73 -31.95
CA TYR E 227 22.59 12.41 -30.52
C TYR E 227 22.68 13.67 -29.65
N VAL E 228 22.62 13.47 -28.33
CA VAL E 228 22.74 14.56 -27.37
C VAL E 228 24.00 14.40 -26.51
N MET E 229 24.83 15.45 -26.48
CA MET E 229 25.89 15.56 -25.48
C MET E 229 25.38 16.38 -24.30
N ALA E 230 25.66 15.91 -23.09
CA ALA E 230 25.13 16.55 -21.89
C ALA E 230 26.23 16.93 -20.90
N HIS E 231 26.08 18.12 -20.34
CA HIS E 231 27.00 18.62 -19.33
C HIS E 231 26.52 18.12 -17.98
N ALA E 232 27.36 17.34 -17.31
CA ALA E 232 27.02 16.77 -16.01
C ALA E 232 28.28 16.48 -15.20
N TYR E 233 28.22 16.75 -13.90
CA TYR E 233 29.33 16.48 -12.98
C TYR E 233 29.05 15.31 -12.04
N THR E 234 28.02 15.47 -11.23
CA THR E 234 27.67 14.52 -10.18
C THR E 234 27.08 13.26 -10.78
N GLY E 235 27.25 12.13 -10.09
CA GLY E 235 26.72 10.85 -10.55
C GLY E 235 25.21 10.81 -10.59
N ARG E 236 24.58 11.60 -9.71
CA ARG E 236 23.12 11.79 -9.70
C ARG E 236 22.65 12.41 -11.01
N ALA E 237 23.33 13.48 -11.44
CA ALA E 237 22.99 14.17 -12.68
C ALA E 237 23.37 13.36 -13.92
N ILE E 238 24.45 12.59 -13.82
CA ILE E 238 24.92 11.73 -14.91
C ILE E 238 23.95 10.58 -15.14
N ALA E 239 23.51 9.94 -14.06
CA ALA E 239 22.65 8.76 -14.15
C ALA E 239 21.30 9.05 -14.83
N ARG E 240 20.67 10.15 -14.44
CA ARG E 240 19.35 10.51 -15.00
C ARG E 240 19.43 10.93 -16.45
N ALA E 241 20.52 11.61 -16.81
CA ALA E 241 20.75 12.03 -18.19
C ALA E 241 20.90 10.82 -19.10
N VAL E 242 21.71 9.85 -18.66
CA VAL E 242 22.00 8.65 -19.45
C VAL E 242 20.77 7.74 -19.53
N ARG E 243 19.99 7.71 -18.45
CA ARG E 243 18.71 7.00 -18.42
C ARG E 243 17.66 7.57 -19.38
N CYS E 244 17.71 8.89 -19.60
CA CYS E 244 16.86 9.51 -20.61
C CYS E 244 17.38 9.29 -22.03
N GLY E 245 18.68 9.01 -22.14
CA GLY E 245 19.25 8.57 -23.42
C GLY E 245 20.31 9.45 -24.06
N VAL E 246 21.01 10.25 -23.27
CA VAL E 246 22.11 11.06 -23.81
C VAL E 246 23.26 10.14 -24.18
N ARG E 247 23.96 10.47 -25.26
CA ARG E 247 24.96 9.57 -25.82
C ARG E 247 26.34 9.83 -25.22
N THR E 248 26.72 11.09 -25.10
CA THR E 248 27.99 11.42 -24.47
C THR E 248 27.78 12.30 -23.25
N ILE E 249 28.62 12.09 -22.23
CA ILE E 249 28.62 12.90 -21.02
C ILE E 249 29.87 13.77 -20.97
N GLU E 250 29.65 15.09 -20.92
CA GLU E 250 30.72 16.06 -20.85
C GLU E 250 31.20 16.25 -19.42
N HIS E 251 32.52 16.36 -19.27
CA HIS E 251 33.24 16.39 -17.99
C HIS E 251 33.03 15.12 -17.18
N GLY E 252 32.04 15.14 -16.29
CA GLY E 252 31.71 13.98 -15.48
C GLY E 252 32.67 13.78 -14.33
N ASN E 253 33.15 14.88 -13.77
CA ASN E 253 34.19 14.88 -12.74
C ASN E 253 33.84 14.16 -11.43
N LEU E 254 32.56 14.15 -11.07
CA LEU E 254 32.14 13.66 -9.77
C LEU E 254 31.32 12.36 -9.80
N VAL E 255 31.67 11.46 -10.72
CA VAL E 255 31.06 10.12 -10.82
C VAL E 255 31.29 9.25 -9.59
N ASP E 256 30.30 8.41 -9.31
CA ASP E 256 30.50 7.22 -8.49
C ASP E 256 30.61 6.04 -9.45
N GLU E 257 31.07 4.89 -8.95
CA GLU E 257 31.18 3.71 -9.82
C GLU E 257 29.82 3.18 -10.26
N ALA E 258 28.80 3.44 -9.44
CA ALA E 258 27.42 3.09 -9.73
C ALA E 258 26.93 3.70 -11.05
N ALA E 259 27.21 4.98 -11.25
CA ALA E 259 26.80 5.70 -12.46
C ALA E 259 27.63 5.31 -13.68
N ALA E 260 28.93 5.09 -13.46
CA ALA E 260 29.83 4.65 -14.53
C ALA E 260 29.46 3.28 -15.07
N LYS E 261 29.05 2.38 -14.16
CA LYS E 261 28.56 1.04 -14.51
C LYS E 261 27.34 1.15 -15.42
N LEU E 262 26.45 2.08 -15.11
CA LEU E 262 25.25 2.37 -15.88
C LEU E 262 25.57 2.92 -17.27
N MET E 263 26.55 3.82 -17.34
CA MET E 263 27.02 4.37 -18.61
C MET E 263 27.58 3.32 -19.55
N HIS E 264 28.32 2.37 -18.99
CA HIS E 264 28.89 1.26 -19.75
C HIS E 264 27.77 0.39 -20.33
N GLU E 265 26.74 0.14 -19.54
CA GLU E 265 25.62 -0.70 -19.94
C GLU E 265 24.74 -0.05 -21.01
N HIS E 266 24.66 1.28 -20.99
CA HIS E 266 23.92 2.02 -22.01
C HIS E 266 24.77 2.35 -23.24
N GLY E 267 26.08 2.15 -23.11
CA GLY E 267 27.01 2.42 -24.21
C GLY E 267 27.26 3.90 -24.37
N ALA E 268 27.12 4.64 -23.27
CA ALA E 268 27.38 6.07 -23.25
C ALA E 268 28.88 6.38 -23.25
N PHE E 269 29.25 7.48 -23.89
CA PHE E 269 30.65 7.92 -23.95
C PHE E 269 30.89 9.03 -22.93
N VAL E 270 32.16 9.22 -22.57
CA VAL E 270 32.52 10.29 -21.64
C VAL E 270 33.60 11.17 -22.27
N VAL E 271 33.38 12.47 -22.26
CA VAL E 271 34.43 13.40 -22.65
C VAL E 271 34.85 14.20 -21.42
N PRO E 272 35.86 13.71 -20.69
CA PRO E 272 36.39 14.53 -19.59
C PRO E 272 37.27 15.63 -20.16
N THR E 273 37.36 16.75 -19.44
CA THR E 273 38.11 17.91 -19.92
C THR E 273 38.96 18.46 -18.79
N LEU E 274 39.88 17.64 -18.30
CA LEU E 274 40.67 17.94 -17.10
C LEU E 274 41.56 19.17 -17.19
N VAL E 275 42.02 19.49 -18.39
CA VAL E 275 42.94 20.60 -18.62
C VAL E 275 42.31 21.98 -18.39
N THR E 276 40.98 22.06 -18.41
CA THR E 276 40.33 23.35 -18.20
C THR E 276 40.36 23.81 -16.75
N TYR E 277 40.37 22.85 -15.81
CA TYR E 277 40.29 23.18 -14.39
C TYR E 277 41.64 23.53 -13.79
N ASP E 278 42.69 22.92 -14.33
CA ASP E 278 44.06 23.23 -13.95
C ASP E 278 44.44 24.62 -14.44
N ALA E 279 44.01 24.94 -15.67
CA ALA E 279 44.19 26.28 -16.23
C ALA E 279 43.40 27.34 -15.47
N LEU E 280 42.20 26.96 -15.01
CA LEU E 280 41.36 27.85 -14.21
C LEU E 280 41.84 27.99 -12.76
N ALA E 281 42.65 27.04 -12.30
CA ALA E 281 43.22 27.10 -10.95
C ALA E 281 44.26 28.21 -10.82
N LYS E 282 45.16 28.29 -11.80
CA LYS E 282 46.21 29.30 -11.80
C LYS E 282 45.74 30.64 -12.37
N HIS E 283 45.14 30.58 -13.55
CA HIS E 283 44.86 31.78 -14.33
C HIS E 283 43.37 32.15 -14.34
N GLY E 284 42.65 31.72 -13.31
CA GLY E 284 41.19 31.91 -13.23
C GLY E 284 40.74 33.34 -13.09
N ALA E 285 40.81 33.86 -11.87
CA ALA E 285 40.43 35.26 -11.58
C ALA E 285 41.39 36.23 -12.26
N GLU E 286 42.60 35.75 -12.55
CA GLU E 286 43.62 36.48 -13.30
C GLU E 286 43.15 36.85 -14.72
N PHE E 287 42.43 35.95 -15.38
CA PHE E 287 41.93 36.21 -16.73
C PHE E 287 40.45 36.62 -16.81
N GLY E 288 39.98 37.31 -15.77
CA GLY E 288 38.72 38.04 -15.81
C GLY E 288 37.45 37.25 -15.54
N MET E 289 37.58 35.97 -15.21
CA MET E 289 36.42 35.18 -14.85
C MET E 289 36.00 35.58 -13.48
N PRO E 290 34.73 35.46 -13.19
CA PRO E 290 34.19 35.87 -11.91
C PRO E 290 34.67 35.12 -10.68
N PRO E 291 34.86 35.87 -9.62
CA PRO E 291 35.40 35.39 -8.36
C PRO E 291 34.54 34.32 -7.78
N GLU E 292 33.24 34.46 -7.88
CA GLU E 292 32.36 33.45 -7.37
C GLU E 292 32.56 32.17 -8.14
N SER E 293 32.74 32.27 -9.44
CA SER E 293 32.96 31.11 -10.28
C SER E 293 34.25 30.37 -10.00
N VAL E 294 35.30 31.10 -9.72
CA VAL E 294 36.57 30.47 -9.38
C VAL E 294 36.40 29.67 -8.11
N ALA E 295 35.63 30.22 -7.19
CA ALA E 295 35.32 29.56 -5.93
C ALA E 295 34.85 28.12 -6.16
N LYS E 296 34.00 27.93 -7.16
CA LYS E 296 33.42 26.63 -7.47
C LYS E 296 34.38 25.64 -8.12
N VAL E 297 35.42 26.18 -8.78
CA VAL E 297 36.33 25.40 -9.63
C VAL E 297 37.25 24.43 -8.86
N ALA E 298 37.48 24.72 -7.58
CA ALA E 298 38.32 23.90 -6.72
C ALA E 298 37.67 22.55 -6.41
N SER E 299 36.35 22.54 -6.31
CA SER E 299 35.57 21.34 -5.96
C SER E 299 35.56 20.25 -7.03
N VAL E 300 35.61 20.63 -8.30
CA VAL E 300 35.54 19.65 -9.40
C VAL E 300 36.89 19.17 -9.90
N GLN E 301 37.97 19.90 -9.59
CA GLN E 301 39.31 19.48 -9.98
C GLN E 301 39.94 18.48 -9.01
N GLN E 302 39.34 18.36 -7.82
CA GLN E 302 39.77 17.38 -6.82
C GLN E 302 39.65 15.98 -7.38
N LYS E 303 38.41 15.54 -7.62
CA LYS E 303 38.14 14.19 -8.13
C LYS E 303 38.43 14.02 -9.62
N GLY E 304 38.97 15.07 -10.27
CA GLY E 304 39.22 15.08 -11.70
C GLY E 304 40.00 13.91 -12.26
N ARG E 305 41.20 13.69 -11.74
CA ARG E 305 42.04 12.55 -12.15
C ARG E 305 41.50 11.22 -11.63
N GLU E 306 40.89 11.27 -10.44
CA GLU E 306 40.29 10.11 -9.80
C GLU E 306 39.16 9.52 -10.65
N SER E 307 38.37 10.40 -11.27
CA SER E 307 37.26 10.02 -12.13
C SER E 307 37.68 9.18 -13.33
N LEU E 308 38.83 9.52 -13.92
CA LEU E 308 39.40 8.82 -15.07
C LEU E 308 39.59 7.32 -14.83
N GLU E 309 40.02 6.96 -13.62
CA GLU E 309 40.20 5.56 -13.25
C GLU E 309 38.88 4.81 -13.08
N ILE E 310 37.85 5.54 -12.60
CA ILE E 310 36.50 4.98 -12.45
C ILE E 310 35.91 4.57 -13.82
N TYR E 311 36.05 5.45 -14.81
CA TYR E 311 35.58 5.16 -16.16
C TYR E 311 36.32 3.99 -16.76
N ALA E 312 37.64 3.98 -16.56
CA ALA E 312 38.52 2.92 -17.06
C ALA E 312 38.10 1.56 -16.53
N ASN E 313 37.87 1.49 -15.21
CA ASN E 313 37.50 0.25 -14.54
C ASN E 313 36.09 -0.23 -14.87
N ALA E 314 35.18 0.71 -15.13
CA ALA E 314 33.82 0.36 -15.51
C ALA E 314 33.71 -0.05 -16.99
N GLY E 315 34.69 0.34 -17.79
CA GLY E 315 34.71 0.00 -19.21
C GLY E 315 33.98 1.00 -20.09
N VAL E 316 33.83 2.22 -19.58
CA VAL E 316 33.22 3.32 -20.34
C VAL E 316 34.28 3.98 -21.21
N LYS E 317 33.94 4.20 -22.47
CA LYS E 317 34.85 4.86 -23.43
C LYS E 317 35.05 6.34 -23.09
N MET E 318 36.28 6.83 -23.34
CA MET E 318 36.65 8.20 -22.99
C MET E 318 37.21 8.98 -24.19
N GLY E 319 36.65 10.15 -24.45
CA GLY E 319 37.07 10.99 -25.56
C GLY E 319 37.92 12.17 -25.15
N PHE E 320 38.77 12.63 -26.05
CA PHE E 320 39.63 13.78 -25.78
C PHE E 320 38.82 15.07 -25.81
N GLY E 321 38.97 15.87 -24.75
CA GLY E 321 38.35 17.19 -24.69
C GLY E 321 39.19 18.18 -23.91
N SER E 322 39.31 19.40 -24.43
CA SER E 322 40.06 20.44 -23.74
C SER E 322 39.17 21.41 -22.95
N ASP E 323 38.20 22.00 -23.65
CA ASP E 323 37.23 22.96 -23.07
C ASP E 323 37.90 24.21 -22.50
N LEU E 324 38.97 24.66 -23.13
CA LEU E 324 39.65 25.85 -22.66
C LEU E 324 38.98 27.13 -23.16
N LEU E 325 39.04 28.17 -22.34
CA LEU E 325 38.37 29.42 -22.64
C LEU E 325 39.33 30.58 -22.78
N GLY E 326 39.12 31.38 -23.82
CA GLY E 326 39.86 32.63 -24.03
C GLY E 326 41.33 32.43 -24.31
N GLU E 327 42.16 33.11 -23.52
CA GLU E 327 43.60 33.06 -23.68
C GLU E 327 44.19 31.73 -23.21
N MET E 328 43.46 31.04 -22.33
CA MET E 328 43.86 29.70 -21.87
C MET E 328 43.74 28.61 -22.94
N HIS E 329 43.31 29.01 -24.16
CA HIS E 329 43.25 28.11 -25.31
C HIS E 329 44.62 27.57 -25.69
N ALA E 330 45.66 28.23 -25.20
CA ALA E 330 47.05 27.86 -25.45
C ALA E 330 47.48 26.50 -24.88
N PHE E 331 46.87 26.09 -23.76
CA PHE E 331 47.25 24.84 -23.09
C PHE E 331 46.55 23.60 -23.66
N GLN E 332 46.01 23.70 -24.87
CA GLN E 332 45.08 22.71 -25.42
C GLN E 332 45.61 21.28 -25.47
N SER E 333 46.89 21.14 -25.81
CA SER E 333 47.49 19.82 -25.98
C SER E 333 47.87 19.14 -24.66
N GLY E 334 47.85 19.91 -23.57
CA GLY E 334 48.23 19.42 -22.24
C GLY E 334 47.39 18.30 -21.68
N GLU E 335 46.16 18.17 -22.20
CA GLU E 335 45.22 17.11 -21.81
C GLU E 335 45.76 15.70 -22.12
N PHE E 336 46.58 15.59 -23.17
CA PHE E 336 47.28 14.34 -23.52
C PHE E 336 48.18 13.84 -22.39
N ARG E 337 48.87 14.79 -21.74
CA ARG E 337 49.78 14.47 -20.67
C ARG E 337 49.03 14.05 -19.42
N ILE E 338 47.96 14.77 -19.11
CA ILE E 338 47.13 14.49 -17.92
C ILE E 338 46.56 13.07 -17.96
N ARG E 339 46.04 12.69 -19.13
CA ARG E 339 45.49 11.36 -19.32
C ARG E 339 46.55 10.27 -19.26
N ALA E 340 47.71 10.50 -19.89
CA ALA E 340 48.82 9.54 -19.89
C ALA E 340 49.39 9.32 -18.49
N GLU E 341 49.34 10.37 -17.67
CA GLU E 341 49.74 10.30 -16.26
C GLU E 341 48.84 9.40 -15.41
N VAL E 342 47.63 9.10 -15.92
CA VAL E 342 46.64 8.31 -15.19
C VAL E 342 46.38 6.97 -15.89
N LEU E 343 46.44 6.99 -17.23
CA LEU E 343 46.01 5.85 -18.05
C LEU E 343 47.08 5.27 -18.99
N GLY E 344 48.14 6.04 -19.24
CA GLY E 344 49.21 5.59 -20.13
C GLY E 344 48.97 6.05 -21.55
N ASN E 345 50.04 6.47 -22.23
CA ASN E 345 49.92 7.19 -23.51
C ASN E 345 49.37 6.45 -24.73
N LEU E 346 49.17 5.13 -24.64
CA LEU E 346 48.44 4.42 -25.68
C LEU E 346 46.96 4.80 -25.55
N GLU E 347 46.48 4.84 -24.30
CA GLU E 347 45.11 5.19 -24.00
C GLU E 347 44.85 6.68 -24.21
N ALA E 348 45.86 7.50 -23.88
CA ALA E 348 45.78 8.95 -24.04
C ALA E 348 45.73 9.38 -25.50
N LEU E 349 46.28 8.54 -26.39
CA LEU E 349 46.25 8.78 -27.83
C LEU E 349 45.03 8.16 -28.50
N ARG E 350 44.43 7.17 -27.85
CA ARG E 350 43.17 6.60 -28.34
C ARG E 350 42.02 7.56 -28.11
N SER E 351 42.18 8.40 -27.08
CA SER E 351 41.24 9.47 -26.74
C SER E 351 40.97 10.43 -27.89
N ALA E 352 42.01 10.79 -28.63
CA ALA E 352 41.91 11.80 -29.68
C ALA E 352 41.74 11.23 -31.08
N THR E 353 41.77 9.92 -31.20
CA THR E 353 41.70 9.30 -32.52
C THR E 353 40.53 8.33 -32.63
N THR E 354 40.75 7.08 -32.21
CA THR E 354 39.80 5.99 -32.43
C THR E 354 38.48 6.17 -31.69
N VAL E 355 38.56 6.49 -30.39
CA VAL E 355 37.37 6.69 -29.55
C VAL E 355 36.67 7.99 -29.95
N ALA E 356 37.46 9.02 -30.25
CA ALA E 356 36.96 10.32 -30.66
C ALA E 356 36.20 10.25 -31.97
N ALA E 357 36.74 9.48 -32.92
CA ALA E 357 36.09 9.29 -34.22
C ALA E 357 34.82 8.46 -34.12
N GLU E 358 34.76 7.62 -33.08
CA GLU E 358 33.55 6.85 -32.81
C GLU E 358 32.48 7.79 -32.25
N ILE E 359 32.90 8.72 -31.40
CA ILE E 359 32.02 9.69 -30.77
C ILE E 359 31.29 10.56 -31.80
N VAL E 360 32.01 11.05 -32.80
CA VAL E 360 31.41 11.89 -33.84
C VAL E 360 30.74 11.09 -34.96
N ASN E 361 30.61 9.78 -34.74
CA ASN E 361 30.05 8.83 -35.72
C ASN E 361 30.74 8.87 -37.09
N MET E 362 32.06 8.82 -37.04
CA MET E 362 32.91 8.80 -38.22
C MET E 362 33.87 7.61 -38.10
N GLN E 363 33.43 6.54 -37.44
CA GLN E 363 34.25 5.34 -37.27
C GLN E 363 34.66 4.75 -38.63
N GLY E 364 35.96 4.53 -38.78
CA GLY E 364 36.53 4.05 -40.04
C GLY E 364 36.49 5.09 -41.16
N GLN E 365 36.58 6.36 -40.78
CA GLN E 365 36.64 7.46 -41.74
C GLN E 365 37.66 8.46 -41.24
N LEU E 366 37.54 8.81 -39.96
CA LEU E 366 38.56 9.56 -39.24
C LEU E 366 39.17 8.68 -38.15
N GLY E 367 40.28 9.13 -37.60
CA GLY E 367 40.87 8.48 -36.42
C GLY E 367 41.78 7.28 -36.64
N VAL E 368 41.87 6.80 -37.88
CA VAL E 368 42.69 5.61 -38.18
C VAL E 368 43.34 5.65 -39.59
N ILE E 369 44.63 5.30 -39.64
CA ILE E 369 45.33 5.18 -40.93
C ILE E 369 45.08 3.82 -41.55
N ALA E 370 44.09 3.77 -42.43
CA ALA E 370 43.74 2.57 -43.17
C ALA E 370 43.18 2.97 -44.52
N VAL E 371 43.28 2.04 -45.47
CA VAL E 371 42.76 2.23 -46.83
C VAL E 371 41.26 2.52 -46.81
N GLY E 372 40.89 3.71 -47.30
CA GLY E 372 39.49 4.12 -47.35
C GLY E 372 39.20 5.36 -46.53
N ALA E 373 40.00 5.59 -45.49
CA ALA E 373 39.83 6.72 -44.57
C ALA E 373 40.21 8.06 -45.20
N ILE E 374 39.71 9.16 -44.61
CA ILE E 374 40.08 10.51 -45.03
C ILE E 374 41.52 10.80 -44.59
N ALA E 375 42.25 11.53 -45.42
CA ALA E 375 43.67 11.80 -45.14
C ALA E 375 43.90 13.01 -44.23
N ASP E 376 43.40 12.92 -43.00
CA ASP E 376 43.71 13.87 -41.95
C ASP E 376 44.89 13.33 -41.17
N LEU E 377 46.10 13.77 -41.52
CA LEU E 377 47.30 13.16 -40.98
C LEU E 377 48.23 14.15 -40.26
N VAL E 378 48.92 13.63 -39.25
CA VAL E 378 49.87 14.41 -38.47
C VAL E 378 51.21 13.68 -38.41
N VAL E 379 52.26 14.38 -38.84
CA VAL E 379 53.62 13.88 -38.80
C VAL E 379 54.30 14.45 -37.56
N LEU E 380 54.79 13.55 -36.72
CA LEU E 380 55.32 13.91 -35.42
C LEU E 380 56.82 13.62 -35.35
N ASP E 381 57.56 14.49 -34.66
CA ASP E 381 59.01 14.34 -34.47
C ASP E 381 59.27 13.56 -33.17
N GLY E 382 59.43 12.25 -33.31
CA GLY E 382 59.65 11.39 -32.15
C GLY E 382 58.50 10.45 -31.93
N ASN E 383 58.62 9.60 -30.91
CA ASN E 383 57.66 8.54 -30.64
C ASN E 383 56.75 8.88 -29.45
N PRO E 384 55.43 9.05 -29.72
CA PRO E 384 54.43 9.34 -28.69
C PRO E 384 54.15 8.20 -27.68
N LEU E 385 54.38 6.96 -28.07
CA LEU E 385 54.19 5.82 -27.16
C LEU E 385 55.29 5.76 -26.10
N GLU E 386 56.45 6.33 -26.42
CA GLU E 386 57.57 6.41 -25.50
C GLU E 386 57.48 7.71 -24.68
N ASP E 387 57.36 8.83 -25.39
CA ASP E 387 57.23 10.14 -24.74
C ASP E 387 55.95 10.83 -25.17
N ILE E 388 55.02 11.00 -24.22
CA ILE E 388 53.77 11.72 -24.46
C ILE E 388 54.01 13.23 -24.59
N GLY E 389 55.20 13.66 -24.16
CA GLY E 389 55.64 15.04 -24.30
C GLY E 389 55.73 15.54 -25.73
N VAL E 390 55.87 14.62 -26.69
CA VAL E 390 55.96 14.98 -28.11
C VAL E 390 54.63 15.51 -28.68
N VAL E 391 53.54 15.26 -27.96
CA VAL E 391 52.20 15.67 -28.38
C VAL E 391 51.67 16.76 -27.48
N ALA E 392 52.00 16.66 -26.19
CA ALA E 392 51.42 17.49 -25.14
C ALA E 392 52.32 18.64 -24.72
N ASP E 393 52.75 19.42 -25.71
CA ASP E 393 53.62 20.57 -25.44
C ASP E 393 53.31 21.72 -26.41
N GLU E 394 52.01 22.03 -26.53
CA GLU E 394 51.46 23.05 -27.44
C GLU E 394 51.75 22.77 -28.93
N GLY E 395 51.90 21.49 -29.26
CA GLY E 395 52.28 21.07 -30.60
C GLY E 395 53.65 21.57 -31.01
N ALA E 396 54.65 21.26 -30.19
CA ALA E 396 56.03 21.68 -30.45
C ALA E 396 56.69 20.80 -31.49
N ARG E 397 56.40 19.49 -31.43
CA ARG E 397 57.10 18.50 -32.24
C ARG E 397 56.27 17.99 -33.45
N VAL E 398 55.36 18.83 -33.94
CA VAL E 398 54.62 18.54 -35.17
C VAL E 398 55.06 19.48 -36.30
N GLU E 399 55.51 18.90 -37.41
CA GLU E 399 56.00 19.69 -38.53
C GLU E 399 55.14 19.59 -39.79
N TYR E 400 54.29 18.56 -39.86
CA TYR E 400 53.34 18.44 -40.97
C TYR E 400 51.93 18.08 -40.51
N VAL E 401 50.95 18.84 -41.00
CA VAL E 401 49.53 18.52 -40.79
C VAL E 401 48.76 18.45 -42.12
N LEU E 402 48.46 17.23 -42.55
CA LEU E 402 47.65 16.99 -43.73
C LEU E 402 46.18 16.95 -43.31
N GLN E 403 45.30 17.39 -44.21
CA GLN E 403 43.88 17.49 -43.92
C GLN E 403 43.09 17.37 -45.23
N ARG E 404 42.29 16.30 -45.32
CA ARG E 404 41.59 15.89 -46.56
C ARG E 404 42.53 15.77 -47.75
N GLY E 405 43.71 15.18 -47.52
CA GLY E 405 44.73 15.05 -48.55
C GLY E 405 45.71 16.21 -48.58
N THR E 406 45.18 17.42 -48.74
CA THR E 406 46.01 18.62 -48.88
C THR E 406 46.76 19.03 -47.59
N LEU E 407 47.97 19.53 -47.76
CA LEU E 407 48.87 19.91 -46.66
C LEU E 407 48.60 21.33 -46.16
N VAL E 408 48.38 21.46 -44.86
CA VAL E 408 47.91 22.73 -44.28
C VAL E 408 48.91 23.38 -43.33
N LYS E 409 49.76 22.59 -42.69
CA LYS E 409 50.77 23.16 -41.79
C LYS E 409 52.18 22.61 -42.03
N ARG E 410 53.14 23.54 -42.15
CA ARG E 410 54.56 23.22 -42.26
C ARG E 410 55.29 24.01 -41.20
N GLN E 411 56.09 23.34 -40.37
CA GLN E 411 56.72 23.98 -39.20
C GLN E 411 58.20 23.62 -39.01
N THR F 4 60.38 52.98 -32.41
CA THR F 4 59.54 54.18 -32.14
C THR F 4 59.66 55.25 -33.23
N ILE F 5 60.82 55.34 -33.86
CA ILE F 5 61.08 56.34 -34.91
C ILE F 5 61.49 55.71 -36.26
N THR F 6 60.79 56.10 -37.33
CA THR F 6 61.02 55.56 -38.67
C THR F 6 61.22 56.70 -39.67
N VAL F 7 62.25 56.56 -40.52
CA VAL F 7 62.54 57.59 -41.53
C VAL F 7 62.44 57.04 -42.96
N LEU F 8 61.55 57.65 -43.75
CA LEU F 8 61.43 57.39 -45.17
C LEU F 8 62.36 58.34 -45.90
N GLN F 9 63.43 57.80 -46.48
CA GLN F 9 64.51 58.62 -47.01
C GLN F 9 64.64 58.65 -48.53
N GLY F 10 64.78 59.86 -49.07
CA GLY F 10 65.06 60.05 -50.49
C GLY F 10 63.87 60.17 -51.42
N GLY F 11 62.66 59.96 -50.88
CA GLY F 11 61.44 59.97 -51.70
C GLY F 11 61.04 61.34 -52.24
N ASN F 12 60.10 61.35 -53.18
CA ASN F 12 59.57 62.60 -53.71
C ASN F 12 58.16 62.83 -53.16
N VAL F 13 58.04 63.82 -52.27
CA VAL F 13 56.81 64.06 -51.53
C VAL F 13 55.82 64.83 -52.39
N LEU F 14 54.57 64.37 -52.42
CA LEU F 14 53.56 65.02 -53.23
C LEU F 14 52.81 66.10 -52.45
N ASP F 15 53.15 67.36 -52.73
CA ASP F 15 52.40 68.50 -52.21
C ASP F 15 51.17 68.67 -53.09
N LEU F 16 50.00 68.48 -52.49
CA LEU F 16 48.75 68.45 -53.24
C LEU F 16 48.05 69.81 -53.35
N GLU F 17 48.31 70.69 -52.39
CA GLU F 17 47.74 72.03 -52.42
C GLU F 17 48.51 72.92 -53.40
N ARG F 18 49.84 72.91 -53.31
CA ARG F 18 50.70 73.64 -54.23
C ARG F 18 50.67 73.02 -55.63
N GLY F 19 50.65 71.69 -55.68
CA GLY F 19 50.44 70.96 -56.93
C GLY F 19 51.67 70.32 -57.52
N VAL F 20 52.71 70.15 -56.70
CA VAL F 20 54.02 69.69 -57.20
C VAL F 20 54.70 68.64 -56.32
N LEU F 21 55.70 67.96 -56.89
CA LEU F 21 56.57 67.08 -56.12
C LEU F 21 57.68 67.85 -55.45
N LEU F 22 57.99 67.47 -54.21
CA LEU F 22 59.11 68.01 -53.46
C LEU F 22 60.13 66.90 -53.42
N GLU F 23 61.05 66.91 -54.38
CA GLU F 23 61.98 65.79 -54.60
C GLU F 23 63.09 65.69 -53.56
N HIS F 24 63.44 64.45 -53.21
CA HIS F 24 64.45 64.11 -52.19
C HIS F 24 64.19 64.74 -50.83
N HIS F 25 62.91 64.78 -50.45
CA HIS F 25 62.48 65.21 -49.13
C HIS F 25 62.24 63.98 -48.27
N HIS F 26 62.99 63.89 -47.17
CA HIS F 26 62.83 62.80 -46.21
C HIS F 26 61.56 63.01 -45.39
N VAL F 27 60.94 61.91 -44.93
CA VAL F 27 59.80 61.99 -44.02
C VAL F 27 60.12 61.30 -42.69
N VAL F 28 59.93 62.03 -41.59
CA VAL F 28 60.24 61.51 -40.26
C VAL F 28 58.96 61.12 -39.52
N ILE F 29 58.89 59.87 -39.09
CA ILE F 29 57.74 59.33 -38.36
C ILE F 29 58.17 58.98 -36.95
N ASP F 30 57.46 59.50 -35.95
CA ASP F 30 57.63 59.11 -34.55
C ASP F 30 56.33 58.53 -34.01
N GLY F 31 56.27 57.20 -33.94
CA GLY F 31 55.11 56.50 -33.41
C GLY F 31 54.01 56.35 -34.43
N GLU F 32 53.11 57.33 -34.50
CA GLU F 32 51.98 57.32 -35.42
C GLU F 32 51.89 58.58 -36.27
N ARG F 33 52.79 59.53 -36.04
CA ARG F 33 52.67 60.84 -36.69
C ARG F 33 53.92 61.35 -37.40
N ILE F 34 53.70 62.20 -38.38
CA ILE F 34 54.76 62.83 -39.15
C ILE F 34 55.34 63.99 -38.36
N VAL F 35 56.65 63.92 -38.09
CA VAL F 35 57.37 64.94 -37.33
C VAL F 35 58.11 65.94 -38.23
N GLU F 36 58.70 65.45 -39.32
CA GLU F 36 59.48 66.31 -40.21
C GLU F 36 59.34 65.95 -41.69
N VAL F 37 59.05 66.98 -42.50
CA VAL F 37 58.95 66.86 -43.96
C VAL F 37 60.06 67.75 -44.56
N THR F 38 61.26 67.19 -44.70
CA THR F 38 62.43 68.02 -45.01
C THR F 38 63.52 67.36 -45.87
N ASP F 39 64.34 68.23 -46.48
CA ASP F 39 65.51 67.82 -47.26
C ASP F 39 66.83 68.08 -46.52
N ARG F 40 66.76 68.27 -45.20
CA ARG F 40 67.96 68.29 -44.35
C ARG F 40 68.60 66.89 -44.38
N PRO F 41 69.94 66.82 -44.27
CA PRO F 41 70.55 65.50 -44.09
C PRO F 41 70.02 64.86 -42.81
N VAL F 42 69.14 63.88 -42.97
CA VAL F 42 68.48 63.24 -41.82
C VAL F 42 69.51 62.55 -40.93
N ASP F 43 69.66 63.10 -39.72
CA ASP F 43 70.62 62.62 -38.76
C ASP F 43 70.06 61.37 -38.09
N LEU F 44 69.91 60.29 -38.85
CA LEU F 44 69.24 59.08 -38.39
C LEU F 44 70.11 58.29 -37.39
N PRO F 45 69.62 58.18 -36.14
CA PRO F 45 70.39 57.53 -35.09
C PRO F 45 69.91 56.10 -34.81
N ASN F 46 68.85 56.00 -34.00
CA ASN F 46 68.20 54.76 -33.60
C ASN F 46 67.16 54.32 -34.64
N ALA F 47 66.78 55.25 -35.51
CA ALA F 47 65.67 55.11 -36.46
C ALA F 47 65.77 53.94 -37.44
N GLN F 48 64.62 53.34 -37.75
CA GLN F 48 64.53 52.35 -38.82
C GLN F 48 64.36 53.09 -40.14
N ALA F 49 65.20 52.75 -41.11
CA ALA F 49 65.20 53.45 -42.38
C ALA F 49 64.51 52.64 -43.45
N ILE F 50 63.80 53.33 -44.35
CA ILE F 50 63.30 52.74 -45.57
C ILE F 50 63.76 53.65 -46.72
N ASP F 51 64.48 53.06 -47.67
CA ASP F 51 64.98 53.80 -48.83
C ASP F 51 63.90 53.94 -49.88
N VAL F 52 63.45 55.18 -50.07
CA VAL F 52 62.32 55.49 -50.95
C VAL F 52 62.78 56.34 -52.17
N ARG F 53 64.10 56.43 -52.36
CA ARG F 53 64.66 57.31 -53.40
C ARG F 53 64.17 56.97 -54.80
N GLY F 54 63.68 57.99 -55.50
CA GLY F 54 63.08 57.84 -56.83
C GLY F 54 61.60 57.52 -56.86
N LYS F 55 61.03 57.24 -55.70
CA LYS F 55 59.62 56.87 -55.60
C LYS F 55 58.78 57.97 -54.95
N THR F 56 57.57 58.12 -55.45
CA THR F 56 56.66 59.16 -54.97
C THR F 56 56.10 58.77 -53.60
N VAL F 57 56.25 59.68 -52.64
CA VAL F 57 55.60 59.56 -51.34
C VAL F 57 54.39 60.49 -51.33
N MET F 58 53.22 59.94 -51.02
CA MET F 58 52.01 60.73 -50.93
C MET F 58 51.12 60.23 -49.78
N PRO F 59 50.11 61.01 -49.38
CA PRO F 59 49.16 60.51 -48.39
C PRO F 59 48.39 59.29 -48.91
N GLY F 60 48.08 58.36 -48.00
CA GLY F 60 47.24 57.21 -48.32
C GLY F 60 45.86 57.64 -48.78
N PHE F 61 45.28 56.86 -49.69
CA PHE F 61 44.02 57.24 -50.33
C PHE F 61 42.83 57.07 -49.39
N ILE F 62 41.84 57.94 -49.55
CA ILE F 62 40.63 57.90 -48.74
C ILE F 62 39.42 57.74 -49.66
N ASP F 63 38.84 56.55 -49.68
CA ASP F 63 37.60 56.30 -50.43
C ASP F 63 36.42 56.76 -49.59
N CYS F 64 35.58 57.62 -50.16
CA CYS F 64 34.48 58.18 -49.39
C CYS F 64 33.17 57.44 -49.49
N HIS F 65 33.13 56.36 -50.28
CA HIS F 65 31.89 55.63 -50.48
C HIS F 65 32.10 54.15 -50.80
N VAL F 66 32.30 53.33 -49.77
CA VAL F 66 32.42 51.88 -49.96
C VAL F 66 31.34 51.09 -49.23
N HIS F 67 31.15 49.85 -49.66
CA HIS F 67 30.43 48.86 -48.89
C HIS F 67 31.36 47.68 -48.65
N VAL F 68 32.02 47.73 -47.50
CA VAL F 68 32.97 46.73 -47.09
C VAL F 68 32.32 45.35 -46.95
N LEU F 69 31.13 45.33 -46.36
CA LEU F 69 30.41 44.08 -46.09
C LEU F 69 29.70 43.46 -47.29
N ALA F 70 29.50 44.24 -48.34
CA ALA F 70 28.91 43.74 -49.58
C ALA F 70 29.89 42.80 -50.28
N SER F 71 29.68 41.50 -50.09
CA SER F 71 30.56 40.49 -50.68
C SER F 71 29.99 39.86 -51.95
N ASN F 72 28.72 40.14 -52.25
CA ASN F 72 28.15 39.83 -53.57
C ASN F 72 27.16 40.90 -54.04
N ALA F 73 27.06 41.04 -55.36
CA ALA F 73 26.32 42.15 -56.02
C ALA F 73 24.82 42.22 -55.70
N ASN F 74 24.20 41.07 -55.47
CA ASN F 74 22.83 41.03 -54.98
C ASN F 74 22.83 41.40 -53.50
N LEU F 75 22.34 42.62 -53.23
CA LEU F 75 22.27 43.14 -51.87
C LEU F 75 21.15 42.51 -51.06
N GLY F 76 20.19 41.91 -51.76
CA GLY F 76 19.10 41.16 -51.14
C GLY F 76 19.61 39.91 -50.46
N VAL F 77 20.35 39.10 -51.22
CA VAL F 77 20.96 37.87 -50.69
C VAL F 77 22.18 38.19 -49.80
N ASN F 78 22.73 39.40 -49.94
CA ASN F 78 23.82 39.85 -49.09
C ASN F 78 23.33 40.13 -47.67
N ALA F 79 22.10 40.60 -47.56
CA ALA F 79 21.47 40.83 -46.26
C ALA F 79 21.03 39.52 -45.60
N THR F 80 20.58 38.57 -46.41
CA THR F 80 20.05 37.30 -45.89
C THR F 80 21.11 36.21 -45.68
N GLN F 81 22.37 36.54 -45.94
CA GLN F 81 23.47 35.60 -45.68
C GLN F 81 23.74 35.53 -44.17
N PRO F 82 24.27 34.38 -43.68
CA PRO F 82 24.57 34.22 -42.25
C PRO F 82 25.54 35.27 -41.70
N ASN F 83 25.30 35.67 -40.45
CA ASN F 83 26.05 36.75 -39.79
C ASN F 83 27.56 36.55 -39.75
N ILE F 84 27.97 35.38 -39.27
CA ILE F 84 29.38 35.00 -39.18
C ILE F 84 30.02 35.00 -40.57
N LEU F 85 29.32 34.43 -41.54
CA LEU F 85 29.80 34.34 -42.93
C LEU F 85 29.92 35.69 -43.60
N ALA F 86 29.00 36.60 -43.29
CA ALA F 86 29.09 37.98 -43.78
C ALA F 86 30.39 38.63 -43.33
N ALA F 87 30.74 38.44 -42.05
CA ALA F 87 31.96 38.97 -41.47
C ALA F 87 33.22 38.37 -42.09
N ILE F 88 33.24 37.05 -42.21
CA ILE F 88 34.39 36.31 -42.76
C ILE F 88 34.70 36.77 -44.19
N ARG F 89 33.65 36.98 -44.97
CA ARG F 89 33.77 37.35 -46.37
C ARG F 89 34.31 38.76 -46.60
N SER F 90 34.15 39.63 -45.60
CA SER F 90 34.57 41.02 -45.71
C SER F 90 36.06 41.21 -45.45
N LEU F 91 36.69 40.22 -44.82
CA LEU F 91 38.11 40.32 -44.44
C LEU F 91 39.12 40.34 -45.60
N PRO F 92 38.89 39.55 -46.67
CA PRO F 92 39.76 39.75 -47.84
C PRO F 92 39.43 41.02 -48.62
N ILE F 93 38.20 41.50 -48.48
CA ILE F 93 37.77 42.75 -49.13
C ILE F 93 38.54 43.94 -48.54
N LEU F 94 38.63 43.98 -47.22
CA LEU F 94 39.38 45.01 -46.50
C LEU F 94 40.87 44.94 -46.80
N ASP F 95 41.40 43.72 -46.81
CA ASP F 95 42.81 43.48 -47.04
C ASP F 95 43.24 43.90 -48.44
N ALA F 96 42.31 43.76 -49.39
CA ALA F 96 42.55 44.21 -50.76
C ALA F 96 42.54 45.73 -50.87
N MET F 97 41.56 46.37 -50.23
CA MET F 97 41.41 47.83 -50.22
C MET F 97 42.66 48.53 -49.67
N LEU F 98 43.24 47.93 -48.63
CA LEU F 98 44.45 48.46 -48.02
C LEU F 98 45.66 48.33 -48.94
N SER F 99 45.81 47.17 -49.58
CA SER F 99 46.97 46.88 -50.41
C SER F 99 46.95 47.65 -51.72
N ARG F 100 45.79 48.19 -52.07
CA ARG F 100 45.66 49.11 -53.19
C ARG F 100 45.96 50.56 -52.77
N GLY F 101 46.33 50.74 -51.51
CA GLY F 101 46.81 52.03 -51.00
C GLY F 101 45.82 52.84 -50.19
N PHE F 102 44.61 52.33 -50.01
CA PHE F 102 43.59 53.03 -49.24
C PHE F 102 43.82 52.79 -47.76
N THR F 103 44.15 53.86 -47.05
CA THR F 103 44.44 53.78 -45.62
C THR F 103 43.21 54.14 -44.79
N SER F 104 42.24 54.79 -45.43
CA SER F 104 41.00 55.16 -44.78
C SER F 104 39.81 55.02 -45.71
N VAL F 105 38.73 54.47 -45.19
CA VAL F 105 37.48 54.34 -45.94
C VAL F 105 36.30 54.92 -45.16
N ARG F 106 35.34 55.47 -45.90
CA ARG F 106 34.08 55.87 -45.33
C ARG F 106 33.04 54.86 -45.80
N ASP F 107 32.47 54.12 -44.86
CA ASP F 107 31.51 53.06 -45.19
C ASP F 107 30.11 53.61 -45.37
N ALA F 108 29.47 53.23 -46.46
CA ALA F 108 28.19 53.83 -46.85
C ALA F 108 26.98 53.06 -46.32
N GLY F 109 27.19 52.21 -45.33
CA GLY F 109 26.14 51.35 -44.80
C GLY F 109 26.64 49.92 -44.82
N GLY F 110 26.43 49.23 -43.71
CA GLY F 110 26.96 47.89 -43.53
C GLY F 110 27.85 47.81 -42.31
N ALA F 111 29.08 48.31 -42.44
CA ALA F 111 30.08 48.21 -41.38
C ALA F 111 29.72 49.04 -40.16
N ASP F 112 29.96 48.45 -38.99
CA ASP F 112 29.64 49.06 -37.72
C ASP F 112 30.90 49.48 -36.96
N TRP F 113 30.75 49.65 -35.66
CA TRP F 113 31.84 50.02 -34.78
C TRP F 113 32.71 48.81 -34.45
N SER F 114 32.17 47.60 -34.64
CA SER F 114 32.91 46.35 -34.40
C SER F 114 34.07 46.15 -35.38
N LEU F 115 33.78 46.33 -36.67
CA LEU F 115 34.80 46.26 -37.72
C LEU F 115 35.83 47.37 -37.61
N MET F 116 35.36 48.54 -37.17
CA MET F 116 36.20 49.69 -36.96
C MET F 116 37.19 49.43 -35.82
N GLN F 117 36.74 48.74 -34.78
CA GLN F 117 37.62 48.32 -33.70
C GLN F 117 38.62 47.26 -34.17
N ALA F 118 38.11 46.27 -34.90
CA ALA F 118 38.91 45.15 -35.38
C ALA F 118 40.11 45.59 -36.22
N VAL F 119 39.94 46.61 -37.05
CA VAL F 119 41.06 47.15 -37.82
C VAL F 119 41.99 47.97 -36.95
N GLU F 120 41.44 48.64 -35.93
CA GLU F 120 42.21 49.55 -35.09
C GLU F 120 43.12 48.82 -34.11
N THR F 121 42.71 47.62 -33.72
CA THR F 121 43.44 46.83 -32.74
C THR F 121 44.54 46.00 -33.38
N GLY F 122 44.47 45.82 -34.69
CA GLY F 122 45.41 44.97 -35.40
C GLY F 122 44.93 43.53 -35.42
N LEU F 123 43.64 43.36 -35.13
CA LEU F 123 42.98 42.07 -35.13
C LEU F 123 42.59 41.70 -36.57
N VAL F 124 42.44 42.73 -37.40
CA VAL F 124 42.10 42.58 -38.81
C VAL F 124 42.95 43.56 -39.64
N SER F 125 43.55 43.04 -40.71
CA SER F 125 44.28 43.88 -41.66
C SER F 125 43.31 44.56 -42.63
N GLY F 126 43.26 45.88 -42.57
CA GLY F 126 42.39 46.68 -43.43
C GLY F 126 42.55 48.17 -43.18
N PRO F 127 41.87 49.02 -43.99
CA PRO F 127 41.95 50.46 -43.77
C PRO F 127 41.10 50.89 -42.58
N ARG F 128 41.35 52.10 -42.09
CA ARG F 128 40.53 52.72 -41.02
C ARG F 128 39.13 53.01 -41.54
N ILE F 129 38.13 52.63 -40.78
CA ILE F 129 36.74 52.79 -41.22
C ILE F 129 36.09 53.97 -40.51
N PHE F 130 35.30 54.74 -41.27
CA PHE F 130 34.39 55.72 -40.71
C PHE F 130 32.98 55.22 -40.95
N PRO F 131 32.45 54.41 -40.00
CA PRO F 131 31.23 53.64 -40.23
C PRO F 131 29.95 54.47 -40.12
N SER F 132 28.97 54.15 -40.96
CA SER F 132 27.66 54.82 -40.93
C SER F 132 26.64 53.97 -40.17
N GLY F 133 27.05 52.76 -39.81
CA GLY F 133 26.17 51.75 -39.27
C GLY F 133 25.32 51.21 -40.39
N LYS F 134 24.01 51.28 -40.23
CA LYS F 134 23.08 50.87 -41.27
C LYS F 134 22.56 52.13 -41.95
N ALA F 135 22.32 52.04 -43.25
CA ALA F 135 21.79 53.17 -44.02
C ALA F 135 20.31 53.36 -43.67
N LEU F 136 19.87 54.62 -43.58
CA LEU F 136 18.47 54.87 -43.30
C LEU F 136 17.64 54.98 -44.56
N SER F 137 16.65 54.10 -44.69
CA SER F 137 15.75 54.09 -45.83
C SER F 137 14.29 54.03 -45.38
N GLN F 138 13.40 54.56 -46.22
CA GLN F 138 11.97 54.49 -45.94
C GLN F 138 11.40 53.16 -46.45
N THR F 139 10.13 52.93 -46.16
CA THR F 139 9.42 51.75 -46.64
C THR F 139 9.26 51.83 -48.16
N GLY F 140 9.66 50.76 -48.84
CA GLY F 140 9.64 50.71 -50.30
C GLY F 140 10.71 51.62 -50.86
N GLY F 141 11.78 51.78 -50.10
CA GLY F 141 12.87 52.68 -50.44
C GLY F 141 14.03 51.96 -51.06
N HIS F 142 15.18 52.61 -51.04
CA HIS F 142 16.37 52.12 -51.70
C HIS F 142 17.11 51.08 -50.86
N GLY F 143 16.86 51.10 -49.56
CA GLY F 143 17.42 50.10 -48.67
C GLY F 143 16.45 48.98 -48.35
N ASP F 144 15.18 49.18 -48.70
CA ASP F 144 14.16 48.15 -48.57
C ASP F 144 14.30 47.18 -49.74
N PHE F 145 14.65 45.94 -49.43
CA PHE F 145 14.93 44.94 -50.46
C PHE F 145 13.84 43.87 -50.57
N ARG F 146 12.78 44.02 -49.78
CA ARG F 146 11.60 43.16 -49.83
C ARG F 146 10.94 43.26 -51.22
N PRO F 147 10.52 42.12 -51.80
CA PRO F 147 9.94 42.12 -53.15
C PRO F 147 8.54 42.74 -53.26
N ARG F 148 8.01 42.78 -54.47
CA ARG F 148 6.71 43.41 -54.77
C ARG F 148 5.49 42.57 -54.35
N GLY F 149 5.74 41.36 -53.85
CA GLY F 149 4.69 40.43 -53.40
C GLY F 149 3.93 40.88 -52.17
N ASP F 150 4.59 40.83 -51.01
CA ASP F 150 3.98 41.21 -49.73
C ASP F 150 4.95 41.83 -48.73
N LEU F 151 4.41 42.25 -47.59
CA LEU F 151 5.19 42.91 -46.55
C LEU F 151 4.96 42.32 -45.17
N LEU F 152 6.02 41.79 -44.58
CA LEU F 152 6.08 41.50 -43.15
C LEU F 152 7.18 42.36 -42.53
N GLU F 153 6.94 42.81 -41.30
CA GLU F 153 7.79 43.79 -40.62
C GLU F 153 9.24 43.34 -40.43
N PRO F 154 10.21 44.23 -40.78
CA PRO F 154 11.63 43.89 -40.72
C PRO F 154 12.29 44.31 -39.41
N CYS F 155 12.24 43.44 -38.40
CA CYS F 155 12.98 43.67 -37.16
C CYS F 155 14.44 43.28 -37.35
N SER F 156 14.67 42.38 -38.30
CA SER F 156 16.00 41.81 -38.58
C SER F 156 16.97 42.72 -39.33
N CYS F 157 16.53 43.91 -39.72
CA CYS F 157 17.36 44.87 -40.46
C CYS F 157 18.64 45.26 -39.71
N CYS F 158 18.52 45.61 -38.44
CA CYS F 158 19.68 45.87 -37.58
C CYS F 158 20.37 44.57 -37.15
N PHE F 159 19.60 43.49 -37.09
CA PHE F 159 20.09 42.21 -36.58
C PHE F 159 20.98 41.51 -37.59
N ARG F 160 20.63 41.60 -38.88
CA ARG F 160 21.46 41.04 -39.95
C ARG F 160 22.67 41.93 -40.16
N THR F 161 23.86 41.35 -40.03
CA THR F 161 25.10 42.12 -40.15
C THR F 161 25.57 42.23 -41.61
N GLY F 162 24.87 41.52 -42.49
CA GLY F 162 25.08 41.65 -43.93
C GLY F 162 24.16 42.69 -44.55
N ALA F 163 23.29 43.27 -43.74
CA ALA F 163 22.36 44.29 -44.21
C ALA F 163 23.04 45.65 -44.39
N ILE F 164 22.81 46.26 -45.55
CA ILE F 164 23.32 47.59 -45.86
C ILE F 164 22.48 48.65 -45.16
N ALA F 165 21.17 48.44 -45.15
CA ALA F 165 20.26 49.42 -44.61
C ALA F 165 19.31 48.89 -43.54
N ARG F 166 18.49 49.80 -43.03
CA ARG F 166 17.37 49.49 -42.15
C ARG F 166 16.17 50.36 -42.53
N VAL F 167 14.97 49.79 -42.45
CA VAL F 167 13.77 50.54 -42.80
C VAL F 167 13.23 51.29 -41.58
N VAL F 168 13.19 52.62 -41.69
CA VAL F 168 12.52 53.48 -40.70
C VAL F 168 11.69 54.53 -41.39
N ASP F 169 10.51 54.80 -40.85
CA ASP F 169 9.63 55.85 -41.36
C ASP F 169 9.15 56.74 -40.23
N GLY F 170 8.87 57.99 -40.56
CA GLY F 170 8.29 58.92 -39.61
C GLY F 170 9.34 59.75 -38.92
N VAL F 171 8.98 60.98 -38.57
CA VAL F 171 9.91 61.95 -37.96
C VAL F 171 10.57 61.41 -36.70
N GLU F 172 9.76 60.95 -35.73
CA GLU F 172 10.29 60.38 -34.50
C GLU F 172 10.98 59.05 -34.74
N GLY F 173 10.50 58.31 -35.74
CA GLY F 173 11.03 57.00 -36.09
C GLY F 173 12.44 57.08 -36.67
N VAL F 174 12.67 58.11 -37.48
CA VAL F 174 14.00 58.33 -38.03
C VAL F 174 14.91 59.00 -36.99
N ARG F 175 14.33 59.89 -36.19
CA ARG F 175 15.05 60.58 -35.13
C ARG F 175 15.68 59.60 -34.15
N LEU F 176 14.87 58.64 -33.70
CA LEU F 176 15.30 57.57 -32.82
C LEU F 176 16.37 56.69 -33.47
N ALA F 177 16.19 56.38 -34.75
CA ALA F 177 17.12 55.57 -35.51
C ALA F 177 18.53 56.16 -35.54
N VAL F 178 18.60 57.50 -35.69
CA VAL F 178 19.88 58.22 -35.69
C VAL F 178 20.59 58.12 -34.33
N ARG F 179 19.85 58.41 -33.25
CA ARG F 179 20.35 58.27 -31.89
C ARG F 179 20.85 56.85 -31.63
N GLU F 180 20.09 55.87 -32.12
CA GLU F 180 20.46 54.47 -32.03
C GLU F 180 21.75 54.16 -32.77
N GLU F 181 21.85 54.61 -34.02
CA GLU F 181 23.05 54.38 -34.84
C GLU F 181 24.28 55.08 -34.29
N ILE F 182 24.09 56.31 -33.81
CA ILE F 182 25.19 57.09 -33.24
C ILE F 182 25.70 56.48 -31.93
N GLN F 183 24.78 55.92 -31.13
CA GLN F 183 25.18 55.21 -29.92
C GLN F 183 25.81 53.85 -30.23
N LYS F 184 25.47 53.29 -31.40
CA LYS F 184 26.06 52.04 -31.89
C LYS F 184 27.48 52.27 -32.40
N GLY F 185 27.97 53.50 -32.30
CA GLY F 185 29.35 53.83 -32.65
C GLY F 185 29.58 54.30 -34.08
N ALA F 186 28.53 54.82 -34.72
CA ALA F 186 28.65 55.37 -36.06
C ALA F 186 29.36 56.72 -35.99
N THR F 187 29.99 57.12 -37.09
CA THR F 187 30.68 58.40 -37.18
C THR F 187 29.91 59.44 -38.01
N GLN F 188 29.19 58.99 -39.02
CA GLN F 188 28.28 59.84 -39.81
C GLN F 188 27.00 59.09 -40.17
N ILE F 189 26.00 59.80 -40.65
CA ILE F 189 24.69 59.17 -40.92
C ILE F 189 24.38 59.11 -42.42
N ILE F 191 21.65 58.29 -45.47
CA ILE F 191 20.24 58.19 -45.86
C ILE F 191 20.10 57.95 -47.36
N MET F 192 18.91 57.55 -47.79
CA MET F 192 18.59 57.46 -49.23
C MET F 192 17.57 58.55 -49.56
N ALA F 193 17.98 59.52 -50.37
CA ALA F 193 17.15 60.70 -50.65
C ALA F 193 16.46 60.61 -52.01
N SER F 194 16.68 59.48 -52.69
CA SER F 194 16.04 59.18 -53.97
C SER F 194 16.05 57.68 -54.22
N GLY F 195 15.51 57.28 -55.36
CA GLY F 195 15.60 55.90 -55.81
C GLY F 195 16.99 55.60 -56.34
N GLY F 196 17.20 54.37 -56.79
CA GLY F 196 18.51 53.98 -57.31
C GLY F 196 18.54 52.88 -58.34
N VAL F 197 19.44 51.92 -58.14
CA VAL F 197 19.72 50.87 -59.11
C VAL F 197 19.52 49.47 -58.50
N ALA F 198 20.17 49.22 -57.36
CA ALA F 198 20.26 47.89 -56.75
C ALA F 198 19.09 47.47 -55.83
N SER F 199 17.97 48.19 -55.92
CA SER F 199 16.76 47.84 -55.18
C SER F 199 15.55 47.83 -56.13
N PRO F 200 14.69 46.79 -56.04
CA PRO F 200 13.65 46.52 -57.05
C PRO F 200 12.52 47.56 -57.21
N THR F 201 11.82 47.87 -56.11
CA THR F 201 10.55 48.61 -56.18
C THR F 201 10.64 50.12 -56.49
N ASP F 202 11.84 50.70 -56.37
CA ASP F 202 12.01 52.15 -56.50
C ASP F 202 12.80 52.58 -57.75
N PRO F 203 12.13 53.29 -58.67
CA PRO F 203 12.80 53.92 -59.82
C PRO F 203 13.74 55.05 -59.38
N ILE F 204 14.78 55.29 -60.17
CA ILE F 204 15.82 56.30 -59.90
C ILE F 204 15.30 57.75 -59.86
N ALA F 205 14.22 58.01 -60.60
CA ALA F 205 13.67 59.36 -60.78
C ALA F 205 13.03 59.97 -59.53
N ASN F 206 12.44 59.14 -58.67
CA ASN F 206 11.64 59.62 -57.53
C ASN F 206 12.41 59.89 -56.23
N THR F 207 11.82 60.72 -55.36
CA THR F 207 12.46 61.17 -54.12
C THR F 207 11.96 60.43 -52.88
N GLN F 208 12.89 60.12 -51.98
CA GLN F 208 12.59 59.38 -50.76
C GLN F 208 12.75 60.24 -49.51
N TYR F 209 11.90 59.98 -48.51
CA TYR F 209 11.81 60.74 -47.25
C TYR F 209 11.25 62.16 -47.38
N SER F 210 10.38 62.54 -46.45
CA SER F 210 9.84 63.89 -46.43
C SER F 210 10.89 64.85 -45.90
N GLU F 211 10.77 66.13 -46.26
CA GLU F 211 11.67 67.18 -45.81
C GLU F 211 11.71 67.33 -44.28
N ASP F 212 10.58 67.02 -43.63
CA ASP F 212 10.51 66.98 -42.17
C ASP F 212 11.38 65.87 -41.59
N GLU F 213 11.36 64.71 -42.24
CA GLU F 213 12.16 63.57 -41.82
C GLU F 213 13.66 63.81 -42.03
N ILE F 214 14.01 64.44 -43.16
CA ILE F 214 15.40 64.76 -43.46
C ILE F 214 15.93 65.83 -42.49
N ARG F 215 15.08 66.80 -42.14
CA ARG F 215 15.45 67.80 -41.14
C ARG F 215 15.68 67.22 -39.75
N ALA F 216 14.90 66.20 -39.40
CA ALA F 216 15.06 65.49 -38.13
C ALA F 216 16.39 64.75 -38.06
N ILE F 217 16.77 64.12 -39.17
CA ILE F 217 18.01 63.36 -39.26
C ILE F 217 19.23 64.27 -39.26
N VAL F 218 19.18 65.32 -40.09
CA VAL F 218 20.23 66.35 -40.14
C VAL F 218 20.46 66.99 -38.77
N ASP F 219 19.37 67.32 -38.07
CA ASP F 219 19.45 67.95 -36.76
C ASP F 219 20.03 67.03 -35.69
N GLU F 220 19.75 65.73 -35.78
CA GLU F 220 20.27 64.79 -34.80
C GLU F 220 21.74 64.48 -35.05
N ALA F 221 22.14 64.51 -36.32
CA ALA F 221 23.53 64.36 -36.70
C ALA F 221 24.33 65.59 -36.27
N GLU F 222 23.78 66.77 -36.51
CA GLU F 222 24.39 68.02 -36.05
C GLU F 222 24.48 68.09 -34.52
N ALA F 223 23.47 67.58 -33.83
CA ALA F 223 23.43 67.56 -32.36
C ALA F 223 24.43 66.58 -31.78
N ALA F 224 24.85 65.59 -32.56
CA ALA F 224 25.88 64.66 -32.11
C ALA F 224 27.23 65.06 -32.71
N ASN F 225 27.27 66.26 -33.28
CA ASN F 225 28.45 66.83 -33.95
C ASN F 225 29.02 65.97 -35.06
N THR F 226 28.15 65.66 -36.02
CA THR F 226 28.53 65.00 -37.26
C THR F 226 27.64 65.50 -38.43
N TYR F 227 27.40 64.66 -39.44
CA TYR F 227 26.76 65.09 -40.69
C TYR F 227 25.95 63.98 -41.36
N VAL F 228 25.34 64.30 -42.50
CA VAL F 228 24.51 63.34 -43.24
C VAL F 228 24.98 63.18 -44.69
N MET F 229 25.25 61.94 -45.07
CA MET F 229 25.50 61.60 -46.47
C MET F 229 24.24 61.07 -47.13
N ALA F 230 23.86 61.69 -48.25
CA ALA F 230 22.60 61.38 -48.91
C ALA F 230 22.80 60.79 -50.29
N HIS F 231 22.20 59.64 -50.51
CA HIS F 231 22.14 59.01 -51.83
C HIS F 231 21.09 59.75 -52.65
N ALA F 232 21.50 60.40 -53.74
CA ALA F 232 20.58 61.17 -54.58
C ALA F 232 21.11 61.39 -56.00
N TYR F 233 20.25 61.12 -56.99
CA TYR F 233 20.65 61.13 -58.40
C TYR F 233 20.25 62.39 -59.16
N THR F 234 18.95 62.61 -59.31
CA THR F 234 18.44 63.76 -60.04
C THR F 234 18.61 65.02 -59.22
N GLY F 235 18.82 66.16 -59.90
CA GLY F 235 18.99 67.46 -59.26
C GLY F 235 17.79 67.88 -58.42
N ARG F 236 16.60 67.39 -58.79
CA ARG F 236 15.37 67.58 -58.03
C ARG F 236 15.52 66.99 -56.62
N ALA F 237 16.00 65.75 -56.55
CA ALA F 237 16.21 65.03 -55.30
C ALA F 237 17.34 65.60 -54.48
N ILE F 238 18.32 66.18 -55.17
CA ILE F 238 19.49 66.77 -54.53
C ILE F 238 19.14 68.11 -53.89
N ALA F 239 18.49 68.98 -54.65
CA ALA F 239 18.16 70.34 -54.21
C ALA F 239 17.43 70.37 -52.86
N ARG F 240 16.40 69.55 -52.72
CA ARG F 240 15.64 69.43 -51.48
C ARG F 240 16.49 68.94 -50.31
N ALA F 241 17.36 67.97 -50.59
CA ALA F 241 18.24 67.39 -49.57
C ALA F 241 19.25 68.40 -49.05
N VAL F 242 19.85 69.18 -49.95
CA VAL F 242 20.83 70.19 -49.59
C VAL F 242 20.16 71.36 -48.86
N ARG F 243 18.92 71.69 -49.25
CA ARG F 243 18.13 72.70 -48.56
C ARG F 243 17.66 72.27 -47.17
N CYS F 244 17.57 70.96 -46.95
CA CYS F 244 17.31 70.40 -45.62
C CYS F 244 18.58 70.43 -44.78
N GLY F 245 19.72 70.36 -45.45
CA GLY F 245 21.01 70.54 -44.81
C GLY F 245 21.89 69.30 -44.75
N VAL F 246 21.87 68.50 -45.82
CA VAL F 246 22.78 67.36 -45.90
C VAL F 246 24.15 67.82 -46.41
N ARG F 247 25.21 67.24 -45.85
CA ARG F 247 26.57 67.72 -46.13
C ARG F 247 27.15 67.15 -47.41
N THR F 248 27.11 65.83 -47.56
CA THR F 248 27.64 65.20 -48.76
C THR F 248 26.54 64.52 -49.58
N ILE F 249 26.65 64.61 -50.90
CA ILE F 249 25.71 63.99 -51.82
C ILE F 249 26.41 62.85 -52.53
N GLU F 250 25.83 61.66 -52.43
CA GLU F 250 26.39 60.47 -53.07
C GLU F 250 25.90 60.35 -54.51
N HIS F 251 26.79 59.85 -55.38
CA HIS F 251 26.58 59.75 -56.83
C HIS F 251 26.33 61.11 -57.47
N GLY F 252 25.05 61.52 -57.51
CA GLY F 252 24.65 62.79 -58.10
C GLY F 252 24.82 62.86 -59.60
N ASN F 253 24.56 61.74 -60.28
CA ASN F 253 24.77 61.60 -61.72
C ASN F 253 23.98 62.57 -62.60
N LEU F 254 22.77 62.90 -62.16
CA LEU F 254 21.84 63.67 -62.99
C LEU F 254 21.56 65.09 -62.48
N VAL F 255 22.62 65.80 -62.09
CA VAL F 255 22.55 67.19 -61.67
C VAL F 255 22.34 68.15 -62.84
N ASP F 256 21.69 69.28 -62.55
CA ASP F 256 21.73 70.46 -63.42
C ASP F 256 22.56 71.53 -62.71
N GLU F 257 22.85 72.63 -63.41
CA GLU F 257 23.72 73.67 -62.86
C GLU F 257 23.10 74.47 -61.70
N ALA F 258 21.78 74.50 -61.63
CA ALA F 258 21.07 75.18 -60.54
C ALA F 258 21.14 74.38 -59.25
N ALA F 259 21.19 73.06 -59.39
CA ALA F 259 21.38 72.13 -58.27
C ALA F 259 22.82 72.22 -57.72
N ALA F 260 23.79 72.23 -58.63
CA ALA F 260 25.19 72.29 -58.25
C ALA F 260 25.60 73.64 -57.65
N LYS F 261 25.01 74.72 -58.16
CA LYS F 261 25.24 76.07 -57.64
C LYS F 261 24.66 76.23 -56.24
N LEU F 262 23.58 75.48 -55.98
CA LEU F 262 22.93 75.46 -54.67
C LEU F 262 23.81 74.73 -53.66
N MET F 263 24.42 73.65 -54.11
CA MET F 263 25.39 72.89 -53.32
C MET F 263 26.64 73.71 -53.02
N HIS F 264 27.04 74.50 -54.01
CA HIS F 264 28.14 75.46 -53.86
C HIS F 264 27.83 76.45 -52.75
N GLU F 265 26.61 76.98 -52.76
CA GLU F 265 26.18 78.02 -51.82
C GLU F 265 26.03 77.54 -50.38
N HIS F 266 25.69 76.26 -50.21
CA HIS F 266 25.54 75.68 -48.88
C HIS F 266 26.83 75.10 -48.32
N GLY F 267 27.83 74.90 -49.19
CA GLY F 267 29.09 74.28 -48.79
C GLY F 267 28.89 72.79 -48.64
N ALA F 268 28.39 72.18 -49.72
CA ALA F 268 28.00 70.78 -49.73
C ALA F 268 28.78 69.96 -50.75
N PHE F 269 29.52 68.96 -50.24
CA PHE F 269 30.37 68.09 -51.06
C PHE F 269 29.57 67.15 -51.96
N VAL F 270 30.26 66.54 -52.93
CA VAL F 270 29.71 65.46 -53.75
C VAL F 270 30.71 64.32 -53.90
N VAL F 271 30.24 63.09 -53.72
CA VAL F 271 31.04 61.89 -53.98
C VAL F 271 30.40 61.10 -55.12
N PRO F 272 30.88 61.32 -56.36
CA PRO F 272 30.43 60.50 -57.50
C PRO F 272 31.09 59.14 -57.45
N THR F 273 30.42 58.11 -57.96
CA THR F 273 30.92 56.75 -57.90
C THR F 273 30.83 56.10 -59.26
N LEU F 274 31.48 56.70 -60.26
CA LEU F 274 31.27 56.35 -61.67
C LEU F 274 31.75 54.96 -62.07
N VAL F 275 32.82 54.48 -61.42
CA VAL F 275 33.45 53.20 -61.77
C VAL F 275 32.52 51.98 -61.61
N THR F 276 31.59 52.07 -60.66
CA THR F 276 30.66 50.96 -60.39
C THR F 276 29.65 50.75 -61.52
N TYR F 277 29.34 51.81 -62.25
CA TYR F 277 28.44 51.72 -63.39
C TYR F 277 29.16 51.11 -64.60
N ASP F 278 30.46 51.40 -64.73
CA ASP F 278 31.33 50.78 -65.74
C ASP F 278 31.50 49.30 -65.47
N ALA F 279 31.61 48.94 -64.20
CA ALA F 279 31.75 47.55 -63.77
C ALA F 279 30.43 46.79 -63.87
N LEU F 280 29.32 47.49 -63.69
CA LEU F 280 27.99 46.87 -63.85
C LEU F 280 27.54 46.87 -65.30
N ALA F 281 28.25 47.60 -66.16
CA ALA F 281 27.94 47.61 -67.59
C ALA F 281 28.27 46.26 -68.24
N LYS F 282 29.42 45.69 -67.87
CA LYS F 282 29.87 44.42 -68.43
C LYS F 282 29.52 43.21 -67.58
N HIS F 283 29.60 43.36 -66.26
CA HIS F 283 29.49 42.23 -65.33
C HIS F 283 28.32 42.35 -64.35
N GLY F 284 27.31 43.13 -64.73
CA GLY F 284 26.15 43.39 -63.87
C GLY F 284 25.27 42.17 -63.68
N ALA F 285 24.64 41.72 -64.76
CA ALA F 285 23.80 40.53 -64.76
C ALA F 285 24.62 39.24 -64.61
N GLU F 286 25.94 39.36 -64.82
CA GLU F 286 26.86 38.25 -64.71
C GLU F 286 27.12 37.82 -63.26
N PHE F 287 27.38 38.79 -62.38
CA PHE F 287 27.75 38.49 -60.99
C PHE F 287 26.56 38.43 -60.00
N GLY F 288 25.40 37.99 -60.50
CA GLY F 288 24.24 37.68 -59.66
C GLY F 288 23.30 38.81 -59.29
N MET F 289 23.29 39.88 -60.08
CA MET F 289 22.37 40.98 -59.84
C MET F 289 21.20 40.82 -60.79
N PRO F 290 20.04 41.26 -60.35
CA PRO F 290 18.78 41.07 -61.05
C PRO F 290 18.72 41.80 -62.36
N PRO F 291 17.98 41.25 -63.31
CA PRO F 291 17.85 41.78 -64.65
C PRO F 291 17.29 43.18 -64.67
N GLU F 292 16.37 43.46 -63.77
CA GLU F 292 15.80 44.79 -63.67
C GLU F 292 16.84 45.82 -63.27
N SER F 293 17.70 45.46 -62.34
CA SER F 293 18.69 46.39 -61.85
C SER F 293 19.65 46.82 -62.95
N VAL F 294 20.02 45.88 -63.81
CA VAL F 294 20.91 46.14 -64.96
C VAL F 294 20.17 46.94 -66.05
N ALA F 295 18.84 46.96 -65.97
CA ALA F 295 18.02 47.86 -66.77
C ALA F 295 18.17 49.31 -66.28
N LYS F 296 18.31 49.47 -64.96
CA LYS F 296 18.45 50.79 -64.32
C LYS F 296 19.88 51.34 -64.25
N VAL F 297 20.85 50.56 -64.74
CA VAL F 297 22.25 50.97 -64.69
C VAL F 297 22.71 51.65 -66.00
N ALA F 298 21.91 51.50 -67.05
CA ALA F 298 22.22 52.08 -68.36
C ALA F 298 22.08 53.59 -68.38
N SER F 299 21.02 54.09 -67.75
CA SER F 299 20.64 55.50 -67.80
C SER F 299 21.57 56.45 -67.04
N VAL F 300 22.00 56.05 -65.85
CA VAL F 300 22.80 56.90 -64.97
C VAL F 300 24.27 57.07 -65.38
N GLN F 301 24.81 56.09 -66.09
CA GLN F 301 26.22 56.12 -66.50
C GLN F 301 26.52 57.09 -67.65
N GLN F 302 25.48 57.48 -68.39
CA GLN F 302 25.59 58.40 -69.51
C GLN F 302 26.07 59.77 -69.05
N LYS F 303 25.24 60.43 -68.26
CA LYS F 303 25.53 61.75 -67.72
C LYS F 303 26.54 61.73 -66.57
N GLY F 304 27.06 60.55 -66.24
CA GLY F 304 27.97 60.36 -65.11
C GLY F 304 29.28 61.12 -65.23
N ARG F 305 29.88 61.07 -66.41
CA ARG F 305 31.13 61.78 -66.66
C ARG F 305 30.86 63.26 -66.94
N GLU F 306 29.73 63.53 -67.58
CA GLU F 306 29.27 64.89 -67.87
C GLU F 306 29.01 65.72 -66.60
N SER F 307 28.47 65.06 -65.56
CA SER F 307 28.16 65.68 -64.28
C SER F 307 29.39 66.24 -63.56
N LEU F 308 30.52 65.55 -63.72
CA LEU F 308 31.82 65.99 -63.18
C LEU F 308 32.21 67.40 -63.62
N GLU F 309 31.86 67.74 -64.86
CA GLU F 309 32.07 69.09 -65.38
C GLU F 309 31.12 70.11 -64.76
N ILE F 310 29.87 69.70 -64.52
CA ILE F 310 28.84 70.56 -63.91
C ILE F 310 29.23 70.90 -62.48
N TYR F 311 29.78 69.92 -61.77
CA TYR F 311 30.28 70.13 -60.42
C TYR F 311 31.46 71.08 -60.37
N ALA F 312 32.42 70.86 -61.27
CA ALA F 312 33.62 71.68 -61.36
C ALA F 312 33.32 73.13 -61.74
N ASN F 313 32.39 73.33 -62.68
CA ASN F 313 31.96 74.66 -63.11
C ASN F 313 31.31 75.46 -61.99
N ALA F 314 30.43 74.81 -61.23
CA ALA F 314 29.77 75.42 -60.09
C ALA F 314 30.68 75.46 -58.86
N GLY F 315 31.77 74.68 -58.90
CA GLY F 315 32.77 74.65 -57.84
C GLY F 315 32.31 73.86 -56.61
N VAL F 316 31.80 72.65 -56.84
CA VAL F 316 31.46 71.73 -55.77
C VAL F 316 32.65 70.84 -55.51
N LYS F 317 33.15 70.83 -54.27
CA LYS F 317 34.26 69.97 -53.90
C LYS F 317 33.90 68.48 -54.04
N MET F 318 34.71 67.76 -54.82
CA MET F 318 34.44 66.36 -55.16
C MET F 318 35.35 65.36 -54.43
N GLY F 319 34.73 64.42 -53.72
CA GLY F 319 35.47 63.35 -53.05
C GLY F 319 35.50 62.09 -53.88
N PHE F 320 36.49 61.23 -53.60
CA PHE F 320 36.65 59.94 -54.25
C PHE F 320 35.59 58.95 -53.78
N GLY F 321 35.07 58.12 -54.70
CA GLY F 321 34.13 57.06 -54.33
C GLY F 321 34.07 55.96 -55.35
N SER F 322 34.18 54.71 -54.89
CA SER F 322 34.14 53.56 -55.79
C SER F 322 32.77 52.89 -55.85
N ASP F 323 32.26 52.48 -54.68
CA ASP F 323 30.92 51.88 -54.51
C ASP F 323 30.75 50.52 -55.21
N LEU F 324 31.77 49.67 -55.11
CA LEU F 324 31.72 48.40 -55.80
C LEU F 324 31.12 47.30 -54.92
N LEU F 325 30.61 46.26 -55.57
CA LEU F 325 29.94 45.17 -54.87
C LEU F 325 30.45 43.84 -55.43
N GLY F 326 30.56 42.84 -54.57
CA GLY F 326 31.05 41.53 -54.99
C GLY F 326 32.51 41.54 -55.40
N GLU F 327 32.86 40.67 -56.35
CA GLU F 327 34.23 40.59 -56.86
C GLU F 327 34.59 41.74 -57.81
N MET F 328 33.66 42.68 -57.97
CA MET F 328 33.91 43.92 -58.69
C MET F 328 34.71 44.92 -57.85
N HIS F 329 34.98 44.56 -56.59
CA HIS F 329 35.77 45.39 -55.68
C HIS F 329 37.22 45.60 -56.13
N ALA F 330 37.66 44.79 -57.08
CA ALA F 330 39.00 44.89 -57.65
C ALA F 330 39.20 46.15 -58.49
N PHE F 331 38.11 46.68 -59.05
CA PHE F 331 38.16 47.84 -59.95
C PHE F 331 38.21 49.20 -59.23
N GLN F 332 38.50 49.17 -57.93
CA GLN F 332 38.44 50.35 -57.05
C GLN F 332 39.29 51.54 -57.51
N SER F 333 40.51 51.25 -57.93
CA SER F 333 41.46 52.28 -58.31
C SER F 333 41.12 52.91 -59.66
N GLY F 334 40.33 52.20 -60.48
CA GLY F 334 39.91 52.67 -61.80
C GLY F 334 39.19 54.01 -61.80
N GLU F 335 38.63 54.39 -60.65
CA GLU F 335 37.98 55.69 -60.47
C GLU F 335 38.98 56.84 -60.60
N PHE F 336 40.25 56.60 -60.22
CA PHE F 336 41.33 57.57 -60.43
C PHE F 336 41.53 57.92 -61.91
N ARG F 337 41.48 56.89 -62.75
CA ARG F 337 41.65 57.03 -64.19
C ARG F 337 40.49 57.81 -64.82
N ILE F 338 39.27 57.36 -64.54
CA ILE F 338 38.02 57.98 -65.04
C ILE F 338 37.94 59.48 -64.73
N ARG F 339 38.37 59.86 -63.53
CA ARG F 339 38.29 61.25 -63.09
C ARG F 339 39.38 62.14 -63.66
N ALA F 340 40.58 61.58 -63.81
CA ALA F 340 41.70 62.30 -64.42
C ALA F 340 41.45 62.56 -65.91
N GLU F 341 40.63 61.72 -66.52
CA GLU F 341 40.20 61.87 -67.90
C GLU F 341 39.30 63.10 -68.13
N VAL F 342 38.62 63.55 -67.08
CA VAL F 342 37.67 64.66 -67.21
C VAL F 342 38.18 65.91 -66.46
N LEU F 343 38.94 65.69 -65.39
CA LEU F 343 39.31 66.79 -64.50
C LEU F 343 40.82 67.04 -64.41
N GLY F 344 41.62 66.08 -64.88
CA GLY F 344 43.08 66.18 -64.78
C GLY F 344 43.59 65.44 -63.56
N ASN F 345 44.84 64.99 -63.63
CA ASN F 345 45.44 64.12 -62.60
C ASN F 345 45.44 64.64 -61.16
N LEU F 346 45.75 65.93 -60.99
CA LEU F 346 45.81 66.57 -59.67
C LEU F 346 44.47 66.50 -58.94
N GLU F 347 43.40 66.89 -59.64
CA GLU F 347 42.05 66.91 -59.10
C GLU F 347 41.59 65.50 -58.76
N ALA F 348 41.98 64.53 -59.59
CA ALA F 348 41.72 63.12 -59.35
C ALA F 348 42.46 62.63 -58.11
N LEU F 349 43.63 63.21 -57.85
CA LEU F 349 44.38 62.90 -56.65
C LEU F 349 43.85 63.61 -55.42
N ARG F 350 43.31 64.82 -55.61
CA ARG F 350 42.69 65.59 -54.53
C ARG F 350 41.43 64.91 -53.98
N SER F 351 40.76 64.13 -54.84
CA SER F 351 39.57 63.37 -54.48
C SER F 351 39.77 62.39 -53.32
N ALA F 352 40.92 61.74 -53.27
CA ALA F 352 41.19 60.72 -52.25
C ALA F 352 42.15 61.18 -51.17
N THR F 353 42.52 62.46 -51.19
CA THR F 353 43.44 63.00 -50.20
C THR F 353 42.90 64.25 -49.51
N THR F 354 43.09 65.42 -50.12
CA THR F 354 42.77 66.69 -49.46
C THR F 354 41.27 66.90 -49.27
N VAL F 355 40.50 66.69 -50.33
CA VAL F 355 39.04 66.89 -50.28
C VAL F 355 38.37 65.82 -49.42
N ALA F 356 38.82 64.57 -49.59
CA ALA F 356 38.31 63.43 -48.83
C ALA F 356 38.47 63.60 -47.33
N ALA F 357 39.64 64.06 -46.90
CA ALA F 357 39.91 64.30 -45.48
C ALA F 357 39.05 65.43 -44.90
N GLU F 358 38.69 66.39 -45.75
CA GLU F 358 37.81 67.47 -45.35
C GLU F 358 36.38 66.95 -45.20
N ILE F 359 36.03 65.92 -45.98
CA ILE F 359 34.71 65.29 -45.91
C ILE F 359 34.52 64.53 -44.60
N VAL F 360 35.56 63.81 -44.18
CA VAL F 360 35.52 63.09 -42.90
C VAL F 360 36.03 63.91 -41.71
N ASN F 361 36.09 65.23 -41.89
CA ASN F 361 36.55 66.20 -40.87
C ASN F 361 37.91 65.87 -40.21
N MET F 362 38.84 65.43 -41.05
CA MET F 362 40.20 65.14 -40.64
C MET F 362 41.14 66.03 -41.44
N GLN F 363 40.67 67.24 -41.72
CA GLN F 363 41.46 68.25 -42.43
C GLN F 363 42.67 68.66 -41.59
N GLY F 364 43.86 68.44 -42.15
CA GLY F 364 45.10 68.66 -41.44
C GLY F 364 45.48 67.51 -40.54
N GLN F 365 44.81 66.37 -40.71
CA GLN F 365 45.08 65.17 -39.93
C GLN F 365 45.39 64.01 -40.88
N LEU F 366 44.58 63.91 -41.93
CA LEU F 366 44.80 62.98 -43.03
C LEU F 366 44.84 63.75 -44.35
N GLY F 367 45.24 63.07 -45.42
CA GLY F 367 45.26 63.65 -46.77
C GLY F 367 46.29 64.75 -47.04
N VAL F 368 47.30 64.82 -46.16
CA VAL F 368 48.34 65.84 -46.25
C VAL F 368 49.61 65.36 -45.55
N ILE F 369 50.73 65.34 -46.27
CA ILE F 369 52.02 65.08 -45.62
C ILE F 369 52.50 66.40 -45.00
N ALA F 370 52.33 66.48 -43.68
CA ALA F 370 52.71 67.66 -42.91
C ALA F 370 53.14 67.27 -41.51
N VAL F 371 53.86 68.18 -40.86
CA VAL F 371 54.24 68.05 -39.47
C VAL F 371 52.99 68.09 -38.56
N GLY F 372 52.78 67.00 -37.83
CA GLY F 372 51.68 66.91 -36.87
C GLY F 372 50.51 66.06 -37.31
N ALA F 373 50.53 65.61 -38.57
CA ALA F 373 49.46 64.79 -39.14
C ALA F 373 49.76 63.29 -39.03
N ILE F 374 48.71 62.48 -39.19
CA ILE F 374 48.79 61.03 -39.01
C ILE F 374 49.59 60.43 -40.16
N ALA F 375 50.47 59.50 -39.85
CA ALA F 375 51.31 58.85 -40.85
C ALA F 375 50.60 57.74 -41.61
N ASP F 376 49.72 58.16 -42.52
CA ASP F 376 49.07 57.26 -43.48
C ASP F 376 49.62 57.57 -44.86
N LEU F 377 50.52 56.72 -45.34
CA LEU F 377 51.35 57.05 -46.50
C LEU F 377 51.31 55.99 -47.60
N VAL F 378 51.39 56.46 -48.83
CA VAL F 378 51.56 55.63 -50.00
C VAL F 378 52.94 55.88 -50.60
N VAL F 379 53.69 54.80 -50.84
CA VAL F 379 54.95 54.88 -51.55
C VAL F 379 54.78 54.25 -52.93
N LEU F 380 55.09 55.04 -53.97
CA LEU F 380 54.61 54.78 -55.31
C LEU F 380 55.73 54.79 -56.37
N ASP F 381 55.80 53.72 -57.14
CA ASP F 381 56.81 53.55 -58.19
C ASP F 381 56.47 54.40 -59.41
N GLY F 382 56.86 55.66 -59.38
CA GLY F 382 56.61 56.57 -60.49
C GLY F 382 55.79 57.76 -60.05
N ASN F 383 55.69 58.75 -60.94
CA ASN F 383 54.97 59.99 -60.67
C ASN F 383 53.53 59.97 -61.22
N PRO F 384 52.53 60.03 -60.32
CA PRO F 384 51.11 60.03 -60.68
C PRO F 384 50.62 61.33 -61.29
N LEU F 385 51.35 62.43 -61.09
CA LEU F 385 51.02 63.69 -61.72
C LEU F 385 51.23 63.63 -63.23
N GLU F 386 52.13 62.74 -63.66
CA GLU F 386 52.30 62.43 -65.08
C GLU F 386 51.43 61.23 -65.50
N ASP F 387 51.55 60.13 -64.77
CA ASP F 387 50.88 58.89 -65.13
C ASP F 387 49.93 58.41 -64.03
N ILE F 388 48.62 58.56 -64.29
CA ILE F 388 47.57 58.04 -63.39
C ILE F 388 47.54 56.51 -63.37
N GLY F 389 48.25 55.90 -64.31
CA GLY F 389 48.41 54.45 -64.34
C GLY F 389 49.20 53.88 -63.17
N VAL F 390 49.96 54.72 -62.46
CA VAL F 390 50.70 54.24 -61.29
C VAL F 390 49.79 54.12 -60.06
N VAL F 391 48.60 54.71 -60.18
CA VAL F 391 47.59 54.71 -59.12
C VAL F 391 46.39 53.82 -59.50
N ALA F 392 46.00 53.90 -60.78
CA ALA F 392 44.78 53.24 -61.26
C ALA F 392 45.02 51.95 -62.06
N ASP F 393 46.14 51.26 -61.84
CA ASP F 393 46.36 49.97 -62.48
C ASP F 393 46.13 48.81 -61.51
N GLU F 394 45.06 48.93 -60.71
CA GLU F 394 44.68 47.95 -59.69
C GLU F 394 45.74 47.86 -58.57
N GLY F 395 46.40 48.99 -58.30
CA GLY F 395 47.48 49.05 -57.31
C GLY F 395 48.72 48.28 -57.70
N ALA F 396 49.12 48.42 -58.97
CA ALA F 396 50.27 47.69 -59.52
C ALA F 396 51.61 48.21 -59.00
N ARG F 397 51.78 49.53 -59.06
CA ARG F 397 53.07 50.15 -58.75
C ARG F 397 53.14 50.75 -57.34
N VAL F 398 52.44 50.13 -56.38
CA VAL F 398 52.55 50.54 -54.99
C VAL F 398 53.27 49.48 -54.16
N GLU F 399 54.46 49.82 -53.67
CA GLU F 399 55.28 48.86 -52.93
C GLU F 399 55.22 49.03 -51.43
N TYR F 400 54.91 50.24 -50.96
CA TYR F 400 54.79 50.45 -49.52
C TYR F 400 53.53 51.23 -49.14
N VAL F 401 52.77 50.66 -48.20
CA VAL F 401 51.64 51.34 -47.56
C VAL F 401 51.87 51.40 -46.06
N LEU F 402 52.02 52.63 -45.55
CA LEU F 402 52.17 52.85 -44.12
C LEU F 402 50.88 53.35 -43.54
N GLN F 403 50.52 52.81 -42.39
CA GLN F 403 49.29 53.18 -41.69
C GLN F 403 49.62 53.46 -40.22
N ARG F 404 49.29 54.67 -39.78
CA ARG F 404 49.59 55.17 -38.44
C ARG F 404 51.01 54.80 -37.99
N GLY F 405 51.99 55.19 -38.79
CA GLY F 405 53.39 55.00 -38.45
C GLY F 405 53.98 53.64 -38.78
N THR F 406 53.18 52.59 -38.66
CA THR F 406 53.65 51.23 -38.92
C THR F 406 53.53 50.82 -40.39
N LEU F 407 54.45 49.98 -40.84
CA LEU F 407 54.43 49.47 -42.22
C LEU F 407 53.53 48.25 -42.33
N VAL F 408 52.51 48.34 -43.19
CA VAL F 408 51.52 47.27 -43.32
C VAL F 408 51.63 46.52 -44.66
N LYS F 409 52.17 47.18 -45.68
CA LYS F 409 52.32 46.53 -46.98
C LYS F 409 53.73 46.63 -47.58
N ARG F 410 54.28 45.48 -47.96
CA ARG F 410 55.52 45.41 -48.74
C ARG F 410 55.25 44.53 -49.96
N GLN F 411 55.37 45.12 -51.15
CA GLN F 411 55.04 44.42 -52.40
C GLN F 411 56.16 44.51 -53.43
N THR G 4 2.51 73.02 20.13
CA THR G 4 3.63 73.24 21.08
C THR G 4 4.40 74.53 20.76
N ILE G 5 5.29 74.92 21.67
CA ILE G 5 6.04 76.18 21.55
C ILE G 5 7.47 76.05 22.11
N THR G 6 8.45 76.44 21.29
CA THR G 6 9.86 76.34 21.67
C THR G 6 10.57 77.68 21.43
N VAL G 7 11.49 78.02 22.33
CA VAL G 7 12.26 79.25 22.20
C VAL G 7 13.76 78.99 22.10
N LEU G 8 14.34 79.39 20.98
CA LEU G 8 15.79 79.52 20.88
C LEU G 8 16.10 80.90 21.46
N GLN G 9 16.98 80.93 22.46
CA GLN G 9 17.26 82.18 23.14
C GLN G 9 18.72 82.60 23.05
N GLY G 10 18.93 83.90 22.91
CA GLY G 10 20.24 84.51 22.93
C GLY G 10 21.14 84.19 21.75
N GLY G 11 20.55 83.70 20.66
CA GLY G 11 21.30 83.32 19.47
C GLY G 11 21.83 84.49 18.66
N ASN G 12 22.75 84.20 17.76
CA ASN G 12 23.22 85.19 16.82
C ASN G 12 22.50 84.95 15.48
N VAL G 13 21.38 85.63 15.30
CA VAL G 13 20.50 85.41 14.14
C VAL G 13 21.08 86.05 12.89
N LEU G 14 21.12 85.28 11.79
CA LEU G 14 21.75 85.72 10.54
C LEU G 14 20.73 86.33 9.55
N ASP G 15 20.79 87.64 9.38
CA ASP G 15 19.97 88.33 8.38
C ASP G 15 20.74 88.36 7.06
N LEU G 16 20.27 87.56 6.11
CA LEU G 16 21.01 87.33 4.85
C LEU G 16 20.90 88.45 3.82
N GLU G 17 19.72 89.04 3.70
CA GLU G 17 19.48 90.16 2.76
C GLU G 17 20.17 91.46 3.18
N ARG G 18 20.48 91.59 4.47
CA ARG G 18 21.21 92.75 5.00
C ARG G 18 22.68 92.44 5.31
N GLY G 19 23.01 91.16 5.43
CA GLY G 19 24.39 90.70 5.56
C GLY G 19 25.05 90.91 6.91
N VAL G 20 24.36 90.52 7.99
CA VAL G 20 24.87 90.68 9.36
C VAL G 20 24.53 89.54 10.30
N LEU G 21 25.05 89.64 11.52
CA LEU G 21 24.70 88.77 12.64
C LEU G 21 24.04 89.59 13.74
N LEU G 22 22.72 89.47 13.88
CA LEU G 22 22.02 90.13 14.97
C LEU G 22 22.17 89.27 16.21
N GLU G 23 23.07 89.66 17.11
CA GLU G 23 23.37 88.86 18.31
C GLU G 23 22.33 89.02 19.43
N HIS G 24 22.25 87.98 20.27
CA HIS G 24 21.35 87.89 21.43
C HIS G 24 19.86 88.06 21.11
N HIS G 25 19.53 87.97 19.82
CA HIS G 25 18.16 87.90 19.35
C HIS G 25 17.59 86.53 19.62
N HIS G 26 16.41 86.49 20.22
CA HIS G 26 15.71 85.23 20.48
C HIS G 26 14.86 84.83 19.28
N VAL G 27 14.53 83.54 19.21
CA VAL G 27 13.66 83.00 18.16
C VAL G 27 12.50 82.23 18.81
N VAL G 28 11.27 82.62 18.46
CA VAL G 28 10.07 81.96 19.00
C VAL G 28 9.42 81.06 17.95
N ILE G 29 9.39 79.76 18.24
CA ILE G 29 8.79 78.74 17.38
C ILE G 29 7.42 78.34 17.94
N ASP G 30 6.44 78.17 17.04
CA ASP G 30 5.14 77.64 17.44
C ASP G 30 4.68 76.58 16.44
N GLY G 31 4.74 75.33 16.88
CA GLY G 31 4.38 74.20 16.02
C GLY G 31 5.45 73.89 15.01
N GLU G 32 5.37 74.52 13.84
CA GLU G 32 6.30 74.26 12.73
C GLU G 32 6.87 75.54 12.12
N ARG G 33 6.40 76.69 12.59
CA ARG G 33 6.79 77.98 12.03
C ARG G 33 7.35 78.96 13.06
N ILE G 34 7.93 80.05 12.58
CA ILE G 34 8.57 81.06 13.42
C ILE G 34 7.65 82.26 13.61
N VAL G 35 7.32 82.56 14.87
CA VAL G 35 6.44 83.69 15.20
C VAL G 35 7.20 84.99 15.40
N GLU G 36 8.32 84.93 16.10
CA GLU G 36 8.99 86.14 16.56
C GLU G 36 10.51 86.05 16.44
N VAL G 37 11.10 87.04 15.78
CA VAL G 37 12.55 87.22 15.73
C VAL G 37 12.87 88.59 16.33
N THR G 38 13.25 88.59 17.61
CA THR G 38 13.45 89.84 18.36
C THR G 38 14.53 89.71 19.43
N ASP G 39 14.98 90.87 19.92
CA ASP G 39 16.01 90.96 20.97
C ASP G 39 15.41 91.24 22.36
N ARG G 40 14.15 91.70 22.39
CA ARG G 40 13.40 91.98 23.63
C ARG G 40 13.24 90.72 24.49
N PRO G 41 13.39 90.85 25.83
CA PRO G 41 13.36 89.75 26.82
C PRO G 41 12.24 88.73 26.64
N VAL G 42 12.58 87.45 26.82
CA VAL G 42 11.68 86.33 26.47
C VAL G 42 10.65 85.98 27.55
N ASP G 43 9.38 86.19 27.22
CA ASP G 43 8.27 85.82 28.08
C ASP G 43 7.92 84.35 27.84
N LEU G 44 8.41 83.47 28.70
CA LEU G 44 8.12 82.05 28.56
C LEU G 44 7.37 81.44 29.76
N PRO G 45 6.03 81.32 29.66
CA PRO G 45 5.25 80.63 30.70
C PRO G 45 5.41 79.12 30.57
N ASN G 46 4.78 78.54 29.55
CA ASN G 46 4.90 77.12 29.26
C ASN G 46 5.59 76.91 27.89
N ALA G 47 6.84 77.34 27.81
CA ALA G 47 7.60 77.24 26.56
C ALA G 47 8.93 76.54 26.79
N GLN G 48 9.26 75.62 25.89
CA GLN G 48 10.51 74.88 25.95
C GLN G 48 11.67 75.74 25.45
N ALA G 49 12.82 75.63 26.08
CA ALA G 49 13.94 76.50 25.78
C ALA G 49 15.21 75.73 25.41
N ILE G 50 15.86 76.17 24.34
CA ILE G 50 17.18 75.67 23.97
C ILE G 50 18.17 76.83 24.10
N ASP G 51 19.19 76.61 24.92
CA ASP G 51 20.20 77.62 25.24
C ASP G 51 21.21 77.74 24.11
N VAL G 52 21.09 78.83 23.35
CA VAL G 52 21.98 79.08 22.21
C VAL G 52 22.76 80.39 22.43
N ARG G 53 23.61 80.42 23.47
CA ARG G 53 24.38 81.63 23.74
C ARG G 53 25.63 81.73 22.84
N GLY G 54 25.81 82.90 22.23
CA GLY G 54 26.97 83.20 21.39
C GLY G 54 27.25 82.21 20.27
N LYS G 55 26.18 81.77 19.61
CA LYS G 55 26.27 80.80 18.52
C LYS G 55 25.37 81.26 17.37
N THR G 56 25.82 81.01 16.14
CA THR G 56 25.09 81.45 14.96
C THR G 56 23.81 80.62 14.71
N VAL G 57 22.68 81.27 14.92
CA VAL G 57 21.39 80.74 14.50
C VAL G 57 21.18 81.20 13.06
N MET G 58 21.04 80.23 12.15
CA MET G 58 20.88 80.51 10.72
C MET G 58 19.96 79.48 10.07
N PRO G 59 19.33 79.82 8.92
CA PRO G 59 18.34 78.89 8.35
C PRO G 59 18.97 77.62 7.78
N GLY G 60 18.19 76.54 7.73
CA GLY G 60 18.66 75.23 7.28
C GLY G 60 19.04 75.21 5.81
N PHE G 61 20.16 74.56 5.50
CA PHE G 61 20.76 74.65 4.17
C PHE G 61 19.95 73.89 3.13
N ILE G 62 19.87 74.48 1.94
CA ILE G 62 19.15 73.88 0.82
C ILE G 62 20.11 73.57 -0.34
N ASP G 63 20.27 72.28 -0.63
CA ASP G 63 21.07 71.81 -1.76
C ASP G 63 20.12 71.59 -2.94
N CYS G 64 20.47 72.15 -4.09
CA CYS G 64 19.57 72.13 -5.25
C CYS G 64 19.92 71.06 -6.29
N HIS G 65 20.82 70.14 -5.91
CA HIS G 65 21.23 69.08 -6.82
C HIS G 65 21.92 67.92 -6.09
N VAL G 66 21.12 67.00 -5.55
CA VAL G 66 21.65 65.78 -4.94
C VAL G 66 21.25 64.53 -5.70
N HIS G 67 21.90 63.43 -5.36
CA HIS G 67 21.49 62.12 -5.84
C HIS G 67 21.37 61.17 -4.65
N VAL G 68 20.20 61.21 -4.01
CA VAL G 68 19.94 60.45 -2.80
C VAL G 68 20.17 58.94 -2.95
N LEU G 69 19.68 58.38 -4.05
CA LEU G 69 19.75 56.94 -4.28
C LEU G 69 21.08 56.46 -4.88
N ALA G 70 21.99 57.38 -5.16
CA ALA G 70 23.31 57.04 -5.70
C ALA G 70 24.20 56.44 -4.63
N SER G 71 24.05 55.13 -4.45
CA SER G 71 24.76 54.36 -3.42
C SER G 71 26.24 54.20 -3.75
N ASN G 72 26.55 54.17 -5.04
CA ASN G 72 27.94 54.13 -5.50
C ASN G 72 28.19 54.85 -6.82
N ALA G 73 29.45 55.22 -7.05
CA ALA G 73 29.87 56.15 -8.11
C ALA G 73 29.51 55.76 -9.53
N ASN G 74 29.62 54.48 -9.86
CA ASN G 74 29.18 54.01 -11.17
C ASN G 74 27.66 53.88 -11.21
N LEU G 75 27.04 54.76 -12.01
CA LEU G 75 25.58 54.80 -12.15
C LEU G 75 25.06 53.66 -13.02
N GLY G 76 25.97 52.99 -13.72
CA GLY G 76 25.64 51.78 -14.46
C GLY G 76 25.29 50.65 -13.51
N VAL G 77 26.17 50.40 -12.54
CA VAL G 77 25.95 49.34 -11.57
C VAL G 77 25.01 49.80 -10.45
N ASN G 78 24.83 51.11 -10.33
CA ASN G 78 23.87 51.68 -9.39
C ASN G 78 22.43 51.46 -9.87
N ALA G 79 22.26 51.40 -11.19
CA ALA G 79 20.95 51.16 -11.78
C ALA G 79 20.55 49.69 -11.64
N THR G 80 21.52 48.81 -11.82
CA THR G 80 21.29 47.37 -11.88
C THR G 80 21.12 46.70 -10.52
N GLN G 81 21.41 47.44 -9.45
CA GLN G 81 21.26 46.92 -8.09
C GLN G 81 19.78 46.68 -7.77
N PRO G 82 19.48 45.71 -6.87
CA PRO G 82 18.07 45.38 -6.59
C PRO G 82 17.29 46.51 -5.91
N ASN G 83 15.98 46.49 -6.11
CA ASN G 83 15.09 47.55 -5.59
C ASN G 83 15.11 47.69 -4.07
N ILE G 84 15.15 46.54 -3.40
CA ILE G 84 15.25 46.49 -1.95
C ILE G 84 16.55 47.16 -1.50
N LEU G 85 17.68 46.69 -2.02
CA LEU G 85 18.99 47.17 -1.60
C LEU G 85 19.31 48.59 -2.02
N ALA G 86 18.67 49.06 -3.09
CA ALA G 86 18.85 50.43 -3.56
C ALA G 86 18.30 51.42 -2.55
N ALA G 87 17.07 51.19 -2.12
CA ALA G 87 16.38 52.02 -1.12
C ALA G 87 17.11 52.02 0.22
N ILE G 88 17.62 50.86 0.62
CA ILE G 88 18.29 50.67 1.91
C ILE G 88 19.56 51.51 2.05
N ARG G 89 20.38 51.50 1.00
CA ARG G 89 21.67 52.21 1.03
C ARG G 89 21.55 53.73 1.02
N SER G 90 20.39 54.24 0.59
CA SER G 90 20.15 55.67 0.56
C SER G 90 19.86 56.26 1.94
N LEU G 91 19.47 55.40 2.88
CA LEU G 91 19.13 55.85 4.24
C LEU G 91 20.28 56.41 5.10
N PRO G 92 21.50 55.83 5.00
CA PRO G 92 22.62 56.56 5.60
C PRO G 92 22.91 57.88 4.90
N ILE G 93 22.77 57.88 3.57
CA ILE G 93 23.09 59.02 2.73
C ILE G 93 22.21 60.23 3.04
N LEU G 94 20.92 59.97 3.30
CA LEU G 94 19.97 61.00 3.70
C LEU G 94 20.25 61.52 5.10
N ASP G 95 20.58 60.60 5.99
CA ASP G 95 20.83 60.89 7.39
C ASP G 95 22.02 61.82 7.52
N ALA G 96 23.10 61.47 6.82
CA ALA G 96 24.34 62.23 6.82
C ALA G 96 24.17 63.68 6.37
N MET G 97 23.37 63.89 5.33
CA MET G 97 23.07 65.23 4.80
C MET G 97 22.38 66.11 5.84
N LEU G 98 21.43 65.53 6.55
CA LEU G 98 20.66 66.23 7.58
C LEU G 98 21.56 66.64 8.74
N SER G 99 22.45 65.74 9.13
CA SER G 99 23.41 66.02 10.20
C SER G 99 24.51 67.00 9.76
N ARG G 100 24.64 67.20 8.45
CA ARG G 100 25.53 68.23 7.92
C ARG G 100 24.80 69.56 7.75
N GLY G 101 23.60 69.65 8.34
CA GLY G 101 22.83 70.90 8.36
C GLY G 101 21.88 71.12 7.21
N PHE G 102 21.72 70.11 6.35
CA PHE G 102 20.84 70.23 5.20
C PHE G 102 19.41 69.80 5.52
N THR G 103 18.49 70.76 5.50
CA THR G 103 17.09 70.51 5.86
C THR G 103 16.23 70.25 4.63
N SER G 104 16.68 70.73 3.47
CA SER G 104 15.96 70.50 2.22
C SER G 104 16.93 70.20 1.08
N VAL G 105 16.64 69.13 0.35
CA VAL G 105 17.41 68.82 -0.85
C VAL G 105 16.49 68.66 -2.07
N ARG G 106 17.02 68.98 -3.23
CA ARG G 106 16.31 68.81 -4.48
C ARG G 106 17.00 67.69 -5.25
N ASP G 107 16.37 66.52 -5.27
CA ASP G 107 16.93 65.35 -5.93
C ASP G 107 16.82 65.50 -7.45
N ALA G 108 17.92 65.22 -8.14
CA ALA G 108 18.00 65.47 -9.58
C ALA G 108 17.88 64.17 -10.40
N GLY G 109 17.08 63.23 -9.90
CA GLY G 109 16.92 61.94 -10.55
C GLY G 109 17.21 60.83 -9.56
N GLY G 110 16.29 59.87 -9.48
CA GLY G 110 16.40 58.77 -8.52
C GLY G 110 15.25 58.75 -7.54
N ALA G 111 15.21 59.72 -6.64
CA ALA G 111 14.21 59.74 -5.56
C ALA G 111 12.81 60.02 -6.07
N ASP G 112 11.86 59.26 -5.54
CA ASP G 112 10.46 59.42 -5.86
C ASP G 112 9.67 60.01 -4.71
N TRP G 113 8.35 60.02 -4.87
CA TRP G 113 7.39 60.50 -3.88
C TRP G 113 7.40 59.68 -2.58
N SER G 114 7.76 58.39 -2.69
CA SER G 114 7.86 57.48 -1.54
C SER G 114 8.84 57.97 -0.49
N LEU G 115 10.02 58.37 -0.94
CA LEU G 115 11.06 58.92 -0.06
C LEU G 115 10.68 60.28 0.53
N MET G 116 9.94 61.07 -0.26
CA MET G 116 9.41 62.34 0.20
C MET G 116 8.37 62.14 1.31
N GLN G 117 7.58 61.07 1.17
CA GLN G 117 6.59 60.69 2.19
C GLN G 117 7.26 60.17 3.45
N ALA G 118 8.32 59.38 3.27
CA ALA G 118 9.04 58.75 4.36
C ALA G 118 9.70 59.77 5.30
N VAL G 119 10.25 60.84 4.74
CA VAL G 119 10.84 61.88 5.57
C VAL G 119 9.77 62.73 6.27
N GLU G 120 8.75 63.15 5.52
CA GLU G 120 7.73 64.06 6.04
C GLU G 120 6.81 63.44 7.08
N THR G 121 6.65 62.12 7.03
CA THR G 121 5.91 61.39 8.06
C THR G 121 6.85 60.71 9.05
N GLY G 122 8.08 61.24 9.14
CA GLY G 122 9.04 60.84 10.16
C GLY G 122 9.41 59.36 10.23
N LEU G 123 9.20 58.66 9.13
CA LEU G 123 9.52 57.24 9.03
C LEU G 123 11.00 57.07 8.70
N VAL G 124 11.59 58.14 8.17
CA VAL G 124 13.00 58.16 7.79
C VAL G 124 13.64 59.49 8.22
N SER G 125 14.80 59.38 8.85
CA SER G 125 15.59 60.56 9.18
C SER G 125 16.25 61.09 7.93
N GLY G 126 16.03 62.37 7.65
CA GLY G 126 16.64 63.02 6.49
C GLY G 126 16.06 64.39 6.23
N PRO G 127 16.57 65.09 5.20
CA PRO G 127 16.02 66.38 4.79
C PRO G 127 14.67 66.24 4.08
N ARG G 128 14.04 67.38 3.78
CA ARG G 128 12.89 67.40 2.91
C ARG G 128 13.38 67.19 1.49
N ILE G 129 12.71 66.32 0.75
CA ILE G 129 13.10 66.00 -0.61
C ILE G 129 12.12 66.65 -1.57
N PHE G 130 12.66 67.27 -2.62
CA PHE G 130 11.86 67.76 -3.75
C PHE G 130 12.21 66.87 -4.92
N PRO G 131 11.43 65.78 -5.13
CA PRO G 131 11.79 64.73 -6.09
C PRO G 131 11.59 65.14 -7.55
N SER G 132 12.46 64.60 -8.40
CA SER G 132 12.35 64.78 -9.84
C SER G 132 11.78 63.51 -10.48
N GLY G 133 11.67 62.45 -9.69
CA GLY G 133 11.32 61.14 -10.20
C GLY G 133 12.53 60.54 -10.88
N LYS G 134 12.47 60.41 -12.19
CA LYS G 134 13.60 59.98 -12.98
C LYS G 134 13.99 61.11 -13.92
N ALA G 135 15.29 61.24 -14.19
CA ALA G 135 15.77 62.21 -15.15
C ALA G 135 15.38 61.76 -16.55
N LEU G 136 14.92 62.69 -17.38
CA LEU G 136 14.61 62.34 -18.75
C LEU G 136 15.85 62.44 -19.63
N SER G 137 16.06 61.41 -20.44
CA SER G 137 17.21 61.33 -21.32
C SER G 137 16.79 60.70 -22.62
N GLN G 138 17.46 61.07 -23.70
CA GLN G 138 17.24 60.42 -24.99
C GLN G 138 18.04 59.12 -25.08
N THR G 139 17.84 58.37 -26.16
CA THR G 139 18.57 57.12 -26.41
C THR G 139 20.03 57.46 -26.73
N GLY G 140 20.94 56.77 -26.06
CA GLY G 140 22.37 57.04 -26.16
C GLY G 140 22.75 58.35 -25.48
N GLY G 141 21.82 58.90 -24.72
CA GLY G 141 22.03 60.16 -24.01
C GLY G 141 22.71 59.96 -22.67
N HIS G 142 22.78 61.05 -21.90
CA HIS G 142 23.51 61.05 -20.63
C HIS G 142 22.91 60.13 -19.56
N GLY G 143 21.62 59.84 -19.69
CA GLY G 143 20.98 58.89 -18.80
C GLY G 143 20.99 57.46 -19.33
N ASP G 144 21.37 57.29 -20.59
CA ASP G 144 21.41 55.96 -21.19
C ASP G 144 22.72 55.26 -20.83
N PHE G 145 22.64 54.30 -19.93
CA PHE G 145 23.81 53.61 -19.39
C PHE G 145 24.08 52.26 -20.08
N ARG G 146 23.46 52.05 -21.23
CA ARG G 146 23.76 50.88 -22.04
C ARG G 146 25.10 51.09 -22.75
N PRO G 147 25.94 50.02 -22.80
CA PRO G 147 27.23 50.12 -23.51
C PRO G 147 27.09 50.18 -25.04
N ARG G 148 28.21 50.03 -25.74
CA ARG G 148 28.22 50.06 -27.19
C ARG G 148 28.07 48.65 -27.80
N GLY G 149 27.43 47.75 -27.05
CA GLY G 149 27.15 46.38 -27.51
C GLY G 149 26.00 46.32 -28.49
N ASP G 150 24.78 46.34 -27.96
CA ASP G 150 23.51 46.39 -28.74
C ASP G 150 22.34 46.94 -27.90
N LEU G 151 21.21 47.19 -28.55
CA LEU G 151 20.06 47.85 -27.91
C LEU G 151 18.77 47.01 -27.86
N LEU G 152 18.48 46.46 -26.69
CA LEU G 152 17.17 45.84 -26.43
C LEU G 152 16.30 46.84 -25.68
N GLU G 153 14.97 46.70 -25.79
CA GLU G 153 14.02 47.62 -25.20
C GLU G 153 14.00 47.60 -23.66
N PRO G 154 14.20 48.78 -23.03
CA PRO G 154 14.15 48.89 -21.57
C PRO G 154 12.87 49.56 -21.06
N CYS G 155 11.91 48.75 -20.59
CA CYS G 155 10.74 49.27 -19.86
C CYS G 155 11.00 49.17 -18.35
N SER G 156 12.19 48.65 -18.01
CA SER G 156 12.64 48.50 -16.63
C SER G 156 13.13 49.81 -16.02
N CYS G 157 13.32 50.83 -16.85
CA CYS G 157 13.78 52.17 -16.42
C CYS G 157 13.00 52.72 -15.22
N CYS G 158 11.67 52.63 -15.28
CA CYS G 158 10.82 53.02 -14.17
C CYS G 158 10.83 51.98 -13.05
N PHE G 159 10.90 50.69 -13.43
CA PHE G 159 10.90 49.59 -12.47
C PHE G 159 12.10 49.61 -11.52
N ARG G 160 13.31 49.74 -12.08
CA ARG G 160 14.55 49.76 -11.29
C ARG G 160 14.63 51.06 -10.49
N THR G 161 14.58 50.93 -9.16
CA THR G 161 14.52 52.09 -8.26
C THR G 161 15.84 52.83 -8.15
N GLY G 162 16.93 52.10 -8.37
CA GLY G 162 18.27 52.67 -8.33
C GLY G 162 18.71 53.32 -9.62
N ALA G 163 17.82 53.37 -10.60
CA ALA G 163 18.09 54.06 -11.86
C ALA G 163 17.90 55.56 -11.66
N ILE G 164 18.92 56.32 -12.04
CA ILE G 164 18.91 57.79 -11.98
C ILE G 164 17.92 58.36 -13.01
N ALA G 165 17.94 57.76 -14.20
CA ALA G 165 17.22 58.29 -15.35
C ALA G 165 16.37 57.25 -16.05
N ARG G 166 15.46 57.72 -16.89
CA ARG G 166 14.73 56.87 -17.81
C ARG G 166 14.97 57.38 -19.22
N VAL G 167 14.87 56.49 -20.20
CA VAL G 167 15.13 56.85 -21.58
C VAL G 167 13.83 57.07 -22.37
N VAL G 168 13.58 58.33 -22.72
CA VAL G 168 12.43 58.70 -23.57
C VAL G 168 12.84 59.57 -24.76
N ASP G 169 12.22 59.30 -25.91
CA ASP G 169 12.52 60.01 -27.16
C ASP G 169 11.21 60.40 -27.86
N GLY G 170 11.24 61.50 -28.61
CA GLY G 170 10.08 61.93 -29.39
C GLY G 170 9.21 62.92 -28.66
N VAL G 171 8.55 63.81 -29.42
CA VAL G 171 7.71 64.90 -28.86
C VAL G 171 6.55 64.34 -28.06
N GLU G 172 5.89 63.33 -28.60
CA GLU G 172 4.81 62.67 -27.87
C GLU G 172 5.35 61.75 -26.78
N GLY G 173 6.55 61.22 -27.00
CA GLY G 173 7.24 60.41 -26.01
C GLY G 173 7.53 61.16 -24.72
N VAL G 174 8.06 62.38 -24.85
CA VAL G 174 8.40 63.20 -23.69
C VAL G 174 7.17 63.84 -23.05
N ARG G 175 6.14 64.08 -23.85
CA ARG G 175 4.91 64.68 -23.38
C ARG G 175 4.22 63.74 -22.39
N LEU G 176 4.20 62.46 -22.74
CA LEU G 176 3.66 61.42 -21.87
C LEU G 176 4.58 61.18 -20.68
N ALA G 177 5.88 61.19 -20.93
CA ALA G 177 6.90 61.00 -19.89
C ALA G 177 6.76 62.00 -18.74
N VAL G 178 6.61 63.28 -19.09
CA VAL G 178 6.40 64.34 -18.10
C VAL G 178 5.09 64.12 -17.32
N ARG G 179 4.03 63.80 -18.05
CA ARG G 179 2.72 63.48 -17.46
C ARG G 179 2.77 62.30 -16.49
N GLU G 180 3.53 61.28 -16.86
CA GLU G 180 3.77 60.11 -16.03
C GLU G 180 4.46 60.48 -14.73
N GLU G 181 5.55 61.25 -14.84
CA GLU G 181 6.38 61.62 -13.68
C GLU G 181 5.67 62.56 -12.72
N ILE G 182 4.84 63.45 -13.26
CA ILE G 182 4.08 64.39 -12.44
C ILE G 182 3.02 63.70 -11.57
N GLN G 183 2.33 62.72 -12.14
CA GLN G 183 1.31 61.98 -11.41
C GLN G 183 1.93 61.04 -10.37
N LYS G 184 3.15 60.59 -10.62
CA LYS G 184 3.89 59.77 -9.66
C LYS G 184 4.37 60.61 -8.48
N GLY G 185 4.30 61.92 -8.63
CA GLY G 185 4.52 62.83 -7.51
C GLY G 185 5.84 63.56 -7.56
N ALA G 186 6.24 63.99 -8.76
CA ALA G 186 7.43 64.81 -8.89
C ALA G 186 7.07 66.26 -8.62
N THR G 187 8.01 67.00 -8.03
CA THR G 187 7.81 68.42 -7.76
C THR G 187 8.42 69.29 -8.86
N GLN G 188 9.34 68.71 -9.63
CA GLN G 188 9.95 69.37 -10.78
C GLN G 188 10.46 68.32 -11.79
N ILE G 189 10.81 68.75 -13.00
CA ILE G 189 11.24 67.81 -14.05
C ILE G 189 12.72 67.97 -14.42
N ILE G 191 15.86 67.03 -16.95
CA ILE G 191 16.26 66.53 -18.26
C ILE G 191 17.76 66.61 -18.52
N MET G 192 18.28 65.67 -19.31
CA MET G 192 19.65 65.74 -19.81
C MET G 192 19.66 66.48 -21.14
N ALA G 193 20.16 67.71 -21.11
CA ALA G 193 20.13 68.62 -22.27
C ALA G 193 21.49 68.76 -22.98
N SER G 194 22.44 67.91 -22.58
CA SER G 194 23.73 67.74 -23.26
C SER G 194 24.40 66.48 -22.74
N GLY G 195 25.60 66.21 -23.24
CA GLY G 195 26.42 65.10 -22.73
C GLY G 195 27.00 65.41 -21.36
N GLY G 196 27.63 64.40 -20.76
CA GLY G 196 28.23 64.56 -19.44
C GLY G 196 29.44 63.68 -19.17
N VAL G 197 29.63 63.35 -17.90
CA VAL G 197 30.80 62.56 -17.49
C VAL G 197 30.45 61.07 -17.25
N ALA G 198 29.44 60.80 -16.43
CA ALA G 198 29.17 59.44 -15.92
C ALA G 198 28.38 58.50 -16.86
N SER G 199 28.24 58.88 -18.13
CA SER G 199 27.55 58.06 -19.12
C SER G 199 28.54 57.41 -20.09
N PRO G 200 28.16 56.26 -20.69
CA PRO G 200 29.08 55.52 -21.58
C PRO G 200 29.36 56.13 -22.97
N THR G 201 28.33 56.63 -23.65
CA THR G 201 28.45 56.90 -25.10
C THR G 201 28.60 58.36 -25.55
N ASP G 202 28.25 59.32 -24.70
CA ASP G 202 28.20 60.74 -25.10
C ASP G 202 29.34 61.63 -24.60
N PRO G 203 30.01 62.34 -25.53
CA PRO G 203 30.92 63.44 -25.17
C PRO G 203 30.18 64.66 -24.61
N ILE G 204 30.90 65.46 -23.82
CA ILE G 204 30.33 66.64 -23.14
C ILE G 204 29.96 67.79 -24.09
N ALA G 205 30.58 67.81 -25.27
CA ALA G 205 30.44 68.91 -26.22
C ALA G 205 29.10 68.92 -26.96
N ASN G 206 28.50 67.74 -27.12
CA ASN G 206 27.29 67.61 -27.93
C ASN G 206 25.98 67.73 -27.16
N THR G 207 24.98 68.33 -27.81
CA THR G 207 23.69 68.60 -27.19
C THR G 207 22.73 67.44 -27.38
N GLN G 208 21.80 67.28 -26.45
CA GLN G 208 20.80 66.21 -26.49
C GLN G 208 19.38 66.79 -26.49
N TYR G 209 18.44 66.02 -27.04
CA TYR G 209 17.05 66.43 -27.32
C TYR G 209 16.92 67.52 -28.39
N SER G 210 15.88 67.40 -29.20
CA SER G 210 15.53 68.45 -30.16
C SER G 210 14.84 69.59 -29.44
N GLU G 211 14.75 70.75 -30.09
CA GLU G 211 14.12 71.92 -29.49
C GLU G 211 12.62 71.69 -29.25
N ASP G 212 12.02 70.85 -30.09
CA ASP G 212 10.62 70.45 -29.96
C ASP G 212 10.37 69.55 -28.75
N GLU G 213 11.34 68.73 -28.39
CA GLU G 213 11.21 67.87 -27.21
C GLU G 213 11.31 68.66 -25.94
N ILE G 214 12.29 69.56 -25.86
CA ILE G 214 12.49 70.41 -24.67
C ILE G 214 11.27 71.29 -24.43
N ARG G 215 10.74 71.88 -25.51
CA ARG G 215 9.52 72.69 -25.44
C ARG G 215 8.33 71.89 -24.94
N ALA G 216 8.19 70.65 -25.39
CA ALA G 216 7.12 69.76 -24.93
C ALA G 216 7.24 69.43 -23.43
N ILE G 217 8.48 69.34 -22.94
CA ILE G 217 8.75 69.07 -21.53
C ILE G 217 8.45 70.32 -20.69
N VAL G 218 8.90 71.47 -21.17
CA VAL G 218 8.66 72.77 -20.50
C VAL G 218 7.16 73.11 -20.43
N ASP G 219 6.46 72.96 -21.55
CA ASP G 219 5.03 73.23 -21.62
C ASP G 219 4.19 72.34 -20.69
N GLU G 220 4.59 71.09 -20.54
CA GLU G 220 3.90 70.15 -19.66
C GLU G 220 4.20 70.40 -18.18
N ALA G 221 5.42 70.82 -17.88
CA ALA G 221 5.81 71.14 -16.51
C ALA G 221 5.12 72.42 -16.03
N GLU G 222 5.07 73.44 -16.89
CA GLU G 222 4.36 74.68 -16.58
C GLU G 222 2.87 74.45 -16.41
N ALA G 223 2.33 73.49 -17.17
CA ALA G 223 0.93 73.09 -17.07
C ALA G 223 0.58 72.42 -15.75
N ALA G 224 1.57 71.94 -15.01
CA ALA G 224 1.38 71.41 -13.67
C ALA G 224 2.06 72.31 -12.65
N ASN G 225 2.08 73.60 -12.98
CA ASN G 225 2.61 74.68 -12.12
C ASN G 225 3.98 74.43 -11.48
N THR G 226 4.86 73.83 -12.26
CA THR G 226 6.26 73.65 -11.89
C THR G 226 7.16 74.02 -13.08
N TYR G 227 8.42 73.61 -13.03
CA TYR G 227 9.46 74.06 -13.96
C TYR G 227 10.38 72.90 -14.36
N VAL G 228 11.38 73.19 -15.20
CA VAL G 228 12.31 72.17 -15.69
C VAL G 228 13.77 72.51 -15.35
N MET G 229 14.45 71.58 -14.69
CA MET G 229 15.90 71.66 -14.49
C MET G 229 16.63 70.86 -15.56
N ALA G 230 17.70 71.43 -16.11
CA ALA G 230 18.40 70.82 -17.23
C ALA G 230 19.91 70.75 -17.05
N HIS G 231 20.43 69.54 -17.26
CA HIS G 231 21.86 69.29 -17.30
C HIS G 231 22.41 69.82 -18.62
N ALA G 232 23.25 70.86 -18.56
CA ALA G 232 23.86 71.43 -19.75
C ALA G 232 25.23 72.03 -19.47
N TYR G 233 26.24 71.65 -20.26
CA TYR G 233 27.63 72.05 -20.01
C TYR G 233 28.10 73.26 -20.82
N THR G 234 28.10 73.09 -22.14
CA THR G 234 28.61 74.11 -23.06
C THR G 234 27.66 75.30 -23.17
N GLY G 235 28.18 76.44 -23.62
CA GLY G 235 27.37 77.64 -23.82
C GLY G 235 26.34 77.48 -24.91
N ARG G 236 26.72 76.74 -25.95
CA ARG G 236 25.82 76.38 -27.05
C ARG G 236 24.63 75.57 -26.53
N ALA G 237 24.92 74.56 -25.71
CA ALA G 237 23.92 73.67 -25.11
C ALA G 237 23.02 74.37 -24.10
N ILE G 238 23.58 75.34 -23.39
CA ILE G 238 22.85 76.08 -22.35
C ILE G 238 21.84 77.04 -22.99
N ALA G 239 22.26 77.72 -24.06
CA ALA G 239 21.46 78.75 -24.71
C ALA G 239 20.17 78.21 -25.35
N ARG G 240 20.27 77.07 -26.04
CA ARG G 240 19.11 76.42 -26.66
C ARG G 240 18.08 75.91 -25.65
N ALA G 241 18.58 75.46 -24.49
CA ALA G 241 17.72 75.03 -23.39
C ALA G 241 16.98 76.21 -22.78
N VAL G 242 17.66 77.35 -22.71
CA VAL G 242 17.12 78.57 -22.12
C VAL G 242 16.09 79.23 -23.05
N ARG G 243 16.35 79.21 -24.36
CA ARG G 243 15.40 79.73 -25.34
C ARG G 243 14.11 78.93 -25.43
N CYS G 244 14.19 77.62 -25.16
CA CYS G 244 13.01 76.78 -25.01
C CYS G 244 12.27 77.10 -23.71
N GLY G 245 13.04 77.37 -22.66
CA GLY G 245 12.49 77.88 -21.41
C GLY G 245 12.68 77.00 -20.20
N VAL G 246 13.86 76.40 -20.05
CA VAL G 246 14.17 75.71 -18.81
C VAL G 246 14.50 76.76 -17.75
N ARG G 247 14.07 76.52 -16.52
CA ARG G 247 14.20 77.51 -15.46
C ARG G 247 15.54 77.44 -14.73
N THR G 248 16.08 76.25 -14.53
CA THR G 248 17.39 76.12 -13.90
C THR G 248 18.36 75.27 -14.72
N ILE G 249 19.63 75.66 -14.69
CA ILE G 249 20.71 74.97 -15.40
C ILE G 249 21.64 74.31 -14.40
N GLU G 250 21.84 73.00 -14.54
CA GLU G 250 22.73 72.27 -13.64
C GLU G 250 24.15 72.24 -14.20
N HIS G 251 25.12 72.33 -13.27
CA HIS G 251 26.55 72.52 -13.57
C HIS G 251 26.81 73.80 -14.35
N GLY G 252 26.78 73.70 -15.68
CA GLY G 252 27.02 74.86 -16.56
C GLY G 252 28.46 75.29 -16.64
N ASN G 253 29.37 74.34 -16.39
CA ASN G 253 30.81 74.59 -16.23
C ASN G 253 31.50 75.32 -17.39
N LEU G 254 30.96 75.16 -18.59
CA LEU G 254 31.58 75.72 -19.80
C LEU G 254 30.69 76.77 -20.48
N VAL G 255 30.42 77.87 -19.77
CA VAL G 255 29.68 79.00 -20.32
C VAL G 255 30.56 80.05 -20.99
N ASP G 256 29.99 80.73 -21.98
CA ASP G 256 30.49 82.02 -22.40
C ASP G 256 29.59 83.09 -21.77
N GLU G 257 30.01 84.35 -21.82
CA GLU G 257 29.23 85.43 -21.21
C GLU G 257 27.97 85.80 -22.00
N ALA G 258 27.94 85.43 -23.28
CA ALA G 258 26.77 85.60 -24.13
C ALA G 258 25.61 84.76 -23.62
N ALA G 259 25.91 83.51 -23.23
CA ALA G 259 24.93 82.58 -22.66
C ALA G 259 24.44 83.02 -21.27
N ALA G 260 25.33 83.63 -20.51
CA ALA G 260 24.99 84.12 -19.17
C ALA G 260 24.10 85.36 -19.24
N LYS G 261 24.37 86.21 -20.24
CA LYS G 261 23.56 87.40 -20.52
C LYS G 261 22.11 87.03 -20.85
N LEU G 262 21.97 85.95 -21.65
CA LEU G 262 20.67 85.41 -22.03
C LEU G 262 19.92 84.83 -20.83
N MET G 263 20.67 84.15 -19.95
CA MET G 263 20.11 83.57 -18.74
C MET G 263 19.58 84.61 -17.77
N HIS G 264 20.34 85.70 -17.64
CA HIS G 264 19.94 86.82 -16.82
C HIS G 264 18.64 87.42 -17.33
N GLU G 265 18.56 87.58 -18.65
CA GLU G 265 17.38 88.14 -19.31
C GLU G 265 16.16 87.21 -19.27
N HIS G 266 16.41 85.91 -19.29
CA HIS G 266 15.34 84.92 -19.20
C HIS G 266 15.04 84.47 -17.76
N GLY G 267 15.79 85.03 -16.81
CA GLY G 267 15.60 84.73 -15.39
C GLY G 267 15.95 83.29 -15.04
N ALA G 268 16.90 82.73 -15.78
CA ALA G 268 17.33 81.35 -15.56
C ALA G 268 18.44 81.24 -14.50
N PHE G 269 18.18 80.44 -13.48
CA PHE G 269 19.12 80.18 -12.39
C PHE G 269 20.22 79.22 -12.86
N VAL G 270 21.29 79.10 -12.08
CA VAL G 270 22.34 78.09 -12.29
C VAL G 270 22.65 77.38 -10.98
N VAL G 271 22.79 76.05 -11.04
CA VAL G 271 23.26 75.29 -9.89
C VAL G 271 24.62 74.62 -10.22
N PRO G 272 25.73 75.36 -10.03
CA PRO G 272 27.05 74.78 -10.30
C PRO G 272 27.47 73.83 -9.21
N THR G 273 27.90 72.63 -9.61
CA THR G 273 28.16 71.57 -8.65
C THR G 273 29.63 71.18 -8.66
N LEU G 274 30.50 72.14 -8.34
CA LEU G 274 31.95 72.00 -8.55
C LEU G 274 32.64 70.95 -7.67
N VAL G 275 32.08 70.70 -6.49
CA VAL G 275 32.68 69.81 -5.49
C VAL G 275 32.69 68.33 -5.91
N THR G 276 31.87 67.97 -6.89
CA THR G 276 31.83 66.60 -7.39
C THR G 276 33.03 66.28 -8.27
N TYR G 277 33.55 67.29 -8.96
CA TYR G 277 34.63 67.08 -9.93
C TYR G 277 35.98 66.94 -9.25
N ASP G 278 36.20 67.73 -8.20
CA ASP G 278 37.40 67.66 -7.38
C ASP G 278 37.54 66.29 -6.72
N ALA G 279 36.41 65.76 -6.25
CA ALA G 279 36.34 64.43 -5.66
C ALA G 279 36.57 63.35 -6.71
N LEU G 280 36.08 63.59 -7.91
CA LEU G 280 36.26 62.65 -9.02
C LEU G 280 37.67 62.71 -9.63
N ALA G 281 38.42 63.76 -9.32
CA ALA G 281 39.80 63.90 -9.79
C ALA G 281 40.74 62.95 -9.05
N LYS G 282 40.51 62.79 -7.75
CA LYS G 282 41.38 61.97 -6.89
C LYS G 282 40.78 60.59 -6.57
N HIS G 283 39.46 60.51 -6.55
CA HIS G 283 38.77 59.29 -6.14
C HIS G 283 37.85 58.72 -7.23
N GLY G 284 38.11 59.11 -8.48
CA GLY G 284 37.29 58.70 -9.61
C GLY G 284 37.49 57.25 -10.01
N ALA G 285 38.72 56.91 -10.40
CA ALA G 285 39.10 55.53 -10.70
C ALA G 285 39.12 54.68 -9.43
N GLU G 286 39.36 55.34 -8.29
CA GLU G 286 39.43 54.71 -6.97
C GLU G 286 38.10 54.11 -6.51
N PHE G 287 36.99 54.78 -6.82
CA PHE G 287 35.68 54.29 -6.39
C PHE G 287 34.81 53.64 -7.48
N GLY G 288 35.46 52.92 -8.40
CA GLY G 288 34.76 52.01 -9.32
C GLY G 288 34.12 52.57 -10.58
N MET G 289 34.05 53.89 -10.70
CA MET G 289 33.55 54.53 -11.93
C MET G 289 34.56 54.33 -13.05
N PRO G 290 34.12 53.77 -14.20
CA PRO G 290 34.93 53.45 -15.38
C PRO G 290 35.89 54.57 -15.81
N PRO G 291 37.14 54.21 -16.18
CA PRO G 291 38.24 55.16 -16.42
C PRO G 291 38.09 56.10 -17.63
N GLU G 292 37.10 55.86 -18.49
CA GLU G 292 36.79 56.76 -19.60
C GLU G 292 35.94 57.95 -19.16
N SER G 293 35.25 57.78 -18.03
CA SER G 293 34.49 58.86 -17.39
C SER G 293 35.45 59.73 -16.56
N VAL G 294 36.45 59.09 -15.97
CA VAL G 294 37.53 59.77 -15.23
C VAL G 294 38.46 60.52 -16.21
N ALA G 295 38.51 60.05 -17.46
CA ALA G 295 39.20 60.77 -18.54
C ALA G 295 38.39 62.00 -18.95
N LYS G 296 37.07 61.85 -18.97
CA LYS G 296 36.15 62.92 -19.38
C LYS G 296 36.03 64.07 -18.39
N VAL G 297 36.38 63.83 -17.13
CA VAL G 297 36.24 64.81 -16.05
C VAL G 297 37.39 65.85 -16.00
N ALA G 298 38.40 65.61 -16.85
CA ALA G 298 39.60 66.45 -16.92
C ALA G 298 39.29 67.90 -17.29
N SER G 299 38.37 68.11 -18.22
CA SER G 299 38.12 69.43 -18.79
C SER G 299 37.06 70.29 -18.08
N VAL G 300 36.05 69.65 -17.50
CA VAL G 300 34.93 70.37 -16.86
C VAL G 300 35.29 71.06 -15.54
N GLN G 301 36.31 70.54 -14.85
CA GLN G 301 36.73 71.10 -13.56
C GLN G 301 37.59 72.36 -13.68
N GLN G 302 38.23 72.53 -14.84
CA GLN G 302 39.12 73.66 -15.10
C GLN G 302 38.35 74.98 -15.08
N LYS G 303 37.46 75.14 -16.06
CA LYS G 303 36.60 76.32 -16.18
C LYS G 303 35.51 76.42 -15.10
N GLY G 304 35.42 75.41 -14.24
CA GLY G 304 34.39 75.33 -13.20
C GLY G 304 34.36 76.51 -12.25
N ARG G 305 35.52 76.88 -11.72
CA ARG G 305 35.65 78.06 -10.86
C ARG G 305 35.56 79.35 -11.68
N GLU G 306 36.10 79.29 -12.89
CA GLU G 306 36.09 80.40 -13.85
C GLU G 306 34.68 80.78 -14.30
N SER G 307 33.76 79.81 -14.30
CA SER G 307 32.37 80.04 -14.69
C SER G 307 31.58 80.82 -13.64
N LEU G 308 31.92 80.61 -12.36
CA LEU G 308 31.26 81.29 -11.23
C LEU G 308 31.32 82.80 -11.32
N GLU G 309 32.47 83.31 -11.79
CA GLU G 309 32.65 84.74 -11.99
C GLU G 309 31.74 85.27 -13.09
N ILE G 310 31.58 84.50 -14.17
CA ILE G 310 30.77 84.91 -15.32
C ILE G 310 29.30 85.14 -14.94
N TYR G 311 28.77 84.25 -14.11
CA TYR G 311 27.39 84.35 -13.63
C TYR G 311 27.21 85.54 -12.69
N ALA G 312 28.21 85.77 -11.84
CA ALA G 312 28.22 86.92 -10.94
C ALA G 312 28.26 88.23 -11.72
N ASN G 313 29.07 88.26 -12.78
CA ASN G 313 29.21 89.42 -13.65
C ASN G 313 27.96 89.72 -14.47
N ALA G 314 27.35 88.69 -15.04
CA ALA G 314 26.15 88.86 -15.84
C ALA G 314 24.90 88.94 -14.97
N GLY G 315 25.07 88.75 -13.66
CA GLY G 315 23.99 88.89 -12.69
C GLY G 315 23.11 87.66 -12.54
N VAL G 316 23.57 86.54 -13.10
CA VAL G 316 22.85 85.27 -13.07
C VAL G 316 22.87 84.67 -11.67
N LYS G 317 21.68 84.39 -11.15
CA LYS G 317 21.52 83.87 -9.79
C LYS G 317 22.10 82.46 -9.67
N MET G 318 22.84 82.23 -8.58
CA MET G 318 23.56 80.97 -8.37
C MET G 318 23.09 80.20 -7.12
N GLY G 319 22.72 78.93 -7.34
CA GLY G 319 22.27 78.06 -6.26
C GLY G 319 23.30 77.01 -5.86
N PHE G 320 23.06 76.38 -4.71
CA PHE G 320 23.99 75.41 -4.13
C PHE G 320 23.76 74.01 -4.67
N GLY G 321 24.83 73.33 -5.05
CA GLY G 321 24.75 71.96 -5.54
C GLY G 321 25.96 71.12 -5.20
N SER G 322 25.74 69.92 -4.67
CA SER G 322 26.84 69.02 -4.35
C SER G 322 27.08 68.01 -5.46
N ASP G 323 26.02 67.29 -5.84
CA ASP G 323 26.02 66.28 -6.91
C ASP G 323 27.03 65.13 -6.70
N LEU G 324 27.29 64.81 -5.44
CA LEU G 324 28.25 63.75 -5.15
C LEU G 324 27.62 62.37 -5.28
N LEU G 325 28.45 61.37 -5.57
CA LEU G 325 27.97 60.03 -5.83
C LEU G 325 28.65 59.01 -4.93
N GLY G 326 27.84 58.21 -4.24
CA GLY G 326 28.34 57.14 -3.40
C GLY G 326 28.92 57.60 -2.09
N GLU G 327 30.13 57.14 -1.80
CA GLU G 327 30.82 57.47 -0.55
C GLU G 327 31.33 58.90 -0.56
N MET G 328 31.48 59.46 -1.76
CA MET G 328 31.85 60.87 -1.96
C MET G 328 30.85 61.86 -1.36
N HIS G 329 29.72 61.35 -0.85
CA HIS G 329 28.70 62.15 -0.18
C HIS G 329 29.17 62.82 1.10
N ALA G 330 30.26 62.31 1.68
CA ALA G 330 30.92 62.94 2.82
C ALA G 330 31.43 64.35 2.48
N PHE G 331 31.86 64.55 1.22
CA PHE G 331 32.45 65.79 0.74
C PHE G 331 31.46 66.94 0.53
N GLN G 332 30.19 66.72 0.90
CA GLN G 332 29.07 67.62 0.56
C GLN G 332 29.27 69.09 0.91
N SER G 333 29.80 69.33 2.12
CA SER G 333 29.94 70.69 2.65
C SER G 333 31.03 71.49 1.92
N GLY G 334 31.98 70.77 1.30
CA GLY G 334 33.11 71.37 0.59
C GLY G 334 32.77 72.45 -0.43
N GLU G 335 31.56 72.39 -0.98
CA GLU G 335 31.08 73.35 -1.98
C GLU G 335 30.86 74.75 -1.40
N PHE G 336 30.62 74.84 -0.09
CA PHE G 336 30.56 76.13 0.61
C PHE G 336 31.88 76.87 0.47
N ARG G 337 32.95 76.17 0.84
CA ARG G 337 34.30 76.73 0.89
C ARG G 337 34.84 77.05 -0.51
N ILE G 338 34.54 76.16 -1.46
CA ILE G 338 34.93 76.33 -2.87
C ILE G 338 34.35 77.60 -3.46
N ARG G 339 33.06 77.84 -3.19
CA ARG G 339 32.36 79.03 -3.66
C ARG G 339 32.85 80.30 -2.98
N ALA G 340 33.08 80.20 -1.67
CA ALA G 340 33.50 81.35 -0.84
C ALA G 340 34.83 81.95 -1.29
N GLU G 341 35.74 81.10 -1.76
CA GLU G 341 37.04 81.53 -2.26
C GLU G 341 36.92 82.39 -3.52
N VAL G 342 35.94 82.07 -4.35
CA VAL G 342 35.71 82.80 -5.60
C VAL G 342 34.80 84.02 -5.37
N LEU G 343 33.76 83.85 -4.55
CA LEU G 343 32.66 84.82 -4.48
C LEU G 343 32.42 85.46 -3.12
N GLY G 344 33.15 85.02 -2.09
CA GLY G 344 32.96 85.53 -0.74
C GLY G 344 31.93 84.71 0.02
N ASN G 345 32.18 84.50 1.31
CA ASN G 345 31.33 83.61 2.12
C ASN G 345 29.88 84.06 2.36
N LEU G 346 29.61 85.37 2.22
CA LEU G 346 28.24 85.88 2.33
C LEU G 346 27.44 85.46 1.10
N GLU G 347 28.10 85.48 -0.05
CA GLU G 347 27.49 85.02 -1.29
C GLU G 347 27.32 83.50 -1.27
N ALA G 348 28.30 82.80 -0.70
CA ALA G 348 28.28 81.34 -0.57
C ALA G 348 27.19 80.85 0.40
N LEU G 349 26.81 81.70 1.35
CA LEU G 349 25.73 81.37 2.27
C LEU G 349 24.36 81.69 1.68
N ARG G 350 24.31 82.63 0.74
CA ARG G 350 23.09 82.92 -0.02
C ARG G 350 22.74 81.77 -0.96
N SER G 351 23.76 81.07 -1.44
CA SER G 351 23.65 79.95 -2.36
C SER G 351 22.75 78.84 -1.83
N ALA G 352 22.88 78.53 -0.54
CA ALA G 352 22.12 77.45 0.07
C ALA G 352 20.94 77.93 0.91
N THR G 353 20.67 79.23 0.91
CA THR G 353 19.56 79.77 1.71
C THR G 353 18.52 80.53 0.90
N THR G 354 18.78 81.80 0.62
CA THR G 354 17.78 82.69 0.02
C THR G 354 17.57 82.44 -1.47
N VAL G 355 18.68 82.23 -2.19
CA VAL G 355 18.64 81.96 -3.63
C VAL G 355 18.08 80.56 -3.87
N ALA G 356 18.48 79.63 -3.00
CA ALA G 356 18.04 78.24 -3.05
C ALA G 356 16.54 78.07 -2.82
N ALA G 357 15.97 78.88 -1.93
CA ALA G 357 14.54 78.85 -1.63
C ALA G 357 13.70 79.42 -2.77
N GLU G 358 14.30 80.31 -3.57
CA GLU G 358 13.62 80.84 -4.75
C GLU G 358 13.53 79.77 -5.83
N ILE G 359 14.63 79.02 -6.00
CA ILE G 359 14.74 77.91 -6.97
C ILE G 359 13.64 76.86 -6.76
N VAL G 360 13.38 76.53 -5.49
CA VAL G 360 12.33 75.56 -5.15
C VAL G 360 10.93 76.19 -4.98
N ASN G 361 10.81 77.47 -5.35
CA ASN G 361 9.57 78.24 -5.25
C ASN G 361 8.99 78.41 -3.83
N MET G 362 9.89 78.42 -2.84
CA MET G 362 9.54 78.52 -1.43
C MET G 362 10.13 79.78 -0.81
N GLN G 363 10.11 80.88 -1.58
CA GLN G 363 10.63 82.18 -1.14
C GLN G 363 9.78 82.81 -0.02
N GLY G 364 10.38 82.93 1.15
CA GLY G 364 9.70 83.45 2.33
C GLY G 364 9.00 82.34 3.09
N GLN G 365 9.58 81.14 3.00
CA GLN G 365 9.01 79.98 3.65
C GLN G 365 10.15 79.14 4.22
N LEU G 366 11.18 78.95 3.40
CA LEU G 366 12.41 78.29 3.81
C LEU G 366 13.59 79.21 3.52
N GLY G 367 14.75 78.89 4.11
CA GLY G 367 16.00 79.58 3.83
C GLY G 367 16.14 81.02 4.28
N VAL G 368 15.25 81.46 5.17
CA VAL G 368 15.27 82.82 5.71
C VAL G 368 14.53 82.86 7.06
N ILE G 369 15.19 83.40 8.10
CA ILE G 369 14.55 83.50 9.41
C ILE G 369 13.66 84.75 9.47
N ALA G 370 12.35 84.52 9.54
CA ALA G 370 11.38 85.61 9.49
C ALA G 370 10.11 85.23 10.23
N VAL G 371 9.25 86.23 10.45
CA VAL G 371 7.91 85.99 10.98
C VAL G 371 7.10 85.27 9.91
N GLY G 372 6.68 84.05 10.23
CA GLY G 372 5.87 83.24 9.31
C GLY G 372 6.58 82.06 8.66
N ALA G 373 7.91 82.15 8.55
CA ALA G 373 8.72 81.12 7.89
C ALA G 373 8.77 79.81 8.64
N ILE G 374 8.81 78.71 7.89
CA ILE G 374 8.90 77.36 8.46
C ILE G 374 10.19 77.23 9.27
N ALA G 375 10.08 76.62 10.44
CA ALA G 375 11.21 76.50 11.36
C ALA G 375 12.20 75.40 10.96
N ASP G 376 12.96 75.67 9.91
CA ASP G 376 14.10 74.83 9.53
C ASP G 376 15.36 75.60 9.88
N LEU G 377 15.94 75.29 11.04
CA LEU G 377 17.02 76.10 11.60
C LEU G 377 18.26 75.28 11.98
N VAL G 378 19.43 75.88 11.79
CA VAL G 378 20.71 75.24 12.07
C VAL G 378 21.55 76.09 13.03
N VAL G 379 21.88 75.50 14.18
CA VAL G 379 22.75 76.14 15.18
C VAL G 379 24.20 75.86 14.84
N LEU G 380 24.96 76.92 14.66
CA LEU G 380 26.30 76.87 14.15
C LEU G 380 27.26 77.47 15.17
N ASP G 381 28.25 76.68 15.60
CA ASP G 381 29.25 77.13 16.55
C ASP G 381 30.30 77.99 15.85
N GLY G 382 30.27 79.29 16.11
CA GLY G 382 31.16 80.23 15.45
C GLY G 382 30.44 81.05 14.40
N ASN G 383 31.17 81.95 13.75
CA ASN G 383 30.60 82.82 12.72
C ASN G 383 31.03 82.43 11.30
N PRO G 384 30.04 82.05 10.46
CA PRO G 384 30.22 81.75 9.04
C PRO G 384 30.60 82.96 8.17
N LEU G 385 30.19 84.16 8.58
CA LEU G 385 30.57 85.40 7.91
C LEU G 385 32.06 85.70 8.06
N GLU G 386 32.64 85.31 9.21
CA GLU G 386 34.08 85.38 9.41
C GLU G 386 34.79 84.16 8.81
N ASP G 387 34.50 83.00 9.38
CA ASP G 387 35.13 81.74 8.97
C ASP G 387 34.12 80.82 8.29
N ILE G 388 34.38 80.51 7.03
CA ILE G 388 33.53 79.61 6.24
C ILE G 388 33.68 78.14 6.67
N GLY G 389 34.81 77.83 7.31
CA GLY G 389 35.11 76.49 7.82
C GLY G 389 34.17 75.95 8.90
N VAL G 390 33.41 76.83 9.56
CA VAL G 390 32.42 76.42 10.57
C VAL G 390 31.22 75.72 9.91
N VAL G 391 31.11 75.89 8.59
CA VAL G 391 30.07 75.25 7.78
C VAL G 391 30.68 74.13 6.93
N ALA G 392 31.84 74.41 6.34
CA ALA G 392 32.50 73.48 5.43
C ALA G 392 33.66 72.73 6.08
N ASP G 393 33.31 71.76 6.93
CA ASP G 393 34.27 70.82 7.53
C ASP G 393 33.52 69.53 7.87
N GLU G 394 32.71 69.08 6.91
CA GLU G 394 31.72 67.99 7.06
C GLU G 394 30.67 68.24 8.16
N GLY G 395 30.45 69.51 8.47
CA GLY G 395 29.59 69.90 9.58
C GLY G 395 30.23 69.62 10.92
N ALA G 396 31.46 70.10 11.10
CA ALA G 396 32.20 69.89 12.35
C ALA G 396 31.66 70.80 13.45
N ARG G 397 31.17 71.97 13.07
CA ARG G 397 30.72 72.99 14.01
C ARG G 397 29.21 73.25 13.95
N VAL G 398 28.43 72.18 13.90
CA VAL G 398 26.97 72.26 14.00
C VAL G 398 26.44 71.29 15.08
N GLU G 399 25.68 71.82 16.03
CA GLU G 399 25.16 71.00 17.13
C GLU G 399 23.65 70.78 17.07
N TYR G 400 22.88 71.84 16.91
CA TYR G 400 21.43 71.65 16.79
C TYR G 400 20.95 71.87 15.35
N VAL G 401 20.14 70.95 14.87
CA VAL G 401 19.37 71.13 13.63
C VAL G 401 17.89 70.92 13.94
N LEU G 402 17.10 71.95 13.67
CA LEU G 402 15.66 71.86 13.83
C LEU G 402 15.01 71.86 12.46
N GLN G 403 13.97 71.05 12.31
CA GLN G 403 13.26 70.91 11.05
C GLN G 403 11.76 70.87 11.30
N ARG G 404 11.06 71.81 10.67
CA ARG G 404 9.61 72.02 10.85
C ARG G 404 9.21 72.07 12.32
N GLY G 405 9.83 72.96 13.07
CA GLY G 405 9.58 73.10 14.49
C GLY G 405 10.40 72.18 15.36
N THR G 406 10.30 70.88 15.12
CA THR G 406 10.95 69.87 15.97
C THR G 406 12.46 69.74 15.76
N LEU G 407 13.17 69.51 16.86
CA LEU G 407 14.61 69.32 16.88
C LEU G 407 14.95 67.91 16.40
N VAL G 408 15.92 67.80 15.49
CA VAL G 408 16.29 66.51 14.90
C VAL G 408 17.74 66.12 15.23
N LYS G 409 18.58 67.10 15.52
CA LYS G 409 19.99 66.83 15.84
C LYS G 409 20.46 67.40 17.17
N ARG G 410 21.44 66.70 17.77
CA ARG G 410 22.15 67.16 18.97
C ARG G 410 23.60 66.67 18.86
N GLN G 411 24.54 67.61 18.82
CA GLN G 411 25.97 67.29 18.70
C GLN G 411 26.83 68.20 19.57
N THR H 4 -33.36 16.68 -67.80
CA THR H 4 -32.95 16.16 -66.45
C THR H 4 -32.30 14.79 -66.52
N ILE H 5 -32.71 14.00 -67.51
CA ILE H 5 -32.36 12.57 -67.57
C ILE H 5 -31.62 12.19 -68.86
N THR H 6 -30.39 11.69 -68.69
CA THR H 6 -29.52 11.35 -69.82
C THR H 6 -29.32 9.84 -69.90
N VAL H 7 -29.22 9.33 -71.13
CA VAL H 7 -28.86 7.94 -71.37
C VAL H 7 -27.66 7.87 -72.32
N LEU H 8 -26.54 7.39 -71.80
CA LEU H 8 -25.44 6.95 -72.66
C LEU H 8 -25.89 5.60 -73.19
N GLN H 9 -25.88 5.43 -74.50
CA GLN H 9 -26.40 4.20 -75.10
C GLN H 9 -25.36 3.41 -75.88
N GLY H 10 -25.39 2.08 -75.70
CA GLY H 10 -24.61 1.16 -76.52
C GLY H 10 -23.17 0.89 -76.10
N GLY H 11 -22.72 1.56 -75.04
CA GLY H 11 -21.34 1.46 -74.58
C GLY H 11 -20.96 0.14 -73.93
N ASN H 12 -19.65 -0.06 -73.76
CA ASN H 12 -19.13 -1.19 -73.00
C ASN H 12 -18.74 -0.71 -71.59
N VAL H 13 -19.65 -0.92 -70.65
CA VAL H 13 -19.49 -0.55 -69.24
C VAL H 13 -18.36 -1.34 -68.56
N LEU H 14 -17.55 -0.67 -67.74
CA LEU H 14 -16.50 -1.34 -66.98
C LEU H 14 -16.96 -1.67 -65.55
N ASP H 15 -16.99 -2.96 -65.22
CA ASP H 15 -17.31 -3.43 -63.88
C ASP H 15 -16.01 -3.80 -63.17
N LEU H 16 -15.55 -2.93 -62.27
CA LEU H 16 -14.19 -3.02 -61.75
C LEU H 16 -13.98 -4.02 -60.60
N GLU H 17 -15.04 -4.38 -59.89
CA GLU H 17 -14.93 -5.48 -58.94
C GLU H 17 -14.89 -6.79 -59.71
N ARG H 18 -15.73 -6.90 -60.74
CA ARG H 18 -15.87 -8.11 -61.54
C ARG H 18 -14.71 -8.28 -62.52
N GLY H 19 -14.10 -7.16 -62.91
CA GLY H 19 -12.92 -7.15 -63.78
C GLY H 19 -13.19 -7.48 -65.23
N VAL H 20 -14.34 -7.04 -65.74
CA VAL H 20 -14.76 -7.31 -67.11
C VAL H 20 -15.49 -6.13 -67.76
N LEU H 21 -15.50 -6.12 -69.09
CA LEU H 21 -16.29 -5.16 -69.86
C LEU H 21 -17.69 -5.69 -70.14
N LEU H 22 -18.69 -4.93 -69.73
CA LEU H 22 -20.08 -5.26 -70.03
C LEU H 22 -20.53 -4.59 -71.32
N GLU H 23 -20.22 -5.24 -72.45
CA GLU H 23 -20.54 -4.74 -73.79
C GLU H 23 -22.04 -4.53 -74.04
N HIS H 24 -22.34 -3.47 -74.79
CA HIS H 24 -23.70 -3.06 -75.19
C HIS H 24 -24.64 -2.68 -74.03
N HIS H 25 -24.06 -2.24 -72.91
CA HIS H 25 -24.86 -1.85 -71.75
C HIS H 25 -25.07 -0.34 -71.69
N HIS H 26 -26.31 0.07 -71.46
CA HIS H 26 -26.68 1.47 -71.38
C HIS H 26 -26.59 1.94 -69.93
N VAL H 27 -26.15 3.19 -69.75
CA VAL H 27 -26.15 3.83 -68.44
C VAL H 27 -27.25 4.88 -68.45
N VAL H 28 -28.04 4.93 -67.38
CA VAL H 28 -29.12 5.91 -67.27
C VAL H 28 -28.89 6.86 -66.09
N ILE H 29 -28.76 8.14 -66.40
CA ILE H 29 -28.57 9.18 -65.40
C ILE H 29 -29.88 9.91 -65.19
N ASP H 30 -30.28 10.11 -63.93
CA ASP H 30 -31.34 11.05 -63.61
C ASP H 30 -30.76 12.06 -62.64
N GLY H 31 -30.63 13.30 -63.10
CA GLY H 31 -30.14 14.38 -62.26
C GLY H 31 -28.63 14.37 -62.13
N GLU H 32 -28.15 13.83 -61.02
CA GLU H 32 -26.71 13.74 -60.75
C GLU H 32 -26.29 12.32 -60.43
N ARG H 33 -27.21 11.36 -60.59
CA ARG H 33 -26.95 9.97 -60.19
C ARG H 33 -27.39 8.91 -61.19
N ILE H 34 -26.68 7.78 -61.18
CA ILE H 34 -27.01 6.62 -62.00
C ILE H 34 -28.21 5.86 -61.42
N VAL H 35 -29.21 5.60 -62.27
CA VAL H 35 -30.44 4.91 -61.88
C VAL H 35 -30.52 3.50 -62.47
N GLU H 36 -29.83 3.30 -63.59
CA GLU H 36 -29.92 2.03 -64.28
C GLU H 36 -28.65 1.72 -65.07
N VAL H 37 -28.20 0.48 -64.98
CA VAL H 37 -27.22 -0.06 -65.91
C VAL H 37 -27.80 -1.36 -66.48
N THR H 38 -28.12 -1.34 -67.77
CA THR H 38 -28.86 -2.41 -68.42
C THR H 38 -28.42 -2.68 -69.84
N ASP H 39 -28.53 -3.94 -70.26
CA ASP H 39 -28.25 -4.34 -71.63
C ASP H 39 -29.52 -4.32 -72.48
N ARG H 40 -30.66 -4.32 -71.80
CA ARG H 40 -31.98 -4.31 -72.44
C ARG H 40 -32.24 -2.96 -73.09
N PRO H 41 -32.95 -2.95 -74.24
CA PRO H 41 -33.40 -1.73 -74.92
C PRO H 41 -34.09 -0.74 -73.97
N VAL H 42 -33.50 0.44 -73.84
CA VAL H 42 -33.97 1.46 -72.92
C VAL H 42 -35.25 2.15 -73.41
N ASP H 43 -36.22 2.27 -72.52
CA ASP H 43 -37.44 3.02 -72.76
C ASP H 43 -37.15 4.49 -72.46
N LEU H 44 -36.45 5.16 -73.37
CA LEU H 44 -36.06 6.57 -73.19
C LEU H 44 -37.21 7.53 -73.55
N PRO H 45 -37.85 8.11 -72.53
CA PRO H 45 -38.99 8.96 -72.83
C PRO H 45 -38.51 10.37 -73.16
N ASN H 46 -38.79 11.31 -72.27
CA ASN H 46 -38.21 12.64 -72.30
C ASN H 46 -36.77 12.54 -71.79
N ALA H 47 -35.88 12.02 -72.65
CA ALA H 47 -34.50 11.72 -72.24
C ALA H 47 -33.46 12.08 -73.30
N GLN H 48 -32.36 12.67 -72.85
CA GLN H 48 -31.23 13.01 -73.70
C GLN H 48 -30.38 11.76 -73.98
N ALA H 49 -30.16 11.46 -75.26
CA ALA H 49 -29.38 10.29 -75.64
C ALA H 49 -28.00 10.71 -76.13
N ILE H 50 -26.99 9.92 -75.77
CA ILE H 50 -25.63 10.08 -76.29
C ILE H 50 -25.14 8.71 -76.76
N ASP H 51 -24.85 8.59 -78.06
CA ASP H 51 -24.47 7.30 -78.68
C ASP H 51 -23.01 6.95 -78.41
N VAL H 52 -22.80 5.90 -77.64
CA VAL H 52 -21.48 5.52 -77.16
C VAL H 52 -21.11 4.10 -77.60
N ARG H 53 -21.69 3.64 -78.70
CA ARG H 53 -21.44 2.27 -79.15
C ARG H 53 -19.99 2.10 -79.63
N GLY H 54 -19.40 0.97 -79.26
CA GLY H 54 -17.99 0.67 -79.55
C GLY H 54 -17.01 1.48 -78.71
N LYS H 55 -17.50 2.05 -77.61
CA LYS H 55 -16.69 2.88 -76.73
C LYS H 55 -16.84 2.49 -75.26
N THR H 56 -15.73 2.54 -74.54
CA THR H 56 -15.68 2.12 -73.13
C THR H 56 -16.22 3.20 -72.19
N VAL H 57 -17.22 2.82 -71.40
CA VAL H 57 -17.75 3.70 -70.36
C VAL H 57 -17.23 3.22 -69.02
N MET H 58 -16.47 4.07 -68.35
CA MET H 58 -15.89 3.73 -67.07
C MET H 58 -16.05 4.90 -66.09
N PRO H 59 -15.83 4.66 -64.76
CA PRO H 59 -15.92 5.78 -63.82
C PRO H 59 -14.83 6.82 -64.06
N GLY H 60 -15.16 8.08 -63.79
CA GLY H 60 -14.19 9.17 -63.86
C GLY H 60 -13.08 8.94 -62.84
N PHE H 61 -11.84 9.24 -63.23
CA PHE H 61 -10.69 8.88 -62.41
C PHE H 61 -10.57 9.74 -61.17
N ILE H 62 -10.03 9.17 -60.11
CA ILE H 62 -9.77 9.90 -58.87
C ILE H 62 -8.28 9.92 -58.61
N ASP H 63 -7.68 11.11 -58.55
CA ASP H 63 -6.28 11.25 -58.16
C ASP H 63 -6.25 11.49 -56.66
N CYS H 64 -5.35 10.82 -55.96
CA CYS H 64 -5.34 10.92 -54.50
C CYS H 64 -4.27 11.85 -53.94
N HIS H 65 -3.46 12.42 -54.82
CA HIS H 65 -2.37 13.27 -54.37
C HIS H 65 -2.00 14.27 -55.45
N VAL H 66 -2.62 15.45 -55.39
CA VAL H 66 -2.27 16.53 -56.32
C VAL H 66 -1.86 17.76 -55.57
N HIS H 67 -1.17 18.65 -56.26
CA HIS H 67 -0.97 20.01 -55.77
C HIS H 67 -1.46 21.01 -56.82
N VAL H 68 -2.77 21.25 -56.76
CA VAL H 68 -3.50 22.13 -57.66
C VAL H 68 -2.90 23.55 -57.72
N LEU H 69 -2.43 24.04 -56.58
CA LEU H 69 -1.84 25.38 -56.47
C LEU H 69 -0.32 25.42 -56.68
N ALA H 70 0.31 24.26 -56.85
CA ALA H 70 1.74 24.22 -57.16
C ALA H 70 1.94 24.56 -58.63
N SER H 71 2.07 25.85 -58.89
CA SER H 71 2.13 26.36 -60.25
C SER H 71 3.55 26.43 -60.81
N ASN H 72 4.55 26.37 -59.92
CA ASN H 72 5.94 26.21 -60.36
C ASN H 72 6.73 25.26 -59.47
N ALA H 73 7.73 24.61 -60.07
CA ALA H 73 8.44 23.45 -59.50
C ALA H 73 9.25 23.72 -58.23
N ASN H 74 9.57 24.99 -57.99
CA ASN H 74 10.15 25.39 -56.72
C ASN H 74 9.03 25.79 -55.77
N LEU H 75 8.79 24.97 -54.76
CA LEU H 75 7.67 25.17 -53.84
C LEU H 75 7.89 26.33 -52.88
N GLY H 76 9.16 26.69 -52.67
CA GLY H 76 9.54 27.83 -51.85
C GLY H 76 9.09 29.13 -52.49
N VAL H 77 9.44 29.33 -53.76
CA VAL H 77 9.07 30.53 -54.50
C VAL H 77 7.57 30.54 -54.88
N ASN H 78 6.96 29.35 -54.92
CA ASN H 78 5.52 29.18 -55.09
C ASN H 78 4.76 29.83 -53.94
N ALA H 79 5.27 29.65 -52.72
CA ALA H 79 4.62 30.17 -51.52
C ALA H 79 4.76 31.68 -51.35
N THR H 80 5.59 32.31 -52.18
CA THR H 80 5.87 33.74 -52.07
C THR H 80 5.17 34.58 -53.13
N GLN H 81 4.62 33.94 -54.15
CA GLN H 81 3.85 34.64 -55.18
C GLN H 81 2.56 35.24 -54.57
N PRO H 82 2.07 36.37 -55.12
CA PRO H 82 0.92 37.04 -54.51
C PRO H 82 -0.37 36.23 -54.58
N ASN H 83 -1.29 36.53 -53.66
CA ASN H 83 -2.53 35.76 -53.45
C ASN H 83 -3.41 35.55 -54.66
N ILE H 84 -3.50 36.58 -55.48
CA ILE H 84 -4.38 36.59 -56.64
C ILE H 84 -3.73 35.76 -57.76
N LEU H 85 -2.46 36.07 -58.06
CA LEU H 85 -1.67 35.33 -59.06
C LEU H 85 -1.55 33.84 -58.78
N ALA H 86 -1.45 33.47 -57.50
CA ALA H 86 -1.40 32.07 -57.09
C ALA H 86 -2.66 31.32 -57.52
N ALA H 87 -3.82 31.89 -57.19
CA ALA H 87 -5.12 31.31 -57.50
C ALA H 87 -5.37 31.17 -59.00
N ILE H 88 -5.10 32.23 -59.75
CA ILE H 88 -5.31 32.30 -61.21
C ILE H 88 -4.60 31.16 -61.94
N ARG H 89 -3.35 30.91 -61.55
CA ARG H 89 -2.53 29.85 -62.13
C ARG H 89 -3.01 28.42 -61.88
N SER H 90 -3.86 28.24 -60.86
CA SER H 90 -4.39 26.92 -60.53
C SER H 90 -5.58 26.56 -61.42
N LEU H 91 -6.22 27.58 -61.99
CA LEU H 91 -7.39 27.40 -62.86
C LEU H 91 -7.14 26.64 -64.18
N PRO H 92 -6.04 26.95 -64.91
CA PRO H 92 -5.72 26.10 -66.06
C PRO H 92 -5.33 24.69 -65.68
N ILE H 93 -4.69 24.54 -64.51
CA ILE H 93 -4.26 23.24 -63.99
C ILE H 93 -5.47 22.35 -63.73
N LEU H 94 -6.44 22.88 -62.98
CA LEU H 94 -7.70 22.19 -62.72
C LEU H 94 -8.41 21.76 -64.01
N ASP H 95 -8.52 22.70 -64.94
CA ASP H 95 -9.11 22.48 -66.25
C ASP H 95 -8.44 21.33 -67.01
N ALA H 96 -7.11 21.31 -66.99
CA ALA H 96 -6.31 20.26 -67.61
C ALA H 96 -6.54 18.87 -67.00
N MET H 97 -6.74 18.84 -65.68
CA MET H 97 -6.95 17.60 -64.94
C MET H 97 -8.28 16.99 -65.29
N LEU H 98 -9.27 17.86 -65.56
CA LEU H 98 -10.63 17.42 -65.84
C LEU H 98 -10.71 16.69 -67.16
N SER H 99 -10.16 17.31 -68.20
CA SER H 99 -10.14 16.77 -69.56
C SER H 99 -9.31 15.50 -69.71
N ARG H 100 -8.33 15.32 -68.83
CA ARG H 100 -7.54 14.09 -68.80
C ARG H 100 -8.30 12.90 -68.17
N GLY H 101 -9.50 13.18 -67.65
CA GLY H 101 -10.39 12.16 -67.14
C GLY H 101 -10.61 12.18 -65.64
N PHE H 102 -9.92 13.10 -64.96
CA PHE H 102 -9.99 13.18 -63.51
C PHE H 102 -11.12 14.09 -63.09
N THR H 103 -12.17 13.50 -62.52
CA THR H 103 -13.35 14.22 -62.08
C THR H 103 -13.29 14.49 -60.59
N SER H 104 -12.40 13.78 -59.91
CA SER H 104 -12.13 14.04 -58.50
C SER H 104 -10.64 13.99 -58.23
N VAL H 105 -10.14 14.96 -57.47
CA VAL H 105 -8.75 14.93 -56.97
C VAL H 105 -8.69 15.19 -55.47
N ARG H 106 -7.70 14.59 -54.82
CA ARG H 106 -7.42 14.88 -53.42
C ARG H 106 -6.18 15.75 -53.37
N ASP H 107 -6.34 16.97 -52.87
CA ASP H 107 -5.24 17.94 -52.84
C ASP H 107 -4.47 17.80 -51.56
N ALA H 108 -3.17 17.58 -51.68
CA ALA H 108 -2.32 17.27 -50.53
C ALA H 108 -1.84 18.50 -49.79
N GLY H 109 -2.02 19.68 -50.38
CA GLY H 109 -1.64 20.93 -49.74
C GLY H 109 -1.77 22.12 -50.66
N GLY H 110 -2.19 23.24 -50.11
CA GLY H 110 -2.35 24.46 -50.89
C GLY H 110 -3.80 24.84 -51.08
N ALA H 111 -4.54 24.00 -51.81
CA ALA H 111 -5.95 24.26 -52.09
C ALA H 111 -6.81 24.16 -50.86
N ASP H 112 -7.92 24.90 -50.89
CA ASP H 112 -8.75 25.08 -49.73
C ASP H 112 -10.22 24.88 -50.06
N TRP H 113 -11.07 25.42 -49.19
CA TRP H 113 -12.50 25.33 -49.33
C TRP H 113 -13.03 26.26 -50.43
N SER H 114 -12.31 27.37 -50.70
CA SER H 114 -12.71 28.35 -51.72
C SER H 114 -12.69 27.76 -53.12
N LEU H 115 -11.64 26.98 -53.41
CA LEU H 115 -11.53 26.28 -54.69
C LEU H 115 -12.54 25.16 -54.81
N MET H 116 -12.85 24.52 -53.68
CA MET H 116 -13.83 23.45 -53.63
C MET H 116 -15.22 23.99 -53.97
N GLN H 117 -15.49 25.20 -53.50
CA GLN H 117 -16.72 25.95 -53.81
C GLN H 117 -16.80 26.35 -55.26
N ALA H 118 -15.73 26.97 -55.75
CA ALA H 118 -15.64 27.47 -57.11
C ALA H 118 -16.03 26.41 -58.14
N VAL H 119 -15.55 25.19 -57.94
CA VAL H 119 -15.86 24.09 -58.85
C VAL H 119 -17.24 23.47 -58.59
N GLU H 120 -17.69 23.47 -57.34
CA GLU H 120 -19.01 22.91 -57.00
C GLU H 120 -20.18 23.79 -57.45
N THR H 121 -19.99 25.10 -57.43
CA THR H 121 -20.99 26.01 -57.95
C THR H 121 -20.97 25.99 -59.47
N GLY H 122 -19.78 25.87 -60.04
CA GLY H 122 -19.60 25.96 -61.49
C GLY H 122 -19.05 27.31 -61.88
N LEU H 123 -18.48 28.01 -60.91
CA LEU H 123 -17.79 29.25 -61.15
C LEU H 123 -16.48 28.97 -61.88
N VAL H 124 -15.94 27.77 -61.66
CA VAL H 124 -14.69 27.30 -62.29
C VAL H 124 -14.88 25.87 -62.81
N SER H 125 -14.29 25.59 -63.97
CA SER H 125 -14.25 24.23 -64.49
C SER H 125 -13.03 23.49 -63.95
N GLY H 126 -13.28 22.33 -63.37
CA GLY H 126 -12.23 21.48 -62.82
C GLY H 126 -12.84 20.28 -62.09
N PRO H 127 -11.99 19.40 -61.56
CA PRO H 127 -12.43 18.22 -60.82
C PRO H 127 -13.03 18.57 -59.46
N ARG H 128 -13.69 17.61 -58.83
CA ARG H 128 -14.14 17.74 -57.45
C ARG H 128 -12.89 17.73 -56.57
N ILE H 129 -12.82 18.65 -55.61
CA ILE H 129 -11.62 18.78 -54.78
C ILE H 129 -11.88 18.27 -53.38
N PHE H 130 -10.99 17.41 -52.90
CA PHE H 130 -10.97 17.03 -51.49
C PHE H 130 -9.78 17.73 -50.86
N PRO H 131 -10.02 18.92 -50.27
CA PRO H 131 -8.92 19.75 -49.79
C PRO H 131 -8.34 19.29 -48.46
N SER H 132 -7.02 19.39 -48.32
CA SER H 132 -6.37 19.16 -47.03
C SER H 132 -6.09 20.48 -46.35
N GLY H 133 -6.34 21.58 -47.06
CA GLY H 133 -5.96 22.90 -46.60
C GLY H 133 -4.47 23.09 -46.77
N LYS H 134 -3.79 23.34 -45.66
CA LYS H 134 -2.34 23.41 -45.63
C LYS H 134 -1.85 22.12 -45.03
N ALA H 135 -0.72 21.62 -45.52
CA ALA H 135 -0.07 20.47 -44.90
C ALA H 135 0.55 20.92 -43.59
N LEU H 136 0.54 20.06 -42.59
CA LEU H 136 1.22 20.37 -41.34
C LEU H 136 2.67 19.94 -41.42
N SER H 137 3.54 20.75 -40.84
CA SER H 137 4.97 20.48 -40.83
C SER H 137 5.60 21.02 -39.56
N GLN H 138 6.59 20.33 -39.01
CA GLN H 138 7.32 20.87 -37.85
C GLN H 138 8.39 21.85 -38.31
N THR H 139 9.03 22.53 -37.36
CA THR H 139 10.11 23.47 -37.66
C THR H 139 11.30 22.74 -38.28
N GLY H 140 11.76 23.24 -39.43
CA GLY H 140 12.82 22.58 -40.19
C GLY H 140 12.34 21.31 -40.88
N GLY H 141 11.03 21.17 -40.97
CA GLY H 141 10.42 20.00 -41.57
C GLY H 141 10.34 20.07 -43.07
N HIS H 142 9.57 19.16 -43.65
CA HIS H 142 9.43 19.05 -45.11
C HIS H 142 8.61 20.20 -45.70
N GLY H 143 7.75 20.81 -44.89
CA GLY H 143 7.00 21.97 -45.31
C GLY H 143 7.65 23.28 -44.94
N ASP H 144 8.84 23.23 -44.37
CA ASP H 144 9.59 24.44 -44.05
C ASP H 144 10.44 24.79 -45.25
N PHE H 145 10.16 25.95 -45.85
CA PHE H 145 10.89 26.40 -47.03
C PHE H 145 11.76 27.62 -46.73
N ARG H 146 11.95 27.88 -45.44
CA ARG H 146 12.86 28.92 -44.99
C ARG H 146 14.30 28.43 -45.15
N PRO H 147 15.24 29.34 -45.48
CA PRO H 147 16.62 28.92 -45.74
C PRO H 147 17.39 28.55 -44.47
N ARG H 148 18.65 28.12 -44.64
CA ARG H 148 19.51 27.72 -43.52
C ARG H 148 20.06 28.91 -42.70
N GLY H 149 19.83 30.13 -43.19
CA GLY H 149 20.30 31.37 -42.55
C GLY H 149 19.80 31.61 -41.13
N ASP H 150 18.54 32.05 -41.00
CA ASP H 150 17.89 32.26 -39.69
C ASP H 150 16.37 32.07 -39.72
N LEU H 151 15.75 32.16 -38.55
CA LEU H 151 14.31 31.86 -38.38
C LEU H 151 13.53 32.96 -37.68
N LEU H 152 12.69 33.66 -38.45
CA LEU H 152 11.68 34.53 -37.87
C LEU H 152 10.30 33.95 -38.10
N GLU H 153 9.34 34.41 -37.30
CA GLU H 153 7.97 33.87 -37.30
C GLU H 153 7.24 34.08 -38.62
N PRO H 154 6.95 32.97 -39.33
CA PRO H 154 6.26 33.10 -40.60
C PRO H 154 4.74 33.00 -40.40
N CYS H 155 4.15 34.05 -39.85
CA CYS H 155 2.69 34.12 -39.63
C CYS H 155 1.94 34.17 -40.97
N SER H 156 2.71 34.42 -42.03
CA SER H 156 2.25 34.36 -43.41
C SER H 156 1.86 32.96 -43.89
N CYS H 157 2.39 31.91 -43.24
CA CYS H 157 2.17 30.50 -43.64
C CYS H 157 0.73 30.12 -44.02
N CYS H 158 -0.25 30.62 -43.25
CA CYS H 158 -1.66 30.46 -43.60
C CYS H 158 -2.12 31.47 -44.64
N PHE H 159 -1.63 32.71 -44.49
CA PHE H 159 -2.12 33.86 -45.26
C PHE H 159 -1.77 33.74 -46.75
N ARG H 160 -0.57 33.24 -47.05
CA ARG H 160 -0.14 32.98 -48.43
C ARG H 160 -0.99 31.86 -49.01
N THR H 161 -1.74 32.15 -50.08
CA THR H 161 -2.62 31.16 -50.70
C THR H 161 -1.83 30.18 -51.57
N GLY H 162 -0.57 30.52 -51.85
CA GLY H 162 0.33 29.66 -52.61
C GLY H 162 1.19 28.77 -51.74
N ALA H 163 1.00 28.86 -50.43
CA ALA H 163 1.72 28.02 -49.48
C ALA H 163 1.14 26.61 -49.44
N ILE H 164 1.99 25.62 -49.73
CA ILE H 164 1.63 24.19 -49.69
C ILE H 164 1.39 23.72 -48.25
N ALA H 165 2.28 24.12 -47.35
CA ALA H 165 2.23 23.70 -45.96
C ALA H 165 2.17 24.89 -45.01
N ARG H 166 1.96 24.59 -43.74
CA ARG H 166 2.12 25.55 -42.64
C ARG H 166 3.02 24.91 -41.58
N VAL H 167 3.71 25.74 -40.81
CA VAL H 167 4.65 25.22 -39.82
C VAL H 167 4.08 25.33 -38.42
N VAL H 168 3.94 24.18 -37.76
CA VAL H 168 3.40 24.12 -36.40
C VAL H 168 4.16 23.11 -35.56
N ASP H 169 4.38 23.44 -34.30
CA ASP H 169 5.04 22.55 -33.34
C ASP H 169 4.27 22.54 -32.04
N GLY H 170 4.32 21.41 -31.33
CA GLY H 170 3.68 21.30 -30.04
C GLY H 170 2.46 20.43 -30.12
N VAL H 171 2.19 19.70 -29.05
CA VAL H 171 0.98 18.87 -28.98
C VAL H 171 -0.26 19.74 -28.93
N GLU H 172 -0.23 20.81 -28.15
CA GLU H 172 -1.34 21.77 -28.16
C GLU H 172 -1.32 22.71 -29.36
N GLY H 173 -0.17 22.79 -30.02
CA GLY H 173 0.00 23.65 -31.20
C GLY H 173 -0.57 23.07 -32.50
N VAL H 174 -0.31 21.79 -32.73
CA VAL H 174 -0.85 21.10 -33.90
C VAL H 174 -2.32 20.78 -33.74
N ARG H 175 -2.75 20.62 -32.49
CA ARG H 175 -4.13 20.27 -32.16
C ARG H 175 -5.05 21.42 -32.52
N LEU H 176 -4.61 22.64 -32.20
CA LEU H 176 -5.29 23.87 -32.57
C LEU H 176 -5.27 24.05 -34.08
N ALA H 177 -4.11 23.78 -34.69
CA ALA H 177 -3.94 23.83 -36.14
C ALA H 177 -4.91 22.94 -36.92
N VAL H 178 -5.12 21.71 -36.45
CA VAL H 178 -6.04 20.76 -37.10
C VAL H 178 -7.48 21.28 -37.02
N ARG H 179 -7.85 21.74 -35.84
CA ARG H 179 -9.14 22.38 -35.61
C ARG H 179 -9.36 23.61 -36.50
N GLU H 180 -8.30 24.42 -36.64
CA GLU H 180 -8.32 25.59 -37.52
C GLU H 180 -8.60 25.20 -38.95
N GLU H 181 -7.92 24.16 -39.43
CA GLU H 181 -8.04 23.70 -40.82
C GLU H 181 -9.37 23.03 -41.10
N ILE H 182 -9.90 22.32 -40.12
CA ILE H 182 -11.18 21.64 -40.25
C ILE H 182 -12.35 22.63 -40.30
N GLN H 183 -12.22 23.74 -39.58
CA GLN H 183 -13.22 24.80 -39.64
C GLN H 183 -13.04 25.65 -40.91
N LYS H 184 -11.81 25.72 -41.41
CA LYS H 184 -11.54 26.41 -42.68
C LYS H 184 -12.15 25.66 -43.85
N GLY H 185 -12.36 24.35 -43.66
CA GLY H 185 -13.10 23.55 -44.62
C GLY H 185 -12.37 22.36 -45.19
N ALA H 186 -11.32 21.90 -44.52
CA ALA H 186 -10.57 20.72 -44.95
C ALA H 186 -11.41 19.46 -44.81
N THR H 187 -11.26 18.54 -45.75
CA THR H 187 -11.94 17.24 -45.70
C THR H 187 -11.08 16.16 -45.06
N GLN H 188 -9.75 16.31 -45.18
CA GLN H 188 -8.81 15.44 -44.47
C GLN H 188 -7.63 16.28 -44.00
N ILE H 189 -6.80 15.72 -43.12
CA ILE H 189 -5.63 16.42 -42.61
C ILE H 189 -4.36 15.81 -43.21
N ILE H 191 -0.10 15.68 -43.00
CA ILE H 191 1.12 15.98 -42.25
C ILE H 191 2.36 15.48 -42.98
N MET H 192 3.52 15.99 -42.57
CA MET H 192 4.82 15.48 -43.04
C MET H 192 5.46 14.64 -41.92
N ALA H 193 5.50 13.34 -42.11
CA ALA H 193 5.97 12.40 -41.07
C ALA H 193 7.42 11.97 -41.29
N SER H 194 8.03 12.51 -42.35
CA SER H 194 9.43 12.28 -42.66
C SER H 194 9.98 13.40 -43.53
N GLY H 195 11.26 13.29 -43.88
CA GLY H 195 11.91 14.24 -44.77
C GLY H 195 11.52 14.00 -46.21
N GLY H 196 11.96 14.88 -47.11
CA GLY H 196 11.58 14.78 -48.51
C GLY H 196 12.57 15.28 -49.53
N VAL H 197 12.09 15.41 -50.76
CA VAL H 197 12.90 15.77 -51.92
C VAL H 197 13.00 17.29 -52.12
N ALA H 198 11.86 17.97 -52.19
CA ALA H 198 11.79 19.38 -52.61
C ALA H 198 12.19 20.41 -51.56
N SER H 199 12.14 20.04 -50.28
CA SER H 199 12.52 20.94 -49.18
C SER H 199 14.02 20.92 -48.94
N PRO H 200 14.62 22.09 -48.59
CA PRO H 200 16.08 22.20 -48.40
C PRO H 200 16.66 21.46 -47.17
N THR H 201 16.28 21.87 -45.96
CA THR H 201 17.03 21.56 -44.73
C THR H 201 17.00 20.10 -44.23
N ASP H 202 16.15 19.26 -44.81
CA ASP H 202 15.97 17.90 -44.31
C ASP H 202 16.44 16.80 -45.27
N PRO H 203 17.16 15.79 -44.74
CA PRO H 203 17.35 14.51 -45.43
C PRO H 203 16.05 13.70 -45.44
N ILE H 204 15.90 12.78 -46.39
CA ILE H 204 14.69 11.93 -46.45
C ILE H 204 14.67 10.83 -45.40
N ALA H 205 15.86 10.46 -44.91
CA ALA H 205 16.05 9.29 -44.05
C ALA H 205 15.41 9.46 -42.68
N ASN H 206 15.42 10.70 -42.18
CA ASN H 206 14.94 10.96 -40.83
C ASN H 206 13.46 11.31 -40.73
N THR H 207 12.93 11.18 -39.52
CA THR H 207 11.51 11.25 -39.25
C THR H 207 11.11 12.62 -38.69
N GLN H 208 9.87 13.01 -38.95
CA GLN H 208 9.36 14.28 -38.45
C GLN H 208 8.13 14.05 -37.57
N TYR H 209 7.90 14.99 -36.65
CA TYR H 209 6.85 14.94 -35.61
C TYR H 209 7.06 13.85 -34.56
N SER H 210 6.84 14.22 -33.30
CA SER H 210 6.87 13.24 -32.22
C SER H 210 5.59 12.38 -32.23
N GLU H 211 5.68 11.19 -31.65
CA GLU H 211 4.53 10.28 -31.55
C GLU H 211 3.36 10.92 -30.84
N ASP H 212 3.66 11.75 -29.84
CA ASP H 212 2.68 12.54 -29.10
C ASP H 212 1.95 13.52 -30.00
N GLU H 213 2.67 14.10 -30.95
CA GLU H 213 2.11 15.05 -31.88
C GLU H 213 1.23 14.38 -32.92
N ILE H 214 1.71 13.28 -33.50
CA ILE H 214 0.96 12.57 -34.55
C ILE H 214 -0.32 11.98 -33.99
N ARG H 215 -0.24 11.40 -32.80
CA ARG H 215 -1.42 10.87 -32.12
C ARG H 215 -2.46 11.95 -31.87
N ALA H 216 -1.99 13.15 -31.54
CA ALA H 216 -2.86 14.30 -31.32
C ALA H 216 -3.56 14.69 -32.62
N ILE H 217 -2.80 14.71 -33.71
CA ILE H 217 -3.31 15.10 -35.02
C ILE H 217 -4.38 14.12 -35.49
N VAL H 218 -4.05 12.84 -35.44
CA VAL H 218 -4.96 11.75 -35.80
C VAL H 218 -6.26 11.78 -34.97
N ASP H 219 -6.13 12.03 -33.67
CA ASP H 219 -7.29 12.08 -32.79
C ASP H 219 -8.28 13.17 -33.17
N GLU H 220 -7.76 14.35 -33.52
CA GLU H 220 -8.62 15.49 -33.87
C GLU H 220 -9.27 15.33 -35.24
N ALA H 221 -8.59 14.63 -36.15
CA ALA H 221 -9.15 14.29 -37.45
C ALA H 221 -10.27 13.24 -37.30
N GLU H 222 -9.99 12.16 -36.57
CA GLU H 222 -11.00 11.15 -36.21
C GLU H 222 -12.22 11.79 -35.55
N ALA H 223 -11.98 12.80 -34.71
CA ALA H 223 -13.04 13.54 -34.02
C ALA H 223 -13.84 14.47 -34.93
N ALA H 224 -13.39 14.63 -36.17
CA ALA H 224 -14.13 15.37 -37.17
C ALA H 224 -14.57 14.40 -38.28
N ASN H 225 -14.72 13.14 -37.88
CA ASN H 225 -15.11 12.03 -38.75
C ASN H 225 -14.33 11.99 -40.06
N THR H 226 -13.04 12.30 -39.95
CA THR H 226 -12.10 12.19 -41.06
C THR H 226 -10.80 11.47 -40.65
N TYR H 227 -9.72 11.70 -41.38
CA TYR H 227 -8.49 10.94 -41.25
C TYR H 227 -7.25 11.78 -41.54
N VAL H 228 -6.09 11.16 -41.39
CA VAL H 228 -4.81 11.82 -41.65
C VAL H 228 -4.06 11.10 -42.76
N MET H 229 -3.59 11.89 -43.73
CA MET H 229 -2.58 11.44 -44.69
C MET H 229 -1.21 11.94 -44.27
N ALA H 230 -0.18 11.12 -44.50
CA ALA H 230 1.17 11.40 -44.00
C ALA H 230 2.22 11.16 -45.06
N HIS H 231 3.04 12.18 -45.31
CA HIS H 231 4.21 12.07 -46.18
C HIS H 231 5.28 11.26 -45.44
N ALA H 232 5.63 10.09 -45.98
CA ALA H 232 6.55 9.14 -45.33
C ALA H 232 7.22 8.20 -46.34
N TYR H 233 8.54 8.12 -46.29
CA TYR H 233 9.32 7.38 -47.29
C TYR H 233 9.83 6.03 -46.82
N THR H 234 10.49 6.02 -45.67
CA THR H 234 11.18 4.85 -45.19
C THR H 234 10.28 3.99 -44.31
N GLY H 235 10.50 2.68 -44.32
CA GLY H 235 9.73 1.72 -43.51
C GLY H 235 9.80 1.98 -42.01
N ARG H 236 10.86 2.68 -41.59
CA ARG H 236 10.98 3.18 -40.23
C ARG H 236 9.98 4.29 -39.97
N ALA H 237 9.97 5.29 -40.85
CA ALA H 237 9.06 6.45 -40.76
C ALA H 237 7.61 6.08 -40.99
N ILE H 238 7.37 5.07 -41.83
CA ILE H 238 6.01 4.61 -42.13
C ILE H 238 5.38 3.89 -40.94
N ALA H 239 6.14 2.96 -40.34
CA ALA H 239 5.66 2.16 -39.21
C ALA H 239 5.21 3.00 -38.01
N ARG H 240 5.97 4.03 -37.66
CA ARG H 240 5.60 4.91 -36.54
C ARG H 240 4.35 5.71 -36.84
N ALA H 241 4.22 6.15 -38.09
CA ALA H 241 3.07 6.93 -38.52
C ALA H 241 1.81 6.07 -38.54
N VAL H 242 1.96 4.83 -38.99
CA VAL H 242 0.85 3.89 -39.04
C VAL H 242 0.42 3.44 -37.65
N ARG H 243 1.39 3.27 -36.75
CA ARG H 243 1.12 2.91 -35.35
C ARG H 243 0.53 4.07 -34.55
N CYS H 244 0.80 5.29 -35.00
CA CYS H 244 0.16 6.48 -34.43
C CYS H 244 -1.24 6.64 -35.00
N GLY H 245 -1.52 5.94 -36.08
CA GLY H 245 -2.87 5.80 -36.59
C GLY H 245 -3.21 6.62 -37.81
N VAL H 246 -2.24 6.87 -38.68
CA VAL H 246 -2.53 7.56 -39.92
C VAL H 246 -3.20 6.57 -40.87
N ARG H 247 -4.18 7.06 -41.60
CA ARG H 247 -4.96 6.18 -42.46
C ARG H 247 -4.26 5.92 -43.77
N THR H 248 -3.76 6.95 -44.42
CA THR H 248 -3.05 6.77 -45.70
C THR H 248 -1.61 7.28 -45.65
N ILE H 249 -0.72 6.52 -46.30
CA ILE H 249 0.68 6.88 -46.40
C ILE H 249 0.93 7.40 -47.80
N GLU H 250 1.56 8.56 -47.90
CA GLU H 250 1.91 9.11 -49.18
C GLU H 250 3.31 8.67 -49.58
N HIS H 251 3.49 8.45 -50.88
CA HIS H 251 4.75 8.01 -51.49
C HIS H 251 5.13 6.60 -51.05
N GLY H 252 5.79 6.49 -49.89
CA GLY H 252 6.20 5.22 -49.32
C GLY H 252 7.20 4.44 -50.16
N ASN H 253 8.07 5.18 -50.85
CA ASN H 253 9.00 4.61 -51.83
C ASN H 253 9.98 3.57 -51.28
N LEU H 254 10.37 3.71 -50.02
CA LEU H 254 11.32 2.79 -49.40
C LEU H 254 10.69 1.97 -48.28
N VAL H 255 9.88 0.98 -48.65
CA VAL H 255 9.33 0.06 -47.67
C VAL H 255 10.08 -1.26 -47.64
N ASP H 256 10.34 -1.75 -46.44
CA ASP H 256 10.68 -3.15 -46.26
C ASP H 256 9.37 -3.94 -46.27
N GLU H 257 9.45 -5.26 -46.40
CA GLU H 257 8.27 -6.11 -46.32
C GLU H 257 7.65 -6.13 -44.93
N ALA H 258 8.46 -5.77 -43.93
CA ALA H 258 8.04 -5.71 -42.54
C ALA H 258 7.00 -4.61 -42.27
N ALA H 259 7.29 -3.39 -42.70
CA ALA H 259 6.37 -2.25 -42.56
C ALA H 259 5.14 -2.40 -43.47
N ALA H 260 5.35 -3.03 -44.62
CA ALA H 260 4.29 -3.35 -45.56
C ALA H 260 3.26 -4.27 -44.90
N LYS H 261 3.74 -5.27 -44.16
CA LYS H 261 2.88 -6.20 -43.43
C LYS H 261 2.04 -5.49 -42.37
N LEU H 262 2.65 -4.54 -41.67
CA LEU H 262 2.00 -3.75 -40.62
C LEU H 262 0.82 -2.94 -41.14
N MET H 263 1.00 -2.39 -42.35
CA MET H 263 -0.03 -1.62 -43.00
C MET H 263 -1.25 -2.46 -43.34
N HIS H 264 -1.03 -3.70 -43.73
CA HIS H 264 -2.11 -4.63 -44.01
C HIS H 264 -2.98 -4.87 -42.79
N GLU H 265 -2.33 -5.14 -41.65
CA GLU H 265 -3.04 -5.38 -40.39
C GLU H 265 -3.78 -4.15 -39.87
N HIS H 266 -3.21 -2.98 -40.12
CA HIS H 266 -3.81 -1.74 -39.65
C HIS H 266 -4.85 -1.18 -40.62
N GLY H 267 -4.89 -1.75 -41.83
CA GLY H 267 -5.81 -1.30 -42.86
C GLY H 267 -5.42 0.03 -43.46
N ALA H 268 -4.13 0.36 -43.40
CA ALA H 268 -3.59 1.60 -43.95
C ALA H 268 -3.47 1.55 -45.47
N PHE H 269 -3.78 2.66 -46.12
CA PHE H 269 -3.69 2.77 -47.57
C PHE H 269 -2.34 3.36 -47.96
N VAL H 270 -1.95 3.15 -49.21
CA VAL H 270 -0.70 3.69 -49.75
C VAL H 270 -0.97 4.41 -51.07
N VAL H 271 -0.59 5.67 -51.15
CA VAL H 271 -0.64 6.37 -52.42
C VAL H 271 0.79 6.59 -52.90
N PRO H 272 1.31 5.70 -53.76
CA PRO H 272 2.58 5.99 -54.44
C PRO H 272 2.37 7.12 -55.42
N THR H 273 3.42 7.90 -55.68
CA THR H 273 3.34 8.95 -56.68
C THR H 273 4.52 8.83 -57.62
N LEU H 274 4.59 7.69 -58.30
CA LEU H 274 5.79 7.28 -59.05
C LEU H 274 6.20 8.17 -60.23
N VAL H 275 5.22 8.83 -60.85
CA VAL H 275 5.47 9.60 -62.06
C VAL H 275 6.23 10.89 -61.81
N THR H 276 6.09 11.47 -60.61
CA THR H 276 6.76 12.74 -60.28
C THR H 276 8.28 12.63 -60.23
N TYR H 277 8.79 11.45 -59.90
CA TYR H 277 10.22 11.26 -59.78
C TYR H 277 10.86 11.02 -61.14
N ASP H 278 10.06 10.56 -62.11
CA ASP H 278 10.49 10.48 -63.50
C ASP H 278 10.55 11.86 -64.13
N ALA H 279 9.59 12.70 -63.76
CA ALA H 279 9.45 14.04 -64.33
C ALA H 279 10.48 14.97 -63.73
N LEU H 280 10.84 14.75 -62.48
CA LEU H 280 11.88 15.53 -61.82
C LEU H 280 13.28 14.96 -62.09
N ALA H 281 13.34 13.79 -62.73
CA ALA H 281 14.63 13.22 -63.13
C ALA H 281 15.24 14.05 -64.26
N LYS H 282 14.50 14.16 -65.37
CA LYS H 282 14.98 14.90 -66.54
C LYS H 282 14.75 16.40 -66.42
N HIS H 283 13.53 16.77 -66.03
CA HIS H 283 13.13 18.18 -65.98
C HIS H 283 12.98 18.69 -64.55
N GLY H 284 13.91 18.31 -63.68
CA GLY H 284 13.91 18.75 -62.29
C GLY H 284 14.63 20.07 -62.12
N ALA H 285 15.94 20.04 -62.32
CA ALA H 285 16.79 21.23 -62.32
C ALA H 285 16.45 22.15 -63.50
N GLU H 286 16.04 21.52 -64.60
CA GLU H 286 15.62 22.20 -65.85
C GLU H 286 14.42 23.15 -65.67
N PHE H 287 13.45 22.75 -64.84
CA PHE H 287 12.26 23.59 -64.58
C PHE H 287 12.35 24.41 -63.28
N GLY H 288 13.57 24.79 -62.90
CA GLY H 288 13.80 25.79 -61.85
C GLY H 288 13.65 25.35 -60.41
N MET H 289 13.99 24.09 -60.13
CA MET H 289 14.02 23.58 -58.76
C MET H 289 15.48 23.60 -58.31
N PRO H 290 15.74 23.92 -57.01
CA PRO H 290 17.07 23.90 -56.39
C PRO H 290 17.90 22.65 -56.71
N PRO H 291 19.21 22.83 -57.01
CA PRO H 291 20.12 21.76 -57.41
C PRO H 291 20.32 20.66 -56.35
N GLU H 292 20.18 21.02 -55.08
CA GLU H 292 20.29 20.07 -53.97
C GLU H 292 19.03 19.22 -53.78
N SER H 293 17.91 19.67 -54.35
CA SER H 293 16.66 18.91 -54.36
C SER H 293 16.65 17.83 -55.43
N VAL H 294 17.38 18.08 -56.53
CA VAL H 294 17.53 17.11 -57.62
C VAL H 294 18.59 16.06 -57.25
N ALA H 295 19.43 16.39 -56.26
CA ALA H 295 20.35 15.44 -55.66
C ALA H 295 19.60 14.35 -54.90
N LYS H 296 18.52 14.74 -54.23
CA LYS H 296 17.69 13.82 -53.44
C LYS H 296 16.69 12.99 -54.28
N VAL H 297 16.38 13.46 -55.49
CA VAL H 297 15.35 12.83 -56.33
C VAL H 297 15.84 11.55 -57.02
N ALA H 298 17.14 11.37 -57.10
CA ALA H 298 17.74 10.24 -57.79
C ALA H 298 17.60 8.92 -57.03
N SER H 299 17.46 9.00 -55.70
CA SER H 299 17.48 7.81 -54.86
C SER H 299 16.11 7.20 -54.54
N VAL H 300 15.06 8.02 -54.54
CA VAL H 300 13.71 7.52 -54.21
C VAL H 300 13.01 6.86 -55.38
N GLN H 301 13.43 7.21 -56.61
CA GLN H 301 12.84 6.61 -57.81
C GLN H 301 13.33 5.18 -58.07
N GLN H 302 14.45 4.82 -57.45
CA GLN H 302 15.09 3.51 -57.61
C GLN H 302 14.17 2.39 -57.14
N LYS H 303 13.96 2.33 -55.82
CA LYS H 303 13.13 1.30 -55.21
C LYS H 303 11.62 1.50 -55.42
N GLY H 304 11.24 2.47 -56.26
CA GLY H 304 9.84 2.85 -56.46
C GLY H 304 8.96 1.81 -57.12
N ARG H 305 9.39 1.31 -58.28
CA ARG H 305 8.70 0.23 -58.98
C ARG H 305 8.81 -1.08 -58.19
N GLU H 306 9.93 -1.21 -57.48
CA GLU H 306 10.22 -2.33 -56.62
C GLU H 306 9.25 -2.39 -55.44
N SER H 307 8.84 -1.22 -54.95
CA SER H 307 7.99 -1.10 -53.77
C SER H 307 6.55 -1.52 -54.04
N LEU H 308 6.11 -1.30 -55.29
CA LEU H 308 4.77 -1.68 -55.75
C LEU H 308 4.50 -3.17 -55.61
N GLU H 309 5.54 -3.96 -55.87
CA GLU H 309 5.49 -5.40 -55.70
C GLU H 309 5.38 -5.77 -54.23
N ILE H 310 6.09 -5.03 -53.37
CA ILE H 310 6.06 -5.25 -51.92
C ILE H 310 4.68 -4.95 -51.32
N TYR H 311 4.02 -3.91 -51.84
CA TYR H 311 2.66 -3.58 -51.43
C TYR H 311 1.64 -4.59 -51.97
N ALA H 312 1.92 -5.16 -53.14
CA ALA H 312 1.05 -6.18 -53.72
C ALA H 312 1.16 -7.51 -52.99
N ASN H 313 2.39 -7.86 -52.59
CA ASN H 313 2.68 -9.12 -51.89
C ASN H 313 2.11 -9.14 -50.48
N ALA H 314 2.19 -8.01 -49.80
CA ALA H 314 1.69 -7.88 -48.42
C ALA H 314 0.19 -7.63 -48.37
N GLY H 315 -0.40 -7.31 -49.52
CA GLY H 315 -1.83 -7.05 -49.61
C GLY H 315 -2.20 -5.71 -49.04
N VAL H 316 -1.49 -4.67 -49.46
CA VAL H 316 -1.78 -3.30 -49.05
C VAL H 316 -2.41 -2.55 -50.22
N LYS H 317 -3.56 -1.94 -49.97
CA LYS H 317 -4.26 -1.19 -51.01
C LYS H 317 -3.45 0.01 -51.49
N MET H 318 -3.48 0.23 -52.80
CA MET H 318 -2.77 1.34 -53.42
C MET H 318 -3.69 2.27 -54.18
N GLY H 319 -3.65 3.55 -53.82
CA GLY H 319 -4.37 4.58 -54.56
C GLY H 319 -3.54 5.16 -55.69
N PHE H 320 -4.21 5.85 -56.61
CA PHE H 320 -3.55 6.58 -57.68
C PHE H 320 -3.00 7.88 -57.13
N GLY H 321 -1.81 8.28 -57.56
CA GLY H 321 -1.24 9.57 -57.19
C GLY H 321 -0.26 10.10 -58.22
N SER H 322 -0.33 11.41 -58.49
CA SER H 322 0.58 12.02 -59.47
C SER H 322 1.64 12.91 -58.84
N ASP H 323 1.21 13.97 -58.13
CA ASP H 323 2.09 14.84 -57.33
C ASP H 323 3.05 15.72 -58.17
N LEU H 324 2.64 16.06 -59.38
CA LEU H 324 3.50 16.84 -60.26
C LEU H 324 3.44 18.33 -59.95
N LEU H 325 4.58 19.00 -60.07
CA LEU H 325 4.68 20.42 -59.79
C LEU H 325 4.93 21.19 -61.08
N GLY H 326 4.34 22.38 -61.18
CA GLY H 326 4.55 23.26 -62.33
C GLY H 326 4.06 22.68 -63.65
N GLU H 327 4.85 22.91 -64.70
CA GLU H 327 4.49 22.45 -66.05
C GLU H 327 4.66 20.94 -66.27
N MET H 328 5.12 20.24 -65.23
CA MET H 328 5.17 18.78 -65.26
C MET H 328 3.80 18.16 -65.02
N HIS H 329 2.78 19.00 -64.81
CA HIS H 329 1.40 18.58 -64.58
C HIS H 329 0.78 17.82 -65.74
N ALA H 330 1.30 18.07 -66.94
CA ALA H 330 0.81 17.41 -68.16
C ALA H 330 1.25 15.95 -68.28
N PHE H 331 1.97 15.45 -67.28
CA PHE H 331 2.43 14.07 -67.25
C PHE H 331 1.50 13.21 -66.40
N GLN H 332 0.39 13.81 -65.94
CA GLN H 332 -0.52 13.22 -64.94
C GLN H 332 -1.03 11.82 -65.28
N SER H 333 -1.47 11.64 -66.52
CA SER H 333 -2.05 10.39 -66.98
C SER H 333 -1.06 9.23 -67.06
N GLY H 334 0.24 9.55 -67.13
CA GLY H 334 1.30 8.57 -67.30
C GLY H 334 1.54 7.63 -66.13
N GLU H 335 1.01 7.99 -64.96
CA GLU H 335 1.13 7.15 -63.75
C GLU H 335 0.40 5.82 -63.92
N PHE H 336 -0.67 5.83 -64.72
CA PHE H 336 -1.38 4.62 -65.16
C PHE H 336 -0.45 3.65 -65.87
N ARG H 337 0.41 4.17 -66.74
CA ARG H 337 1.30 3.34 -67.56
C ARG H 337 2.37 2.65 -66.73
N ILE H 338 2.98 3.41 -65.82
CA ILE H 338 3.98 2.87 -64.89
C ILE H 338 3.35 1.76 -64.03
N ARG H 339 2.17 2.02 -63.50
CA ARG H 339 1.47 1.06 -62.63
C ARG H 339 1.04 -0.22 -63.34
N ALA H 340 0.61 -0.09 -64.59
CA ALA H 340 0.16 -1.25 -65.36
C ALA H 340 1.31 -2.19 -65.66
N GLU H 341 2.49 -1.61 -65.86
CA GLU H 341 3.67 -2.38 -66.19
C GLU H 341 4.06 -3.34 -65.08
N VAL H 342 4.01 -2.86 -63.84
CA VAL H 342 4.35 -3.69 -62.70
C VAL H 342 3.17 -4.59 -62.30
N LEU H 343 1.95 -4.06 -62.36
CA LEU H 343 0.79 -4.73 -61.75
C LEU H 343 -0.36 -5.19 -62.68
N GLY H 344 -0.28 -4.88 -63.96
CA GLY H 344 -1.36 -5.24 -64.89
C GLY H 344 -2.36 -4.12 -64.95
N ASN H 345 -2.94 -3.88 -66.14
CA ASN H 345 -3.83 -2.72 -66.34
C ASN H 345 -5.10 -2.66 -65.49
N LEU H 346 -5.68 -3.82 -65.17
CA LEU H 346 -6.90 -3.86 -64.35
C LEU H 346 -6.62 -3.35 -62.94
N GLU H 347 -5.44 -3.63 -62.43
CA GLU H 347 -5.02 -3.11 -61.14
C GLU H 347 -4.72 -1.62 -61.22
N ALA H 348 -4.11 -1.20 -62.33
CA ALA H 348 -3.75 0.20 -62.57
C ALA H 348 -4.96 1.12 -62.64
N LEU H 349 -6.08 0.58 -63.13
CA LEU H 349 -7.33 1.31 -63.20
C LEU H 349 -8.06 1.39 -61.85
N ARG H 350 -7.89 0.36 -61.03
CA ARG H 350 -8.50 0.30 -59.70
C ARG H 350 -7.93 1.37 -58.76
N SER H 351 -6.66 1.72 -58.97
CA SER H 351 -5.98 2.81 -58.24
C SER H 351 -6.76 4.10 -58.27
N ALA H 352 -7.33 4.41 -59.43
CA ALA H 352 -8.06 5.64 -59.66
C ALA H 352 -9.57 5.48 -59.55
N THR H 353 -10.03 4.25 -59.37
CA THR H 353 -11.49 4.02 -59.32
C THR H 353 -11.97 3.45 -58.00
N THR H 354 -12.01 2.12 -57.90
CA THR H 354 -12.57 1.44 -56.72
C THR H 354 -11.78 1.66 -55.42
N VAL H 355 -10.46 1.57 -55.49
CA VAL H 355 -9.61 1.79 -54.31
C VAL H 355 -9.64 3.25 -53.88
N ALA H 356 -9.49 4.16 -54.84
CA ALA H 356 -9.50 5.60 -54.57
C ALA H 356 -10.82 6.07 -53.96
N ALA H 357 -11.91 5.42 -54.35
CA ALA H 357 -13.22 5.71 -53.78
C ALA H 357 -13.31 5.34 -52.31
N GLU H 358 -12.55 4.33 -51.90
CA GLU H 358 -12.50 3.95 -50.50
C GLU H 358 -11.67 4.93 -49.68
N ILE H 359 -10.63 5.49 -50.28
CA ILE H 359 -9.72 6.44 -49.61
C ILE H 359 -10.42 7.77 -49.27
N VAL H 360 -11.24 8.25 -50.20
CA VAL H 360 -12.03 9.48 -49.96
C VAL H 360 -13.38 9.17 -49.30
N ASN H 361 -13.57 7.93 -48.87
CA ASN H 361 -14.79 7.45 -48.18
C ASN H 361 -16.10 7.63 -48.94
N MET H 362 -16.00 7.49 -50.27
CA MET H 362 -17.16 7.52 -51.15
C MET H 362 -17.29 6.13 -51.77
N GLN H 363 -17.20 5.11 -50.92
CA GLN H 363 -17.31 3.72 -51.36
C GLN H 363 -18.74 3.46 -51.80
N GLY H 364 -18.89 3.02 -53.06
CA GLY H 364 -20.20 2.83 -53.68
C GLY H 364 -20.86 4.12 -54.12
N GLN H 365 -20.15 5.23 -53.96
CA GLN H 365 -20.67 6.54 -54.28
C GLN H 365 -19.88 7.18 -55.43
N LEU H 366 -18.56 7.07 -55.35
CA LEU H 366 -17.66 7.40 -56.46
C LEU H 366 -16.91 6.14 -56.90
N GLY H 367 -16.10 6.26 -57.95
CA GLY H 367 -15.29 5.17 -58.47
C GLY H 367 -16.00 3.93 -59.03
N VAL H 368 -17.33 3.97 -59.07
CA VAL H 368 -18.10 2.80 -59.51
C VAL H 368 -19.27 3.20 -60.42
N ILE H 369 -19.48 2.40 -61.47
CA ILE H 369 -20.72 2.47 -62.22
C ILE H 369 -21.70 1.50 -61.57
N ALA H 370 -22.56 2.05 -60.73
CA ALA H 370 -23.54 1.26 -60.01
C ALA H 370 -24.79 2.09 -59.81
N VAL H 371 -25.94 1.41 -59.69
CA VAL H 371 -27.21 2.06 -59.47
C VAL H 371 -27.21 2.77 -58.11
N GLY H 372 -27.38 4.09 -58.15
CA GLY H 372 -27.37 4.89 -56.94
C GLY H 372 -26.16 5.80 -56.77
N ALA H 373 -25.06 5.47 -57.45
CA ALA H 373 -23.79 6.21 -57.33
C ALA H 373 -23.86 7.59 -57.98
N ILE H 374 -22.93 8.47 -57.63
CA ILE H 374 -22.82 9.80 -58.24
C ILE H 374 -22.37 9.64 -59.69
N ALA H 375 -22.99 10.38 -60.60
CA ALA H 375 -22.76 10.21 -62.04
C ALA H 375 -21.52 10.93 -62.56
N ASP H 376 -20.36 10.51 -62.04
CA ASP H 376 -19.05 10.94 -62.54
C ASP H 376 -18.52 9.87 -63.50
N LEU H 377 -18.52 10.18 -64.79
CA LEU H 377 -18.20 9.18 -65.81
C LEU H 377 -17.23 9.68 -66.86
N VAL H 378 -16.45 8.75 -67.40
CA VAL H 378 -15.56 9.00 -68.51
C VAL H 378 -15.98 8.12 -69.67
N VAL H 379 -16.04 8.69 -70.86
CA VAL H 379 -16.28 7.91 -72.09
C VAL H 379 -15.02 7.88 -72.94
N LEU H 380 -14.59 6.66 -73.22
CA LEU H 380 -13.24 6.36 -73.63
C LEU H 380 -13.26 5.56 -74.92
N ASP H 381 -12.37 5.91 -75.85
CA ASP H 381 -12.26 5.21 -77.14
C ASP H 381 -11.26 4.07 -77.07
N GLY H 382 -11.78 2.84 -77.01
CA GLY H 382 -10.94 1.66 -76.94
C GLY H 382 -10.86 1.11 -75.53
N ASN H 383 -10.38 -0.13 -75.41
CA ASN H 383 -10.33 -0.85 -74.14
C ASN H 383 -9.06 -0.54 -73.35
N PRO H 384 -9.21 -0.03 -72.11
CA PRO H 384 -8.07 0.17 -71.22
C PRO H 384 -7.53 -1.13 -70.62
N LEU H 385 -8.32 -2.19 -70.69
CA LEU H 385 -7.92 -3.50 -70.24
C LEU H 385 -6.94 -4.13 -71.23
N GLU H 386 -7.18 -3.91 -72.53
CA GLU H 386 -6.29 -4.42 -73.58
C GLU H 386 -5.06 -3.54 -73.76
N ASP H 387 -5.27 -2.22 -73.73
CA ASP H 387 -4.17 -1.25 -73.86
C ASP H 387 -4.29 -0.10 -72.88
N ILE H 388 -3.31 0.02 -71.99
CA ILE H 388 -3.31 1.06 -70.95
C ILE H 388 -2.94 2.44 -71.51
N GLY H 389 -2.47 2.47 -72.76
CA GLY H 389 -2.14 3.71 -73.46
C GLY H 389 -3.36 4.56 -73.76
N VAL H 390 -4.54 3.93 -73.80
CA VAL H 390 -5.80 4.64 -74.09
C VAL H 390 -6.22 5.55 -72.94
N VAL H 391 -5.49 5.42 -71.82
CA VAL H 391 -5.74 6.18 -70.60
C VAL H 391 -4.49 7.00 -70.22
N ALA H 392 -3.33 6.59 -70.72
CA ALA H 392 -2.05 7.18 -70.30
C ALA H 392 -1.31 8.06 -71.33
N ASP H 393 -1.99 8.46 -72.41
CA ASP H 393 -1.38 9.29 -73.46
C ASP H 393 -1.85 10.76 -73.38
N GLU H 394 -1.79 11.30 -72.16
CA GLU H 394 -2.36 12.62 -71.78
C GLU H 394 -3.81 12.81 -72.22
N GLY H 395 -4.64 11.78 -71.99
CA GLY H 395 -6.05 11.80 -72.37
C GLY H 395 -6.27 11.93 -73.86
N ALA H 396 -5.53 11.15 -74.64
CA ALA H 396 -5.63 11.18 -76.10
C ALA H 396 -6.99 10.67 -76.57
N ARG H 397 -7.45 9.58 -75.95
CA ARG H 397 -8.65 8.89 -76.40
C ARG H 397 -9.84 8.98 -75.42
N VAL H 398 -10.06 10.16 -74.85
CA VAL H 398 -11.24 10.43 -74.00
C VAL H 398 -12.13 11.52 -74.60
N GLU H 399 -13.30 11.11 -75.13
CA GLU H 399 -14.16 12.08 -75.81
C GLU H 399 -15.18 12.74 -74.90
N TYR H 400 -15.82 11.99 -74.03
CA TYR H 400 -16.76 12.61 -73.09
C TYR H 400 -16.31 12.51 -71.64
N VAL H 401 -16.52 13.59 -70.88
CA VAL H 401 -16.32 13.58 -69.43
C VAL H 401 -17.58 14.11 -68.74
N LEU H 402 -18.17 13.29 -67.87
CA LEU H 402 -19.38 13.66 -67.13
C LEU H 402 -19.10 13.80 -65.63
N GLN H 403 -19.74 14.78 -65.00
CA GLN H 403 -19.48 15.14 -63.63
C GLN H 403 -20.81 15.51 -63.00
N ARG H 404 -21.25 14.68 -62.06
CA ARG H 404 -22.57 14.80 -61.40
C ARG H 404 -23.71 14.96 -62.39
N GLY H 405 -23.77 14.07 -63.37
CA GLY H 405 -24.83 14.10 -64.36
C GLY H 405 -24.51 14.89 -65.61
N THR H 406 -24.06 16.13 -65.44
CA THR H 406 -23.87 17.03 -66.57
C THR H 406 -22.62 16.73 -67.41
N LEU H 407 -22.69 17.03 -68.70
CA LEU H 407 -21.56 16.86 -69.62
C LEU H 407 -20.60 18.01 -69.40
N VAL H 408 -19.30 17.71 -69.38
CA VAL H 408 -18.30 18.73 -69.04
C VAL H 408 -17.19 18.89 -70.09
N LYS H 409 -16.82 17.80 -70.75
CA LYS H 409 -15.82 17.85 -71.82
C LYS H 409 -16.30 17.11 -73.06
N ARG H 410 -16.00 17.67 -74.23
CA ARG H 410 -16.26 17.02 -75.51
C ARG H 410 -15.08 17.26 -76.45
N GLN H 411 -14.49 16.19 -76.96
CA GLN H 411 -13.27 16.27 -77.75
C GLN H 411 -13.32 15.33 -78.95
N THR I 4 -5.88 -92.61 58.25
CA THR I 4 -7.26 -92.04 58.15
C THR I 4 -7.83 -91.64 59.51
N ILE I 5 -7.73 -92.56 60.48
CA ILE I 5 -8.29 -92.34 61.82
C ILE I 5 -7.20 -92.25 62.90
N THR I 6 -7.32 -91.23 63.76
CA THR I 6 -6.36 -90.95 64.84
C THR I 6 -7.13 -90.53 66.10
N VAL I 7 -6.73 -91.07 67.25
CA VAL I 7 -7.44 -90.81 68.52
C VAL I 7 -6.51 -90.24 69.61
N LEU I 8 -6.93 -89.12 70.19
CA LEU I 8 -6.33 -88.58 71.41
C LEU I 8 -7.02 -89.25 72.59
N GLN I 9 -6.25 -89.74 73.55
CA GLN I 9 -6.80 -90.49 74.66
C GLN I 9 -6.34 -90.02 76.05
N GLY I 10 -7.26 -90.08 77.01
CA GLY I 10 -7.00 -89.64 78.38
C GLY I 10 -6.93 -88.12 78.54
N GLY I 11 -7.42 -87.41 77.52
CA GLY I 11 -7.29 -85.96 77.45
C GLY I 11 -8.25 -85.19 78.32
N ASN I 12 -7.84 -83.98 78.70
CA ASN I 12 -8.71 -83.05 79.41
C ASN I 12 -9.36 -82.12 78.39
N VAL I 13 -10.56 -82.48 77.95
CA VAL I 13 -11.26 -81.78 76.87
C VAL I 13 -12.03 -80.56 77.37
N LEU I 14 -11.59 -79.38 76.95
CA LEU I 14 -12.22 -78.14 77.38
C LEU I 14 -13.46 -77.84 76.54
N ASP I 15 -14.60 -77.69 77.23
CA ASP I 15 -15.83 -77.19 76.62
C ASP I 15 -16.04 -75.79 77.17
N LEU I 16 -15.98 -74.80 76.27
CA LEU I 16 -16.00 -73.39 76.65
C LEU I 16 -17.41 -72.82 76.82
N GLU I 17 -18.41 -73.45 76.21
CA GLU I 17 -19.81 -73.05 76.42
C GLU I 17 -20.37 -73.55 77.76
N ARG I 18 -19.65 -74.46 78.42
CA ARG I 18 -19.98 -74.91 79.78
C ARG I 18 -18.91 -74.47 80.80
N GLY I 19 -17.81 -73.92 80.30
CA GLY I 19 -16.78 -73.28 81.12
C GLY I 19 -15.86 -74.19 81.92
N VAL I 20 -15.89 -75.49 81.63
CA VAL I 20 -15.20 -76.50 82.43
C VAL I 20 -14.28 -77.43 81.62
N LEU I 21 -13.27 -77.98 82.29
CA LEU I 21 -12.48 -79.08 81.75
C LEU I 21 -13.20 -80.41 81.93
N LEU I 22 -13.41 -81.13 80.83
CA LEU I 22 -13.97 -82.47 80.87
C LEU I 22 -12.83 -83.50 80.76
N GLU I 23 -12.22 -83.80 81.91
CA GLU I 23 -11.03 -84.66 81.97
C GLU I 23 -11.27 -86.13 81.59
N HIS I 24 -10.20 -86.78 81.16
CA HIS I 24 -10.18 -88.20 80.73
C HIS I 24 -11.13 -88.56 79.56
N HIS I 25 -11.46 -87.55 78.75
CA HIS I 25 -12.28 -87.75 77.56
C HIS I 25 -11.40 -88.02 76.35
N HIS I 26 -11.86 -88.94 75.49
CA HIS I 26 -11.15 -89.32 74.27
C HIS I 26 -11.74 -88.63 73.06
N VAL I 27 -10.89 -88.17 72.15
CA VAL I 27 -11.33 -87.47 70.94
C VAL I 27 -11.06 -88.30 69.69
N VAL I 28 -12.12 -88.75 69.03
CA VAL I 28 -12.00 -89.60 67.84
C VAL I 28 -12.08 -88.76 66.56
N ILE I 29 -11.00 -88.79 65.79
CA ILE I 29 -10.89 -88.03 64.55
C ILE I 29 -10.89 -88.97 63.35
N ASP I 30 -11.86 -88.82 62.45
CA ASP I 30 -11.83 -89.53 61.18
C ASP I 30 -11.57 -88.51 60.08
N GLY I 31 -10.37 -88.58 59.50
CA GLY I 31 -9.96 -87.71 58.41
C GLY I 31 -9.61 -86.31 58.88
N GLU I 32 -10.49 -85.35 58.59
CA GLU I 32 -10.27 -83.95 58.91
C GLU I 32 -11.24 -83.40 59.94
N ARG I 33 -12.18 -84.24 60.37
CA ARG I 33 -13.26 -83.83 61.28
C ARG I 33 -13.34 -84.65 62.57
N ILE I 34 -13.97 -84.08 63.58
CA ILE I 34 -14.19 -84.73 64.88
C ILE I 34 -15.52 -85.50 64.87
N VAL I 35 -15.47 -86.80 65.21
CA VAL I 35 -16.66 -87.67 65.13
C VAL I 35 -17.16 -88.17 66.48
N GLU I 36 -16.29 -88.21 67.48
CA GLU I 36 -16.69 -88.57 68.84
C GLU I 36 -15.83 -87.91 69.91
N VAL I 37 -16.50 -87.29 70.88
CA VAL I 37 -15.86 -86.86 72.13
C VAL I 37 -16.61 -87.56 73.26
N THR I 38 -15.96 -88.53 73.89
CA THR I 38 -16.60 -89.31 74.97
C THR I 38 -15.61 -89.81 76.01
N ASP I 39 -16.13 -90.25 77.15
CA ASP I 39 -15.31 -90.74 78.27
C ASP I 39 -15.33 -92.26 78.40
N ARG I 40 -16.07 -92.91 77.50
CA ARG I 40 -16.14 -94.37 77.42
C ARG I 40 -14.81 -94.97 76.96
N PRO I 41 -14.41 -96.14 77.50
CA PRO I 41 -13.20 -96.86 77.07
C PRO I 41 -13.12 -96.96 75.55
N VAL I 42 -11.98 -96.51 74.99
CA VAL I 42 -11.87 -96.20 73.57
C VAL I 42 -11.84 -97.42 72.62
N ASP I 43 -12.81 -97.45 71.71
CA ASP I 43 -13.01 -98.52 70.75
C ASP I 43 -12.16 -98.29 69.49
N LEU I 44 -10.84 -98.31 69.65
CA LEU I 44 -9.91 -97.91 68.58
C LEU I 44 -9.43 -99.08 67.68
N PRO I 45 -9.80 -99.04 66.38
CA PRO I 45 -9.46 -100.11 65.44
C PRO I 45 -8.19 -99.82 64.61
N ASN I 46 -8.32 -98.99 63.58
CA ASN I 46 -7.18 -98.51 62.77
C ASN I 46 -6.62 -97.19 63.31
N ALA I 47 -7.16 -96.76 64.46
CA ALA I 47 -6.83 -95.47 65.05
C ALA I 47 -5.41 -95.40 65.61
N GLN I 48 -4.66 -94.41 65.16
CA GLN I 48 -3.33 -94.13 65.68
C GLN I 48 -3.47 -93.47 67.05
N ALA I 49 -2.65 -93.92 67.99
CA ALA I 49 -2.75 -93.45 69.36
C ALA I 49 -1.86 -92.23 69.63
N ILE I 50 -2.49 -91.16 70.12
CA ILE I 50 -1.76 -90.06 70.75
C ILE I 50 -2.17 -90.06 72.23
N ASP I 51 -1.22 -90.38 73.10
CA ASP I 51 -1.51 -90.51 74.53
C ASP I 51 -1.42 -89.16 75.23
N VAL I 52 -2.58 -88.58 75.52
CA VAL I 52 -2.66 -87.23 76.09
C VAL I 52 -3.21 -87.27 77.51
N ARG I 53 -2.65 -88.13 78.36
CA ARG I 53 -3.15 -88.25 79.74
C ARG I 53 -2.71 -87.06 80.63
N GLY I 54 -3.69 -86.42 81.27
CA GLY I 54 -3.43 -85.31 82.18
C GLY I 54 -3.03 -83.99 81.54
N LYS I 55 -3.37 -83.81 80.25
CA LYS I 55 -3.08 -82.58 79.52
C LYS I 55 -4.35 -82.00 78.88
N THR I 56 -4.41 -80.68 78.79
CA THR I 56 -5.56 -79.98 78.22
C THR I 56 -5.63 -80.12 76.69
N VAL I 57 -6.68 -80.79 76.21
CA VAL I 57 -7.00 -80.80 74.78
C VAL I 57 -8.07 -79.74 74.54
N MET I 58 -7.74 -78.75 73.72
CA MET I 58 -8.63 -77.63 73.47
C MET I 58 -8.66 -77.30 71.97
N PRO I 59 -9.60 -76.42 71.53
CA PRO I 59 -9.54 -76.04 70.11
C PRO I 59 -8.38 -75.10 69.79
N GLY I 60 -8.01 -75.04 68.51
CA GLY I 60 -6.92 -74.17 68.03
C GLY I 60 -7.29 -72.70 68.05
N PHE I 61 -6.28 -71.86 68.27
CA PHE I 61 -6.50 -70.42 68.46
C PHE I 61 -6.72 -69.68 67.16
N ILE I 62 -7.75 -68.85 67.13
CA ILE I 62 -8.12 -68.09 65.93
C ILE I 62 -7.84 -66.60 66.17
N ASP I 63 -6.68 -66.16 65.70
CA ASP I 63 -6.33 -64.74 65.70
C ASP I 63 -7.14 -64.05 64.61
N CYS I 64 -8.02 -63.14 65.01
CA CYS I 64 -8.88 -62.43 64.06
C CYS I 64 -8.21 -61.26 63.35
N HIS I 65 -6.97 -60.94 63.72
CA HIS I 65 -6.31 -59.75 63.19
C HIS I 65 -4.79 -59.85 63.12
N VAL I 66 -4.28 -60.24 61.95
CA VAL I 66 -2.83 -60.36 61.73
C VAL I 66 -2.34 -59.69 60.45
N HIS I 67 -1.03 -59.42 60.41
CA HIS I 67 -0.37 -59.05 59.18
C HIS I 67 0.81 -59.99 58.97
N VAL I 68 0.52 -61.11 58.31
CA VAL I 68 1.50 -62.15 57.98
C VAL I 68 2.67 -61.57 57.18
N LEU I 69 2.35 -60.66 56.26
CA LEU I 69 3.33 -60.06 55.38
C LEU I 69 4.08 -58.84 55.96
N ALA I 70 3.78 -58.46 57.19
CA ALA I 70 4.52 -57.38 57.84
C ALA I 70 5.85 -57.89 58.39
N SER I 71 6.85 -57.95 57.51
CA SER I 71 8.16 -58.51 57.85
C SER I 71 9.04 -57.52 58.63
N ASN I 72 8.68 -56.24 58.59
CA ASN I 72 9.26 -55.25 59.49
C ASN I 72 8.22 -54.26 60.03
N ALA I 73 8.60 -53.52 61.06
CA ALA I 73 7.70 -52.61 61.79
C ALA I 73 7.32 -51.35 61.00
N ASN I 74 8.27 -50.85 60.21
CA ASN I 74 7.99 -49.75 59.28
C ASN I 74 7.20 -50.25 58.09
N LEU I 75 5.88 -50.04 58.11
CA LEU I 75 4.98 -50.52 57.05
C LEU I 75 5.16 -49.79 55.72
N GLY I 76 5.79 -48.63 55.76
CA GLY I 76 6.17 -47.87 54.57
C GLY I 76 7.24 -48.60 53.76
N VAL I 77 8.35 -48.95 54.42
CA VAL I 77 9.45 -49.66 53.75
C VAL I 77 9.14 -51.17 53.55
N ASN I 78 8.14 -51.66 54.26
CA ASN I 78 7.58 -53.00 54.05
C ASN I 78 6.91 -53.13 52.68
N ALA I 79 6.32 -52.04 52.21
CA ALA I 79 5.66 -51.99 50.90
C ALA I 79 6.66 -51.83 49.75
N THR I 80 7.79 -51.19 50.03
CA THR I 80 8.80 -50.90 49.01
C THR I 80 9.83 -52.03 48.78
N GLN I 81 9.76 -53.09 49.60
CA GLN I 81 10.59 -54.28 49.39
C GLN I 81 10.12 -55.05 48.13
N PRO I 82 11.05 -55.76 47.43
CA PRO I 82 10.65 -56.53 46.25
C PRO I 82 9.66 -57.66 46.54
N ASN I 83 8.80 -57.93 45.56
CA ASN I 83 7.66 -58.86 45.67
C ASN I 83 7.98 -60.24 46.22
N ILE I 84 8.99 -60.87 45.63
CA ILE I 84 9.39 -62.23 45.97
C ILE I 84 9.92 -62.30 47.40
N LEU I 85 10.78 -61.35 47.76
CA LEU I 85 11.34 -61.24 49.12
C LEU I 85 10.28 -61.08 50.21
N ALA I 86 9.23 -60.33 49.89
CA ALA I 86 8.09 -60.12 50.79
C ALA I 86 7.38 -61.44 51.09
N ALA I 87 7.18 -62.24 50.04
CA ALA I 87 6.54 -63.55 50.15
C ALA I 87 7.42 -64.53 50.94
N ILE I 88 8.72 -64.47 50.68
CA ILE I 88 9.72 -65.35 51.32
C ILE I 88 9.77 -65.12 52.85
N ARG I 89 9.74 -63.85 53.24
CA ARG I 89 9.81 -63.46 54.65
C ARG I 89 8.51 -63.74 55.43
N SER I 90 7.43 -64.06 54.73
CA SER I 90 6.15 -64.37 55.38
C SER I 90 6.12 -65.78 55.94
N LEU I 91 6.96 -66.65 55.38
CA LEU I 91 6.99 -68.07 55.71
C LEU I 91 7.55 -68.44 57.10
N PRO I 92 8.61 -67.74 57.59
CA PRO I 92 8.98 -67.98 58.99
C PRO I 92 7.92 -67.45 59.96
N ILE I 93 7.24 -66.38 59.57
CA ILE I 93 6.14 -65.79 60.34
C ILE I 93 4.94 -66.76 60.39
N LEU I 94 4.61 -67.37 59.25
CA LEU I 94 3.56 -68.38 59.17
C LEU I 94 3.89 -69.59 60.04
N ASP I 95 5.16 -69.99 60.05
CA ASP I 95 5.59 -71.13 60.86
C ASP I 95 5.57 -70.83 62.35
N ALA I 96 5.91 -69.60 62.71
CA ALA I 96 5.97 -69.15 64.11
C ALA I 96 4.60 -69.04 64.77
N MET I 97 3.57 -68.74 63.96
CA MET I 97 2.20 -68.66 64.44
C MET I 97 1.61 -70.03 64.73
N LEU I 98 1.94 -71.00 63.88
CA LEU I 98 1.41 -72.36 63.99
C LEU I 98 1.92 -73.10 65.23
N SER I 99 3.19 -72.86 65.57
CA SER I 99 3.81 -73.45 66.76
C SER I 99 3.18 -72.90 68.05
N ARG I 100 2.76 -71.64 68.00
CA ARG I 100 2.08 -70.98 69.12
C ARG I 100 0.59 -71.30 69.20
N GLY I 101 0.17 -72.41 68.59
CA GLY I 101 -1.20 -72.90 68.70
C GLY I 101 -2.25 -72.26 67.79
N PHE I 102 -1.82 -71.33 66.94
CA PHE I 102 -2.72 -70.68 66.00
C PHE I 102 -2.88 -71.53 64.74
N THR I 103 -4.07 -72.11 64.59
CA THR I 103 -4.39 -72.95 63.44
C THR I 103 -5.18 -72.16 62.38
N SER I 104 -5.84 -71.09 62.83
CA SER I 104 -6.54 -70.18 61.94
C SER I 104 -6.09 -68.74 62.20
N VAL I 105 -5.96 -67.97 61.12
CA VAL I 105 -5.76 -66.53 61.22
C VAL I 105 -6.70 -65.79 60.26
N ARG I 106 -6.99 -64.53 60.58
CA ARG I 106 -7.66 -63.62 59.66
C ARG I 106 -6.71 -62.48 59.37
N ASP I 107 -6.16 -62.47 58.15
CA ASP I 107 -5.18 -61.46 57.77
C ASP I 107 -5.90 -60.17 57.40
N ALA I 108 -5.48 -59.09 58.04
CA ALA I 108 -6.20 -57.82 58.00
C ALA I 108 -5.65 -56.87 56.96
N GLY I 109 -5.16 -57.41 55.86
CA GLY I 109 -4.53 -56.61 54.82
C GLY I 109 -3.14 -57.14 54.60
N GLY I 110 -2.84 -57.52 53.37
CA GLY I 110 -1.56 -58.13 53.03
C GLY I 110 -1.74 -59.43 52.29
N ALA I 111 -1.91 -60.52 53.04
CA ALA I 111 -2.04 -61.86 52.48
C ALA I 111 -3.27 -61.99 51.61
N ASP I 112 -3.13 -62.74 50.53
CA ASP I 112 -4.20 -62.92 49.55
C ASP I 112 -4.71 -64.35 49.49
N TRP I 113 -5.38 -64.69 48.39
CA TRP I 113 -5.93 -66.01 48.14
C TRP I 113 -4.82 -67.01 47.80
N SER I 114 -3.70 -66.49 47.31
CA SER I 114 -2.55 -67.32 46.95
C SER I 114 -1.86 -67.91 48.17
N LEU I 115 -1.74 -67.11 49.24
CA LEU I 115 -1.24 -67.62 50.51
C LEU I 115 -2.22 -68.56 51.22
N MET I 116 -3.51 -68.45 50.86
CA MET I 116 -4.55 -69.35 51.38
C MET I 116 -4.39 -70.75 50.81
N GLN I 117 -4.17 -70.83 49.50
CA GLN I 117 -4.01 -72.11 48.80
C GLN I 117 -2.67 -72.78 49.15
N ALA I 118 -1.66 -71.95 49.40
CA ALA I 118 -0.31 -72.42 49.73
C ALA I 118 -0.26 -73.17 51.06
N VAL I 119 -1.04 -72.72 52.03
CA VAL I 119 -1.12 -73.43 53.31
C VAL I 119 -2.06 -74.63 53.24
N GLU I 120 -3.11 -74.52 52.44
CA GLU I 120 -4.12 -75.57 52.27
C GLU I 120 -3.58 -76.84 51.63
N THR I 121 -2.77 -76.67 50.60
CA THR I 121 -2.22 -77.79 49.83
C THR I 121 -1.10 -78.51 50.58
N GLY I 122 -0.45 -77.80 51.51
CA GLY I 122 0.66 -78.36 52.27
C GLY I 122 1.98 -77.84 51.72
N LEU I 123 1.86 -76.91 50.78
CA LEU I 123 2.98 -76.27 50.13
C LEU I 123 3.72 -75.36 51.11
N VAL I 124 2.98 -74.82 52.08
CA VAL I 124 3.53 -73.95 53.13
C VAL I 124 3.04 -74.38 54.53
N SER I 125 3.97 -74.48 55.47
CA SER I 125 3.62 -74.72 56.87
C SER I 125 3.13 -73.43 57.54
N GLY I 126 1.94 -73.50 58.15
CA GLY I 126 1.34 -72.35 58.81
C GLY I 126 -0.17 -72.47 59.00
N PRO I 127 -0.78 -71.50 59.71
CA PRO I 127 -2.23 -71.47 59.94
C PRO I 127 -3.02 -71.14 58.68
N ARG I 128 -4.25 -71.65 58.59
CA ARG I 128 -5.16 -71.34 57.48
C ARG I 128 -5.54 -69.86 57.51
N ILE I 129 -5.51 -69.23 56.34
CA ILE I 129 -5.70 -67.79 56.22
C ILE I 129 -7.09 -67.41 55.71
N PHE I 130 -7.73 -66.47 56.41
CA PHE I 130 -8.92 -65.79 55.90
C PHE I 130 -8.46 -64.39 55.44
N PRO I 131 -8.18 -64.24 54.13
CA PRO I 131 -7.50 -63.05 53.64
C PRO I 131 -8.39 -61.86 53.31
N SER I 132 -7.91 -60.67 53.65
CA SER I 132 -8.53 -59.41 53.23
C SER I 132 -8.10 -59.10 51.81
N GLY I 133 -6.88 -59.52 51.48
CA GLY I 133 -6.21 -59.07 50.27
C GLY I 133 -5.52 -57.77 50.62
N LYS I 134 -5.98 -56.69 50.02
CA LYS I 134 -5.48 -55.36 50.33
C LYS I 134 -6.53 -54.60 51.13
N ALA I 135 -6.07 -53.85 52.14
CA ALA I 135 -6.95 -52.96 52.92
C ALA I 135 -7.36 -51.73 52.10
N LEU I 136 -8.58 -51.26 52.30
CA LEU I 136 -9.06 -50.10 51.54
C LEU I 136 -8.92 -48.80 52.33
N SER I 137 -8.12 -47.90 51.79
CA SER I 137 -7.78 -46.65 52.45
C SER I 137 -8.01 -45.47 51.51
N GLN I 138 -8.58 -44.39 52.02
CA GLN I 138 -8.73 -43.17 51.22
C GLN I 138 -7.41 -42.40 51.21
N THR I 139 -7.24 -41.53 50.21
CA THR I 139 -5.99 -40.77 50.04
C THR I 139 -5.71 -39.88 51.25
N GLY I 140 -4.51 -40.02 51.79
CA GLY I 140 -4.12 -39.34 53.02
C GLY I 140 -4.56 -40.10 54.25
N GLY I 141 -5.08 -41.30 54.03
CA GLY I 141 -5.56 -42.14 55.11
C GLY I 141 -4.52 -43.10 55.65
N HIS I 142 -4.97 -44.03 56.49
CA HIS I 142 -4.09 -44.90 57.25
C HIS I 142 -3.28 -45.90 56.42
N GLY I 143 -3.80 -46.27 55.25
CA GLY I 143 -3.08 -47.16 54.35
C GLY I 143 -2.31 -46.45 53.24
N ASP I 144 -2.37 -45.12 53.24
CA ASP I 144 -1.55 -44.31 52.34
C ASP I 144 -0.21 -44.07 53.04
N PHE I 145 0.88 -44.55 52.45
CA PHE I 145 2.20 -44.44 53.06
C PHE I 145 3.13 -43.47 52.34
N ARG I 146 2.53 -42.49 51.67
CA ARG I 146 3.27 -41.37 51.09
C ARG I 146 3.59 -40.36 52.19
N PRO I 147 4.73 -39.64 52.06
CA PRO I 147 5.07 -38.64 53.09
C PRO I 147 4.25 -37.33 52.98
N ARG I 148 4.94 -36.19 53.02
CA ARG I 148 4.30 -34.89 52.81
C ARG I 148 4.91 -34.23 51.56
N GLY I 149 5.50 -35.06 50.71
CA GLY I 149 6.15 -34.62 49.46
C GLY I 149 5.16 -34.30 48.36
N ASP I 150 5.03 -35.22 47.40
CA ASP I 150 4.10 -35.08 46.27
C ASP I 150 3.28 -36.33 45.98
N LEU I 151 2.08 -36.12 45.43
CA LEU I 151 1.09 -37.19 45.26
C LEU I 151 1.02 -37.76 43.83
N LEU I 152 2.07 -38.46 43.42
CA LEU I 152 2.07 -39.21 42.16
C LEU I 152 1.19 -40.45 42.31
N GLU I 153 0.62 -40.90 41.19
CA GLU I 153 -0.34 -42.01 41.19
C GLU I 153 0.28 -43.38 41.51
N PRO I 154 -0.27 -44.08 42.52
CA PRO I 154 0.16 -45.44 42.76
C PRO I 154 -0.79 -46.47 42.12
N CYS I 155 -0.38 -46.98 40.96
CA CYS I 155 -0.98 -48.19 40.39
C CYS I 155 -0.22 -49.40 40.93
N SER I 156 0.89 -49.12 41.61
CA SER I 156 1.74 -50.12 42.26
C SER I 156 1.15 -50.72 43.53
N CYS I 157 0.12 -50.07 44.09
CA CYS I 157 -0.52 -50.52 45.35
C CYS I 157 -1.02 -51.98 45.34
N CYS I 158 -1.54 -52.42 44.20
CA CYS I 158 -1.87 -53.84 43.98
C CYS I 158 -0.64 -54.66 43.58
N PHE I 159 0.27 -54.04 42.80
CA PHE I 159 1.46 -54.70 42.28
C PHE I 159 2.45 -55.16 43.36
N ARG I 160 2.63 -54.35 44.40
CA ARG I 160 3.48 -54.74 45.54
C ARG I 160 2.70 -55.69 46.43
N THR I 161 3.27 -56.87 46.67
CA THR I 161 2.70 -57.84 47.61
C THR I 161 3.11 -57.50 49.04
N GLY I 162 4.03 -56.54 49.18
CA GLY I 162 4.46 -56.02 50.47
C GLY I 162 3.57 -54.93 51.04
N ALA I 163 2.63 -54.45 50.23
CA ALA I 163 1.67 -53.44 50.64
C ALA I 163 0.46 -54.04 51.34
N ILE I 164 0.24 -53.60 52.58
CA ILE I 164 -0.91 -54.01 53.41
C ILE I 164 -2.22 -53.46 52.84
N ALA I 165 -2.13 -52.28 52.22
CA ALA I 165 -3.30 -51.58 51.73
C ALA I 165 -3.21 -51.19 50.25
N ARG I 166 -4.32 -50.66 49.74
CA ARG I 166 -4.34 -49.96 48.45
C ARG I 166 -5.19 -48.69 48.60
N VAL I 167 -4.88 -47.66 47.82
CA VAL I 167 -5.57 -46.38 47.92
C VAL I 167 -6.66 -46.24 46.86
N VAL I 168 -7.90 -46.05 47.31
CA VAL I 168 -9.05 -45.89 46.42
C VAL I 168 -10.03 -44.88 47.00
N ASP I 169 -10.56 -44.00 46.16
CA ASP I 169 -11.51 -42.97 46.62
C ASP I 169 -12.78 -42.96 45.79
N GLY I 170 -13.85 -42.42 46.35
CA GLY I 170 -15.11 -42.28 45.64
C GLY I 170 -16.01 -43.49 45.73
N VAL I 171 -17.32 -43.23 45.68
CA VAL I 171 -18.36 -44.25 45.77
C VAL I 171 -18.16 -45.38 44.74
N GLU I 172 -17.94 -45.00 43.49
CA GLU I 172 -17.68 -45.96 42.43
C GLU I 172 -16.29 -46.59 42.56
N GLY I 173 -15.34 -45.80 43.03
CA GLY I 173 -13.96 -46.23 43.19
C GLY I 173 -13.83 -47.38 44.16
N VAL I 174 -14.51 -47.28 45.30
CA VAL I 174 -14.52 -48.36 46.28
C VAL I 174 -15.45 -49.51 45.86
N ARG I 175 -16.45 -49.21 45.04
CA ARG I 175 -17.37 -50.23 44.53
C ARG I 175 -16.63 -51.16 43.58
N LEU I 176 -15.78 -50.56 42.75
CA LEU I 176 -14.92 -51.32 41.85
C LEU I 176 -13.86 -52.07 42.65
N ALA I 177 -13.30 -51.42 43.68
CA ALA I 177 -12.23 -51.99 44.50
C ALA I 177 -12.66 -53.26 45.22
N VAL I 178 -13.91 -53.26 45.71
CA VAL I 178 -14.49 -54.42 46.39
C VAL I 178 -14.68 -55.61 45.44
N ARG I 179 -15.32 -55.35 44.29
CA ARG I 179 -15.52 -56.35 43.24
C ARG I 179 -14.21 -56.98 42.77
N GLU I 180 -13.16 -56.16 42.72
CA GLU I 180 -11.83 -56.61 42.35
C GLU I 180 -11.19 -57.48 43.43
N GLU I 181 -11.37 -57.11 44.69
CA GLU I 181 -10.78 -57.84 45.81
C GLU I 181 -11.45 -59.19 46.09
N ILE I 182 -12.77 -59.24 45.90
CA ILE I 182 -13.54 -60.47 46.12
C ILE I 182 -13.22 -61.52 45.06
N GLN I 183 -13.09 -61.07 43.81
CA GLN I 183 -12.75 -61.98 42.72
C GLN I 183 -11.28 -62.42 42.78
N LYS I 184 -10.45 -61.63 43.46
CA LYS I 184 -9.07 -62.02 43.78
C LYS I 184 -9.05 -63.06 44.89
N GLY I 185 -10.23 -63.42 45.38
CA GLY I 185 -10.39 -64.51 46.34
C GLY I 185 -10.35 -64.13 47.81
N ALA I 186 -10.70 -62.89 48.14
CA ALA I 186 -10.73 -62.43 49.53
C ALA I 186 -11.97 -62.97 50.22
N THR I 187 -11.84 -63.25 51.52
CA THR I 187 -12.96 -63.75 52.33
C THR I 187 -13.71 -62.63 53.04
N GLN I 188 -13.04 -61.49 53.25
CA GLN I 188 -13.66 -60.28 53.82
C GLN I 188 -12.97 -59.01 53.33
N ILE I 189 -13.67 -57.88 53.46
CA ILE I 189 -13.13 -56.57 53.06
C ILE I 189 -12.61 -55.81 54.29
N ILE I 191 -11.27 -52.14 55.67
CA ILE I 191 -11.23 -50.70 55.40
C ILE I 191 -10.68 -49.88 56.57
N MET I 192 -10.00 -48.78 56.26
CA MET I 192 -9.49 -47.87 57.28
C MET I 192 -10.50 -46.74 57.50
N ALA I 193 -11.23 -46.82 58.62
CA ALA I 193 -12.33 -45.89 58.89
C ALA I 193 -11.97 -44.69 59.76
N SER I 194 -10.73 -44.69 60.28
CA SER I 194 -10.22 -43.54 61.04
C SER I 194 -8.71 -43.47 60.94
N GLY I 195 -8.12 -42.44 61.55
CA GLY I 195 -6.68 -42.31 61.68
C GLY I 195 -6.12 -43.36 62.61
N GLY I 196 -4.80 -43.55 62.57
CA GLY I 196 -4.17 -44.62 63.34
C GLY I 196 -2.88 -44.27 64.08
N VAL I 197 -1.90 -45.15 63.91
CA VAL I 197 -0.59 -45.02 64.56
C VAL I 197 0.53 -45.24 63.52
N ALA I 198 0.36 -46.25 62.66
CA ALA I 198 1.37 -46.67 61.68
C ALA I 198 1.72 -45.63 60.61
N SER I 199 0.69 -45.07 59.96
CA SER I 199 0.88 -44.05 58.92
C SER I 199 1.33 -42.72 59.50
N PRO I 200 2.15 -41.95 58.76
CA PRO I 200 2.62 -40.65 59.28
C PRO I 200 1.57 -39.52 59.24
N THR I 201 0.80 -39.44 58.16
CA THR I 201 -0.01 -38.26 57.84
C THR I 201 -1.27 -38.06 58.69
N ASP I 202 -2.14 -39.07 58.72
CA ASP I 202 -3.46 -38.94 59.34
C ASP I 202 -3.44 -39.02 60.88
N PRO I 203 -3.96 -37.98 61.54
CA PRO I 203 -4.11 -37.95 62.99
C PRO I 203 -5.15 -38.96 63.46
N ILE I 204 -4.92 -39.50 64.65
CA ILE I 204 -5.72 -40.59 65.22
C ILE I 204 -7.20 -40.26 65.38
N ALA I 205 -7.49 -39.04 65.82
CA ALA I 205 -8.84 -38.62 66.17
C ALA I 205 -9.81 -38.54 64.99
N ASN I 206 -9.35 -38.01 63.86
CA ASN I 206 -10.24 -37.76 62.72
C ASN I 206 -10.70 -39.00 61.93
N THR I 207 -11.88 -38.90 61.32
CA THR I 207 -12.50 -40.02 60.61
C THR I 207 -12.14 -40.02 59.13
N GLN I 208 -12.10 -41.22 58.54
CA GLN I 208 -11.79 -41.40 57.13
C GLN I 208 -12.99 -41.97 56.39
N TYR I 209 -13.05 -41.72 55.07
CA TYR I 209 -14.16 -42.12 54.19
C TYR I 209 -15.49 -41.43 54.49
N SER I 210 -16.29 -41.25 53.45
CA SER I 210 -17.62 -40.68 53.61
C SER I 210 -18.59 -41.80 53.96
N GLU I 211 -19.80 -41.44 54.30
CA GLU I 211 -20.84 -42.42 54.62
C GLU I 211 -21.45 -43.03 53.35
N ASP I 212 -21.25 -42.37 52.22
CA ASP I 212 -21.65 -42.91 50.92
C ASP I 212 -20.63 -43.93 50.43
N GLU I 213 -19.37 -43.70 50.76
CA GLU I 213 -18.28 -44.62 50.42
C GLU I 213 -18.34 -45.91 51.24
N ILE I 214 -18.53 -45.79 52.56
CA ILE I 214 -18.60 -46.95 53.46
C ILE I 214 -19.82 -47.83 53.19
N ARG I 215 -20.96 -47.19 52.88
CA ARG I 215 -22.15 -47.94 52.46
C ARG I 215 -21.90 -48.79 51.20
N ALA I 216 -21.26 -48.21 50.20
CA ALA I 216 -20.90 -48.91 48.96
C ALA I 216 -20.04 -50.14 49.22
N ILE I 217 -19.17 -50.07 50.23
CA ILE I 217 -18.29 -51.18 50.61
C ILE I 217 -19.09 -52.28 51.30
N VAL I 218 -19.96 -51.87 52.22
CA VAL I 218 -20.81 -52.79 52.97
C VAL I 218 -21.78 -53.53 52.04
N ASP I 219 -22.49 -52.79 51.19
CA ASP I 219 -23.45 -53.35 50.25
C ASP I 219 -22.82 -54.37 49.31
N GLU I 220 -21.60 -54.08 48.89
CA GLU I 220 -20.87 -54.93 47.95
C GLU I 220 -20.26 -56.16 48.59
N ALA I 221 -19.90 -56.05 49.88
CA ALA I 221 -19.44 -57.20 50.64
C ALA I 221 -20.62 -58.11 50.97
N GLU I 222 -21.75 -57.51 51.32
CA GLU I 222 -22.98 -58.24 51.61
C GLU I 222 -23.49 -58.96 50.39
N ALA I 223 -23.43 -58.31 49.23
CA ALA I 223 -23.89 -58.91 47.98
C ALA I 223 -22.95 -59.98 47.42
N ALA I 224 -21.88 -60.28 48.16
CA ALA I 224 -21.02 -61.43 47.88
C ALA I 224 -21.00 -62.38 49.09
N ASN I 225 -22.02 -62.22 49.94
CA ASN I 225 -22.22 -62.98 51.19
C ASN I 225 -21.01 -62.99 52.15
N THR I 226 -20.47 -61.79 52.36
CA THR I 226 -19.43 -61.55 53.37
C THR I 226 -19.64 -60.17 54.02
N TYR I 227 -18.63 -59.72 54.77
CA TYR I 227 -18.78 -58.55 55.64
C TYR I 227 -17.58 -57.60 55.53
N VAL I 228 -17.65 -56.48 56.24
CA VAL I 228 -16.56 -55.50 56.29
C VAL I 228 -15.96 -55.41 57.70
N MET I 229 -14.66 -55.64 57.80
CA MET I 229 -13.94 -55.36 59.05
C MET I 229 -13.32 -53.96 58.97
N ALA I 230 -13.44 -53.20 60.06
CA ALA I 230 -13.12 -51.78 60.01
C ALA I 230 -12.20 -51.28 61.11
N HIS I 231 -11.06 -50.70 60.71
CA HIS I 231 -10.13 -50.02 61.61
C HIS I 231 -10.69 -48.66 62.03
N ALA I 232 -11.03 -48.53 63.31
CA ALA I 232 -11.53 -47.27 63.88
C ALA I 232 -11.16 -47.16 65.35
N TYR I 233 -10.93 -45.92 65.81
CA TYR I 233 -10.52 -45.68 67.20
C TYR I 233 -11.57 -44.98 68.07
N THR I 234 -11.95 -43.75 67.69
CA THR I 234 -12.86 -42.94 68.49
C THR I 234 -14.31 -43.42 68.40
N GLY I 235 -15.08 -43.13 69.43
CA GLY I 235 -16.51 -43.46 69.49
C GLY I 235 -17.34 -42.70 68.47
N ARG I 236 -16.82 -41.55 68.05
CA ARG I 236 -17.37 -40.82 66.92
C ARG I 236 -17.17 -41.65 65.65
N ALA I 237 -15.96 -42.15 65.45
CA ALA I 237 -15.57 -42.94 64.27
C ALA I 237 -16.19 -44.34 64.24
N ILE I 238 -16.44 -44.91 65.41
CA ILE I 238 -16.98 -46.26 65.50
C ILE I 238 -18.48 -46.26 65.21
N ALA I 239 -19.19 -45.29 65.77
CA ALA I 239 -20.63 -45.19 65.57
C ALA I 239 -21.04 -45.03 64.10
N ARG I 240 -20.31 -44.19 63.36
CA ARG I 240 -20.64 -43.90 61.96
C ARG I 240 -20.41 -45.07 61.02
N ALA I 241 -19.36 -45.86 61.27
CA ALA I 241 -19.06 -47.04 60.46
C ALA I 241 -20.10 -48.15 60.66
N VAL I 242 -20.53 -48.33 61.92
CA VAL I 242 -21.52 -49.35 62.27
C VAL I 242 -22.93 -48.89 61.86
N ARG I 243 -23.17 -47.59 61.86
CA ARG I 243 -24.41 -47.04 61.32
C ARG I 243 -24.51 -47.23 59.80
N CYS I 244 -23.35 -47.30 59.15
CA CYS I 244 -23.30 -47.62 57.72
C CYS I 244 -23.28 -49.13 57.51
N GLY I 245 -22.84 -49.86 58.54
CA GLY I 245 -23.05 -51.30 58.59
C GLY I 245 -21.83 -52.20 58.54
N VAL I 246 -20.72 -51.78 59.15
CA VAL I 246 -19.57 -52.67 59.29
C VAL I 246 -19.88 -53.73 60.34
N ARG I 247 -19.35 -54.94 60.16
CA ARG I 247 -19.66 -56.04 61.07
C ARG I 247 -18.67 -56.12 62.22
N THR I 248 -17.40 -55.85 61.98
CA THR I 248 -16.44 -55.85 63.07
C THR I 248 -15.63 -54.56 63.15
N ILE I 249 -15.23 -54.20 64.37
CA ILE I 249 -14.41 -53.02 64.61
C ILE I 249 -13.05 -53.47 65.15
N GLU I 250 -12.00 -53.06 64.45
CA GLU I 250 -10.63 -53.43 64.82
C GLU I 250 -10.02 -52.37 65.72
N HIS I 251 -9.23 -52.84 66.70
CA HIS I 251 -8.66 -52.02 67.78
C HIS I 251 -9.72 -51.41 68.72
N GLY I 252 -10.34 -50.31 68.30
CA GLY I 252 -11.48 -49.71 69.00
C GLY I 252 -11.19 -49.10 70.37
N ASN I 253 -9.92 -48.85 70.65
CA ASN I 253 -9.42 -48.46 71.99
C ASN I 253 -10.11 -47.26 72.64
N LEU I 254 -10.50 -46.27 71.85
CA LEU I 254 -11.06 -45.04 72.39
C LEU I 254 -12.58 -44.95 72.23
N VAL I 255 -13.29 -45.93 72.78
CA VAL I 255 -14.75 -45.92 72.78
C VAL I 255 -15.34 -45.11 73.93
N ASP I 256 -16.55 -44.60 73.69
CA ASP I 256 -17.46 -44.20 74.75
C ASP I 256 -18.53 -45.29 74.82
N GLU I 257 -19.30 -45.32 75.92
CA GLU I 257 -20.34 -46.33 76.08
C GLU I 257 -21.53 -46.13 75.14
N ALA I 258 -21.66 -44.92 74.57
CA ALA I 258 -22.72 -44.62 73.60
C ALA I 258 -22.49 -45.36 72.28
N ALA I 259 -21.23 -45.41 71.85
CA ALA I 259 -20.82 -46.18 70.68
C ALA I 259 -20.89 -47.68 70.97
N ALA I 260 -20.54 -48.05 72.20
CA ALA I 260 -20.62 -49.44 72.67
C ALA I 260 -22.06 -49.93 72.73
N LYS I 261 -22.97 -49.00 73.07
CA LYS I 261 -24.41 -49.26 73.10
C LYS I 261 -24.94 -49.60 71.70
N LEU I 262 -24.45 -48.87 70.70
CA LEU I 262 -24.90 -49.01 69.31
C LEU I 262 -24.40 -50.29 68.63
N MET I 263 -23.37 -50.90 69.22
CA MET I 263 -22.81 -52.14 68.69
C MET I 263 -23.56 -53.40 69.11
N HIS I 264 -24.12 -53.39 70.33
CA HIS I 264 -25.00 -54.47 70.79
C HIS I 264 -26.30 -54.45 69.98
N GLU I 265 -26.76 -53.24 69.67
CA GLU I 265 -28.01 -53.02 68.93
C GLU I 265 -27.90 -53.37 67.45
N HIS I 266 -26.67 -53.44 66.94
CA HIS I 266 -26.41 -53.78 65.53
C HIS I 266 -25.78 -55.16 65.31
N GLY I 267 -25.15 -55.69 66.35
CA GLY I 267 -24.51 -57.01 66.26
C GLY I 267 -23.11 -56.93 65.71
N ALA I 268 -22.41 -55.86 66.10
CA ALA I 268 -21.04 -55.63 65.65
C ALA I 268 -20.02 -56.08 66.69
N PHE I 269 -19.10 -56.94 66.25
CA PHE I 269 -18.06 -57.51 67.11
C PHE I 269 -16.93 -56.50 67.22
N VAL I 270 -16.02 -56.71 68.18
CA VAL I 270 -14.81 -55.89 68.29
C VAL I 270 -13.59 -56.79 68.47
N VAL I 271 -12.52 -56.51 67.71
CA VAL I 271 -11.26 -57.21 67.89
C VAL I 271 -10.16 -56.25 68.39
N PRO I 272 -9.99 -56.15 69.72
CA PRO I 272 -8.89 -55.36 70.28
C PRO I 272 -7.54 -56.00 69.99
N THR I 273 -6.48 -55.19 69.96
CA THR I 273 -5.14 -55.69 69.67
C THR I 273 -4.13 -55.09 70.65
N LEU I 274 -4.39 -55.27 71.95
CA LEU I 274 -3.66 -54.57 73.01
C LEU I 274 -2.15 -54.85 73.09
N VAL I 275 -1.75 -56.05 72.69
CA VAL I 275 -0.37 -56.51 72.81
C VAL I 275 0.59 -55.73 71.89
N THR I 276 0.05 -55.16 70.82
CA THR I 276 0.86 -54.44 69.84
C THR I 276 1.31 -53.07 70.34
N TYR I 277 0.53 -52.46 71.22
CA TYR I 277 0.87 -51.16 71.79
C TYR I 277 1.90 -51.31 72.91
N ASP I 278 1.86 -52.47 73.58
CA ASP I 278 2.87 -52.85 74.57
C ASP I 278 4.18 -53.22 73.89
N ALA I 279 4.07 -53.81 72.70
CA ALA I 279 5.23 -54.14 71.88
C ALA I 279 5.90 -52.87 71.36
N LEU I 280 5.07 -51.90 70.95
CA LEU I 280 5.56 -50.62 70.43
C LEU I 280 5.88 -49.61 71.54
N ALA I 281 5.56 -49.96 72.78
CA ALA I 281 6.01 -49.18 73.92
C ALA I 281 7.51 -49.42 74.12
N LYS I 282 7.89 -50.68 74.32
CA LYS I 282 9.27 -51.05 74.61
C LYS I 282 10.17 -51.07 73.37
N HIS I 283 9.57 -51.40 72.22
CA HIS I 283 10.32 -51.54 70.96
C HIS I 283 9.71 -50.70 69.83
N GLY I 284 9.51 -49.40 70.08
CA GLY I 284 8.84 -48.51 69.12
C GLY I 284 9.74 -47.94 68.04
N ALA I 285 10.40 -46.82 68.37
CA ALA I 285 11.42 -46.22 67.51
C ALA I 285 12.70 -47.08 67.51
N GLU I 286 12.74 -48.05 68.41
CA GLU I 286 13.82 -49.02 68.51
C GLU I 286 13.84 -50.00 67.33
N PHE I 287 12.67 -50.43 66.88
CA PHE I 287 12.57 -51.38 65.76
C PHE I 287 12.30 -50.73 64.39
N GLY I 288 12.93 -49.58 64.15
CA GLY I 288 12.93 -48.94 62.83
C GLY I 288 11.68 -48.19 62.40
N MET I 289 10.71 -48.07 63.31
CA MET I 289 9.46 -47.33 63.04
C MET I 289 9.65 -45.84 63.33
N PRO I 290 9.34 -44.97 62.34
CA PRO I 290 9.48 -43.51 62.38
C PRO I 290 9.04 -42.86 63.71
N PRO I 291 9.84 -41.90 64.24
CA PRO I 291 9.65 -41.26 65.55
C PRO I 291 8.37 -40.43 65.74
N GLU I 292 7.71 -40.01 64.66
CA GLU I 292 6.42 -39.32 64.77
C GLU I 292 5.26 -40.32 64.89
N SER I 293 5.50 -41.56 64.48
CA SER I 293 4.54 -42.66 64.60
C SER I 293 4.56 -43.32 65.99
N VAL I 294 5.56 -42.95 66.80
CA VAL I 294 5.67 -43.39 68.19
C VAL I 294 4.99 -42.36 69.11
N ALA I 295 4.72 -41.17 68.56
CA ALA I 295 3.99 -40.11 69.27
C ALA I 295 2.50 -40.45 69.42
N LYS I 296 1.96 -41.19 68.45
CA LYS I 296 0.56 -41.61 68.47
C LYS I 296 0.33 -42.91 69.27
N VAL I 297 1.41 -43.62 69.60
CA VAL I 297 1.30 -44.96 70.22
C VAL I 297 1.24 -44.94 71.76
N ALA I 298 1.74 -43.87 72.36
CA ALA I 298 1.71 -43.71 73.82
C ALA I 298 0.29 -43.42 74.32
N SER I 299 -0.52 -42.86 73.43
CA SER I 299 -1.88 -42.41 73.77
C SER I 299 -2.93 -43.52 73.87
N VAL I 300 -2.94 -44.45 72.91
CA VAL I 300 -4.03 -45.44 72.80
C VAL I 300 -3.99 -46.62 73.77
N GLN I 301 -2.80 -46.92 74.30
CA GLN I 301 -2.59 -48.07 75.20
C GLN I 301 -3.26 -47.88 76.57
N GLN I 302 -3.37 -46.63 77.00
CA GLN I 302 -3.99 -46.25 78.27
C GLN I 302 -5.45 -46.69 78.31
N LYS I 303 -6.26 -46.11 77.42
CA LYS I 303 -7.67 -46.46 77.24
C LYS I 303 -7.87 -47.87 76.67
N GLY I 304 -6.76 -48.60 76.52
CA GLY I 304 -6.77 -49.93 75.94
C GLY I 304 -7.43 -50.95 76.82
N ARG I 305 -6.90 -51.13 78.03
CA ARG I 305 -7.43 -52.10 78.99
C ARG I 305 -8.81 -51.68 79.50
N GLU I 306 -9.01 -50.37 79.59
CA GLU I 306 -10.28 -49.75 80.00
C GLU I 306 -11.45 -50.12 79.09
N SER I 307 -11.19 -50.13 77.77
CA SER I 307 -12.22 -50.40 76.76
C SER I 307 -12.79 -51.81 76.85
N LEU I 308 -11.98 -52.74 77.33
CA LEU I 308 -12.37 -54.15 77.48
C LEU I 308 -13.57 -54.32 78.42
N GLU I 309 -13.59 -53.54 79.49
CA GLU I 309 -14.74 -53.48 80.39
C GLU I 309 -15.92 -52.76 79.74
N ILE I 310 -15.62 -51.68 78.99
CA ILE I 310 -16.65 -50.87 78.31
C ILE I 310 -17.47 -51.69 77.32
N TYR I 311 -16.79 -52.52 76.54
CA TYR I 311 -17.46 -53.42 75.60
C TYR I 311 -18.22 -54.52 76.32
N ALA I 312 -17.63 -55.03 77.41
CA ALA I 312 -18.25 -56.09 78.20
C ALA I 312 -19.55 -55.60 78.84
N ASN I 313 -19.52 -54.38 79.35
CA ASN I 313 -20.69 -53.74 79.98
C ASN I 313 -21.89 -53.64 79.04
N ALA I 314 -21.62 -53.30 77.78
CA ALA I 314 -22.69 -53.14 76.78
C ALA I 314 -23.05 -54.45 76.09
N GLY I 315 -22.28 -55.51 76.38
CA GLY I 315 -22.51 -56.82 75.77
C GLY I 315 -22.06 -56.83 74.33
N VAL I 316 -20.86 -56.30 74.09
CA VAL I 316 -20.23 -56.30 72.78
C VAL I 316 -19.20 -57.42 72.74
N LYS I 317 -19.26 -58.25 71.70
CA LYS I 317 -18.42 -59.45 71.60
C LYS I 317 -16.96 -59.11 71.28
N MET I 318 -16.04 -59.86 71.91
CA MET I 318 -14.60 -59.57 71.82
C MET I 318 -13.76 -60.72 71.25
N GLY I 319 -13.19 -60.49 70.07
CA GLY I 319 -12.30 -61.45 69.44
C GLY I 319 -10.84 -61.17 69.73
N PHE I 320 -10.02 -62.21 69.65
CA PHE I 320 -8.57 -62.10 69.85
C PHE I 320 -7.90 -61.48 68.63
N GLY I 321 -6.94 -60.61 68.89
CA GLY I 321 -6.11 -60.02 67.85
C GLY I 321 -4.75 -59.74 68.40
N SER I 322 -3.72 -59.93 67.59
CA SER I 322 -2.37 -59.58 68.00
C SER I 322 -1.92 -58.29 67.29
N ASP I 323 -1.98 -58.32 65.96
CA ASP I 323 -1.61 -57.19 65.08
C ASP I 323 -0.16 -56.72 65.26
N LEU I 324 0.78 -57.66 65.25
CA LEU I 324 2.18 -57.33 65.46
C LEU I 324 2.94 -57.26 64.13
N LEU I 325 4.02 -56.47 64.12
CA LEU I 325 4.79 -56.24 62.89
C LEU I 325 6.26 -56.53 63.12
N GLY I 326 6.91 -57.19 62.17
CA GLY I 326 8.33 -57.50 62.25
C GLY I 326 8.64 -58.67 63.17
N GLU I 327 9.78 -58.58 63.86
CA GLU I 327 10.17 -59.61 64.83
C GLU I 327 9.35 -59.54 66.11
N MET I 328 8.58 -58.46 66.28
CA MET I 328 7.60 -58.33 67.35
C MET I 328 6.40 -59.27 67.19
N HIS I 329 6.40 -60.06 66.11
CA HIS I 329 5.45 -61.17 65.92
C HIS I 329 5.64 -62.27 66.96
N ALA I 330 6.84 -62.31 67.56
CA ALA I 330 7.18 -63.25 68.63
C ALA I 330 6.39 -63.04 69.92
N PHE I 331 5.87 -61.82 70.13
CA PHE I 331 5.04 -61.50 71.29
C PHE I 331 3.55 -61.72 71.01
N GLN I 332 3.21 -62.81 70.32
CA GLN I 332 1.83 -63.06 69.87
C GLN I 332 0.89 -63.63 70.92
N SER I 333 1.44 -64.49 71.78
CA SER I 333 0.67 -65.12 72.84
C SER I 333 0.39 -64.17 74.00
N GLY I 334 1.11 -63.04 74.03
CA GLY I 334 1.01 -62.03 75.09
C GLY I 334 -0.34 -61.36 75.28
N GLU I 335 -1.19 -61.38 74.24
CA GLU I 335 -2.54 -60.81 74.29
C GLU I 335 -3.51 -61.67 75.14
N PHE I 336 -3.19 -62.95 75.30
CA PHE I 336 -3.96 -63.86 76.18
C PHE I 336 -3.93 -63.44 77.65
N ARG I 337 -2.73 -63.09 78.13
CA ARG I 337 -2.50 -62.73 79.53
C ARG I 337 -3.10 -61.37 79.89
N ILE I 338 -2.97 -60.41 78.96
CA ILE I 338 -3.49 -59.05 79.14
C ILE I 338 -5.03 -59.06 79.27
N ARG I 339 -5.68 -59.83 78.40
CA ARG I 339 -7.14 -59.98 78.46
C ARG I 339 -7.60 -60.79 79.67
N ALA I 340 -6.72 -61.67 80.16
CA ALA I 340 -6.99 -62.43 81.38
C ALA I 340 -6.85 -61.55 82.62
N GLU I 341 -6.01 -60.53 82.53
CA GLU I 341 -5.84 -59.55 83.60
C GLU I 341 -7.06 -58.63 83.74
N VAL I 342 -7.79 -58.44 82.64
CA VAL I 342 -8.94 -57.53 82.63
C VAL I 342 -10.29 -58.26 82.76
N LEU I 343 -10.46 -59.36 82.04
CA LEU I 343 -11.77 -60.03 82.02
C LEU I 343 -11.76 -61.48 82.55
N GLY I 344 -10.61 -61.93 83.03
CA GLY I 344 -10.47 -63.32 83.45
C GLY I 344 -10.01 -64.19 82.29
N ASN I 345 -9.50 -65.37 82.61
CA ASN I 345 -8.89 -66.25 81.61
C ASN I 345 -9.84 -67.20 80.89
N LEU I 346 -11.04 -67.41 81.44
CA LEU I 346 -12.07 -68.17 80.74
C LEU I 346 -12.62 -67.36 79.58
N GLU I 347 -12.76 -66.05 79.81
CA GLU I 347 -13.21 -65.14 78.77
C GLU I 347 -12.10 -64.87 77.75
N ALA I 348 -10.85 -64.90 78.22
CA ALA I 348 -9.67 -64.68 77.36
C ALA I 348 -9.42 -65.82 76.38
N LEU I 349 -9.86 -67.02 76.75
CA LEU I 349 -9.79 -68.18 75.85
C LEU I 349 -10.92 -68.15 74.84
N ARG I 350 -12.06 -67.57 75.23
CA ARG I 350 -13.19 -67.37 74.33
C ARG I 350 -12.88 -66.38 73.19
N SER I 351 -12.00 -65.42 73.48
CA SER I 351 -11.48 -64.46 72.49
C SER I 351 -10.97 -65.13 71.23
N ALA I 352 -10.19 -66.19 71.40
CA ALA I 352 -9.53 -66.90 70.29
C ALA I 352 -10.25 -68.19 69.85
N THR I 353 -11.35 -68.54 70.51
CA THR I 353 -12.07 -69.78 70.19
C THR I 353 -13.51 -69.54 69.70
N THR I 354 -14.47 -69.53 70.62
CA THR I 354 -15.90 -69.49 70.28
C THR I 354 -16.36 -68.15 69.68
N VAL I 355 -15.83 -67.04 70.22
CA VAL I 355 -16.16 -65.70 69.70
C VAL I 355 -15.49 -65.49 68.35
N ALA I 356 -14.22 -65.92 68.25
CA ALA I 356 -13.41 -65.76 67.05
C ALA I 356 -13.93 -66.51 65.82
N ALA I 357 -14.42 -67.72 66.04
CA ALA I 357 -15.01 -68.54 64.96
C ALA I 357 -16.34 -67.99 64.49
N GLU I 358 -17.07 -67.34 65.40
CA GLU I 358 -18.36 -66.71 65.10
C GLU I 358 -18.16 -65.48 64.23
N ILE I 359 -17.03 -64.80 64.42
CA ILE I 359 -16.65 -63.62 63.66
C ILE I 359 -16.40 -63.98 62.19
N VAL I 360 -15.71 -65.10 61.98
CA VAL I 360 -15.36 -65.56 60.62
C VAL I 360 -16.37 -66.54 60.01
N ASN I 361 -17.61 -66.48 60.49
CA ASN I 361 -18.72 -67.36 60.05
C ASN I 361 -18.43 -68.87 60.00
N MET I 362 -17.66 -69.34 60.96
CA MET I 362 -17.35 -70.76 61.15
C MET I 362 -17.80 -71.19 62.54
N GLN I 363 -19.02 -70.77 62.90
CA GLN I 363 -19.61 -71.05 64.22
C GLN I 363 -20.02 -72.52 64.36
N GLY I 364 -19.38 -73.21 65.29
CA GLY I 364 -19.56 -74.65 65.48
C GLY I 364 -18.78 -75.48 64.47
N GLN I 365 -17.88 -74.83 63.74
CA GLN I 365 -17.03 -75.46 62.73
C GLN I 365 -15.58 -75.39 63.20
N LEU I 366 -15.17 -74.21 63.64
CA LEU I 366 -13.88 -73.98 64.28
C LEU I 366 -14.11 -73.53 65.73
N GLY I 367 -13.04 -73.52 66.53
CA GLY I 367 -13.08 -72.99 67.90
C GLY I 367 -13.97 -73.71 68.91
N VAL I 368 -14.24 -74.99 68.66
CA VAL I 368 -15.07 -75.83 69.54
C VAL I 368 -14.62 -77.29 69.38
N ILE I 369 -14.74 -78.09 70.45
CA ILE I 369 -14.54 -79.54 70.31
C ILE I 369 -15.92 -80.23 70.29
N ALA I 370 -16.53 -80.21 69.10
CA ALA I 370 -17.85 -80.78 68.88
C ALA I 370 -17.83 -81.78 67.73
N VAL I 371 -18.81 -82.67 67.70
CA VAL I 371 -18.96 -83.64 66.62
C VAL I 371 -19.53 -82.97 65.37
N GLY I 372 -18.76 -83.01 64.28
CA GLY I 372 -19.14 -82.34 63.05
C GLY I 372 -18.41 -81.01 62.86
N ALA I 373 -17.39 -80.80 63.70
CA ALA I 373 -16.53 -79.62 63.62
C ALA I 373 -15.16 -80.03 63.09
N ILE I 374 -14.53 -79.11 62.36
CA ILE I 374 -13.19 -79.31 61.78
C ILE I 374 -12.17 -79.58 62.89
N ALA I 375 -11.31 -80.58 62.70
CA ALA I 375 -10.36 -81.00 63.72
C ALA I 375 -9.11 -80.11 63.79
N ASP I 376 -9.31 -78.89 64.27
CA ASP I 376 -8.22 -77.97 64.59
C ASP I 376 -8.07 -77.91 66.10
N LEU I 377 -7.17 -78.73 66.63
CA LEU I 377 -7.04 -78.91 68.08
C LEU I 377 -5.63 -78.64 68.59
N VAL I 378 -5.55 -78.19 69.84
CA VAL I 378 -4.29 -77.85 70.49
C VAL I 378 -4.14 -78.58 71.83
N VAL I 379 -3.07 -79.35 71.95
CA VAL I 379 -2.74 -80.05 73.19
C VAL I 379 -1.88 -79.15 74.06
N LEU I 380 -2.30 -79.00 75.32
CA LEU I 380 -1.72 -78.01 76.22
C LEU I 380 -1.29 -78.66 77.53
N ASP I 381 -0.13 -78.24 78.02
CA ASP I 381 0.40 -78.70 79.31
C ASP I 381 0.03 -77.71 80.42
N GLY I 382 -0.78 -78.17 81.37
CA GLY I 382 -1.34 -77.29 82.40
C GLY I 382 -2.73 -76.85 82.01
N ASN I 383 -3.48 -76.33 82.99
CA ASN I 383 -4.84 -75.86 82.77
C ASN I 383 -4.87 -74.35 82.56
N PRO I 384 -5.31 -73.89 81.35
CA PRO I 384 -5.45 -72.46 81.04
C PRO I 384 -6.54 -71.75 81.85
N LEU I 385 -7.53 -72.50 82.31
CA LEU I 385 -8.54 -72.02 83.25
C LEU I 385 -7.91 -71.65 84.59
N GLU I 386 -6.98 -72.49 85.05
CA GLU I 386 -6.27 -72.25 86.30
C GLU I 386 -5.19 -71.19 86.11
N ASP I 387 -4.28 -71.43 85.16
CA ASP I 387 -3.18 -70.53 84.88
C ASP I 387 -3.09 -70.18 83.40
N ILE I 388 -3.23 -68.89 83.08
CA ILE I 388 -3.19 -68.40 81.70
C ILE I 388 -1.76 -68.36 81.11
N GLY I 389 -0.76 -68.54 81.96
CA GLY I 389 0.64 -68.59 81.54
C GLY I 389 1.00 -69.79 80.67
N VAL I 390 0.15 -70.81 80.68
CA VAL I 390 0.35 -72.01 79.85
C VAL I 390 0.11 -71.74 78.35
N VAL I 391 -0.69 -70.72 78.06
CA VAL I 391 -0.96 -70.28 76.69
C VAL I 391 -0.08 -69.07 76.38
N ALA I 392 -0.02 -68.14 77.34
CA ALA I 392 0.61 -66.83 77.14
C ALA I 392 2.09 -66.77 77.57
N ASP I 393 2.93 -67.59 76.96
CA ASP I 393 4.37 -67.55 77.18
C ASP I 393 5.09 -67.92 75.89
N GLU I 394 4.64 -67.32 74.78
CA GLU I 394 5.03 -67.69 73.42
C GLU I 394 4.69 -69.16 73.11
N GLY I 395 3.72 -69.70 73.85
CA GLY I 395 3.32 -71.10 73.76
C GLY I 395 4.42 -72.07 74.19
N ALA I 396 4.91 -71.91 75.41
CA ALA I 396 5.94 -72.80 75.95
C ALA I 396 5.37 -74.15 76.40
N ARG I 397 4.06 -74.18 76.61
CA ARG I 397 3.37 -75.37 77.11
C ARG I 397 2.31 -75.90 76.12
N VAL I 398 2.64 -75.85 74.83
CA VAL I 398 1.85 -76.52 73.80
C VAL I 398 2.73 -77.53 73.05
N GLU I 399 2.38 -78.81 73.15
CA GLU I 399 3.20 -79.89 72.60
C GLU I 399 2.65 -80.55 71.34
N TYR I 400 1.34 -80.49 71.13
CA TYR I 400 0.74 -80.99 69.90
C TYR I 400 -0.23 -80.00 69.27
N VAL I 401 -0.04 -79.72 67.98
CA VAL I 401 -0.94 -78.87 67.19
C VAL I 401 -1.45 -79.67 65.99
N LEU I 402 -2.76 -79.88 65.91
CA LEU I 402 -3.33 -80.66 64.81
C LEU I 402 -4.27 -79.80 63.98
N GLN I 403 -4.06 -79.79 62.66
CA GLN I 403 -4.85 -78.97 61.74
C GLN I 403 -5.54 -79.81 60.68
N ARG I 404 -6.87 -79.77 60.71
CA ARG I 404 -7.77 -80.64 59.93
C ARG I 404 -7.37 -82.12 60.05
N GLY I 405 -7.31 -82.60 61.30
CA GLY I 405 -6.99 -83.99 61.60
C GLY I 405 -5.51 -84.26 61.76
N THR I 406 -4.75 -84.02 60.71
CA THR I 406 -3.33 -84.34 60.65
C THR I 406 -2.48 -83.44 61.56
N LEU I 407 -1.61 -84.07 62.36
CA LEU I 407 -0.69 -83.39 63.28
C LEU I 407 0.39 -82.61 62.53
N VAL I 408 0.56 -81.34 62.89
CA VAL I 408 1.56 -80.48 62.23
C VAL I 408 2.74 -80.08 63.13
N LYS I 409 2.51 -80.02 64.44
CA LYS I 409 3.58 -79.69 65.41
C LYS I 409 3.71 -80.71 66.53
N ARG I 410 4.96 -81.08 66.83
CA ARG I 410 5.29 -81.93 67.97
C ARG I 410 6.44 -81.30 68.76
N GLN I 411 6.26 -81.15 70.07
CA GLN I 411 7.25 -80.51 70.95
C GLN I 411 7.40 -81.26 72.28
N THR J 4 35.22 -71.93 62.45
CA THR J 4 35.56 -71.42 61.09
C THR J 4 36.17 -72.50 60.19
N ILE J 5 37.10 -73.28 60.75
CA ILE J 5 37.87 -74.26 59.97
C ILE J 5 37.30 -75.70 59.95
N THR J 6 37.00 -76.17 58.73
CA THR J 6 36.48 -77.52 58.50
C THR J 6 37.39 -78.25 57.51
N VAL J 7 37.70 -79.51 57.79
CA VAL J 7 38.64 -80.28 56.97
C VAL J 7 38.05 -81.60 56.47
N LEU J 8 38.04 -81.76 55.15
CA LEU J 8 37.76 -83.04 54.51
C LEU J 8 39.06 -83.82 54.47
N GLN J 9 39.01 -85.11 54.84
CA GLN J 9 40.23 -85.92 54.89
C GLN J 9 40.17 -87.22 54.09
N GLY J 10 41.28 -87.55 53.43
CA GLY J 10 41.43 -88.80 52.69
C GLY J 10 40.61 -88.92 51.42
N GLY J 11 40.21 -87.79 50.86
CA GLY J 11 39.30 -87.75 49.71
C GLY J 11 39.97 -87.86 48.36
N ASN J 12 39.20 -88.33 47.38
CA ASN J 12 39.67 -88.40 46.00
C ASN J 12 39.34 -87.09 45.27
N VAL J 13 40.25 -86.12 45.39
CA VAL J 13 40.10 -84.80 44.76
C VAL J 13 40.15 -84.92 43.23
N LEU J 14 39.07 -84.50 42.57
CA LEU J 14 38.99 -84.55 41.12
C LEU J 14 39.43 -83.21 40.52
N ASP J 15 40.70 -83.15 40.12
CA ASP J 15 41.23 -82.04 39.34
C ASP J 15 40.72 -82.22 37.91
N LEU J 16 40.08 -81.19 37.36
CA LEU J 16 39.37 -81.33 36.08
C LEU J 16 40.06 -80.75 34.84
N GLU J 17 40.92 -79.75 35.04
CA GLU J 17 41.75 -79.20 33.95
C GLU J 17 42.96 -80.09 33.67
N ARG J 18 43.35 -80.87 34.67
CA ARG J 18 44.37 -81.90 34.52
C ARG J 18 43.71 -83.24 34.23
N GLY J 19 42.47 -83.41 34.68
CA GLY J 19 41.63 -84.55 34.31
C GLY J 19 42.03 -85.86 34.95
N VAL J 20 42.16 -85.85 36.28
CA VAL J 20 42.64 -87.01 37.04
C VAL J 20 41.93 -87.15 38.39
N LEU J 21 42.06 -88.33 39.00
CA LEU J 21 41.70 -88.51 40.40
C LEU J 21 42.93 -88.45 41.29
N LEU J 22 42.95 -87.49 42.20
CA LEU J 22 44.03 -87.37 43.18
C LEU J 22 43.63 -88.06 44.48
N GLU J 23 44.20 -89.26 44.69
CA GLU J 23 43.84 -90.14 45.81
C GLU J 23 44.33 -89.68 47.17
N HIS J 24 43.45 -89.84 48.17
CA HIS J 24 43.70 -89.53 49.59
C HIS J 24 44.26 -88.12 49.87
N HIS J 25 43.92 -87.18 49.00
CA HIS J 25 44.26 -85.78 49.21
C HIS J 25 43.26 -85.15 50.16
N HIS J 26 43.76 -84.27 51.03
CA HIS J 26 42.96 -83.67 52.09
C HIS J 26 42.58 -82.24 51.71
N VAL J 27 41.32 -81.87 51.97
CA VAL J 27 40.82 -80.54 51.63
C VAL J 27 40.65 -79.70 52.90
N VAL J 28 41.28 -78.52 52.91
CA VAL J 28 41.22 -77.61 54.05
C VAL J 28 40.35 -76.41 53.69
N ILE J 29 39.29 -76.20 54.47
CA ILE J 29 38.40 -75.05 54.31
C ILE J 29 38.52 -74.15 55.54
N ASP J 30 38.54 -72.84 55.32
CA ASP J 30 38.39 -71.88 56.42
C ASP J 30 37.36 -70.81 56.05
N GLY J 31 36.19 -70.90 56.67
CA GLY J 31 35.11 -69.94 56.47
C GLY J 31 34.26 -70.20 55.25
N GLU J 32 34.81 -69.87 54.08
CA GLU J 32 34.09 -69.98 52.81
C GLU J 32 34.99 -70.55 51.70
N ARG J 33 36.29 -70.42 51.89
CA ARG J 33 37.27 -70.69 50.83
C ARG J 33 38.23 -71.85 51.15
N ILE J 34 38.77 -72.46 50.09
CA ILE J 34 39.70 -73.59 50.22
C ILE J 34 41.13 -73.09 50.40
N VAL J 35 41.70 -73.38 51.58
CA VAL J 35 42.99 -72.85 51.99
C VAL J 35 44.19 -73.67 51.47
N GLU J 36 44.05 -75.00 51.50
CA GLU J 36 45.08 -75.90 50.99
C GLU J 36 44.50 -77.27 50.60
N VAL J 37 45.07 -77.87 49.56
CA VAL J 37 44.78 -79.26 49.19
C VAL J 37 46.11 -80.03 49.09
N THR J 38 46.24 -81.07 49.89
CA THR J 38 47.49 -81.83 49.99
C THR J 38 47.26 -83.30 50.38
N ASP J 39 48.23 -84.16 50.08
CA ASP J 39 48.21 -85.56 50.54
C ASP J 39 49.02 -85.74 51.83
N ARG J 40 49.53 -84.63 52.36
CA ARG J 40 50.29 -84.59 53.61
C ARG J 40 49.45 -84.96 54.84
N PRO J 41 50.11 -85.46 55.91
CA PRO J 41 49.49 -85.59 57.23
C PRO J 41 48.92 -84.26 57.74
N VAL J 42 47.72 -84.31 58.31
CA VAL J 42 46.93 -83.11 58.60
C VAL J 42 46.99 -82.68 60.09
N ASP J 43 47.34 -81.40 60.29
CA ASP J 43 47.47 -80.80 61.63
C ASP J 43 46.21 -80.01 62.01
N LEU J 44 45.46 -80.52 62.99
CA LEU J 44 44.19 -79.90 63.41
C LEU J 44 44.17 -79.37 64.87
N PRO J 45 44.28 -78.03 65.04
CA PRO J 45 44.12 -77.43 66.38
C PRO J 45 42.66 -77.11 66.76
N ASN J 46 41.96 -76.40 65.88
CA ASN J 46 40.57 -75.97 66.13
C ASN J 46 39.60 -76.41 65.02
N ALA J 47 39.87 -77.58 64.43
CA ALA J 47 39.13 -78.02 63.24
C ALA J 47 38.08 -79.09 63.52
N GLN J 48 36.93 -78.95 62.85
CA GLN J 48 35.91 -79.98 62.78
C GLN J 48 36.21 -80.82 61.54
N ALA J 49 36.49 -82.11 61.76
CA ALA J 49 36.92 -83.00 60.68
C ALA J 49 35.76 -83.74 60.02
N ILE J 50 35.89 -84.02 58.73
CA ILE J 50 34.95 -84.90 58.01
C ILE J 50 35.74 -86.04 57.35
N ASP J 51 35.33 -87.27 57.63
CA ASP J 51 36.02 -88.47 57.17
C ASP J 51 35.55 -88.90 55.77
N VAL J 52 36.41 -88.71 54.77
CA VAL J 52 36.04 -88.95 53.36
C VAL J 52 36.96 -89.96 52.66
N ARG J 53 37.25 -91.09 53.30
CA ARG J 53 38.11 -92.10 52.69
C ARG J 53 37.37 -92.96 51.64
N GLY J 54 37.97 -93.07 50.46
CA GLY J 54 37.43 -93.87 49.35
C GLY J 54 36.23 -93.30 48.60
N LYS J 55 36.14 -91.97 48.54
CA LYS J 55 35.04 -91.27 47.85
C LYS J 55 35.55 -90.04 47.11
N THR J 56 34.85 -89.66 46.04
CA THR J 56 35.25 -88.56 45.16
C THR J 56 34.86 -87.17 45.70
N VAL J 57 35.86 -86.30 45.81
CA VAL J 57 35.64 -84.90 46.15
C VAL J 57 35.78 -84.06 44.88
N MET J 58 34.71 -83.34 44.53
CA MET J 58 34.66 -82.53 43.30
C MET J 58 34.02 -81.16 43.60
N PRO J 59 34.19 -80.18 42.68
CA PRO J 59 33.43 -78.94 42.88
C PRO J 59 31.96 -79.10 42.56
N GLY J 60 31.13 -78.16 43.02
CA GLY J 60 29.68 -78.21 42.84
C GLY J 60 29.26 -78.01 41.40
N PHE J 61 28.21 -78.73 40.98
CA PHE J 61 27.75 -78.71 39.60
C PHE J 61 27.04 -77.39 39.26
N ILE J 62 27.28 -76.88 38.06
CA ILE J 62 26.75 -75.58 37.65
C ILE J 62 25.88 -75.70 36.40
N ASP J 63 24.57 -75.64 36.60
CA ASP J 63 23.61 -75.66 35.50
C ASP J 63 23.52 -74.25 34.92
N CYS J 64 24.00 -74.08 33.70
CA CYS J 64 24.09 -72.74 33.08
C CYS J 64 22.82 -72.30 32.34
N HIS J 65 21.73 -73.06 32.51
CA HIS J 65 20.45 -72.71 31.91
C HIS J 65 19.31 -73.39 32.66
N VAL J 66 18.76 -72.68 33.64
CA VAL J 66 17.57 -73.14 34.36
C VAL J 66 16.42 -72.14 34.28
N HIS J 67 15.24 -72.62 34.63
CA HIS J 67 14.11 -71.76 34.93
C HIS J 67 13.52 -72.27 36.23
N VAL J 68 13.98 -71.67 37.32
CA VAL J 68 13.56 -72.04 38.66
C VAL J 68 12.06 -71.81 38.83
N LEU J 69 11.61 -70.63 38.41
CA LEU J 69 10.21 -70.22 38.53
C LEU J 69 9.29 -70.83 37.45
N ALA J 70 9.66 -71.99 36.93
CA ALA J 70 8.83 -72.70 35.95
C ALA J 70 8.13 -73.89 36.61
N SER J 71 7.03 -73.59 37.30
CA SER J 71 6.32 -74.58 38.12
C SER J 71 5.55 -75.64 37.32
N ASN J 72 5.13 -75.29 36.10
CA ASN J 72 4.50 -76.25 35.18
C ASN J 72 4.84 -76.00 33.71
N ALA J 73 4.70 -77.04 32.88
CA ALA J 73 5.21 -77.07 31.50
C ALA J 73 4.68 -75.98 30.57
N ASN J 74 3.38 -75.71 30.63
CA ASN J 74 2.76 -74.59 29.91
C ASN J 74 3.32 -73.29 30.47
N LEU J 75 4.20 -72.65 29.70
CA LEU J 75 4.85 -71.42 30.13
C LEU J 75 3.93 -70.20 30.06
N GLY J 76 2.89 -70.31 29.25
CA GLY J 76 1.86 -69.28 29.17
C GLY J 76 1.08 -69.17 30.47
N VAL J 77 0.65 -70.31 31.00
CA VAL J 77 -0.12 -70.32 32.25
C VAL J 77 0.79 -70.09 33.48
N ASN J 78 2.08 -70.36 33.31
CA ASN J 78 3.10 -70.15 34.34
C ASN J 78 3.34 -68.67 34.62
N ALA J 79 3.06 -67.83 33.62
CA ALA J 79 3.16 -66.38 33.77
C ALA J 79 1.86 -65.80 34.34
N THR J 80 0.75 -66.48 34.08
CA THR J 80 -0.57 -66.02 34.53
C THR J 80 -0.97 -66.54 35.92
N GLN J 81 -0.10 -67.34 36.53
CA GLN J 81 -0.32 -67.81 37.89
C GLN J 81 -0.02 -66.67 38.88
N PRO J 82 -0.74 -66.64 40.02
CA PRO J 82 -0.52 -65.70 41.13
C PRO J 82 0.95 -65.53 41.53
N ASN J 83 1.34 -64.27 41.72
CA ASN J 83 2.72 -63.86 42.00
C ASN J 83 3.40 -64.63 43.12
N ILE J 84 2.80 -64.57 44.31
CA ILE J 84 3.36 -65.18 45.50
C ILE J 84 3.36 -66.71 45.40
N LEU J 85 2.30 -67.27 44.81
CA LEU J 85 2.19 -68.71 44.55
C LEU J 85 3.30 -69.26 43.68
N ALA J 86 3.70 -68.48 42.67
CA ALA J 86 4.83 -68.83 41.81
C ALA J 86 6.12 -68.95 42.63
N ALA J 87 6.37 -67.96 43.49
CA ALA J 87 7.54 -67.94 44.36
C ALA J 87 7.57 -69.11 45.35
N ILE J 88 6.41 -69.46 45.90
CA ILE J 88 6.25 -70.62 46.78
C ILE J 88 6.68 -71.90 46.05
N ARG J 89 6.14 -72.08 44.83
CA ARG J 89 6.39 -73.27 44.02
C ARG J 89 7.85 -73.41 43.54
N SER J 90 8.59 -72.31 43.54
CA SER J 90 10.00 -72.34 43.14
C SER J 90 10.91 -72.95 44.22
N LEU J 91 10.40 -73.05 45.45
CA LEU J 91 11.20 -73.49 46.59
C LEU J 91 11.49 -75.00 46.68
N PRO J 92 10.49 -75.89 46.38
CA PRO J 92 10.86 -77.31 46.28
C PRO J 92 11.75 -77.62 45.08
N ILE J 93 11.65 -76.78 44.04
CA ILE J 93 12.51 -76.86 42.86
C ILE J 93 13.97 -76.52 43.24
N LEU J 94 14.13 -75.43 43.99
CA LEU J 94 15.45 -74.97 44.46
C LEU J 94 16.12 -75.95 45.42
N ASP J 95 15.30 -76.64 46.21
CA ASP J 95 15.77 -77.57 47.23
C ASP J 95 16.38 -78.84 46.63
N ALA J 96 15.67 -79.42 45.65
CA ALA J 96 16.09 -80.64 44.98
C ALA J 96 17.36 -80.45 44.13
N MET J 97 17.50 -79.26 43.53
CA MET J 97 18.69 -78.89 42.75
C MET J 97 19.97 -78.98 43.58
N LEU J 98 19.89 -78.48 44.82
CA LEU J 98 21.01 -78.45 45.74
C LEU J 98 21.38 -79.85 46.25
N SER J 99 20.36 -80.72 46.37
CA SER J 99 20.59 -82.12 46.73
C SER J 99 21.08 -82.94 45.53
N ARG J 100 20.82 -82.44 44.31
CA ARG J 100 21.37 -83.02 43.09
C ARG J 100 22.80 -82.56 42.79
N GLY J 101 23.38 -81.80 43.70
CA GLY J 101 24.78 -81.39 43.59
C GLY J 101 25.01 -80.06 42.92
N PHE J 102 23.92 -79.37 42.58
CA PHE J 102 24.00 -78.05 41.96
C PHE J 102 24.06 -76.95 43.02
N THR J 103 25.24 -76.35 43.12
CA THR J 103 25.54 -75.35 44.16
C THR J 103 25.45 -73.92 43.62
N SER J 104 25.54 -73.79 42.30
CA SER J 104 25.30 -72.54 41.61
C SER J 104 24.48 -72.83 40.35
N VAL J 105 23.47 -72.01 40.09
CA VAL J 105 22.71 -72.10 38.83
C VAL J 105 22.67 -70.75 38.13
N ARG J 106 22.51 -70.80 36.80
CA ARG J 106 22.29 -69.59 36.02
C ARG J 106 20.89 -69.63 35.43
N ASP J 107 20.04 -68.71 35.88
CA ASP J 107 18.65 -68.67 35.42
C ASP J 107 18.56 -67.92 34.11
N ALA J 108 17.63 -68.37 33.26
CA ALA J 108 17.50 -67.86 31.90
C ALA J 108 16.20 -67.10 31.71
N GLY J 109 15.47 -66.87 32.80
CA GLY J 109 14.19 -66.17 32.74
C GLY J 109 13.27 -66.61 33.86
N GLY J 110 12.93 -65.67 34.71
CA GLY J 110 12.11 -65.96 35.88
C GLY J 110 12.73 -65.37 37.13
N ALA J 111 13.80 -66.01 37.62
CA ALA J 111 14.47 -65.61 38.86
C ALA J 111 15.15 -64.25 38.76
N ASP J 112 15.16 -63.54 39.88
CA ASP J 112 15.63 -62.16 39.94
C ASP J 112 16.66 -61.90 41.04
N TRP J 113 16.81 -60.64 41.43
CA TRP J 113 17.69 -60.22 42.52
C TRP J 113 17.17 -60.68 43.89
N SER J 114 15.86 -60.81 44.00
CA SER J 114 15.20 -61.21 45.24
C SER J 114 15.53 -62.65 45.61
N LEU J 115 15.39 -63.56 44.64
CA LEU J 115 15.73 -64.96 44.85
C LEU J 115 17.23 -65.16 45.00
N MET J 116 18.01 -64.27 44.37
CA MET J 116 19.46 -64.24 44.52
C MET J 116 19.89 -63.94 45.96
N GLN J 117 19.17 -63.02 46.61
CA GLN J 117 19.47 -62.66 47.99
C GLN J 117 18.86 -63.63 49.00
N ALA J 118 17.72 -64.21 48.64
CA ALA J 118 16.97 -65.11 49.52
C ALA J 118 17.78 -66.35 49.89
N VAL J 119 18.53 -66.89 48.93
CA VAL J 119 19.44 -67.99 49.21
C VAL J 119 20.69 -67.53 49.96
N GLU J 120 21.20 -66.34 49.58
CA GLU J 120 22.46 -65.83 50.09
C GLU J 120 22.42 -65.32 51.54
N THR J 121 21.22 -65.00 52.03
CA THR J 121 21.05 -64.62 53.43
C THR J 121 20.70 -65.83 54.29
N GLY J 122 20.47 -66.96 53.63
CA GLY J 122 20.17 -68.22 54.31
C GLY J 122 18.69 -68.40 54.59
N LEU J 123 17.89 -67.53 53.98
CA LEU J 123 16.45 -67.52 54.16
C LEU J 123 15.77 -68.59 53.28
N VAL J 124 16.47 -69.02 52.23
CA VAL J 124 15.97 -70.04 51.30
C VAL J 124 17.03 -71.11 51.01
N SER J 125 16.60 -72.37 51.06
CA SER J 125 17.42 -73.50 50.64
C SER J 125 17.46 -73.63 49.11
N GLY J 126 18.66 -73.43 48.54
CA GLY J 126 18.87 -73.48 47.09
C GLY J 126 20.27 -73.04 46.68
N PRO J 127 20.62 -73.24 45.39
CA PRO J 127 21.92 -72.83 44.84
C PRO J 127 22.06 -71.31 44.67
N ARG J 128 23.30 -70.82 44.55
CA ARG J 128 23.56 -69.40 44.31
C ARG J 128 23.16 -69.05 42.89
N ILE J 129 22.12 -68.24 42.77
CA ILE J 129 21.51 -67.91 41.48
C ILE J 129 22.22 -66.75 40.80
N PHE J 130 22.56 -66.96 39.53
CA PHE J 130 23.01 -65.87 38.66
C PHE J 130 21.83 -65.51 37.74
N PRO J 131 21.04 -64.50 38.14
CA PRO J 131 19.76 -64.24 37.47
C PRO J 131 19.85 -63.37 36.21
N SER J 132 18.98 -63.67 35.26
CA SER J 132 18.82 -62.86 34.06
C SER J 132 17.58 -61.96 34.19
N GLY J 133 16.81 -62.18 35.25
CA GLY J 133 15.58 -61.43 35.49
C GLY J 133 14.48 -61.92 34.58
N LYS J 134 14.13 -61.08 33.60
CA LYS J 134 13.24 -61.45 32.52
C LYS J 134 14.03 -61.54 31.24
N ALA J 135 13.71 -62.54 30.41
CA ALA J 135 14.28 -62.67 29.09
C ALA J 135 13.71 -61.60 28.17
N LEU J 136 14.44 -61.23 27.13
CA LEU J 136 13.92 -60.25 26.18
C LEU J 136 13.42 -60.94 24.92
N SER J 137 12.19 -60.60 24.56
CA SER J 137 11.54 -61.18 23.38
C SER J 137 10.87 -60.09 22.57
N GLN J 138 10.85 -60.27 21.25
CA GLN J 138 10.10 -59.39 20.36
C GLN J 138 8.61 -59.74 20.39
N THR J 139 7.79 -58.87 19.77
CA THR J 139 6.36 -59.11 19.62
C THR J 139 6.14 -60.36 18.79
N GLY J 140 5.39 -61.31 19.35
CA GLY J 140 5.15 -62.60 18.72
C GLY J 140 6.35 -63.52 18.79
N GLY J 141 7.35 -63.11 19.57
CA GLY J 141 8.59 -63.85 19.69
C GLY J 141 8.47 -65.09 20.53
N HIS J 142 9.61 -65.62 20.96
CA HIS J 142 9.64 -66.87 21.73
C HIS J 142 9.09 -66.70 23.15
N GLY J 143 9.18 -65.49 23.69
CA GLY J 143 8.64 -65.19 25.01
C GLY J 143 7.26 -64.59 25.03
N ASP J 144 6.64 -64.46 23.85
CA ASP J 144 5.27 -63.95 23.74
C ASP J 144 4.31 -65.12 23.64
N PHE J 145 3.57 -65.38 24.72
CA PHE J 145 2.68 -66.54 24.78
C PHE J 145 1.22 -66.22 24.50
N ARG J 146 0.93 -64.95 24.17
CA ARG J 146 -0.41 -64.55 23.73
C ARG J 146 -0.78 -65.35 22.49
N PRO J 147 -2.01 -65.90 22.45
CA PRO J 147 -2.41 -66.75 21.32
C PRO J 147 -2.59 -65.99 19.99
N ARG J 148 -2.90 -66.75 18.93
CA ARG J 148 -3.05 -66.21 17.57
C ARG J 148 -4.22 -65.22 17.38
N GLY J 149 -5.11 -65.16 18.38
CA GLY J 149 -6.28 -64.29 18.38
C GLY J 149 -6.01 -62.79 18.28
N ASP J 150 -5.66 -62.16 19.41
CA ASP J 150 -5.46 -60.71 19.45
C ASP J 150 -4.44 -60.20 20.48
N LEU J 151 -4.08 -58.93 20.33
CA LEU J 151 -3.02 -58.28 21.12
C LEU J 151 -3.48 -56.98 21.78
N LEU J 152 -3.44 -56.97 23.11
CA LEU J 152 -3.43 -55.73 23.91
C LEU J 152 -2.15 -55.77 24.72
N GLU J 153 -1.57 -54.59 24.98
CA GLU J 153 -0.25 -54.51 25.66
C GLU J 153 -0.26 -54.98 27.11
N PRO J 154 0.46 -56.08 27.41
CA PRO J 154 0.48 -56.62 28.76
C PRO J 154 1.59 -55.99 29.59
N CYS J 155 1.25 -54.95 30.35
CA CYS J 155 2.21 -54.31 31.26
C CYS J 155 2.66 -55.30 32.34
N SER J 156 1.81 -56.30 32.56
CA SER J 156 2.08 -57.48 33.39
C SER J 156 3.38 -58.23 33.11
N CYS J 157 3.94 -58.06 31.90
CA CYS J 157 5.20 -58.71 31.48
C CYS J 157 6.33 -58.64 32.52
N CYS J 158 6.52 -57.45 33.10
CA CYS J 158 7.52 -57.25 34.14
C CYS J 158 6.88 -57.30 35.53
N PHE J 159 5.55 -57.20 35.56
CA PHE J 159 4.82 -57.18 36.83
C PHE J 159 4.53 -58.59 37.37
N ARG J 160 4.25 -59.53 36.47
CA ARG J 160 4.08 -60.94 36.85
C ARG J 160 5.45 -61.53 37.13
N THR J 161 5.57 -62.20 38.28
CA THR J 161 6.84 -62.77 38.72
C THR J 161 7.10 -64.13 38.06
N GLY J 162 6.03 -64.77 37.57
CA GLY J 162 6.13 -66.07 36.92
C GLY J 162 6.39 -66.04 35.42
N ALA J 163 6.58 -64.83 34.89
CA ALA J 163 6.91 -64.67 33.48
C ALA J 163 8.39 -64.96 33.26
N ILE J 164 8.65 -65.83 32.29
CA ILE J 164 10.00 -66.12 31.81
C ILE J 164 10.57 -64.87 31.12
N ALA J 165 9.78 -64.29 30.22
CA ALA J 165 10.22 -63.16 29.42
C ALA J 165 9.35 -61.92 29.54
N ARG J 166 9.89 -60.80 29.05
CA ARG J 166 9.14 -59.57 28.85
C ARG J 166 9.27 -59.15 27.39
N VAL J 167 8.21 -58.55 26.85
CA VAL J 167 8.16 -58.24 25.43
C VAL J 167 8.59 -56.81 25.14
N VAL J 168 9.72 -56.65 24.45
CA VAL J 168 10.22 -55.33 24.06
C VAL J 168 10.67 -55.26 22.61
N ASP J 169 10.27 -54.20 21.93
CA ASP J 169 10.64 -53.96 20.54
C ASP J 169 11.18 -52.54 20.39
N GLY J 170 12.05 -52.36 19.41
CA GLY J 170 12.65 -51.05 19.15
C GLY J 170 14.05 -50.94 19.74
N VAL J 171 14.95 -50.31 18.99
CA VAL J 171 16.35 -50.11 19.40
C VAL J 171 16.48 -49.37 20.73
N GLU J 172 15.75 -48.27 20.89
CA GLU J 172 15.73 -47.56 22.17
C GLU J 172 14.91 -48.30 23.23
N GLY J 173 13.93 -49.08 22.77
CA GLY J 173 13.06 -49.87 23.63
C GLY J 173 13.77 -51.02 24.33
N VAL J 174 14.75 -51.62 23.66
CA VAL J 174 15.55 -52.70 24.26
C VAL J 174 16.76 -52.16 25.01
N ARG J 175 17.17 -50.94 24.65
CA ARG J 175 18.24 -50.24 25.35
C ARG J 175 17.79 -49.97 26.77
N LEU J 176 16.59 -49.39 26.87
CA LEU J 176 15.93 -49.11 28.14
C LEU J 176 15.62 -50.40 28.91
N ALA J 177 15.20 -51.44 28.20
CA ALA J 177 14.85 -52.73 28.82
C ALA J 177 16.03 -53.40 29.52
N VAL J 178 17.23 -53.26 28.94
CA VAL J 178 18.45 -53.80 29.54
C VAL J 178 18.84 -53.01 30.79
N ARG J 179 18.85 -51.68 30.67
CA ARG J 179 19.19 -50.76 31.77
C ARG J 179 18.27 -50.93 32.98
N GLU J 180 16.99 -51.19 32.69
CA GLU J 180 16.02 -51.56 33.71
C GLU J 180 16.42 -52.85 34.43
N GLU J 181 16.64 -53.91 33.64
CA GLU J 181 16.97 -55.25 34.18
C GLU J 181 18.27 -55.29 34.98
N ILE J 182 19.26 -54.49 34.57
CA ILE J 182 20.53 -54.36 35.28
C ILE J 182 20.34 -53.69 36.65
N GLN J 183 19.55 -52.62 36.68
CA GLN J 183 19.30 -51.93 37.95
C GLN J 183 18.35 -52.73 38.84
N LYS J 184 17.52 -53.57 38.22
CA LYS J 184 16.69 -54.54 38.93
C LYS J 184 17.54 -55.59 39.64
N GLY J 185 18.77 -55.77 39.17
CA GLY J 185 19.73 -56.68 39.79
C GLY J 185 19.98 -57.93 38.96
N ALA J 186 20.65 -57.75 37.81
CA ALA J 186 20.95 -58.85 36.90
C ALA J 186 22.45 -59.11 36.74
N THR J 187 22.80 -60.38 36.66
CA THR J 187 24.17 -60.80 36.44
C THR J 187 24.50 -60.89 34.94
N GLN J 188 23.49 -61.26 34.15
CA GLN J 188 23.62 -61.29 32.69
C GLN J 188 22.28 -61.01 31.99
N ILE J 189 22.35 -60.59 30.74
CA ILE J 189 21.16 -60.32 29.93
C ILE J 189 20.80 -61.53 29.06
N ILE J 191 18.34 -62.94 25.78
CA ILE J 191 17.42 -62.64 24.67
C ILE J 191 16.91 -63.89 23.97
N MET J 192 15.87 -63.70 23.16
CA MET J 192 15.40 -64.70 22.23
C MET J 192 15.84 -64.27 20.83
N ALA J 193 16.72 -65.05 20.22
CA ALA J 193 17.27 -64.71 18.90
C ALA J 193 16.61 -65.46 17.74
N SER J 194 15.78 -66.45 18.05
CA SER J 194 15.03 -67.20 17.05
C SER J 194 13.76 -67.80 17.65
N GLY J 195 13.05 -68.61 16.86
CA GLY J 195 11.90 -69.35 17.34
C GLY J 195 12.28 -70.49 18.27
N GLY J 196 11.28 -71.10 18.90
CA GLY J 196 11.52 -72.18 19.87
C GLY J 196 10.52 -73.31 19.80
N VAL J 197 10.24 -73.89 20.95
CA VAL J 197 9.39 -75.09 21.08
C VAL J 197 8.14 -74.81 21.92
N ALA J 198 8.33 -74.20 23.10
CA ALA J 198 7.25 -73.94 24.04
C ALA J 198 6.61 -72.54 23.87
N SER J 199 6.44 -72.13 22.62
CA SER J 199 5.80 -70.85 22.27
C SER J 199 4.72 -71.08 21.21
N PRO J 200 3.72 -70.17 21.11
CA PRO J 200 2.63 -70.48 20.17
C PRO J 200 2.81 -69.99 18.73
N THR J 201 3.15 -68.72 18.53
CA THR J 201 3.02 -68.08 17.21
C THR J 201 4.29 -67.98 16.36
N ASP J 202 5.32 -68.72 16.74
CA ASP J 202 6.59 -68.70 16.00
C ASP J 202 7.09 -70.11 15.67
N PRO J 203 7.38 -70.34 14.37
CA PRO J 203 8.07 -71.56 13.95
C PRO J 203 9.52 -71.56 14.43
N ILE J 204 10.10 -72.75 14.52
CA ILE J 204 11.45 -72.98 15.04
C ILE J 204 12.55 -72.35 14.16
N ALA J 205 12.31 -72.37 12.84
CA ALA J 205 13.33 -72.03 11.83
C ALA J 205 13.76 -70.57 11.79
N ASN J 206 12.81 -69.66 11.98
CA ASN J 206 13.06 -68.25 11.71
C ASN J 206 13.68 -67.42 12.84
N THR J 207 14.38 -66.35 12.45
CA THR J 207 15.21 -65.55 13.37
C THR J 207 14.44 -64.42 14.04
N GLN J 208 14.77 -64.14 15.29
CA GLN J 208 14.12 -63.07 16.04
C GLN J 208 15.07 -61.93 16.39
N TYR J 209 14.50 -60.74 16.53
CA TYR J 209 15.22 -59.46 16.70
C TYR J 209 16.07 -59.04 15.50
N SER J 210 16.10 -57.73 15.24
CA SER J 210 16.96 -57.17 14.22
C SER J 210 18.39 -57.11 14.74
N GLU J 211 19.35 -57.03 13.82
CA GLU J 211 20.77 -56.92 14.17
C GLU J 211 21.10 -55.61 14.90
N ASP J 212 20.41 -54.53 14.51
CA ASP J 212 20.53 -53.24 15.19
C ASP J 212 20.10 -53.31 16.66
N GLU J 213 19.03 -54.05 16.91
CA GLU J 213 18.53 -54.27 18.27
C GLU J 213 19.51 -55.09 19.13
N ILE J 214 19.98 -56.21 18.59
CA ILE J 214 20.90 -57.10 19.33
C ILE J 214 22.22 -56.39 19.67
N ARG J 215 22.72 -55.59 18.73
CA ARG J 215 23.93 -54.79 18.95
C ARG J 215 23.75 -53.84 20.14
N ALA J 216 22.57 -53.22 20.24
CA ALA J 216 22.26 -52.32 21.34
C ALA J 216 22.13 -53.05 22.68
N ILE J 217 21.68 -54.30 22.65
CA ILE J 217 21.57 -55.14 23.85
C ILE J 217 22.94 -55.63 24.32
N VAL J 218 23.76 -56.04 23.34
CA VAL J 218 25.13 -56.50 23.55
C VAL J 218 26.01 -55.39 24.15
N ASP J 219 25.88 -54.17 23.60
CA ASP J 219 26.65 -53.02 24.06
C ASP J 219 26.14 -52.41 25.37
N GLU J 220 24.94 -52.79 25.79
CA GLU J 220 24.41 -52.35 27.09
C GLU J 220 24.74 -53.35 28.20
N ALA J 221 25.02 -54.59 27.82
CA ALA J 221 25.53 -55.60 28.74
C ALA J 221 27.03 -55.36 28.94
N GLU J 222 27.76 -55.17 27.84
CA GLU J 222 29.21 -54.93 27.88
C GLU J 222 29.60 -53.62 28.58
N ALA J 223 28.79 -52.57 28.42
CA ALA J 223 29.05 -51.30 29.09
C ALA J 223 28.73 -51.34 30.58
N ALA J 224 28.04 -52.40 31.01
CA ALA J 224 27.80 -52.64 32.42
C ALA J 224 28.65 -53.83 32.88
N ASN J 225 29.67 -54.14 32.07
CA ASN J 225 30.65 -55.21 32.32
C ASN J 225 30.07 -56.62 32.52
N THR J 226 29.00 -56.91 31.77
CA THR J 226 28.45 -58.26 31.67
C THR J 226 28.28 -58.71 30.20
N TYR J 227 27.40 -59.66 29.94
CA TYR J 227 27.27 -60.30 28.62
C TYR J 227 25.83 -60.65 28.25
N VAL J 228 25.66 -61.23 27.07
CA VAL J 228 24.35 -61.67 26.59
C VAL J 228 24.34 -63.17 26.31
N MET J 229 23.43 -63.89 26.96
CA MET J 229 23.05 -65.24 26.54
C MET J 229 21.87 -65.18 25.55
N ALA J 230 21.90 -66.03 24.52
CA ALA J 230 20.87 -65.99 23.48
C ALA J 230 20.26 -67.35 23.17
N HIS J 231 18.96 -67.35 22.91
CA HIS J 231 18.23 -68.55 22.49
C HIS J 231 18.26 -68.62 20.96
N ALA J 232 18.90 -69.65 20.43
CA ALA J 232 18.94 -69.89 18.98
C ALA J 232 19.04 -71.38 18.66
N TYR J 233 18.50 -71.78 17.50
CA TYR J 233 18.56 -73.16 17.04
C TYR J 233 19.35 -73.34 15.74
N THR J 234 18.84 -72.75 14.66
CA THR J 234 19.47 -72.83 13.34
C THR J 234 20.82 -72.13 13.29
N GLY J 235 21.75 -72.70 12.53
CA GLY J 235 23.11 -72.16 12.37
C GLY J 235 23.14 -70.76 11.79
N ARG J 236 22.11 -70.43 11.03
CA ARG J 236 21.88 -69.09 10.48
C ARG J 236 21.61 -68.08 11.60
N ALA J 237 20.71 -68.44 12.51
CA ALA J 237 20.31 -67.59 13.64
C ALA J 237 21.45 -67.38 14.62
N ILE J 238 22.24 -68.43 14.80
CA ILE J 238 23.44 -68.39 15.64
C ILE J 238 24.50 -67.44 15.08
N ALA J 239 24.74 -67.54 13.77
CA ALA J 239 25.78 -66.77 13.08
C ALA J 239 25.60 -65.26 13.19
N ARG J 240 24.38 -64.78 12.94
CA ARG J 240 24.06 -63.35 13.00
C ARG J 240 24.04 -62.81 14.42
N ALA J 241 23.68 -63.68 15.37
CA ALA J 241 23.71 -63.33 16.79
C ALA J 241 25.14 -63.16 17.28
N VAL J 242 26.00 -64.12 16.92
CA VAL J 242 27.41 -64.12 17.31
C VAL J 242 28.17 -62.96 16.67
N ARG J 243 27.85 -62.66 15.41
CA ARG J 243 28.39 -61.48 14.73
C ARG J 243 27.93 -60.14 15.33
N CYS J 244 26.81 -60.18 16.06
CA CYS J 244 26.33 -59.01 16.79
C CYS J 244 27.01 -58.91 18.14
N GLY J 245 27.53 -60.05 18.61
CA GLY J 245 28.40 -60.06 19.78
C GLY J 245 27.82 -60.70 21.02
N VAL J 246 26.94 -61.67 20.85
CA VAL J 246 26.47 -62.47 22.00
C VAL J 246 27.60 -63.37 22.45
N ARG J 247 27.66 -63.62 23.77
CA ARG J 247 28.77 -64.39 24.32
C ARG J 247 28.43 -65.87 24.46
N THR J 248 27.19 -66.20 24.79
CA THR J 248 26.80 -67.60 24.88
C THR J 248 25.51 -67.89 24.09
N ILE J 249 25.48 -69.01 23.38
CA ILE J 249 24.32 -69.47 22.63
C ILE J 249 23.69 -70.66 23.34
N GLU J 250 22.44 -70.49 23.75
CA GLU J 250 21.71 -71.54 24.44
C GLU J 250 21.01 -72.42 23.42
N HIS J 251 20.87 -73.71 23.75
CA HIS J 251 20.39 -74.77 22.84
C HIS J 251 21.36 -75.00 21.67
N GLY J 252 21.09 -74.34 20.53
CA GLY J 252 21.95 -74.44 19.34
C GLY J 252 21.92 -75.81 18.69
N ASN J 253 20.73 -76.42 18.63
CA ASN J 253 20.58 -77.79 18.15
C ASN J 253 20.79 -77.99 16.65
N LEU J 254 20.68 -76.91 15.86
CA LEU J 254 20.75 -77.02 14.40
C LEU J 254 21.87 -76.19 13.77
N VAL J 255 23.08 -76.34 14.29
CA VAL J 255 24.27 -75.73 13.69
C VAL J 255 24.75 -76.49 12.46
N ASP J 256 25.33 -75.75 11.52
CA ASP J 256 26.26 -76.34 10.57
C ASP J 256 27.67 -76.13 11.15
N GLU J 257 28.68 -76.78 10.56
CA GLU J 257 30.06 -76.63 11.06
C GLU J 257 30.66 -75.25 10.76
N ALA J 258 30.12 -74.58 9.76
CA ALA J 258 30.54 -73.23 9.37
C ALA J 258 30.19 -72.19 10.44
N ALA J 259 29.02 -72.36 11.07
CA ALA J 259 28.57 -71.49 12.16
C ALA J 259 29.35 -71.77 13.44
N ALA J 260 29.66 -73.05 13.67
CA ALA J 260 30.45 -73.49 14.83
C ALA J 260 31.91 -73.03 14.73
N LYS J 261 32.41 -72.92 13.50
CA LYS J 261 33.72 -72.34 13.20
C LYS J 261 33.74 -70.86 13.58
N LEU J 262 32.63 -70.17 13.30
CA LEU J 262 32.50 -68.74 13.57
C LEU J 262 32.34 -68.45 15.06
N MET J 263 31.90 -69.46 15.81
CA MET J 263 31.85 -69.35 17.26
C MET J 263 33.23 -69.51 17.91
N HIS J 264 34.08 -70.34 17.31
CA HIS J 264 35.48 -70.47 17.73
C HIS J 264 36.23 -69.15 17.48
N GLU J 265 35.88 -68.48 16.38
CA GLU J 265 36.51 -67.24 15.96
C GLU J 265 36.11 -66.02 16.79
N HIS J 266 35.04 -66.14 17.57
CA HIS J 266 34.58 -65.04 18.42
C HIS J 266 34.80 -65.33 19.91
N GLY J 267 35.08 -66.58 20.23
CA GLY J 267 35.21 -67.03 21.62
C GLY J 267 33.85 -67.10 22.30
N ALA J 268 32.83 -67.44 21.52
CA ALA J 268 31.46 -67.51 22.02
C ALA J 268 31.04 -68.94 22.38
N PHE J 269 30.53 -69.11 23.59
CA PHE J 269 30.24 -70.42 24.19
C PHE J 269 28.91 -71.00 23.70
N VAL J 270 28.66 -72.27 24.01
CA VAL J 270 27.37 -72.91 23.73
C VAL J 270 26.87 -73.69 24.94
N VAL J 271 25.61 -73.49 25.30
CA VAL J 271 24.97 -74.30 26.34
C VAL J 271 23.79 -75.11 25.76
N PRO J 272 24.05 -76.35 25.29
CA PRO J 272 22.97 -77.23 24.85
C PRO J 272 22.13 -77.69 26.04
N THR J 273 20.88 -78.06 25.78
CA THR J 273 19.95 -78.44 26.85
C THR J 273 19.20 -79.72 26.49
N LEU J 274 19.95 -80.75 26.09
CA LEU J 274 19.38 -81.93 25.41
C LEU J 274 18.40 -82.80 26.21
N VAL J 275 18.47 -82.73 27.53
CA VAL J 275 17.67 -83.57 28.41
C VAL J 275 16.17 -83.17 28.42
N THR J 276 15.90 -81.91 28.09
CA THR J 276 14.54 -81.38 28.14
C THR J 276 13.66 -81.90 27.00
N TYR J 277 14.31 -82.29 25.90
CA TYR J 277 13.60 -82.79 24.73
C TYR J 277 13.30 -84.27 24.89
N ASP J 278 14.19 -84.99 25.59
CA ASP J 278 13.94 -86.34 26.08
C ASP J 278 12.75 -86.35 27.04
N ALA J 279 12.69 -85.32 27.89
CA ALA J 279 11.63 -85.13 28.86
C ALA J 279 10.29 -84.81 28.17
N LEU J 280 10.32 -83.88 27.22
CA LEU J 280 9.12 -83.47 26.50
C LEU J 280 8.71 -84.45 25.39
N ALA J 281 9.51 -85.49 25.19
CA ALA J 281 9.15 -86.57 24.28
C ALA J 281 8.03 -87.43 24.87
N LYS J 282 8.30 -88.07 26.02
CA LYS J 282 7.34 -88.96 26.65
C LYS J 282 6.29 -88.20 27.45
N HIS J 283 6.68 -87.06 28.00
CA HIS J 283 5.87 -86.40 29.03
C HIS J 283 5.40 -84.98 28.68
N GLY J 284 5.62 -84.56 27.42
CA GLY J 284 5.30 -83.19 26.96
C GLY J 284 3.85 -82.74 27.11
N ALA J 285 2.98 -83.26 26.25
CA ALA J 285 1.53 -82.98 26.31
C ALA J 285 0.88 -83.66 27.51
N GLU J 286 1.57 -84.67 28.04
CA GLU J 286 1.17 -85.40 29.23
C GLU J 286 1.25 -84.52 30.49
N PHE J 287 2.26 -83.66 30.57
CA PHE J 287 2.40 -82.71 31.69
C PHE J 287 1.97 -81.27 31.37
N GLY J 288 1.10 -81.13 30.36
CA GLY J 288 0.37 -79.88 30.15
C GLY J 288 0.89 -78.92 29.10
N MET J 289 1.84 -79.33 28.27
CA MET J 289 2.30 -78.47 27.18
C MET J 289 1.43 -78.69 25.94
N PRO J 290 0.92 -77.58 25.34
CA PRO J 290 0.08 -77.56 24.14
C PRO J 290 0.54 -78.52 23.02
N PRO J 291 -0.40 -79.25 22.40
CA PRO J 291 -0.13 -80.27 21.38
C PRO J 291 0.61 -79.77 20.13
N GLU J 292 0.47 -78.49 19.80
CA GLU J 292 1.18 -77.90 18.66
C GLU J 292 2.61 -77.46 19.03
N SER J 293 2.86 -77.31 20.33
CA SER J 293 4.20 -77.01 20.87
C SER J 293 5.02 -78.29 21.02
N VAL J 294 4.33 -79.42 21.25
CA VAL J 294 4.96 -80.74 21.36
C VAL J 294 5.32 -81.28 19.96
N ALA J 295 4.62 -80.79 18.94
CA ALA J 295 4.94 -81.11 17.54
C ALA J 295 6.34 -80.63 17.14
N LYS J 296 6.76 -79.49 17.68
CA LYS J 296 8.08 -78.91 17.42
C LYS J 296 9.23 -79.58 18.19
N VAL J 297 8.91 -80.32 19.26
CA VAL J 297 9.94 -80.94 20.10
C VAL J 297 10.56 -82.18 19.46
N ALA J 298 9.85 -82.75 18.49
CA ALA J 298 10.30 -83.95 17.78
C ALA J 298 11.53 -83.70 16.89
N SER J 299 11.63 -82.49 16.33
CA SER J 299 12.68 -82.17 15.36
C SER J 299 14.04 -81.81 15.97
N VAL J 300 14.01 -81.10 17.10
CA VAL J 300 15.24 -80.55 17.68
C VAL J 300 16.10 -81.54 18.46
N GLN J 301 15.49 -82.65 18.90
CA GLN J 301 16.21 -83.70 19.62
C GLN J 301 17.02 -84.59 18.68
N GLN J 302 16.65 -84.58 17.40
CA GLN J 302 17.33 -85.36 16.37
C GLN J 302 18.76 -84.84 16.18
N LYS J 303 18.87 -83.60 15.71
CA LYS J 303 20.17 -82.98 15.45
C LYS J 303 20.91 -82.51 16.73
N GLY J 304 20.35 -82.84 17.90
CA GLY J 304 20.92 -82.41 19.18
C GLY J 304 22.18 -83.13 19.62
N ARG J 305 22.15 -84.46 19.54
CA ARG J 305 23.32 -85.27 19.87
C ARG J 305 24.39 -85.12 18.81
N GLU J 306 23.94 -84.93 17.58
CA GLU J 306 24.78 -84.69 16.40
C GLU J 306 25.59 -83.39 16.52
N SER J 307 24.94 -82.33 17.00
CA SER J 307 25.55 -81.01 17.14
C SER J 307 26.68 -80.99 18.17
N LEU J 308 26.55 -81.82 19.20
CA LEU J 308 27.58 -82.00 20.24
C LEU J 308 28.95 -82.38 19.67
N GLU J 309 28.93 -83.24 18.65
CA GLU J 309 30.14 -83.63 17.94
C GLU J 309 30.68 -82.50 17.07
N ILE J 310 29.79 -81.71 16.48
CA ILE J 310 30.19 -80.53 15.69
C ILE J 310 30.86 -79.48 16.58
N TYR J 311 30.33 -79.31 17.78
CA TYR J 311 30.88 -78.36 18.76
C TYR J 311 32.22 -78.79 19.32
N ALA J 312 32.38 -80.11 19.52
CA ALA J 312 33.65 -80.67 19.93
C ALA J 312 34.72 -80.48 18.83
N ASN J 313 34.32 -80.77 17.58
CA ASN J 313 35.20 -80.67 16.42
C ASN J 313 35.66 -79.26 16.09
N ALA J 314 34.76 -78.29 16.28
CA ALA J 314 35.07 -76.90 15.98
C ALA J 314 35.66 -76.16 17.18
N GLY J 315 35.85 -76.91 18.28
CA GLY J 315 36.49 -76.37 19.49
C GLY J 315 35.68 -75.28 20.17
N VAL J 316 34.38 -75.52 20.28
CA VAL J 316 33.47 -74.58 20.94
C VAL J 316 33.14 -75.12 22.32
N LYS J 317 33.35 -74.28 23.35
CA LYS J 317 33.20 -74.70 24.75
C LYS J 317 31.74 -75.00 25.11
N MET J 318 31.53 -76.17 25.71
CA MET J 318 30.18 -76.64 26.04
C MET J 318 29.87 -76.57 27.54
N GLY J 319 28.85 -75.78 27.89
CA GLY J 319 28.38 -75.67 29.26
C GLY J 319 27.24 -76.64 29.54
N PHE J 320 26.93 -76.86 30.82
CA PHE J 320 25.86 -77.76 31.22
C PHE J 320 24.54 -77.01 31.34
N GLY J 321 23.45 -77.66 30.93
CA GLY J 321 22.11 -77.07 31.05
C GLY J 321 21.00 -78.10 31.01
N SER J 322 20.05 -77.98 31.94
CA SER J 322 18.89 -78.88 31.97
C SER J 322 17.63 -78.29 31.33
N ASP J 323 17.30 -77.04 31.72
CA ASP J 323 16.19 -76.28 31.16
C ASP J 323 14.88 -77.06 31.27
N LEU J 324 14.55 -77.50 32.48
CA LEU J 324 13.39 -78.36 32.66
C LEU J 324 12.15 -77.60 33.12
N LEU J 325 10.98 -78.14 32.78
CA LEU J 325 9.71 -77.48 33.07
C LEU J 325 8.80 -78.39 33.90
N GLY J 326 8.31 -77.87 35.02
CA GLY J 326 7.38 -78.60 35.89
C GLY J 326 8.04 -79.69 36.71
N GLU J 327 7.29 -80.78 36.93
CA GLU J 327 7.79 -81.95 37.66
C GLU J 327 8.86 -82.74 36.91
N MET J 328 9.13 -82.32 35.66
CA MET J 328 10.24 -82.83 34.87
C MET J 328 11.60 -82.27 35.31
N HIS J 329 11.60 -81.42 36.33
CA HIS J 329 12.82 -80.92 36.95
C HIS J 329 13.67 -82.03 37.60
N ALA J 330 13.02 -83.15 37.92
CA ALA J 330 13.66 -84.33 38.52
C ALA J 330 14.75 -84.96 37.63
N PHE J 331 14.60 -84.82 36.33
CA PHE J 331 15.51 -85.43 35.34
C PHE J 331 16.87 -84.72 35.20
N GLN J 332 17.13 -83.71 36.03
CA GLN J 332 18.24 -82.76 35.83
C GLN J 332 19.63 -83.37 35.60
N SER J 333 19.98 -84.38 36.38
CA SER J 333 21.31 -84.97 36.33
C SER J 333 21.56 -85.86 35.10
N GLY J 334 20.48 -86.24 34.41
CA GLY J 334 20.55 -87.11 33.23
C GLY J 334 21.25 -86.54 32.01
N GLU J 335 21.45 -85.22 32.00
CA GLU J 335 22.15 -84.50 30.94
C GLU J 335 23.67 -84.77 30.98
N PHE J 336 24.18 -85.23 32.13
CA PHE J 336 25.55 -85.74 32.24
C PHE J 336 25.73 -87.01 31.40
N ARG J 337 24.79 -87.93 31.59
CA ARG J 337 24.77 -89.23 30.91
C ARG J 337 24.62 -89.06 29.41
N ILE J 338 23.76 -88.13 28.99
CA ILE J 338 23.53 -87.80 27.58
C ILE J 338 24.76 -87.10 26.94
N ARG J 339 25.58 -86.44 27.77
CA ARG J 339 26.82 -85.84 27.28
C ARG J 339 28.03 -86.77 27.31
N ALA J 340 28.03 -87.72 28.25
CA ALA J 340 29.10 -88.71 28.35
C ALA J 340 29.06 -89.72 27.21
N GLU J 341 27.85 -90.06 26.77
CA GLU J 341 27.64 -91.01 25.66
C GLU J 341 28.12 -90.48 24.30
N VAL J 342 28.29 -89.17 24.19
CA VAL J 342 28.75 -88.54 22.95
C VAL J 342 30.21 -88.08 23.05
N LEU J 343 30.61 -87.57 24.22
CA LEU J 343 31.91 -86.89 24.35
C LEU J 343 32.79 -87.39 25.50
N GLY J 344 32.34 -88.42 26.22
CA GLY J 344 33.11 -88.98 27.33
C GLY J 344 32.82 -88.30 28.65
N ASN J 345 32.89 -89.06 29.74
CA ASN J 345 32.56 -88.54 31.08
C ASN J 345 33.55 -87.53 31.68
N LEU J 346 34.75 -87.42 31.11
CA LEU J 346 35.68 -86.36 31.55
C LEU J 346 35.18 -85.03 31.01
N GLU J 347 34.76 -85.03 29.74
CA GLU J 347 34.21 -83.84 29.09
C GLU J 347 32.80 -83.50 29.58
N ALA J 348 32.07 -84.52 30.04
CA ALA J 348 30.72 -84.33 30.59
C ALA J 348 30.73 -83.62 31.94
N LEU J 349 31.78 -83.86 32.73
CA LEU J 349 31.90 -83.25 34.05
C LEU J 349 32.49 -81.84 33.98
N ARG J 350 33.22 -81.55 32.91
CA ARG J 350 33.77 -80.22 32.68
C ARG J 350 32.69 -79.18 32.34
N SER J 351 31.59 -79.67 31.76
CA SER J 351 30.42 -78.85 31.40
C SER J 351 29.81 -78.13 32.60
N ALA J 352 29.80 -78.82 33.74
CA ALA J 352 29.15 -78.31 34.96
C ALA J 352 30.14 -77.71 35.96
N THR J 353 31.40 -77.57 35.59
CA THR J 353 32.42 -77.05 36.50
C THR J 353 33.33 -76.01 35.85
N THR J 354 34.42 -76.46 35.23
CA THR J 354 35.48 -75.57 34.73
C THR J 354 35.05 -74.68 33.58
N VAL J 355 34.25 -75.23 32.66
CA VAL J 355 33.68 -74.46 31.55
C VAL J 355 32.57 -73.55 32.09
N ALA J 356 31.77 -74.11 32.99
CA ALA J 356 30.64 -73.41 33.61
C ALA J 356 31.05 -72.16 34.38
N ALA J 357 32.18 -72.24 35.08
CA ALA J 357 32.71 -71.12 35.84
C ALA J 357 33.33 -70.05 34.95
N GLU J 358 33.81 -70.45 33.77
CA GLU J 358 34.41 -69.52 32.81
C GLU J 358 33.33 -68.63 32.18
N ILE J 359 32.14 -69.21 32.01
CA ILE J 359 30.96 -68.51 31.48
C ILE J 359 30.52 -67.38 32.42
N VAL J 360 30.34 -67.72 33.69
CA VAL J 360 29.82 -66.79 34.70
C VAL J 360 30.90 -65.88 35.32
N ASN J 361 32.06 -65.84 34.66
CA ASN J 361 33.23 -65.06 35.08
C ASN J 361 33.73 -65.34 36.50
N MET J 362 33.56 -66.59 36.92
CA MET J 362 34.09 -67.06 38.20
C MET J 362 35.18 -68.13 37.93
N GLN J 363 36.04 -67.86 36.94
CA GLN J 363 37.18 -68.73 36.62
C GLN J 363 38.25 -68.67 37.72
N GLY J 364 38.49 -69.84 38.34
CA GLY J 364 39.36 -69.92 39.51
C GLY J 364 38.68 -69.39 40.75
N GLN J 365 37.35 -69.49 40.77
CA GLN J 365 36.53 -69.01 41.88
C GLN J 365 35.43 -70.03 42.13
N LEU J 366 34.98 -70.66 41.04
CA LEU J 366 34.08 -71.81 41.08
C LEU J 366 34.61 -72.89 40.14
N GLY J 367 34.03 -74.09 40.24
CA GLY J 367 34.32 -75.18 39.29
C GLY J 367 35.67 -75.87 39.37
N VAL J 368 36.51 -75.43 40.31
CA VAL J 368 37.85 -75.99 40.47
C VAL J 368 38.24 -75.99 41.95
N ILE J 369 38.55 -77.17 42.49
CA ILE J 369 39.13 -77.27 43.84
C ILE J 369 40.55 -76.75 43.79
N ALA J 370 40.70 -75.45 44.07
CA ALA J 370 41.98 -74.77 43.98
C ALA J 370 42.34 -74.10 45.29
N VAL J 371 43.53 -73.51 45.34
CA VAL J 371 44.04 -72.84 46.52
C VAL J 371 43.53 -71.40 46.56
N GLY J 372 42.40 -71.19 47.25
CA GLY J 372 41.84 -69.84 47.40
C GLY J 372 40.40 -69.65 46.93
N ALA J 373 39.95 -70.51 46.01
CA ALA J 373 38.59 -70.44 45.47
C ALA J 373 37.51 -70.79 46.49
N ILE J 374 36.25 -70.44 46.19
CA ILE J 374 35.10 -70.71 47.08
C ILE J 374 34.85 -72.22 47.20
N ALA J 375 34.34 -72.65 48.35
CA ALA J 375 34.16 -74.07 48.61
C ALA J 375 32.74 -74.60 48.32
N ASP J 376 32.33 -74.47 47.07
CA ASP J 376 31.11 -75.13 46.58
C ASP J 376 31.49 -76.55 46.17
N LEU J 377 31.38 -77.49 47.10
CA LEU J 377 31.91 -78.85 46.91
C LEU J 377 30.88 -79.97 47.01
N VAL J 378 31.12 -81.04 46.25
CA VAL J 378 30.26 -82.22 46.25
C VAL J 378 31.06 -83.48 46.61
N VAL J 379 30.64 -84.17 47.66
CA VAL J 379 31.20 -85.46 48.05
C VAL J 379 30.33 -86.59 47.48
N LEU J 380 30.96 -87.51 46.76
CA LEU J 380 30.25 -88.49 45.94
C LEU J 380 30.68 -89.94 46.17
N ASP J 381 29.70 -90.85 46.21
CA ASP J 381 29.90 -92.29 46.44
C ASP J 381 30.12 -93.05 45.13
N GLY J 382 31.36 -93.04 44.64
CA GLY J 382 31.72 -93.69 43.38
C GLY J 382 32.60 -92.80 42.53
N ASN J 383 33.05 -93.33 41.39
CA ASN J 383 33.87 -92.57 40.45
C ASN J 383 33.13 -92.25 39.15
N PRO J 384 32.82 -90.96 38.93
CA PRO J 384 32.17 -90.46 37.73
C PRO J 384 33.02 -90.59 36.47
N LEU J 385 34.33 -90.71 36.65
CA LEU J 385 35.28 -90.95 35.56
C LEU J 385 35.09 -92.32 34.93
N GLU J 386 35.06 -93.36 35.75
CA GLU J 386 34.87 -94.74 35.25
C GLU J 386 33.40 -94.98 34.89
N ASP J 387 32.50 -94.42 35.69
CA ASP J 387 31.06 -94.56 35.46
C ASP J 387 30.28 -93.31 35.85
N ILE J 388 29.70 -92.65 34.84
CA ILE J 388 28.94 -91.40 35.02
C ILE J 388 27.58 -91.61 35.72
N GLY J 389 27.22 -92.86 36.00
CA GLY J 389 25.99 -93.20 36.71
C GLY J 389 25.90 -92.73 38.15
N VAL J 390 27.06 -92.50 38.77
CA VAL J 390 27.13 -92.02 40.17
C VAL J 390 26.85 -90.51 40.29
N VAL J 391 26.58 -89.86 39.16
CA VAL J 391 26.12 -88.47 39.14
C VAL J 391 24.73 -88.42 38.51
N ALA J 392 24.58 -89.09 37.38
CA ALA J 392 23.44 -88.91 36.48
C ALA J 392 22.09 -89.51 36.91
N ASP J 393 22.08 -90.40 37.90
CA ASP J 393 20.84 -91.01 38.36
C ASP J 393 20.17 -90.23 39.51
N GLU J 394 19.85 -88.96 39.21
CA GLU J 394 19.22 -88.00 40.15
C GLU J 394 20.02 -87.76 41.45
N GLY J 395 21.29 -88.16 41.44
CA GLY J 395 22.12 -88.13 42.64
C GLY J 395 21.74 -89.21 43.62
N ALA J 396 21.78 -90.47 43.16
CA ALA J 396 21.51 -91.62 44.01
C ALA J 396 22.67 -91.91 44.96
N ARG J 397 23.85 -91.36 44.65
CA ARG J 397 25.06 -91.58 45.43
C ARG J 397 25.83 -90.28 45.75
N VAL J 398 25.10 -89.26 46.20
CA VAL J 398 25.70 -88.03 46.73
C VAL J 398 25.31 -87.89 48.21
N GLU J 399 26.29 -87.64 49.07
CA GLU J 399 26.03 -87.51 50.50
C GLU J 399 26.14 -86.07 50.99
N TYR J 400 27.36 -85.52 51.00
CA TYR J 400 27.60 -84.18 51.53
C TYR J 400 27.72 -83.14 50.42
N VAL J 401 26.87 -82.12 50.51
CA VAL J 401 26.97 -80.96 49.62
C VAL J 401 27.36 -79.77 50.48
N LEU J 402 28.46 -79.12 50.12
CA LEU J 402 28.96 -77.98 50.87
C LEU J 402 28.93 -76.73 50.01
N GLN J 403 28.45 -75.63 50.59
CA GLN J 403 28.33 -74.36 49.88
C GLN J 403 28.84 -73.21 50.75
N ARG J 404 29.77 -72.43 50.20
CA ARG J 404 30.45 -71.31 50.88
C ARG J 404 31.00 -71.68 52.26
N GLY J 405 31.73 -72.80 52.32
CA GLY J 405 32.32 -73.30 53.56
C GLY J 405 31.39 -74.15 54.42
N THR J 406 30.15 -73.67 54.58
CA THR J 406 29.14 -74.36 55.38
C THR J 406 28.68 -75.64 54.69
N LEU J 407 28.41 -76.66 55.49
CA LEU J 407 27.76 -77.87 55.00
C LEU J 407 26.29 -77.54 54.75
N VAL J 408 25.70 -78.21 53.76
CA VAL J 408 24.26 -78.12 53.52
C VAL J 408 23.61 -79.50 53.68
N LYS J 409 23.95 -80.42 52.78
CA LYS J 409 23.25 -81.70 52.68
C LYS J 409 23.96 -82.85 53.40
N ARG J 410 23.18 -83.88 53.73
CA ARG J 410 23.68 -85.12 54.34
C ARG J 410 22.69 -86.24 54.00
N GLN J 411 23.07 -87.09 53.04
CA GLN J 411 22.16 -88.13 52.52
C GLN J 411 22.71 -89.54 52.67
N THR K 4 -46.17 -62.69 -6.07
CA THR K 4 -46.17 -62.12 -4.69
C THR K 4 -47.13 -62.87 -3.78
N ILE K 5 -48.11 -63.54 -4.37
CA ILE K 5 -49.19 -64.20 -3.63
C ILE K 5 -49.07 -65.73 -3.55
N THR K 6 -49.10 -66.26 -2.32
CA THR K 6 -49.02 -67.70 -2.06
C THR K 6 -50.17 -68.15 -1.15
N VAL K 7 -50.67 -69.37 -1.37
CA VAL K 7 -51.77 -69.91 -0.58
C VAL K 7 -51.41 -71.29 -0.02
N LEU K 8 -51.51 -71.43 1.30
CA LEU K 8 -51.50 -72.74 1.96
C LEU K 8 -52.94 -73.24 1.96
N GLN K 9 -53.16 -74.51 1.62
CA GLN K 9 -54.53 -75.02 1.48
C GLN K 9 -54.83 -76.36 2.17
N GLY K 10 -56.00 -76.44 2.79
CA GLY K 10 -56.45 -77.62 3.51
C GLY K 10 -55.84 -77.80 4.88
N GLY K 11 -55.03 -76.82 5.30
CA GLY K 11 -54.24 -76.90 6.53
C GLY K 11 -55.03 -76.94 7.82
N ASN K 12 -54.41 -77.48 8.87
CA ASN K 12 -54.98 -77.50 10.21
C ASN K 12 -54.41 -76.35 11.03
N VAL K 13 -54.96 -75.15 10.80
CA VAL K 13 -54.52 -73.92 11.47
C VAL K 13 -54.75 -73.96 12.98
N LEU K 14 -53.66 -73.86 13.74
CA LEU K 14 -53.75 -73.84 15.20
C LEU K 14 -54.19 -72.46 15.68
N ASP K 15 -55.20 -72.45 16.55
CA ASP K 15 -55.64 -71.24 17.22
C ASP K 15 -55.29 -71.36 18.70
N LEU K 16 -54.22 -70.67 19.10
CA LEU K 16 -53.57 -70.86 20.41
C LEU K 16 -54.31 -70.28 21.60
N GLU K 17 -54.93 -69.11 21.39
CA GLU K 17 -55.73 -68.42 22.42
C GLU K 17 -57.04 -69.16 22.73
N ARG K 18 -57.53 -69.92 21.77
CA ARG K 18 -58.70 -70.78 21.93
C ARG K 18 -58.31 -72.21 22.33
N GLY K 19 -57.05 -72.55 22.08
CA GLY K 19 -56.48 -73.83 22.50
C GLY K 19 -56.87 -75.04 21.67
N VAL K 20 -57.31 -74.81 20.43
CA VAL K 20 -57.75 -75.88 19.53
C VAL K 20 -57.39 -75.63 18.06
N LEU K 21 -57.37 -76.71 17.27
CA LEU K 21 -57.09 -76.65 15.83
C LEU K 21 -58.32 -76.25 15.01
N LEU K 22 -58.07 -75.55 13.90
CA LEU K 22 -59.12 -75.22 12.95
C LEU K 22 -58.83 -75.95 11.64
N GLU K 23 -59.34 -77.17 11.53
CA GLU K 23 -59.12 -78.03 10.36
C GLU K 23 -59.73 -77.50 9.06
N HIS K 24 -59.10 -77.87 7.94
CA HIS K 24 -59.48 -77.43 6.58
C HIS K 24 -59.46 -75.91 6.38
N HIS K 25 -58.57 -75.24 7.10
CA HIS K 25 -58.40 -73.80 6.98
C HIS K 25 -57.27 -73.45 6.02
N HIS K 26 -57.59 -72.60 5.04
CA HIS K 26 -56.65 -72.13 4.05
C HIS K 26 -55.97 -70.84 4.53
N VAL K 27 -54.70 -70.64 4.16
CA VAL K 27 -53.95 -69.45 4.57
C VAL K 27 -53.52 -68.63 3.36
N VAL K 28 -54.05 -67.42 3.24
CA VAL K 28 -53.74 -66.53 2.11
C VAL K 28 -52.62 -65.55 2.51
N ILE K 29 -51.55 -65.53 1.70
CA ILE K 29 -50.39 -64.66 1.96
C ILE K 29 -50.17 -63.71 0.77
N ASP K 30 -50.02 -62.42 1.07
CA ASP K 30 -49.47 -61.49 0.09
C ASP K 30 -48.21 -60.82 0.66
N GLY K 31 -47.11 -60.98 -0.07
CA GLY K 31 -45.83 -60.39 0.30
C GLY K 31 -45.21 -61.01 1.53
N GLU K 32 -45.55 -60.45 2.70
CA GLU K 32 -44.97 -60.87 3.98
C GLU K 32 -46.02 -61.04 5.09
N ARG K 33 -47.25 -60.64 4.82
CA ARG K 33 -48.32 -60.68 5.82
C ARG K 33 -49.53 -61.51 5.37
N ILE K 34 -50.23 -62.08 6.33
CA ILE K 34 -51.41 -62.90 6.08
C ILE K 34 -52.62 -62.01 5.77
N VAL K 35 -53.40 -62.38 4.75
CA VAL K 35 -54.56 -61.61 4.30
C VAL K 35 -55.88 -62.24 4.74
N GLU K 36 -55.96 -63.58 4.72
CA GLU K 36 -57.18 -64.30 5.06
C GLU K 36 -56.88 -65.69 5.63
N VAL K 37 -57.55 -66.05 6.71
CA VAL K 37 -57.52 -67.43 7.24
C VAL K 37 -58.95 -68.02 7.22
N THR K 38 -59.28 -68.68 6.11
CA THR K 38 -60.65 -69.12 5.83
C THR K 38 -60.77 -70.62 5.54
N ASP K 39 -61.99 -71.14 5.61
CA ASP K 39 -62.29 -72.51 5.17
C ASP K 39 -63.12 -72.54 3.87
N ARG K 40 -63.39 -71.34 3.34
CA ARG K 40 -64.10 -71.13 2.07
C ARG K 40 -63.38 -71.78 0.89
N PRO K 41 -64.14 -72.13 -0.18
CA PRO K 41 -63.53 -72.46 -1.47
C PRO K 41 -62.58 -71.34 -1.89
N VAL K 42 -61.29 -71.60 -1.78
CA VAL K 42 -60.26 -70.56 -1.91
C VAL K 42 -60.09 -70.06 -3.35
N ASP K 43 -60.30 -68.77 -3.53
CA ASP K 43 -60.22 -68.10 -4.83
C ASP K 43 -58.75 -67.80 -5.16
N LEU K 44 -58.13 -68.61 -6.01
CA LEU K 44 -56.75 -68.38 -6.45
C LEU K 44 -56.63 -67.96 -7.93
N PRO K 45 -56.43 -66.65 -8.17
CA PRO K 45 -56.34 -66.12 -9.54
C PRO K 45 -54.96 -66.34 -10.16
N ASN K 46 -53.94 -65.70 -9.57
CA ASN K 46 -52.55 -65.82 -10.03
C ASN K 46 -51.72 -66.60 -9.01
N ALA K 47 -52.36 -66.99 -7.90
CA ALA K 47 -51.68 -67.48 -6.69
C ALA K 47 -50.97 -68.83 -6.83
N GLN K 48 -49.86 -68.96 -6.10
CA GLN K 48 -49.08 -70.19 -6.02
C GLN K 48 -49.62 -71.10 -4.91
N ALA K 49 -49.83 -72.37 -5.26
CA ALA K 49 -50.46 -73.33 -4.35
C ALA K 49 -49.45 -74.12 -3.54
N ILE K 50 -49.75 -74.30 -2.25
CA ILE K 50 -49.04 -75.27 -1.39
C ILE K 50 -50.09 -76.10 -0.66
N ASP K 51 -50.13 -77.40 -0.96
CA ASP K 51 -51.10 -78.30 -0.33
C ASP K 51 -50.63 -78.68 1.07
N VAL K 52 -51.50 -78.43 2.06
CA VAL K 52 -51.20 -78.71 3.47
C VAL K 52 -52.33 -79.53 4.14
N ARG K 53 -53.10 -80.26 3.34
CA ARG K 53 -54.21 -81.06 3.85
C ARG K 53 -53.75 -82.09 4.88
N GLY K 54 -54.48 -82.19 5.98
CA GLY K 54 -54.17 -83.11 7.08
C GLY K 54 -52.88 -82.86 7.83
N LYS K 55 -52.41 -81.61 7.82
CA LYS K 55 -51.19 -81.23 8.54
C LYS K 55 -51.37 -79.90 9.26
N THR K 56 -50.69 -79.76 10.40
CA THR K 56 -50.80 -78.57 11.26
C THR K 56 -50.08 -77.36 10.65
N VAL K 57 -50.86 -76.31 10.39
CA VAL K 57 -50.31 -74.98 10.11
C VAL K 57 -50.26 -74.25 11.46
N MET K 58 -49.07 -73.83 11.87
CA MET K 58 -48.91 -73.15 13.16
C MET K 58 -47.97 -71.95 13.07
N PRO K 59 -48.03 -71.02 14.05
CA PRO K 59 -47.08 -69.91 14.05
C PRO K 59 -45.63 -70.36 14.25
N GLY K 60 -44.70 -69.63 13.65
CA GLY K 60 -43.27 -69.94 13.73
C GLY K 60 -42.73 -69.68 15.11
N PHE K 61 -42.00 -70.67 15.64
CA PHE K 61 -41.52 -70.63 17.04
C PHE K 61 -40.53 -69.51 17.27
N ILE K 62 -40.61 -68.91 18.46
CA ILE K 62 -39.64 -67.91 18.88
C ILE K 62 -38.93 -68.43 20.12
N ASP K 63 -37.62 -68.62 20.02
CA ASP K 63 -36.78 -68.90 21.19
C ASP K 63 -36.40 -67.55 21.79
N CYS K 64 -36.67 -67.38 23.09
CA CYS K 64 -36.45 -66.09 23.75
C CYS K 64 -35.08 -65.99 24.41
N HIS K 65 -34.30 -67.06 24.31
CA HIS K 65 -32.97 -67.07 24.92
C HIS K 65 -31.99 -67.97 24.17
N VAL K 66 -31.31 -67.38 23.19
CA VAL K 66 -30.27 -68.07 22.45
C VAL K 66 -28.93 -67.38 22.61
N HIS K 67 -27.86 -68.13 22.33
CA HIS K 67 -26.54 -67.56 22.11
C HIS K 67 -26.04 -68.05 20.76
N VAL K 68 -26.33 -67.24 19.75
CA VAL K 68 -26.01 -67.56 18.35
C VAL K 68 -24.50 -67.77 18.17
N LEU K 69 -23.71 -66.89 18.78
CA LEU K 69 -22.26 -66.91 18.66
C LEU K 69 -21.54 -67.81 19.67
N ALA K 70 -22.29 -68.66 20.37
CA ALA K 70 -21.68 -69.66 21.26
C ALA K 70 -21.23 -70.87 20.46
N SER K 71 -20.07 -70.76 19.83
CA SER K 71 -19.54 -71.81 18.98
C SER K 71 -19.03 -73.02 19.77
N ASN K 72 -18.65 -72.81 21.03
CA ASN K 72 -18.31 -73.91 21.94
C ASN K 72 -18.79 -73.70 23.38
N ALA K 73 -18.75 -74.78 24.16
CA ALA K 73 -19.25 -74.81 25.54
C ALA K 73 -18.45 -73.92 26.49
N ASN K 74 -17.12 -73.96 26.36
CA ASN K 74 -16.22 -73.12 27.15
C ASN K 74 -16.30 -71.66 26.68
N LEU K 75 -17.08 -70.86 27.41
CA LEU K 75 -17.39 -69.48 27.02
C LEU K 75 -16.25 -68.48 27.15
N GLY K 76 -15.29 -68.80 28.01
CA GLY K 76 -14.09 -67.98 28.18
C GLY K 76 -13.14 -68.09 26.99
N VAL K 77 -13.11 -69.29 26.40
CA VAL K 77 -12.26 -69.54 25.23
C VAL K 77 -13.02 -69.24 23.93
N ASN K 78 -14.35 -69.11 24.05
CA ASN K 78 -15.20 -68.67 22.95
C ASN K 78 -14.96 -67.19 22.64
N ALA K 79 -14.55 -66.44 23.65
CA ALA K 79 -14.22 -65.03 23.47
C ALA K 79 -12.91 -64.85 22.69
N THR K 80 -11.93 -65.72 22.96
CA THR K 80 -10.58 -65.58 22.39
C THR K 80 -10.39 -66.19 21.00
N GLN K 81 -11.44 -66.82 20.45
CA GLN K 81 -11.43 -67.22 19.05
C GLN K 81 -11.49 -65.94 18.19
N PRO K 82 -10.71 -65.89 17.09
CA PRO K 82 -10.63 -64.72 16.22
C PRO K 82 -11.99 -64.25 15.70
N ASN K 83 -12.13 -62.92 15.59
CA ASN K 83 -13.41 -62.25 15.28
C ASN K 83 -14.26 -62.86 14.17
N ILE K 84 -13.70 -62.95 12.97
CA ILE K 84 -14.40 -63.54 11.83
C ILE K 84 -14.60 -65.07 11.96
N LEU K 85 -13.66 -65.75 12.63
CA LEU K 85 -13.79 -67.19 12.92
C LEU K 85 -14.97 -67.53 13.85
N ALA K 86 -15.35 -66.57 14.69
CA ALA K 86 -16.54 -66.69 15.52
C ALA K 86 -17.79 -66.56 14.66
N ALA K 87 -17.82 -65.52 13.83
CA ALA K 87 -18.95 -65.19 12.97
C ALA K 87 -19.30 -66.27 11.94
N ILE K 88 -18.28 -66.93 11.41
CA ILE K 88 -18.44 -68.03 10.45
C ILE K 88 -19.11 -69.24 11.11
N ARG K 89 -18.72 -69.51 12.35
CA ARG K 89 -19.23 -70.64 13.12
C ARG K 89 -20.69 -70.52 13.57
N SER K 90 -21.26 -69.31 13.48
CA SER K 90 -22.65 -69.08 13.84
C SER K 90 -23.59 -69.41 12.69
N LEU K 91 -23.04 -69.43 11.46
CA LEU K 91 -23.83 -69.69 10.26
C LEU K 91 -24.47 -71.10 10.17
N PRO K 92 -23.74 -72.17 10.59
CA PRO K 92 -24.41 -73.47 10.66
C PRO K 92 -25.46 -73.54 11.76
N ILE K 93 -25.20 -72.86 12.87
CA ILE K 93 -26.12 -72.79 14.00
C ILE K 93 -27.42 -72.10 13.59
N LEU K 94 -27.29 -70.95 12.93
CA LEU K 94 -28.42 -70.19 12.39
C LEU K 94 -29.26 -70.98 11.38
N ASP K 95 -28.58 -71.82 10.60
CA ASP K 95 -29.25 -72.67 9.65
C ASP K 95 -29.95 -73.86 10.33
N ALA K 96 -29.33 -74.35 11.41
CA ALA K 96 -29.90 -75.44 12.22
C ALA K 96 -31.15 -75.01 12.98
N MET K 97 -31.16 -73.74 13.40
CA MET K 97 -32.28 -73.17 14.15
C MET K 97 -33.54 -72.93 13.30
N LEU K 98 -33.35 -72.45 12.07
CA LEU K 98 -34.47 -72.09 11.21
C LEU K 98 -35.16 -73.32 10.63
N SER K 99 -34.39 -74.38 10.42
CA SER K 99 -34.95 -75.65 9.93
C SER K 99 -35.70 -76.39 11.04
N ARG K 100 -35.34 -76.14 12.29
CA ARG K 100 -36.05 -76.71 13.45
C ARG K 100 -37.40 -76.02 13.70
N GLY K 101 -37.70 -74.99 12.92
CA GLY K 101 -38.98 -74.29 12.99
C GLY K 101 -38.92 -72.90 13.60
N PHE K 102 -37.78 -72.53 14.16
CA PHE K 102 -37.63 -71.26 14.84
C PHE K 102 -37.44 -70.12 13.84
N THR K 103 -38.51 -69.37 13.61
CA THR K 103 -38.50 -68.26 12.64
C THR K 103 -37.93 -66.97 13.22
N SER K 104 -37.89 -66.88 14.55
CA SER K 104 -37.31 -65.72 15.22
C SER K 104 -36.61 -66.12 16.51
N VAL K 105 -35.57 -65.36 16.86
CA VAL K 105 -34.80 -65.61 18.07
C VAL K 105 -34.50 -64.31 18.80
N ARG K 106 -34.24 -64.42 20.10
CA ARG K 106 -33.79 -63.29 20.90
C ARG K 106 -32.44 -63.63 21.52
N ASP K 107 -31.39 -62.97 21.05
CA ASP K 107 -30.03 -63.22 21.51
C ASP K 107 -29.89 -62.72 22.95
N ALA K 108 -29.10 -63.44 23.73
CA ALA K 108 -28.91 -63.11 25.13
C ALA K 108 -27.51 -62.62 25.42
N GLY K 109 -26.77 -62.26 24.38
CA GLY K 109 -25.40 -61.76 24.53
C GLY K 109 -24.43 -62.40 23.58
N GLY K 110 -24.10 -61.68 22.51
CA GLY K 110 -23.18 -62.16 21.48
C GLY K 110 -23.44 -61.48 20.16
N ALA K 111 -24.62 -61.75 19.60
CA ALA K 111 -25.03 -61.23 18.29
C ALA K 111 -25.26 -59.73 18.27
N ASP K 112 -25.02 -59.13 17.10
CA ASP K 112 -25.13 -57.68 16.93
C ASP K 112 -26.05 -57.33 15.76
N TRP K 113 -26.20 -56.02 15.53
CA TRP K 113 -27.00 -55.45 14.44
C TRP K 113 -26.60 -55.96 13.05
N SER K 114 -25.35 -56.40 12.94
CA SER K 114 -24.80 -56.93 11.69
C SER K 114 -25.39 -58.29 11.31
N LEU K 115 -25.56 -59.17 12.29
CA LEU K 115 -26.20 -60.48 12.06
C LEU K 115 -27.70 -60.34 11.79
N MET K 116 -28.31 -59.31 12.39
CA MET K 116 -29.71 -58.97 12.16
C MET K 116 -29.90 -58.50 10.72
N GLN K 117 -28.98 -57.69 10.23
CA GLN K 117 -28.97 -57.24 8.85
C GLN K 117 -28.80 -58.41 7.87
N ALA K 118 -27.89 -59.33 8.23
CA ALA K 118 -27.55 -60.48 7.41
C ALA K 118 -28.76 -61.36 7.09
N VAL K 119 -29.61 -61.59 8.09
CA VAL K 119 -30.83 -62.37 7.88
C VAL K 119 -31.92 -61.56 7.17
N GLU K 120 -32.03 -60.27 7.49
CA GLU K 120 -33.13 -59.46 6.98
C GLU K 120 -32.94 -59.00 5.54
N THR K 121 -31.68 -58.90 5.11
CA THR K 121 -31.37 -58.56 3.72
C THR K 121 -31.10 -59.81 2.87
N GLY K 122 -31.31 -60.98 3.48
CA GLY K 122 -31.28 -62.25 2.76
C GLY K 122 -29.90 -62.74 2.41
N LEU K 123 -28.90 -62.30 3.16
CA LEU K 123 -27.52 -62.71 2.93
C LEU K 123 -27.19 -64.08 3.52
N VAL K 124 -27.74 -64.36 4.70
CA VAL K 124 -27.56 -65.65 5.38
C VAL K 124 -28.89 -66.20 5.89
N SER K 125 -29.15 -67.47 5.59
CA SER K 125 -30.34 -68.18 6.05
C SER K 125 -30.31 -68.39 7.56
N GLY K 126 -31.33 -67.85 8.23
CA GLY K 126 -31.46 -67.92 9.68
C GLY K 126 -32.74 -67.23 10.16
N PRO K 127 -33.09 -67.41 11.45
CA PRO K 127 -34.22 -66.72 12.09
C PRO K 127 -34.00 -65.21 12.20
N ARG K 128 -35.09 -64.46 12.40
CA ARG K 128 -35.01 -63.03 12.64
C ARG K 128 -34.41 -62.80 14.03
N ILE K 129 -33.28 -62.12 14.07
CA ILE K 129 -32.54 -61.97 15.33
C ILE K 129 -32.93 -60.69 16.04
N PHE K 130 -33.24 -60.83 17.33
CA PHE K 130 -33.42 -59.72 18.25
C PHE K 130 -32.17 -59.60 19.12
N PRO K 131 -31.24 -58.70 18.74
CA PRO K 131 -29.92 -58.66 19.37
C PRO K 131 -29.92 -57.98 20.73
N SER K 132 -29.19 -58.59 21.66
CA SER K 132 -28.90 -57.95 22.94
C SER K 132 -27.63 -57.10 22.83
N GLY K 133 -26.81 -57.44 21.83
CA GLY K 133 -25.44 -56.93 21.76
C GLY K 133 -24.60 -57.77 22.70
N LYS K 134 -23.76 -57.10 23.48
CA LYS K 134 -23.01 -57.75 24.55
C LYS K 134 -23.82 -57.63 25.83
N ALA K 135 -23.75 -58.63 26.70
CA ALA K 135 -24.42 -58.57 27.99
C ALA K 135 -23.61 -57.68 28.93
N LEU K 136 -24.28 -57.09 29.93
CA LEU K 136 -23.58 -56.23 30.89
C LEU K 136 -23.27 -56.98 32.19
N SER K 137 -22.03 -56.87 32.64
CA SER K 137 -21.58 -57.55 33.84
C SER K 137 -20.62 -56.69 34.64
N GLN K 138 -20.77 -56.71 35.96
CA GLN K 138 -19.81 -56.10 36.86
C GLN K 138 -18.51 -56.92 36.91
N THR K 139 -17.46 -56.30 37.43
CA THR K 139 -16.15 -56.93 37.62
C THR K 139 -16.24 -58.12 38.56
N GLY K 140 -15.69 -59.26 38.13
CA GLY K 140 -15.76 -60.51 38.88
C GLY K 140 -17.14 -61.16 38.81
N GLY K 141 -17.99 -60.62 37.93
CA GLY K 141 -19.35 -61.09 37.77
C GLY K 141 -19.51 -62.26 36.83
N HIS K 142 -20.75 -62.47 36.36
CA HIS K 142 -21.09 -63.64 35.56
C HIS K 142 -20.69 -63.52 34.08
N GLY K 143 -20.32 -62.31 33.66
CA GLY K 143 -19.77 -62.09 32.33
C GLY K 143 -18.27 -61.86 32.32
N ASP K 144 -17.66 -61.95 33.49
CA ASP K 144 -16.20 -61.87 33.61
C ASP K 144 -15.66 -63.30 33.67
N PHE K 145 -14.87 -63.66 32.66
CA PHE K 145 -14.31 -65.01 32.54
C PHE K 145 -12.85 -65.08 32.99
N ARG K 146 -12.33 -63.96 33.50
CA ARG K 146 -10.95 -63.88 33.98
C ARG K 146 -10.68 -64.79 35.16
N PRO K 147 -9.46 -65.38 35.21
CA PRO K 147 -9.12 -66.27 36.31
C PRO K 147 -8.86 -65.54 37.64
N ARG K 148 -8.40 -66.29 38.64
CA ARG K 148 -8.08 -65.75 39.95
C ARG K 148 -6.60 -65.33 40.02
N GLY K 149 -6.03 -64.97 38.87
CA GLY K 149 -4.67 -64.45 38.78
C GLY K 149 -4.63 -62.97 39.10
N ASP K 150 -4.77 -62.14 38.06
CA ASP K 150 -4.82 -60.68 38.20
C ASP K 150 -5.65 -60.01 37.12
N LEU K 151 -5.90 -58.71 37.30
CA LEU K 151 -6.87 -57.98 36.48
C LEU K 151 -6.26 -56.85 35.64
N LEU K 152 -5.99 -57.15 34.37
CA LEU K 152 -5.67 -56.11 33.39
C LEU K 152 -6.86 -55.91 32.47
N GLU K 153 -7.17 -54.63 32.20
CA GLU K 153 -8.41 -54.22 31.56
C GLU K 153 -8.59 -54.74 30.14
N PRO K 154 -9.69 -55.48 29.89
CA PRO K 154 -9.97 -55.93 28.54
C PRO K 154 -10.95 -54.97 27.86
N CYS K 155 -10.41 -53.90 27.26
CA CYS K 155 -11.20 -52.97 26.46
C CYS K 155 -11.62 -53.62 25.14
N SER K 156 -11.11 -54.83 24.91
CA SER K 156 -11.44 -55.67 23.77
C SER K 156 -12.74 -56.46 23.93
N CYS K 157 -13.39 -56.33 25.08
CA CYS K 157 -14.66 -57.02 25.36
C CYS K 157 -15.82 -56.59 24.46
N CYS K 158 -15.74 -55.37 23.94
CA CYS K 158 -16.68 -54.86 22.96
C CYS K 158 -16.10 -54.98 21.54
N PHE K 159 -14.84 -55.45 21.45
CA PHE K 159 -14.18 -55.68 20.17
C PHE K 159 -14.24 -57.15 19.73
N ARG K 160 -14.12 -58.09 20.66
CA ARG K 160 -14.25 -59.52 20.35
C ARG K 160 -15.71 -59.86 20.07
N THR K 161 -15.95 -60.44 18.90
CA THR K 161 -17.31 -60.83 18.49
C THR K 161 -17.71 -62.15 19.13
N GLY K 162 -16.71 -62.92 19.58
CA GLY K 162 -16.95 -64.16 20.31
C GLY K 162 -17.24 -63.95 21.78
N ALA K 163 -17.17 -62.70 22.23
CA ALA K 163 -17.48 -62.35 23.61
C ALA K 163 -18.99 -62.32 23.84
N ILE K 164 -19.42 -62.97 24.91
CA ILE K 164 -20.83 -63.00 25.30
C ILE K 164 -21.21 -61.69 25.98
N ALA K 165 -20.34 -61.24 26.89
CA ALA K 165 -20.59 -60.05 27.69
C ALA K 165 -19.44 -59.03 27.63
N ARG K 166 -19.71 -57.83 28.14
CA ARG K 166 -18.67 -56.82 28.37
C ARG K 166 -18.69 -56.41 29.84
N VAL K 167 -17.53 -56.04 30.38
CA VAL K 167 -17.43 -55.71 31.80
C VAL K 167 -17.59 -54.20 32.06
N VAL K 168 -18.74 -53.83 32.60
CA VAL K 168 -18.99 -52.45 33.05
C VAL K 168 -19.36 -52.38 34.51
N ASP K 169 -18.82 -51.36 35.17
CA ASP K 169 -19.12 -51.09 36.56
C ASP K 169 -19.49 -49.62 36.69
N GLY K 170 -20.28 -49.31 37.72
CA GLY K 170 -20.63 -47.94 38.01
C GLY K 170 -21.89 -47.46 37.32
N VAL K 171 -22.62 -46.59 38.00
CA VAL K 171 -23.88 -46.01 37.52
C VAL K 171 -23.68 -45.22 36.22
N GLU K 172 -22.60 -44.45 36.14
CA GLU K 172 -22.26 -43.74 34.90
C GLU K 172 -21.70 -44.68 33.85
N GLY K 173 -20.98 -45.70 34.30
CA GLY K 173 -20.43 -46.73 33.42
C GLY K 173 -21.51 -47.56 32.73
N VAL K 174 -22.53 -47.94 33.48
CA VAL K 174 -23.61 -48.74 32.93
C VAL K 174 -24.59 -47.89 32.13
N ARG K 175 -24.67 -46.60 32.45
CA ARG K 175 -25.51 -45.67 31.71
C ARG K 175 -24.93 -45.45 30.32
N LEU K 176 -23.60 -45.36 30.25
CA LEU K 176 -22.90 -45.17 28.99
C LEU K 176 -22.99 -46.42 28.12
N ALA K 177 -22.76 -47.58 28.75
CA ALA K 177 -22.79 -48.87 28.06
C ALA K 177 -24.09 -49.10 27.31
N VAL K 178 -25.21 -48.84 27.98
CA VAL K 178 -26.54 -48.99 27.40
C VAL K 178 -26.74 -48.04 26.21
N ARG K 179 -26.28 -46.80 26.34
CA ARG K 179 -26.35 -45.82 25.25
C ARG K 179 -25.54 -46.23 24.03
N GLU K 180 -24.45 -46.96 24.28
CA GLU K 180 -23.61 -47.50 23.23
C GLU K 180 -24.28 -48.68 22.56
N GLU K 181 -24.67 -49.67 23.36
CA GLU K 181 -25.30 -50.92 22.87
C GLU K 181 -26.61 -50.68 22.11
N ILE K 182 -27.32 -49.62 22.47
CA ILE K 182 -28.53 -49.22 21.76
C ILE K 182 -28.21 -48.60 20.41
N GLN K 183 -27.17 -47.75 20.36
CA GLN K 183 -26.74 -47.14 19.11
C GLN K 183 -25.97 -48.15 18.23
N LYS K 184 -25.34 -49.14 18.86
CA LYS K 184 -24.75 -50.27 18.15
C LYS K 184 -25.85 -51.09 17.49
N GLY K 185 -27.03 -51.13 18.10
CA GLY K 185 -28.24 -51.64 17.45
C GLY K 185 -29.01 -52.75 18.14
N ALA K 186 -28.89 -52.84 19.47
CA ALA K 186 -29.64 -53.84 20.24
C ALA K 186 -31.13 -53.52 20.26
N THR K 187 -31.95 -54.57 20.34
CA THR K 187 -33.39 -54.45 20.52
C THR K 187 -33.76 -54.45 22.01
N GLN K 188 -32.94 -55.12 22.81
CA GLN K 188 -33.09 -55.13 24.27
C GLN K 188 -31.72 -55.21 24.97
N ILE K 189 -31.70 -54.90 26.25
CA ILE K 189 -30.46 -54.91 27.02
C ILE K 189 -30.44 -56.13 27.93
N ILE K 191 -28.41 -58.01 31.12
CA ILE K 191 -27.48 -57.83 32.22
C ILE K 191 -27.30 -59.12 33.04
N MET K 192 -26.27 -59.16 33.88
CA MET K 192 -26.04 -60.28 34.80
C MET K 192 -26.39 -59.86 36.22
N ALA K 193 -27.58 -60.24 36.68
CA ALA K 193 -28.07 -59.81 37.99
C ALA K 193 -27.58 -60.67 39.15
N SER K 194 -27.20 -61.91 38.88
CA SER K 194 -26.74 -62.82 39.93
C SER K 194 -25.56 -63.67 39.48
N GLY K 195 -25.00 -64.44 40.41
CA GLY K 195 -23.97 -65.42 40.10
C GLY K 195 -24.58 -66.61 39.38
N GLY K 196 -23.78 -67.28 38.55
CA GLY K 196 -24.27 -68.38 37.75
C GLY K 196 -23.46 -69.66 37.80
N VAL K 197 -23.42 -70.35 36.66
CA VAL K 197 -22.83 -71.69 36.55
C VAL K 197 -21.58 -71.66 35.66
N ALA K 198 -21.57 -70.77 34.67
CA ALA K 198 -20.52 -70.72 33.65
C ALA K 198 -19.21 -70.05 34.06
N SER K 199 -19.29 -68.79 34.52
CA SER K 199 -18.12 -67.97 34.87
C SER K 199 -17.36 -68.50 36.09
N PRO K 200 -16.00 -68.47 36.04
CA PRO K 200 -15.14 -69.11 37.06
C PRO K 200 -15.19 -68.53 38.49
N THR K 201 -15.38 -67.22 38.63
CA THR K 201 -15.22 -66.55 39.95
C THR K 201 -16.38 -66.69 40.94
N ASP K 202 -17.60 -66.41 40.49
CA ASP K 202 -18.76 -66.25 41.36
C ASP K 202 -19.51 -67.53 41.72
N PRO K 203 -19.94 -67.65 43.00
CA PRO K 203 -20.92 -68.66 43.40
C PRO K 203 -22.32 -68.31 42.92
N ILE K 204 -23.22 -69.30 42.90
CA ILE K 204 -24.59 -69.12 42.42
C ILE K 204 -25.47 -68.27 43.38
N ALA K 205 -25.16 -68.36 44.67
CA ALA K 205 -25.98 -67.78 45.75
C ALA K 205 -26.09 -66.25 45.79
N ASN K 206 -25.00 -65.58 45.44
CA ASN K 206 -24.92 -64.11 45.58
C ASN K 206 -25.37 -63.28 44.36
N THR K 207 -25.87 -62.09 44.64
CA THR K 207 -26.32 -61.15 43.61
C THR K 207 -25.15 -60.41 42.97
N GLN K 208 -25.46 -59.70 41.88
CA GLN K 208 -24.50 -58.84 41.18
C GLN K 208 -25.17 -57.53 40.82
N TYR K 209 -24.37 -56.45 40.70
CA TYR K 209 -24.83 -55.09 40.40
C TYR K 209 -25.65 -54.41 41.51
N SER K 210 -25.33 -53.15 41.80
CA SER K 210 -26.09 -52.36 42.76
C SER K 210 -27.44 -51.95 42.17
N GLU K 211 -28.37 -51.60 43.05
CA GLU K 211 -29.71 -51.20 42.64
C GLU K 211 -29.72 -49.85 41.93
N ASP K 212 -28.72 -49.02 42.22
CA ASP K 212 -28.52 -47.74 41.53
C ASP K 212 -28.09 -47.97 40.08
N GLU K 213 -27.23 -48.96 39.87
CA GLU K 213 -26.78 -49.37 38.54
C GLU K 213 -27.94 -49.94 37.73
N ILE K 214 -28.62 -50.93 38.30
CA ILE K 214 -29.73 -51.61 37.62
C ILE K 214 -30.86 -50.64 37.25
N ARG K 215 -31.15 -49.69 38.14
CA ARG K 215 -32.12 -48.64 37.83
C ARG K 215 -31.69 -47.76 36.67
N ALA K 216 -30.40 -47.39 36.66
CA ALA K 216 -29.83 -46.56 35.59
C ALA K 216 -29.88 -47.25 34.23
N ILE K 217 -29.72 -48.56 34.23
CA ILE K 217 -29.88 -49.41 33.05
C ILE K 217 -31.35 -49.42 32.60
N VAL K 218 -32.25 -49.66 33.56
CA VAL K 218 -33.69 -49.71 33.30
C VAL K 218 -34.21 -48.39 32.73
N ASP K 219 -33.78 -47.28 33.33
CA ASP K 219 -34.19 -45.94 32.91
C ASP K 219 -33.71 -45.59 31.51
N GLU K 220 -32.56 -46.13 31.12
CA GLU K 220 -31.99 -45.89 29.78
C GLU K 220 -32.49 -46.85 28.72
N ALA K 221 -32.88 -48.05 29.13
CA ALA K 221 -33.54 -48.99 28.22
C ALA K 221 -34.93 -48.48 27.84
N GLU K 222 -35.67 -48.00 28.85
CA GLU K 222 -36.97 -47.37 28.64
C GLU K 222 -36.86 -46.09 27.80
N ALA K 223 -35.75 -45.38 27.97
CA ALA K 223 -35.50 -44.13 27.24
C ALA K 223 -35.24 -44.35 25.75
N ALA K 224 -35.07 -45.61 25.35
CA ALA K 224 -34.94 -45.98 23.93
C ALA K 224 -36.13 -46.81 23.43
N ASN K 225 -37.24 -46.73 24.16
CA ASN K 225 -38.47 -47.51 23.92
C ASN K 225 -38.25 -49.02 23.88
N THR K 226 -37.48 -49.52 24.84
CA THR K 226 -37.20 -50.94 24.99
C THR K 226 -37.08 -51.32 26.48
N TYR K 227 -36.52 -52.49 26.75
CA TYR K 227 -36.58 -53.07 28.10
C TYR K 227 -35.29 -53.78 28.50
N VAL K 228 -35.28 -54.33 29.71
CA VAL K 228 -34.15 -55.11 30.20
C VAL K 228 -34.54 -56.56 30.41
N MET K 229 -33.61 -57.47 30.11
CA MET K 229 -33.67 -58.85 30.58
C MET K 229 -32.52 -59.08 31.55
N ALA K 230 -32.77 -59.85 32.61
CA ALA K 230 -31.75 -60.11 33.62
C ALA K 230 -31.61 -61.59 33.94
N HIS K 231 -30.37 -62.04 34.10
CA HIS K 231 -30.07 -63.40 34.52
C HIS K 231 -30.15 -63.47 36.04
N ALA K 232 -30.97 -64.40 36.55
CA ALA K 232 -31.19 -64.51 37.99
C ALA K 232 -31.56 -65.94 38.41
N TYR K 233 -30.97 -66.42 39.52
CA TYR K 233 -31.27 -67.75 40.03
C TYR K 233 -32.08 -67.74 41.31
N THR K 234 -31.44 -67.31 42.40
CA THR K 234 -32.06 -67.22 43.74
C THR K 234 -33.19 -66.19 43.75
N GLY K 235 -34.26 -66.50 44.49
CA GLY K 235 -35.44 -65.63 44.60
C GLY K 235 -35.17 -64.25 45.17
N ARG K 236 -34.19 -64.20 46.06
CA ARG K 236 -33.62 -62.95 46.60
C ARG K 236 -33.18 -62.04 45.46
N ALA K 237 -32.33 -62.58 44.59
CA ALA K 237 -31.77 -61.88 43.44
C ALA K 237 -32.82 -61.51 42.38
N ILE K 238 -33.85 -62.34 42.24
CA ILE K 238 -34.93 -62.09 41.30
C ILE K 238 -35.75 -60.88 41.75
N ALA K 239 -36.02 -60.81 43.05
CA ALA K 239 -36.87 -59.77 43.64
C ALA K 239 -36.33 -58.35 43.40
N ARG K 240 -35.05 -58.15 43.72
CA ARG K 240 -34.40 -56.85 43.56
C ARG K 240 -34.31 -56.43 42.10
N ALA K 241 -34.03 -57.39 41.22
CA ALA K 241 -34.02 -57.17 39.77
C ALA K 241 -35.38 -56.72 39.26
N VAL K 242 -36.44 -57.36 39.76
CA VAL K 242 -37.82 -57.05 39.35
C VAL K 242 -38.26 -55.71 39.95
N ARG K 243 -37.94 -55.49 41.23
CA ARG K 243 -38.25 -54.23 41.93
C ARG K 243 -37.66 -53.00 41.25
N CYS K 244 -36.44 -53.16 40.70
CA CYS K 244 -35.76 -52.11 39.94
C CYS K 244 -36.41 -51.84 38.58
N GLY K 245 -37.08 -52.85 38.03
CA GLY K 245 -37.89 -52.68 36.83
C GLY K 245 -37.44 -53.39 35.57
N VAL K 246 -36.78 -54.54 35.72
CA VAL K 246 -36.48 -55.39 34.55
C VAL K 246 -37.76 -56.07 34.06
N ARG K 247 -37.91 -56.16 32.73
CA ARG K 247 -39.14 -56.70 32.16
C ARG K 247 -39.16 -58.22 32.14
N THR K 248 -38.06 -58.84 31.74
CA THR K 248 -37.99 -60.31 31.74
C THR K 248 -36.82 -60.81 32.58
N ILE K 249 -37.01 -61.97 33.20
CA ILE K 249 -35.97 -62.65 33.96
C ILE K 249 -35.61 -63.95 33.25
N GLU K 250 -34.33 -64.13 32.97
CA GLU K 250 -33.86 -65.36 32.36
C GLU K 250 -33.56 -66.39 33.45
N HIS K 251 -33.76 -67.67 33.12
CA HIS K 251 -33.67 -68.82 34.05
C HIS K 251 -34.71 -68.78 35.18
N GLY K 252 -34.33 -68.29 36.35
CA GLY K 252 -35.23 -68.19 37.51
C GLY K 252 -35.43 -69.54 38.20
N ASN K 253 -34.37 -70.34 38.24
CA ASN K 253 -34.46 -71.72 38.72
C ASN K 253 -34.68 -71.91 40.23
N LEU K 254 -34.37 -70.89 41.02
CA LEU K 254 -34.52 -70.98 42.47
C LEU K 254 -35.47 -69.91 43.04
N VAL K 255 -36.65 -69.79 42.45
CA VAL K 255 -37.70 -68.90 42.98
C VAL K 255 -38.32 -69.43 44.27
N ASP K 256 -38.81 -68.49 45.08
CA ASP K 256 -39.78 -68.78 46.12
C ASP K 256 -41.11 -68.14 45.71
N GLU K 257 -42.20 -68.50 46.38
CA GLU K 257 -43.54 -68.04 45.97
C GLU K 257 -43.84 -66.56 46.30
N ALA K 258 -42.97 -65.93 47.09
CA ALA K 258 -43.07 -64.50 47.37
C ALA K 258 -42.56 -63.67 46.19
N ALA K 259 -41.48 -64.15 45.56
CA ALA K 259 -40.87 -63.50 44.40
C ALA K 259 -41.73 -63.64 43.13
N ALA K 260 -42.34 -64.82 42.97
CA ALA K 260 -43.25 -65.09 41.85
C ALA K 260 -44.54 -64.27 41.97
N LYS K 261 -44.96 -64.02 43.21
CA LYS K 261 -46.08 -63.12 43.52
C LYS K 261 -45.73 -61.70 43.10
N LEU K 262 -44.52 -61.27 43.50
CA LEU K 262 -43.98 -59.95 43.16
C LEU K 262 -43.82 -59.78 41.65
N MET K 263 -43.58 -60.89 40.96
CA MET K 263 -43.43 -60.87 39.51
C MET K 263 -44.73 -60.62 38.78
N HIS K 264 -45.77 -61.39 39.11
CA HIS K 264 -47.09 -61.20 38.49
C HIS K 264 -47.63 -59.80 38.75
N GLU K 265 -47.37 -59.29 39.96
CA GLU K 265 -47.83 -57.96 40.37
C GLU K 265 -47.19 -56.82 39.55
N HIS K 266 -45.92 -56.98 39.18
CA HIS K 266 -45.24 -55.99 38.35
C HIS K 266 -45.48 -56.22 36.86
N GLY K 267 -45.62 -57.48 36.47
CA GLY K 267 -45.82 -57.85 35.07
C GLY K 267 -44.60 -58.51 34.45
N ALA K 268 -43.73 -59.06 35.28
CA ALA K 268 -42.46 -59.65 34.85
C ALA K 268 -42.62 -61.03 34.21
N PHE K 269 -42.02 -61.20 33.03
CA PHE K 269 -41.99 -62.47 32.30
C PHE K 269 -40.79 -63.30 32.75
N VAL K 270 -40.92 -64.62 32.73
CA VAL K 270 -39.76 -65.50 32.95
C VAL K 270 -39.49 -66.33 31.70
N VAL K 271 -38.24 -66.40 31.30
CA VAL K 271 -37.80 -67.33 30.28
C VAL K 271 -36.92 -68.38 30.96
N PRO K 272 -37.51 -69.54 31.35
CA PRO K 272 -36.69 -70.63 31.89
C PRO K 272 -35.97 -71.35 30.77
N THR K 273 -34.85 -71.97 31.09
CA THR K 273 -34.01 -72.59 30.07
C THR K 273 -33.57 -73.99 30.51
N LEU K 274 -34.53 -74.90 30.64
CA LEU K 274 -34.29 -76.17 31.33
C LEU K 274 -33.47 -77.21 30.57
N VAL K 275 -33.57 -77.20 29.23
CA VAL K 275 -32.93 -78.20 28.38
C VAL K 275 -31.39 -78.15 28.44
N THR K 276 -30.82 -76.97 28.72
CA THR K 276 -29.37 -76.83 28.78
C THR K 276 -28.74 -77.40 30.05
N TYR K 277 -29.53 -77.49 31.12
CA TYR K 277 -29.05 -78.09 32.38
C TYR K 277 -29.04 -79.60 32.26
N ASP K 278 -29.97 -80.15 31.49
CA ASP K 278 -30.00 -81.57 31.16
C ASP K 278 -28.89 -81.94 30.17
N ALA K 279 -28.51 -80.97 29.34
CA ALA K 279 -27.40 -81.15 28.39
C ALA K 279 -26.06 -81.10 29.09
N LEU K 280 -25.94 -80.22 30.09
CA LEU K 280 -24.71 -80.10 30.89
C LEU K 280 -24.58 -81.18 31.96
N ALA K 281 -25.65 -81.96 32.15
CA ALA K 281 -25.61 -83.12 33.04
C ALA K 281 -24.83 -84.26 32.39
N LYS K 282 -25.24 -84.64 31.18
CA LYS K 282 -24.57 -85.73 30.45
C LYS K 282 -23.25 -85.31 29.81
N HIS K 283 -23.22 -84.10 29.24
CA HIS K 283 -22.05 -83.65 28.48
C HIS K 283 -21.43 -82.34 29.01
N GLY K 284 -21.24 -82.27 30.33
CA GLY K 284 -20.68 -81.08 30.98
C GLY K 284 -19.18 -80.94 30.81
N ALA K 285 -18.43 -81.76 31.58
CA ALA K 285 -16.97 -81.81 31.47
C ALA K 285 -16.52 -82.53 30.20
N GLU K 286 -17.48 -83.21 29.56
CA GLU K 286 -17.27 -83.96 28.33
C GLU K 286 -17.01 -83.05 27.12
N PHE K 287 -17.72 -81.92 27.04
CA PHE K 287 -17.56 -80.99 25.92
C PHE K 287 -16.63 -79.80 26.20
N GLY K 288 -15.58 -80.08 26.98
CA GLY K 288 -14.53 -79.12 27.25
C GLY K 288 -14.78 -78.11 28.34
N MET K 289 -15.97 -78.16 28.94
CA MET K 289 -16.32 -77.20 29.97
C MET K 289 -15.50 -77.35 31.23
N PRO K 290 -15.26 -76.22 31.88
CA PRO K 290 -14.45 -76.20 33.09
C PRO K 290 -15.11 -77.04 34.17
N PRO K 291 -14.29 -77.72 34.94
CA PRO K 291 -14.80 -78.66 35.93
C PRO K 291 -15.69 -78.05 36.99
N GLU K 292 -15.31 -76.91 37.54
CA GLU K 292 -16.14 -76.32 38.58
C GLU K 292 -17.48 -75.99 37.96
N SER K 293 -17.43 -75.54 36.72
CA SER K 293 -18.62 -75.17 35.97
C SER K 293 -19.60 -76.34 36.07
N VAL K 294 -19.05 -77.55 36.01
CA VAL K 294 -19.87 -78.75 36.07
C VAL K 294 -20.30 -79.02 37.52
N ALA K 295 -19.48 -78.55 38.47
CA ALA K 295 -19.74 -78.70 39.90
C ALA K 295 -20.93 -77.87 40.41
N LYS K 296 -21.33 -76.86 39.63
CA LYS K 296 -22.49 -76.02 39.98
C LYS K 296 -23.77 -76.37 39.21
N VAL K 297 -23.66 -77.24 38.21
CA VAL K 297 -24.80 -77.58 37.35
C VAL K 297 -25.67 -78.74 37.89
N ALA K 298 -25.16 -79.47 38.89
CA ALA K 298 -25.89 -80.57 39.51
C ALA K 298 -26.98 -80.09 40.50
N SER K 299 -27.14 -78.78 40.62
CA SER K 299 -28.03 -78.17 41.62
C SER K 299 -29.12 -77.26 41.06
N VAL K 300 -28.91 -76.72 39.86
CA VAL K 300 -29.87 -75.81 39.24
C VAL K 300 -31.06 -76.52 38.58
N GLN K 301 -30.82 -77.73 38.09
CA GLN K 301 -31.81 -78.53 37.36
C GLN K 301 -32.93 -79.07 38.24
N GLN K 302 -32.63 -79.26 39.52
CA GLN K 302 -33.53 -79.87 40.50
C GLN K 302 -34.81 -79.07 40.59
N LYS K 303 -34.69 -77.86 41.13
CA LYS K 303 -35.81 -76.95 41.35
C LYS K 303 -36.18 -76.21 40.07
N GLY K 304 -35.49 -76.54 38.98
CA GLY K 304 -35.73 -75.95 37.68
C GLY K 304 -37.06 -76.39 37.09
N ARG K 305 -37.37 -77.67 37.23
CA ARG K 305 -38.68 -78.20 36.83
C ARG K 305 -39.76 -77.73 37.80
N GLU K 306 -39.39 -77.60 39.07
CA GLU K 306 -40.32 -77.18 40.12
C GLU K 306 -40.70 -75.70 40.02
N SER K 307 -39.77 -74.90 39.50
CA SER K 307 -39.96 -73.46 39.31
C SER K 307 -41.10 -73.15 38.34
N LEU K 308 -41.24 -74.00 37.33
CA LEU K 308 -42.32 -73.93 36.34
C LEU K 308 -43.68 -73.93 37.01
N GLU K 309 -43.86 -74.81 37.98
CA GLU K 309 -45.10 -74.94 38.74
C GLU K 309 -45.34 -73.75 39.66
N ILE K 310 -44.26 -73.19 40.21
CA ILE K 310 -44.33 -71.99 41.05
C ILE K 310 -44.86 -70.79 40.25
N TYR K 311 -44.41 -70.70 39.00
CA TYR K 311 -44.87 -69.65 38.07
C TYR K 311 -46.31 -69.87 37.61
N ALA K 312 -46.68 -71.13 37.45
CA ALA K 312 -48.02 -71.49 37.00
C ALA K 312 -49.09 -71.02 37.97
N ASN K 313 -48.86 -71.28 39.26
CA ASN K 313 -49.83 -70.96 40.31
C ASN K 313 -49.91 -69.47 40.62
N ALA K 314 -48.78 -68.78 40.49
CA ALA K 314 -48.71 -67.35 40.77
C ALA K 314 -49.15 -66.49 39.59
N GLY K 315 -49.20 -67.08 38.40
CA GLY K 315 -49.59 -66.37 37.19
C GLY K 315 -48.47 -65.57 36.56
N VAL K 316 -47.29 -66.20 36.43
CA VAL K 316 -46.10 -65.58 35.84
C VAL K 316 -45.90 -66.15 34.42
N LYS K 317 -46.04 -65.29 33.42
CA LYS K 317 -45.96 -65.70 32.00
C LYS K 317 -44.60 -66.30 31.64
N MET K 318 -44.64 -67.46 30.99
CA MET K 318 -43.42 -68.21 30.67
C MET K 318 -43.10 -68.24 29.18
N GLY K 319 -41.93 -67.71 28.81
CA GLY K 319 -41.44 -67.76 27.44
C GLY K 319 -40.60 -69.01 27.21
N PHE K 320 -40.21 -69.23 25.96
CA PHE K 320 -39.41 -70.40 25.58
C PHE K 320 -37.92 -70.09 25.60
N GLY K 321 -37.13 -70.96 26.22
CA GLY K 321 -35.67 -70.76 26.30
C GLY K 321 -34.83 -72.01 26.21
N SER K 322 -33.88 -72.03 25.27
CA SER K 322 -32.97 -73.16 25.13
C SER K 322 -31.65 -72.92 25.87
N ASP K 323 -30.95 -71.84 25.51
CA ASP K 323 -29.66 -71.43 26.09
C ASP K 323 -28.57 -72.51 25.97
N LEU K 324 -28.54 -73.17 24.81
CA LEU K 324 -27.57 -74.23 24.57
C LEU K 324 -26.28 -73.68 23.98
N LEU K 325 -25.17 -74.30 24.31
CA LEU K 325 -23.84 -73.82 23.91
C LEU K 325 -23.06 -74.92 23.18
N GLY K 326 -22.43 -74.55 22.07
CA GLY K 326 -21.64 -75.47 21.28
C GLY K 326 -22.50 -76.48 20.55
N GLU K 327 -21.98 -77.69 20.39
CA GLU K 327 -22.69 -78.77 19.69
C GLU K 327 -23.94 -79.26 20.42
N MET K 328 -24.14 -78.76 21.63
CA MET K 328 -25.37 -78.96 22.39
C MET K 328 -26.56 -78.22 21.78
N HIS K 329 -26.29 -77.34 20.82
CA HIS K 329 -27.32 -76.62 20.05
C HIS K 329 -28.27 -77.54 19.29
N ALA K 330 -27.85 -78.81 19.10
CA ALA K 330 -28.66 -79.83 18.44
C ALA K 330 -29.94 -80.19 19.19
N PHE K 331 -29.94 -80.03 20.51
CA PHE K 331 -31.08 -80.42 21.36
C PHE K 331 -32.10 -79.31 21.61
N GLN K 332 -32.14 -78.30 20.74
CA GLN K 332 -32.96 -77.09 20.93
C GLN K 332 -34.45 -77.36 21.08
N SER K 333 -34.95 -78.33 20.32
CA SER K 333 -36.36 -78.69 20.33
C SER K 333 -36.79 -79.41 21.61
N GLY K 334 -35.82 -80.00 22.32
CA GLY K 334 -36.06 -80.76 23.56
C GLY K 334 -36.68 -80.03 24.73
N GLU K 335 -36.64 -78.69 24.70
CA GLU K 335 -37.26 -77.86 25.74
C GLU K 335 -38.79 -77.89 25.65
N PHE K 336 -39.33 -78.24 24.48
CA PHE K 336 -40.77 -78.48 24.31
C PHE K 336 -41.28 -79.69 25.10
N ARG K 337 -40.51 -80.77 25.09
CA ARG K 337 -40.89 -82.00 25.80
C ARG K 337 -40.93 -81.82 27.32
N ILE K 338 -39.91 -81.17 27.86
CA ILE K 338 -39.79 -80.90 29.31
C ILE K 338 -40.92 -80.00 29.81
N ARG K 339 -41.32 -79.04 28.98
CA ARG K 339 -42.42 -78.13 29.31
C ARG K 339 -43.81 -78.78 29.26
N ALA K 340 -44.01 -79.69 28.31
CA ALA K 340 -45.29 -80.42 28.19
C ALA K 340 -45.48 -81.41 29.33
N GLU K 341 -44.37 -81.97 29.79
CA GLU K 341 -44.37 -82.95 30.88
C GLU K 341 -44.76 -82.37 32.24
N VAL K 342 -44.60 -81.05 32.39
CA VAL K 342 -44.90 -80.37 33.65
C VAL K 342 -46.18 -79.55 33.53
N LEU K 343 -46.37 -78.87 32.40
CA LEU K 343 -47.49 -77.93 32.27
C LEU K 343 -48.49 -78.23 31.14
N GLY K 344 -48.31 -79.35 30.46
CA GLY K 344 -49.19 -79.69 29.35
C GLY K 344 -48.76 -79.00 28.07
N ASN K 345 -48.94 -79.67 26.94
CA ASN K 345 -48.43 -79.19 25.65
C ASN K 345 -49.05 -77.89 25.10
N LEU K 346 -50.28 -77.57 25.49
CA LEU K 346 -50.92 -76.31 25.09
C LEU K 346 -50.20 -75.12 25.73
N GLU K 347 -49.76 -75.32 26.97
CA GLU K 347 -48.95 -74.33 27.67
C GLU K 347 -47.55 -74.27 27.08
N ALA K 348 -47.02 -75.45 26.71
CA ALA K 348 -45.70 -75.56 26.08
C ALA K 348 -45.66 -74.93 24.69
N LEU K 349 -46.81 -74.91 24.02
CA LEU K 349 -46.93 -74.24 22.73
C LEU K 349 -47.08 -72.73 22.88
N ARG K 350 -47.60 -72.28 24.02
CA ARG K 350 -47.71 -70.85 24.32
C ARG K 350 -46.34 -70.21 24.58
N SER K 351 -45.43 -71.00 25.17
CA SER K 351 -44.05 -70.60 25.48
C SER K 351 -43.31 -69.96 24.31
N ALA K 352 -43.46 -70.57 23.13
CA ALA K 352 -42.76 -70.14 21.93
C ALA K 352 -43.62 -69.33 20.96
N THR K 353 -44.89 -69.11 21.32
CA THR K 353 -45.80 -68.40 20.42
C THR K 353 -46.37 -67.11 21.03
N THR K 354 -47.57 -67.22 21.59
CA THR K 354 -48.33 -66.06 22.07
C THR K 354 -47.66 -65.33 23.24
N VAL K 355 -46.97 -66.08 24.11
CA VAL K 355 -46.23 -65.49 25.22
C VAL K 355 -44.89 -64.90 24.72
N ALA K 356 -44.23 -65.63 23.82
CA ALA K 356 -42.94 -65.22 23.25
C ALA K 356 -43.00 -63.94 22.42
N ALA K 357 -44.09 -63.79 21.65
CA ALA K 357 -44.28 -62.62 20.78
C ALA K 357 -44.52 -61.35 21.57
N GLU K 358 -45.18 -61.49 22.73
CA GLU K 358 -45.44 -60.35 23.61
C GLU K 358 -44.14 -59.89 24.28
N ILE K 359 -43.25 -60.83 24.58
CA ILE K 359 -41.93 -60.55 25.17
C ILE K 359 -41.11 -59.65 24.26
N VAL K 360 -41.08 -59.96 22.96
CA VAL K 360 -40.29 -59.19 22.00
C VAL K 360 -41.02 -57.95 21.45
N ASN K 361 -42.16 -57.62 22.06
CA ASN K 361 -43.04 -56.53 21.62
C ASN K 361 -43.53 -56.65 20.17
N MET K 362 -43.87 -57.88 19.79
CA MET K 362 -44.41 -58.18 18.46
C MET K 362 -45.64 -59.07 18.60
N GLN K 363 -46.53 -58.68 19.51
CA GLN K 363 -47.77 -59.42 19.79
C GLN K 363 -48.73 -59.43 18.59
N GLY K 364 -48.85 -58.30 17.91
CA GLY K 364 -49.73 -58.17 16.76
C GLY K 364 -49.11 -58.64 15.46
N GLN K 365 -47.82 -58.93 15.48
CA GLN K 365 -47.06 -59.26 14.26
C GLN K 365 -46.65 -60.72 14.16
N LEU K 366 -46.07 -61.26 15.23
CA LEU K 366 -45.62 -62.66 15.30
C LEU K 366 -46.50 -63.46 16.25
N GLY K 367 -46.16 -64.75 16.41
CA GLY K 367 -46.74 -65.61 17.45
C GLY K 367 -48.17 -66.10 17.27
N VAL K 368 -48.88 -65.54 16.29
CA VAL K 368 -50.28 -65.86 16.05
C VAL K 368 -50.61 -65.75 14.55
N ILE K 369 -51.24 -66.79 14.01
CA ILE K 369 -51.81 -66.75 12.66
C ILE K 369 -53.08 -65.92 12.71
N ALA K 370 -53.02 -64.74 12.11
CA ALA K 370 -54.13 -63.79 12.11
C ALA K 370 -54.07 -62.96 10.84
N VAL K 371 -55.12 -62.17 10.61
CA VAL K 371 -55.16 -61.28 9.46
C VAL K 371 -54.27 -60.06 9.76
N GLY K 372 -53.28 -59.85 8.90
CA GLY K 372 -52.35 -58.72 9.05
C GLY K 372 -51.06 -59.06 9.75
N ALA K 373 -51.04 -60.21 10.44
CA ALA K 373 -49.85 -60.70 11.11
C ALA K 373 -48.79 -61.14 10.10
N ILE K 374 -47.52 -60.93 10.46
CA ILE K 374 -46.38 -61.28 9.62
C ILE K 374 -46.31 -62.81 9.44
N ALA K 375 -46.27 -63.24 8.18
CA ALA K 375 -46.29 -64.65 7.84
C ALA K 375 -44.99 -65.39 8.19
N ASP K 376 -44.86 -65.74 9.47
CA ASP K 376 -43.79 -66.62 9.94
C ASP K 376 -44.47 -67.93 10.33
N LEU K 377 -44.49 -68.87 9.40
CA LEU K 377 -45.32 -70.08 9.55
C LEU K 377 -44.51 -71.37 9.57
N VAL K 378 -45.03 -72.36 10.30
CA VAL K 378 -44.42 -73.69 10.36
C VAL K 378 -45.47 -74.77 10.03
N VAL K 379 -45.20 -75.53 8.98
CA VAL K 379 -46.04 -76.68 8.64
C VAL K 379 -45.49 -77.92 9.34
N LEU K 380 -46.34 -78.51 10.16
CA LEU K 380 -45.93 -79.62 11.03
C LEU K 380 -46.71 -80.87 10.66
N ASP K 381 -46.09 -82.02 10.86
CA ASP K 381 -46.73 -83.31 10.61
C ASP K 381 -47.12 -83.97 11.94
N GLY K 382 -48.42 -84.13 12.14
CA GLY K 382 -48.95 -84.64 13.40
C GLY K 382 -49.48 -83.50 14.27
N ASN K 383 -50.24 -83.87 15.30
CA ASN K 383 -50.82 -82.90 16.22
C ASN K 383 -49.89 -82.66 17.41
N PRO K 384 -49.47 -81.39 17.62
CA PRO K 384 -48.67 -81.03 18.79
C PRO K 384 -49.48 -81.00 20.10
N LEU K 385 -50.80 -80.92 19.97
CA LEU K 385 -51.71 -80.95 21.13
C LEU K 385 -51.79 -82.34 21.76
N GLU K 386 -51.59 -83.38 20.95
CA GLU K 386 -51.65 -84.77 21.43
C GLU K 386 -50.26 -85.35 21.61
N ASP K 387 -49.38 -85.09 20.64
CA ASP K 387 -48.02 -85.60 20.65
C ASP K 387 -47.02 -84.44 20.53
N ILE K 388 -46.34 -84.13 21.63
CA ILE K 388 -45.36 -83.04 21.67
C ILE K 388 -44.02 -83.44 21.02
N GLY K 389 -43.88 -84.73 20.72
CA GLY K 389 -42.73 -85.26 20.00
C GLY K 389 -42.63 -84.83 18.54
N VAL K 390 -43.74 -84.38 17.95
CA VAL K 390 -43.75 -83.88 16.57
C VAL K 390 -42.99 -82.56 16.41
N VAL K 391 -42.74 -81.89 17.54
CA VAL K 391 -41.92 -80.70 17.59
C VAL K 391 -40.57 -81.05 18.22
N ALA K 392 -40.59 -81.82 19.30
CA ALA K 392 -39.42 -82.03 20.14
C ALA K 392 -38.51 -83.20 19.75
N ASP K 393 -38.60 -83.65 18.50
CA ASP K 393 -37.73 -84.72 17.99
C ASP K 393 -36.66 -84.15 17.06
N GLU K 394 -36.12 -82.98 17.45
CA GLU K 394 -35.20 -82.15 16.64
C GLU K 394 -35.89 -81.62 15.37
N GLY K 395 -37.21 -81.46 15.43
CA GLY K 395 -38.01 -81.08 14.27
C GLY K 395 -38.01 -82.17 13.20
N ALA K 396 -38.29 -83.41 13.61
CA ALA K 396 -38.30 -84.55 12.70
C ALA K 396 -39.53 -84.55 11.79
N ARG K 397 -40.55 -83.80 12.18
CA ARG K 397 -41.79 -83.72 11.40
C ARG K 397 -42.15 -82.28 11.02
N VAL K 398 -41.18 -81.58 10.42
CA VAL K 398 -41.44 -80.29 9.79
C VAL K 398 -41.00 -80.33 8.33
N GLU K 399 -41.91 -79.97 7.42
CA GLU K 399 -41.64 -80.05 5.98
C GLU K 399 -41.72 -78.71 5.25
N TYR K 400 -42.37 -77.72 5.87
CA TYR K 400 -42.34 -76.36 5.34
C TYR K 400 -42.14 -75.34 6.46
N VAL K 401 -41.16 -74.46 6.29
CA VAL K 401 -40.99 -73.29 7.15
C VAL K 401 -41.11 -72.05 6.27
N LEU K 402 -42.07 -71.19 6.61
CA LEU K 402 -42.27 -69.93 5.91
C LEU K 402 -41.78 -68.79 6.80
N GLN K 403 -41.15 -67.80 6.18
CA GLN K 403 -40.59 -66.68 6.91
C GLN K 403 -40.81 -65.40 6.11
N ARG K 404 -41.54 -64.46 6.70
CA ARG K 404 -42.00 -63.24 6.04
C ARG K 404 -42.55 -63.52 4.65
N GLY K 405 -43.62 -64.32 4.61
CA GLY K 405 -44.21 -64.76 3.35
C GLY K 405 -43.47 -65.94 2.73
N THR K 406 -42.25 -65.67 2.27
CA THR K 406 -41.44 -66.64 1.50
C THR K 406 -41.11 -67.97 2.20
N LEU K 407 -41.19 -69.04 1.42
CA LEU K 407 -40.86 -70.40 1.85
C LEU K 407 -39.36 -70.57 1.95
N VAL K 408 -38.90 -71.13 3.07
CA VAL K 408 -37.47 -71.30 3.31
C VAL K 408 -37.04 -72.76 3.23
N LYS K 409 -37.61 -73.60 4.07
CA LYS K 409 -37.16 -74.99 4.18
C LYS K 409 -38.15 -76.00 3.61
N ARG K 410 -37.60 -77.05 3.01
CA ARG K 410 -38.38 -78.15 2.45
C ARG K 410 -37.72 -79.48 2.78
N GLN K 411 -38.42 -80.32 3.53
CA GLN K 411 -37.91 -81.65 3.89
C GLN K 411 -38.92 -82.74 3.55
N THR L 4 29.07 6.38 40.80
CA THR L 4 29.39 5.56 39.58
C THR L 4 30.80 4.94 39.63
N ILE L 5 31.68 5.51 40.46
CA ILE L 5 33.11 5.15 40.44
C ILE L 5 33.71 4.84 41.83
N THR L 6 34.43 3.72 41.92
CA THR L 6 35.09 3.25 43.15
C THR L 6 36.61 3.15 42.94
N VAL L 7 37.37 3.43 43.99
CA VAL L 7 38.82 3.27 43.99
C VAL L 7 39.30 2.35 45.11
N LEU L 8 40.09 1.34 44.74
CA LEU L 8 40.92 0.62 45.71
C LEU L 8 42.31 1.25 45.63
N GLN L 9 42.93 1.50 46.78
CA GLN L 9 44.25 2.14 46.81
C GLN L 9 45.30 1.43 47.66
N GLY L 10 46.38 1.03 47.00
CA GLY L 10 47.55 0.45 47.67
C GLY L 10 47.65 -1.06 47.66
N GLY L 11 46.92 -1.70 46.75
CA GLY L 11 46.86 -3.16 46.70
C GLY L 11 48.05 -3.85 46.08
N ASN L 12 48.26 -5.11 46.46
CA ASN L 12 49.27 -5.96 45.84
C ASN L 12 48.63 -6.80 44.73
N VAL L 13 48.26 -6.12 43.63
CA VAL L 13 47.50 -6.71 42.52
C VAL L 13 48.14 -7.98 41.95
N LEU L 14 47.44 -9.11 42.13
CA LEU L 14 47.98 -10.42 41.80
C LEU L 14 47.80 -10.72 40.31
N ASP L 15 48.84 -10.42 39.52
CA ASP L 15 48.89 -10.83 38.12
C ASP L 15 49.25 -12.31 38.08
N LEU L 16 48.31 -13.13 37.64
CA LEU L 16 48.43 -14.60 37.75
C LEU L 16 49.17 -15.29 36.60
N GLU L 17 49.08 -14.73 35.40
CA GLU L 17 49.79 -15.27 34.24
C GLU L 17 51.30 -15.01 34.30
N ARG L 18 51.69 -13.91 34.97
CA ARG L 18 53.09 -13.54 35.14
C ARG L 18 53.70 -14.12 36.42
N GLY L 19 52.84 -14.53 37.36
CA GLY L 19 53.27 -15.26 38.56
C GLY L 19 53.73 -14.44 39.76
N VAL L 20 53.55 -13.12 39.68
CA VAL L 20 54.07 -12.20 40.71
C VAL L 20 52.99 -11.34 41.38
N LEU L 21 53.32 -10.81 42.56
CA LEU L 21 52.53 -9.74 43.19
C LEU L 21 52.96 -8.39 42.63
N LEU L 22 52.00 -7.50 42.39
CA LEU L 22 52.30 -6.13 41.99
C LEU L 22 51.86 -5.13 43.06
N GLU L 23 52.79 -4.83 43.96
CA GLU L 23 52.54 -4.00 45.14
C GLU L 23 52.23 -2.54 44.82
N HIS L 24 51.40 -1.94 45.69
CA HIS L 24 50.97 -0.53 45.62
C HIS L 24 50.24 -0.13 44.32
N HIS L 25 49.65 -1.12 43.66
CA HIS L 25 48.88 -0.90 42.44
C HIS L 25 47.41 -0.69 42.77
N HIS L 26 46.88 0.43 42.29
CA HIS L 26 45.51 0.87 42.59
C HIS L 26 44.54 0.33 41.54
N VAL L 27 43.30 0.03 41.96
CA VAL L 27 42.28 -0.52 41.07
C VAL L 27 41.10 0.45 40.88
N VAL L 28 40.90 0.88 39.64
CA VAL L 28 39.82 1.82 39.30
C VAL L 28 38.60 1.06 38.77
N ILE L 29 37.43 1.34 39.35
CA ILE L 29 36.17 0.72 38.94
C ILE L 29 35.17 1.77 38.50
N ASP L 30 34.59 1.61 37.32
CA ASP L 30 33.44 2.42 36.91
C ASP L 30 32.31 1.51 36.44
N GLY L 31 31.17 1.62 37.12
CA GLY L 31 30.02 0.76 36.85
C GLY L 31 30.24 -0.64 37.38
N GLU L 32 30.51 -1.56 36.46
CA GLU L 32 30.67 -2.98 36.79
C GLU L 32 31.99 -3.58 36.28
N ARG L 33 32.87 -2.72 35.75
CA ARG L 33 34.14 -3.16 35.15
C ARG L 33 35.37 -2.38 35.63
N ILE L 34 36.55 -2.97 35.45
CA ILE L 34 37.84 -2.39 35.85
C ILE L 34 38.40 -1.48 34.75
N VAL L 35 38.67 -0.22 35.11
CA VAL L 35 39.12 0.80 34.14
C VAL L 35 40.65 0.89 34.05
N GLU L 36 41.33 1.01 35.19
CA GLU L 36 42.78 1.19 35.21
C GLU L 36 43.45 0.51 36.40
N VAL L 37 44.49 -0.28 36.10
CA VAL L 37 45.34 -0.87 37.14
C VAL L 37 46.72 -0.21 37.07
N THR L 38 46.88 0.86 37.85
CA THR L 38 48.09 1.68 37.82
C THR L 38 48.76 1.78 39.20
N ASP L 39 50.07 2.04 39.18
CA ASP L 39 50.83 2.32 40.41
C ASP L 39 51.18 3.81 40.55
N ARG L 40 50.56 4.63 39.70
CA ARG L 40 50.68 6.09 39.77
C ARG L 40 49.85 6.64 40.94
N PRO L 41 50.21 7.83 41.46
CA PRO L 41 49.36 8.55 42.43
C PRO L 41 47.92 8.67 41.93
N VAL L 42 46.99 8.16 42.74
CA VAL L 42 45.58 8.00 42.34
C VAL L 42 44.86 9.33 42.06
N ASP L 43 44.40 9.46 40.81
CA ASP L 43 43.68 10.64 40.36
C ASP L 43 42.17 10.44 40.57
N LEU L 44 41.70 10.67 41.80
CA LEU L 44 40.29 10.49 42.14
C LEU L 44 39.53 11.81 42.38
N PRO L 45 38.43 12.04 41.63
CA PRO L 45 37.57 13.22 41.84
C PRO L 45 36.24 12.92 42.56
N ASN L 46 35.32 12.24 41.87
CA ASN L 46 34.00 11.87 42.38
C ASN L 46 33.99 10.46 42.96
N ALA L 47 35.17 9.82 42.96
CA ALA L 47 35.34 8.42 43.33
C ALA L 47 35.26 8.15 44.83
N GLN L 48 34.63 7.03 45.18
CA GLN L 48 34.59 6.57 46.56
C GLN L 48 35.78 5.63 46.80
N ALA L 49 36.61 5.98 47.78
CA ALA L 49 37.82 5.21 48.04
C ALA L 49 37.63 4.22 49.18
N ILE L 50 38.25 3.06 49.04
CA ILE L 50 38.36 2.07 50.12
C ILE L 50 39.83 1.69 50.29
N ASP L 51 40.33 1.81 51.52
CA ASP L 51 41.76 1.69 51.81
C ASP L 51 42.26 0.24 51.80
N VAL L 52 43.09 -0.09 50.81
CA VAL L 52 43.62 -1.46 50.66
C VAL L 52 45.17 -1.47 50.63
N ARG L 53 45.79 -0.63 51.45
CA ARG L 53 47.26 -0.63 51.50
C ARG L 53 47.78 -1.84 52.29
N GLY L 54 48.72 -2.56 51.68
CA GLY L 54 49.30 -3.76 52.28
C GLY L 54 48.38 -4.98 52.30
N LYS L 55 47.52 -5.09 51.30
CA LYS L 55 46.62 -6.23 51.15
C LYS L 55 46.52 -6.70 49.70
N THR L 56 46.56 -8.02 49.51
CA THR L 56 46.51 -8.64 48.18
C THR L 56 45.14 -8.53 47.53
N VAL L 57 45.08 -7.78 46.43
CA VAL L 57 43.88 -7.71 45.59
C VAL L 57 44.01 -8.79 44.52
N MET L 58 42.94 -9.56 44.32
CA MET L 58 42.95 -10.63 43.32
C MET L 58 41.60 -10.72 42.58
N PRO L 59 41.52 -11.49 41.47
CA PRO L 59 40.19 -11.70 40.88
C PRO L 59 39.33 -12.66 41.70
N GLY L 60 38.02 -12.41 41.71
CA GLY L 60 37.05 -13.20 42.48
C GLY L 60 37.01 -14.64 42.03
N PHE L 61 36.98 -15.55 43.01
CA PHE L 61 37.09 -16.99 42.77
C PHE L 61 35.95 -17.57 41.94
N ILE L 62 36.26 -18.64 41.20
CA ILE L 62 35.28 -19.39 40.45
C ILE L 62 35.34 -20.88 40.83
N ASP L 63 34.21 -21.42 41.28
CA ASP L 63 34.10 -22.85 41.58
C ASP L 63 33.33 -23.53 40.45
N CYS L 64 34.02 -24.41 39.72
CA CYS L 64 33.47 -25.00 38.52
C CYS L 64 32.59 -26.23 38.76
N HIS L 65 32.48 -26.68 40.00
CA HIS L 65 31.69 -27.88 40.29
C HIS L 65 30.95 -27.84 41.63
N VAL L 66 29.82 -27.15 41.64
CA VAL L 66 29.03 -27.01 42.86
C VAL L 66 27.66 -27.66 42.76
N HIS L 67 27.06 -27.92 43.91
CA HIS L 67 25.67 -28.29 44.01
C HIS L 67 24.96 -27.37 45.01
N VAL L 68 24.76 -26.13 44.59
CA VAL L 68 24.05 -25.08 45.35
C VAL L 68 22.76 -25.62 46.02
N LEU L 69 22.05 -26.48 45.31
CA LEU L 69 20.81 -27.06 45.83
C LEU L 69 20.97 -28.33 46.70
N ALA L 70 22.20 -28.81 46.88
CA ALA L 70 22.43 -29.95 47.78
C ALA L 70 22.37 -29.50 49.24
N SER L 71 21.18 -29.64 49.83
CA SER L 71 20.94 -29.22 51.20
C SER L 71 21.38 -30.28 52.19
N ASN L 72 21.18 -31.55 51.85
CA ASN L 72 21.70 -32.64 52.66
C ASN L 72 22.45 -33.69 51.82
N ALA L 73 23.35 -34.41 52.48
CA ALA L 73 24.30 -35.33 51.84
C ALA L 73 23.65 -36.47 51.08
N ASN L 74 22.57 -37.01 51.63
CA ASN L 74 21.78 -38.02 50.93
C ASN L 74 20.95 -37.36 49.83
N LEU L 75 21.38 -37.54 48.59
CA LEU L 75 20.76 -36.89 47.42
C LEU L 75 19.38 -37.46 47.10
N GLY L 76 19.16 -38.72 47.49
CA GLY L 76 17.86 -39.38 47.37
C GLY L 76 16.77 -38.67 48.13
N VAL L 77 17.05 -38.29 49.37
CA VAL L 77 16.08 -37.56 50.19
C VAL L 77 16.15 -36.04 49.93
N ASN L 78 17.24 -35.59 49.30
CA ASN L 78 17.38 -34.20 48.89
C ASN L 78 16.48 -33.85 47.71
N ALA L 79 16.14 -34.86 46.93
CA ALA L 79 15.18 -34.70 45.84
C ALA L 79 13.75 -34.68 46.38
N THR L 80 13.47 -35.54 47.36
CA THR L 80 12.09 -35.79 47.83
C THR L 80 11.51 -34.72 48.75
N GLN L 81 12.35 -33.80 49.23
CA GLN L 81 11.88 -32.66 50.01
C GLN L 81 11.04 -31.73 49.13
N PRO L 82 10.05 -31.03 49.71
CA PRO L 82 9.20 -30.10 48.95
C PRO L 82 9.96 -29.03 48.19
N ASN L 83 9.33 -28.52 47.13
CA ASN L 83 9.91 -27.52 46.22
C ASN L 83 10.46 -26.29 46.92
N ILE L 84 9.62 -25.64 47.72
CA ILE L 84 9.99 -24.41 48.38
C ILE L 84 11.05 -24.63 49.48
N LEU L 85 10.90 -25.70 50.27
CA LEU L 85 11.89 -26.07 51.30
C LEU L 85 13.30 -26.33 50.76
N ALA L 86 13.37 -26.90 49.56
CA ALA L 86 14.64 -27.11 48.86
C ALA L 86 15.28 -25.78 48.44
N ALA L 87 14.46 -24.83 48.00
CA ALA L 87 14.92 -23.52 47.54
C ALA L 87 15.38 -22.58 48.65
N ILE L 88 14.68 -22.63 49.79
CA ILE L 88 15.00 -21.79 50.95
C ILE L 88 16.34 -22.20 51.54
N ARG L 89 16.58 -23.52 51.58
CA ARG L 89 17.81 -24.08 52.13
C ARG L 89 19.09 -23.74 51.35
N SER L 90 18.96 -23.37 50.09
CA SER L 90 20.11 -23.00 49.25
C SER L 90 20.60 -21.56 49.45
N LEU L 91 19.89 -20.79 50.27
CA LEU L 91 20.25 -19.40 50.52
C LEU L 91 21.29 -19.18 51.63
N PRO L 92 21.29 -20.02 52.71
CA PRO L 92 22.49 -20.05 53.56
C PRO L 92 23.76 -20.49 52.81
N ILE L 93 23.62 -21.42 51.88
CA ILE L 93 24.75 -21.99 51.14
C ILE L 93 25.37 -20.98 50.16
N LEU L 94 24.54 -20.31 49.37
CA LEU L 94 24.98 -19.27 48.42
C LEU L 94 25.65 -18.11 49.13
N ASP L 95 25.11 -17.76 50.30
CA ASP L 95 25.69 -16.74 51.17
C ASP L 95 27.07 -17.17 51.70
N ALA L 96 27.23 -18.46 51.95
CA ALA L 96 28.47 -19.02 52.48
C ALA L 96 29.57 -19.13 51.42
N MET L 97 29.16 -19.23 50.16
CA MET L 97 30.11 -19.30 49.05
C MET L 97 30.69 -17.92 48.74
N LEU L 98 29.86 -16.89 48.89
CA LEU L 98 30.27 -15.51 48.63
C LEU L 98 31.21 -14.97 49.72
N SER L 99 31.04 -15.46 50.95
CA SER L 99 31.95 -15.12 52.06
C SER L 99 33.27 -15.92 52.02
N ARG L 100 33.33 -16.93 51.15
CA ARG L 100 34.57 -17.64 50.88
C ARG L 100 35.23 -17.12 49.61
N GLY L 101 34.77 -15.97 49.13
CA GLY L 101 35.40 -15.26 48.04
C GLY L 101 35.00 -15.68 46.63
N PHE L 102 34.03 -16.59 46.54
CA PHE L 102 33.55 -17.04 45.25
C PHE L 102 32.48 -16.09 44.72
N THR L 103 32.76 -15.52 43.54
CA THR L 103 31.85 -14.56 42.91
C THR L 103 31.13 -15.16 41.70
N SER L 104 31.65 -16.29 41.21
CA SER L 104 31.02 -17.04 40.13
C SER L 104 31.06 -18.54 40.39
N VAL L 105 29.94 -19.22 40.14
CA VAL L 105 29.87 -20.68 40.26
C VAL L 105 29.27 -21.32 39.00
N ARG L 106 29.70 -22.54 38.72
CA ARG L 106 29.10 -23.35 37.67
C ARG L 106 28.39 -24.51 38.34
N ASP L 107 27.05 -24.48 38.33
CA ASP L 107 26.25 -25.49 39.01
C ASP L 107 26.21 -26.78 38.20
N ALA L 108 26.56 -27.88 38.85
CA ALA L 108 26.72 -29.16 38.18
C ALA L 108 25.42 -29.97 38.12
N GLY L 109 24.35 -29.45 38.71
CA GLY L 109 23.06 -30.11 38.67
C GLY L 109 22.11 -29.64 39.75
N GLY L 110 20.87 -29.41 39.37
CA GLY L 110 19.85 -28.97 40.31
C GLY L 110 19.42 -27.53 40.11
N ALA L 111 20.35 -26.60 40.24
CA ALA L 111 20.03 -25.17 40.21
C ALA L 111 19.77 -24.67 38.81
N ASP L 112 18.71 -23.86 38.67
CA ASP L 112 18.22 -23.44 37.37
C ASP L 112 18.52 -21.97 37.04
N TRP L 113 17.87 -21.48 36.00
CA TRP L 113 17.96 -20.10 35.53
C TRP L 113 17.32 -19.11 36.50
N SER L 114 16.42 -19.61 37.35
CA SER L 114 15.72 -18.77 38.32
C SER L 114 16.64 -18.36 39.47
N LEU L 115 17.53 -19.26 39.87
CA LEU L 115 18.54 -18.93 40.89
C LEU L 115 19.61 -18.01 40.32
N MET L 116 19.85 -18.11 39.01
CA MET L 116 20.71 -17.19 38.28
C MET L 116 20.07 -15.79 38.24
N GLN L 117 18.73 -15.76 38.20
CA GLN L 117 17.97 -14.52 38.19
C GLN L 117 18.00 -13.78 39.52
N ALA L 118 17.90 -14.52 40.63
CA ALA L 118 17.87 -13.94 41.97
C ALA L 118 19.20 -13.28 42.35
N VAL L 119 20.31 -13.91 41.96
CA VAL L 119 21.63 -13.39 42.27
C VAL L 119 22.05 -12.21 41.37
N GLU L 120 21.51 -12.16 40.15
CA GLU L 120 21.88 -11.10 39.22
C GLU L 120 20.92 -9.92 39.24
N THR L 121 19.87 -10.03 40.06
CA THR L 121 18.97 -8.90 40.28
C THR L 121 18.94 -8.52 41.78
N GLY L 122 19.72 -9.26 42.57
CA GLY L 122 19.92 -8.94 43.98
C GLY L 122 18.70 -9.20 44.82
N LEU L 123 17.90 -10.16 44.39
CA LEU L 123 16.75 -10.61 45.18
C LEU L 123 17.25 -11.57 46.26
N VAL L 124 18.44 -12.13 46.02
CA VAL L 124 19.12 -13.04 46.93
C VAL L 124 20.64 -12.91 46.75
N SER L 125 21.36 -13.05 47.86
CA SER L 125 22.81 -12.91 47.86
C SER L 125 23.54 -14.23 47.59
N GLY L 126 24.61 -14.13 46.82
CA GLY L 126 25.43 -15.29 46.45
C GLY L 126 26.29 -14.97 45.24
N PRO L 127 27.07 -15.96 44.76
CA PRO L 127 27.80 -15.85 43.50
C PRO L 127 26.86 -15.86 42.29
N ARG L 128 27.33 -15.35 41.15
CA ARG L 128 26.61 -15.47 39.88
C ARG L 128 26.68 -16.93 39.43
N ILE L 129 25.53 -17.48 39.03
CA ILE L 129 25.43 -18.91 38.75
C ILE L 129 25.43 -19.22 37.24
N PHE L 130 26.17 -20.27 36.87
CA PHE L 130 26.17 -20.82 35.52
C PHE L 130 25.53 -22.21 35.56
N PRO L 131 24.20 -22.27 35.35
CA PRO L 131 23.40 -23.47 35.61
C PRO L 131 23.51 -24.56 34.56
N SER L 132 23.44 -25.81 34.99
CA SER L 132 23.37 -26.96 34.09
C SER L 132 21.93 -27.39 33.87
N GLY L 133 21.06 -26.94 34.77
CA GLY L 133 19.66 -27.36 34.79
C GLY L 133 19.60 -28.59 35.67
N LYS L 134 19.25 -29.72 35.07
CA LYS L 134 19.38 -31.01 35.72
C LYS L 134 20.46 -31.78 34.97
N ALA L 135 21.19 -32.63 35.70
CA ALA L 135 22.17 -33.51 35.06
C ALA L 135 21.43 -34.56 34.23
N LEU L 136 22.00 -34.95 33.11
CA LEU L 136 21.34 -35.97 32.28
C LEU L 136 21.87 -37.34 32.63
N SER L 137 20.97 -38.22 33.07
CA SER L 137 21.34 -39.56 33.49
C SER L 137 20.54 -40.63 32.75
N GLN L 138 21.18 -41.77 32.49
CA GLN L 138 20.47 -42.92 31.94
C GLN L 138 19.69 -43.64 33.05
N THR L 139 18.81 -44.56 32.67
CA THR L 139 18.05 -45.37 33.64
C THR L 139 19.01 -46.29 34.37
N GLY L 140 18.97 -46.24 35.70
CA GLY L 140 19.90 -46.97 36.56
C GLY L 140 21.24 -46.27 36.66
N GLY L 141 21.32 -45.09 36.05
CA GLY L 141 22.55 -44.32 36.01
C GLY L 141 22.87 -43.56 37.28
N HIS L 142 23.79 -42.61 37.17
CA HIS L 142 24.33 -41.90 38.33
C HIS L 142 23.35 -40.87 38.93
N GLY L 143 22.33 -40.50 38.17
CA GLY L 143 21.28 -39.60 38.68
C GLY L 143 19.99 -40.30 39.06
N ASP L 144 19.91 -41.59 38.79
CA ASP L 144 18.78 -42.42 39.19
C ASP L 144 19.01 -42.84 40.64
N PHE L 145 18.17 -42.32 41.53
CA PHE L 145 18.29 -42.59 42.98
C PHE L 145 17.26 -43.60 43.48
N ARG L 146 16.67 -44.33 42.54
CA ARG L 146 15.62 -45.29 42.86
C ARG L 146 16.15 -46.61 43.43
N PRO L 147 15.39 -47.25 44.33
CA PRO L 147 15.83 -48.50 44.94
C PRO L 147 15.74 -49.71 44.00
N ARG L 148 16.22 -50.86 44.47
CA ARG L 148 16.25 -52.09 43.69
C ARG L 148 14.91 -52.85 43.72
N GLY L 149 13.86 -52.18 44.23
CA GLY L 149 12.52 -52.76 44.32
C GLY L 149 11.77 -52.79 42.99
N ASP L 150 11.22 -51.64 42.60
CA ASP L 150 10.44 -51.51 41.34
C ASP L 150 10.60 -50.13 40.69
N LEU L 151 10.35 -50.09 39.38
CA LEU L 151 10.47 -48.85 38.61
C LEU L 151 9.19 -48.42 37.90
N LEU L 152 8.53 -47.41 38.45
CA LEU L 152 7.51 -46.69 37.70
C LEU L 152 8.06 -45.31 37.37
N GLU L 153 7.61 -44.76 36.24
CA GLU L 153 8.20 -43.55 35.66
C GLU L 153 8.02 -42.32 36.55
N PRO L 154 9.16 -41.71 36.97
CA PRO L 154 9.08 -40.47 37.73
C PRO L 154 9.02 -39.28 36.78
N CYS L 155 7.80 -38.79 36.51
CA CYS L 155 7.59 -37.61 35.66
C CYS L 155 8.04 -36.34 36.39
N SER L 156 8.13 -36.44 37.72
CA SER L 156 8.61 -35.37 38.58
C SER L 156 10.15 -35.31 38.67
N CYS L 157 10.84 -35.97 37.73
CA CYS L 157 12.30 -35.85 37.62
C CYS L 157 12.72 -34.41 37.32
N CYS L 158 11.85 -33.68 36.63
CA CYS L 158 12.02 -32.24 36.40
C CYS L 158 11.25 -31.40 37.41
N PHE L 159 10.11 -31.92 37.88
CA PHE L 159 9.17 -31.11 38.67
C PHE L 159 9.63 -30.90 40.12
N ARG L 160 10.47 -31.79 40.64
CA ARG L 160 11.10 -31.60 41.96
C ARG L 160 12.35 -30.73 41.80
N THR L 161 12.38 -29.60 42.51
CA THR L 161 13.49 -28.66 42.42
C THR L 161 14.71 -29.16 43.19
N GLY L 162 14.45 -29.98 44.20
CA GLY L 162 15.52 -30.60 44.99
C GLY L 162 16.26 -31.69 44.25
N ALA L 163 15.74 -32.11 43.09
CA ALA L 163 16.40 -33.11 42.26
C ALA L 163 17.60 -32.51 41.52
N ILE L 164 18.67 -33.30 41.45
CA ILE L 164 19.95 -32.86 40.90
C ILE L 164 20.03 -33.21 39.42
N ALA L 165 19.47 -34.37 39.09
CA ALA L 165 19.52 -34.90 37.74
C ALA L 165 18.13 -35.16 37.16
N ARG L 166 18.09 -35.83 36.01
CA ARG L 166 16.86 -36.34 35.40
C ARG L 166 17.15 -37.58 34.59
N VAL L 167 16.19 -38.50 34.57
CA VAL L 167 16.38 -39.79 33.90
C VAL L 167 15.82 -39.77 32.46
N VAL L 168 16.73 -39.64 31.49
CA VAL L 168 16.39 -39.65 30.06
C VAL L 168 17.23 -40.66 29.29
N ASP L 169 16.55 -41.49 28.51
CA ASP L 169 17.20 -42.54 27.71
C ASP L 169 16.86 -42.40 26.25
N GLY L 170 17.68 -43.01 25.40
CA GLY L 170 17.45 -42.97 23.96
C GLY L 170 17.99 -41.72 23.31
N VAL L 171 18.46 -41.86 22.08
CA VAL L 171 19.09 -40.79 21.31
C VAL L 171 18.11 -39.67 21.00
N GLU L 172 16.86 -40.03 20.70
CA GLU L 172 15.82 -39.02 20.46
C GLU L 172 15.31 -38.40 21.75
N GLY L 173 15.35 -39.18 22.84
CA GLY L 173 14.94 -38.71 24.15
C GLY L 173 15.88 -37.69 24.76
N VAL L 174 17.18 -37.93 24.64
CA VAL L 174 18.19 -37.03 25.21
C VAL L 174 18.38 -35.78 24.36
N ARG L 175 18.11 -35.88 23.06
CA ARG L 175 18.13 -34.75 22.14
C ARG L 175 17.13 -33.69 22.59
N LEU L 176 15.91 -34.15 22.90
CA LEU L 176 14.86 -33.32 23.47
C LEU L 176 15.24 -32.76 24.84
N ALA L 177 15.88 -33.57 25.67
CA ALA L 177 16.27 -33.17 27.02
C ALA L 177 17.22 -31.98 27.03
N VAL L 178 18.19 -31.99 26.13
CA VAL L 178 19.15 -30.89 25.98
C VAL L 178 18.44 -29.61 25.55
N ARG L 179 17.53 -29.74 24.58
CA ARG L 179 16.73 -28.60 24.09
C ARG L 179 15.81 -28.03 25.16
N GLU L 180 15.26 -28.93 25.98
CA GLU L 180 14.42 -28.55 27.11
C GLU L 180 15.21 -27.73 28.10
N GLU L 181 16.40 -28.20 28.45
CA GLU L 181 17.22 -27.56 29.46
C GLU L 181 17.81 -26.23 29.00
N ILE L 182 18.05 -26.10 27.70
CA ILE L 182 18.61 -24.87 27.14
C ILE L 182 17.57 -23.74 27.10
N GLN L 183 16.33 -24.08 26.77
CA GLN L 183 15.24 -23.11 26.79
C GLN L 183 14.75 -22.82 28.22
N LYS L 184 14.98 -23.77 29.13
CA LYS L 184 14.74 -23.57 30.56
C LYS L 184 15.68 -22.52 31.11
N GLY L 185 16.89 -22.46 30.56
CA GLY L 185 17.80 -21.33 30.79
C GLY L 185 19.22 -21.68 31.19
N ALA L 186 19.62 -22.94 30.97
CA ALA L 186 20.96 -23.39 31.29
C ALA L 186 21.99 -22.77 30.34
N THR L 187 23.19 -22.53 30.86
CA THR L 187 24.29 -22.00 30.05
C THR L 187 25.22 -23.11 29.57
N GLN L 188 25.16 -24.27 30.22
CA GLN L 188 25.85 -25.49 29.76
C GLN L 188 25.05 -26.76 30.14
N ILE L 189 25.49 -27.93 29.68
CA ILE L 189 24.75 -29.18 29.86
C ILE L 189 25.61 -30.23 30.58
N ILE L 191 26.12 -34.28 31.90
CA ILE L 191 25.75 -35.70 31.75
C ILE L 191 26.45 -36.62 32.75
N MET L 192 25.91 -37.83 32.91
CA MET L 192 26.47 -38.85 33.79
C MET L 192 27.11 -39.95 32.95
N ALA L 193 28.34 -39.72 32.51
CA ALA L 193 29.03 -40.61 31.58
C ALA L 193 29.60 -41.91 32.20
N SER L 194 29.71 -41.94 33.53
CA SER L 194 30.19 -43.14 34.21
C SER L 194 29.39 -43.42 35.48
N GLY L 195 29.65 -44.57 36.09
CA GLY L 195 29.09 -44.88 37.40
C GLY L 195 29.74 -44.01 38.46
N GLY L 196 28.98 -43.68 39.50
CA GLY L 196 29.49 -42.80 40.55
C GLY L 196 29.39 -43.37 41.96
N VAL L 197 29.37 -42.46 42.94
CA VAL L 197 29.39 -42.81 44.36
C VAL L 197 28.02 -42.60 45.03
N ALA L 198 27.40 -41.45 44.76
CA ALA L 198 26.14 -41.04 45.41
C ALA L 198 24.93 -41.91 45.07
N SER L 199 24.91 -42.42 43.84
CA SER L 199 23.82 -43.27 43.37
C SER L 199 23.92 -44.69 43.93
N PRO L 200 22.78 -45.28 44.33
CA PRO L 200 22.80 -46.57 45.05
C PRO L 200 23.09 -47.80 44.19
N THR L 201 22.77 -47.74 42.90
CA THR L 201 22.76 -48.92 42.04
C THR L 201 24.09 -49.23 41.34
N ASP L 202 24.72 -48.19 40.77
CA ASP L 202 25.86 -48.36 39.87
C ASP L 202 27.25 -48.39 40.53
N PRO L 203 28.05 -49.44 40.21
CA PRO L 203 29.48 -49.46 40.47
C PRO L 203 30.22 -48.36 39.71
N ILE L 204 31.36 -47.94 40.24
CA ILE L 204 32.19 -46.89 39.66
C ILE L 204 32.77 -47.26 38.27
N ALA L 205 33.09 -48.55 38.10
CA ALA L 205 33.81 -49.07 36.94
C ALA L 205 33.07 -48.96 35.60
N ASN L 206 31.77 -49.22 35.61
CA ASN L 206 30.98 -49.25 34.36
C ASN L 206 30.60 -47.88 33.77
N THR L 207 30.75 -47.78 32.45
CA THR L 207 30.35 -46.60 31.68
C THR L 207 28.83 -46.52 31.55
N GLN L 208 28.31 -45.31 31.46
CA GLN L 208 26.89 -45.07 31.24
C GLN L 208 26.70 -44.29 29.95
N TYR L 209 25.51 -44.42 29.36
CA TYR L 209 25.16 -43.85 28.04
C TYR L 209 25.88 -44.52 26.86
N SER L 210 25.23 -44.53 25.70
CA SER L 210 25.86 -45.04 24.48
C SER L 210 26.61 -43.91 23.80
N GLU L 211 27.51 -44.30 22.89
CA GLU L 211 28.28 -43.33 22.10
C GLU L 211 27.38 -42.52 21.16
N ASP L 212 26.28 -43.14 20.73
CA ASP L 212 25.25 -42.47 19.94
C ASP L 212 24.51 -41.42 20.76
N GLU L 213 24.21 -41.76 22.01
CA GLU L 213 23.54 -40.85 22.94
C GLU L 213 24.37 -39.61 23.27
N ILE L 214 25.64 -39.81 23.65
CA ILE L 214 26.54 -38.73 24.06
C ILE L 214 26.80 -37.74 22.93
N ARG L 215 26.99 -38.26 21.72
CA ARG L 215 27.26 -37.43 20.54
C ARG L 215 26.11 -36.49 20.17
N ALA L 216 24.88 -36.96 20.34
CA ALA L 216 23.68 -36.16 20.11
C ALA L 216 23.59 -35.00 21.11
N ILE L 217 23.85 -35.32 22.38
CA ILE L 217 23.90 -34.33 23.47
C ILE L 217 24.94 -33.24 23.17
N VAL L 218 26.15 -33.67 22.82
CA VAL L 218 27.25 -32.80 22.39
C VAL L 218 26.82 -31.90 21.22
N ASP L 219 26.21 -32.50 20.21
CA ASP L 219 25.76 -31.79 19.01
C ASP L 219 24.70 -30.74 19.32
N GLU L 220 23.80 -31.08 20.24
CA GLU L 220 22.73 -30.19 20.64
C GLU L 220 23.24 -29.01 21.44
N ALA L 221 24.24 -29.26 22.28
CA ALA L 221 24.91 -28.22 23.06
C ALA L 221 25.53 -27.17 22.13
N GLU L 222 26.34 -27.64 21.17
CA GLU L 222 27.01 -26.78 20.21
C GLU L 222 26.06 -26.05 19.29
N ALA L 223 24.87 -26.63 19.08
CA ALA L 223 23.79 -26.00 18.32
C ALA L 223 23.18 -24.80 19.06
N ALA L 224 23.48 -24.66 20.35
CA ALA L 224 23.09 -23.49 21.11
C ALA L 224 24.32 -22.67 21.48
N ASN L 225 25.44 -22.96 20.80
CA ASN L 225 26.76 -22.37 21.07
C ASN L 225 27.20 -22.49 22.54
N THR L 226 27.22 -23.72 23.02
CA THR L 226 27.78 -24.04 24.35
C THR L 226 28.39 -25.46 24.33
N TYR L 227 28.53 -26.08 25.49
CA TYR L 227 29.32 -27.30 25.62
C TYR L 227 28.71 -28.30 26.62
N VAL L 228 29.37 -29.44 26.76
CA VAL L 228 28.93 -30.50 27.68
C VAL L 228 29.97 -30.73 28.77
N MET L 229 29.53 -30.71 30.03
CA MET L 229 30.32 -31.25 31.13
C MET L 229 29.88 -32.69 31.44
N ALA L 230 30.84 -33.53 31.82
CA ALA L 230 30.57 -34.96 31.97
C ALA L 230 31.17 -35.53 33.25
N HIS L 231 30.35 -36.22 34.03
CA HIS L 231 30.81 -36.98 35.18
C HIS L 231 31.58 -38.21 34.69
N ALA L 232 32.87 -38.28 35.02
CA ALA L 232 33.72 -39.41 34.61
C ALA L 232 34.73 -39.84 35.67
N TYR L 233 34.92 -41.15 35.81
CA TYR L 233 35.86 -41.69 36.79
C TYR L 233 36.98 -42.49 36.17
N THR L 234 36.65 -43.67 35.63
CA THR L 234 37.63 -44.55 35.00
C THR L 234 38.14 -43.95 33.67
N GLY L 235 39.40 -44.24 33.35
CA GLY L 235 40.05 -43.69 32.15
C GLY L 235 39.39 -44.15 30.87
N ARG L 236 38.84 -45.37 30.91
CA ARG L 236 38.02 -45.93 29.83
C ARG L 236 36.80 -45.05 29.57
N ALA L 237 36.10 -44.68 30.64
CA ALA L 237 34.92 -43.80 30.56
C ALA L 237 35.26 -42.37 30.13
N ILE L 238 36.48 -41.95 30.44
CA ILE L 238 36.98 -40.63 30.07
C ILE L 238 37.26 -40.57 28.57
N ALA L 239 37.92 -41.60 28.06
CA ALA L 239 38.35 -41.68 26.65
C ALA L 239 37.20 -41.62 25.65
N ARG L 240 36.15 -42.40 25.91
CA ARG L 240 34.95 -42.40 25.07
C ARG L 240 34.23 -41.05 25.10
N ALA L 241 34.19 -40.43 26.27
CA ALA L 241 33.52 -39.15 26.46
C ALA L 241 34.19 -38.03 25.67
N VAL L 242 35.52 -38.04 25.67
CA VAL L 242 36.33 -37.03 24.98
C VAL L 242 36.32 -37.26 23.46
N ARG L 243 36.32 -38.54 23.05
CA ARG L 243 36.19 -38.88 21.63
C ARG L 243 34.80 -38.64 21.06
N CYS L 244 33.79 -38.59 21.94
CA CYS L 244 32.44 -38.17 21.54
C CYS L 244 32.30 -36.66 21.50
N GLY L 245 33.16 -35.96 22.25
CA GLY L 245 33.29 -34.52 22.10
C GLY L 245 32.81 -33.65 23.27
N VAL L 246 32.88 -34.19 24.49
CA VAL L 246 32.58 -33.38 25.67
C VAL L 246 33.74 -32.42 25.92
N ARG L 247 33.45 -31.23 26.44
CA ARG L 247 34.50 -30.22 26.64
C ARG L 247 35.23 -30.35 27.98
N THR L 248 34.49 -30.48 29.08
CA THR L 248 35.10 -30.59 30.41
C THR L 248 34.75 -31.92 31.08
N ILE L 249 35.77 -32.63 31.54
CA ILE L 249 35.56 -33.86 32.30
C ILE L 249 35.54 -33.51 33.78
N GLU L 250 34.44 -33.82 34.44
CA GLU L 250 34.34 -33.65 35.87
C GLU L 250 34.97 -34.86 36.54
N HIS L 251 35.51 -34.64 37.74
CA HIS L 251 36.25 -35.64 38.53
C HIS L 251 37.48 -36.14 37.76
N GLY L 252 37.45 -37.40 37.35
CA GLY L 252 38.55 -38.02 36.62
C GLY L 252 39.58 -38.64 37.55
N ASN L 253 39.07 -39.34 38.57
CA ASN L 253 39.90 -39.88 39.64
C ASN L 253 40.79 -41.05 39.25
N LEU L 254 40.35 -41.85 38.27
CA LEU L 254 41.15 -43.00 37.82
C LEU L 254 41.65 -42.83 36.39
N VAL L 255 42.58 -41.90 36.19
CA VAL L 255 43.19 -41.71 34.87
C VAL L 255 44.47 -42.50 34.68
N ASP L 256 44.64 -43.00 33.45
CA ASP L 256 45.94 -43.37 32.92
C ASP L 256 46.40 -42.21 32.04
N GLU L 257 47.65 -42.24 31.61
CA GLU L 257 48.24 -41.13 30.85
C GLU L 257 47.77 -41.04 29.39
N ALA L 258 47.33 -42.17 28.84
CA ALA L 258 46.80 -42.24 27.47
C ALA L 258 45.53 -41.42 27.31
N ALA L 259 44.61 -41.57 28.27
CA ALA L 259 43.37 -40.80 28.32
C ALA L 259 43.65 -39.32 28.62
N ALA L 260 44.70 -39.08 29.40
CA ALA L 260 45.16 -37.72 29.68
C ALA L 260 45.77 -37.07 28.44
N LYS L 261 46.51 -37.86 27.66
CA LYS L 261 47.15 -37.40 26.42
C LYS L 261 46.09 -37.00 25.38
N LEU L 262 45.07 -37.85 25.26
CA LEU L 262 43.95 -37.64 24.33
C LEU L 262 43.16 -36.38 24.67
N MET L 263 43.02 -36.12 25.97
CA MET L 263 42.37 -34.91 26.46
C MET L 263 43.16 -33.65 26.13
N HIS L 264 44.49 -33.74 26.19
CA HIS L 264 45.38 -32.63 25.86
C HIS L 264 45.26 -32.23 24.38
N GLU L 265 45.19 -33.25 23.52
CA GLU L 265 45.05 -33.04 22.08
C GLU L 265 43.72 -32.39 21.71
N HIS L 266 42.63 -32.93 22.26
CA HIS L 266 41.28 -32.44 21.97
C HIS L 266 40.96 -31.10 22.64
N GLY L 267 41.84 -30.65 23.53
CA GLY L 267 41.62 -29.41 24.28
C GLY L 267 40.58 -29.61 25.38
N ALA L 268 40.53 -30.84 25.90
CA ALA L 268 39.54 -31.23 26.89
C ALA L 268 39.98 -30.88 28.32
N PHE L 269 39.19 -30.04 28.98
CA PHE L 269 39.46 -29.61 30.35
C PHE L 269 39.16 -30.69 31.38
N VAL L 270 39.68 -30.51 32.59
CA VAL L 270 39.40 -31.39 33.72
C VAL L 270 39.04 -30.52 34.94
N VAL L 271 37.99 -30.91 35.66
CA VAL L 271 37.69 -30.30 36.95
C VAL L 271 37.66 -31.40 38.03
N PRO L 272 38.79 -31.58 38.74
CA PRO L 272 38.85 -32.53 39.86
C PRO L 272 38.14 -31.97 41.10
N THR L 273 37.63 -32.86 41.94
CA THR L 273 36.79 -32.46 43.08
C THR L 273 37.21 -33.13 44.39
N LEU L 274 38.49 -33.06 44.70
CA LEU L 274 39.11 -33.87 45.77
C LEU L 274 38.63 -33.63 47.19
N VAL L 275 38.13 -32.42 47.48
CA VAL L 275 37.75 -32.06 48.85
C VAL L 275 36.48 -32.75 49.36
N THR L 276 35.62 -33.17 48.43
CA THR L 276 34.39 -33.88 48.81
C THR L 276 34.65 -35.31 49.26
N TYR L 277 35.76 -35.90 48.81
CA TYR L 277 36.06 -37.30 49.12
C TYR L 277 36.66 -37.46 50.51
N ASP L 278 37.50 -36.52 50.92
CA ASP L 278 38.10 -36.52 52.25
C ASP L 278 37.05 -36.25 53.31
N ALA L 279 36.10 -35.37 52.99
CA ALA L 279 34.97 -35.06 53.86
C ALA L 279 34.02 -36.26 54.00
N LEU L 280 33.98 -37.10 52.96
CA LEU L 280 33.19 -38.34 53.00
C LEU L 280 33.99 -39.51 53.57
N ALA L 281 35.30 -39.33 53.71
CA ALA L 281 36.17 -40.35 54.30
C ALA L 281 36.00 -40.39 55.82
N LYS L 282 35.68 -39.23 56.41
CA LYS L 282 35.39 -39.13 57.83
C LYS L 282 33.88 -39.00 58.08
N HIS L 283 33.26 -38.03 57.41
CA HIS L 283 31.89 -37.66 57.70
C HIS L 283 30.91 -38.16 56.63
N GLY L 284 31.19 -39.35 56.09
CA GLY L 284 30.36 -39.96 55.05
C GLY L 284 29.04 -40.50 55.56
N ALA L 285 29.10 -41.63 56.27
CA ALA L 285 27.92 -42.22 56.91
C ALA L 285 27.44 -41.40 58.12
N GLU L 286 28.24 -40.40 58.49
CA GLU L 286 27.96 -39.48 59.59
C GLU L 286 26.81 -38.52 59.27
N PHE L 287 26.88 -37.83 58.13
CA PHE L 287 25.87 -36.83 57.77
C PHE L 287 24.67 -37.39 57.00
N GLY L 288 24.48 -38.71 57.07
CA GLY L 288 23.30 -39.36 56.51
C GLY L 288 23.41 -39.96 55.12
N MET L 289 24.61 -39.94 54.57
CA MET L 289 24.85 -40.53 53.26
C MET L 289 24.77 -42.04 53.37
N PRO L 290 24.31 -42.68 52.32
CA PRO L 290 24.09 -44.12 52.31
C PRO L 290 25.35 -44.92 52.52
N PRO L 291 25.21 -46.04 53.22
CA PRO L 291 26.35 -46.89 53.56
C PRO L 291 27.06 -47.45 52.35
N GLU L 292 26.32 -47.88 51.35
CA GLU L 292 26.98 -48.43 50.17
C GLU L 292 27.78 -47.35 49.50
N SER L 293 27.23 -46.15 49.51
CA SER L 293 27.84 -45.01 48.83
C SER L 293 29.24 -44.74 49.40
N VAL L 294 29.39 -44.92 50.71
CA VAL L 294 30.68 -44.80 51.40
C VAL L 294 31.62 -45.94 50.98
N ALA L 295 31.04 -47.11 50.74
CA ALA L 295 31.78 -48.28 50.26
C ALA L 295 32.47 -48.05 48.91
N LYS L 296 31.88 -47.19 48.08
CA LYS L 296 32.46 -46.79 46.80
C LYS L 296 33.31 -45.52 46.85
N VAL L 297 33.26 -44.78 47.96
CA VAL L 297 34.00 -43.51 48.08
C VAL L 297 35.46 -43.70 48.53
N ALA L 298 35.76 -44.84 49.13
CA ALA L 298 37.10 -45.12 49.68
C ALA L 298 38.17 -45.35 48.61
N SER L 299 37.75 -45.77 47.42
CA SER L 299 38.67 -46.16 46.35
C SER L 299 38.98 -45.05 45.33
N VAL L 300 38.02 -44.14 45.14
CA VAL L 300 38.22 -43.01 44.21
C VAL L 300 39.20 -41.96 44.73
N GLN L 301 39.33 -41.86 46.06
CA GLN L 301 40.24 -40.90 46.68
C GLN L 301 41.70 -41.36 46.69
N GLN L 302 41.92 -42.65 46.44
CA GLN L 302 43.26 -43.24 46.43
C GLN L 302 44.16 -42.60 45.38
N LYS L 303 43.71 -42.62 44.13
CA LYS L 303 44.44 -42.00 43.03
C LYS L 303 44.14 -40.49 42.88
N GLY L 304 43.50 -39.91 43.90
CA GLY L 304 43.02 -38.53 43.87
C GLY L 304 44.06 -37.44 43.65
N ARG L 305 45.06 -37.38 44.52
CA ARG L 305 46.20 -36.46 44.36
C ARG L 305 47.09 -36.94 43.22
N GLU L 306 47.19 -38.26 43.09
CA GLU L 306 48.00 -38.96 42.09
C GLU L 306 47.64 -38.59 40.66
N SER L 307 46.34 -38.45 40.39
CA SER L 307 45.82 -38.05 39.08
C SER L 307 46.30 -36.66 38.64
N LEU L 308 46.35 -35.74 39.60
CA LEU L 308 46.71 -34.34 39.37
C LEU L 308 48.13 -34.14 38.84
N GLU L 309 49.00 -35.09 39.17
CA GLU L 309 50.34 -35.16 38.60
C GLU L 309 50.28 -35.49 37.11
N ILE L 310 49.46 -36.49 36.77
CA ILE L 310 49.35 -36.99 35.40
C ILE L 310 48.69 -35.97 34.46
N TYR L 311 47.78 -35.16 35.01
CA TYR L 311 47.18 -34.05 34.27
C TYR L 311 48.19 -32.93 34.02
N ALA L 312 49.06 -32.69 35.00
CA ALA L 312 50.13 -31.70 34.87
C ALA L 312 51.25 -32.22 33.95
N ASN L 313 51.43 -33.55 33.94
CA ASN L 313 52.38 -34.24 33.05
C ASN L 313 52.02 -34.08 31.57
N ALA L 314 50.81 -34.46 31.21
CA ALA L 314 50.33 -34.40 29.83
C ALA L 314 49.86 -33.00 29.39
N GLY L 315 49.88 -32.04 30.32
CA GLY L 315 49.60 -30.63 30.03
C GLY L 315 48.13 -30.24 29.97
N VAL L 316 47.29 -31.02 30.66
CA VAL L 316 45.84 -30.83 30.68
C VAL L 316 45.43 -29.78 31.73
N LYS L 317 44.60 -28.83 31.31
CA LYS L 317 44.13 -27.76 32.22
C LYS L 317 43.21 -28.26 33.32
N MET L 318 43.46 -27.78 34.54
CA MET L 318 42.70 -28.17 35.72
C MET L 318 41.99 -26.98 36.34
N GLY L 319 40.67 -27.12 36.49
CA GLY L 319 39.86 -26.08 37.14
C GLY L 319 39.51 -26.45 38.57
N PHE L 320 38.97 -25.49 39.32
CA PHE L 320 38.61 -25.68 40.72
C PHE L 320 37.25 -26.34 40.88
N GLY L 321 37.21 -27.41 41.67
CA GLY L 321 35.96 -28.12 41.93
C GLY L 321 35.85 -28.58 43.37
N SER L 322 34.69 -28.33 43.98
CA SER L 322 34.47 -28.70 45.39
C SER L 322 33.54 -29.90 45.57
N ASP L 323 32.34 -29.82 44.99
CA ASP L 323 31.33 -30.91 44.94
C ASP L 323 30.77 -31.34 46.30
N LEU L 324 30.73 -30.41 47.25
CA LEU L 324 30.35 -30.75 48.62
C LEU L 324 28.84 -30.86 48.79
N LEU L 325 28.41 -31.96 49.43
CA LEU L 325 27.00 -32.22 49.66
C LEU L 325 26.63 -31.95 51.11
N GLY L 326 25.49 -31.30 51.32
CA GLY L 326 25.00 -30.98 52.66
C GLY L 326 25.78 -29.89 53.37
N GLU L 327 25.86 -29.98 54.69
CA GLU L 327 26.62 -29.03 55.52
C GLU L 327 28.14 -29.19 55.39
N MET L 328 28.57 -30.16 54.59
CA MET L 328 29.97 -30.31 54.22
C MET L 328 30.47 -29.19 53.29
N HIS L 329 29.58 -28.25 52.97
CA HIS L 329 29.90 -27.04 52.21
C HIS L 329 30.92 -26.14 52.90
N ALA L 330 31.03 -26.30 54.22
CA ALA L 330 32.02 -25.61 55.04
C ALA L 330 33.45 -25.75 54.50
N PHE L 331 33.80 -26.95 54.05
CA PHE L 331 35.17 -27.26 53.61
C PHE L 331 35.48 -26.84 52.16
N GLN L 332 34.81 -25.80 51.65
CA GLN L 332 34.93 -25.42 50.24
C GLN L 332 36.27 -24.82 49.83
N SER L 333 36.83 -23.99 50.70
CA SER L 333 38.13 -23.36 50.45
C SER L 333 39.29 -24.35 50.62
N GLY L 334 39.03 -25.48 51.30
CA GLY L 334 40.03 -26.50 51.58
C GLY L 334 40.62 -27.26 50.40
N GLU L 335 39.94 -27.22 49.25
CA GLU L 335 40.45 -27.82 48.02
C GLU L 335 41.72 -27.11 47.52
N PHE L 336 41.77 -25.80 47.71
CA PHE L 336 42.98 -24.98 47.47
C PHE L 336 44.23 -25.56 48.13
N ARG L 337 44.07 -25.96 49.39
CA ARG L 337 45.15 -26.49 50.22
C ARG L 337 45.68 -27.81 49.68
N ILE L 338 44.76 -28.66 49.22
CA ILE L 338 45.10 -29.97 48.68
C ILE L 338 45.77 -29.85 47.29
N ARG L 339 45.30 -28.89 46.50
CA ARG L 339 45.87 -28.61 45.16
C ARG L 339 47.28 -28.04 45.22
N ALA L 340 47.52 -27.15 46.18
CA ALA L 340 48.84 -26.52 46.38
C ALA L 340 49.90 -27.53 46.83
N GLU L 341 49.47 -28.52 47.61
CA GLU L 341 50.35 -29.58 48.11
C GLU L 341 51.01 -30.41 47.01
N VAL L 342 50.32 -30.50 45.87
CA VAL L 342 50.80 -31.27 44.73
C VAL L 342 51.30 -30.35 43.60
N LEU L 343 50.54 -29.30 43.28
CA LEU L 343 50.82 -28.46 42.11
C LEU L 343 51.48 -27.11 42.40
N GLY L 344 51.63 -26.77 43.69
CA GLY L 344 52.08 -25.44 44.10
C GLY L 344 50.90 -24.49 44.14
N ASN L 345 51.04 -23.36 44.82
CA ASN L 345 49.93 -22.40 44.91
C ASN L 345 49.94 -21.25 43.88
N LEU L 346 50.70 -21.39 42.79
CA LEU L 346 50.54 -20.51 41.64
C LEU L 346 49.53 -21.17 40.70
N GLU L 347 49.69 -22.47 40.51
CA GLU L 347 48.80 -23.27 39.69
C GLU L 347 47.46 -23.50 40.39
N ALA L 348 47.50 -23.73 41.70
CA ALA L 348 46.30 -23.94 42.51
C ALA L 348 45.38 -22.71 42.54
N LEU L 349 45.97 -21.52 42.45
CA LEU L 349 45.20 -20.28 42.35
C LEU L 349 44.64 -20.06 40.95
N ARG L 350 45.34 -20.58 39.95
CA ARG L 350 44.90 -20.48 38.55
C ARG L 350 43.64 -21.29 38.30
N SER L 351 43.47 -22.36 39.08
CA SER L 351 42.32 -23.25 39.03
C SER L 351 40.98 -22.53 39.21
N ALA L 352 40.99 -21.49 40.04
CA ALA L 352 39.79 -20.72 40.34
C ALA L 352 39.78 -19.32 39.76
N THR L 353 40.68 -19.05 38.81
CA THR L 353 40.75 -17.74 38.14
C THR L 353 40.85 -17.84 36.62
N THR L 354 42.08 -17.94 36.12
CA THR L 354 42.35 -17.89 34.67
C THR L 354 41.90 -19.14 33.91
N VAL L 355 42.11 -20.31 34.52
CA VAL L 355 41.69 -21.59 33.93
C VAL L 355 40.17 -21.74 33.98
N ALA L 356 39.57 -21.33 35.12
CA ALA L 356 38.14 -21.41 35.34
C ALA L 356 37.32 -20.49 34.43
N ALA L 357 37.88 -19.30 34.14
CA ALA L 357 37.22 -18.32 33.25
C ALA L 357 37.15 -18.79 31.81
N GLU L 358 38.16 -19.57 31.40
CA GLU L 358 38.20 -20.20 30.09
C GLU L 358 37.15 -21.30 29.98
N ILE L 359 36.94 -22.03 31.08
CA ILE L 359 35.92 -23.09 31.16
C ILE L 359 34.52 -22.50 30.96
N VAL L 360 34.20 -21.46 31.74
CA VAL L 360 32.89 -20.80 31.65
C VAL L 360 32.76 -19.88 30.43
N ASN L 361 33.80 -19.83 29.60
CA ASN L 361 33.88 -18.96 28.41
C ASN L 361 33.75 -17.45 28.72
N MET L 362 34.34 -17.05 29.84
CA MET L 362 34.44 -15.64 30.22
C MET L 362 35.91 -15.30 30.50
N GLN L 363 36.79 -15.79 29.62
CA GLN L 363 38.22 -15.48 29.67
C GLN L 363 38.47 -14.06 29.16
N GLY L 364 39.35 -13.34 29.84
CA GLY L 364 39.57 -11.92 29.59
C GLY L 364 38.40 -11.06 30.05
N GLN L 365 37.49 -11.66 30.82
CA GLN L 365 36.28 -11.03 31.31
C GLN L 365 36.16 -11.30 32.81
N LEU L 366 36.51 -12.53 33.19
CA LEU L 366 36.62 -12.92 34.59
C LEU L 366 37.98 -13.56 34.82
N GLY L 367 38.34 -13.76 36.10
CA GLY L 367 39.58 -14.45 36.48
C GLY L 367 40.88 -13.70 36.25
N VAL L 368 40.78 -12.43 35.85
CA VAL L 368 41.94 -11.58 35.58
C VAL L 368 41.59 -10.10 35.82
N ILE L 369 42.51 -9.38 36.46
CA ILE L 369 42.35 -7.95 36.71
C ILE L 369 43.00 -7.14 35.58
N ALA L 370 42.16 -6.60 34.70
CA ALA L 370 42.62 -5.87 33.53
C ALA L 370 41.59 -4.84 33.06
N VAL L 371 41.96 -4.05 32.05
CA VAL L 371 41.06 -3.08 31.43
C VAL L 371 40.03 -3.82 30.57
N GLY L 372 38.76 -3.55 30.81
CA GLY L 372 37.67 -4.21 30.07
C GLY L 372 37.05 -5.39 30.81
N ALA L 373 37.83 -6.04 31.68
CA ALA L 373 37.37 -7.19 32.46
C ALA L 373 36.35 -6.78 33.53
N ILE L 374 35.40 -7.68 33.81
CA ILE L 374 34.34 -7.45 34.80
C ILE L 374 34.93 -7.37 36.21
N ALA L 375 34.53 -6.35 36.97
CA ALA L 375 35.01 -6.10 38.32
C ALA L 375 34.53 -7.13 39.34
N ASP L 376 35.20 -8.28 39.36
CA ASP L 376 34.95 -9.36 40.33
C ASP L 376 36.21 -9.55 41.16
N LEU L 377 36.25 -8.95 42.34
CA LEU L 377 37.48 -8.85 43.12
C LEU L 377 37.38 -9.38 44.55
N VAL L 378 38.50 -9.90 45.04
CA VAL L 378 38.63 -10.32 46.44
C VAL L 378 39.88 -9.68 47.06
N VAL L 379 39.63 -8.88 48.10
CA VAL L 379 40.67 -8.22 48.87
C VAL L 379 41.06 -9.14 50.02
N LEU L 380 42.34 -9.49 50.07
CA LEU L 380 42.84 -10.53 50.96
C LEU L 380 43.98 -10.04 51.87
N ASP L 381 43.91 -10.43 53.14
CA ASP L 381 44.94 -10.08 54.13
C ASP L 381 45.99 -11.17 54.23
N GLY L 382 47.08 -10.99 53.49
CA GLY L 382 48.15 -11.96 53.43
C GLY L 382 48.51 -12.28 52.00
N ASN L 383 49.41 -13.25 51.82
CA ASN L 383 49.86 -13.65 50.49
C ASN L 383 49.65 -15.13 50.23
N PRO L 384 48.73 -15.46 49.29
CA PRO L 384 48.46 -16.83 48.86
C PRO L 384 49.60 -17.44 48.05
N LEU L 385 50.43 -16.57 47.45
CA LEU L 385 51.67 -16.96 46.81
C LEU L 385 52.73 -17.46 47.81
N GLU L 386 52.53 -17.15 49.10
CA GLU L 386 53.38 -17.64 50.17
C GLU L 386 52.74 -18.77 50.96
N ASP L 387 51.64 -18.47 51.65
CA ASP L 387 50.90 -19.47 52.42
C ASP L 387 49.53 -19.72 51.82
N ILE L 388 49.19 -20.99 51.65
CA ILE L 388 47.91 -21.39 51.06
C ILE L 388 46.73 -21.21 52.04
N GLY L 389 47.00 -21.33 53.34
CA GLY L 389 45.99 -21.21 54.38
C GLY L 389 45.40 -19.81 54.62
N VAL L 390 45.80 -18.83 53.81
CA VAL L 390 45.20 -17.49 53.86
C VAL L 390 43.95 -17.43 52.97
N VAL L 391 43.79 -18.46 52.14
CA VAL L 391 42.59 -18.65 51.32
C VAL L 391 41.85 -19.89 51.81
N ALA L 392 42.61 -20.94 52.09
CA ALA L 392 42.10 -22.28 52.41
C ALA L 392 41.29 -22.41 53.70
N ASP L 393 41.39 -21.44 54.60
CA ASP L 393 40.77 -21.54 55.92
C ASP L 393 39.37 -20.90 55.98
N GLU L 394 38.49 -21.34 55.08
CA GLU L 394 37.10 -20.87 54.98
C GLU L 394 36.95 -19.34 55.07
N GLY L 395 37.75 -18.64 54.25
CA GLY L 395 37.76 -17.17 54.22
C GLY L 395 38.09 -16.51 55.54
N ALA L 396 39.11 -17.04 56.24
CA ALA L 396 39.55 -16.45 57.51
C ALA L 396 40.23 -15.11 57.31
N ARG L 397 40.90 -14.95 56.18
CA ARG L 397 41.63 -13.72 55.85
C ARG L 397 41.08 -12.98 54.63
N VAL L 398 39.76 -13.03 54.46
CA VAL L 398 39.07 -12.22 53.47
C VAL L 398 38.29 -11.10 54.18
N GLU L 399 38.34 -9.90 53.60
CA GLU L 399 37.68 -8.74 54.19
C GLU L 399 36.65 -8.15 53.23
N TYR L 400 37.05 -7.93 51.99
CA TYR L 400 36.18 -7.31 51.00
C TYR L 400 36.00 -8.21 49.77
N VAL L 401 34.74 -8.47 49.43
CA VAL L 401 34.39 -9.21 48.21
C VAL L 401 33.48 -8.32 47.36
N LEU L 402 33.95 -7.97 46.17
CA LEU L 402 33.19 -7.11 45.27
C LEU L 402 32.73 -7.87 44.03
N GLN L 403 31.43 -7.73 43.73
CA GLN L 403 30.83 -8.43 42.61
C GLN L 403 30.22 -7.43 41.64
N ARG L 404 30.61 -7.52 40.36
CA ARG L 404 30.23 -6.58 39.30
C ARG L 404 30.27 -5.12 39.76
N GLY L 405 31.45 -4.69 40.20
CA GLY L 405 31.62 -3.33 40.69
C GLY L 405 31.27 -3.16 42.16
N THR L 406 30.00 -3.40 42.50
CA THR L 406 29.49 -3.13 43.84
C THR L 406 30.02 -4.08 44.92
N LEU L 407 30.36 -3.51 46.08
CA LEU L 407 30.90 -4.24 47.22
C LEU L 407 29.81 -5.02 47.94
N VAL L 408 30.10 -6.27 48.29
CA VAL L 408 29.10 -7.13 48.95
C VAL L 408 29.48 -7.52 50.38
N LYS L 409 30.76 -7.70 50.65
CA LYS L 409 31.20 -8.28 51.93
C LYS L 409 32.12 -7.39 52.78
N ARG L 410 31.88 -7.40 54.09
CA ARG L 410 32.69 -6.66 55.06
C ARG L 410 33.06 -7.59 56.23
N GLN L 411 34.27 -8.13 56.17
CA GLN L 411 34.74 -9.09 57.18
C GLN L 411 36.14 -8.77 57.69
N THR M 4 -16.56 -15.56 -22.34
CA THR M 4 -15.39 -16.49 -22.51
C THR M 4 -14.15 -15.78 -23.08
N ILE M 5 -14.33 -14.55 -23.55
CA ILE M 5 -13.24 -13.78 -24.18
C ILE M 5 -13.27 -12.30 -23.73
N THR M 6 -12.09 -11.71 -23.50
CA THR M 6 -11.97 -10.33 -23.00
C THR M 6 -10.71 -9.64 -23.56
N VAL M 7 -10.80 -8.32 -23.79
CA VAL M 7 -9.71 -7.53 -24.34
C VAL M 7 -9.32 -6.33 -23.46
N LEU M 8 -8.06 -6.27 -23.08
CA LEU M 8 -7.46 -5.06 -22.53
C LEU M 8 -6.86 -4.29 -23.70
N GLN M 9 -7.28 -3.03 -23.86
CA GLN M 9 -6.90 -2.26 -25.05
C GLN M 9 -6.20 -0.93 -24.76
N GLY M 10 -5.09 -0.70 -25.43
CA GLY M 10 -4.31 0.53 -25.29
C GLY M 10 -3.19 0.45 -24.26
N GLY M 11 -3.03 -0.74 -23.67
CA GLY M 11 -2.07 -0.95 -22.59
C GLY M 11 -0.61 -0.90 -22.97
N ASN M 12 0.24 -0.78 -21.97
CA ASN M 12 1.69 -0.83 -22.15
C ASN M 12 2.25 -2.09 -21.50
N VAL M 13 2.33 -3.15 -22.29
CA VAL M 13 2.71 -4.49 -21.85
C VAL M 13 4.16 -4.55 -21.38
N LEU M 14 4.36 -4.84 -20.09
CA LEU M 14 5.69 -4.90 -19.52
C LEU M 14 6.36 -6.25 -19.77
N ASP M 15 7.63 -6.18 -20.12
CA ASP M 15 8.47 -7.35 -20.42
C ASP M 15 9.65 -7.40 -19.46
N LEU M 16 10.04 -8.61 -19.06
CA LEU M 16 11.03 -8.79 -17.99
C LEU M 16 12.39 -9.36 -18.43
N GLU M 17 12.37 -10.37 -19.30
CA GLU M 17 13.61 -10.97 -19.81
C GLU M 17 14.29 -10.10 -20.87
N ARG M 18 13.49 -9.29 -21.57
CA ARG M 18 14.00 -8.31 -22.54
C ARG M 18 14.01 -6.90 -21.97
N GLY M 19 13.43 -6.76 -20.77
CA GLY M 19 13.57 -5.54 -19.97
C GLY M 19 12.88 -4.26 -20.43
N VAL M 20 12.10 -4.36 -21.51
CA VAL M 20 11.51 -3.19 -22.15
C VAL M 20 9.99 -3.08 -21.90
N LEU M 21 9.39 -2.05 -22.50
CA LEU M 21 7.93 -1.90 -22.54
C LEU M 21 7.40 -2.12 -23.96
N LEU M 22 6.65 -3.20 -24.17
CA LEU M 22 5.95 -3.42 -25.43
C LEU M 22 4.73 -2.49 -25.49
N GLU M 23 4.97 -1.25 -25.91
CA GLU M 23 3.95 -0.18 -25.87
C GLU M 23 2.82 -0.36 -26.88
N HIS M 24 1.62 0.01 -26.44
CA HIS M 24 0.38 -0.03 -27.24
C HIS M 24 -0.03 -1.43 -27.74
N HIS M 25 0.59 -2.46 -27.16
CA HIS M 25 0.22 -3.84 -27.43
C HIS M 25 -1.06 -4.17 -26.69
N HIS M 26 -1.97 -4.87 -27.37
CA HIS M 26 -3.26 -5.24 -26.82
C HIS M 26 -3.17 -6.60 -26.15
N VAL M 27 -3.87 -6.77 -25.03
CA VAL M 27 -3.88 -8.05 -24.32
C VAL M 27 -5.23 -8.74 -24.51
N VAL M 28 -5.20 -9.91 -25.13
CA VAL M 28 -6.42 -10.68 -25.36
C VAL M 28 -6.47 -11.90 -24.43
N ILE M 29 -7.58 -11.98 -23.69
CA ILE M 29 -7.80 -13.06 -22.72
C ILE M 29 -8.87 -14.01 -23.23
N ASP M 30 -8.63 -15.31 -23.05
CA ASP M 30 -9.65 -16.33 -23.28
C ASP M 30 -9.86 -17.12 -21.99
N GLY M 31 -11.03 -16.92 -21.38
CA GLY M 31 -11.39 -17.56 -20.13
C GLY M 31 -10.47 -17.15 -19.01
N GLU M 32 -9.53 -18.03 -18.67
CA GLU M 32 -8.59 -17.80 -17.58
C GLU M 32 -7.14 -17.72 -18.05
N ARG M 33 -6.95 -17.65 -19.37
CA ARG M 33 -5.61 -17.64 -19.97
C ARG M 33 -5.38 -16.55 -21.02
N ILE M 34 -4.13 -16.08 -21.11
CA ILE M 34 -3.71 -15.13 -22.14
C ILE M 34 -3.47 -15.87 -23.45
N VAL M 35 -4.32 -15.61 -24.44
CA VAL M 35 -4.18 -16.23 -25.75
C VAL M 35 -3.26 -15.46 -26.70
N GLU M 36 -3.32 -14.12 -26.63
CA GLU M 36 -2.54 -13.29 -27.55
C GLU M 36 -2.22 -11.90 -26.99
N VAL M 37 -0.95 -11.52 -27.12
CA VAL M 37 -0.49 -10.16 -26.86
C VAL M 37 0.32 -9.68 -28.06
N THR M 38 -0.16 -8.61 -28.69
CA THR M 38 0.39 -8.12 -29.96
C THR M 38 -0.05 -6.68 -30.26
N ASP M 39 0.59 -6.06 -31.24
CA ASP M 39 0.30 -4.67 -31.63
C ASP M 39 -0.75 -4.53 -32.74
N ARG M 40 -1.09 -5.64 -33.40
CA ARG M 40 -2.14 -5.67 -34.42
C ARG M 40 -3.49 -5.39 -33.75
N PRO M 41 -4.31 -4.49 -34.34
CA PRO M 41 -5.67 -4.20 -33.85
C PRO M 41 -6.55 -5.44 -33.70
N VAL M 42 -7.44 -5.43 -32.72
CA VAL M 42 -8.12 -6.64 -32.27
C VAL M 42 -9.31 -7.09 -33.14
N ASP M 43 -9.28 -8.37 -33.52
CA ASP M 43 -10.40 -9.04 -34.17
C ASP M 43 -11.39 -9.49 -33.08
N LEU M 44 -12.14 -8.53 -32.53
CA LEU M 44 -12.99 -8.74 -31.34
C LEU M 44 -14.44 -9.11 -31.67
N PRO M 45 -14.88 -10.34 -31.28
CA PRO M 45 -16.25 -10.75 -31.52
C PRO M 45 -17.17 -10.54 -30.31
N ASN M 46 -17.13 -11.47 -29.35
CA ASN M 46 -17.93 -11.41 -28.14
C ASN M 46 -17.06 -11.01 -26.94
N ALA M 47 -16.00 -10.25 -27.22
CA ALA M 47 -15.01 -9.86 -26.22
C ALA M 47 -15.41 -8.61 -25.42
N GLN M 48 -15.29 -8.71 -24.10
CA GLN M 48 -15.46 -7.60 -23.19
C GLN M 48 -14.25 -6.67 -23.32
N ALA M 49 -14.48 -5.37 -23.27
CA ALA M 49 -13.41 -4.39 -23.43
C ALA M 49 -13.13 -3.62 -22.14
N ILE M 50 -11.85 -3.44 -21.82
CA ILE M 50 -11.41 -2.58 -20.72
C ILE M 50 -10.35 -1.64 -21.29
N ASP M 51 -10.55 -0.33 -21.11
CA ASP M 51 -9.68 0.68 -21.73
C ASP M 51 -8.46 1.02 -20.88
N VAL M 52 -7.27 0.78 -21.45
CA VAL M 52 -6.00 0.89 -20.72
C VAL M 52 -5.00 1.83 -21.40
N ARG M 53 -5.47 2.89 -22.06
CA ARG M 53 -4.56 3.79 -22.75
C ARG M 53 -3.73 4.63 -21.77
N GLY M 54 -2.42 4.68 -22.01
CA GLY M 54 -1.47 5.38 -21.15
C GLY M 54 -1.06 4.66 -19.88
N LYS M 55 -1.44 3.39 -19.76
CA LYS M 55 -1.27 2.62 -18.54
C LYS M 55 -0.46 1.34 -18.75
N THR M 56 0.26 0.92 -17.69
CA THR M 56 1.18 -0.21 -17.75
C THR M 56 0.54 -1.54 -17.30
N VAL M 57 0.22 -2.39 -18.28
CA VAL M 57 -0.24 -3.74 -18.02
C VAL M 57 0.98 -4.62 -17.74
N MET M 58 1.01 -5.24 -16.56
CA MET M 58 2.17 -6.03 -16.17
C MET M 58 1.76 -7.34 -15.49
N PRO M 59 2.71 -8.28 -15.26
CA PRO M 59 2.36 -9.49 -14.52
C PRO M 59 1.91 -9.23 -13.07
N GLY M 60 1.12 -10.16 -12.54
CA GLY M 60 0.70 -10.15 -11.14
C GLY M 60 1.86 -10.46 -10.23
N PHE M 61 1.92 -9.76 -9.10
CA PHE M 61 3.05 -9.90 -8.17
C PHE M 61 2.94 -11.17 -7.35
N ILE M 62 4.09 -11.81 -7.12
CA ILE M 62 4.15 -13.04 -6.34
C ILE M 62 5.09 -12.91 -5.12
N ASP M 63 4.48 -12.61 -3.98
CA ASP M 63 5.19 -12.53 -2.70
C ASP M 63 5.50 -13.96 -2.22
N CYS M 64 6.77 -14.23 -1.94
CA CYS M 64 7.19 -15.60 -1.57
C CYS M 64 7.43 -15.81 -0.09
N HIS M 65 6.98 -14.87 0.74
CA HIS M 65 7.11 -14.98 2.18
C HIS M 65 6.09 -14.10 2.91
N VAL M 66 4.95 -14.69 3.25
CA VAL M 66 3.93 -13.97 4.03
C VAL M 66 3.40 -14.78 5.21
N HIS M 67 2.71 -14.10 6.12
CA HIS M 67 1.91 -14.75 7.14
C HIS M 67 0.53 -14.13 7.14
N VAL M 68 -0.30 -14.68 6.26
CA VAL M 68 -1.69 -14.29 6.08
C VAL M 68 -2.43 -14.19 7.42
N LEU M 69 -2.11 -15.11 8.33
CA LEU M 69 -2.80 -15.23 9.60
C LEU M 69 -2.25 -14.41 10.77
N ALA M 70 -1.10 -13.75 10.57
CA ALA M 70 -0.52 -12.88 11.60
C ALA M 70 -1.25 -11.55 11.67
N SER M 71 -2.24 -11.46 12.55
CA SER M 71 -3.07 -10.25 12.67
C SER M 71 -2.57 -9.27 13.73
N ASN M 72 -1.66 -9.72 14.59
CA ASN M 72 -0.93 -8.82 15.48
C ASN M 72 0.55 -9.17 15.59
N ALA M 73 1.36 -8.16 15.92
CA ALA M 73 2.82 -8.26 15.92
C ALA M 73 3.39 -9.26 16.93
N ASN M 74 2.61 -9.56 17.95
CA ASN M 74 3.00 -10.53 18.97
C ASN M 74 2.48 -11.92 18.62
N LEU M 75 3.35 -12.74 18.05
CA LEU M 75 2.97 -14.06 17.52
C LEU M 75 2.68 -15.14 18.57
N GLY M 76 3.03 -14.85 19.83
CA GLY M 76 2.68 -15.71 20.95
C GLY M 76 1.22 -15.54 21.30
N VAL M 77 0.77 -14.29 21.40
CA VAL M 77 -0.63 -13.98 21.70
C VAL M 77 -1.51 -14.10 20.45
N ASN M 78 -0.87 -14.09 19.28
CA ASN M 78 -1.53 -14.38 18.02
C ASN M 78 -1.90 -15.86 17.95
N ALA M 79 -1.10 -16.70 18.61
CA ALA M 79 -1.35 -18.13 18.66
C ALA M 79 -2.46 -18.49 19.67
N THR M 80 -2.66 -17.63 20.67
CA THR M 80 -3.64 -17.90 21.72
C THR M 80 -5.05 -17.42 21.37
N GLN M 81 -5.19 -16.71 20.26
CA GLN M 81 -6.49 -16.14 19.87
C GLN M 81 -7.47 -17.22 19.38
N PRO M 82 -8.79 -16.97 19.52
CA PRO M 82 -9.84 -17.89 19.06
C PRO M 82 -9.70 -18.32 17.60
N ASN M 83 -10.06 -19.58 17.35
CA ASN M 83 -9.91 -20.23 16.04
C ASN M 83 -10.50 -19.47 14.86
N ILE M 84 -11.81 -19.25 14.91
CA ILE M 84 -12.53 -18.56 13.84
C ILE M 84 -12.14 -17.08 13.75
N LEU M 85 -11.97 -16.43 14.90
CA LEU M 85 -11.47 -15.04 14.94
C LEU M 85 -10.11 -14.85 14.28
N ALA M 86 -9.23 -15.84 14.41
CA ALA M 86 -7.93 -15.83 13.73
C ALA M 86 -8.12 -15.78 12.22
N ALA M 87 -9.05 -16.60 11.72
CA ALA M 87 -9.37 -16.68 10.29
C ALA M 87 -10.07 -15.43 9.76
N ILE M 88 -11.04 -14.91 10.53
CA ILE M 88 -11.76 -13.67 10.19
C ILE M 88 -10.79 -12.51 9.96
N ARG M 89 -9.81 -12.39 10.86
CA ARG M 89 -8.82 -11.31 10.81
C ARG M 89 -7.81 -11.43 9.68
N SER M 90 -7.74 -12.59 9.04
CA SER M 90 -6.84 -12.79 7.91
C SER M 90 -7.46 -12.29 6.60
N LEU M 91 -8.78 -12.14 6.61
CA LEU M 91 -9.53 -11.75 5.40
C LEU M 91 -9.32 -10.31 4.92
N PRO M 92 -9.27 -9.31 5.84
CA PRO M 92 -8.90 -7.99 5.33
C PRO M 92 -7.44 -7.91 4.88
N ILE M 93 -6.58 -8.75 5.46
CA ILE M 93 -5.17 -8.83 5.08
C ILE M 93 -5.03 -9.37 3.65
N LEU M 94 -5.82 -10.39 3.34
CA LEU M 94 -5.81 -11.00 2.00
C LEU M 94 -6.37 -10.07 0.94
N ASP M 95 -7.40 -9.32 1.30
CA ASP M 95 -8.03 -8.39 0.37
C ASP M 95 -7.13 -7.19 0.08
N ALA M 96 -6.34 -6.78 1.07
CA ALA M 96 -5.39 -5.68 0.92
C ALA M 96 -4.19 -6.07 0.06
N MET M 97 -3.78 -7.35 0.16
CA MET M 97 -2.69 -7.89 -0.64
C MET M 97 -3.04 -7.93 -2.12
N LEU M 98 -4.27 -8.34 -2.42
CA LEU M 98 -4.77 -8.46 -3.78
C LEU M 98 -5.01 -7.10 -4.42
N SER M 99 -5.42 -6.12 -3.60
CA SER M 99 -5.65 -4.76 -4.08
C SER M 99 -4.35 -3.96 -4.17
N ARG M 100 -3.24 -4.58 -3.78
CA ARG M 100 -1.91 -4.00 -4.00
C ARG M 100 -1.27 -4.52 -5.30
N GLY M 101 -1.85 -5.59 -5.85
CA GLY M 101 -1.36 -6.18 -7.09
C GLY M 101 -0.74 -7.56 -6.90
N PHE M 102 -0.71 -8.02 -5.66
CA PHE M 102 -0.18 -9.35 -5.38
C PHE M 102 -1.26 -10.38 -5.67
N THR M 103 -1.02 -11.20 -6.68
CA THR M 103 -1.99 -12.18 -7.14
C THR M 103 -1.66 -13.59 -6.66
N SER M 104 -0.40 -13.82 -6.28
CA SER M 104 0.00 -15.11 -5.72
C SER M 104 0.89 -14.91 -4.50
N VAL M 105 0.55 -15.56 -3.40
CA VAL M 105 1.41 -15.51 -2.22
C VAL M 105 1.87 -16.91 -1.80
N ARG M 106 3.08 -17.00 -1.25
CA ARG M 106 3.53 -18.22 -0.63
C ARG M 106 3.59 -17.99 0.87
N ASP M 107 2.76 -18.72 1.61
CA ASP M 107 2.66 -18.55 3.06
C ASP M 107 3.75 -19.32 3.80
N ALA M 108 4.40 -18.64 4.75
CA ALA M 108 5.56 -19.19 5.42
C ALA M 108 5.22 -19.85 6.76
N GLY M 109 4.00 -20.37 6.87
CA GLY M 109 3.55 -20.99 8.12
C GLY M 109 2.37 -20.25 8.70
N GLY M 110 1.28 -20.99 8.93
CA GLY M 110 0.04 -20.41 9.43
C GLY M 110 -1.14 -20.85 8.59
N ALA M 111 -1.21 -20.34 7.35
CA ALA M 111 -2.30 -20.63 6.42
C ALA M 111 -2.26 -22.07 5.91
N ASP M 112 -3.44 -22.68 5.86
CA ASP M 112 -3.57 -24.06 5.39
C ASP M 112 -4.45 -24.17 4.14
N TRP M 113 -4.63 -25.40 3.68
CA TRP M 113 -5.39 -25.75 2.46
C TRP M 113 -6.76 -25.09 2.34
N SER M 114 -7.41 -24.87 3.48
CA SER M 114 -8.75 -24.33 3.53
C SER M 114 -8.80 -22.89 3.00
N LEU M 115 -7.79 -22.10 3.33
CA LEU M 115 -7.67 -20.73 2.81
C LEU M 115 -7.37 -20.68 1.33
N MET M 116 -6.57 -21.64 0.87
CA MET M 116 -6.26 -21.82 -0.54
C MET M 116 -7.56 -22.11 -1.31
N GLN M 117 -8.42 -22.93 -0.72
CA GLN M 117 -9.71 -23.24 -1.30
C GLN M 117 -10.72 -22.11 -1.20
N ALA M 118 -10.57 -21.28 -0.17
CA ALA M 118 -11.41 -20.10 0.02
C ALA M 118 -11.23 -19.10 -1.11
N VAL M 119 -9.98 -18.91 -1.56
CA VAL M 119 -9.71 -18.00 -2.66
C VAL M 119 -9.94 -18.64 -4.03
N GLU M 120 -9.53 -19.89 -4.19
CA GLU M 120 -9.62 -20.57 -5.50
C GLU M 120 -11.03 -20.94 -5.94
N THR M 121 -11.98 -20.91 -5.02
CA THR M 121 -13.38 -21.13 -5.37
C THR M 121 -14.22 -19.85 -5.20
N GLY M 122 -13.53 -18.73 -5.01
CA GLY M 122 -14.17 -17.42 -5.01
C GLY M 122 -14.91 -17.01 -3.75
N LEU M 123 -14.81 -17.83 -2.70
CA LEU M 123 -15.46 -17.57 -1.41
C LEU M 123 -14.81 -16.42 -0.65
N VAL M 124 -13.54 -16.18 -0.92
CA VAL M 124 -12.76 -15.13 -0.27
C VAL M 124 -11.96 -14.36 -1.31
N SER M 125 -12.03 -13.03 -1.26
CA SER M 125 -11.25 -12.19 -2.13
C SER M 125 -9.84 -12.02 -1.57
N GLY M 126 -8.86 -12.51 -2.33
CA GLY M 126 -7.46 -12.51 -1.93
C GLY M 126 -6.63 -13.21 -2.98
N PRO M 127 -5.29 -13.16 -2.86
CA PRO M 127 -4.40 -13.81 -3.83
C PRO M 127 -4.41 -15.33 -3.75
N ARG M 128 -3.81 -15.97 -4.76
CA ARG M 128 -3.58 -17.41 -4.77
C ARG M 128 -2.57 -17.75 -3.68
N ILE M 129 -2.87 -18.79 -2.91
CA ILE M 129 -2.01 -19.17 -1.79
C ILE M 129 -1.23 -20.45 -2.10
N PHE M 130 0.07 -20.42 -1.83
CA PHE M 130 0.91 -21.60 -1.80
C PHE M 130 1.28 -21.87 -0.35
N PRO M 131 0.44 -22.63 0.38
CA PRO M 131 0.57 -22.76 1.82
C PRO M 131 1.60 -23.79 2.29
N SER M 132 2.13 -23.56 3.48
CA SER M 132 3.05 -24.49 4.12
C SER M 132 2.41 -25.18 5.34
N GLY M 133 1.16 -24.83 5.64
CA GLY M 133 0.47 -25.31 6.83
C GLY M 133 1.07 -24.67 8.06
N LYS M 134 1.68 -25.49 8.91
CA LYS M 134 2.39 -24.98 10.08
C LYS M 134 3.88 -25.12 9.85
N ALA M 135 4.64 -24.14 10.35
CA ALA M 135 6.10 -24.20 10.28
C ALA M 135 6.65 -25.19 11.31
N LEU M 136 7.57 -26.06 10.87
CA LEU M 136 8.17 -27.01 11.80
C LEU M 136 9.28 -26.34 12.58
N SER M 137 9.36 -26.62 13.87
CA SER M 137 10.34 -26.01 14.76
C SER M 137 10.65 -26.96 15.90
N GLN M 138 11.92 -27.01 16.31
CA GLN M 138 12.34 -27.84 17.43
C GLN M 138 11.92 -27.22 18.77
N THR M 139 12.02 -28.00 19.84
CA THR M 139 11.68 -27.53 21.19
C THR M 139 12.64 -26.41 21.62
N GLY M 140 12.06 -25.27 21.98
CA GLY M 140 12.82 -24.10 22.38
C GLY M 140 13.36 -23.38 21.17
N GLY M 141 12.74 -23.63 20.03
CA GLY M 141 13.15 -23.04 18.77
C GLY M 141 12.41 -21.75 18.43
N HIS M 142 12.53 -21.35 17.17
CA HIS M 142 12.00 -20.09 16.68
C HIS M 142 10.47 -20.13 16.53
N GLY M 143 9.90 -21.32 16.57
CA GLY M 143 8.46 -21.49 16.57
C GLY M 143 7.87 -21.72 17.96
N ASP M 144 8.74 -22.00 18.93
CA ASP M 144 8.33 -22.17 20.31
C ASP M 144 8.09 -20.79 20.93
N PHE M 145 6.82 -20.50 21.21
CA PHE M 145 6.43 -19.21 21.78
C PHE M 145 6.10 -19.34 23.27
N ARG M 146 6.42 -20.49 23.86
CA ARG M 146 6.28 -20.68 25.30
C ARG M 146 7.42 -19.95 26.00
N PRO M 147 7.12 -19.29 27.13
CA PRO M 147 8.12 -18.50 27.86
C PRO M 147 9.23 -19.34 28.52
N ARG M 148 10.12 -18.67 29.23
CA ARG M 148 11.26 -19.31 29.89
C ARG M 148 10.84 -20.20 31.07
N GLY M 149 9.72 -19.86 31.71
CA GLY M 149 9.19 -20.55 32.89
C GLY M 149 9.21 -22.08 32.91
N ASP M 150 8.21 -22.70 32.29
CA ASP M 150 8.09 -24.18 32.23
C ASP M 150 7.38 -24.68 30.98
N LEU M 151 7.61 -25.95 30.65
CA LEU M 151 7.05 -26.56 29.45
C LEU M 151 6.09 -27.70 29.73
N LEU M 152 4.87 -27.55 29.22
CA LEU M 152 3.94 -28.67 29.11
C LEU M 152 3.53 -28.80 27.65
N GLU M 153 3.32 -30.05 27.22
CA GLU M 153 3.04 -30.39 25.82
C GLU M 153 1.88 -29.61 25.21
N PRO M 154 2.16 -28.88 24.11
CA PRO M 154 1.10 -28.19 23.39
C PRO M 154 0.55 -29.04 22.24
N CYS M 155 -0.47 -29.85 22.54
CA CYS M 155 -1.15 -30.67 21.53
C CYS M 155 -2.11 -29.80 20.70
N SER M 156 -2.22 -28.53 21.10
CA SER M 156 -3.07 -27.55 20.45
C SER M 156 -2.36 -26.75 19.34
N CYS M 157 -1.06 -26.98 19.15
CA CYS M 157 -0.27 -26.27 18.13
C CYS M 157 -0.80 -26.39 16.70
N CYS M 158 -1.35 -27.57 16.39
CA CYS M 158 -2.06 -27.78 15.13
C CYS M 158 -3.50 -27.28 15.19
N PHE M 159 -4.10 -27.34 16.38
CA PHE M 159 -5.48 -26.89 16.60
C PHE M 159 -5.63 -25.37 16.52
N ARG M 160 -4.65 -24.64 17.08
CA ARG M 160 -4.68 -23.17 17.06
C ARG M 160 -4.40 -22.68 15.65
N THR M 161 -5.43 -22.15 15.00
CA THR M 161 -5.33 -21.70 13.61
C THR M 161 -4.49 -20.44 13.47
N GLY M 162 -4.33 -19.71 14.58
CA GLY M 162 -3.50 -18.51 14.62
C GLY M 162 -2.03 -18.79 14.87
N ALA M 163 -1.70 -20.05 15.15
CA ALA M 163 -0.31 -20.45 15.38
C ALA M 163 0.44 -20.53 14.05
N ILE M 164 1.54 -19.79 13.97
CA ILE M 164 2.40 -19.75 12.80
C ILE M 164 3.13 -21.09 12.66
N ALA M 165 3.57 -21.63 13.79
CA ALA M 165 4.41 -22.81 13.78
C ALA M 165 3.88 -23.94 14.66
N ARG M 166 4.52 -25.10 14.56
CA ARG M 166 4.26 -26.25 15.43
C ARG M 166 5.58 -26.83 15.95
N VAL M 167 5.56 -27.36 17.17
CA VAL M 167 6.76 -27.91 17.80
C VAL M 167 6.83 -29.42 17.57
N VAL M 168 7.89 -29.87 16.90
CA VAL M 168 8.20 -31.29 16.73
C VAL M 168 9.69 -31.58 16.81
N ASP M 169 10.03 -32.65 17.52
CA ASP M 169 11.41 -33.08 17.68
C ASP M 169 11.57 -34.55 17.34
N GLY M 170 12.78 -34.94 16.96
CA GLY M 170 13.06 -36.33 16.61
C GLY M 170 12.94 -36.56 15.12
N VAL M 171 13.77 -37.47 14.60
CA VAL M 171 13.79 -37.81 13.17
C VAL M 171 12.47 -38.46 12.74
N GLU M 172 11.95 -39.37 13.56
CA GLU M 172 10.65 -39.97 13.28
C GLU M 172 9.54 -38.95 13.48
N GLY M 173 9.75 -38.04 14.44
CA GLY M 173 8.83 -36.96 14.74
C GLY M 173 8.66 -36.00 13.57
N VAL M 174 9.78 -35.60 12.97
CA VAL M 174 9.75 -34.68 11.84
C VAL M 174 9.33 -35.39 10.54
N ARG M 175 9.59 -36.70 10.47
CA ARG M 175 9.20 -37.51 9.33
C ARG M 175 7.67 -37.58 9.26
N LEU M 176 7.06 -37.83 10.42
CA LEU M 176 5.61 -37.87 10.55
C LEU M 176 5.00 -36.48 10.35
N ALA M 177 5.65 -35.47 10.93
CA ALA M 177 5.17 -34.09 10.88
C ALA M 177 4.95 -33.58 9.45
N VAL M 178 5.89 -33.92 8.57
CA VAL M 178 5.84 -33.51 7.16
C VAL M 178 4.70 -34.22 6.43
N ARG M 179 4.59 -35.52 6.68
CA ARG M 179 3.51 -36.34 6.13
C ARG M 179 2.13 -35.78 6.50
N GLU M 180 1.99 -35.36 7.76
CA GLU M 180 0.75 -34.77 8.24
C GLU M 180 0.43 -33.46 7.53
N GLU M 181 1.43 -32.59 7.36
CA GLU M 181 1.23 -31.27 6.76
C GLU M 181 0.89 -31.39 5.28
N ILE M 182 1.53 -32.34 4.61
CA ILE M 182 1.26 -32.66 3.20
C ILE M 182 -0.13 -33.24 3.02
N GLN M 183 -0.57 -34.09 3.95
CA GLN M 183 -1.90 -34.69 3.87
C GLN M 183 -2.97 -33.66 4.28
N LYS M 184 -2.57 -32.65 5.06
CA LYS M 184 -3.42 -31.49 5.34
C LYS M 184 -3.45 -30.52 4.16
N GLY M 185 -2.62 -30.77 3.15
CA GLY M 185 -2.70 -30.04 1.88
C GLY M 185 -1.69 -28.92 1.71
N ALA M 186 -0.49 -29.11 2.27
CA ALA M 186 0.59 -28.15 2.08
C ALA M 186 1.13 -28.30 0.66
N THR M 187 1.61 -27.19 0.11
CA THR M 187 2.29 -27.21 -1.18
C THR M 187 3.80 -27.35 -1.01
N GLN M 188 4.32 -26.86 0.11
CA GLN M 188 5.72 -27.03 0.47
C GLN M 188 5.86 -27.09 2.00
N ILE M 189 7.07 -27.41 2.47
CA ILE M 189 7.31 -27.62 3.90
C ILE M 189 8.22 -26.52 4.44
N ILE M 191 10.52 -25.03 7.63
CA ILE M 191 11.22 -25.33 8.88
C ILE M 191 11.98 -24.11 9.44
N MET M 192 12.31 -24.17 10.72
CA MET M 192 13.17 -23.16 11.36
C MET M 192 14.58 -23.74 11.52
N ALA M 193 15.52 -23.21 10.75
CA ALA M 193 16.88 -23.76 10.69
C ALA M 193 17.86 -23.10 11.67
N SER M 194 17.49 -21.93 12.17
CA SER M 194 18.32 -21.19 13.13
C SER M 194 17.46 -20.30 14.02
N GLY M 195 18.11 -19.53 14.88
CA GLY M 195 17.44 -18.56 15.75
C GLY M 195 16.80 -17.41 15.00
N GLY M 196 16.06 -16.57 15.72
CA GLY M 196 15.36 -15.47 15.06
C GLY M 196 15.13 -14.22 15.89
N VAL M 197 13.96 -13.62 15.69
CA VAL M 197 13.60 -12.33 16.29
C VAL M 197 12.32 -12.44 17.14
N ALA M 198 11.29 -13.08 16.57
CA ALA M 198 9.94 -13.09 17.17
C ALA M 198 9.66 -14.24 18.15
N SER M 199 10.71 -14.83 18.73
CA SER M 199 10.57 -15.95 19.67
C SER M 199 11.35 -15.74 20.97
N PRO M 200 10.77 -16.16 22.13
CA PRO M 200 11.33 -15.82 23.45
C PRO M 200 12.66 -16.49 23.89
N THR M 201 12.90 -17.73 23.50
CA THR M 201 13.98 -18.51 24.14
C THR M 201 15.29 -18.72 23.35
N ASP M 202 15.31 -18.33 22.08
CA ASP M 202 16.50 -18.55 21.24
C ASP M 202 17.24 -17.27 20.85
N PRO M 203 18.58 -17.26 21.05
CA PRO M 203 19.43 -16.25 20.45
C PRO M 203 19.49 -16.42 18.93
N ILE M 204 19.60 -15.29 18.22
CA ILE M 204 19.61 -15.25 16.74
C ILE M 204 20.68 -16.14 16.07
N ALA M 205 21.90 -16.10 16.61
CA ALA M 205 23.06 -16.71 15.97
C ALA M 205 23.05 -18.25 15.84
N ASN M 206 22.45 -18.93 16.81
CA ASN M 206 22.56 -20.40 16.90
C ASN M 206 21.61 -21.24 16.03
N THR M 207 22.10 -22.40 15.59
CA THR M 207 21.39 -23.29 14.68
C THR M 207 20.27 -24.08 15.35
N GLN M 208 19.18 -24.29 14.62
CA GLN M 208 18.07 -25.12 15.11
C GLN M 208 17.91 -26.38 14.27
N TYR M 209 17.38 -27.43 14.91
CA TYR M 209 17.31 -28.80 14.35
C TYR M 209 18.68 -29.47 14.17
N SER M 210 18.69 -30.80 14.12
CA SER M 210 19.91 -31.54 13.80
C SER M 210 19.92 -31.82 12.29
N GLU M 211 21.09 -32.17 11.78
CA GLU M 211 21.27 -32.47 10.35
C GLU M 211 20.43 -33.66 9.88
N ASP M 212 20.36 -34.69 10.73
CA ASP M 212 19.55 -35.89 10.50
C ASP M 212 18.06 -35.53 10.34
N GLU M 213 17.60 -34.62 11.21
CA GLU M 213 16.23 -34.10 11.19
C GLU M 213 15.91 -33.36 9.90
N ILE M 214 16.83 -32.50 9.45
CA ILE M 214 16.65 -31.74 8.19
C ILE M 214 16.66 -32.68 6.99
N ARG M 215 17.56 -33.67 7.03
CA ARG M 215 17.64 -34.69 5.99
C ARG M 215 16.32 -35.42 5.81
N ALA M 216 15.74 -35.86 6.93
CA ALA M 216 14.45 -36.56 6.93
C ALA M 216 13.30 -35.72 6.38
N ILE M 217 13.30 -34.42 6.70
CA ILE M 217 12.29 -33.47 6.20
C ILE M 217 12.44 -33.23 4.71
N VAL M 218 13.68 -33.04 4.25
CA VAL M 218 13.97 -32.87 2.83
C VAL M 218 13.64 -34.17 2.06
N ASP M 219 13.94 -35.32 2.66
CA ASP M 219 13.56 -36.63 2.12
C ASP M 219 12.06 -36.77 1.88
N GLU M 220 11.25 -36.36 2.87
CA GLU M 220 9.80 -36.48 2.76
C GLU M 220 9.16 -35.43 1.87
N ALA M 221 9.81 -34.27 1.74
CA ALA M 221 9.33 -33.20 0.86
C ALA M 221 9.54 -33.58 -0.60
N GLU M 222 10.73 -34.13 -0.89
CA GLU M 222 11.05 -34.66 -2.21
C GLU M 222 10.12 -35.83 -2.58
N ALA M 223 9.85 -36.71 -1.61
CA ALA M 223 9.00 -37.88 -1.81
C ALA M 223 7.54 -37.53 -2.08
N ALA M 224 7.16 -36.28 -1.87
CA ALA M 224 5.82 -35.82 -2.22
C ALA M 224 5.88 -34.79 -3.34
N ASN M 225 6.95 -34.86 -4.13
CA ASN M 225 7.19 -33.99 -5.29
C ASN M 225 7.16 -32.49 -4.97
N THR M 226 7.83 -32.11 -3.88
CA THR M 226 8.00 -30.70 -3.49
C THR M 226 9.34 -30.41 -2.76
N TYR M 227 9.42 -29.29 -2.05
CA TYR M 227 10.69 -28.78 -1.53
C TYR M 227 10.62 -28.25 -0.09
N VAL M 228 11.75 -27.81 0.45
CA VAL M 228 11.80 -27.22 1.81
C VAL M 228 12.27 -25.77 1.82
N MET M 229 11.49 -24.90 2.47
CA MET M 229 11.92 -23.55 2.81
C MET M 229 12.43 -23.50 4.26
N ALA M 230 13.63 -22.96 4.42
CA ALA M 230 14.29 -22.90 5.72
C ALA M 230 14.48 -21.46 6.18
N HIS M 231 14.22 -21.23 7.47
CA HIS M 231 14.48 -19.93 8.10
C HIS M 231 15.91 -19.91 8.62
N ALA M 232 16.75 -19.08 8.01
CA ALA M 232 18.17 -19.04 8.35
C ALA M 232 18.76 -17.63 8.34
N TYR M 233 19.72 -17.39 9.25
CA TYR M 233 20.39 -16.09 9.35
C TYR M 233 21.90 -16.13 9.11
N THR M 234 22.63 -16.80 10.01
CA THR M 234 24.09 -16.83 9.92
C THR M 234 24.58 -17.75 8.80
N GLY M 235 25.79 -17.48 8.32
CA GLY M 235 26.39 -18.23 7.21
C GLY M 235 26.59 -19.72 7.47
N ARG M 236 26.93 -20.06 8.71
CA ARG M 236 27.08 -21.45 9.12
C ARG M 236 25.73 -22.19 9.07
N ALA M 237 24.69 -21.53 9.59
CA ALA M 237 23.31 -22.05 9.59
C ALA M 237 22.74 -22.26 8.18
N ILE M 238 23.06 -21.33 7.29
CA ILE M 238 22.69 -21.42 5.87
C ILE M 238 23.41 -22.59 5.20
N ALA M 239 24.69 -22.74 5.50
CA ALA M 239 25.52 -23.79 4.93
C ALA M 239 24.98 -25.19 5.20
N ARG M 240 24.77 -25.52 6.48
CA ARG M 240 24.35 -26.87 6.89
C ARG M 240 22.95 -27.25 6.41
N ALA M 241 22.09 -26.26 6.25
CA ALA M 241 20.74 -26.46 5.75
C ALA M 241 20.74 -26.88 4.28
N VAL M 242 21.46 -26.12 3.46
CA VAL M 242 21.60 -26.38 2.02
C VAL M 242 22.38 -27.68 1.78
N ARG M 243 23.34 -27.96 2.67
CA ARG M 243 24.06 -29.23 2.74
C ARG M 243 23.11 -30.42 2.89
N CYS M 244 22.02 -30.21 3.62
CA CYS M 244 21.01 -31.25 3.82
C CYS M 244 19.85 -31.15 2.81
N GLY M 245 19.96 -30.21 1.87
CA GLY M 245 19.12 -30.23 0.67
C GLY M 245 17.87 -29.36 0.64
N VAL M 246 17.84 -28.30 1.45
CA VAL M 246 16.72 -27.34 1.38
C VAL M 246 16.79 -26.53 0.08
N ARG M 247 15.64 -26.13 -0.44
CA ARG M 247 15.61 -25.48 -1.73
C ARG M 247 15.62 -23.96 -1.62
N THR M 248 14.74 -23.40 -0.80
CA THR M 248 14.71 -21.94 -0.67
C THR M 248 15.13 -21.50 0.73
N ILE M 249 15.85 -20.39 0.78
CA ILE M 249 16.37 -19.85 2.03
C ILE M 249 15.63 -18.58 2.41
N GLU M 250 14.95 -18.62 3.54
CA GLU M 250 14.20 -17.47 4.01
C GLU M 250 15.11 -16.56 4.84
N HIS M 251 14.93 -15.25 4.63
CA HIS M 251 15.76 -14.17 5.21
C HIS M 251 17.23 -14.23 4.75
N GLY M 252 18.09 -14.92 5.49
CA GLY M 252 19.50 -15.09 5.11
C GLY M 252 20.34 -13.83 5.22
N ASN M 253 20.03 -13.01 6.22
CA ASN M 253 20.61 -11.68 6.37
C ASN M 253 22.11 -11.61 6.69
N LEU M 254 22.66 -12.67 7.27
CA LEU M 254 24.07 -12.67 7.64
C LEU M 254 24.87 -13.70 6.83
N VAL M 255 25.00 -13.41 5.54
CA VAL M 255 25.77 -14.26 4.62
C VAL M 255 27.20 -13.80 4.40
N ASP M 256 28.10 -14.78 4.30
CA ASP M 256 29.42 -14.58 3.70
C ASP M 256 29.33 -15.05 2.25
N GLU M 257 30.36 -14.78 1.46
CA GLU M 257 30.36 -15.17 0.04
C GLU M 257 30.57 -16.69 -0.18
N ALA M 258 31.12 -17.36 0.82
CA ALA M 258 31.32 -18.81 0.77
C ALA M 258 30.01 -19.56 1.03
N ALA M 259 29.17 -18.95 1.86
CA ALA M 259 27.80 -19.44 2.09
C ALA M 259 26.96 -19.27 0.83
N ALA M 260 27.09 -18.10 0.20
CA ALA M 260 26.38 -17.77 -1.03
C ALA M 260 26.82 -18.63 -2.22
N LYS M 261 28.09 -19.02 -2.24
CA LYS M 261 28.64 -19.84 -3.32
C LYS M 261 28.03 -21.24 -3.33
N LEU M 262 27.91 -21.86 -2.16
CA LEU M 262 27.35 -23.21 -2.01
C LEU M 262 25.86 -23.26 -2.34
N MET M 263 25.16 -22.17 -2.05
CA MET M 263 23.76 -21.98 -2.44
C MET M 263 23.58 -21.90 -3.95
N HIS M 264 24.50 -21.21 -4.63
CA HIS M 264 24.55 -21.21 -6.09
C HIS M 264 24.89 -22.60 -6.61
N GLU M 265 25.85 -23.26 -5.94
CA GLU M 265 26.29 -24.62 -6.26
C GLU M 265 25.21 -25.69 -6.13
N HIS M 266 24.16 -25.39 -5.38
CA HIS M 266 22.99 -26.28 -5.27
C HIS M 266 21.73 -25.61 -5.82
N GLY M 267 21.88 -24.47 -6.47
CA GLY M 267 20.76 -23.74 -7.10
C GLY M 267 19.69 -23.20 -6.16
N ALA M 268 20.07 -23.02 -4.89
CA ALA M 268 19.17 -22.58 -3.83
C ALA M 268 18.77 -21.11 -3.98
N PHE M 269 17.47 -20.86 -3.87
CA PHE M 269 16.93 -19.50 -3.96
C PHE M 269 17.03 -18.85 -2.58
N VAL M 270 16.97 -17.52 -2.53
CA VAL M 270 16.87 -16.80 -1.27
C VAL M 270 15.71 -15.83 -1.34
N VAL M 271 14.92 -15.77 -0.27
CA VAL M 271 13.90 -14.73 -0.15
C VAL M 271 14.24 -13.80 1.02
N PRO M 272 14.87 -12.64 0.72
CA PRO M 272 15.04 -11.61 1.74
C PRO M 272 13.70 -10.97 2.07
N THR M 273 13.56 -10.46 3.30
CA THR M 273 12.37 -9.71 3.70
C THR M 273 12.77 -8.45 4.47
N LEU M 274 13.39 -7.51 3.77
CA LEU M 274 14.02 -6.35 4.40
C LEU M 274 13.05 -5.28 4.92
N VAL M 275 11.83 -5.28 4.37
CA VAL M 275 10.79 -4.34 4.78
C VAL M 275 10.22 -4.63 6.17
N THR M 276 10.37 -5.88 6.65
CA THR M 276 9.94 -6.24 8.00
C THR M 276 10.93 -5.79 9.07
N TYR M 277 12.17 -5.51 8.67
CA TYR M 277 13.19 -5.06 9.60
C TYR M 277 13.25 -3.53 9.69
N ASP M 278 12.71 -2.86 8.67
CA ASP M 278 12.57 -1.41 8.70
C ASP M 278 11.29 -0.99 9.41
N ALA M 279 10.28 -1.87 9.37
CA ALA M 279 8.99 -1.62 10.03
C ALA M 279 9.08 -1.77 11.55
N LEU M 280 9.83 -2.78 12.01
CA LEU M 280 10.06 -3.01 13.44
C LEU M 280 11.11 -2.06 14.01
N ALA M 281 11.72 -1.26 13.13
CA ALA M 281 12.66 -0.20 13.51
C ALA M 281 11.96 1.14 13.75
N LYS M 282 10.64 1.15 13.63
CA LYS M 282 9.82 2.32 13.98
C LYS M 282 8.65 1.93 14.89
N HIS M 283 7.91 0.90 14.51
CA HIS M 283 6.78 0.44 15.30
C HIS M 283 6.94 -1.02 15.75
N GLY M 284 8.10 -1.32 16.33
CA GLY M 284 8.40 -2.67 16.81
C GLY M 284 7.68 -2.99 18.10
N ALA M 285 8.18 -2.41 19.20
CA ALA M 285 7.56 -2.52 20.51
C ALA M 285 6.25 -1.73 20.59
N GLU M 286 6.09 -0.78 19.68
CA GLU M 286 4.92 0.10 19.59
C GLU M 286 3.62 -0.66 19.23
N PHE M 287 3.75 -1.76 18.49
CA PHE M 287 2.59 -2.56 18.07
C PHE M 287 2.37 -3.88 18.83
N GLY M 288 2.88 -3.95 20.06
CA GLY M 288 2.56 -5.06 20.95
C GLY M 288 3.58 -6.19 21.07
N MET M 289 4.63 -6.12 20.26
CA MET M 289 5.69 -7.13 20.31
C MET M 289 6.62 -6.85 21.49
N PRO M 290 6.82 -7.84 22.37
CA PRO M 290 7.66 -7.80 23.59
C PRO M 290 9.04 -7.16 23.38
N PRO M 291 9.51 -6.36 24.36
CA PRO M 291 10.74 -5.55 24.26
C PRO M 291 12.07 -6.29 23.97
N GLU M 292 12.15 -7.59 24.28
CA GLU M 292 13.39 -8.35 24.00
C GLU M 292 13.48 -8.87 22.56
N SER M 293 12.35 -8.88 21.87
CA SER M 293 12.30 -9.21 20.43
C SER M 293 12.83 -8.04 19.61
N VAL M 294 12.50 -6.82 20.03
CA VAL M 294 12.95 -5.59 19.37
C VAL M 294 14.42 -5.29 19.71
N ALA M 295 14.93 -5.96 20.75
CA ALA M 295 16.34 -5.89 21.11
C ALA M 295 17.22 -6.73 20.17
N LYS M 296 16.61 -7.73 19.52
CA LYS M 296 17.31 -8.58 18.54
C LYS M 296 17.00 -8.25 17.08
N VAL M 297 16.20 -7.21 16.85
CA VAL M 297 15.83 -6.77 15.49
C VAL M 297 16.79 -5.69 14.95
N ALA M 298 17.62 -5.15 15.84
CA ALA M 298 18.50 -4.02 15.52
C ALA M 298 19.72 -4.37 14.65
N SER M 299 20.18 -5.62 14.74
CA SER M 299 21.40 -6.04 14.05
C SER M 299 21.19 -6.76 12.72
N VAL M 300 20.03 -7.39 12.56
CA VAL M 300 19.68 -8.14 11.34
C VAL M 300 19.40 -7.24 10.13
N GLN M 301 19.04 -5.99 10.38
CA GLN M 301 18.78 -5.01 9.32
C GLN M 301 20.07 -4.38 8.79
N GLN M 302 21.14 -4.43 9.59
CA GLN M 302 22.43 -3.82 9.25
C GLN M 302 23.06 -4.46 8.02
N LYS M 303 23.23 -5.78 8.09
CA LYS M 303 23.75 -6.56 6.97
C LYS M 303 22.67 -6.82 5.92
N GLY M 304 21.44 -6.33 6.19
CA GLY M 304 20.27 -6.55 5.35
C GLY M 304 20.37 -6.05 3.93
N ARG M 305 20.78 -4.80 3.77
CA ARG M 305 21.03 -4.23 2.45
C ARG M 305 22.33 -4.77 1.86
N GLU M 306 23.27 -5.06 2.77
CA GLU M 306 24.59 -5.59 2.42
C GLU M 306 24.53 -7.01 1.86
N SER M 307 23.51 -7.77 2.23
CA SER M 307 23.35 -9.17 1.80
C SER M 307 22.98 -9.32 0.33
N LEU M 308 22.14 -8.39 -0.15
CA LEU M 308 21.61 -8.39 -1.53
C LEU M 308 22.68 -8.34 -2.61
N GLU M 309 23.77 -7.63 -2.33
CA GLU M 309 24.90 -7.52 -3.26
C GLU M 309 25.78 -8.76 -3.26
N ILE M 310 25.86 -9.47 -2.13
CA ILE M 310 26.58 -10.74 -2.04
C ILE M 310 25.81 -11.79 -2.84
N TYR M 311 24.48 -11.67 -2.81
CA TYR M 311 23.60 -12.50 -3.62
C TYR M 311 23.67 -12.13 -5.11
N ALA M 312 23.88 -10.84 -5.38
CA ALA M 312 24.07 -10.35 -6.74
C ALA M 312 25.42 -10.81 -7.31
N ASN M 313 26.44 -10.82 -6.47
CA ASN M 313 27.80 -11.16 -6.88
C ASN M 313 28.19 -12.62 -6.60
N ALA M 314 27.19 -13.47 -6.36
CA ALA M 314 27.39 -14.91 -6.37
C ALA M 314 26.42 -15.57 -7.35
N GLY M 315 25.54 -14.75 -7.92
CA GLY M 315 24.56 -15.20 -8.91
C GLY M 315 23.41 -16.00 -8.31
N VAL M 316 23.07 -15.68 -7.06
CA VAL M 316 22.00 -16.36 -6.34
C VAL M 316 20.65 -15.68 -6.62
N LYS M 317 19.66 -16.49 -6.99
CA LYS M 317 18.32 -16.01 -7.32
C LYS M 317 17.63 -15.44 -6.09
N MET M 318 16.93 -14.32 -6.27
CA MET M 318 16.28 -13.64 -5.15
C MET M 318 14.78 -13.48 -5.32
N GLY M 319 14.04 -14.09 -4.40
CA GLY M 319 12.59 -13.97 -4.39
C GLY M 319 12.16 -12.81 -3.53
N PHE M 320 11.06 -12.18 -3.93
CA PHE M 320 10.42 -11.10 -3.18
C PHE M 320 9.74 -11.66 -1.93
N GLY M 321 9.81 -10.92 -0.84
CA GLY M 321 9.14 -11.31 0.41
C GLY M 321 8.98 -10.14 1.35
N SER M 322 7.81 -10.06 1.98
CA SER M 322 7.52 -8.96 2.91
C SER M 322 7.65 -9.35 4.39
N ASP M 323 7.02 -10.46 4.78
CA ASP M 323 7.04 -11.01 6.15
C ASP M 323 6.51 -10.04 7.23
N LEU M 324 5.48 -9.29 6.88
CA LEU M 324 4.96 -8.28 7.80
C LEU M 324 3.86 -8.82 8.69
N LEU M 325 4.03 -8.62 9.99
CA LEU M 325 3.12 -9.12 10.99
C LEU M 325 2.16 -8.02 11.41
N GLY M 326 0.89 -8.39 11.56
CA GLY M 326 -0.13 -7.51 12.10
C GLY M 326 -0.53 -6.32 11.28
N GLU M 327 -0.55 -5.17 11.94
CA GLU M 327 -0.99 -3.91 11.35
C GLU M 327 0.06 -3.33 10.40
N MET M 328 1.28 -3.87 10.49
CA MET M 328 2.36 -3.50 9.58
C MET M 328 2.23 -4.15 8.20
N HIS M 329 1.10 -4.83 7.97
CA HIS M 329 0.79 -5.44 6.67
C HIS M 329 0.64 -4.43 5.53
N ALA M 330 0.37 -3.18 5.90
CA ALA M 330 0.27 -2.07 4.95
C ALA M 330 1.60 -1.71 4.25
N PHE M 331 2.72 -2.17 4.81
CA PHE M 331 4.06 -1.85 4.29
C PHE M 331 4.53 -2.80 3.18
N GLN M 332 3.61 -3.65 2.69
CA GLN M 332 3.92 -4.77 1.79
C GLN M 332 4.59 -4.41 0.46
N SER M 333 4.18 -3.29 -0.12
CA SER M 333 4.75 -2.83 -1.39
C SER M 333 6.09 -2.12 -1.22
N GLY M 334 6.38 -1.70 0.02
CA GLY M 334 7.62 -0.98 0.34
C GLY M 334 8.93 -1.70 0.04
N GLU M 335 8.90 -3.03 0.03
CA GLU M 335 10.06 -3.87 -0.28
C GLU M 335 10.56 -3.69 -1.72
N PHE M 336 9.64 -3.31 -2.63
CA PHE M 336 9.98 -3.02 -4.03
C PHE M 336 11.02 -1.91 -4.16
N ARG M 337 10.83 -0.86 -3.38
CA ARG M 337 11.70 0.31 -3.37
C ARG M 337 13.05 0.01 -2.73
N ILE M 338 13.02 -0.72 -1.61
CA ILE M 338 14.22 -1.13 -0.87
C ILE M 338 15.15 -2.01 -1.72
N ARG M 339 14.55 -2.92 -2.49
CA ARG M 339 15.29 -3.80 -3.38
C ARG M 339 15.83 -3.07 -4.62
N ALA M 340 15.11 -2.02 -5.03
CA ALA M 340 15.49 -1.25 -6.21
C ALA M 340 16.72 -0.37 -5.97
N GLU M 341 16.79 0.25 -4.80
CA GLU M 341 17.90 1.11 -4.40
C GLU M 341 19.23 0.37 -4.33
N VAL M 342 19.17 -0.93 -4.10
CA VAL M 342 20.35 -1.77 -4.06
C VAL M 342 20.63 -2.41 -5.43
N LEU M 343 19.58 -2.73 -6.18
CA LEU M 343 19.72 -3.59 -7.37
C LEU M 343 19.00 -3.18 -8.67
N GLY M 344 18.47 -1.97 -8.71
CA GLY M 344 17.80 -1.47 -9.92
C GLY M 344 16.34 -1.86 -10.02
N ASN M 345 15.60 -1.23 -10.93
CA ASN M 345 14.16 -1.42 -11.04
C ASN M 345 13.71 -2.76 -11.62
N LEU M 346 14.41 -3.22 -12.65
CA LEU M 346 14.02 -4.45 -13.33
C LEU M 346 14.22 -5.68 -12.45
N GLU M 347 15.32 -5.69 -11.69
CA GLU M 347 15.63 -6.80 -10.81
C GLU M 347 14.66 -6.89 -9.63
N ALA M 348 14.22 -5.72 -9.16
CA ALA M 348 13.24 -5.62 -8.08
C ALA M 348 11.85 -6.09 -8.52
N LEU M 349 11.58 -6.02 -9.82
CA LEU M 349 10.33 -6.53 -10.39
C LEU M 349 10.45 -8.00 -10.80
N ARG M 350 11.65 -8.42 -11.18
CA ARG M 350 11.95 -9.83 -11.48
C ARG M 350 11.75 -10.73 -10.26
N SER M 351 12.07 -10.19 -9.08
CA SER M 351 11.90 -10.88 -7.80
C SER M 351 10.46 -11.26 -7.49
N ALA M 352 9.51 -10.40 -7.88
CA ALA M 352 8.10 -10.62 -7.62
C ALA M 352 7.36 -11.21 -8.82
N THR M 353 8.11 -11.57 -9.87
CA THR M 353 7.51 -12.13 -11.08
C THR M 353 8.22 -13.40 -11.55
N THR M 354 9.37 -13.22 -12.21
CA THR M 354 10.07 -14.30 -12.88
C THR M 354 10.80 -15.24 -11.92
N VAL M 355 11.49 -14.66 -10.93
CA VAL M 355 12.19 -15.45 -9.92
C VAL M 355 11.17 -16.11 -8.99
N ALA M 356 10.14 -15.34 -8.64
CA ALA M 356 9.02 -15.77 -7.81
C ALA M 356 8.28 -16.99 -8.36
N ALA M 357 8.02 -16.98 -9.67
CA ALA M 357 7.31 -18.07 -10.34
C ALA M 357 8.09 -19.38 -10.36
N GLU M 358 9.42 -19.28 -10.45
CA GLU M 358 10.27 -20.46 -10.44
C GLU M 358 10.26 -21.13 -9.09
N ILE M 359 10.20 -20.32 -8.03
CA ILE M 359 10.17 -20.78 -6.64
C ILE M 359 8.97 -21.69 -6.39
N VAL M 360 7.80 -21.22 -6.80
CA VAL M 360 6.56 -22.00 -6.64
C VAL M 360 6.29 -22.98 -7.79
N ASN M 361 7.33 -23.20 -8.62
CA ASN M 361 7.31 -24.11 -9.77
C ASN M 361 6.22 -23.79 -10.81
N MET M 362 5.99 -22.50 -11.04
CA MET M 362 5.00 -22.02 -11.98
C MET M 362 5.67 -21.18 -13.06
N GLN M 363 6.86 -21.62 -13.47
CA GLN M 363 7.61 -20.93 -14.52
C GLN M 363 6.93 -21.12 -15.87
N GLY M 364 6.75 -20.00 -16.57
CA GLY M 364 5.99 -19.98 -17.81
C GLY M 364 4.49 -19.83 -17.57
N GLN M 365 4.05 -20.18 -16.36
CA GLN M 365 2.63 -20.19 -16.02
C GLN M 365 2.20 -18.89 -15.34
N LEU M 366 2.99 -18.45 -14.36
CA LEU M 366 2.74 -17.20 -13.64
C LEU M 366 3.93 -16.26 -13.76
N GLY M 367 3.69 -14.97 -13.46
CA GLY M 367 4.72 -13.93 -13.49
C GLY M 367 5.25 -13.52 -14.86
N VAL M 368 4.61 -14.00 -15.92
CA VAL M 368 5.03 -13.70 -17.28
C VAL M 368 3.80 -13.61 -18.21
N ILE M 369 3.65 -12.46 -18.86
CA ILE M 369 2.61 -12.27 -19.86
C ILE M 369 2.98 -13.06 -21.13
N ALA M 370 2.43 -14.26 -21.25
CA ALA M 370 2.77 -15.15 -22.36
C ALA M 370 1.56 -15.92 -22.88
N VAL M 371 1.69 -16.42 -24.11
CA VAL M 371 0.64 -17.22 -24.75
C VAL M 371 0.59 -18.61 -24.12
N GLY M 372 -0.57 -18.95 -23.57
CA GLY M 372 -0.80 -20.24 -22.91
C GLY M 372 -0.52 -20.21 -21.41
N ALA M 373 -0.39 -19.00 -20.86
CA ALA M 373 -0.10 -18.79 -19.44
C ALA M 373 -1.34 -18.33 -18.67
N ILE M 374 -1.29 -18.45 -17.35
CA ILE M 374 -2.38 -18.01 -16.48
C ILE M 374 -2.43 -16.47 -16.43
N ALA M 375 -3.62 -15.93 -16.66
CA ALA M 375 -3.82 -14.48 -16.83
C ALA M 375 -3.93 -13.70 -15.51
N ASP M 376 -2.89 -13.77 -14.68
CA ASP M 376 -2.83 -12.93 -13.49
C ASP M 376 -2.10 -11.64 -13.85
N LEU M 377 -2.89 -10.56 -14.02
CA LEU M 377 -2.38 -9.30 -14.55
C LEU M 377 -2.70 -8.10 -13.67
N VAL M 378 -1.79 -7.13 -13.67
CA VAL M 378 -1.95 -5.87 -12.94
C VAL M 378 -1.94 -4.70 -13.92
N VAL M 379 -3.02 -3.91 -13.89
CA VAL M 379 -3.04 -2.64 -14.62
C VAL M 379 -2.50 -1.54 -13.70
N LEU M 380 -1.45 -0.88 -14.18
CA LEU M 380 -0.73 0.11 -13.39
C LEU M 380 -0.65 1.44 -14.14
N ASP M 381 -0.64 2.55 -13.40
CA ASP M 381 -0.55 3.89 -14.00
C ASP M 381 0.88 4.42 -13.93
N GLY M 382 1.48 4.65 -15.10
CA GLY M 382 2.88 5.06 -15.20
C GLY M 382 3.80 3.86 -15.27
N ASN M 383 5.07 4.11 -15.58
CA ASN M 383 6.06 3.04 -15.76
C ASN M 383 6.93 2.85 -14.51
N PRO M 384 6.88 1.64 -13.90
CA PRO M 384 7.75 1.31 -12.77
C PRO M 384 9.20 1.07 -13.14
N LEU M 385 9.46 0.83 -14.43
CA LEU M 385 10.81 0.73 -14.99
C LEU M 385 11.54 2.05 -14.88
N GLU M 386 10.80 3.14 -15.13
CA GLU M 386 11.35 4.49 -15.04
C GLU M 386 11.17 5.09 -13.64
N ASP M 387 10.22 4.55 -12.87
CA ASP M 387 9.93 5.05 -11.51
C ASP M 387 9.30 3.97 -10.63
N ILE M 388 10.10 3.39 -9.72
CA ILE M 388 9.63 2.33 -8.81
C ILE M 388 8.60 2.81 -7.78
N GLY M 389 8.41 4.12 -7.69
CA GLY M 389 7.44 4.74 -6.79
C GLY M 389 6.00 4.34 -7.04
N VAL M 390 5.65 4.10 -8.31
CA VAL M 390 4.26 3.81 -8.71
C VAL M 390 3.73 2.43 -8.25
N VAL M 391 4.66 1.53 -7.90
CA VAL M 391 4.34 0.22 -7.33
C VAL M 391 4.52 0.27 -5.81
N ALA M 392 5.68 0.75 -5.37
CA ALA M 392 6.11 0.69 -3.98
C ALA M 392 5.36 1.61 -3.00
N ASP M 393 4.59 2.56 -3.53
CA ASP M 393 3.85 3.53 -2.70
C ASP M 393 2.52 2.96 -2.18
N GLU M 394 2.57 1.72 -1.67
CA GLU M 394 1.40 0.90 -1.30
C GLU M 394 0.45 0.64 -2.48
N GLY M 395 1.02 0.57 -3.68
CA GLY M 395 0.25 0.50 -4.92
C GLY M 395 -0.61 1.74 -5.07
N ALA M 396 0.03 2.90 -5.17
CA ALA M 396 -0.69 4.18 -5.27
C ALA M 396 -1.24 4.40 -6.67
N ARG M 397 -0.78 3.59 -7.62
CA ARG M 397 -1.24 3.68 -9.00
C ARG M 397 -1.58 2.32 -9.61
N VAL M 398 -2.32 1.50 -8.87
CA VAL M 398 -2.95 0.30 -9.42
C VAL M 398 -4.48 0.47 -9.47
N GLU M 399 -5.03 0.46 -10.68
CA GLU M 399 -6.47 0.68 -10.87
C GLU M 399 -7.26 -0.59 -11.22
N TYR M 400 -6.62 -1.56 -11.89
CA TYR M 400 -7.26 -2.85 -12.12
C TYR M 400 -6.38 -4.01 -11.70
N VAL M 401 -7.00 -5.02 -11.09
CA VAL M 401 -6.35 -6.30 -10.79
C VAL M 401 -7.19 -7.40 -11.42
N LEU M 402 -6.56 -8.24 -12.22
CA LEU M 402 -7.23 -9.36 -12.87
C LEU M 402 -6.56 -10.67 -12.48
N GLN M 403 -7.35 -11.59 -11.92
CA GLN M 403 -6.83 -12.86 -11.41
C GLN M 403 -7.50 -14.04 -12.11
N ARG M 404 -6.67 -14.97 -12.60
CA ARG M 404 -7.09 -16.08 -13.47
C ARG M 404 -8.11 -15.64 -14.53
N GLY M 405 -7.72 -14.65 -15.33
CA GLY M 405 -8.59 -14.08 -16.35
C GLY M 405 -9.51 -12.99 -15.86
N THR M 406 -10.33 -13.31 -14.87
CA THR M 406 -11.43 -12.44 -14.42
C THR M 406 -11.00 -11.25 -13.56
N LEU M 407 -11.77 -10.16 -13.67
CA LEU M 407 -11.47 -8.86 -13.03
C LEU M 407 -11.90 -8.78 -11.56
N VAL M 408 -10.97 -8.40 -10.69
CA VAL M 408 -11.21 -8.37 -9.25
C VAL M 408 -11.32 -6.96 -8.65
N LYS M 409 -10.42 -6.06 -9.05
CA LYS M 409 -10.38 -4.72 -8.45
C LYS M 409 -10.61 -3.57 -9.45
N ARG M 410 -11.24 -2.49 -8.98
CA ARG M 410 -11.43 -1.27 -9.77
C ARG M 410 -11.25 0.01 -8.94
N GLN M 411 -10.00 0.47 -8.81
CA GLN M 411 -9.67 1.60 -7.96
C GLN M 411 -8.98 2.71 -8.75
N THR N 4 -23.63 11.67 14.60
CA THR N 4 -23.92 10.65 15.65
C THR N 4 -25.42 10.54 15.97
N ILE N 5 -26.13 11.67 15.88
CA ILE N 5 -27.58 11.71 16.07
C ILE N 5 -28.33 11.64 14.72
N THR N 6 -29.33 10.76 14.63
CA THR N 6 -30.10 10.54 13.40
C THR N 6 -31.61 10.45 13.70
N VAL N 7 -32.45 10.81 12.72
CA VAL N 7 -33.92 10.77 12.87
C VAL N 7 -34.60 10.10 11.66
N LEU N 8 -35.44 9.09 11.93
CA LEU N 8 -36.40 8.62 10.95
C LEU N 8 -37.68 9.43 11.14
N GLN N 9 -38.27 9.90 10.04
CA GLN N 9 -39.45 10.76 10.13
C GLN N 9 -40.66 10.20 9.40
N GLY N 10 -41.84 10.47 9.96
CA GLY N 10 -43.12 10.15 9.34
C GLY N 10 -43.43 8.68 9.15
N GLY N 11 -42.75 7.82 9.91
CA GLY N 11 -42.97 6.37 9.83
C GLY N 11 -44.30 5.96 10.41
N ASN N 12 -44.78 4.79 9.98
CA ASN N 12 -46.03 4.24 10.52
C ASN N 12 -45.71 3.16 11.56
N VAL N 13 -45.34 3.63 12.74
CA VAL N 13 -44.73 2.82 13.81
C VAL N 13 -45.64 1.72 14.37
N LEU N 14 -45.17 0.48 14.28
CA LEU N 14 -45.93 -0.66 14.80
C LEU N 14 -45.55 -0.97 16.25
N ASP N 15 -46.34 -0.46 17.19
CA ASP N 15 -46.20 -0.85 18.58
C ASP N 15 -46.95 -2.17 18.78
N LEU N 16 -46.20 -3.21 19.13
CA LEU N 16 -46.64 -4.60 19.03
C LEU N 16 -47.63 -5.06 20.08
N GLU N 17 -47.26 -4.96 21.35
CA GLU N 17 -48.03 -5.45 22.50
C GLU N 17 -49.48 -4.96 22.54
N ARG N 18 -49.68 -3.71 22.09
CA ARG N 18 -51.01 -3.16 21.85
C ARG N 18 -51.56 -3.75 20.55
N GLY N 19 -51.05 -3.28 19.41
CA GLY N 19 -51.31 -3.94 18.12
C GLY N 19 -51.76 -3.12 16.92
N VAL N 20 -51.30 -1.88 16.81
CA VAL N 20 -51.65 -1.01 15.67
C VAL N 20 -50.45 -0.23 15.13
N LEU N 21 -50.64 0.41 13.97
CA LEU N 21 -49.68 1.38 13.47
C LEU N 21 -49.89 2.72 14.17
N LEU N 22 -48.79 3.40 14.45
CA LEU N 22 -48.83 4.76 14.98
C LEU N 22 -48.22 5.69 13.92
N GLU N 23 -49.07 6.08 12.97
CA GLU N 23 -48.62 6.82 11.78
C GLU N 23 -48.12 8.22 12.05
N HIS N 24 -47.14 8.63 11.23
CA HIS N 24 -46.45 9.93 11.28
C HIS N 24 -45.65 10.17 12.56
N HIS N 25 -45.45 9.09 13.32
CA HIS N 25 -44.62 9.15 14.52
C HIS N 25 -43.14 9.05 14.16
N HIS N 26 -42.44 10.16 14.35
CA HIS N 26 -40.99 10.26 14.14
C HIS N 26 -40.26 9.39 15.17
N VAL N 27 -39.12 8.83 14.76
CA VAL N 27 -38.27 8.07 15.68
C VAL N 27 -36.86 8.66 15.71
N VAL N 28 -36.45 9.16 16.88
CA VAL N 28 -35.14 9.77 17.06
C VAL N 28 -34.14 8.73 17.55
N ILE N 29 -32.96 8.72 16.93
CA ILE N 29 -31.89 7.80 17.29
C ILE N 29 -30.64 8.59 17.69
N ASP N 30 -30.09 8.27 18.85
CA ASP N 30 -28.82 8.83 19.28
C ASP N 30 -27.91 7.71 19.79
N GLY N 31 -26.62 7.81 19.49
CA GLY N 31 -25.61 6.86 19.94
C GLY N 31 -25.84 5.48 19.37
N GLU N 32 -26.65 4.70 20.09
CA GLU N 32 -27.05 3.36 19.68
C GLU N 32 -28.52 3.08 20.03
N ARG N 33 -29.20 4.07 20.60
CA ARG N 33 -30.52 3.84 21.21
C ARG N 33 -31.63 4.82 20.82
N ILE N 34 -32.88 4.38 21.01
CA ILE N 34 -34.08 5.18 20.74
C ILE N 34 -34.26 6.23 21.84
N VAL N 35 -34.40 7.49 21.44
CA VAL N 35 -34.53 8.61 22.38
C VAL N 35 -35.95 9.20 22.43
N GLU N 36 -36.68 9.12 21.30
CA GLU N 36 -38.03 9.71 21.22
C GLU N 36 -38.90 9.03 20.18
N VAL N 37 -40.12 8.66 20.60
CA VAL N 37 -41.17 8.18 19.69
C VAL N 37 -42.34 9.17 19.75
N THR N 38 -42.35 10.12 18.82
CA THR N 38 -43.28 11.25 18.86
C THR N 38 -43.94 11.57 17.51
N ASP N 39 -45.15 12.13 17.56
CA ASP N 39 -45.85 12.60 16.36
C ASP N 39 -45.63 14.10 16.15
N ARG N 40 -45.15 14.77 17.20
CA ARG N 40 -44.83 16.20 17.15
C ARG N 40 -43.68 16.45 16.18
N PRO N 41 -43.87 17.43 15.27
CA PRO N 41 -42.88 17.89 14.28
C PRO N 41 -41.46 17.96 14.84
N VAL N 42 -40.53 17.33 14.12
CA VAL N 42 -39.18 17.07 14.62
C VAL N 42 -38.29 18.33 14.68
N ASP N 43 -37.70 18.56 15.85
CA ASP N 43 -36.69 19.60 16.04
C ASP N 43 -35.32 19.06 15.60
N LEU N 44 -34.89 19.42 14.40
CA LEU N 44 -33.61 18.91 13.86
C LEU N 44 -32.59 19.98 13.49
N PRO N 45 -31.75 20.41 14.46
CA PRO N 45 -30.62 21.28 14.09
C PRO N 45 -29.47 20.50 13.45
N ASN N 46 -28.74 19.72 14.25
CA ASN N 46 -27.62 18.92 13.76
C ASN N 46 -27.98 17.43 13.64
N ALA N 47 -29.27 17.17 13.40
CA ALA N 47 -29.77 15.81 13.27
C ALA N 47 -29.93 15.41 11.81
N GLN N 48 -29.33 14.28 11.44
CA GLN N 48 -29.48 13.70 10.12
C GLN N 48 -30.88 13.08 10.01
N ALA N 49 -31.49 13.21 8.83
CA ALA N 49 -32.87 12.75 8.64
C ALA N 49 -33.00 11.71 7.53
N ILE N 50 -33.88 10.73 7.74
CA ILE N 50 -34.20 9.73 6.73
C ILE N 50 -35.72 9.62 6.56
N ASP N 51 -36.17 9.78 5.31
CA ASP N 51 -37.58 9.93 4.98
C ASP N 51 -38.31 8.60 4.82
N VAL N 52 -38.91 8.14 5.91
CA VAL N 52 -39.62 6.87 5.95
C VAL N 52 -41.14 7.10 5.96
N ARG N 53 -41.61 8.02 5.12
CA ARG N 53 -43.03 8.37 5.13
C ARG N 53 -43.89 7.35 4.36
N GLY N 54 -45.08 7.06 4.90
CA GLY N 54 -45.99 6.09 4.30
C GLY N 54 -45.58 4.63 4.46
N LYS N 55 -44.38 4.40 5.01
CA LYS N 55 -43.79 3.08 5.14
C LYS N 55 -43.75 2.64 6.62
N THR N 56 -44.10 1.38 6.85
CA THR N 56 -44.12 0.79 8.20
C THR N 56 -42.71 0.67 8.80
N VAL N 57 -42.56 1.12 10.05
CA VAL N 57 -41.32 0.91 10.81
C VAL N 57 -41.61 0.01 12.01
N MET N 58 -40.79 -1.03 12.18
CA MET N 58 -40.98 -2.02 13.24
C MET N 58 -39.62 -2.57 13.72
N PRO N 59 -39.58 -3.30 14.86
CA PRO N 59 -38.29 -3.80 15.35
C PRO N 59 -37.68 -4.89 14.47
N GLY N 60 -36.35 -4.87 14.36
CA GLY N 60 -35.59 -5.88 13.63
C GLY N 60 -35.71 -7.24 14.30
N PHE N 61 -36.19 -8.21 13.54
CA PHE N 61 -36.65 -9.49 14.09
C PHE N 61 -35.56 -10.34 14.76
N ILE N 62 -36.01 -11.29 15.56
CA ILE N 62 -35.13 -12.18 16.28
C ILE N 62 -35.47 -13.63 15.93
N ASP N 63 -34.50 -14.33 15.36
CA ASP N 63 -34.63 -15.75 15.08
C ASP N 63 -34.04 -16.53 16.26
N CYS N 64 -34.91 -17.25 16.96
CA CYS N 64 -34.52 -17.94 18.19
C CYS N 64 -33.88 -19.31 17.97
N HIS N 65 -33.69 -19.69 16.71
CA HIS N 65 -33.13 -21.00 16.38
C HIS N 65 -32.47 -21.03 15.00
N VAL N 66 -31.16 -20.79 14.95
CA VAL N 66 -30.40 -20.95 13.70
C VAL N 66 -29.15 -21.80 13.88
N HIS N 67 -28.55 -22.18 12.77
CA HIS N 67 -27.25 -22.86 12.75
C HIS N 67 -26.40 -22.21 11.69
N VAL N 68 -25.96 -20.99 12.00
CA VAL N 68 -25.10 -20.17 11.13
C VAL N 68 -23.98 -20.95 10.41
N LEU N 69 -23.37 -21.90 11.12
CA LEU N 69 -22.28 -22.72 10.59
C LEU N 69 -22.70 -23.97 9.81
N ALA N 70 -24.00 -24.28 9.79
CA ALA N 70 -24.49 -25.39 8.99
C ALA N 70 -24.61 -24.97 7.54
N SER N 71 -23.52 -25.15 6.80
CA SER N 71 -23.43 -24.73 5.41
C SER N 71 -23.77 -25.84 4.42
N ASN N 72 -24.10 -27.02 4.93
CA ASN N 72 -24.79 -28.07 4.15
C ASN N 72 -25.70 -28.94 5.01
N ALA N 73 -26.72 -29.52 4.38
CA ALA N 73 -27.79 -30.24 5.07
C ALA N 73 -27.42 -31.60 5.67
N ASN N 74 -26.25 -32.13 5.28
CA ASN N 74 -25.69 -33.29 5.94
C ASN N 74 -24.76 -32.80 7.05
N LEU N 75 -25.24 -32.88 8.29
CA LEU N 75 -24.51 -32.37 9.44
C LEU N 75 -23.35 -33.27 9.85
N GLY N 76 -23.39 -34.52 9.39
CA GLY N 76 -22.30 -35.48 9.57
C GLY N 76 -21.10 -35.12 8.70
N VAL N 77 -21.37 -34.60 7.52
CA VAL N 77 -20.30 -34.16 6.62
C VAL N 77 -19.99 -32.66 6.80
N ASN N 78 -20.91 -31.95 7.46
CA ASN N 78 -20.68 -30.56 7.85
C ASN N 78 -19.64 -30.48 8.96
N ALA N 79 -19.67 -31.47 9.84
CA ALA N 79 -18.76 -31.55 10.98
C ALA N 79 -17.34 -31.94 10.55
N THR N 80 -17.24 -32.73 9.48
CA THR N 80 -15.95 -33.24 9.03
C THR N 80 -15.21 -32.27 8.10
N GLN N 81 -15.89 -31.21 7.66
CA GLN N 81 -15.26 -30.18 6.83
C GLN N 81 -14.21 -29.39 7.64
N PRO N 82 -13.14 -28.90 6.98
CA PRO N 82 -12.08 -28.13 7.64
C PRO N 82 -12.56 -26.93 8.45
N ASN N 83 -11.81 -26.59 9.49
CA ASN N 83 -12.18 -25.56 10.46
C ASN N 83 -12.51 -24.21 9.85
N ILE N 84 -11.52 -23.62 9.20
CA ILE N 84 -11.66 -22.28 8.63
C ILE N 84 -12.68 -22.24 7.48
N LEU N 85 -12.70 -23.29 6.66
CA LEU N 85 -13.69 -23.39 5.57
C LEU N 85 -15.14 -23.46 6.06
N ALA N 86 -15.35 -24.03 7.25
CA ALA N 86 -16.66 -24.00 7.89
C ALA N 86 -17.03 -22.58 8.27
N ALA N 87 -16.07 -21.85 8.84
CA ALA N 87 -16.22 -20.46 9.27
C ALA N 87 -16.50 -19.48 8.13
N ILE N 88 -15.71 -19.60 7.04
CA ILE N 88 -15.88 -18.79 5.84
C ILE N 88 -17.31 -18.94 5.31
N ARG N 89 -17.75 -20.19 5.16
CA ARG N 89 -19.06 -20.52 4.60
C ARG N 89 -20.26 -19.98 5.39
N SER N 90 -20.02 -19.62 6.64
CA SER N 90 -21.07 -19.08 7.50
C SER N 90 -21.33 -17.60 7.22
N LEU N 91 -20.31 -16.91 6.72
CA LEU N 91 -20.36 -15.46 6.52
C LEU N 91 -21.37 -14.94 5.47
N PRO N 92 -21.56 -15.65 4.33
CA PRO N 92 -22.63 -15.19 3.46
C PRO N 92 -24.02 -15.52 4.01
N ILE N 93 -24.09 -16.58 4.83
CA ILE N 93 -25.34 -16.94 5.53
C ILE N 93 -25.70 -15.84 6.54
N LEU N 94 -24.69 -15.31 7.23
CA LEU N 94 -24.85 -14.19 8.16
C LEU N 94 -25.40 -12.94 7.49
N ASP N 95 -24.71 -12.47 6.45
CA ASP N 95 -25.09 -11.28 5.69
C ASP N 95 -26.51 -11.37 5.10
N ALA N 96 -26.88 -12.56 4.62
CA ALA N 96 -28.20 -12.82 4.04
C ALA N 96 -29.33 -12.81 5.06
N MET N 97 -29.01 -13.25 6.28
CA MET N 97 -29.96 -13.24 7.40
C MET N 97 -30.25 -11.82 7.86
N LEU N 98 -29.24 -10.95 7.76
CA LEU N 98 -29.36 -9.55 8.15
C LEU N 98 -30.20 -8.77 7.15
N SER N 99 -29.96 -9.02 5.86
CA SER N 99 -30.73 -8.39 4.79
C SER N 99 -32.17 -8.90 4.69
N ARG N 100 -32.48 -10.01 5.34
CA ARG N 100 -33.85 -10.48 5.46
C ARG N 100 -34.62 -9.78 6.59
N GLY N 101 -33.92 -8.94 7.35
CA GLY N 101 -34.54 -8.14 8.42
C GLY N 101 -34.20 -8.58 9.85
N PHE N 102 -33.69 -9.79 9.99
CA PHE N 102 -33.32 -10.35 11.29
C PHE N 102 -32.04 -9.71 11.82
N THR N 103 -32.18 -8.91 12.87
CA THR N 103 -31.06 -8.16 13.44
C THR N 103 -30.34 -8.93 14.54
N SER N 104 -30.95 -10.01 15.02
CA SER N 104 -30.36 -10.84 16.07
C SER N 104 -30.77 -12.30 15.91
N VAL N 105 -29.81 -13.20 16.12
CA VAL N 105 -30.08 -14.64 16.08
C VAL N 105 -29.58 -15.39 17.31
N ARG N 106 -30.39 -16.32 17.78
CA ARG N 106 -29.97 -17.24 18.82
C ARG N 106 -29.53 -18.53 18.15
N ASP N 107 -28.22 -18.71 18.04
CA ASP N 107 -27.66 -19.90 17.43
C ASP N 107 -27.88 -21.09 18.35
N ALA N 108 -28.25 -22.22 17.76
CA ALA N 108 -28.65 -23.41 18.51
C ALA N 108 -27.58 -24.50 18.52
N GLY N 109 -26.33 -24.10 18.33
CA GLY N 109 -25.22 -25.04 18.29
C GLY N 109 -24.34 -24.80 17.10
N GLY N 110 -23.04 -24.70 17.35
CA GLY N 110 -22.06 -24.45 16.30
C GLY N 110 -21.28 -23.18 16.56
N ALA N 111 -21.98 -22.04 16.50
CA ALA N 111 -21.36 -20.72 16.65
C ALA N 111 -20.82 -20.50 18.04
N ASP N 112 -19.73 -19.76 18.12
CA ASP N 112 -19.11 -19.47 19.39
C ASP N 112 -19.05 -17.96 19.67
N TRP N 113 -18.25 -17.62 20.68
CA TRP N 113 -18.03 -16.25 21.11
C TRP N 113 -17.30 -15.42 20.07
N SER N 114 -16.48 -16.08 19.24
CA SER N 114 -15.68 -15.41 18.21
C SER N 114 -16.54 -14.88 17.06
N LEU N 115 -17.58 -15.63 16.68
CA LEU N 115 -18.54 -15.16 15.68
C LEU N 115 -19.35 -13.98 16.21
N MET N 116 -19.70 -14.06 17.49
CA MET N 116 -20.36 -12.98 18.22
C MET N 116 -19.46 -11.74 18.31
N GLN N 117 -18.16 -11.97 18.49
CA GLN N 117 -17.16 -10.90 18.50
C GLN N 117 -17.07 -10.20 17.15
N ALA N 118 -17.05 -11.01 16.10
CA ALA N 118 -16.94 -10.54 14.72
C ALA N 118 -18.05 -9.54 14.38
N VAL N 119 -19.29 -9.89 14.69
CA VAL N 119 -20.42 -9.01 14.38
C VAL N 119 -20.48 -7.76 15.28
N GLU N 120 -19.97 -7.87 16.50
CA GLU N 120 -20.09 -6.77 17.47
C GLU N 120 -18.89 -5.83 17.49
N THR N 121 -17.78 -6.25 16.89
CA THR N 121 -16.71 -5.33 16.54
C THR N 121 -17.08 -4.66 15.22
N GLY N 122 -17.85 -5.37 14.41
CA GLY N 122 -18.24 -4.91 13.08
C GLY N 122 -17.33 -5.49 12.02
N LEU N 123 -16.43 -6.37 12.47
CA LEU N 123 -15.43 -7.04 11.62
C LEU N 123 -16.05 -7.99 10.58
N VAL N 124 -17.31 -8.37 10.83
CA VAL N 124 -18.08 -9.22 9.93
C VAL N 124 -19.54 -8.73 9.95
N SER N 125 -20.15 -8.68 8.77
CA SER N 125 -21.54 -8.26 8.67
C SER N 125 -22.50 -9.44 8.93
N GLY N 126 -23.47 -9.20 9.80
CA GLY N 126 -24.48 -10.20 10.15
C GLY N 126 -25.27 -9.75 11.36
N PRO N 127 -26.27 -10.55 11.78
CA PRO N 127 -27.05 -10.25 12.98
C PRO N 127 -26.27 -10.45 14.27
N ARG N 128 -26.85 -10.05 15.40
CA ARG N 128 -26.25 -10.27 16.70
C ARG N 128 -26.44 -11.73 17.08
N ILE N 129 -25.34 -12.42 17.30
CA ILE N 129 -25.40 -13.85 17.58
C ILE N 129 -25.43 -14.09 19.09
N PHE N 130 -26.38 -14.90 19.53
CA PHE N 130 -26.39 -15.39 20.90
C PHE N 130 -26.02 -16.87 20.88
N PRO N 131 -24.71 -17.16 21.04
CA PRO N 131 -24.16 -18.49 20.78
C PRO N 131 -24.50 -19.51 21.86
N SER N 132 -24.50 -20.78 21.48
CA SER N 132 -24.71 -21.89 22.40
C SER N 132 -23.43 -22.72 22.52
N GLY N 133 -22.43 -22.35 21.73
CA GLY N 133 -21.21 -23.13 21.63
C GLY N 133 -21.54 -24.41 20.90
N LYS N 134 -21.39 -25.53 21.58
CA LYS N 134 -21.86 -26.81 21.05
C LYS N 134 -23.09 -27.24 21.79
N ALA N 135 -24.01 -27.86 21.07
CA ALA N 135 -25.14 -28.53 21.68
C ALA N 135 -24.64 -29.76 22.47
N LEU N 136 -25.24 -30.04 23.61
CA LEU N 136 -24.84 -31.21 24.38
C LEU N 136 -25.68 -32.40 23.99
N SER N 137 -24.99 -33.50 23.67
CA SER N 137 -25.65 -34.74 23.27
C SER N 137 -25.16 -35.91 24.08
N GLN N 138 -26.02 -36.91 24.24
CA GLN N 138 -25.61 -38.17 24.84
C GLN N 138 -24.99 -39.06 23.77
N THR N 139 -24.38 -40.16 24.19
CA THR N 139 -23.80 -41.14 23.27
C THR N 139 -24.90 -41.83 22.47
N GLY N 140 -24.82 -41.68 21.15
CA GLY N 140 -25.83 -42.20 20.24
C GLY N 140 -27.03 -41.27 20.14
N GLY N 141 -26.87 -40.06 20.67
CA GLY N 141 -27.95 -39.08 20.70
C GLY N 141 -28.12 -38.31 19.41
N HIS N 142 -28.87 -37.22 19.49
CA HIS N 142 -29.24 -36.43 18.32
C HIS N 142 -28.08 -35.58 17.79
N GLY N 143 -27.16 -35.21 18.65
CA GLY N 143 -25.98 -34.47 18.23
C GLY N 143 -24.83 -35.36 17.82
N ASP N 144 -24.97 -36.66 18.09
CA ASP N 144 -24.01 -37.67 17.71
C ASP N 144 -24.26 -38.07 16.25
N PHE N 145 -23.24 -37.91 15.40
CA PHE N 145 -23.36 -38.22 13.98
C PHE N 145 -22.59 -39.47 13.56
N ARG N 146 -22.11 -40.22 14.54
CA ARG N 146 -21.34 -41.43 14.28
C ARG N 146 -22.23 -42.53 13.70
N PRO N 147 -21.72 -43.28 12.71
CA PRO N 147 -22.47 -44.37 12.08
C PRO N 147 -22.73 -45.56 13.02
N ARG N 148 -23.59 -46.47 12.57
CA ARG N 148 -23.96 -47.66 13.33
C ARG N 148 -22.81 -48.69 13.47
N GLY N 149 -21.79 -48.53 12.63
CA GLY N 149 -20.62 -49.43 12.61
C GLY N 149 -19.84 -49.54 13.90
N ASP N 150 -19.06 -48.51 14.22
CA ASP N 150 -18.20 -48.51 15.42
C ASP N 150 -18.00 -47.12 16.03
N LEU N 151 -17.50 -47.10 17.26
CA LEU N 151 -17.33 -45.88 18.04
C LEU N 151 -15.92 -45.69 18.60
N LEU N 152 -15.04 -45.07 17.82
CA LEU N 152 -13.80 -44.55 18.40
C LEU N 152 -14.02 -43.09 18.80
N GLU N 153 -13.18 -42.63 19.73
CA GLU N 153 -13.39 -41.36 20.44
C GLU N 153 -13.33 -40.11 19.54
N PRO N 154 -14.46 -39.37 19.47
CA PRO N 154 -14.47 -38.09 18.76
C PRO N 154 -14.19 -36.94 19.73
N CYS N 155 -12.93 -36.84 20.17
CA CYS N 155 -12.51 -35.74 21.05
C CYS N 155 -12.38 -34.44 20.27
N SER N 156 -12.41 -34.56 18.94
CA SER N 156 -12.40 -33.41 18.04
C SER N 156 -13.71 -32.63 18.01
N CYS N 157 -14.75 -33.14 18.68
CA CYS N 157 -16.08 -32.50 18.70
C CYS N 157 -16.09 -31.05 19.21
N CYS N 158 -15.13 -30.71 20.07
CA CYS N 158 -14.88 -29.32 20.46
C CYS N 158 -13.97 -28.60 19.48
N PHE N 159 -12.98 -29.32 18.94
CA PHE N 159 -11.97 -28.75 18.04
C PHE N 159 -12.51 -28.46 16.63
N ARG N 160 -13.41 -29.30 16.14
CA ARG N 160 -14.08 -29.08 14.86
C ARG N 160 -15.10 -27.95 15.00
N THR N 161 -14.83 -26.81 14.36
CA THR N 161 -15.72 -25.67 14.42
C THR N 161 -16.90 -25.79 13.47
N GLY N 162 -16.94 -26.89 12.72
CA GLY N 162 -18.07 -27.21 11.85
C GLY N 162 -19.10 -28.05 12.58
N ALA N 163 -18.72 -28.56 13.76
CA ALA N 163 -19.61 -29.38 14.57
C ALA N 163 -20.68 -28.55 15.25
N ILE N 164 -21.92 -28.99 15.12
CA ILE N 164 -23.06 -28.36 15.78
C ILE N 164 -23.02 -28.72 17.27
N ALA N 165 -22.64 -29.97 17.56
CA ALA N 165 -22.73 -30.51 18.91
C ALA N 165 -21.41 -31.07 19.48
N ARG N 166 -21.52 -31.65 20.68
CA ARG N 166 -20.46 -32.47 21.27
C ARG N 166 -21.13 -33.52 22.14
N VAL N 167 -20.50 -34.69 22.22
CA VAL N 167 -21.06 -35.82 22.97
C VAL N 167 -20.49 -35.87 24.40
N VAL N 168 -21.35 -35.64 25.38
CA VAL N 168 -21.00 -35.80 26.80
C VAL N 168 -22.04 -36.60 27.55
N ASP N 169 -21.55 -37.51 28.38
CA ASP N 169 -22.42 -38.32 29.24
C ASP N 169 -21.93 -38.25 30.68
N GLY N 170 -22.81 -38.60 31.61
CA GLY N 170 -22.48 -38.53 33.02
C GLY N 170 -22.95 -37.23 33.62
N VAL N 171 -23.27 -37.25 34.91
CA VAL N 171 -23.71 -36.06 35.63
C VAL N 171 -22.57 -35.06 35.75
N GLU N 172 -21.41 -35.53 36.19
CA GLU N 172 -20.22 -34.69 36.29
C GLU N 172 -19.58 -34.39 34.94
N GLY N 173 -19.85 -35.25 33.96
CA GLY N 173 -19.39 -35.04 32.58
C GLY N 173 -20.10 -33.88 31.90
N VAL N 174 -21.40 -33.75 32.15
CA VAL N 174 -22.19 -32.67 31.54
C VAL N 174 -22.13 -31.40 32.38
N ARG N 175 -21.74 -31.55 33.64
CA ARG N 175 -21.57 -30.41 34.54
C ARG N 175 -20.28 -29.69 34.15
N LEU N 176 -19.26 -30.49 33.85
CA LEU N 176 -17.99 -30.00 33.36
C LEU N 176 -18.20 -29.35 32.02
N ALA N 177 -18.94 -30.03 31.15
CA ALA N 177 -19.21 -29.58 29.78
C ALA N 177 -19.83 -28.19 29.72
N VAL N 178 -20.79 -27.92 30.60
CA VAL N 178 -21.44 -26.62 30.66
C VAL N 178 -20.42 -25.56 31.04
N ARG N 179 -19.65 -25.84 32.09
CA ARG N 179 -18.65 -24.91 32.64
C ARG N 179 -17.58 -24.53 31.61
N GLU N 180 -17.25 -25.48 30.74
CA GLU N 180 -16.36 -25.24 29.63
C GLU N 180 -17.01 -24.32 28.60
N GLU N 181 -18.21 -24.67 28.17
CA GLU N 181 -18.94 -23.90 27.15
C GLU N 181 -19.27 -22.49 27.60
N ILE N 182 -19.50 -22.32 28.90
CA ILE N 182 -19.76 -21.01 29.48
C ILE N 182 -18.49 -20.15 29.56
N GLN N 183 -17.34 -20.79 29.80
CA GLN N 183 -16.09 -20.04 29.88
C GLN N 183 -15.59 -19.68 28.48
N LYS N 184 -16.01 -20.47 27.49
CA LYS N 184 -15.80 -20.14 26.08
C LYS N 184 -16.61 -18.89 25.72
N GLY N 185 -17.82 -18.80 26.26
CA GLY N 185 -18.60 -17.56 26.19
C GLY N 185 -20.06 -17.68 25.82
N ALA N 186 -20.54 -18.90 25.64
CA ALA N 186 -21.92 -19.17 25.25
C ALA N 186 -22.91 -18.45 26.16
N THR N 187 -23.87 -17.75 25.53
CA THR N 187 -24.88 -16.99 26.27
C THR N 187 -25.98 -17.87 26.86
N GLN N 188 -26.15 -19.06 26.29
CA GLN N 188 -27.04 -20.08 26.85
C GLN N 188 -26.53 -21.48 26.48
N ILE N 189 -27.13 -22.51 27.07
CA ILE N 189 -26.69 -23.87 26.82
C ILE N 189 -27.80 -24.63 26.10
N ILE N 191 -29.21 -28.38 24.75
CA ILE N 191 -29.10 -29.84 24.88
C ILE N 191 -29.98 -30.56 23.87
N MET N 192 -29.86 -31.90 23.85
CA MET N 192 -30.66 -32.77 22.99
C MET N 192 -31.48 -33.71 23.87
N ALA N 193 -32.78 -33.40 24.02
CA ALA N 193 -33.62 -34.11 25.00
C ALA N 193 -34.44 -35.27 24.44
N SER N 194 -34.51 -35.39 23.11
CA SER N 194 -35.10 -36.55 22.44
C SER N 194 -34.44 -36.77 21.08
N GLY N 195 -34.97 -37.74 20.32
CA GLY N 195 -34.51 -38.02 18.96
C GLY N 195 -34.99 -36.96 17.99
N GLY N 196 -34.58 -37.07 16.73
CA GLY N 196 -34.95 -36.07 15.75
C GLY N 196 -35.08 -36.54 14.31
N VAL N 197 -34.33 -35.88 13.43
CA VAL N 197 -34.40 -36.13 11.99
C VAL N 197 -33.01 -36.37 11.40
N ALA N 198 -32.09 -35.42 11.60
CA ALA N 198 -30.80 -35.41 10.92
C ALA N 198 -29.69 -36.26 11.58
N SER N 199 -30.04 -36.97 12.66
CA SER N 199 -29.11 -37.87 13.33
C SER N 199 -29.31 -39.31 12.86
N PRO N 200 -28.21 -40.10 12.78
CA PRO N 200 -28.31 -41.44 12.17
C PRO N 200 -28.91 -42.55 13.03
N THR N 201 -28.67 -42.54 14.35
CA THR N 201 -28.94 -43.73 15.18
C THR N 201 -30.18 -43.70 16.09
N ASP N 202 -30.86 -42.56 16.17
CA ASP N 202 -31.94 -42.39 17.14
C ASP N 202 -33.31 -42.06 16.54
N PRO N 203 -34.33 -42.92 16.80
CA PRO N 203 -35.72 -42.64 16.47
C PRO N 203 -36.29 -41.46 17.25
N ILE N 204 -37.22 -40.75 16.61
CA ILE N 204 -37.84 -39.53 17.14
C ILE N 204 -38.60 -39.75 18.46
N ALA N 205 -39.30 -40.88 18.55
CA ALA N 205 -40.20 -41.19 19.67
C ALA N 205 -39.52 -41.27 21.03
N ASN N 206 -38.29 -41.76 21.05
CA ASN N 206 -37.58 -41.98 22.32
C ASN N 206 -36.77 -40.78 22.83
N THR N 207 -36.40 -40.83 24.11
CA THR N 207 -35.81 -39.69 24.82
C THR N 207 -34.29 -39.79 24.98
N GLN N 208 -33.68 -38.65 25.28
CA GLN N 208 -32.23 -38.57 25.47
C GLN N 208 -31.90 -37.79 26.74
N TYR N 209 -30.83 -38.22 27.40
CA TYR N 209 -30.37 -37.74 28.73
C TYR N 209 -31.28 -38.15 29.89
N SER N 210 -30.67 -38.57 30.99
CA SER N 210 -31.41 -38.86 32.20
C SER N 210 -31.71 -37.56 32.95
N GLU N 211 -32.60 -37.63 33.94
CA GLU N 211 -33.04 -36.45 34.70
C GLU N 211 -31.91 -35.84 35.52
N ASP N 212 -31.06 -36.70 36.07
CA ASP N 212 -29.91 -36.28 36.86
C ASP N 212 -28.94 -35.44 36.02
N GLU N 213 -28.83 -35.78 34.73
CA GLU N 213 -28.02 -35.04 33.78
C GLU N 213 -28.66 -33.70 33.41
N ILE N 214 -29.94 -33.71 33.06
CA ILE N 214 -30.66 -32.50 32.62
C ILE N 214 -30.76 -31.46 33.74
N ARG N 215 -30.99 -31.93 34.96
CA ARG N 215 -31.01 -31.05 36.13
C ARG N 215 -29.66 -30.39 36.41
N ALA N 216 -28.57 -31.17 36.33
CA ALA N 216 -27.22 -30.64 36.55
C ALA N 216 -26.81 -29.62 35.49
N ILE N 217 -27.35 -29.77 34.28
CA ILE N 217 -27.12 -28.81 33.19
C ILE N 217 -27.88 -27.52 33.49
N VAL N 218 -29.14 -27.66 33.88
CA VAL N 218 -30.01 -26.53 34.24
C VAL N 218 -29.43 -25.78 35.45
N ASP N 219 -28.96 -26.54 36.44
CA ASP N 219 -28.35 -25.99 37.65
C ASP N 219 -27.16 -25.08 37.34
N GLU N 220 -26.32 -25.48 36.40
CA GLU N 220 -25.12 -24.72 36.05
C GLU N 220 -25.41 -23.50 35.19
N ALA N 221 -26.41 -23.60 34.33
CA ALA N 221 -26.87 -22.48 33.53
C ALA N 221 -27.48 -21.42 34.43
N GLU N 222 -28.30 -21.87 35.38
CA GLU N 222 -28.88 -21.00 36.43
C GLU N 222 -27.80 -20.42 37.31
N ALA N 223 -26.68 -21.13 37.43
CA ALA N 223 -25.54 -20.67 38.23
C ALA N 223 -24.78 -19.57 37.51
N ALA N 224 -25.02 -19.43 36.20
CA ALA N 224 -24.30 -18.46 35.38
C ALA N 224 -25.23 -17.38 34.85
N ASN N 225 -26.36 -17.20 35.55
CA ASN N 225 -27.39 -16.21 35.19
C ASN N 225 -27.97 -16.39 33.78
N THR N 226 -28.13 -17.63 33.36
CA THR N 226 -28.75 -17.96 32.07
C THR N 226 -29.57 -19.25 32.11
N TYR N 227 -29.85 -19.83 30.94
CA TYR N 227 -30.87 -20.87 30.83
C TYR N 227 -30.49 -22.00 29.88
N VAL N 228 -31.45 -22.89 29.66
CA VAL N 228 -31.24 -24.05 28.79
C VAL N 228 -32.36 -24.15 27.76
N MET N 229 -31.97 -24.22 26.48
CA MET N 229 -32.88 -24.59 25.40
C MET N 229 -32.73 -26.08 25.10
N ALA N 230 -33.85 -26.75 24.87
CA ALA N 230 -33.86 -28.21 24.69
C ALA N 230 -34.58 -28.67 23.44
N HIS N 231 -34.10 -29.77 22.86
CA HIS N 231 -34.66 -30.36 21.65
C HIS N 231 -35.55 -31.54 22.04
N ALA N 232 -36.87 -31.39 21.86
CA ALA N 232 -37.84 -32.44 22.18
C ALA N 232 -39.06 -32.41 21.26
N TYR N 233 -39.51 -33.58 20.83
CA TYR N 233 -40.67 -33.66 19.93
C TYR N 233 -41.96 -34.08 20.64
N THR N 234 -41.94 -35.29 21.20
CA THR N 234 -43.10 -35.86 21.89
C THR N 234 -43.41 -35.13 23.20
N GLY N 235 -44.68 -35.08 23.55
CA GLY N 235 -45.14 -34.47 24.80
C GLY N 235 -44.51 -35.10 26.03
N ARG N 236 -44.22 -36.40 25.95
CA ARG N 236 -43.48 -37.14 26.96
C ARG N 236 -42.09 -36.55 27.19
N ALA N 237 -41.38 -36.26 26.11
CA ALA N 237 -40.03 -35.68 26.16
C ALA N 237 -40.02 -34.23 26.66
N ILE N 238 -41.07 -33.49 26.32
CA ILE N 238 -41.19 -32.08 26.74
C ILE N 238 -41.57 -32.01 28.22
N ALA N 239 -42.36 -32.99 28.67
CA ALA N 239 -42.81 -33.09 30.07
C ALA N 239 -41.65 -33.15 31.06
N ARG N 240 -40.81 -34.17 30.90
CA ARG N 240 -39.61 -34.37 31.74
C ARG N 240 -38.62 -33.21 31.67
N ALA N 241 -38.49 -32.62 30.48
CA ALA N 241 -37.58 -31.50 30.23
C ALA N 241 -37.92 -30.27 31.08
N VAL N 242 -39.20 -29.92 31.08
CA VAL N 242 -39.70 -28.73 31.78
C VAL N 242 -39.74 -28.95 33.29
N ARG N 243 -40.06 -30.19 33.69
CA ARG N 243 -39.95 -30.66 35.09
C ARG N 243 -38.55 -30.44 35.67
N CYS N 244 -37.53 -30.74 34.87
CA CYS N 244 -36.13 -30.56 35.24
C CYS N 244 -35.67 -29.10 35.16
N GLY N 245 -36.47 -28.27 34.49
CA GLY N 245 -36.32 -26.83 34.60
C GLY N 245 -35.69 -26.14 33.42
N VAL N 246 -35.87 -26.68 32.21
CA VAL N 246 -35.41 -26.00 31.01
C VAL N 246 -36.33 -24.80 30.72
N ARG N 247 -35.77 -23.73 30.17
CA ARG N 247 -36.54 -22.51 29.99
C ARG N 247 -37.29 -22.45 28.66
N THR N 248 -36.62 -22.85 27.57
CA THR N 248 -37.29 -22.93 26.28
C THR N 248 -37.26 -24.35 25.70
N ILE N 249 -38.23 -24.67 24.85
CA ILE N 249 -38.28 -25.94 24.13
C ILE N 249 -38.18 -25.70 22.63
N GLU N 250 -37.28 -26.41 21.96
CA GLU N 250 -37.12 -26.31 20.51
C GLU N 250 -37.98 -27.35 19.80
N HIS N 251 -38.56 -26.94 18.67
CA HIS N 251 -39.47 -27.73 17.84
C HIS N 251 -40.80 -28.01 18.54
N GLY N 252 -40.91 -29.13 19.27
CA GLY N 252 -42.10 -29.45 20.07
C GLY N 252 -43.32 -29.84 19.27
N ASN N 253 -43.10 -30.57 18.18
CA ASN N 253 -44.14 -30.84 17.19
C ASN N 253 -45.25 -31.80 17.63
N LEU N 254 -44.96 -32.63 18.63
CA LEU N 254 -45.90 -33.68 19.03
C LEU N 254 -46.43 -33.53 20.47
N VAL N 255 -46.89 -32.32 20.81
CA VAL N 255 -47.48 -32.05 22.12
C VAL N 255 -48.90 -32.56 22.27
N ASP N 256 -49.20 -33.09 23.46
CA ASP N 256 -50.59 -33.21 23.91
C ASP N 256 -50.89 -31.97 24.77
N GLU N 257 -52.16 -31.80 25.13
CA GLU N 257 -52.59 -30.58 25.85
C GLU N 257 -52.13 -30.50 27.31
N ALA N 258 -51.81 -31.65 27.90
CA ALA N 258 -51.26 -31.73 29.26
C ALA N 258 -49.85 -31.12 29.33
N ALA N 259 -48.99 -31.51 28.39
CA ALA N 259 -47.62 -31.03 28.29
C ALA N 259 -47.54 -29.55 27.96
N ALA N 260 -48.51 -29.05 27.21
CA ALA N 260 -48.63 -27.63 26.91
C ALA N 260 -49.06 -26.84 28.15
N LYS N 261 -50.02 -27.39 28.89
CA LYS N 261 -50.50 -26.81 30.14
C LYS N 261 -49.37 -26.78 31.18
N LEU N 262 -48.55 -27.84 31.18
CA LEU N 262 -47.39 -27.95 32.05
C LEU N 262 -46.37 -26.84 31.76
N MET N 263 -46.20 -26.52 30.48
CA MET N 263 -45.32 -25.43 30.06
C MET N 263 -45.85 -24.06 30.43
N HIS N 264 -47.17 -23.92 30.44
CA HIS N 264 -47.81 -22.66 30.78
C HIS N 264 -47.53 -22.24 32.23
N GLU N 265 -47.62 -23.20 33.13
CA GLU N 265 -47.48 -22.96 34.57
C GLU N 265 -46.04 -22.80 35.05
N HIS N 266 -45.10 -23.41 34.34
CA HIS N 266 -43.67 -23.26 34.65
C HIS N 266 -43.08 -22.00 34.03
N GLY N 267 -43.82 -21.38 33.12
CA GLY N 267 -43.35 -20.19 32.40
C GLY N 267 -42.35 -20.56 31.33
N ALA N 268 -42.54 -21.73 30.71
CA ALA N 268 -41.64 -22.25 29.70
C ALA N 268 -42.09 -21.88 28.28
N PHE N 269 -41.14 -21.39 27.49
CA PHE N 269 -41.39 -21.01 26.09
C PHE N 269 -41.28 -22.19 25.14
N VAL N 270 -41.82 -22.02 23.93
CA VAL N 270 -41.58 -22.95 22.81
C VAL N 270 -41.07 -22.18 21.60
N VAL N 271 -40.08 -22.76 20.91
CA VAL N 271 -39.64 -22.25 19.62
C VAL N 271 -39.87 -23.31 18.54
N PRO N 272 -41.05 -23.26 17.86
CA PRO N 272 -41.33 -24.15 16.74
C PRO N 272 -40.53 -23.75 15.51
N THR N 273 -40.24 -24.74 14.66
CA THR N 273 -39.43 -24.50 13.46
C THR N 273 -40.07 -25.16 12.25
N LEU N 274 -41.23 -24.67 11.84
CA LEU N 274 -42.06 -25.35 10.85
C LEU N 274 -41.56 -25.23 9.41
N VAL N 275 -40.79 -24.19 9.12
CA VAL N 275 -40.30 -23.93 7.75
C VAL N 275 -39.28 -24.98 7.30
N THR N 276 -38.51 -25.52 8.24
CA THR N 276 -37.47 -26.49 7.91
C THR N 276 -38.02 -27.86 7.50
N TYR N 277 -39.20 -28.21 8.01
CA TYR N 277 -39.81 -29.49 7.66
C TYR N 277 -40.43 -29.43 6.27
N ASP N 278 -40.92 -28.25 5.90
CA ASP N 278 -41.45 -27.99 4.55
C ASP N 278 -40.31 -27.94 3.53
N ALA N 279 -39.17 -27.40 3.95
CA ALA N 279 -37.99 -27.29 3.10
C ALA N 279 -37.31 -28.65 2.90
N LEU N 280 -37.40 -29.51 3.91
CA LEU N 280 -36.83 -30.86 3.83
C LEU N 280 -37.80 -31.88 3.25
N ALA N 281 -38.91 -31.39 2.69
CA ALA N 281 -39.82 -32.23 1.93
C ALA N 281 -39.44 -32.19 0.45
N LYS N 282 -39.36 -30.99 -0.12
CA LYS N 282 -39.04 -30.81 -1.54
C LYS N 282 -37.57 -31.03 -1.86
N HIS N 283 -36.69 -30.56 -0.98
CA HIS N 283 -35.26 -30.56 -1.26
C HIS N 283 -34.50 -31.37 -0.21
N GLY N 284 -35.10 -32.47 0.23
CA GLY N 284 -34.57 -33.31 1.30
C GLY N 284 -33.36 -34.13 0.86
N ALA N 285 -33.63 -35.29 0.26
CA ALA N 285 -32.57 -36.18 -0.26
C ALA N 285 -31.84 -35.56 -1.45
N GLU N 286 -32.42 -34.48 -1.99
CA GLU N 286 -31.81 -33.67 -3.04
C GLU N 286 -30.55 -32.96 -2.53
N PHE N 287 -30.70 -32.14 -1.50
CA PHE N 287 -29.57 -31.33 -1.00
C PHE N 287 -28.66 -32.06 0.00
N GLY N 288 -28.28 -33.28 -0.32
CA GLY N 288 -27.22 -33.99 0.41
C GLY N 288 -27.56 -34.69 1.72
N MET N 289 -28.79 -34.54 2.20
CA MET N 289 -29.20 -35.15 3.46
C MET N 289 -29.55 -36.63 3.30
N PRO N 290 -28.99 -37.51 4.16
CA PRO N 290 -29.15 -38.98 4.22
C PRO N 290 -30.58 -39.50 3.98
N PRO N 291 -30.72 -40.68 3.32
CA PRO N 291 -32.01 -41.26 2.97
C PRO N 291 -32.90 -41.66 4.16
N GLU N 292 -32.29 -41.97 5.29
CA GLU N 292 -33.03 -42.30 6.53
C GLU N 292 -33.52 -41.06 7.28
N SER N 293 -32.86 -39.92 7.05
CA SER N 293 -33.23 -38.64 7.66
C SER N 293 -34.53 -38.07 7.08
N VAL N 294 -34.65 -38.11 5.74
CA VAL N 294 -35.84 -37.62 5.03
C VAL N 294 -37.08 -38.53 5.23
N ALA N 295 -36.85 -39.75 5.73
CA ALA N 295 -37.94 -40.64 6.13
C ALA N 295 -38.64 -40.11 7.39
N LYS N 296 -37.87 -39.58 8.32
CA LYS N 296 -38.39 -39.07 9.60
C LYS N 296 -39.04 -37.69 9.53
N VAL N 297 -38.83 -36.96 8.43
CA VAL N 297 -39.42 -35.63 8.25
C VAL N 297 -40.90 -35.71 7.81
N ALA N 298 -41.34 -36.94 7.53
CA ALA N 298 -42.73 -37.22 7.15
C ALA N 298 -43.72 -36.96 8.30
N SER N 299 -43.39 -37.45 9.50
CA SER N 299 -44.31 -37.42 10.65
C SER N 299 -44.49 -36.03 11.29
N VAL N 300 -43.38 -35.31 11.48
CA VAL N 300 -43.38 -34.04 12.21
C VAL N 300 -44.08 -32.88 11.51
N GLN N 301 -44.05 -32.88 10.17
CA GLN N 301 -44.67 -31.80 9.39
C GLN N 301 -46.20 -31.87 9.38
N GLN N 302 -46.74 -33.01 9.80
CA GLN N 302 -48.18 -33.20 9.89
C GLN N 302 -48.74 -32.43 11.10
N LYS N 303 -48.24 -32.76 12.28
CA LYS N 303 -48.73 -32.19 13.54
C LYS N 303 -48.18 -30.79 13.86
N GLY N 304 -47.43 -30.20 12.92
CA GLY N 304 -46.70 -28.95 13.14
C GLY N 304 -47.53 -27.69 13.35
N ARG N 305 -48.49 -27.47 12.45
CA ARG N 305 -49.40 -26.33 12.57
C ARG N 305 -50.55 -26.64 13.51
N GLU N 306 -50.74 -27.93 13.77
CA GLU N 306 -51.74 -28.45 14.70
C GLU N 306 -51.33 -28.15 16.15
N SER N 307 -50.03 -28.28 16.41
CA SER N 307 -49.47 -27.99 17.73
C SER N 307 -49.41 -26.49 18.02
N LEU N 308 -49.42 -25.67 16.96
CA LEU N 308 -49.45 -24.20 17.09
C LEU N 308 -50.74 -23.70 17.75
N GLU N 309 -51.83 -24.43 17.54
CA GLU N 309 -53.10 -24.14 18.19
C GLU N 309 -53.11 -24.64 19.65
N ILE N 310 -52.42 -25.75 19.90
CA ILE N 310 -52.31 -26.34 21.24
C ILE N 310 -51.62 -25.40 22.23
N TYR N 311 -50.55 -24.73 21.77
CA TYR N 311 -49.84 -23.72 22.58
C TYR N 311 -50.67 -22.45 22.76
N ALA N 312 -51.35 -22.02 21.69
CA ALA N 312 -52.19 -20.83 21.72
C ALA N 312 -53.38 -21.00 22.65
N ASN N 313 -53.93 -22.21 22.69
CA ASN N 313 -54.99 -22.57 23.63
C ASN N 313 -54.49 -22.56 25.08
N ALA N 314 -53.39 -23.27 25.33
CA ALA N 314 -52.84 -23.40 26.68
C ALA N 314 -52.12 -22.14 27.18
N GLY N 315 -51.99 -21.14 26.31
CA GLY N 315 -51.41 -19.84 26.68
C GLY N 315 -49.89 -19.88 26.79
N VAL N 316 -49.28 -20.83 26.09
CA VAL N 316 -47.83 -20.97 26.06
C VAL N 316 -47.24 -20.00 25.05
N LYS N 317 -46.32 -19.15 25.51
CA LYS N 317 -45.67 -18.17 24.65
C LYS N 317 -44.83 -18.87 23.58
N MET N 318 -44.83 -18.31 22.37
CA MET N 318 -44.16 -18.94 21.23
C MET N 318 -43.16 -17.99 20.55
N GLY N 319 -41.98 -18.52 20.25
CA GLY N 319 -40.95 -17.77 19.55
C GLY N 319 -40.76 -18.19 18.10
N PHE N 320 -40.16 -17.30 17.32
CA PHE N 320 -39.82 -17.57 15.93
C PHE N 320 -38.61 -18.51 15.83
N GLY N 321 -38.72 -19.53 14.99
CA GLY N 321 -37.59 -20.42 14.72
C GLY N 321 -37.58 -20.93 13.29
N SER N 322 -36.43 -20.79 12.62
CA SER N 322 -36.29 -21.24 11.24
C SER N 322 -35.63 -22.62 11.14
N ASP N 323 -34.42 -22.72 11.69
CA ASP N 323 -33.64 -23.97 11.76
C ASP N 323 -33.29 -24.55 10.39
N LEU N 324 -32.95 -23.67 9.46
CA LEU N 324 -32.63 -24.12 8.11
C LEU N 324 -31.15 -24.46 7.98
N LEU N 325 -30.86 -25.51 7.22
CA LEU N 325 -29.51 -25.99 7.03
C LEU N 325 -29.07 -25.77 5.59
N GLY N 326 -27.83 -25.30 5.42
CA GLY N 326 -27.23 -25.15 4.10
C GLY N 326 -27.92 -24.15 3.20
N GLU N 327 -28.09 -24.51 1.93
CA GLU N 327 -28.70 -23.64 0.93
C GLU N 327 -30.23 -23.49 1.05
N MET N 328 -30.81 -24.08 2.10
CA MET N 328 -32.22 -23.88 2.41
C MET N 328 -32.43 -22.67 3.33
N HIS N 329 -31.35 -21.93 3.60
CA HIS N 329 -31.38 -20.76 4.47
C HIS N 329 -32.17 -19.57 3.92
N ALA N 330 -32.43 -19.58 2.62
CA ALA N 330 -33.21 -18.52 1.95
C ALA N 330 -34.68 -18.51 2.37
N PHE N 331 -35.19 -19.68 2.78
CA PHE N 331 -36.58 -19.84 3.23
C PHE N 331 -36.88 -19.16 4.58
N GLN N 332 -35.88 -18.48 5.14
CA GLN N 332 -35.91 -17.96 6.51
C GLN N 332 -37.12 -17.11 6.85
N SER N 333 -37.39 -16.09 6.03
CA SER N 333 -38.51 -15.18 6.26
C SER N 333 -39.87 -15.84 6.08
N GLY N 334 -39.89 -16.98 5.39
CA GLY N 334 -41.12 -17.71 5.09
C GLY N 334 -41.88 -18.34 6.25
N GLU N 335 -41.21 -18.53 7.39
CA GLU N 335 -41.84 -19.07 8.60
C GLU N 335 -42.94 -18.13 9.12
N PHE N 336 -42.78 -16.82 8.88
CA PHE N 336 -43.79 -15.81 9.18
C PHE N 336 -45.17 -16.16 8.57
N ARG N 337 -45.17 -16.52 7.29
CA ARG N 337 -46.40 -16.86 6.56
C ARG N 337 -47.03 -18.13 7.09
N ILE N 338 -46.20 -19.09 7.47
CA ILE N 338 -46.62 -20.39 8.01
C ILE N 338 -47.35 -20.24 9.34
N ARG N 339 -46.84 -19.33 10.18
CA ARG N 339 -47.44 -19.05 11.48
C ARG N 339 -48.70 -18.20 11.37
N ALA N 340 -48.69 -17.21 10.49
CA ALA N 340 -49.80 -16.27 10.30
C ALA N 340 -51.09 -16.93 9.84
N GLU N 341 -50.95 -18.00 9.06
CA GLU N 341 -52.07 -18.77 8.54
C GLU N 341 -52.82 -19.58 9.63
N VAL N 342 -52.18 -19.76 10.77
CA VAL N 342 -52.78 -20.51 11.88
C VAL N 342 -53.06 -19.61 13.09
N LEU N 343 -52.35 -18.48 13.20
CA LEU N 343 -52.38 -17.67 14.43
C LEU N 343 -52.59 -16.16 14.22
N GLY N 344 -52.55 -15.70 12.97
CA GLY N 344 -52.76 -14.29 12.66
C GLY N 344 -51.46 -13.50 12.70
N ASN N 345 -51.25 -12.67 11.69
CA ASN N 345 -49.97 -12.00 11.46
C ASN N 345 -49.46 -10.97 12.49
N LEU N 346 -50.31 -10.56 13.43
CA LEU N 346 -49.83 -9.80 14.59
C LEU N 346 -49.11 -10.77 15.53
N GLU N 347 -49.75 -11.90 15.80
CA GLU N 347 -49.20 -12.95 16.67
C GLU N 347 -47.97 -13.62 16.05
N ALA N 348 -47.96 -13.70 14.72
CA ALA N 348 -46.78 -14.14 13.98
C ALA N 348 -45.64 -13.12 14.13
N LEU N 349 -45.98 -11.84 14.19
CA LEU N 349 -44.98 -10.80 14.44
C LEU N 349 -44.52 -10.74 15.90
N ARG N 350 -45.38 -11.19 16.83
CA ARG N 350 -45.01 -11.28 18.25
C ARG N 350 -43.88 -12.29 18.47
N SER N 351 -43.97 -13.43 17.78
CA SER N 351 -43.00 -14.53 17.87
C SER N 351 -41.56 -14.14 17.54
N ALA N 352 -41.40 -13.11 16.70
CA ALA N 352 -40.08 -12.68 16.29
C ALA N 352 -39.67 -11.34 16.90
N THR N 353 -40.50 -10.81 17.79
CA THR N 353 -40.26 -9.51 18.39
C THR N 353 -40.37 -9.51 19.91
N THR N 354 -41.58 -9.32 20.42
CA THR N 354 -41.80 -9.17 21.86
C THR N 354 -41.55 -10.48 22.62
N VAL N 355 -42.04 -11.58 22.07
CA VAL N 355 -41.89 -12.90 22.69
C VAL N 355 -40.45 -13.41 22.52
N ALA N 356 -39.82 -13.00 21.42
CA ALA N 356 -38.46 -13.41 21.11
C ALA N 356 -37.41 -12.71 21.99
N ALA N 357 -37.56 -11.39 22.17
CA ALA N 357 -36.63 -10.61 22.99
C ALA N 357 -36.81 -10.88 24.49
N GLU N 358 -37.97 -11.41 24.85
CA GLU N 358 -38.23 -11.87 26.21
C GLU N 358 -37.43 -13.15 26.48
N ILE N 359 -37.28 -13.99 25.45
CA ILE N 359 -36.52 -15.23 25.54
C ILE N 359 -35.03 -14.99 25.79
N VAL N 360 -34.40 -14.15 24.96
CA VAL N 360 -32.96 -13.86 25.08
C VAL N 360 -32.62 -12.91 26.25
N ASN N 361 -33.61 -12.64 27.10
CA ASN N 361 -33.52 -11.74 28.25
C ASN N 361 -33.10 -10.30 27.90
N MET N 362 -33.58 -9.83 26.74
CA MET N 362 -33.41 -8.45 26.31
C MET N 362 -34.78 -7.79 26.20
N GLN N 363 -35.61 -8.02 27.21
CA GLN N 363 -36.98 -7.47 27.25
C GLN N 363 -36.95 -5.96 27.50
N GLY N 364 -37.59 -5.22 26.58
CA GLY N 364 -37.57 -3.76 26.61
C GLY N 364 -36.24 -3.20 26.16
N GLN N 365 -35.33 -4.09 25.79
CA GLN N 365 -33.99 -3.74 25.36
C GLN N 365 -33.89 -3.93 23.84
N LEU N 366 -34.42 -5.05 23.36
CA LEU N 366 -34.56 -5.36 21.94
C LEU N 366 -36.00 -5.75 21.65
N GLY N 367 -36.35 -5.85 20.36
CA GLY N 367 -37.67 -6.33 19.93
C GLY N 367 -38.85 -5.41 20.23
N VAL N 368 -38.55 -4.14 20.50
CA VAL N 368 -39.58 -3.14 20.85
C VAL N 368 -39.12 -1.73 20.43
N ILE N 369 -40.10 -0.89 20.06
CA ILE N 369 -39.84 0.52 19.78
C ILE N 369 -40.33 1.35 20.97
N ALA N 370 -39.39 1.72 21.84
CA ALA N 370 -39.63 2.54 23.01
C ALA N 370 -38.35 3.27 23.34
N VAL N 371 -38.47 4.38 24.07
CA VAL N 371 -37.32 5.22 24.46
C VAL N 371 -36.36 4.43 25.36
N GLY N 372 -35.06 4.56 25.08
CA GLY N 372 -34.02 3.90 25.85
C GLY N 372 -33.53 2.62 25.21
N ALA N 373 -34.45 1.88 24.59
CA ALA N 373 -34.16 0.60 23.93
C ALA N 373 -33.16 0.75 22.78
N ILE N 374 -32.38 -0.29 22.54
CA ILE N 374 -31.38 -0.31 21.47
C ILE N 374 -32.08 -0.25 20.11
N ALA N 375 -31.54 0.58 19.21
CA ALA N 375 -32.14 0.82 17.91
C ALA N 375 -31.83 -0.28 16.89
N ASP N 376 -32.65 -1.35 16.93
CA ASP N 376 -32.62 -2.41 15.94
C ASP N 376 -33.96 -2.43 15.20
N LEU N 377 -33.97 -1.77 14.04
CA LEU N 377 -35.22 -1.52 13.34
C LEU N 377 -35.25 -2.02 11.90
N VAL N 378 -36.47 -2.34 11.45
CA VAL N 378 -36.76 -2.70 10.07
C VAL N 378 -37.66 -1.61 9.48
N VAL N 379 -37.32 -1.16 8.28
CA VAL N 379 -38.17 -0.27 7.49
C VAL N 379 -38.86 -1.12 6.43
N LEU N 380 -40.19 -1.20 6.53
CA LEU N 380 -40.97 -2.19 5.79
C LEU N 380 -42.00 -1.50 4.89
N ASP N 381 -41.94 -1.79 3.59
CA ASP N 381 -42.90 -1.25 2.63
C ASP N 381 -44.15 -2.14 2.55
N GLY N 382 -45.30 -1.54 2.85
CA GLY N 382 -46.55 -2.28 2.98
C GLY N 382 -46.85 -2.53 4.45
N ASN N 383 -48.07 -2.97 4.73
CA ASN N 383 -48.53 -3.24 6.09
C ASN N 383 -48.49 -4.74 6.41
N PRO N 384 -47.63 -5.13 7.36
CA PRO N 384 -47.46 -6.51 7.82
C PRO N 384 -48.71 -7.13 8.48
N LEU N 385 -49.50 -6.30 9.17
CA LEU N 385 -50.77 -6.76 9.74
C LEU N 385 -51.83 -7.00 8.66
N GLU N 386 -51.75 -6.22 7.57
CA GLU N 386 -52.61 -6.44 6.42
C GLU N 386 -52.14 -7.66 5.63
N ASP N 387 -50.95 -7.56 5.06
CA ASP N 387 -50.34 -8.63 4.28
C ASP N 387 -49.05 -9.10 4.96
N ILE N 388 -49.03 -10.37 5.37
CA ILE N 388 -47.85 -10.99 6.00
C ILE N 388 -46.67 -11.13 5.02
N GLY N 389 -46.99 -11.29 3.74
CA GLY N 389 -46.01 -11.46 2.66
C GLY N 389 -45.08 -10.29 2.41
N VAL N 390 -45.31 -9.16 3.08
CA VAL N 390 -44.37 -8.03 3.02
C VAL N 390 -43.15 -8.31 3.91
N VAL N 391 -43.26 -9.35 4.72
CA VAL N 391 -42.17 -9.86 5.55
C VAL N 391 -41.71 -11.22 5.02
N ALA N 392 -42.69 -12.09 4.75
CA ALA N 392 -42.43 -13.49 4.38
C ALA N 392 -42.23 -13.72 2.89
N ASP N 393 -41.20 -13.09 2.32
CA ASP N 393 -40.88 -13.22 0.90
C ASP N 393 -39.37 -13.03 0.65
N GLU N 394 -38.57 -13.69 1.49
CA GLU N 394 -37.11 -13.53 1.57
C GLU N 394 -36.65 -12.08 1.72
N GLY N 395 -37.41 -11.32 2.50
CA GLY N 395 -37.14 -9.90 2.74
C GLY N 395 -37.10 -9.05 1.49
N ALA N 396 -38.08 -9.24 0.62
CA ALA N 396 -38.16 -8.47 -0.62
C ALA N 396 -38.73 -7.07 -0.34
N ARG N 397 -39.70 -7.01 0.56
CA ARG N 397 -40.39 -5.75 0.86
C ARG N 397 -39.87 -5.06 2.12
N VAL N 398 -38.54 -5.04 2.27
CA VAL N 398 -37.85 -4.27 3.31
C VAL N 398 -36.70 -3.51 2.66
N GLU N 399 -36.63 -2.20 2.87
CA GLU N 399 -35.61 -1.37 2.22
C GLU N 399 -34.53 -0.82 3.15
N TYR N 400 -34.82 -0.67 4.44
CA TYR N 400 -33.81 -0.22 5.40
C TYR N 400 -33.77 -1.07 6.67
N VAL N 401 -32.56 -1.48 7.08
CA VAL N 401 -32.34 -2.20 8.34
C VAL N 401 -31.29 -1.49 9.20
N LEU N 402 -31.74 -1.04 10.37
CA LEU N 402 -30.86 -0.40 11.35
C LEU N 402 -30.50 -1.42 12.42
N GLN N 403 -29.26 -1.32 12.92
CA GLN N 403 -28.77 -2.24 13.95
C GLN N 403 -27.84 -1.50 14.89
N ARG N 404 -28.27 -1.38 16.14
CA ARG N 404 -27.62 -0.57 17.18
C ARG N 404 -27.44 0.88 16.70
N GLY N 405 -28.51 1.44 16.16
CA GLY N 405 -28.47 2.80 15.61
C GLY N 405 -28.00 2.89 14.17
N THR N 406 -26.82 2.35 13.90
CA THR N 406 -26.23 2.37 12.57
C THR N 406 -26.97 1.46 11.58
N LEU N 407 -27.35 2.05 10.44
CA LEU N 407 -28.07 1.37 9.37
C LEU N 407 -27.15 0.42 8.62
N VAL N 408 -27.65 -0.78 8.30
CA VAL N 408 -26.85 -1.78 7.60
C VAL N 408 -27.34 -2.09 6.19
N LYS N 409 -28.65 -2.04 5.98
CA LYS N 409 -29.23 -2.39 4.68
C LYS N 409 -29.93 -1.23 3.97
N ARG N 410 -29.74 -1.19 2.65
CA ARG N 410 -30.32 -0.16 1.78
C ARG N 410 -30.80 -0.80 0.47
N GLN N 411 -32.11 -0.73 0.22
CA GLN N 411 -32.71 -1.31 -0.97
C GLN N 411 -33.68 -0.35 -1.66
N THR O 4 15.64 -19.38 80.62
CA THR O 4 14.37 -19.71 79.90
C THR O 4 13.22 -18.74 80.21
N ILE O 5 13.55 -17.60 80.84
CA ILE O 5 12.52 -16.67 81.32
C ILE O 5 12.81 -15.18 81.04
N THR O 6 11.82 -14.49 80.48
CA THR O 6 11.92 -13.07 80.12
C THR O 6 10.71 -12.29 80.66
N VAL O 7 10.89 -11.01 80.97
CA VAL O 7 9.81 -10.17 81.50
C VAL O 7 9.70 -8.80 80.80
N LEU O 8 8.50 -8.48 80.32
CA LEU O 8 8.17 -7.13 79.87
C LEU O 8 7.70 -6.36 81.09
N GLN O 9 8.44 -5.31 81.46
CA GLN O 9 8.14 -4.56 82.68
C GLN O 9 7.63 -3.14 82.44
N GLY O 10 6.68 -2.71 83.26
CA GLY O 10 6.13 -1.36 83.18
C GLY O 10 5.11 -1.16 82.07
N GLY O 11 4.74 -2.26 81.41
CA GLY O 11 3.83 -2.23 80.27
C GLY O 11 2.41 -1.87 80.62
N ASN O 12 1.63 -1.52 79.60
CA ASN O 12 0.22 -1.22 79.79
C ASN O 12 -0.64 -2.19 78.98
N VAL O 13 -1.04 -3.28 79.64
CA VAL O 13 -1.73 -4.40 78.99
C VAL O 13 -3.17 -4.07 78.58
N LEU O 14 -3.44 -4.15 77.28
CA LEU O 14 -4.79 -3.99 76.77
C LEU O 14 -5.60 -5.25 77.05
N ASP O 15 -6.71 -5.10 77.74
CA ASP O 15 -7.66 -6.17 77.88
C ASP O 15 -8.77 -5.95 76.85
N LEU O 16 -8.85 -6.86 75.89
CA LEU O 16 -9.66 -6.68 74.69
C LEU O 16 -11.15 -6.91 74.90
N GLU O 17 -11.50 -7.88 75.75
CA GLU O 17 -12.90 -8.19 76.05
C GLU O 17 -13.52 -7.17 77.01
N ARG O 18 -12.68 -6.55 77.83
CA ARG O 18 -13.12 -5.53 78.77
C ARG O 18 -13.02 -4.13 78.17
N GLY O 19 -12.17 -3.98 77.15
CA GLY O 19 -12.03 -2.72 76.40
C GLY O 19 -11.31 -1.60 77.13
N VAL O 20 -10.35 -1.98 77.98
CA VAL O 20 -9.60 -1.02 78.81
C VAL O 20 -8.12 -1.37 78.92
N LEU O 21 -7.29 -0.36 79.10
CA LEU O 21 -5.88 -0.54 79.43
C LEU O 21 -5.73 -0.98 80.88
N LEU O 22 -4.71 -1.79 81.15
CA LEU O 22 -4.35 -2.16 82.51
C LEU O 22 -2.92 -1.68 82.77
N GLU O 23 -2.80 -0.39 83.07
CA GLU O 23 -1.49 0.28 83.13
C GLU O 23 -0.62 -0.18 84.30
N HIS O 24 0.69 -0.01 84.11
CA HIS O 24 1.75 -0.43 85.04
C HIS O 24 1.68 -1.90 85.43
N HIS O 25 1.49 -2.75 84.42
CA HIS O 25 1.45 -4.20 84.57
C HIS O 25 2.63 -4.86 83.89
N HIS O 26 3.26 -5.79 84.61
CA HIS O 26 4.33 -6.59 84.04
C HIS O 26 3.73 -7.80 83.32
N VAL O 27 4.51 -8.40 82.43
CA VAL O 27 4.15 -9.66 81.76
C VAL O 27 5.32 -10.63 81.91
N VAL O 28 5.04 -11.81 82.45
CA VAL O 28 6.06 -12.83 82.68
C VAL O 28 5.98 -13.93 81.61
N ILE O 29 7.12 -14.21 80.98
CA ILE O 29 7.21 -15.21 79.92
C ILE O 29 8.23 -16.28 80.29
N ASP O 30 7.79 -17.55 80.31
CA ASP O 30 8.72 -18.67 80.46
C ASP O 30 8.62 -19.58 79.24
N GLY O 31 9.73 -19.69 78.52
CA GLY O 31 9.79 -20.49 77.30
C GLY O 31 8.99 -19.86 76.18
N GLU O 32 7.86 -20.47 75.86
CA GLU O 32 7.01 -20.01 74.76
C GLU O 32 5.59 -19.63 75.22
N ARG O 33 5.37 -19.66 76.54
CA ARG O 33 4.06 -19.37 77.12
C ARG O 33 4.08 -18.22 78.14
N ILE O 34 2.88 -17.73 78.49
CA ILE O 34 2.71 -16.69 79.50
C ILE O 34 2.51 -17.33 80.87
N VAL O 35 3.39 -17.00 81.82
CA VAL O 35 3.25 -17.48 83.21
C VAL O 35 2.29 -16.57 83.98
N GLU O 36 2.63 -15.28 84.07
CA GLU O 36 1.84 -14.34 84.85
C GLU O 36 1.78 -12.93 84.26
N VAL O 37 0.64 -12.27 84.44
CA VAL O 37 0.48 -10.85 84.17
C VAL O 37 -0.08 -10.18 85.42
N THR O 38 0.72 -9.28 85.99
CA THR O 38 0.41 -8.69 87.29
C THR O 38 0.97 -7.27 87.42
N ASP O 39 0.45 -6.52 88.40
CA ASP O 39 0.91 -5.16 88.70
C ASP O 39 1.73 -5.09 90.00
N ARG O 40 1.88 -6.25 90.66
CA ARG O 40 2.73 -6.40 91.85
C ARG O 40 4.20 -6.15 91.51
N PRO O 41 5.02 -5.74 92.51
CA PRO O 41 6.48 -5.66 92.30
C PRO O 41 7.06 -7.01 91.84
N VAL O 42 7.85 -6.96 90.77
CA VAL O 42 8.25 -8.17 90.03
C VAL O 42 9.35 -9.00 90.73
N ASP O 43 9.01 -10.26 90.99
CA ASP O 43 9.95 -11.26 91.49
C ASP O 43 10.70 -11.84 90.30
N LEU O 44 11.86 -11.26 89.97
CA LEU O 44 12.63 -11.68 88.80
C LEU O 44 14.07 -12.11 89.14
N PRO O 45 14.25 -13.38 89.53
CA PRO O 45 15.57 -13.89 89.95
C PRO O 45 16.50 -14.12 88.75
N ASN O 46 16.16 -15.10 87.91
CA ASN O 46 16.96 -15.43 86.73
C ASN O 46 16.24 -15.06 85.43
N ALA O 47 15.47 -13.97 85.48
CA ALA O 47 14.71 -13.50 84.33
C ALA O 47 15.39 -12.34 83.61
N GLN O 48 15.26 -12.31 82.29
CA GLN O 48 15.70 -11.18 81.48
C GLN O 48 14.57 -10.14 81.49
N ALA O 49 14.93 -8.87 81.31
CA ALA O 49 13.93 -7.81 81.34
C ALA O 49 14.07 -6.85 80.17
N ILE O 50 12.92 -6.40 79.66
CA ILE O 50 12.85 -5.32 78.68
C ILE O 50 11.94 -4.24 79.26
N ASP O 51 12.42 -3.01 79.30
CA ASP O 51 11.68 -1.91 79.91
C ASP O 51 10.65 -1.34 78.94
N VAL O 52 9.37 -1.44 79.32
CA VAL O 52 8.23 -1.01 78.49
C VAL O 52 7.34 0.00 79.23
N ARG O 53 7.94 0.89 80.00
CA ARG O 53 7.15 1.86 80.77
C ARG O 53 6.46 2.92 79.90
N GLY O 54 5.18 3.14 80.16
CA GLY O 54 4.37 4.10 79.40
C GLY O 54 3.98 3.69 77.98
N LYS O 55 3.99 2.38 77.71
CA LYS O 55 3.66 1.84 76.38
C LYS O 55 2.69 0.65 76.43
N THR O 56 1.95 0.45 75.33
CA THR O 56 0.93 -0.60 75.25
C THR O 56 1.49 -1.97 74.84
N VAL O 57 1.24 -2.96 75.69
CA VAL O 57 1.48 -4.36 75.38
C VAL O 57 0.14 -5.01 75.03
N MET O 58 0.09 -5.63 73.85
CA MET O 58 -1.11 -6.32 73.36
C MET O 58 -0.68 -7.56 72.57
N PRO O 59 -1.59 -8.55 72.40
CA PRO O 59 -1.13 -9.72 71.64
C PRO O 59 -1.03 -9.42 70.15
N GLY O 60 -0.02 -10.02 69.51
CA GLY O 60 0.25 -9.82 68.08
C GLY O 60 -0.95 -10.09 67.20
N PHE O 61 -1.08 -9.31 66.13
CA PHE O 61 -2.28 -9.35 65.30
C PHE O 61 -2.33 -10.58 64.40
N ILE O 62 -3.54 -11.10 64.21
CA ILE O 62 -3.79 -12.24 63.35
C ILE O 62 -4.50 -11.76 62.08
N ASP O 63 -3.85 -11.96 60.92
CA ASP O 63 -4.45 -11.62 59.63
C ASP O 63 -5.09 -12.85 58.98
N CYS O 64 -6.41 -12.82 58.85
CA CYS O 64 -7.20 -14.00 58.43
C CYS O 64 -7.20 -14.28 56.93
N HIS O 65 -6.63 -13.38 56.13
CA HIS O 65 -6.72 -13.51 54.67
C HIS O 65 -5.57 -12.86 53.94
N VAL O 66 -4.47 -13.59 53.82
CA VAL O 66 -3.29 -13.11 53.09
C VAL O 66 -3.00 -13.96 51.85
N HIS O 67 -2.08 -13.48 51.02
CA HIS O 67 -1.51 -14.29 49.96
C HIS O 67 -0.02 -14.07 49.99
N VAL O 68 0.62 -14.81 50.88
CA VAL O 68 2.05 -14.74 51.15
C VAL O 68 2.91 -14.97 49.90
N LEU O 69 2.43 -15.83 49.00
CA LEU O 69 3.15 -16.16 47.78
C LEU O 69 2.84 -15.28 46.55
N ALA O 70 1.74 -14.51 46.61
CA ALA O 70 1.38 -13.60 45.53
C ALA O 70 2.36 -12.43 45.42
N SER O 71 3.35 -12.62 44.57
CA SER O 71 4.47 -11.68 44.41
C SER O 71 4.17 -10.49 43.50
N ASN O 72 3.13 -10.61 42.68
CA ASN O 72 2.70 -9.50 41.82
C ASN O 72 1.18 -9.47 41.60
N ALA O 73 0.67 -8.28 41.27
CA ALA O 73 -0.77 -7.98 41.20
C ALA O 73 -1.59 -8.79 40.20
N ASN O 74 -0.98 -9.17 39.08
CA ASN O 74 -1.63 -10.06 38.14
C ASN O 74 -1.35 -11.51 38.49
N LEU O 75 -2.38 -12.18 39.02
CA LEU O 75 -2.28 -13.56 39.52
C LEU O 75 -2.05 -14.61 38.42
N GLY O 76 -2.43 -14.27 37.20
CA GLY O 76 -2.24 -15.14 36.03
C GLY O 76 -0.79 -15.35 35.66
N VAL O 77 0.02 -14.28 35.77
CA VAL O 77 1.46 -14.36 35.52
C VAL O 77 2.24 -14.79 36.78
N ASN O 78 1.56 -14.71 37.93
CA ASN O 78 2.10 -15.16 39.21
C ASN O 78 2.23 -16.69 39.26
N ALA O 79 1.31 -17.37 38.59
CA ALA O 79 1.32 -18.83 38.54
C ALA O 79 2.33 -19.34 37.49
N THR O 80 2.57 -18.53 36.47
CA THR O 80 3.51 -18.89 35.40
C THR O 80 4.97 -18.65 35.78
N GLN O 81 5.18 -17.85 36.83
CA GLN O 81 6.53 -17.55 37.34
C GLN O 81 7.21 -18.84 37.82
N PRO O 82 8.55 -18.96 37.65
CA PRO O 82 9.27 -20.18 38.01
C PRO O 82 9.11 -20.56 39.47
N ASN O 83 9.24 -21.85 39.76
CA ASN O 83 8.97 -22.42 41.09
C ASN O 83 9.79 -21.80 42.23
N ILE O 84 11.12 -21.80 42.07
CA ILE O 84 12.03 -21.24 43.07
C ILE O 84 11.87 -19.72 43.23
N LEU O 85 11.79 -19.00 42.11
CA LEU O 85 11.58 -17.54 42.13
C LEU O 85 10.30 -17.10 42.84
N ALA O 86 9.24 -17.90 42.75
CA ALA O 86 7.99 -17.65 43.47
C ALA O 86 8.22 -17.66 44.97
N ALA O 87 8.95 -18.68 45.44
CA ALA O 87 9.26 -18.86 46.86
C ALA O 87 10.22 -17.81 47.41
N ILE O 88 11.23 -17.46 46.60
CA ILE O 88 12.21 -16.43 46.95
C ILE O 88 11.52 -15.07 47.09
N ARG O 89 10.55 -14.81 46.23
CA ARG O 89 9.79 -13.57 46.26
C ARG O 89 8.81 -13.43 47.43
N SER O 90 8.51 -14.54 48.10
CA SER O 90 7.55 -14.55 49.23
C SER O 90 8.17 -14.12 50.56
N LEU O 91 9.49 -14.23 50.66
CA LEU O 91 10.23 -13.94 51.90
C LEU O 91 10.40 -12.44 52.26
N PRO O 92 10.46 -11.54 51.25
CA PRO O 92 10.31 -10.12 51.59
C PRO O 92 8.90 -9.79 52.07
N ILE O 93 7.90 -10.45 51.48
CA ILE O 93 6.50 -10.26 51.85
C ILE O 93 6.22 -10.72 53.28
N LEU O 94 6.74 -11.89 53.66
CA LEU O 94 6.55 -12.45 55.00
C LEU O 94 7.21 -11.61 56.07
N ASP O 95 8.45 -11.20 55.81
CA ASP O 95 9.26 -10.46 56.77
C ASP O 95 8.60 -9.13 57.15
N ALA O 96 8.12 -8.40 56.14
CA ALA O 96 7.42 -7.13 56.32
C ALA O 96 6.10 -7.26 57.09
N MET O 97 5.43 -8.40 56.92
CA MET O 97 4.20 -8.69 57.66
C MET O 97 4.47 -8.83 59.16
N LEU O 98 5.61 -9.42 59.51
CA LEU O 98 5.98 -9.61 60.90
C LEU O 98 6.38 -8.30 61.58
N SER O 99 7.13 -7.47 60.85
CA SER O 99 7.57 -6.17 61.36
C SER O 99 6.45 -5.15 61.41
N ARG O 100 5.36 -5.42 60.69
CA ARG O 100 4.13 -4.65 60.82
C ARG O 100 3.29 -5.09 62.04
N GLY O 101 3.74 -6.14 62.71
CA GLY O 101 3.12 -6.59 63.95
C GLY O 101 2.27 -7.86 63.87
N PHE O 102 2.09 -8.37 62.65
CA PHE O 102 1.31 -9.59 62.43
C PHE O 102 2.13 -10.84 62.74
N THR O 103 1.76 -11.53 63.82
CA THR O 103 2.50 -12.69 64.30
C THR O 103 1.95 -14.03 63.80
N SER O 104 0.75 -14.00 63.23
CA SER O 104 0.12 -15.18 62.66
C SER O 104 -0.79 -14.80 61.50
N VAL O 105 -0.59 -15.44 60.35
CA VAL O 105 -1.43 -15.17 59.18
C VAL O 105 -2.16 -16.42 58.69
N ARG O 106 -3.37 -16.22 58.17
CA ARG O 106 -4.11 -17.29 57.52
C ARG O 106 -4.09 -17.10 56.00
N ASP O 107 -3.25 -17.92 55.35
CA ASP O 107 -3.06 -17.90 53.90
C ASP O 107 -4.29 -18.46 53.19
N ALA O 108 -4.78 -17.71 52.21
CA ALA O 108 -6.03 -18.05 51.52
C ALA O 108 -5.78 -18.71 50.16
N GLY O 109 -4.66 -19.41 50.06
CA GLY O 109 -4.31 -20.10 48.83
C GLY O 109 -2.95 -19.61 48.37
N GLY O 110 -2.02 -20.54 48.22
CA GLY O 110 -0.67 -20.21 47.81
C GLY O 110 0.33 -20.97 48.66
N ALA O 111 0.47 -20.54 49.91
CA ALA O 111 1.42 -21.14 50.84
C ALA O 111 0.99 -22.53 51.28
N ASP O 112 1.98 -23.39 51.45
CA ASP O 112 1.76 -24.77 51.81
C ASP O 112 2.23 -25.09 53.24
N TRP O 113 2.60 -26.33 53.45
CA TRP O 113 3.10 -26.82 54.72
C TRP O 113 4.62 -26.58 54.83
N SER O 114 5.28 -26.45 53.69
CA SER O 114 6.72 -26.21 53.63
C SER O 114 7.10 -24.83 54.17
N LEU O 115 6.31 -23.83 53.81
CA LEU O 115 6.45 -22.47 54.34
C LEU O 115 6.04 -22.38 55.82
N MET O 116 5.15 -23.26 56.23
CA MET O 116 4.74 -23.37 57.63
C MET O 116 5.86 -23.97 58.47
N GLN O 117 6.64 -24.86 57.88
CA GLN O 117 7.80 -25.45 58.56
C GLN O 117 8.93 -24.45 58.71
N ALA O 118 9.23 -23.75 57.62
CA ALA O 118 10.33 -22.78 57.55
C ALA O 118 10.19 -21.61 58.53
N VAL O 119 8.97 -21.18 58.81
CA VAL O 119 8.77 -20.16 59.83
C VAL O 119 8.86 -20.74 61.25
N GLU O 120 8.53 -22.03 61.40
CA GLU O 120 8.49 -22.68 62.71
C GLU O 120 9.78 -23.40 63.10
N THR O 121 10.60 -23.72 62.10
CA THR O 121 11.94 -24.23 62.35
C THR O 121 12.90 -23.05 62.42
N GLY O 122 12.40 -21.87 62.08
CA GLY O 122 13.18 -20.64 62.12
C GLY O 122 14.11 -20.45 60.93
N LEU O 123 13.82 -21.15 59.83
CA LEU O 123 14.57 -20.99 58.58
C LEU O 123 14.18 -19.69 57.87
N VAL O 124 12.99 -19.21 58.16
CA VAL O 124 12.44 -18.01 57.56
C VAL O 124 11.92 -17.11 58.67
N SER O 125 12.18 -15.81 58.57
CA SER O 125 11.55 -14.84 59.43
C SER O 125 10.20 -14.45 58.83
N GLY O 126 9.16 -14.58 59.63
CA GLY O 126 7.79 -14.25 59.22
C GLY O 126 6.79 -14.66 60.27
N PRO O 127 5.49 -14.44 60.01
CA PRO O 127 4.42 -14.92 60.89
C PRO O 127 4.19 -16.44 60.76
N ARG O 128 3.52 -17.01 61.75
CA ARG O 128 3.10 -18.40 61.70
C ARG O 128 1.96 -18.52 60.70
N ILE O 129 2.11 -19.43 59.75
CA ILE O 129 1.14 -19.58 58.67
C ILE O 129 0.08 -20.61 59.03
N PHE O 130 -1.17 -20.28 58.74
CA PHE O 130 -2.23 -21.28 58.67
C PHE O 130 -2.64 -21.43 57.21
N PRO O 131 -2.03 -22.43 56.52
CA PRO O 131 -2.16 -22.61 55.06
C PRO O 131 -3.47 -23.25 54.60
N SER O 132 -3.85 -22.93 53.37
CA SER O 132 -4.98 -23.55 52.70
C SER O 132 -4.49 -24.46 51.57
N GLY O 133 -3.19 -24.41 51.32
CA GLY O 133 -2.57 -25.13 50.21
C GLY O 133 -2.86 -24.41 48.90
N LYS O 134 -3.68 -25.04 48.07
CA LYS O 134 -4.21 -24.38 46.88
C LYS O 134 -5.71 -24.30 47.02
N ALA O 135 -6.27 -23.14 46.70
CA ALA O 135 -7.71 -22.94 46.69
C ALA O 135 -8.39 -23.85 45.68
N LEU O 136 -9.65 -24.21 45.94
CA LEU O 136 -10.39 -25.04 45.00
C LEU O 136 -11.31 -24.18 44.16
N SER O 137 -11.17 -24.30 42.84
CA SER O 137 -12.00 -23.56 41.90
C SER O 137 -12.54 -24.48 40.83
N GLN O 138 -13.73 -24.17 40.32
CA GLN O 138 -14.31 -24.92 39.22
C GLN O 138 -13.79 -24.42 37.87
N THR O 139 -14.03 -25.21 36.81
CA THR O 139 -13.63 -24.86 35.44
C THR O 139 -14.25 -23.54 35.02
N GLY O 140 -13.40 -22.61 34.59
CA GLY O 140 -13.82 -21.26 34.22
C GLY O 140 -14.15 -20.38 35.40
N GLY O 141 -13.75 -20.83 36.59
CA GLY O 141 -14.02 -20.12 37.83
C GLY O 141 -13.00 -19.07 38.20
N HIS O 142 -13.06 -18.60 39.44
CA HIS O 142 -12.27 -17.47 39.91
C HIS O 142 -10.80 -17.83 40.15
N GLY O 143 -10.49 -19.12 40.13
CA GLY O 143 -9.11 -19.57 40.20
C GLY O 143 -8.61 -20.07 38.87
N ASP O 144 -9.51 -20.09 37.88
CA ASP O 144 -9.14 -20.48 36.52
C ASP O 144 -8.63 -19.26 35.79
N PHE O 145 -7.32 -19.22 35.57
CA PHE O 145 -6.68 -18.08 34.91
C PHE O 145 -6.42 -18.35 33.43
N ARG O 146 -6.97 -19.43 32.91
CA ARG O 146 -6.92 -19.71 31.48
C ARG O 146 -7.83 -18.73 30.76
N PRO O 147 -7.31 -18.11 29.67
CA PRO O 147 -8.05 -17.11 28.90
C PRO O 147 -9.25 -17.67 28.13
N ARG O 148 -9.94 -16.81 27.39
CA ARG O 148 -11.05 -17.23 26.52
C ARG O 148 -10.54 -17.98 25.26
N GLY O 149 -9.22 -18.16 25.18
CA GLY O 149 -8.57 -18.86 24.07
C GLY O 149 -8.80 -20.36 24.04
N ASP O 150 -8.03 -21.10 24.82
CA ASP O 150 -8.09 -22.56 24.79
C ASP O 150 -8.23 -23.21 26.17
N LEU O 151 -8.78 -24.42 26.20
CA LEU O 151 -8.94 -25.19 27.43
C LEU O 151 -8.18 -26.51 27.38
N LEU O 152 -6.92 -26.49 27.81
CA LEU O 152 -6.17 -27.73 28.00
C LEU O 152 -5.92 -28.00 29.47
N GLU O 153 -5.88 -29.28 29.83
CA GLU O 153 -5.79 -29.76 31.21
C GLU O 153 -4.53 -29.27 31.93
N PRO O 154 -4.71 -28.39 32.93
CA PRO O 154 -3.55 -27.81 33.61
C PRO O 154 -3.10 -28.67 34.79
N CYS O 155 -2.33 -29.72 34.49
CA CYS O 155 -1.75 -30.60 35.51
C CYS O 155 -0.66 -29.86 36.30
N SER O 156 -0.21 -28.74 35.72
CA SER O 156 0.74 -27.83 36.36
C SER O 156 0.19 -27.10 37.58
N CYS O 157 -1.13 -27.01 37.70
CA CYS O 157 -1.79 -26.27 38.80
C CYS O 157 -1.43 -26.75 40.22
N CYS O 158 -1.12 -28.04 40.35
CA CYS O 158 -0.56 -28.59 41.60
C CYS O 158 0.95 -28.35 41.65
N PHE O 159 1.61 -28.42 40.50
CA PHE O 159 3.06 -28.32 40.39
C PHE O 159 3.61 -26.90 40.53
N ARG O 160 2.98 -25.93 39.87
CA ARG O 160 3.42 -24.53 39.93
C ARG O 160 3.20 -24.01 41.34
N THR O 161 4.29 -23.61 42.00
CA THR O 161 4.22 -23.11 43.38
C THR O 161 3.61 -21.71 43.47
N GLY O 162 3.58 -21.00 42.34
CA GLY O 162 3.00 -19.66 42.26
C GLY O 162 1.49 -19.65 42.09
N ALA O 163 0.90 -20.83 41.94
CA ALA O 163 -0.55 -20.98 41.77
C ALA O 163 -1.26 -20.75 43.11
N ILE O 164 -2.33 -19.96 43.05
CA ILE O 164 -3.13 -19.66 44.24
C ILE O 164 -4.25 -20.72 44.38
N ALA O 165 -4.81 -21.11 43.25
CA ALA O 165 -5.85 -22.12 43.22
C ALA O 165 -5.46 -23.31 42.34
N ARG O 166 -6.31 -24.34 42.37
CA ARG O 166 -6.24 -25.44 41.42
C ARG O 166 -7.66 -25.65 40.90
N VAL O 167 -7.78 -26.31 39.75
CA VAL O 167 -9.10 -26.51 39.18
C VAL O 167 -9.59 -27.95 39.39
N VAL O 168 -10.67 -28.09 40.14
CA VAL O 168 -11.32 -29.39 40.32
C VAL O 168 -12.82 -29.26 40.22
N ASP O 169 -13.42 -30.17 39.46
CA ASP O 169 -14.87 -30.26 39.29
C ASP O 169 -15.33 -31.67 39.64
N GLY O 170 -16.58 -31.79 40.08
CA GLY O 170 -17.16 -33.09 40.40
C GLY O 170 -17.14 -33.36 41.89
N VAL O 171 -18.16 -34.07 42.37
CA VAL O 171 -18.28 -34.43 43.78
C VAL O 171 -17.09 -35.27 44.24
N GLU O 172 -16.78 -36.33 43.47
CA GLU O 172 -15.63 -37.20 43.78
C GLU O 172 -14.31 -36.47 43.56
N GLY O 173 -14.30 -35.56 42.59
CA GLY O 173 -13.11 -34.78 42.23
C GLY O 173 -12.69 -33.75 43.27
N VAL O 174 -13.68 -33.15 43.93
CA VAL O 174 -13.41 -32.19 44.99
C VAL O 174 -13.17 -32.89 46.32
N ARG O 175 -13.79 -34.06 46.49
CA ARG O 175 -13.61 -34.90 47.68
C ARG O 175 -12.17 -35.39 47.76
N LEU O 176 -11.65 -35.81 46.60
CA LEU O 176 -10.26 -36.21 46.47
C LEU O 176 -9.33 -35.04 46.71
N ALA O 177 -9.67 -33.90 46.09
CA ALA O 177 -8.83 -32.70 46.17
C ALA O 177 -8.70 -32.16 47.59
N VAL O 178 -9.75 -32.28 48.40
CA VAL O 178 -9.68 -31.90 49.82
C VAL O 178 -8.73 -32.85 50.55
N ARG O 179 -8.95 -34.16 50.36
CA ARG O 179 -8.10 -35.19 50.93
C ARG O 179 -6.65 -34.98 50.52
N GLU O 180 -6.43 -34.63 49.25
CA GLU O 180 -5.11 -34.29 48.72
C GLU O 180 -4.47 -33.09 49.42
N GLU O 181 -5.27 -32.04 49.67
CA GLU O 181 -4.75 -30.81 50.26
C GLU O 181 -4.45 -30.98 51.74
N ILE O 182 -5.32 -31.70 52.44
CA ILE O 182 -5.18 -31.94 53.88
C ILE O 182 -3.99 -32.85 54.21
N GLN O 183 -3.72 -33.81 53.32
CA GLN O 183 -2.57 -34.69 53.47
C GLN O 183 -1.27 -33.93 53.13
N LYS O 184 -1.36 -32.91 52.29
CA LYS O 184 -0.23 -32.04 52.01
C LYS O 184 0.05 -31.12 53.20
N GLY O 185 -0.86 -31.10 54.16
CA GLY O 185 -0.65 -30.38 55.40
C GLY O 185 -1.33 -29.03 55.49
N ALA O 186 -2.45 -28.87 54.78
CA ALA O 186 -3.24 -27.66 54.87
C ALA O 186 -3.96 -27.66 56.21
N THR O 187 -4.14 -26.48 56.80
CA THR O 187 -4.88 -26.38 58.05
C THR O 187 -6.37 -26.20 57.83
N GLN O 188 -6.75 -25.49 56.77
CA GLN O 188 -8.16 -25.32 56.40
C GLN O 188 -8.34 -25.41 54.89
N ILE O 189 -9.58 -25.45 54.44
CA ILE O 189 -9.87 -25.58 53.02
C ILE O 189 -10.48 -24.31 52.44
N ILE O 191 -12.31 -22.46 49.24
CA ILE O 191 -13.04 -22.64 47.97
C ILE O 191 -13.41 -21.31 47.34
N MET O 192 -13.75 -21.36 46.06
CA MET O 192 -14.31 -20.21 45.37
C MET O 192 -15.80 -20.46 45.18
N ALA O 193 -16.62 -19.82 46.02
CA ALA O 193 -18.07 -20.00 45.97
C ALA O 193 -18.75 -19.16 44.89
N SER O 194 -18.10 -18.08 44.46
CA SER O 194 -18.67 -17.21 43.42
C SER O 194 -17.61 -16.56 42.54
N GLY O 195 -18.07 -15.92 41.46
CA GLY O 195 -17.22 -15.18 40.54
C GLY O 195 -16.59 -13.99 41.21
N GLY O 196 -15.32 -13.74 40.90
CA GLY O 196 -14.59 -12.67 41.55
C GLY O 196 -14.06 -11.63 40.60
N VAL O 197 -13.05 -10.88 41.05
CA VAL O 197 -12.54 -9.74 40.32
C VAL O 197 -11.32 -10.09 39.44
N ALA O 198 -10.31 -10.71 40.04
CA ALA O 198 -9.02 -10.93 39.36
C ALA O 198 -8.91 -12.27 38.61
N SER O 199 -9.93 -12.58 37.82
CA SER O 199 -9.93 -13.71 36.90
C SER O 199 -10.65 -13.27 35.62
N PRO O 200 -10.27 -13.84 34.45
CA PRO O 200 -10.79 -13.29 33.18
C PRO O 200 -12.25 -13.60 32.83
N THR O 201 -12.77 -14.74 33.30
CA THR O 201 -14.01 -15.29 32.75
C THR O 201 -15.31 -15.02 33.51
N ASP O 202 -15.21 -14.76 34.82
CA ASP O 202 -16.40 -14.70 35.67
C ASP O 202 -16.79 -13.30 36.19
N PRO O 203 -18.07 -12.91 35.99
CA PRO O 203 -18.66 -11.74 36.64
C PRO O 203 -18.86 -11.98 38.13
N ILE O 204 -18.88 -10.89 38.89
CA ILE O 204 -19.03 -10.93 40.36
C ILE O 204 -20.36 -11.51 40.85
N ALA O 205 -21.39 -11.42 40.01
CA ALA O 205 -22.76 -11.75 40.41
C ALA O 205 -23.07 -13.24 40.46
N ASN O 206 -22.65 -14.00 39.44
CA ASN O 206 -23.05 -15.40 39.32
C ASN O 206 -22.25 -16.36 40.21
N THR O 207 -22.93 -17.43 40.63
CA THR O 207 -22.39 -18.38 41.61
C THR O 207 -21.50 -19.47 41.00
N GLN O 208 -20.59 -19.99 41.82
CA GLN O 208 -19.72 -21.10 41.45
C GLN O 208 -19.96 -22.32 42.33
N TYR O 209 -19.61 -23.51 41.80
CA TYR O 209 -19.84 -24.81 42.45
C TYR O 209 -21.30 -25.18 42.69
N SER O 210 -21.65 -26.43 42.37
CA SER O 210 -22.96 -26.97 42.70
C SER O 210 -23.01 -27.23 44.19
N GLU O 211 -24.22 -27.23 44.76
CA GLU O 211 -24.40 -27.44 46.21
C GLU O 211 -23.77 -28.74 46.70
N ASP O 212 -23.92 -29.81 45.91
CA ASP O 212 -23.38 -31.15 46.24
C ASP O 212 -21.86 -31.15 46.31
N GLU O 213 -21.21 -30.28 45.54
CA GLU O 213 -19.76 -30.13 45.58
C GLU O 213 -19.31 -29.42 46.85
N ILE O 214 -20.05 -28.39 47.25
CA ILE O 214 -19.71 -27.64 48.46
C ILE O 214 -19.90 -28.48 49.72
N ARG O 215 -21.03 -29.19 49.79
CA ARG O 215 -21.33 -30.10 50.90
C ARG O 215 -20.33 -31.26 51.03
N ALA O 216 -19.83 -31.75 49.90
CA ALA O 216 -18.80 -32.76 49.88
C ALA O 216 -17.49 -32.23 50.46
N ILE O 217 -17.15 -30.99 50.11
CA ILE O 217 -15.93 -30.34 50.60
C ILE O 217 -16.04 -30.08 52.10
N VAL O 218 -17.17 -29.52 52.51
CA VAL O 218 -17.46 -29.22 53.91
C VAL O 218 -17.30 -30.46 54.80
N ASP O 219 -17.91 -31.56 54.38
CA ASP O 219 -17.83 -32.83 55.10
C ASP O 219 -16.43 -33.44 55.17
N GLU O 220 -15.65 -33.30 54.09
CA GLU O 220 -14.29 -33.84 54.06
C GLU O 220 -13.33 -32.99 54.85
N ALA O 221 -13.63 -31.70 54.97
CA ALA O 221 -12.85 -30.81 55.82
C ALA O 221 -13.25 -30.99 57.28
N GLU O 222 -14.54 -31.26 57.53
CA GLU O 222 -15.04 -31.50 58.89
C GLU O 222 -14.54 -32.83 59.44
N ALA O 223 -14.30 -33.79 58.54
CA ALA O 223 -13.84 -35.11 58.95
C ALA O 223 -12.33 -35.15 59.18
N ALA O 224 -11.64 -34.07 58.85
CA ALA O 224 -10.22 -33.92 59.16
C ALA O 224 -10.07 -33.02 60.37
N ASN O 225 -11.20 -32.74 61.01
CA ASN O 225 -11.33 -31.79 62.11
C ASN O 225 -10.88 -30.37 61.79
N THR O 226 -11.43 -29.83 60.70
CA THR O 226 -11.27 -28.43 60.33
C THR O 226 -12.47 -27.87 59.53
N TYR O 227 -12.26 -26.75 58.86
CA TYR O 227 -13.37 -25.97 58.28
C TYR O 227 -13.07 -25.43 56.88
N VAL O 228 -14.12 -24.86 56.26
CA VAL O 228 -14.02 -24.34 54.91
C VAL O 228 -14.20 -22.83 54.90
N MET O 229 -13.22 -22.12 54.34
CA MET O 229 -13.38 -20.70 54.03
C MET O 229 -13.81 -20.51 52.59
N ALA O 230 -14.71 -19.57 52.35
CA ALA O 230 -15.32 -19.41 51.03
C ALA O 230 -15.31 -17.98 50.55
N HIS O 231 -14.79 -17.78 49.34
CA HIS O 231 -14.84 -16.51 48.63
C HIS O 231 -16.27 -16.31 48.09
N ALA O 232 -16.99 -15.33 48.64
CA ALA O 232 -18.35 -15.00 48.17
C ALA O 232 -18.65 -13.51 48.30
N TYR O 233 -19.32 -12.97 47.30
CA TYR O 233 -19.61 -11.53 47.25
C TYR O 233 -21.07 -11.23 47.54
N THR O 234 -21.94 -11.60 46.60
CA THR O 234 -23.36 -11.30 46.65
C THR O 234 -24.05 -12.10 47.75
N GLY O 235 -24.99 -11.45 48.43
CA GLY O 235 -25.76 -12.06 49.51
C GLY O 235 -26.37 -13.40 49.14
N ARG O 236 -26.77 -13.52 47.88
CA ARG O 236 -27.31 -14.75 47.31
C ARG O 236 -26.28 -15.88 47.29
N ALA O 237 -25.06 -15.57 46.82
CA ALA O 237 -23.98 -16.55 46.75
C ALA O 237 -23.39 -16.85 48.14
N ILE O 238 -23.46 -15.85 49.03
CA ILE O 238 -23.11 -16.05 50.43
C ILE O 238 -24.08 -17.02 51.08
N ALA O 239 -25.38 -16.80 50.85
CA ALA O 239 -26.45 -17.59 51.45
C ALA O 239 -26.26 -19.10 51.25
N ARG O 240 -26.10 -19.53 50.00
CA ARG O 240 -25.95 -20.95 49.66
C ARG O 240 -24.69 -21.57 50.27
N ALA O 241 -23.59 -20.81 50.29
CA ALA O 241 -22.33 -21.27 50.90
C ALA O 241 -22.48 -21.57 52.40
N VAL O 242 -23.20 -20.70 53.09
CA VAL O 242 -23.48 -20.85 54.53
C VAL O 242 -24.47 -21.99 54.78
N ARG O 243 -25.47 -22.12 53.91
CA ARG O 243 -26.46 -23.20 53.96
C ARG O 243 -25.86 -24.58 53.65
N CYS O 244 -24.74 -24.58 52.92
CA CYS O 244 -23.98 -25.80 52.67
C CYS O 244 -22.93 -26.03 53.76
N GLY O 245 -22.74 -25.02 54.62
CA GLY O 245 -22.02 -25.19 55.87
C GLY O 245 -20.56 -24.78 55.87
N VAL O 246 -20.23 -23.68 55.20
CA VAL O 246 -18.88 -23.14 55.29
C VAL O 246 -18.79 -22.32 56.57
N ARG O 247 -17.61 -22.28 57.17
CA ARG O 247 -17.46 -21.58 58.44
C ARG O 247 -17.24 -20.09 58.27
N THR O 248 -16.37 -19.70 57.34
CA THR O 248 -16.07 -18.28 57.15
C THR O 248 -16.30 -17.82 55.70
N ILE O 249 -16.90 -16.65 55.55
CA ILE O 249 -17.13 -16.04 54.24
C ILE O 249 -16.13 -14.91 54.01
N GLU O 250 -15.37 -15.02 52.91
CA GLU O 250 -14.33 -14.05 52.59
C GLU O 250 -14.89 -12.92 51.75
N HIS O 251 -14.35 -11.71 51.98
CA HIS O 251 -14.83 -10.46 51.37
C HIS O 251 -16.26 -10.10 51.80
N GLY O 252 -17.26 -10.69 51.14
CA GLY O 252 -18.66 -10.53 51.52
C GLY O 252 -19.24 -9.13 51.32
N ASN O 253 -18.77 -8.45 50.27
CA ASN O 253 -19.06 -7.03 50.07
C ASN O 253 -20.52 -6.68 49.76
N LEU O 254 -21.25 -7.59 49.14
CA LEU O 254 -22.59 -7.29 48.66
C LEU O 254 -23.71 -8.05 49.40
N VAL O 255 -23.64 -8.01 50.73
CA VAL O 255 -24.66 -8.64 51.58
C VAL O 255 -25.96 -7.85 51.62
N ASP O 256 -27.07 -8.58 51.60
CA ASP O 256 -28.34 -8.04 52.05
C ASP O 256 -28.55 -8.50 53.49
N GLU O 257 -29.53 -7.92 54.20
CA GLU O 257 -29.72 -8.21 55.62
C GLU O 257 -30.14 -9.66 55.92
N ALA O 258 -30.85 -10.27 54.97
CA ALA O 258 -31.30 -11.66 55.07
C ALA O 258 -30.13 -12.65 55.14
N ALA O 259 -29.09 -12.39 54.33
CA ALA O 259 -27.88 -13.19 54.32
C ALA O 259 -27.09 -13.00 55.61
N ALA O 260 -27.03 -11.75 56.08
CA ALA O 260 -26.33 -11.40 57.30
C ALA O 260 -27.03 -11.96 58.54
N LYS O 261 -28.36 -12.04 58.48
CA LYS O 261 -29.17 -12.64 59.54
C LYS O 261 -28.85 -14.12 59.65
N LEU O 262 -28.85 -14.80 58.49
CA LEU O 262 -28.60 -16.24 58.39
C LEU O 262 -27.20 -16.64 58.87
N MET O 263 -26.22 -15.77 58.60
CA MET O 263 -24.84 -15.98 59.03
C MET O 263 -24.68 -15.97 60.54
N HIS O 264 -25.39 -15.05 61.19
CA HIS O 264 -25.41 -14.96 62.65
C HIS O 264 -26.08 -16.20 63.24
N GLU O 265 -27.15 -16.64 62.58
CA GLU O 265 -27.92 -17.81 62.97
C GLU O 265 -27.15 -19.12 62.81
N HIS O 266 -26.16 -19.14 61.93
CA HIS O 266 -25.34 -20.33 61.70
C HIS O 266 -24.03 -20.33 62.49
N GLY O 267 -23.69 -19.19 63.07
CA GLY O 267 -22.40 -19.02 63.75
C GLY O 267 -21.26 -18.75 62.78
N ALA O 268 -21.62 -18.37 61.55
CA ALA O 268 -20.66 -18.14 60.47
C ALA O 268 -19.98 -16.77 60.57
N PHE O 269 -18.74 -16.69 60.09
CA PHE O 269 -17.90 -15.50 60.23
C PHE O 269 -17.73 -14.77 58.91
N VAL O 270 -17.29 -13.51 58.96
CA VAL O 270 -16.94 -12.73 57.77
C VAL O 270 -15.54 -12.14 57.91
N VAL O 271 -14.74 -12.29 56.86
CA VAL O 271 -13.48 -11.58 56.77
C VAL O 271 -13.57 -10.61 55.58
N PRO O 272 -13.89 -9.33 55.84
CA PRO O 272 -13.85 -8.32 54.78
C PRO O 272 -12.42 -7.99 54.41
N THR O 273 -12.20 -7.59 53.17
CA THR O 273 -10.85 -7.28 52.68
C THR O 273 -10.86 -5.89 52.03
N LEU O 274 -11.26 -4.88 52.80
CA LEU O 274 -11.54 -3.55 52.26
C LEU O 274 -10.32 -2.77 51.74
N VAL O 275 -9.16 -3.06 52.32
CA VAL O 275 -7.92 -2.35 51.97
C VAL O 275 -7.40 -2.71 50.57
N THR O 276 -7.77 -3.89 50.06
CA THR O 276 -7.32 -4.32 48.75
C THR O 276 -8.07 -3.59 47.64
N TYR O 277 -9.30 -3.17 47.92
CA TYR O 277 -10.08 -2.40 46.96
C TYR O 277 -9.66 -0.94 46.98
N ASP O 278 -9.19 -0.47 48.13
CA ASP O 278 -8.67 0.90 48.27
C ASP O 278 -7.25 1.05 47.70
N ALA O 279 -6.60 -0.07 47.43
CA ALA O 279 -5.27 -0.06 46.84
C ALA O 279 -5.35 -0.35 45.34
N LEU O 280 -6.44 -1.00 44.93
CA LEU O 280 -6.70 -1.24 43.51
C LEU O 280 -7.53 -0.11 42.89
N ALA O 281 -7.89 0.89 43.71
CA ALA O 281 -8.58 2.09 43.24
C ALA O 281 -7.62 3.11 42.65
N LYS O 282 -6.44 3.23 43.24
CA LYS O 282 -5.43 4.17 42.75
C LYS O 282 -4.38 3.52 41.87
N HIS O 283 -3.94 2.32 42.26
CA HIS O 283 -2.81 1.65 41.62
C HIS O 283 -3.22 0.34 40.93
N GLY O 284 -4.44 0.32 40.37
CA GLY O 284 -5.05 -0.89 39.79
C GLY O 284 -4.36 -1.45 38.56
N ALA O 285 -4.62 -0.84 37.40
CA ALA O 285 -3.96 -1.20 36.14
C ALA O 285 -2.49 -0.77 36.14
N GLU O 286 -2.19 0.26 36.95
CA GLU O 286 -0.84 0.77 37.20
C GLU O 286 0.17 -0.33 37.58
N PHE O 287 -0.23 -1.21 38.50
CA PHE O 287 0.69 -2.24 39.01
C PHE O 287 0.62 -3.61 38.31
N GLY O 288 -0.13 -3.70 37.21
CA GLY O 288 -0.05 -4.87 36.34
C GLY O 288 -1.30 -5.70 36.09
N MET O 289 -2.37 -5.42 36.83
CA MET O 289 -3.62 -6.17 36.67
C MET O 289 -4.39 -5.71 35.42
N PRO O 290 -4.75 -6.67 34.53
CA PRO O 290 -5.51 -6.47 33.29
C PRO O 290 -6.78 -5.63 33.50
N PRO O 291 -7.04 -4.68 32.59
CA PRO O 291 -8.09 -3.65 32.72
C PRO O 291 -9.53 -4.15 32.88
N GLU O 292 -9.80 -5.40 32.50
CA GLU O 292 -11.11 -6.02 32.68
C GLU O 292 -11.35 -6.42 34.15
N SER O 293 -10.26 -6.64 34.89
CA SER O 293 -10.33 -6.92 36.31
C SER O 293 -10.37 -5.62 37.11
N VAL O 294 -9.86 -4.53 36.52
CA VAL O 294 -10.01 -3.19 37.10
C VAL O 294 -11.41 -2.64 36.77
N ALA O 295 -12.06 -3.23 35.76
CA ALA O 295 -13.45 -2.92 35.42
C ALA O 295 -14.44 -3.51 36.44
N LYS O 296 -14.06 -4.62 37.07
CA LYS O 296 -14.92 -5.29 38.06
C LYS O 296 -14.80 -4.75 39.49
N VAL O 297 -13.65 -4.12 39.78
CA VAL O 297 -13.32 -3.63 41.13
C VAL O 297 -14.11 -2.35 41.51
N ALA O 298 -14.71 -1.71 40.51
CA ALA O 298 -15.47 -0.48 40.69
C ALA O 298 -16.82 -0.69 41.40
N SER O 299 -17.36 -1.91 41.29
CA SER O 299 -18.66 -2.24 41.86
C SER O 299 -18.63 -2.72 43.32
N VAL O 300 -17.61 -3.49 43.67
CA VAL O 300 -17.52 -4.10 45.01
C VAL O 300 -17.05 -3.13 46.11
N GLN O 301 -16.27 -2.13 45.73
CA GLN O 301 -15.72 -1.17 46.70
C GLN O 301 -16.74 -0.17 47.24
N GLN O 302 -17.88 -0.08 46.56
CA GLN O 302 -18.99 0.80 46.95
C GLN O 302 -19.60 0.33 48.27
N LYS O 303 -20.29 -0.81 48.22
CA LYS O 303 -20.96 -1.41 49.37
C LYS O 303 -20.01 -1.93 50.47
N GLY O 304 -18.70 -1.75 50.26
CA GLY O 304 -17.68 -2.27 51.16
C GLY O 304 -17.73 -1.83 52.62
N ARG O 305 -17.78 -0.52 52.84
CA ARG O 305 -17.87 0.03 54.18
C ARG O 305 -19.28 -0.09 54.74
N GLU O 306 -20.27 -0.06 53.85
CA GLU O 306 -21.67 -0.21 54.22
C GLU O 306 -21.99 -1.60 54.76
N SER O 307 -21.30 -2.61 54.21
CA SER O 307 -21.49 -4.02 54.60
C SER O 307 -21.14 -4.29 56.05
N LEU O 308 -20.10 -3.61 56.54
CA LEU O 308 -19.62 -3.76 57.92
C LEU O 308 -20.68 -3.41 58.95
N GLU O 309 -21.51 -2.42 58.63
CA GLU O 309 -22.64 -2.03 59.46
C GLU O 309 -23.77 -3.05 59.41
N ILE O 310 -23.95 -3.69 58.25
CA ILE O 310 -24.94 -4.75 58.10
C ILE O 310 -24.54 -5.96 58.94
N TYR O 311 -23.24 -6.26 58.97
CA TYR O 311 -22.69 -7.29 59.85
C TYR O 311 -22.76 -6.89 61.32
N ALA O 312 -22.58 -5.59 61.59
CA ALA O 312 -22.67 -5.07 62.95
C ALA O 312 -24.09 -5.17 63.51
N ASN O 313 -25.08 -4.84 62.68
CA ASN O 313 -26.48 -4.90 63.09
C ASN O 313 -27.02 -6.32 63.22
N ALA O 314 -26.52 -7.22 62.37
CA ALA O 314 -26.94 -8.62 62.41
C ALA O 314 -26.23 -9.40 63.51
N GLY O 315 -25.08 -8.88 63.93
CA GLY O 315 -24.27 -9.54 64.95
C GLY O 315 -23.43 -10.67 64.37
N VAL O 316 -22.94 -10.47 63.15
CA VAL O 316 -22.00 -11.40 62.53
C VAL O 316 -20.60 -10.99 62.95
N LYS O 317 -19.85 -11.94 63.51
CA LYS O 317 -18.48 -11.68 63.94
C LYS O 317 -17.58 -11.35 62.74
N MET O 318 -16.66 -10.41 62.94
CA MET O 318 -15.83 -9.90 61.84
C MET O 318 -14.33 -10.01 62.10
N GLY O 319 -13.63 -10.69 61.18
CA GLY O 319 -12.18 -10.87 61.28
C GLY O 319 -11.38 -9.99 60.33
N PHE O 320 -10.13 -9.73 60.71
CA PHE O 320 -9.22 -8.87 59.96
C PHE O 320 -8.75 -9.54 58.67
N GLY O 321 -8.77 -8.80 57.57
CA GLY O 321 -8.32 -9.30 56.28
C GLY O 321 -7.73 -8.25 55.36
N SER O 322 -6.51 -8.51 54.89
CA SER O 322 -5.83 -7.57 54.01
C SER O 322 -6.03 -7.93 52.53
N ASP O 323 -5.59 -9.14 52.15
CA ASP O 323 -5.70 -9.69 50.79
C ASP O 323 -5.01 -8.83 49.74
N LEU O 324 -3.83 -8.35 50.07
CA LEU O 324 -3.09 -7.48 49.15
C LEU O 324 -2.18 -8.29 48.24
N LEU O 325 -1.90 -7.75 47.07
CA LEU O 325 -1.14 -8.48 46.06
C LEU O 325 0.08 -7.68 45.60
N GLY O 326 1.21 -8.36 45.54
CA GLY O 326 2.46 -7.76 45.06
C GLY O 326 3.08 -6.72 45.98
N GLU O 327 3.30 -5.55 45.42
CA GLU O 327 3.89 -4.43 46.16
C GLU O 327 2.85 -3.66 46.96
N MET O 328 1.58 -4.07 46.85
CA MET O 328 0.49 -3.46 47.61
C MET O 328 0.39 -4.04 49.02
N HIS O 329 1.27 -5.00 49.33
CA HIS O 329 1.36 -5.58 50.67
C HIS O 329 1.79 -4.59 51.76
N ALA O 330 2.34 -3.45 51.34
CA ALA O 330 2.74 -2.38 52.26
C ALA O 330 1.55 -1.74 52.98
N PHE O 331 0.42 -1.62 52.27
CA PHE O 331 -0.80 -1.03 52.83
C PHE O 331 -1.52 -1.93 53.87
N GLN O 332 -0.83 -2.93 54.39
CA GLN O 332 -1.43 -4.01 55.18
C GLN O 332 -2.18 -3.56 56.44
N SER O 333 -1.54 -2.70 57.22
CA SER O 333 -2.11 -2.25 58.49
C SER O 333 -3.21 -1.20 58.31
N GLY O 334 -3.37 -0.71 57.08
CA GLY O 334 -4.39 0.28 56.73
C GLY O 334 -5.82 -0.20 56.94
N GLU O 335 -6.00 -1.52 56.94
CA GLU O 335 -7.31 -2.13 57.16
C GLU O 335 -7.84 -1.89 58.59
N PHE O 336 -6.93 -1.65 59.53
CA PHE O 336 -7.28 -1.20 60.90
C PHE O 336 -8.07 0.11 60.89
N ARG O 337 -7.54 1.11 60.18
CA ARG O 337 -8.12 2.45 60.16
C ARG O 337 -9.47 2.47 59.45
N ILE O 338 -9.61 1.67 58.39
CA ILE O 338 -10.85 1.60 57.63
C ILE O 338 -12.01 1.06 58.49
N ARG O 339 -11.71 0.02 59.27
CA ARG O 339 -12.70 -0.59 60.16
C ARG O 339 -13.01 0.29 61.38
N ALA O 340 -11.99 1.04 61.81
CA ALA O 340 -12.13 1.96 62.95
C ALA O 340 -13.10 3.10 62.64
N GLU O 341 -13.07 3.56 61.41
CA GLU O 341 -13.94 4.66 60.95
C GLU O 341 -15.40 4.25 60.84
N VAL O 342 -15.65 2.95 60.74
CA VAL O 342 -17.01 2.43 60.61
C VAL O 342 -17.54 1.96 61.97
N LEU O 343 -16.69 1.30 62.76
CA LEU O 343 -17.17 0.60 63.95
C LEU O 343 -16.62 1.11 65.29
N GLY O 344 -15.60 1.96 65.24
CA GLY O 344 -14.93 2.41 66.46
C GLY O 344 -13.79 1.47 66.80
N ASN O 345 -12.62 2.03 67.12
CA ASN O 345 -11.38 1.24 67.20
C ASN O 345 -11.15 0.33 68.43
N LEU O 346 -12.23 -0.15 69.03
CA LEU O 346 -12.14 -1.33 69.87
C LEU O 346 -12.49 -2.52 68.98
N GLU O 347 -13.45 -2.30 68.08
CA GLU O 347 -13.90 -3.32 67.15
C GLU O 347 -12.86 -3.60 66.06
N ALA O 348 -12.08 -2.58 65.71
CA ALA O 348 -11.00 -2.70 64.75
C ALA O 348 -9.79 -3.47 65.30
N LEU O 349 -9.67 -3.47 66.63
CA LEU O 349 -8.61 -4.23 67.31
C LEU O 349 -9.08 -5.63 67.67
N ARG O 350 -10.37 -5.79 67.94
CA ARG O 350 -10.99 -7.10 68.17
C ARG O 350 -10.89 -7.99 66.93
N SER O 351 -11.01 -7.36 65.76
CA SER O 351 -10.92 -8.04 64.46
C SER O 351 -9.59 -8.73 64.20
N ALA O 352 -8.52 -8.19 64.75
CA ALA O 352 -7.19 -8.76 64.56
C ALA O 352 -6.70 -9.56 65.78
N THR O 353 -7.54 -9.66 66.82
CA THR O 353 -7.15 -10.35 68.04
C THR O 353 -8.09 -11.49 68.46
N THR O 354 -9.14 -11.16 69.21
CA THR O 354 -10.04 -12.18 69.80
C THR O 354 -10.95 -12.86 68.77
N VAL O 355 -11.47 -12.08 67.82
CA VAL O 355 -12.35 -12.61 66.77
C VAL O 355 -11.52 -13.41 65.76
N ALA O 356 -10.32 -12.91 65.48
CA ALA O 356 -9.38 -13.57 64.56
C ALA O 356 -8.87 -14.89 65.10
N ALA O 357 -8.64 -14.96 66.41
CA ALA O 357 -8.17 -16.18 67.06
C ALA O 357 -9.26 -17.25 67.09
N GLU O 358 -10.52 -16.81 67.11
CA GLU O 358 -11.66 -17.72 67.04
C GLU O 358 -11.71 -18.38 65.67
N ILE O 359 -11.48 -17.58 64.63
CA ILE O 359 -11.45 -18.03 63.24
C ILE O 359 -10.38 -19.11 63.04
N VAL O 360 -9.17 -18.86 63.54
CA VAL O 360 -8.08 -19.83 63.37
C VAL O 360 -8.10 -20.95 64.42
N ASN O 361 -9.08 -20.89 65.33
CA ASN O 361 -9.27 -21.87 66.44
C ASN O 361 -8.11 -21.99 67.43
N MET O 362 -7.53 -20.84 67.77
CA MET O 362 -6.49 -20.73 68.78
C MET O 362 -7.01 -19.79 69.86
N GLN O 363 -8.17 -20.15 70.41
CA GLN O 363 -8.98 -19.25 71.22
C GLN O 363 -8.43 -19.03 72.63
N GLY O 364 -8.07 -20.10 73.30
CA GLY O 364 -7.36 -20.00 74.57
C GLY O 364 -5.92 -19.55 74.38
N GLN O 365 -5.33 -19.94 73.24
CA GLN O 365 -3.89 -19.83 73.02
C GLN O 365 -3.37 -18.55 72.34
N LEU O 366 -4.22 -17.93 71.52
CA LEU O 366 -3.82 -16.71 70.83
C LEU O 366 -4.88 -15.62 70.92
N GLY O 367 -4.51 -14.38 70.57
CA GLY O 367 -5.42 -13.24 70.52
C GLY O 367 -5.83 -12.70 71.88
N VAL O 368 -5.15 -13.14 72.93
CA VAL O 368 -5.47 -12.75 74.30
C VAL O 368 -4.21 -12.81 75.17
N ILE O 369 -4.11 -11.89 76.13
CA ILE O 369 -3.05 -11.99 77.14
C ILE O 369 -3.65 -12.46 78.46
N ALA O 370 -3.56 -13.77 78.68
CA ALA O 370 -3.99 -14.41 79.92
C ALA O 370 -2.94 -15.42 80.36
N VAL O 371 -3.17 -16.08 81.50
CA VAL O 371 -2.26 -17.11 82.00
C VAL O 371 -2.41 -18.40 81.19
N GLY O 372 -1.34 -18.76 80.48
CA GLY O 372 -1.28 -20.03 79.74
C GLY O 372 -1.35 -19.95 78.22
N ALA O 373 -1.43 -18.74 77.68
CA ALA O 373 -1.50 -18.55 76.24
C ALA O 373 -0.10 -18.47 75.61
N ILE O 374 -0.04 -18.61 74.28
CA ILE O 374 1.22 -18.51 73.54
C ILE O 374 1.69 -17.06 73.55
N ALA O 375 2.97 -16.86 73.87
CA ALA O 375 3.55 -15.53 74.01
C ALA O 375 3.85 -14.84 72.68
N ASP O 376 2.77 -14.55 71.95
CA ASP O 376 2.85 -13.75 70.73
C ASP O 376 2.38 -12.34 71.07
N LEU O 377 3.36 -11.44 71.23
CA LEU O 377 3.12 -10.10 71.78
C LEU O 377 3.69 -9.01 70.88
N VAL O 378 3.14 -7.80 71.03
CA VAL O 378 3.61 -6.62 70.31
C VAL O 378 3.73 -5.45 71.28
N VAL O 379 4.89 -4.80 71.29
CA VAL O 379 5.10 -3.58 72.08
C VAL O 379 4.86 -2.35 71.20
N LEU O 380 3.96 -1.49 71.68
CA LEU O 380 3.40 -0.42 70.87
C LEU O 380 3.52 0.94 71.56
N ASP O 381 4.25 1.86 70.91
CA ASP O 381 4.42 3.22 71.42
C ASP O 381 3.15 4.04 71.27
N GLY O 382 2.35 4.09 72.34
CA GLY O 382 1.11 4.86 72.33
C GLY O 382 -0.10 3.97 72.49
N ASN O 383 -1.28 4.57 72.48
CA ASN O 383 -2.52 3.84 72.73
C ASN O 383 -3.36 3.63 71.47
N PRO O 384 -3.60 2.35 71.11
CA PRO O 384 -4.46 1.99 69.98
C PRO O 384 -5.96 2.20 70.20
N LEU O 385 -6.40 2.31 71.44
CA LEU O 385 -7.78 2.69 71.73
C LEU O 385 -8.01 4.20 71.58
N GLU O 386 -6.98 4.99 71.89
CA GLU O 386 -7.02 6.42 71.66
C GLU O 386 -6.89 6.69 70.16
N ASP O 387 -5.76 6.26 69.62
CA ASP O 387 -5.39 6.52 68.23
C ASP O 387 -5.15 5.20 67.51
N ILE O 388 -6.02 4.89 66.54
CA ILE O 388 -5.88 3.69 65.69
C ILE O 388 -4.64 3.78 64.78
N GLY O 389 -4.18 5.00 64.54
CA GLY O 389 -3.00 5.28 63.74
C GLY O 389 -1.69 4.77 64.28
N VAL O 390 -1.65 4.43 65.58
CA VAL O 390 -0.45 3.83 66.20
C VAL O 390 -0.23 2.39 65.71
N VAL O 391 -1.26 1.85 65.05
CA VAL O 391 -1.18 0.56 64.39
C VAL O 391 -1.25 0.75 62.87
N ALA O 392 -2.14 1.64 62.43
CA ALA O 392 -2.52 1.75 61.01
C ALA O 392 -1.63 2.61 60.10
N ASP O 393 -0.42 2.93 60.56
CA ASP O 393 0.55 3.64 59.73
C ASP O 393 1.78 2.78 59.42
N GLU O 394 1.53 1.64 58.78
CA GLU O 394 2.54 0.64 58.40
C GLU O 394 3.48 0.23 59.56
N GLY O 395 2.92 0.21 60.77
CA GLY O 395 3.69 -0.04 61.98
C GLY O 395 4.71 1.06 62.23
N ALA O 396 4.24 2.31 62.26
CA ALA O 396 5.08 3.47 62.55
C ALA O 396 5.57 3.43 63.99
N ARG O 397 4.66 3.10 64.91
CA ARG O 397 4.95 3.09 66.33
C ARG O 397 5.03 1.67 66.91
N VAL O 398 5.75 0.78 66.23
CA VAL O 398 6.00 -0.56 66.77
C VAL O 398 7.51 -0.83 66.91
N GLU O 399 7.94 -1.12 68.14
CA GLU O 399 9.36 -1.28 68.43
C GLU O 399 9.76 -2.71 68.78
N TYR O 400 8.87 -3.46 69.42
CA TYR O 400 9.16 -4.86 69.76
C TYR O 400 8.07 -5.84 69.34
N VAL O 401 8.49 -6.91 68.67
CA VAL O 401 7.60 -7.99 68.25
C VAL O 401 8.09 -9.32 68.83
N LEU O 402 7.25 -9.93 69.65
CA LEU O 402 7.57 -11.19 70.33
C LEU O 402 6.71 -12.31 69.75
N GLN O 403 7.31 -13.48 69.57
CA GLN O 403 6.66 -14.61 68.92
C GLN O 403 7.12 -15.94 69.49
N ARG O 404 6.18 -16.69 70.06
CA ARG O 404 6.42 -17.92 70.82
C ARG O 404 7.50 -17.73 71.88
N GLY O 405 7.31 -16.69 72.70
CA GLY O 405 8.29 -16.30 73.70
C GLY O 405 9.29 -15.30 73.14
N THR O 406 10.17 -15.80 72.29
CA THR O 406 11.33 -15.05 71.78
C THR O 406 11.02 -13.72 71.06
N LEU O 407 11.94 -12.77 71.16
CA LEU O 407 11.85 -11.47 70.50
C LEU O 407 12.42 -11.58 69.08
N VAL O 408 11.67 -11.06 68.09
CA VAL O 408 12.07 -11.15 66.69
C VAL O 408 12.48 -9.81 66.09
N LYS O 409 11.74 -8.75 66.42
CA LYS O 409 11.92 -7.45 65.77
C LYS O 409 12.21 -6.29 66.73
N ARG O 410 13.33 -5.61 66.51
CA ARG O 410 13.67 -4.37 67.21
C ARG O 410 13.73 -3.23 66.19
N GLN O 411 12.98 -2.16 66.45
CA GLN O 411 12.88 -1.06 65.49
C GLN O 411 12.99 0.33 66.14
N THR P 4 -10.54 -92.19 -1.06
CA THR P 4 -9.07 -92.03 -0.95
C THR P 4 -8.39 -91.84 -2.31
N ILE P 5 -8.96 -92.44 -3.35
CA ILE P 5 -8.34 -92.43 -4.68
C ILE P 5 -9.26 -92.12 -5.87
N THR P 6 -8.94 -91.06 -6.60
CA THR P 6 -9.72 -90.59 -7.76
C THR P 6 -8.84 -90.57 -9.01
N VAL P 7 -9.41 -90.98 -10.15
CA VAL P 7 -8.68 -90.96 -11.42
C VAL P 7 -9.43 -90.18 -12.51
N LEU P 8 -8.76 -89.15 -13.05
CA LEU P 8 -9.27 -88.40 -14.19
C LEU P 8 -8.78 -89.08 -15.47
N GLN P 9 -9.70 -89.55 -16.29
CA GLN P 9 -9.33 -90.37 -17.45
C GLN P 9 -9.58 -89.71 -18.82
N GLY P 10 -8.62 -89.88 -19.73
CA GLY P 10 -8.76 -89.43 -21.12
C GLY P 10 -8.41 -87.97 -21.38
N GLY P 11 -7.92 -87.28 -20.37
CA GLY P 11 -7.66 -85.85 -20.46
C GLY P 11 -6.52 -85.44 -21.38
N ASN P 12 -6.42 -84.13 -21.63
CA ASN P 12 -5.29 -83.55 -22.32
C ASN P 12 -4.47 -82.75 -21.30
N VAL P 13 -3.69 -83.48 -20.51
CA VAL P 13 -2.88 -82.94 -19.41
C VAL P 13 -1.88 -81.91 -19.92
N LEU P 14 -1.97 -80.69 -19.39
CA LEU P 14 -1.17 -79.56 -19.87
C LEU P 14 0.14 -79.45 -19.08
N ASP P 15 1.24 -79.73 -19.77
CA ASP P 15 2.58 -79.53 -19.22
C ASP P 15 2.96 -78.07 -19.47
N LEU P 16 3.20 -77.34 -18.39
CA LEU P 16 3.36 -75.88 -18.49
C LEU P 16 4.79 -75.34 -18.50
N GLU P 17 5.74 -76.13 -18.00
CA GLU P 17 7.16 -75.77 -18.16
C GLU P 17 7.67 -76.14 -19.54
N ARG P 18 7.10 -77.19 -20.14
CA ARG P 18 7.43 -77.59 -21.49
C ARG P 18 6.58 -76.90 -22.56
N GLY P 19 5.40 -76.42 -22.16
CA GLY P 19 4.48 -75.71 -23.05
C GLY P 19 3.77 -76.59 -24.05
N VAL P 20 3.33 -77.78 -23.60
CA VAL P 20 2.74 -78.78 -24.49
C VAL P 20 1.50 -79.44 -23.88
N LEU P 21 0.62 -79.95 -24.75
CA LEU P 21 -0.44 -80.87 -24.34
C LEU P 21 0.10 -82.29 -24.32
N LEU P 22 -0.40 -83.10 -23.39
CA LEU P 22 -0.10 -84.53 -23.36
C LEU P 22 -1.41 -85.29 -23.49
N GLU P 23 -1.87 -85.46 -24.73
CA GLU P 23 -3.19 -86.02 -25.02
C GLU P 23 -3.34 -87.48 -24.56
N HIS P 24 -4.55 -87.79 -24.09
CA HIS P 24 -4.94 -89.10 -23.53
C HIS P 24 -4.13 -89.55 -22.30
N HIS P 25 -3.66 -88.59 -21.51
CA HIS P 25 -2.95 -88.87 -20.27
C HIS P 25 -3.89 -88.82 -19.07
N HIS P 26 -3.67 -89.76 -18.15
CA HIS P 26 -4.48 -89.87 -16.94
C HIS P 26 -3.82 -89.16 -15.76
N VAL P 27 -4.63 -88.76 -14.80
CA VAL P 27 -4.15 -88.17 -13.54
C VAL P 27 -4.64 -89.04 -12.38
N VAL P 28 -3.70 -89.65 -11.66
CA VAL P 28 -4.04 -90.50 -10.52
C VAL P 28 -3.82 -89.74 -9.19
N ILE P 29 -4.92 -89.52 -8.48
CA ILE P 29 -4.93 -88.76 -7.23
C ILE P 29 -5.13 -89.71 -6.04
N ASP P 30 -4.21 -89.68 -5.08
CA ASP P 30 -4.43 -90.35 -3.79
C ASP P 30 -4.23 -89.36 -2.66
N GLY P 31 -5.29 -89.13 -1.89
CA GLY P 31 -5.29 -88.11 -0.85
C GLY P 31 -5.30 -86.73 -1.49
N GLU P 32 -4.42 -85.86 -1.01
CA GLU P 32 -4.35 -84.49 -1.53
C GLU P 32 -3.32 -84.33 -2.65
N ARG P 33 -2.68 -85.43 -3.08
CA ARG P 33 -1.56 -85.35 -4.03
C ARG P 33 -1.72 -86.17 -5.32
N ILE P 34 -0.96 -85.79 -6.35
CA ILE P 34 -0.92 -86.52 -7.62
C ILE P 34 0.13 -87.62 -7.54
N VAL P 35 -0.27 -88.85 -7.88
CA VAL P 35 0.63 -90.01 -7.80
C VAL P 35 1.16 -90.44 -9.17
N GLU P 36 0.37 -90.20 -10.22
CA GLU P 36 0.79 -90.57 -11.57
C GLU P 36 0.23 -89.67 -12.66
N VAL P 37 1.08 -89.36 -13.63
CA VAL P 37 0.64 -88.82 -14.92
C VAL P 37 1.13 -89.79 -16.00
N THR P 38 0.18 -90.49 -16.63
CA THR P 38 0.49 -91.50 -17.64
C THR P 38 -0.65 -91.74 -18.62
N ASP P 39 -0.30 -92.24 -19.80
CA ASP P 39 -1.27 -92.64 -20.82
C ASP P 39 -1.39 -94.17 -20.92
N ARG P 40 -0.68 -94.87 -20.03
CA ARG P 40 -0.77 -96.32 -19.92
C ARG P 40 -2.11 -96.68 -19.28
N PRO P 41 -2.92 -97.51 -19.99
CA PRO P 41 -4.32 -97.84 -19.63
C PRO P 41 -4.53 -98.14 -18.16
N VAL P 42 -5.46 -97.41 -17.55
CA VAL P 42 -5.59 -97.32 -16.09
C VAL P 42 -6.26 -98.54 -15.43
N ASP P 43 -5.52 -99.18 -14.53
CA ASP P 43 -6.03 -100.26 -13.69
C ASP P 43 -6.71 -99.65 -12.45
N LEU P 44 -8.03 -99.51 -12.50
CA LEU P 44 -8.78 -98.93 -11.38
C LEU P 44 -9.50 -99.98 -10.53
N PRO P 45 -9.02 -100.20 -9.30
CA PRO P 45 -9.65 -101.16 -8.39
C PRO P 45 -10.73 -100.51 -7.50
N ASN P 46 -10.32 -99.93 -6.37
CA ASN P 46 -11.19 -99.23 -5.44
C ASN P 46 -11.58 -97.84 -5.95
N ALA P 47 -10.85 -97.34 -6.94
CA ALA P 47 -10.91 -95.96 -7.41
C ALA P 47 -12.22 -95.54 -8.07
N GLN P 48 -12.64 -94.31 -7.74
CA GLN P 48 -13.74 -93.63 -8.41
C GLN P 48 -13.18 -92.87 -9.61
N ALA P 49 -13.75 -93.10 -10.79
CA ALA P 49 -13.25 -92.50 -12.02
C ALA P 49 -14.07 -91.27 -12.46
N ILE P 50 -13.38 -90.29 -13.04
CA ILE P 50 -14.01 -89.13 -13.65
C ILE P 50 -13.59 -89.07 -15.11
N ASP P 51 -14.59 -89.06 -16.01
CA ASP P 51 -14.34 -89.08 -17.44
C ASP P 51 -14.07 -87.69 -18.02
N VAL P 52 -12.80 -87.44 -18.33
CA VAL P 52 -12.33 -86.14 -18.82
C VAL P 52 -11.86 -86.25 -20.27
N ARG P 53 -12.35 -87.25 -20.99
CA ARG P 53 -11.91 -87.50 -22.36
C ARG P 53 -12.25 -86.33 -23.30
N GLY P 54 -11.26 -85.90 -24.07
CA GLY P 54 -11.39 -84.75 -24.96
C GLY P 54 -11.43 -83.40 -24.27
N LYS P 55 -10.94 -83.36 -23.03
CA LYS P 55 -10.94 -82.12 -22.24
C LYS P 55 -9.56 -81.83 -21.63
N THR P 56 -9.24 -80.54 -21.51
CA THR P 56 -7.93 -80.09 -21.01
C THR P 56 -7.89 -80.03 -19.48
N VAL P 57 -6.92 -80.73 -18.91
CA VAL P 57 -6.68 -80.72 -17.46
C VAL P 57 -5.44 -79.88 -17.18
N MET P 58 -5.62 -78.81 -16.41
CA MET P 58 -4.49 -77.96 -15.99
C MET P 58 -4.61 -77.60 -14.50
N PRO P 59 -3.49 -77.22 -13.85
CA PRO P 59 -3.52 -76.88 -12.42
C PRO P 59 -4.42 -75.70 -12.08
N GLY P 60 -4.98 -75.71 -10.87
CA GLY P 60 -5.86 -74.64 -10.39
C GLY P 60 -5.16 -73.30 -10.41
N PHE P 61 -5.83 -72.30 -10.97
CA PHE P 61 -5.23 -70.98 -11.20
C PHE P 61 -4.95 -70.27 -9.89
N ILE P 62 -3.91 -69.44 -9.88
CA ILE P 62 -3.52 -68.69 -8.69
C ILE P 62 -3.48 -67.18 -8.98
N ASP P 63 -4.41 -66.44 -8.37
CA ASP P 63 -4.44 -64.99 -8.46
C ASP P 63 -3.50 -64.41 -7.39
N CYS P 64 -2.50 -63.66 -7.82
CA CYS P 64 -1.47 -63.16 -6.89
C CYS P 64 -1.79 -61.80 -6.25
N HIS P 65 -2.96 -61.23 -6.57
CA HIS P 65 -3.34 -59.93 -6.03
C HIS P 65 -4.85 -59.79 -6.03
N VAL P 66 -5.47 -60.08 -4.90
CA VAL P 66 -6.91 -59.85 -4.71
C VAL P 66 -7.19 -59.15 -3.41
N HIS P 67 -8.39 -58.59 -3.31
CA HIS P 67 -8.95 -58.20 -2.04
C HIS P 67 -10.28 -58.93 -1.90
N VAL P 68 -10.23 -60.01 -1.15
CA VAL P 68 -11.39 -60.84 -0.87
C VAL P 68 -12.44 -60.06 -0.08
N LEU P 69 -11.99 -59.23 0.85
CA LEU P 69 -12.86 -58.44 1.69
C LEU P 69 -13.23 -57.06 1.12
N ALA P 70 -12.82 -56.77 -0.11
CA ALA P 70 -13.27 -55.55 -0.78
C ALA P 70 -14.65 -55.77 -1.37
N SER P 71 -15.67 -55.66 -0.52
CA SER P 71 -17.05 -55.93 -0.90
C SER P 71 -17.73 -54.78 -1.63
N ASN P 72 -17.13 -53.59 -1.59
CA ASN P 72 -17.59 -52.47 -2.42
C ASN P 72 -16.48 -51.51 -2.91
N ALA P 73 -16.76 -50.80 -4.00
CA ALA P 73 -15.79 -49.98 -4.72
C ALA P 73 -15.19 -48.81 -3.94
N ASN P 74 -15.91 -48.32 -2.94
CA ASN P 74 -15.38 -47.28 -2.07
C ASN P 74 -14.68 -47.93 -0.87
N LEU P 75 -13.35 -48.05 -0.97
CA LEU P 75 -12.51 -48.71 0.04
C LEU P 75 -12.53 -48.03 1.42
N GLY P 76 -12.85 -46.74 1.44
CA GLY P 76 -13.05 -46.00 2.67
C GLY P 76 -14.28 -46.48 3.42
N VAL P 77 -15.41 -46.59 2.72
CA VAL P 77 -16.67 -47.04 3.32
C VAL P 77 -16.70 -48.57 3.52
N ASN P 78 -15.83 -49.26 2.77
CA ASN P 78 -15.58 -50.68 2.96
C ASN P 78 -14.95 -50.91 4.32
N ALA P 79 -14.10 -49.97 4.73
CA ALA P 79 -13.46 -50.00 6.05
C ALA P 79 -14.40 -49.62 7.21
N THR P 80 -15.32 -48.68 6.96
CA THR P 80 -16.25 -48.21 8.00
C THR P 80 -17.43 -49.15 8.27
N GLN P 81 -17.64 -50.13 7.39
CA GLN P 81 -18.72 -51.10 7.56
C GLN P 81 -18.42 -52.06 8.74
N PRO P 82 -19.48 -52.55 9.43
CA PRO P 82 -19.36 -53.49 10.55
C PRO P 82 -18.42 -54.66 10.30
N ASN P 83 -17.66 -55.04 11.32
CA ASN P 83 -16.71 -56.15 11.29
C ASN P 83 -17.23 -57.47 10.74
N ILE P 84 -18.30 -57.97 11.35
CA ILE P 84 -18.87 -59.27 11.00
C ILE P 84 -19.64 -59.23 9.65
N LEU P 85 -20.38 -58.15 9.40
CA LEU P 85 -21.05 -57.93 8.11
C LEU P 85 -20.10 -57.90 6.92
N ALA P 86 -18.90 -57.36 7.15
CA ALA P 86 -17.82 -57.33 6.16
C ALA P 86 -17.37 -58.74 5.79
N ALA P 87 -17.24 -59.58 6.81
CA ALA P 87 -16.79 -60.97 6.66
C ALA P 87 -17.79 -61.86 5.90
N ILE P 88 -19.08 -61.63 6.13
CA ILE P 88 -20.15 -62.34 5.43
C ILE P 88 -20.14 -61.97 3.96
N ARG P 89 -19.95 -60.68 3.68
CA ARG P 89 -19.96 -60.18 2.31
C ARG P 89 -18.80 -60.67 1.44
N SER P 90 -17.72 -61.11 2.08
CA SER P 90 -16.58 -61.68 1.37
C SER P 90 -16.84 -63.10 0.88
N LEU P 91 -17.82 -63.78 1.48
CA LEU P 91 -18.08 -65.20 1.16
C LEU P 91 -18.61 -65.50 -0.27
N PRO P 92 -19.55 -64.69 -0.80
CA PRO P 92 -19.90 -64.93 -2.20
C PRO P 92 -18.83 -64.48 -3.20
N ILE P 93 -17.96 -63.56 -2.78
CA ILE P 93 -16.79 -63.19 -3.56
C ILE P 93 -15.85 -64.40 -3.67
N LEU P 94 -15.59 -65.04 -2.52
CA LEU P 94 -14.74 -66.24 -2.44
C LEU P 94 -15.31 -67.42 -3.21
N ASP P 95 -16.63 -67.61 -3.13
CA ASP P 95 -17.30 -68.73 -3.77
C ASP P 95 -17.21 -68.64 -5.28
N ALA P 96 -17.31 -67.41 -5.80
CA ALA P 96 -17.22 -67.14 -7.22
C ALA P 96 -15.82 -67.39 -7.78
N MET P 97 -14.80 -67.12 -6.97
CA MET P 97 -13.40 -67.32 -7.35
C MET P 97 -13.07 -68.78 -7.61
N LEU P 98 -13.56 -69.66 -6.74
CA LEU P 98 -13.35 -71.10 -6.89
C LEU P 98 -14.06 -71.65 -8.13
N SER P 99 -15.28 -71.18 -8.37
CA SER P 99 -16.05 -71.62 -9.55
C SER P 99 -15.52 -71.04 -10.87
N ARG P 100 -14.81 -69.92 -10.80
CA ARG P 100 -14.10 -69.36 -11.97
C ARG P 100 -12.78 -70.09 -12.27
N GLY P 101 -12.28 -70.85 -11.30
CA GLY P 101 -11.11 -71.70 -11.51
C GLY P 101 -9.91 -71.46 -10.61
N PHE P 102 -10.05 -70.52 -9.68
CA PHE P 102 -8.95 -70.17 -8.78
C PHE P 102 -9.00 -70.99 -7.49
N THR P 103 -8.05 -71.90 -7.34
CA THR P 103 -8.00 -72.76 -6.17
C THR P 103 -7.04 -72.20 -5.13
N SER P 104 -6.34 -71.12 -5.51
CA SER P 104 -5.51 -70.37 -4.58
C SER P 104 -5.57 -68.89 -4.95
N VAL P 105 -5.54 -68.04 -3.94
CA VAL P 105 -5.37 -66.60 -4.14
C VAL P 105 -4.37 -66.03 -3.14
N ARG P 106 -3.72 -64.94 -3.53
CA ARG P 106 -2.87 -64.21 -2.61
C ARG P 106 -3.57 -62.89 -2.33
N ASP P 107 -3.95 -62.69 -1.07
CA ASP P 107 -4.65 -61.48 -0.67
C ASP P 107 -3.66 -60.32 -0.56
N ALA P 108 -4.07 -59.17 -1.08
CA ALA P 108 -3.23 -58.00 -1.09
C ALA P 108 -3.55 -57.02 0.04
N GLY P 109 -4.20 -57.53 1.08
CA GLY P 109 -4.56 -56.74 2.25
C GLY P 109 -6.05 -56.82 2.53
N GLY P 110 -6.39 -57.18 3.76
CA GLY P 110 -7.77 -57.34 4.17
C GLY P 110 -8.03 -58.65 4.90
N ALA P 111 -7.87 -59.75 4.17
CA ALA P 111 -8.08 -61.10 4.73
C ALA P 111 -7.01 -61.48 5.72
N ASP P 112 -7.44 -62.18 6.78
CA ASP P 112 -6.55 -62.62 7.86
C ASP P 112 -6.44 -64.13 7.93
N TRP P 113 -5.86 -64.61 9.02
CA TRP P 113 -5.62 -66.02 9.25
C TRP P 113 -6.93 -66.77 9.52
N SER P 114 -7.95 -66.05 9.97
CA SER P 114 -9.26 -66.62 10.26
C SER P 114 -9.97 -67.06 8.98
N LEU P 115 -9.92 -66.23 7.94
CA LEU P 115 -10.45 -66.55 6.62
C LEU P 115 -9.67 -67.65 5.93
N MET P 116 -8.37 -67.68 6.21
CA MET P 116 -7.47 -68.71 5.72
C MET P 116 -7.83 -70.07 6.32
N GLN P 117 -8.18 -70.05 7.61
CA GLN P 117 -8.63 -71.24 8.32
C GLN P 117 -10.04 -71.67 7.91
N ALA P 118 -10.89 -70.68 7.61
CA ALA P 118 -12.28 -70.93 7.24
C ALA P 118 -12.39 -71.76 5.96
N VAL P 119 -11.48 -71.54 5.00
CA VAL P 119 -11.45 -72.32 3.78
C VAL P 119 -10.77 -73.68 3.97
N GLU P 120 -9.81 -73.76 4.89
CA GLU P 120 -8.98 -74.96 5.02
C GLU P 120 -9.63 -76.03 5.88
N THR P 121 -10.40 -75.60 6.86
CA THR P 121 -11.10 -76.52 7.74
C THR P 121 -12.42 -76.99 7.11
N GLY P 122 -12.81 -76.33 6.02
CA GLY P 122 -13.98 -76.74 5.26
C GLY P 122 -15.21 -75.90 5.55
N LEU P 123 -15.05 -74.89 6.40
CA LEU P 123 -16.16 -74.07 6.88
C LEU P 123 -16.71 -73.10 5.81
N VAL P 124 -15.83 -72.69 4.90
CA VAL P 124 -16.16 -71.70 3.89
C VAL P 124 -15.69 -72.22 2.54
N SER P 125 -16.55 -72.13 1.54
CA SER P 125 -16.18 -72.51 0.18
C SER P 125 -15.45 -71.37 -0.51
N GLY P 126 -14.25 -71.65 -0.96
CA GLY P 126 -13.39 -70.66 -1.62
C GLY P 126 -11.96 -71.13 -1.80
N PRO P 127 -11.14 -70.34 -2.51
CA PRO P 127 -9.74 -70.65 -2.76
C PRO P 127 -8.90 -70.64 -1.51
N ARG P 128 -7.74 -71.28 -1.59
CA ARG P 128 -6.72 -71.21 -0.54
C ARG P 128 -6.24 -69.78 -0.48
N ILE P 129 -6.11 -69.25 0.74
CA ILE P 129 -5.69 -67.87 0.92
C ILE P 129 -4.25 -67.77 1.44
N PHE P 130 -3.46 -66.98 0.73
CA PHE P 130 -2.19 -66.51 1.21
C PHE P 130 -2.39 -65.03 1.59
N PRO P 131 -2.71 -64.77 2.88
CA PRO P 131 -3.15 -63.44 3.34
C PRO P 131 -2.02 -62.46 3.70
N SER P 132 -2.28 -61.17 3.45
CA SER P 132 -1.36 -60.10 3.80
C SER P 132 -1.64 -59.55 5.19
N GLY P 133 -2.77 -59.97 5.77
CA GLY P 133 -3.29 -59.36 6.97
C GLY P 133 -3.78 -57.99 6.57
N LYS P 134 -3.13 -56.96 7.11
CA LYS P 134 -3.37 -55.59 6.68
C LYS P 134 -2.19 -55.11 5.84
N ALA P 135 -2.50 -54.32 4.81
CA ALA P 135 -1.48 -53.60 4.07
C ALA P 135 -0.90 -52.52 4.97
N LEU P 136 0.37 -52.21 4.78
CA LEU P 136 1.00 -51.18 5.61
C LEU P 136 1.06 -49.88 4.82
N SER P 137 0.71 -48.79 5.48
CA SER P 137 0.66 -47.49 4.83
C SER P 137 1.19 -46.41 5.76
N GLN P 138 1.82 -45.39 5.19
CA GLN P 138 2.28 -44.26 5.99
C GLN P 138 1.16 -43.21 6.08
N THR P 139 1.36 -42.20 6.93
CA THR P 139 0.34 -41.18 7.20
C THR P 139 0.10 -40.30 5.98
N GLY P 140 -1.14 -40.34 5.49
CA GLY P 140 -1.52 -39.63 4.27
C GLY P 140 -1.23 -40.45 3.02
N GLY P 141 -0.78 -41.69 3.24
CA GLY P 141 -0.43 -42.60 2.15
C GLY P 141 -1.62 -43.29 1.53
N HIS P 142 -1.33 -44.31 0.71
CA HIS P 142 -2.34 -44.94 -0.14
C HIS P 142 -3.36 -45.79 0.62
N GLY P 143 -3.04 -46.16 1.85
CA GLY P 143 -3.97 -46.90 2.69
C GLY P 143 -4.65 -46.09 3.77
N ASP P 144 -4.42 -44.78 3.75
CA ASP P 144 -5.04 -43.85 4.70
C ASP P 144 -6.25 -43.16 4.09
N PHE P 145 -7.44 -43.66 4.42
CA PHE P 145 -8.68 -43.13 3.84
C PHE P 145 -9.30 -42.02 4.69
N ARG P 146 -8.45 -41.16 5.23
CA ARG P 146 -8.88 -39.94 5.89
C ARG P 146 -8.88 -38.81 4.86
N PRO P 147 -9.88 -37.90 4.94
CA PRO P 147 -9.96 -36.79 4.00
C PRO P 147 -8.90 -35.69 4.23
N ARG P 148 -9.10 -34.54 3.61
CA ARG P 148 -8.18 -33.42 3.70
C ARG P 148 -8.22 -32.73 5.08
N GLY P 149 -9.25 -33.05 5.88
CA GLY P 149 -9.51 -32.39 7.17
C GLY P 149 -8.45 -32.50 8.28
N ASP P 150 -8.65 -33.43 9.21
CA ASP P 150 -7.72 -33.58 10.34
C ASP P 150 -7.47 -35.03 10.75
N LEU P 151 -6.46 -35.21 11.60
CA LEU P 151 -5.89 -36.52 11.89
C LEU P 151 -6.02 -36.94 13.34
N LEU P 152 -7.19 -37.46 13.70
CA LEU P 152 -7.37 -38.13 14.98
C LEU P 152 -6.74 -39.52 14.88
N GLU P 153 -6.50 -40.15 16.02
CA GLU P 153 -5.89 -41.49 16.05
C GLU P 153 -6.91 -42.61 15.78
N PRO P 154 -6.72 -43.36 14.66
CA PRO P 154 -7.59 -44.48 14.35
C PRO P 154 -6.93 -45.83 14.68
N CYS P 155 -7.02 -46.24 15.95
CA CYS P 155 -6.55 -47.57 16.38
C CYS P 155 -7.49 -48.66 15.86
N SER P 156 -8.59 -48.21 15.24
CA SER P 156 -9.54 -49.07 14.56
C SER P 156 -9.00 -49.64 13.24
N CYS P 157 -7.90 -49.09 12.73
CA CYS P 157 -7.23 -49.60 11.53
C CYS P 157 -6.89 -51.09 11.65
N CYS P 158 -6.40 -51.50 12.82
CA CYS P 158 -6.19 -52.91 13.15
C CYS P 158 -7.46 -53.62 13.63
N PHE P 159 -8.45 -52.84 14.08
CA PHE P 159 -9.67 -53.41 14.65
C PHE P 159 -10.80 -53.63 13.65
N ARG P 160 -10.97 -52.70 12.70
CA ARG P 160 -11.97 -52.86 11.63
C ARG P 160 -11.52 -53.98 10.68
N THR P 161 -12.22 -55.11 10.73
CA THR P 161 -11.91 -56.24 9.85
C THR P 161 -12.58 -56.09 8.47
N GLY P 162 -12.91 -54.85 8.13
CA GLY P 162 -13.31 -54.47 6.76
C GLY P 162 -12.29 -53.52 6.14
N ALA P 163 -11.25 -53.20 6.89
CA ALA P 163 -10.20 -52.29 6.42
C ALA P 163 -9.09 -53.05 5.70
N ILE P 164 -8.64 -52.48 4.58
CA ILE P 164 -7.56 -53.07 3.78
C ILE P 164 -6.21 -52.81 4.44
N ALA P 165 -5.95 -51.56 4.78
CA ALA P 165 -4.63 -51.15 5.28
C ALA P 165 -4.65 -50.62 6.71
N ARG P 166 -3.48 -50.65 7.33
CA ARG P 166 -3.26 -49.99 8.62
C ARG P 166 -2.16 -48.94 8.47
N VAL P 167 -2.24 -47.89 9.28
CA VAL P 167 -1.30 -46.79 9.18
C VAL P 167 -0.19 -46.91 10.22
N VAL P 168 1.05 -46.95 9.75
CA VAL P 168 2.23 -46.92 10.60
C VAL P 168 3.34 -46.11 9.97
N ASP P 169 4.00 -45.29 10.79
CA ASP P 169 5.16 -44.52 10.37
C ASP P 169 6.31 -44.83 11.31
N GLY P 170 7.53 -44.54 10.88
CA GLY P 170 8.71 -44.78 11.70
C GLY P 170 9.33 -46.15 11.48
N VAL P 171 10.64 -46.23 11.64
CA VAL P 171 11.39 -47.47 11.51
C VAL P 171 10.96 -48.48 12.58
N GLU P 172 10.89 -48.05 13.82
CA GLU P 172 10.45 -48.94 14.90
C GLU P 172 8.94 -49.15 14.86
N GLY P 173 8.23 -48.17 14.30
CA GLY P 173 6.79 -48.22 14.15
C GLY P 173 6.34 -49.27 13.16
N VAL P 174 7.07 -49.38 12.05
CA VAL P 174 6.80 -50.44 11.07
C VAL P 174 7.43 -51.77 11.43
N ARG P 175 8.48 -51.76 12.25
CA ARG P 175 9.15 -52.98 12.69
C ARG P 175 8.21 -53.78 13.60
N LEU P 176 7.52 -53.06 14.48
CA LEU P 176 6.50 -53.61 15.35
C LEU P 176 5.34 -54.13 14.51
N ALA P 177 4.92 -53.30 13.55
CA ALA P 177 3.75 -53.58 12.70
C ALA P 177 3.86 -54.88 11.91
N VAL P 178 5.06 -55.18 11.42
CA VAL P 178 5.33 -56.40 10.66
C VAL P 178 5.28 -57.63 11.58
N ARG P 179 5.88 -57.50 12.77
CA ARG P 179 5.87 -58.57 13.79
C ARG P 179 4.47 -58.93 14.26
N GLU P 180 3.64 -57.90 14.42
CA GLU P 180 2.24 -58.06 14.78
C GLU P 180 1.49 -58.88 13.74
N GLU P 181 1.60 -58.46 12.47
CA GLU P 181 0.88 -59.10 11.36
C GLU P 181 1.30 -60.55 11.13
N ILE P 182 2.55 -60.86 11.45
CA ILE P 182 3.09 -62.20 11.27
C ILE P 182 2.53 -63.16 12.32
N GLN P 183 2.47 -62.72 13.58
CA GLN P 183 1.91 -63.53 14.65
C GLN P 183 0.39 -63.64 14.52
N LYS P 184 -0.23 -62.65 13.90
CA LYS P 184 -1.65 -62.70 13.55
C LYS P 184 -1.88 -63.80 12.54
N GLY P 185 -0.92 -64.00 11.63
CA GLY P 185 -0.89 -65.18 10.77
C GLY P 185 -0.73 -64.95 9.27
N ALA P 186 -0.27 -63.77 8.88
CA ALA P 186 -0.09 -63.42 7.47
C ALA P 186 1.06 -64.18 6.81
N THR P 187 0.89 -64.58 5.55
CA THR P 187 1.95 -65.31 4.83
C THR P 187 2.97 -64.37 4.15
N GLN P 188 2.58 -63.11 3.93
CA GLN P 188 3.48 -62.13 3.34
C GLN P 188 3.12 -60.74 3.83
N ILE P 189 3.97 -59.76 3.49
CA ILE P 189 3.78 -58.38 3.94
C ILE P 189 3.47 -57.46 2.77
N ILE P 191 2.95 -53.56 1.56
CA ILE P 191 3.20 -52.13 1.88
C ILE P 191 2.71 -51.22 0.76
N MET P 192 2.60 -49.93 1.04
CA MET P 192 2.30 -48.93 0.01
C MET P 192 3.55 -48.12 -0.26
N ALA P 193 4.21 -48.39 -1.38
CA ALA P 193 5.48 -47.76 -1.73
C ALA P 193 5.32 -46.52 -2.60
N SER P 194 4.14 -46.34 -3.17
CA SER P 194 3.84 -45.14 -3.95
C SER P 194 2.38 -44.74 -3.80
N GLY P 195 2.03 -43.58 -4.36
CA GLY P 195 0.63 -43.14 -4.41
C GLY P 195 -0.14 -43.96 -5.42
N GLY P 196 -1.45 -44.02 -5.27
CA GLY P 196 -2.25 -44.89 -6.12
C GLY P 196 -3.37 -44.24 -6.89
N VAL P 197 -4.57 -44.79 -6.70
CA VAL P 197 -5.77 -44.35 -7.39
C VAL P 197 -6.93 -44.19 -6.40
N ALA P 198 -7.23 -45.24 -5.62
CA ALA P 198 -8.44 -45.30 -4.80
C ALA P 198 -8.29 -44.77 -3.36
N SER P 199 -7.44 -43.76 -3.20
CA SER P 199 -7.24 -43.07 -1.91
C SER P 199 -7.30 -41.55 -2.13
N PRO P 200 -7.76 -40.79 -1.11
CA PRO P 200 -8.03 -39.35 -1.34
C PRO P 200 -6.82 -38.41 -1.54
N THR P 201 -5.88 -38.41 -0.59
CA THR P 201 -4.89 -37.32 -0.50
C THR P 201 -3.60 -37.47 -1.33
N ASP P 202 -3.32 -38.66 -1.84
CA ASP P 202 -2.04 -38.92 -2.50
C ASP P 202 -2.08 -38.95 -4.04
N PRO P 203 -1.16 -38.19 -4.69
CA PRO P 203 -0.98 -38.31 -6.13
C PRO P 203 -0.22 -39.57 -6.46
N ILE P 204 -0.41 -40.07 -7.68
CA ILE P 204 0.13 -41.35 -8.15
C ILE P 204 1.67 -41.36 -8.33
N ALA P 205 2.21 -40.28 -8.89
CA ALA P 205 3.62 -40.23 -9.30
C ALA P 205 4.67 -40.14 -8.18
N ASN P 206 4.24 -39.93 -6.93
CA ASN P 206 5.20 -39.84 -5.83
C ASN P 206 5.30 -41.06 -4.89
N THR P 207 6.47 -41.22 -4.29
CA THR P 207 6.78 -42.38 -3.45
C THR P 207 6.25 -42.20 -2.04
N GLN P 208 6.10 -43.31 -1.33
CA GLN P 208 5.72 -43.30 0.08
C GLN P 208 6.72 -44.17 0.83
N TYR P 209 6.90 -43.88 2.12
CA TYR P 209 7.92 -44.51 2.98
C TYR P 209 9.35 -44.11 2.65
N SER P 210 10.15 -43.92 3.69
CA SER P 210 11.59 -43.72 3.54
C SER P 210 12.24 -45.08 3.26
N GLU P 211 13.49 -45.04 2.80
CA GLU P 211 14.23 -46.25 2.45
C GLU P 211 14.60 -47.09 3.68
N ASP P 212 14.79 -46.42 4.81
CA ASP P 212 15.10 -47.07 6.07
C ASP P 212 13.88 -47.80 6.62
N GLU P 213 12.69 -47.30 6.28
CA GLU P 213 11.45 -47.96 6.63
C GLU P 213 11.26 -49.25 5.83
N ILE P 214 11.39 -49.17 4.50
CA ILE P 214 11.23 -50.31 3.60
C ILE P 214 12.21 -51.43 3.94
N ARG P 215 13.47 -51.07 4.17
CA ARG P 215 14.49 -52.04 4.60
C ARG P 215 14.16 -52.72 5.91
N ALA P 216 13.57 -51.98 6.85
CA ALA P 216 13.17 -52.52 8.15
C ALA P 216 12.05 -53.52 8.02
N ILE P 217 11.11 -53.24 7.11
CA ILE P 217 9.96 -54.10 6.81
C ILE P 217 10.47 -55.40 6.19
N VAL P 218 11.32 -55.24 5.18
CA VAL P 218 11.95 -56.35 4.46
C VAL P 218 12.69 -57.30 5.40
N ASP P 219 13.48 -56.72 6.30
CA ASP P 219 14.32 -57.48 7.21
C ASP P 219 13.54 -58.33 8.19
N GLU P 220 12.39 -57.85 8.63
CA GLU P 220 11.55 -58.61 9.55
C GLU P 220 10.72 -59.66 8.84
N ALA P 221 10.35 -59.36 7.59
CA ALA P 221 9.68 -60.33 6.72
C ALA P 221 10.64 -61.49 6.42
N GLU P 222 11.86 -61.15 6.03
CA GLU P 222 12.91 -62.15 5.79
C GLU P 222 13.28 -62.90 7.07
N ALA P 223 13.12 -62.24 8.21
CA ALA P 223 13.33 -62.86 9.52
C ALA P 223 12.26 -63.87 9.86
N ALA P 224 11.13 -63.83 9.15
CA ALA P 224 10.04 -64.78 9.35
C ALA P 224 9.87 -65.70 8.15
N ASN P 225 10.93 -65.80 7.34
CA ASN P 225 10.96 -66.62 6.11
C ASN P 225 9.88 -66.26 5.08
N THR P 226 9.56 -64.98 5.00
CA THR P 226 8.67 -64.49 3.97
C THR P 226 9.27 -63.26 3.27
N TYR P 227 8.47 -62.64 2.40
CA TYR P 227 8.92 -61.57 1.52
C TYR P 227 8.01 -60.35 1.66
N VAL P 228 8.24 -59.33 0.84
CA VAL P 228 7.37 -58.14 0.84
C VAL P 228 6.82 -57.84 -0.55
N MET P 229 5.50 -57.71 -0.64
CA MET P 229 4.85 -57.20 -1.86
C MET P 229 4.61 -55.71 -1.71
N ALA P 230 4.89 -54.96 -2.78
CA ALA P 230 4.82 -53.50 -2.73
C ALA P 230 3.96 -52.94 -3.83
N HIS P 231 3.04 -52.05 -3.45
CA HIS P 231 2.26 -51.27 -4.40
C HIS P 231 3.14 -50.12 -4.88
N ALA P 232 3.46 -50.14 -6.17
CA ALA P 232 4.34 -49.11 -6.76
C ALA P 232 4.02 -48.93 -8.24
N TYR P 233 3.97 -47.68 -8.70
CA TYR P 233 3.56 -47.39 -10.08
C TYR P 233 4.69 -46.98 -11.01
N THR P 234 5.31 -45.85 -10.71
CA THR P 234 6.35 -45.27 -11.55
C THR P 234 7.68 -45.99 -11.35
N GLY P 235 8.57 -45.84 -12.34
CA GLY P 235 9.89 -46.48 -12.32
C GLY P 235 10.77 -46.04 -11.17
N ARG P 236 10.70 -44.75 -10.83
CA ARG P 236 11.40 -44.18 -9.69
C ARG P 236 11.02 -44.91 -8.40
N ALA P 237 9.71 -45.03 -8.17
CA ALA P 237 9.14 -45.69 -6.98
C ALA P 237 9.40 -47.18 -6.92
N ILE P 238 9.51 -47.81 -8.08
CA ILE P 238 9.77 -49.23 -8.16
C ILE P 238 11.23 -49.51 -7.81
N ALA P 239 12.14 -48.82 -8.51
CA ALA P 239 13.58 -49.01 -8.32
C ALA P 239 13.99 -49.03 -6.85
N ARG P 240 13.60 -47.99 -6.11
CA ARG P 240 13.93 -47.87 -4.68
C ARG P 240 13.39 -49.02 -3.85
N ALA P 241 12.16 -49.45 -4.15
CA ALA P 241 11.50 -50.57 -3.45
C ALA P 241 12.25 -51.88 -3.67
N VAL P 242 12.64 -52.10 -4.93
CA VAL P 242 13.35 -53.31 -5.33
C VAL P 242 14.79 -53.30 -4.78
N ARG P 243 15.40 -52.11 -4.79
CA ARG P 243 16.75 -51.92 -4.28
C ARG P 243 16.82 -52.13 -2.76
N CYS P 244 15.72 -51.81 -2.08
CA CYS P 244 15.60 -52.05 -0.64
C CYS P 244 15.40 -53.53 -0.31
N GLY P 245 14.78 -54.27 -1.23
CA GLY P 245 14.74 -55.71 -1.13
C GLY P 245 13.39 -56.39 -1.27
N VAL P 246 12.40 -55.68 -1.82
CA VAL P 246 11.07 -56.29 -2.04
C VAL P 246 11.15 -57.33 -3.17
N ARG P 247 10.36 -58.38 -3.03
CA ARG P 247 10.41 -59.49 -3.99
C ARG P 247 9.42 -59.29 -5.13
N THR P 248 8.21 -58.85 -4.81
CA THR P 248 7.21 -58.61 -5.86
C THR P 248 6.73 -57.16 -5.85
N ILE P 249 6.56 -56.60 -7.05
CA ILE P 249 5.98 -55.27 -7.22
C ILE P 249 4.54 -55.44 -7.74
N GLU P 250 3.59 -54.83 -7.06
CA GLU P 250 2.21 -54.87 -7.51
C GLU P 250 1.95 -53.72 -8.47
N HIS P 251 1.09 -53.98 -9.46
CA HIS P 251 0.76 -53.06 -10.57
C HIS P 251 1.94 -52.79 -11.49
N GLY P 252 2.75 -51.79 -11.13
CA GLY P 252 3.96 -51.43 -11.87
C GLY P 252 3.69 -50.85 -13.25
N ASN P 253 2.55 -50.17 -13.38
CA ASN P 253 2.06 -49.68 -14.67
C ASN P 253 2.98 -48.71 -15.43
N LEU P 254 3.76 -47.92 -14.70
CA LEU P 254 4.56 -46.88 -15.33
C LEU P 254 6.06 -47.12 -15.22
N VAL P 255 6.50 -48.33 -15.57
CA VAL P 255 7.92 -48.68 -15.58
C VAL P 255 8.68 -48.06 -16.75
N ASP P 256 9.95 -47.75 -16.50
CA ASP P 256 10.92 -47.53 -17.55
C ASP P 256 11.85 -48.74 -17.58
N GLU P 257 12.45 -49.02 -18.73
CA GLU P 257 13.30 -50.21 -18.89
C GLU P 257 14.59 -50.19 -18.07
N ALA P 258 14.95 -49.02 -17.55
CA ALA P 258 16.04 -48.90 -16.59
C ALA P 258 15.69 -49.59 -15.27
N ALA P 259 14.44 -49.42 -14.84
CA ALA P 259 13.94 -50.00 -13.59
C ALA P 259 13.70 -51.51 -13.72
N ALA P 260 13.12 -51.92 -14.85
CA ALA P 260 12.84 -53.33 -15.14
C ALA P 260 14.13 -54.15 -15.23
N LYS P 261 15.17 -53.52 -15.79
CA LYS P 261 16.53 -54.06 -15.83
C LYS P 261 17.01 -54.35 -14.42
N LEU P 262 16.76 -53.41 -13.51
CA LEU P 262 17.16 -53.52 -12.11
C LEU P 262 16.37 -54.60 -11.40
N MET P 263 15.09 -54.73 -11.77
CA MET P 263 14.20 -55.77 -11.23
C MET P 263 14.71 -57.16 -11.56
N HIS P 264 15.08 -57.34 -12.83
CA HIS P 264 15.67 -58.58 -13.32
C HIS P 264 16.97 -58.93 -12.60
N GLU P 265 17.78 -57.91 -12.32
CA GLU P 265 19.06 -58.07 -11.63
C GLU P 265 18.92 -58.56 -10.19
N HIS P 266 17.85 -58.11 -9.52
CA HIS P 266 17.59 -58.51 -8.13
C HIS P 266 16.78 -59.80 -8.02
N GLY P 267 16.24 -60.27 -9.15
CA GLY P 267 15.35 -61.42 -9.18
C GLY P 267 13.98 -61.08 -8.63
N ALA P 268 13.44 -59.94 -9.07
CA ALA P 268 12.15 -59.45 -8.59
C ALA P 268 11.00 -59.74 -9.56
N PHE P 269 9.82 -60.04 -9.01
CA PHE P 269 8.61 -60.30 -9.79
C PHE P 269 7.77 -59.03 -9.96
N VAL P 270 6.81 -59.09 -10.89
CA VAL P 270 5.76 -58.07 -11.02
C VAL P 270 4.42 -58.78 -11.05
N VAL P 271 3.41 -58.19 -10.43
CA VAL P 271 2.04 -58.65 -10.61
C VAL P 271 1.21 -57.51 -11.22
N PRO P 272 1.12 -57.46 -12.57
CA PRO P 272 0.20 -56.51 -13.22
C PRO P 272 -1.24 -56.87 -12.91
N THR P 273 -2.10 -55.87 -12.85
CA THR P 273 -3.50 -56.06 -12.52
C THR P 273 -4.35 -55.19 -13.42
N LEU P 274 -4.19 -55.37 -14.73
CA LEU P 274 -4.74 -54.44 -15.72
C LEU P 274 -6.26 -54.40 -15.83
N VAL P 275 -6.90 -55.52 -15.51
CA VAL P 275 -8.36 -55.69 -15.67
C VAL P 275 -9.18 -54.71 -14.81
N THR P 276 -8.61 -54.29 -13.69
CA THR P 276 -9.31 -53.38 -12.77
C THR P 276 -9.37 -51.94 -13.31
N TYR P 277 -8.39 -51.58 -14.13
CA TYR P 277 -8.35 -50.26 -14.74
C TYR P 277 -9.35 -50.13 -15.86
N ASP P 278 -9.69 -51.27 -16.49
CA ASP P 278 -10.71 -51.32 -17.52
C ASP P 278 -12.11 -51.34 -16.93
N ALA P 279 -12.23 -51.93 -15.74
CA ALA P 279 -13.50 -51.98 -15.03
C ALA P 279 -13.84 -50.60 -14.48
N LEU P 280 -12.83 -49.89 -14.00
CA LEU P 280 -13.00 -48.52 -13.51
C LEU P 280 -13.07 -47.50 -14.66
N ALA P 281 -12.71 -47.93 -15.87
CA ALA P 281 -12.85 -47.10 -17.06
C ALA P 281 -14.30 -46.93 -17.48
N LYS P 282 -15.10 -47.98 -17.27
CA LYS P 282 -16.51 -47.95 -17.63
C LYS P 282 -17.42 -47.73 -16.41
N HIS P 283 -17.10 -48.41 -15.31
CA HIS P 283 -17.97 -48.47 -14.13
C HIS P 283 -17.26 -47.96 -12.87
N GLY P 284 -16.54 -46.86 -13.01
CA GLY P 284 -15.78 -46.26 -11.91
C GLY P 284 -16.66 -45.54 -10.90
N ALA P 285 -17.11 -44.34 -11.27
CA ALA P 285 -17.95 -43.51 -10.42
C ALA P 285 -19.38 -44.05 -10.27
N GLU P 286 -19.74 -45.00 -11.13
CA GLU P 286 -21.05 -45.64 -11.11
C GLU P 286 -21.20 -46.60 -9.92
N PHE P 287 -20.13 -47.32 -9.58
CA PHE P 287 -20.21 -48.32 -8.51
C PHE P 287 -19.83 -47.85 -7.10
N GLY P 288 -19.63 -46.54 -6.94
CA GLY P 288 -19.44 -45.96 -5.61
C GLY P 288 -18.11 -45.29 -5.30
N MET P 289 -17.18 -45.31 -6.27
CA MET P 289 -15.85 -44.73 -6.10
C MET P 289 -15.86 -43.22 -6.42
N PRO P 290 -15.20 -42.39 -5.56
CA PRO P 290 -15.15 -40.93 -5.71
C PRO P 290 -14.54 -40.43 -7.04
N PRO P 291 -15.10 -39.33 -7.62
CA PRO P 291 -14.69 -38.79 -8.92
C PRO P 291 -13.29 -38.19 -9.04
N GLU P 292 -12.58 -38.02 -7.91
CA GLU P 292 -11.17 -37.63 -7.97
C GLU P 292 -10.26 -38.86 -8.11
N SER P 293 -10.78 -40.01 -7.68
CA SER P 293 -10.10 -41.30 -7.86
C SER P 293 -10.30 -41.83 -9.28
N VAL P 294 -11.42 -41.45 -9.92
CA VAL P 294 -11.70 -41.78 -11.32
C VAL P 294 -10.78 -40.99 -12.27
N ALA P 295 -10.29 -39.84 -11.79
CA ALA P 295 -9.36 -38.99 -12.56
C ALA P 295 -7.97 -39.59 -12.77
N LYS P 296 -7.55 -40.46 -11.85
CA LYS P 296 -6.22 -41.09 -11.89
C LYS P 296 -6.16 -42.40 -12.67
N VAL P 297 -7.32 -43.06 -12.84
CA VAL P 297 -7.39 -44.36 -13.53
C VAL P 297 -7.23 -44.24 -15.06
N ALA P 298 -7.51 -43.06 -15.61
CA ALA P 298 -7.46 -42.82 -17.05
C ALA P 298 -6.03 -42.76 -17.60
N SER P 299 -5.05 -42.61 -16.71
CA SER P 299 -3.64 -42.52 -17.11
C SER P 299 -2.92 -43.89 -17.13
N VAL P 300 -3.16 -44.70 -16.10
CA VAL P 300 -2.44 -45.98 -15.91
C VAL P 300 -2.84 -47.11 -16.86
N GLN P 301 -4.04 -47.01 -17.42
CA GLN P 301 -4.52 -47.99 -18.39
C GLN P 301 -3.90 -47.78 -19.78
N GLN P 302 -3.43 -46.55 -20.04
CA GLN P 302 -2.76 -46.21 -21.30
C GLN P 302 -1.41 -46.91 -21.39
N LYS P 303 -0.62 -46.81 -20.33
CA LYS P 303 0.66 -47.47 -20.23
C LYS P 303 0.56 -48.85 -19.57
N GLY P 304 -0.65 -49.38 -19.48
CA GLY P 304 -0.90 -50.69 -18.88
C GLY P 304 -0.35 -51.86 -19.66
N ARG P 305 -0.88 -52.05 -20.87
CA ARG P 305 -0.48 -53.15 -21.76
C ARG P 305 0.94 -52.97 -22.29
N GLU P 306 1.32 -51.71 -22.50
CA GLU P 306 2.65 -51.30 -22.97
C GLU P 306 3.78 -51.77 -22.04
N SER P 307 3.51 -51.70 -20.73
CA SER P 307 4.47 -52.07 -19.70
C SER P 307 4.79 -53.56 -19.67
N LEU P 308 3.82 -54.40 -20.07
CA LEU P 308 4.03 -55.85 -20.16
C LEU P 308 5.16 -56.22 -21.11
N GLU P 309 5.26 -55.46 -22.20
CA GLU P 309 6.33 -55.63 -23.17
C GLU P 309 7.67 -55.26 -22.54
N ILE P 310 7.69 -54.17 -21.77
CA ILE P 310 8.89 -53.69 -21.07
C ILE P 310 9.39 -54.70 -20.02
N TYR P 311 8.47 -55.50 -19.47
CA TYR P 311 8.84 -56.56 -18.55
C TYR P 311 9.39 -57.77 -19.26
N ALA P 312 8.64 -58.25 -20.26
CA ALA P 312 8.99 -59.44 -21.03
C ALA P 312 10.38 -59.34 -21.66
N ASN P 313 10.64 -58.19 -22.29
CA ASN P 313 11.93 -57.89 -22.91
C ASN P 313 13.09 -57.88 -21.91
N ALA P 314 12.83 -57.32 -20.72
CA ALA P 314 13.82 -57.29 -19.65
C ALA P 314 13.89 -58.62 -18.89
N GLY P 315 12.94 -59.50 -19.15
CA GLY P 315 12.90 -60.82 -18.51
C GLY P 315 12.43 -60.79 -17.07
N VAL P 316 11.41 -59.99 -16.80
CA VAL P 316 10.85 -59.85 -15.45
C VAL P 316 9.57 -60.69 -15.33
N LYS P 317 9.63 -61.75 -14.52
CA LYS P 317 8.52 -62.71 -14.34
C LYS P 317 7.22 -62.06 -13.89
N MET P 318 6.14 -62.34 -14.62
CA MET P 318 4.84 -61.74 -14.34
C MET P 318 3.83 -62.73 -13.77
N GLY P 319 3.21 -62.35 -12.66
CA GLY P 319 2.15 -63.16 -12.04
C GLY P 319 0.77 -62.63 -12.35
N PHE P 320 -0.23 -63.50 -12.27
CA PHE P 320 -1.62 -63.14 -12.54
C PHE P 320 -2.18 -62.24 -11.43
N GLY P 321 -2.91 -61.21 -11.82
CA GLY P 321 -3.51 -60.29 -10.86
C GLY P 321 -4.80 -59.68 -11.37
N SER P 322 -5.83 -59.68 -10.54
CA SER P 322 -7.09 -59.05 -10.91
C SER P 322 -7.25 -57.68 -10.27
N ASP P 323 -7.20 -57.66 -8.93
CA ASP P 323 -7.38 -56.45 -8.12
C ASP P 323 -8.73 -55.75 -8.34
N LEU P 324 -9.80 -56.53 -8.45
CA LEU P 324 -11.12 -55.96 -8.64
C LEU P 324 -11.79 -55.67 -7.30
N LEU P 325 -12.67 -54.66 -7.30
CA LEU P 325 -13.31 -54.22 -6.07
C LEU P 325 -14.83 -54.32 -6.16
N GLY P 326 -15.43 -54.99 -5.19
CA GLY P 326 -16.88 -55.12 -5.10
C GLY P 326 -17.49 -56.03 -6.14
N GLU P 327 -18.51 -55.51 -6.82
CA GLU P 327 -19.26 -56.24 -7.85
C GLU P 327 -18.46 -56.41 -9.15
N MET P 328 -17.31 -55.76 -9.23
CA MET P 328 -16.38 -55.89 -10.35
C MET P 328 -15.58 -57.20 -10.30
N HIS P 329 -15.68 -57.93 -9.20
CA HIS P 329 -15.04 -59.24 -9.05
C HIS P 329 -15.49 -60.27 -10.08
N ALA P 330 -16.60 -59.98 -10.76
CA ALA P 330 -17.10 -60.79 -11.87
C ALA P 330 -16.18 -60.79 -13.10
N PHE P 331 -15.33 -59.77 -13.21
CA PHE P 331 -14.41 -59.65 -14.35
C PHE P 331 -13.03 -60.28 -14.11
N GLN P 332 -12.93 -61.13 -13.09
CA GLN P 332 -11.64 -61.69 -12.64
C GLN P 332 -10.88 -62.50 -13.69
N SER P 333 -11.61 -63.35 -14.42
CA SER P 333 -11.04 -64.17 -15.49
C SER P 333 -10.60 -63.33 -16.69
N GLY P 334 -11.08 -62.09 -16.76
CA GLY P 334 -10.82 -61.18 -17.87
C GLY P 334 -9.38 -60.76 -18.11
N GLU P 335 -8.53 -60.88 -17.08
CA GLU P 335 -7.10 -60.56 -17.19
C GLU P 335 -6.36 -61.61 -18.05
N PHE P 336 -6.89 -62.83 -18.11
CA PHE P 336 -6.33 -63.89 -18.97
C PHE P 336 -6.25 -63.48 -20.43
N ARG P 337 -7.35 -62.91 -20.93
CA ARG P 337 -7.47 -62.48 -22.32
C ARG P 337 -6.55 -61.27 -22.61
N ILE P 338 -6.51 -60.33 -21.66
CA ILE P 338 -5.67 -59.13 -21.76
C ILE P 338 -4.19 -59.49 -21.88
N ARG P 339 -3.76 -60.48 -21.09
CA ARG P 339 -2.38 -60.96 -21.12
C ARG P 339 -2.05 -61.80 -22.34
N ALA P 340 -3.07 -62.47 -22.89
CA ALA P 340 -2.91 -63.27 -24.10
C ALA P 340 -2.73 -62.41 -25.34
N GLU P 341 -3.38 -61.24 -25.37
CA GLU P 341 -3.28 -60.31 -26.49
C GLU P 341 -1.88 -59.72 -26.64
N VAL P 342 -1.24 -59.42 -25.51
CA VAL P 342 0.09 -58.82 -25.52
C VAL P 342 1.20 -59.88 -25.53
N LEU P 343 1.05 -60.94 -24.73
CA LEU P 343 2.14 -61.89 -24.50
C LEU P 343 1.93 -63.31 -25.03
N GLY P 344 0.79 -63.56 -25.66
CA GLY P 344 0.45 -64.92 -26.09
C GLY P 344 -0.20 -65.71 -24.96
N ASN P 345 -0.98 -66.73 -25.31
CA ASN P 345 -1.70 -67.47 -24.28
C ASN P 345 -0.88 -68.46 -23.45
N LEU P 346 0.27 -68.91 -23.94
CA LEU P 346 1.13 -69.82 -23.16
C LEU P 346 1.67 -69.10 -21.91
N GLU P 347 2.20 -67.90 -22.12
CA GLU P 347 2.69 -67.07 -21.01
C GLU P 347 1.57 -66.57 -20.12
N ALA P 348 0.38 -66.39 -20.69
CA ALA P 348 -0.80 -66.00 -19.93
C ALA P 348 -1.23 -67.10 -18.98
N LEU P 349 -1.09 -68.35 -19.41
CA LEU P 349 -1.42 -69.49 -18.55
C LEU P 349 -0.35 -69.72 -17.50
N ARG P 350 0.88 -69.31 -17.80
CA ARG P 350 1.99 -69.37 -16.85
C ARG P 350 1.82 -68.39 -15.71
N SER P 351 1.21 -67.23 -16.01
CA SER P 351 0.96 -66.16 -15.02
C SER P 351 0.25 -66.71 -13.80
N ALA P 352 -0.75 -67.54 -14.03
CA ALA P 352 -1.61 -68.08 -12.99
C ALA P 352 -1.20 -69.49 -12.54
N THR P 353 -0.15 -70.05 -13.15
CA THR P 353 0.29 -71.39 -12.77
C THR P 353 1.73 -71.44 -12.25
N THR P 354 2.69 -71.62 -13.15
CA THR P 354 4.10 -71.82 -12.77
C THR P 354 4.76 -70.62 -12.09
N VAL P 355 4.52 -69.43 -12.62
CA VAL P 355 5.08 -68.18 -12.09
C VAL P 355 4.42 -67.81 -10.75
N ALA P 356 3.10 -67.93 -10.71
CA ALA P 356 2.30 -67.68 -9.51
C ALA P 356 2.72 -68.55 -8.33
N ALA P 357 2.87 -69.85 -8.59
CA ALA P 357 3.27 -70.81 -7.57
C ALA P 357 4.70 -70.59 -7.07
N GLU P 358 5.55 -70.00 -7.92
CA GLU P 358 6.88 -69.60 -7.48
C GLU P 358 6.78 -68.40 -6.56
N ILE P 359 5.91 -67.45 -6.91
CA ILE P 359 5.72 -66.23 -6.13
C ILE P 359 5.32 -66.56 -4.69
N VAL P 360 4.36 -67.46 -4.52
CA VAL P 360 3.93 -67.84 -3.18
C VAL P 360 4.81 -68.91 -2.49
N ASN P 361 6.01 -69.13 -3.02
CA ASN P 361 6.96 -70.14 -2.53
C ASN P 361 6.40 -71.57 -2.48
N MET P 362 5.66 -71.95 -3.51
CA MET P 362 5.05 -73.27 -3.60
C MET P 362 5.45 -73.97 -4.91
N GLN P 363 6.69 -73.77 -5.33
CA GLN P 363 7.20 -74.37 -6.58
C GLN P 363 7.27 -75.90 -6.51
N GLY P 364 6.66 -76.55 -7.49
CA GLY P 364 6.59 -78.01 -7.53
C GLY P 364 5.62 -78.56 -6.49
N GLN P 365 4.67 -77.72 -6.09
CA GLN P 365 3.67 -78.08 -5.09
C GLN P 365 2.30 -77.57 -5.54
N LEU P 366 2.29 -76.36 -6.10
CA LEU P 366 1.11 -75.80 -6.78
C LEU P 366 1.51 -75.34 -8.17
N GLY P 367 0.51 -75.00 -8.99
CA GLY P 367 0.72 -74.47 -10.34
C GLY P 367 1.39 -75.37 -11.37
N VAL P 368 1.46 -76.67 -11.08
CA VAL P 368 2.08 -77.65 -11.97
C VAL P 368 1.48 -79.04 -11.74
N ILE P 369 1.10 -79.71 -12.83
CA ILE P 369 0.73 -81.11 -12.76
C ILE P 369 1.99 -81.96 -12.84
N ALA P 370 2.41 -82.49 -11.70
CA ALA P 370 3.52 -83.41 -11.61
C ALA P 370 3.21 -84.36 -10.46
N VAL P 371 3.91 -85.49 -10.42
CA VAL P 371 3.78 -86.44 -9.31
C VAL P 371 4.34 -85.83 -8.02
N GLY P 372 3.48 -85.68 -7.03
CA GLY P 372 3.87 -85.13 -5.74
C GLY P 372 3.21 -83.80 -5.41
N ALA P 373 2.80 -83.07 -6.45
CA ALA P 373 2.12 -81.78 -6.28
C ALA P 373 0.73 -81.94 -5.67
N ILE P 374 0.29 -80.90 -4.96
CA ILE P 374 -1.04 -80.85 -4.38
C ILE P 374 -2.07 -80.88 -5.51
N ALA P 375 -3.06 -81.75 -5.38
CA ALA P 375 -4.07 -81.98 -6.42
C ALA P 375 -5.10 -80.85 -6.55
N ASP P 376 -4.62 -79.68 -6.92
CA ASP P 376 -5.48 -78.54 -7.21
C ASP P 376 -5.65 -78.42 -8.73
N LEU P 377 -6.68 -79.07 -9.26
CA LEU P 377 -6.85 -79.18 -10.71
C LEU P 377 -8.05 -78.43 -11.25
N VAL P 378 -7.99 -78.09 -12.53
CA VAL P 378 -9.09 -77.47 -13.24
C VAL P 378 -9.32 -78.25 -14.54
N VAL P 379 -10.55 -78.72 -14.73
CA VAL P 379 -10.95 -79.41 -15.94
C VAL P 379 -11.65 -78.41 -16.84
N LEU P 380 -11.21 -78.35 -18.09
CA LEU P 380 -11.57 -77.27 -18.99
C LEU P 380 -12.01 -77.82 -20.35
N ASP P 381 -13.22 -77.46 -20.79
CA ASP P 381 -13.69 -77.86 -22.12
C ASP P 381 -13.13 -76.94 -23.20
N GLY P 382 -12.16 -77.47 -23.94
CA GLY P 382 -11.46 -76.70 -24.96
C GLY P 382 -10.01 -76.52 -24.58
N ASN P 383 -9.17 -76.27 -25.58
CA ASN P 383 -7.75 -76.01 -25.37
C ASN P 383 -7.51 -74.51 -25.20
N PRO P 384 -6.99 -74.10 -24.02
CA PRO P 384 -6.61 -72.72 -23.74
C PRO P 384 -5.42 -72.22 -24.54
N LEU P 385 -4.58 -73.15 -25.01
CA LEU P 385 -3.47 -72.82 -25.90
C LEU P 385 -3.95 -72.33 -27.26
N GLU P 386 -5.01 -72.96 -27.79
CA GLU P 386 -5.62 -72.54 -29.04
C GLU P 386 -6.47 -71.30 -28.79
N ASP P 387 -7.49 -71.46 -27.94
CA ASP P 387 -8.43 -70.38 -27.64
C ASP P 387 -8.42 -70.02 -26.15
N ILE P 388 -8.00 -68.78 -25.85
CA ILE P 388 -7.91 -68.26 -24.48
C ILE P 388 -9.30 -67.93 -23.89
N GLY P 389 -10.31 -67.90 -24.75
CA GLY P 389 -11.70 -67.70 -24.31
C GLY P 389 -12.26 -68.79 -23.42
N VAL P 390 -11.66 -69.98 -23.45
CA VAL P 390 -12.10 -71.09 -22.61
C VAL P 390 -11.73 -70.90 -21.13
N VAL P 391 -10.97 -69.83 -20.87
CA VAL P 391 -10.51 -69.47 -19.52
C VAL P 391 -11.06 -68.09 -19.10
N ALA P 392 -11.14 -67.19 -20.07
CA ALA P 392 -11.37 -65.77 -19.79
C ALA P 392 -12.82 -65.28 -19.80
N ASP P 393 -13.75 -66.11 -20.24
CA ASP P 393 -15.17 -65.72 -20.31
C ASP P 393 -15.93 -66.08 -19.03
N GLU P 394 -15.52 -65.46 -17.93
CA GLU P 394 -16.14 -65.63 -16.59
C GLU P 394 -16.11 -67.08 -16.06
N GLY P 395 -15.21 -67.89 -16.61
CA GLY P 395 -15.14 -69.32 -16.32
C GLY P 395 -16.40 -70.04 -16.78
N ALA P 396 -16.80 -69.82 -18.03
CA ALA P 396 -17.98 -70.47 -18.59
C ALA P 396 -17.68 -71.91 -18.96
N ARG P 397 -16.42 -72.17 -19.33
CA ARG P 397 -16.03 -73.45 -19.89
C ARG P 397 -15.26 -74.36 -18.91
N VAL P 398 -15.50 -74.16 -17.62
CA VAL P 398 -14.90 -75.02 -16.59
C VAL P 398 -15.96 -75.91 -15.90
N GLU P 399 -15.85 -77.22 -16.13
CA GLU P 399 -16.83 -78.16 -15.57
C GLU P 399 -16.43 -78.70 -14.22
N TYR P 400 -15.16 -79.07 -14.06
CA TYR P 400 -14.71 -79.65 -12.79
C TYR P 400 -13.52 -78.92 -12.21
N VAL P 401 -13.63 -78.58 -10.93
CA VAL P 401 -12.53 -78.03 -10.15
C VAL P 401 -12.21 -79.00 -9.04
N LEU P 402 -10.94 -79.36 -8.91
CA LEU P 402 -10.46 -80.11 -7.77
C LEU P 402 -9.57 -79.24 -6.90
N GLN P 403 -9.57 -79.50 -5.59
CA GLN P 403 -8.76 -78.77 -4.63
C GLN P 403 -8.44 -79.76 -3.53
N ARG P 404 -7.16 -79.87 -3.21
CA ARG P 404 -6.62 -80.83 -2.22
C ARG P 404 -7.19 -82.24 -2.40
N GLY P 405 -7.20 -82.71 -3.65
CA GLY P 405 -7.75 -84.03 -3.99
C GLY P 405 -9.24 -84.06 -4.26
N THR P 406 -10.02 -83.38 -3.42
CA THR P 406 -11.48 -83.47 -3.46
C THR P 406 -12.14 -82.56 -4.50
N LEU P 407 -13.18 -83.07 -5.16
CA LEU P 407 -13.91 -82.34 -6.20
C LEU P 407 -14.85 -81.27 -5.62
N VAL P 408 -14.67 -80.02 -6.06
CA VAL P 408 -15.33 -78.88 -5.41
C VAL P 408 -16.36 -78.13 -6.23
N LYS P 409 -16.26 -78.21 -7.56
CA LYS P 409 -17.26 -77.56 -8.44
C LYS P 409 -17.70 -78.47 -9.59
N ARG P 410 -18.94 -78.28 -10.03
CA ARG P 410 -19.54 -79.08 -11.11
C ARG P 410 -20.45 -78.20 -11.98
N GLN P 411 -20.06 -78.02 -13.24
CA GLN P 411 -20.78 -77.15 -14.18
C GLN P 411 -20.78 -77.71 -15.60
#